data_2CGT
#
_entry.id   2CGT
#
_cell.length_a   1.000
_cell.length_b   1.000
_cell.length_c   1.000
_cell.angle_alpha   90.00
_cell.angle_beta   90.00
_cell.angle_gamma   90.00
#
_symmetry.space_group_name_H-M   'P 1'
#
loop_
_entity.id
_entity.type
_entity.pdbx_description
1 polymer '60 KDA GROEL'
2 polymer 'CAPSID ASSEMBLY PROTEIN GP31'
#
loop_
_entity_poly.entity_id
_entity_poly.type
_entity_poly.pdbx_seq_one_letter_code
_entity_poly.pdbx_strand_id
1 'polypeptide(L)'
;AAKDVKFGNDARVKMLRGVNVLADAVKVTLGPKGRNVVLDKSFGAPTITKDGVSVAREIELEDKFENMGAQMVKEVASKA
NDAAGDGTTTATVLAQAIITEGLKAVAAGMNPMDLKRGIDKAVTAAVEELKALSVPCSDSKAIAQVGTISANSDETVGKL
IAEAMDKVGKEGVITVEDGTGLQDELDVVEGMQFDRGYLSPYFINKPETGAVELESPFILLADKKISNIREMLPVLEAVA
KAGKPLLIIAEDVEGEALATLVVNTMRGIVKVAAVKAPGFGDRRKAMLQDIATLTGGTVISEEIGMELEKATLEDLGQAK
RVVINKDTTTIIDGVGEEAAIQGRVAQIRQQIEEATSDYDREKLQERVAKLAGGVAVIKVGAATEVEMKEKKARVEDALH
ATRAAVEEGVVAGGGVALIRVASKLADLRGQNEDQNVGIKVALRAMEAPLRQIVLNCGEEPSVVANTVKGGDGNYGYNAA
TEEYGNMIDMGILDPTKVTRSALQYAASVAGLMITTECMVTDLPKNDAADLGAAGGMGGMGGMGGMM
;
A,B,C,D,E,F,G,H,I,J,K,L,M,N
2 'polypeptide(L)'
;MSEVQQLPIRAVGEYVILVSEPAQAGDEEVTESGLIIGKRVQGEVPELCVVHSVGPDVPEGFCEVGDLTSLPVGQIRNVP
HPFVALGLKQPKEIKQKFVTCHYKAIPCLYK
;
O,P,Q,R,S,T,U
#
# COMPACT_ATOMS: atom_id res chain seq x y z
N ALA A 1 21.58 -8.63 -10.84
CA ALA A 1 20.15 -8.95 -10.66
C ALA A 1 19.85 -10.32 -11.25
N ALA A 2 18.87 -11.00 -10.67
CA ALA A 2 18.27 -12.16 -11.31
C ALA A 2 17.88 -11.82 -12.75
N LYS A 3 18.17 -12.75 -13.65
CA LYS A 3 17.92 -12.62 -15.06
C LYS A 3 16.75 -13.46 -15.53
N ASP A 4 16.10 -13.01 -16.58
CA ASP A 4 15.08 -13.79 -17.28
C ASP A 4 15.78 -14.42 -18.50
N VAL A 5 15.56 -15.70 -18.76
CA VAL A 5 16.14 -16.30 -19.95
C VAL A 5 15.09 -17.01 -20.78
N LYS A 6 15.10 -16.71 -22.09
CA LYS A 6 14.10 -17.25 -22.99
C LYS A 6 14.79 -17.96 -24.11
N PHE A 7 14.15 -19.03 -24.57
CA PHE A 7 14.76 -19.90 -25.57
C PHE A 7 13.98 -20.02 -26.87
N GLY A 8 14.73 -20.17 -27.95
CA GLY A 8 14.21 -20.63 -29.21
C GLY A 8 13.15 -19.71 -29.76
N ASN A 9 12.01 -20.30 -30.07
CA ASN A 9 10.97 -19.54 -30.69
C ASN A 9 10.48 -18.38 -29.83
N ASP A 10 10.26 -18.62 -28.54
CA ASP A 10 9.80 -17.55 -27.67
C ASP A 10 10.73 -16.39 -27.68
N ALA A 11 12.02 -16.65 -27.49
CA ALA A 11 12.99 -15.55 -27.53
C ALA A 11 12.80 -14.75 -28.82
N ARG A 12 12.64 -15.47 -29.93
CA ARG A 12 12.67 -14.91 -31.29
C ARG A 12 11.40 -14.09 -31.61
N VAL A 13 10.24 -14.64 -31.32
CA VAL A 13 9.02 -13.87 -31.46
C VAL A 13 9.14 -12.52 -30.72
N LYS A 14 9.54 -12.55 -29.46
CA LYS A 14 9.79 -11.30 -28.76
C LYS A 14 10.83 -10.43 -29.46
N MET A 15 11.96 -10.98 -29.84
CA MET A 15 12.99 -10.15 -30.49
C MET A 15 12.47 -9.42 -31.71
N LEU A 16 11.53 -10.07 -32.41
CA LEU A 16 11.06 -9.57 -33.67
C LEU A 16 10.10 -8.43 -33.38
N ARG A 17 9.15 -8.69 -32.49
CA ARG A 17 8.24 -7.63 -32.04
C ARG A 17 8.97 -6.34 -31.73
N GLY A 18 10.13 -6.46 -31.12
CA GLY A 18 10.96 -5.31 -30.81
C GLY A 18 11.35 -4.61 -32.08
N VAL A 19 12.07 -5.33 -32.95
CA VAL A 19 12.46 -4.84 -34.28
C VAL A 19 11.28 -4.14 -34.98
N ASN A 20 10.15 -4.81 -35.12
CA ASN A 20 9.04 -4.15 -35.73
C ASN A 20 8.65 -2.76 -35.18
N VAL A 21 8.51 -2.63 -33.87
CA VAL A 21 8.14 -1.36 -33.30
C VAL A 21 9.10 -0.26 -33.78
N LEU A 22 10.40 -0.51 -33.67
CA LEU A 22 11.37 0.45 -34.16
C LEU A 22 11.24 0.57 -35.67
N ALA A 23 11.35 -0.52 -36.42
CA ALA A 23 11.17 -0.48 -37.88
C ALA A 23 9.92 0.28 -38.29
N ASP A 24 8.76 -0.13 -37.80
CA ASP A 24 7.53 0.61 -38.12
C ASP A 24 7.54 2.11 -37.84
N ALA A 25 8.19 2.54 -36.78
CA ALA A 25 8.23 3.97 -36.52
C ALA A 25 9.17 4.62 -37.50
N VAL A 26 10.14 3.88 -38.02
CA VAL A 26 11.11 4.57 -38.87
C VAL A 26 10.60 4.62 -40.33
N LYS A 27 9.97 3.51 -40.72
CA LYS A 27 9.43 3.29 -42.04
C LYS A 27 8.53 4.40 -42.52
N VAL A 28 7.82 5.07 -41.60
CA VAL A 28 6.74 5.95 -42.07
C VAL A 28 7.31 7.18 -42.74
N THR A 29 8.61 7.35 -42.62
CA THR A 29 9.24 8.52 -43.15
C THR A 29 9.96 8.29 -44.44
N LEU A 30 10.00 7.06 -44.93
CA LEU A 30 10.77 6.76 -46.14
C LEU A 30 10.15 7.32 -47.42
N GLY A 31 10.96 8.04 -48.18
CA GLY A 31 10.51 8.48 -49.49
C GLY A 31 9.84 9.82 -49.61
N PRO A 32 9.60 10.27 -50.83
CA PRO A 32 9.00 11.59 -51.04
C PRO A 32 7.62 11.74 -50.43
N LYS A 33 6.76 10.71 -50.41
CA LYS A 33 5.49 10.76 -49.69
C LYS A 33 5.64 10.18 -48.26
N GLY A 34 6.85 10.32 -47.74
CA GLY A 34 7.11 10.07 -46.34
C GLY A 34 6.46 11.15 -45.47
N ARG A 35 6.00 10.74 -44.29
CA ARG A 35 5.38 11.61 -43.30
C ARG A 35 6.36 11.83 -42.14
N ASN A 36 5.99 12.66 -41.18
CA ASN A 36 6.90 12.92 -40.08
C ASN A 36 6.55 12.13 -38.83
N VAL A 37 7.52 12.05 -37.93
CA VAL A 37 7.33 11.49 -36.61
C VAL A 37 7.57 12.59 -35.59
N VAL A 38 6.74 12.62 -34.56
CA VAL A 38 6.92 13.56 -33.44
C VAL A 38 7.63 12.90 -32.27
N LEU A 39 8.73 13.51 -31.84
CA LEU A 39 9.54 12.98 -30.76
C LEU A 39 9.53 13.85 -29.50
N ASP A 40 8.83 13.38 -28.48
CA ASP A 40 8.79 14.07 -27.21
C ASP A 40 10.15 14.33 -26.59
N LYS A 41 10.22 15.34 -25.74
CA LYS A 41 11.45 15.76 -25.10
C LYS A 41 10.97 16.62 -23.92
N SER A 42 11.04 16.08 -22.68
CA SER A 42 10.61 16.89 -21.52
C SER A 42 11.29 18.27 -21.61
N PHE A 43 12.63 18.24 -21.54
CA PHE A 43 13.57 19.32 -21.93
C PHE A 43 12.93 20.56 -22.60
N GLY A 44 12.65 20.47 -23.91
CA GLY A 44 12.09 21.60 -24.65
C GLY A 44 10.76 21.23 -25.30
N ALA A 45 10.45 21.87 -26.44
CA ALA A 45 9.27 21.49 -27.19
C ALA A 45 9.58 20.19 -27.88
N PRO A 46 8.58 19.41 -28.23
CA PRO A 46 8.80 18.26 -29.09
C PRO A 46 9.49 18.62 -30.40
N THR A 47 9.92 17.58 -31.08
CA THR A 47 10.70 17.71 -32.30
C THR A 47 9.87 17.06 -33.38
N ILE A 48 9.72 17.73 -34.52
CA ILE A 48 9.17 17.04 -35.66
C ILE A 48 10.35 16.64 -36.54
N THR A 49 10.34 15.43 -37.06
CA THR A 49 11.50 14.97 -37.86
C THR A 49 11.17 13.86 -38.83
N LYS A 50 11.83 13.90 -39.99
CA LYS A 50 11.73 12.87 -41.03
C LYS A 50 12.90 11.88 -40.96
N ASP A 51 13.93 12.30 -40.21
CA ASP A 51 15.26 11.72 -40.20
C ASP A 51 15.33 10.41 -39.43
N GLY A 52 15.48 9.34 -40.19
CA GLY A 52 15.33 7.98 -39.67
C GLY A 52 16.11 7.60 -38.42
N VAL A 53 17.36 8.07 -38.34
CA VAL A 53 18.20 7.75 -37.21
C VAL A 53 17.63 8.44 -35.98
N SER A 54 17.07 9.63 -36.16
CA SER A 54 16.55 10.40 -35.05
C SER A 54 15.38 9.71 -34.38
N VAL A 55 14.46 9.15 -35.17
CA VAL A 55 13.40 8.35 -34.61
C VAL A 55 14.00 7.15 -33.91
N ALA A 56 14.95 6.46 -34.56
CA ALA A 56 15.54 5.22 -34.03
C ALA A 56 16.13 5.37 -32.65
N ARG A 57 17.10 6.28 -32.50
CA ARG A 57 17.69 6.59 -31.21
C ARG A 57 16.70 6.86 -30.03
N GLU A 58 15.42 7.08 -30.29
CA GLU A 58 14.47 7.31 -29.21
C GLU A 58 13.69 6.06 -28.82
N ILE A 59 13.66 5.04 -29.67
CA ILE A 59 12.87 3.90 -29.28
C ILE A 59 13.59 3.09 -28.20
N GLU A 60 12.85 2.84 -27.11
CA GLU A 60 13.23 1.97 -26.01
C GLU A 60 11.93 1.32 -25.55
N LEU A 61 11.87 0.03 -25.37
CA LEU A 61 10.59 -0.57 -25.07
C LEU A 61 10.51 -1.03 -23.61
N GLU A 62 9.30 -1.39 -23.17
CA GLU A 62 9.17 -1.76 -21.78
C GLU A 62 9.47 -3.21 -21.53
N ASP A 63 8.91 -4.09 -22.36
CA ASP A 63 9.19 -5.52 -22.36
C ASP A 63 10.65 -5.71 -22.70
N LYS A 64 11.37 -6.33 -21.79
CA LYS A 64 12.81 -6.21 -21.77
C LYS A 64 13.43 -6.91 -22.97
N PHE A 65 12.74 -7.91 -23.51
CA PHE A 65 13.21 -8.72 -24.62
C PHE A 65 12.96 -7.95 -25.91
N GLU A 66 11.73 -7.48 -26.09
CA GLU A 66 11.38 -6.61 -27.19
C GLU A 66 12.39 -5.50 -27.20
N ASN A 67 12.70 -4.92 -26.05
CA ASN A 67 13.69 -3.87 -26.01
C ASN A 67 14.97 -4.25 -26.74
N MET A 68 15.43 -5.46 -26.46
CA MET A 68 16.70 -5.98 -26.97
C MET A 68 16.68 -6.03 -28.50
N GLY A 69 15.60 -6.57 -29.05
CA GLY A 69 15.32 -6.44 -30.47
C GLY A 69 15.59 -5.02 -30.97
N ALA A 70 14.80 -4.06 -30.49
CA ALA A 70 14.94 -2.69 -30.94
C ALA A 70 16.33 -2.12 -30.70
N GLN A 71 16.96 -2.47 -29.60
CA GLN A 71 18.24 -1.85 -29.29
C GLN A 71 19.35 -2.29 -30.24
N MET A 72 19.09 -3.41 -30.92
CA MET A 72 20.08 -3.99 -31.82
C MET A 72 19.95 -3.43 -33.24
N VAL A 73 18.76 -3.52 -33.85
CA VAL A 73 18.52 -2.88 -35.14
C VAL A 73 18.82 -1.40 -35.08
N LYS A 74 18.60 -0.78 -33.92
CA LYS A 74 18.92 0.62 -33.78
C LYS A 74 20.37 0.91 -34.25
N GLU A 75 21.19 -0.13 -34.32
CA GLU A 75 22.58 0.07 -34.64
C GLU A 75 22.81 0.21 -36.15
N VAL A 76 21.93 -0.37 -36.95
CA VAL A 76 22.11 -0.25 -38.38
C VAL A 76 21.89 1.24 -38.74
N ALA A 77 20.74 1.77 -38.29
CA ALA A 77 20.36 3.16 -38.59
C ALA A 77 21.43 4.06 -37.98
N SER A 78 21.99 3.64 -36.88
CA SER A 78 22.98 4.48 -36.26
C SER A 78 24.29 4.48 -37.04
N LYS A 79 24.71 3.30 -37.45
CA LYS A 79 25.97 3.13 -38.19
C LYS A 79 25.93 3.77 -39.60
N ALA A 80 24.88 3.44 -40.36
CA ALA A 80 24.58 4.18 -41.60
C ALA A 80 24.89 5.68 -41.44
N ASN A 81 24.25 6.30 -40.46
CA ASN A 81 24.40 7.69 -40.21
C ASN A 81 25.86 8.15 -40.05
N ASP A 82 26.68 7.36 -39.36
CA ASP A 82 28.04 7.81 -39.00
C ASP A 82 28.99 7.78 -40.18
N ALA A 83 28.63 6.90 -41.11
CA ALA A 83 29.45 6.62 -42.30
C ALA A 83 29.00 7.44 -43.49
N ALA A 84 27.77 7.16 -43.91
CA ALA A 84 27.08 7.85 -45.00
C ALA A 84 26.67 9.29 -44.67
N GLY A 85 25.70 9.45 -43.75
CA GLY A 85 25.07 10.72 -43.47
C GLY A 85 23.60 10.68 -43.93
N ASP A 86 23.20 9.60 -44.59
CA ASP A 86 21.84 9.48 -45.11
C ASP A 86 21.55 8.00 -45.30
N GLY A 87 20.35 7.64 -45.74
CA GLY A 87 20.04 6.24 -45.95
C GLY A 87 19.70 5.41 -44.72
N THR A 88 19.65 6.08 -43.56
CA THR A 88 19.39 5.46 -42.25
C THR A 88 18.02 4.80 -42.26
N THR A 89 17.02 5.42 -42.88
CA THR A 89 15.75 4.73 -42.97
C THR A 89 15.86 3.50 -43.86
N THR A 90 16.55 3.64 -45.01
CA THR A 90 16.63 2.54 -45.97
C THR A 90 17.27 1.38 -45.21
N ALA A 91 18.47 1.69 -44.67
CA ALA A 91 19.20 0.74 -43.85
C ALA A 91 18.17 0.01 -42.94
N THR A 92 17.37 0.77 -42.20
CA THR A 92 16.50 0.16 -41.21
C THR A 92 15.52 -0.77 -41.88
N VAL A 93 15.02 -0.34 -43.03
CA VAL A 93 13.95 -1.09 -43.69
C VAL A 93 14.47 -2.42 -44.30
N LEU A 94 15.74 -2.40 -44.71
CA LEU A 94 16.36 -3.59 -45.26
C LEU A 94 16.55 -4.50 -44.09
N ALA A 95 17.10 -3.98 -42.99
CA ALA A 95 17.38 -4.80 -41.81
C ALA A 95 16.14 -5.50 -41.33
N GLN A 96 15.02 -4.80 -41.32
CA GLN A 96 13.82 -5.43 -40.80
C GLN A 96 13.36 -6.54 -41.73
N ALA A 97 13.83 -6.47 -42.97
CA ALA A 97 13.31 -7.32 -44.03
C ALA A 97 14.08 -8.63 -44.03
N ILE A 98 15.41 -8.47 -43.94
CA ILE A 98 16.25 -9.62 -43.82
C ILE A 98 15.79 -10.45 -42.59
N ILE A 99 15.61 -9.77 -41.44
CA ILE A 99 15.22 -10.41 -40.18
C ILE A 99 13.91 -11.16 -40.37
N THR A 100 12.89 -10.50 -40.90
CA THR A 100 11.59 -11.13 -40.98
C THR A 100 11.74 -12.40 -41.79
N GLU A 101 12.52 -12.32 -42.88
CA GLU A 101 12.56 -13.40 -43.85
C GLU A 101 13.45 -14.50 -43.32
N GLY A 102 14.60 -14.09 -42.80
CA GLY A 102 15.44 -14.95 -41.98
C GLY A 102 14.64 -15.80 -41.00
N LEU A 103 14.08 -15.18 -39.95
CA LEU A 103 13.43 -15.96 -38.90
C LEU A 103 12.38 -16.87 -39.48
N LYS A 104 11.79 -16.51 -40.61
CA LYS A 104 10.79 -17.39 -41.20
C LYS A 104 11.46 -18.68 -41.66
N ALA A 105 12.69 -18.56 -42.17
CA ALA A 105 13.44 -19.71 -42.64
C ALA A 105 13.93 -20.54 -41.45
N VAL A 106 14.38 -19.85 -40.39
CA VAL A 106 14.84 -20.54 -39.20
C VAL A 106 13.71 -21.39 -38.67
N ALA A 107 12.49 -20.88 -38.79
CA ALA A 107 11.34 -21.62 -38.34
C ALA A 107 10.99 -22.78 -39.29
N ALA A 108 11.65 -22.80 -40.45
CA ALA A 108 11.45 -23.87 -41.43
C ALA A 108 12.37 -25.06 -41.18
N GLY A 109 13.24 -24.92 -40.17
CA GLY A 109 14.26 -25.92 -39.90
C GLY A 109 15.63 -25.68 -40.53
N MET A 110 15.79 -24.62 -41.29
CA MET A 110 17.09 -24.19 -41.77
C MET A 110 18.08 -23.89 -40.66
N ASN A 111 19.36 -24.03 -40.98
CA ASN A 111 20.45 -23.78 -40.05
C ASN A 111 20.87 -22.32 -40.05
N PRO A 112 20.60 -21.59 -38.99
CA PRO A 112 20.79 -20.15 -39.00
C PRO A 112 22.17 -19.73 -39.43
N MET A 113 23.19 -20.41 -38.93
CA MET A 113 24.54 -19.96 -39.22
C MET A 113 24.88 -20.03 -40.72
N ASP A 114 24.10 -20.83 -41.47
CA ASP A 114 24.25 -20.99 -42.91
C ASP A 114 23.49 -19.87 -43.61
N LEU A 115 22.25 -19.61 -43.12
CA LEU A 115 21.43 -18.54 -43.67
C LEU A 115 22.27 -17.30 -43.59
N LYS A 116 22.94 -17.09 -42.47
CA LYS A 116 23.86 -15.99 -42.37
C LYS A 116 24.95 -15.96 -43.47
N ARG A 117 25.67 -17.09 -43.65
CA ARG A 117 26.71 -17.17 -44.68
C ARG A 117 26.16 -16.82 -46.09
N GLY A 118 24.92 -17.20 -46.36
CA GLY A 118 24.27 -16.92 -47.63
C GLY A 118 24.08 -15.43 -47.77
N ILE A 119 23.26 -14.83 -46.88
CA ILE A 119 23.08 -13.40 -46.75
C ILE A 119 24.41 -12.72 -46.96
N ASP A 120 25.45 -13.12 -46.23
CA ASP A 120 26.69 -12.36 -46.33
C ASP A 120 27.28 -12.42 -47.75
N LYS A 121 27.28 -13.60 -48.34
CA LYS A 121 27.80 -13.78 -49.67
C LYS A 121 26.98 -12.97 -50.67
N ALA A 122 25.65 -13.03 -50.53
CA ALA A 122 24.75 -12.26 -51.41
C ALA A 122 25.12 -10.79 -51.32
N VAL A 123 25.37 -10.31 -50.13
CA VAL A 123 25.77 -8.91 -49.95
C VAL A 123 27.14 -8.57 -50.55
N THR A 124 28.14 -9.44 -50.41
CA THR A 124 29.47 -9.12 -50.90
C THR A 124 29.42 -8.92 -52.41
N ALA A 125 28.43 -9.58 -53.00
CA ALA A 125 28.27 -9.62 -54.44
C ALA A 125 27.48 -8.37 -54.88
N ALA A 126 26.42 -8.08 -54.14
CA ALA A 126 25.66 -6.86 -54.35
C ALA A 126 26.58 -5.65 -54.23
N VAL A 127 27.50 -5.65 -53.29
CA VAL A 127 28.39 -4.50 -53.19
C VAL A 127 29.24 -4.31 -54.43
N GLU A 128 29.81 -5.41 -54.93
CA GLU A 128 30.56 -5.44 -56.18
C GLU A 128 29.72 -4.92 -57.33
N GLU A 129 28.48 -5.40 -57.43
CA GLU A 129 27.60 -5.05 -58.51
C GLU A 129 27.26 -3.58 -58.52
N LEU A 130 26.92 -3.02 -57.35
CA LEU A 130 26.83 -1.57 -57.17
C LEU A 130 28.06 -0.78 -57.57
N LYS A 131 29.27 -1.27 -57.27
CA LYS A 131 30.44 -0.51 -57.75
C LYS A 131 30.38 -0.38 -59.28
N ALA A 132 29.71 -1.34 -59.92
CA ALA A 132 29.75 -1.44 -61.37
C ALA A 132 28.82 -0.39 -61.96
N LEU A 133 27.56 -0.44 -61.50
CA LEU A 133 26.49 0.53 -61.78
C LEU A 133 26.79 1.97 -61.47
N SER A 134 27.49 2.21 -60.37
CA SER A 134 27.84 3.57 -60.03
C SER A 134 28.54 4.26 -61.20
N VAL A 135 28.06 5.44 -61.50
CA VAL A 135 28.75 6.27 -62.43
C VAL A 135 29.21 7.48 -61.62
N PRO A 136 30.56 6.37 -61.02
CA PRO A 136 31.10 7.60 -60.43
C PRO A 136 30.12 8.73 -60.50
N CYS A 137 30.33 9.76 -59.69
CA CYS A 137 29.46 10.93 -59.69
C CYS A 137 30.35 12.15 -59.47
N SER A 138 30.55 12.91 -60.56
CA SER A 138 31.58 13.95 -60.53
C SER A 138 31.12 15.30 -61.08
N ASP A 139 30.23 15.28 -62.06
CA ASP A 139 29.63 16.50 -62.61
C ASP A 139 28.61 17.14 -61.62
N SER A 140 28.61 18.46 -61.58
CA SER A 140 27.68 19.27 -60.77
C SER A 140 26.23 18.83 -60.89
N LYS A 141 25.79 18.35 -62.06
CA LYS A 141 24.37 17.97 -62.21
C LYS A 141 24.03 16.78 -61.36
N ALA A 142 24.89 15.79 -61.38
CA ALA A 142 24.69 14.56 -60.60
C ALA A 142 24.72 14.83 -59.11
N ILE A 143 25.67 15.67 -58.68
CA ILE A 143 25.80 16.05 -57.28
C ILE A 143 24.54 16.76 -56.79
N ALA A 144 24.06 17.74 -57.54
CA ALA A 144 22.84 18.44 -57.19
C ALA A 144 21.71 17.47 -57.01
N GLN A 145 21.69 16.44 -57.83
CA GLN A 145 20.65 15.41 -57.70
C GLN A 145 20.68 14.63 -56.39
N VAL A 146 21.85 14.13 -55.98
CA VAL A 146 21.85 13.38 -54.73
C VAL A 146 21.39 14.31 -53.60
N GLY A 147 21.94 15.52 -53.60
CA GLY A 147 21.56 16.58 -52.68
C GLY A 147 20.07 16.79 -52.62
N THR A 148 19.45 16.93 -53.77
CA THR A 148 18.02 17.09 -53.85
C THR A 148 17.21 15.94 -53.25
N ILE A 149 17.57 14.69 -53.53
CA ILE A 149 16.77 13.55 -53.05
C ILE A 149 16.93 13.37 -51.54
N SER A 150 18.15 13.67 -51.11
CA SER A 150 18.56 13.70 -49.75
C SER A 150 17.74 14.68 -48.95
N ALA A 151 17.49 15.85 -49.54
CA ALA A 151 16.75 16.91 -48.87
C ALA A 151 15.26 16.80 -49.14
N ASN A 152 14.74 15.58 -49.21
CA ASN A 152 13.34 15.32 -49.52
C ASN A 152 12.81 16.07 -50.74
N SER A 153 13.51 15.96 -51.87
CA SER A 153 13.04 16.50 -53.15
C SER A 153 13.03 18.01 -53.13
N ASP A 154 14.06 18.62 -52.56
CA ASP A 154 14.16 20.07 -52.46
C ASP A 154 15.28 20.58 -53.36
N GLU A 155 14.89 20.98 -54.57
CA GLU A 155 15.80 21.39 -55.62
C GLU A 155 16.82 22.44 -55.24
N THR A 156 16.43 23.35 -54.36
CA THR A 156 17.27 24.47 -53.97
C THR A 156 18.47 24.03 -53.16
N VAL A 157 18.25 23.04 -52.30
CA VAL A 157 19.32 22.51 -51.46
C VAL A 157 20.36 21.81 -52.34
N GLY A 158 19.86 21.08 -53.33
CA GLY A 158 20.71 20.43 -54.32
C GLY A 158 21.61 21.48 -54.94
N LYS A 159 20.95 22.40 -55.64
CA LYS A 159 21.61 23.50 -56.34
C LYS A 159 22.66 24.18 -55.47
N LEU A 160 22.30 24.41 -54.20
CA LEU A 160 23.11 25.18 -53.29
C LEU A 160 24.39 24.46 -52.88
N ILE A 161 24.27 23.17 -52.64
CA ILE A 161 25.42 22.34 -52.30
C ILE A 161 26.32 22.15 -53.53
N ALA A 162 25.71 21.88 -54.69
CA ALA A 162 26.43 21.72 -55.93
C ALA A 162 27.29 22.94 -56.21
N GLU A 163 26.68 24.11 -56.09
CA GLU A 163 27.39 25.36 -56.19
C GLU A 163 28.52 25.48 -55.17
N ALA A 164 28.27 25.00 -53.95
CA ALA A 164 29.25 25.09 -52.89
C ALA A 164 30.53 24.35 -53.25
N MET A 165 30.40 23.05 -53.55
CA MET A 165 31.54 22.16 -53.86
C MET A 165 32.33 22.66 -55.07
N ASP A 166 31.60 23.22 -56.03
CA ASP A 166 32.17 23.88 -57.19
C ASP A 166 33.16 25.00 -56.83
N LYS A 167 32.86 25.76 -55.79
CA LYS A 167 33.67 26.93 -55.43
C LYS A 167 34.80 26.64 -54.44
N VAL A 168 34.55 25.77 -53.45
CA VAL A 168 35.56 25.47 -52.44
C VAL A 168 36.54 24.43 -52.94
N GLY A 169 36.07 23.59 -53.85
CA GLY A 169 36.87 22.51 -54.40
C GLY A 169 36.52 21.16 -53.80
N LYS A 170 37.46 20.23 -53.94
CA LYS A 170 37.31 18.88 -53.40
C LYS A 170 37.95 18.81 -52.00
N GLU A 171 39.09 19.48 -51.85
CA GLU A 171 39.79 19.52 -50.57
C GLU A 171 39.29 20.68 -49.67
N GLY A 172 38.02 21.07 -49.84
CA GLY A 172 37.46 22.24 -49.16
C GLY A 172 36.23 21.97 -48.29
N VAL A 173 36.09 22.77 -47.24
CA VAL A 173 35.06 22.54 -46.24
C VAL A 173 33.79 23.36 -46.42
N ILE A 174 32.64 22.74 -46.14
CA ILE A 174 31.34 23.40 -46.16
C ILE A 174 30.63 23.14 -44.83
N THR A 175 30.30 24.21 -44.11
CA THR A 175 29.52 24.11 -42.88
C THR A 175 28.12 24.69 -43.08
N VAL A 176 27.21 24.37 -42.16
CA VAL A 176 25.83 24.84 -42.24
C VAL A 176 25.35 25.40 -40.88
N GLU A 177 24.86 26.64 -40.91
CA GLU A 177 24.34 27.29 -39.71
C GLU A 177 23.02 27.98 -39.94
N ASP A 178 22.44 28.48 -38.86
CA ASP A 178 21.16 29.19 -38.91
C ASP A 178 21.37 30.53 -39.59
N GLY A 179 20.47 30.85 -40.51
CA GLY A 179 20.49 32.15 -41.15
C GLY A 179 19.58 33.12 -40.42
N THR A 180 19.68 34.40 -40.77
CA THR A 180 18.81 35.38 -40.16
C THR A 180 17.48 35.49 -40.91
N GLY A 181 17.54 35.59 -42.24
CA GLY A 181 16.36 35.79 -43.06
C GLY A 181 15.52 34.55 -43.31
N LEU A 182 14.63 34.66 -44.29
CA LEU A 182 13.70 33.60 -44.64
C LEU A 182 14.29 32.68 -45.69
N GLN A 183 15.28 33.17 -46.43
CA GLN A 183 15.85 32.41 -47.56
C GLN A 183 17.26 31.94 -47.25
N ASP A 184 17.64 30.82 -47.88
CA ASP A 184 18.99 30.24 -47.77
C ASP A 184 20.05 31.15 -48.38
N GLU A 185 21.28 31.02 -47.92
CA GLU A 185 22.35 31.90 -48.41
C GLU A 185 23.72 31.23 -48.35
N LEU A 186 24.48 31.37 -49.42
CA LEU A 186 25.81 30.76 -49.51
C LEU A 186 26.91 31.80 -49.44
N ASP A 187 27.84 31.62 -48.49
CA ASP A 187 28.97 32.54 -48.30
C ASP A 187 30.26 31.81 -48.58
N VAL A 188 31.11 32.39 -49.43
CA VAL A 188 32.39 31.78 -49.74
C VAL A 188 33.49 32.74 -49.34
N VAL A 189 34.39 32.27 -48.50
CA VAL A 189 35.53 33.07 -48.08
C VAL A 189 36.77 32.76 -48.91
N GLU A 190 37.27 33.81 -49.57
CA GLU A 190 38.37 33.67 -50.49
C GLU A 190 39.71 33.79 -49.78
N GLY A 191 39.40 33.47 -49.44
CA GLY A 191 40.75 33.42 -48.88
C GLY A 191 40.75 32.67 -47.57
N MET A 192 41.57 33.15 -46.62
CA MET A 192 41.64 32.53 -45.31
C MET A 192 41.07 33.42 -44.21
N GLN A 193 40.29 32.81 -43.32
CA GLN A 193 39.73 33.46 -42.15
C GLN A 193 39.66 32.49 -40.96
N PHE A 194 39.84 33.00 -39.75
CA PHE A 194 39.78 32.20 -38.53
C PHE A 194 39.05 32.89 -37.38
N ASP A 195 38.57 32.10 -36.43
CA ASP A 195 37.76 32.60 -35.32
C ASP A 195 38.57 33.38 -34.29
N ARG A 196 38.77 34.66 -34.53
CA ARG A 196 39.51 35.51 -33.61
C ARG A 196 39.22 37.00 -33.76
N GLY A 197 38.79 37.62 -32.67
CA GLY A 197 38.56 39.06 -32.64
C GLY A 197 39.72 39.83 -32.05
N TYR A 198 39.72 41.13 -32.30
CA TYR A 198 40.74 42.03 -31.73
C TYR A 198 40.70 42.00 -30.20
N LEU A 199 41.87 42.11 -29.59
CA LEU A 199 41.97 42.18 -28.15
C LEU A 199 41.83 43.63 -27.69
N SER A 200 42.12 44.54 -28.63
CA SER A 200 42.05 45.97 -28.38
C SER A 200 40.90 46.57 -29.18
N PRO A 201 39.75 46.78 -28.53
CA PRO A 201 38.57 47.36 -29.19
C PRO A 201 38.79 48.81 -29.59
N TYR A 202 39.72 49.50 -28.93
CA TYR A 202 40.01 50.90 -29.22
C TYR A 202 40.94 51.06 -30.42
N PHE A 203 40.84 50.16 -31.40
CA PHE A 203 41.70 50.20 -32.56
C PHE A 203 40.96 50.35 -33.89
N ILE A 204 39.68 49.96 -33.90
CA ILE A 204 38.84 50.05 -35.08
C ILE A 204 39.10 51.33 -35.89
N ASN A 205 39.72 51.17 -37.05
CA ASN A 205 40.00 52.30 -37.93
C ASN A 205 38.88 52.58 -38.96
N LYS A 206 37.74 51.89 -38.79
CA LYS A 206 36.53 52.12 -39.58
C LYS A 206 35.28 51.85 -38.73
N PRO A 207 34.80 52.87 -37.99
CA PRO A 207 33.65 52.69 -37.10
C PRO A 207 32.35 52.32 -37.79
N GLU A 208 32.35 52.32 -39.13
CA GLU A 208 31.15 52.01 -39.94
C GLU A 208 30.78 50.54 -39.85
N THR A 209 31.75 49.65 -40.06
CA THR A 209 31.54 48.21 -39.94
C THR A 209 31.84 47.75 -38.52
N GLY A 210 32.58 48.57 -37.78
CA GLY A 210 33.08 48.22 -36.46
C GLY A 210 34.20 47.20 -36.60
N ALA A 211 35.09 47.45 -37.56
CA ALA A 211 36.19 46.54 -37.87
C ALA A 211 37.50 47.25 -38.26
N VAL A 212 38.62 46.54 -38.13
CA VAL A 212 39.96 47.07 -38.45
C VAL A 212 40.38 46.68 -39.87
N GLU A 213 40.73 47.69 -40.68
CA GLU A 213 41.08 47.47 -42.09
C GLU A 213 42.53 47.90 -42.39
N LEU A 214 43.47 46.99 -42.16
CA LEU A 214 44.89 47.29 -42.38
C LEU A 214 45.32 47.13 -43.84
N GLU A 215 45.69 48.23 -44.45
CA GLU A 215 46.07 48.26 -45.86
C GLU A 215 47.52 47.82 -46.08
N SER A 216 47.69 46.73 -46.82
CA SER A 216 49.00 46.17 -47.18
C SER A 216 50.02 46.14 -46.02
N PRO A 217 49.71 45.40 -44.95
CA PRO A 217 50.51 45.44 -43.74
C PRO A 217 51.53 44.30 -43.61
N PHE A 218 52.38 44.41 -42.60
CA PHE A 218 53.30 43.34 -42.19
C PHE A 218 52.58 42.42 -41.21
N ILE A 219 53.06 41.20 -41.06
CA ILE A 219 52.46 40.27 -40.11
C ILE A 219 53.51 39.61 -39.22
N LEU A 220 53.33 39.76 -37.92
CA LEU A 220 54.19 39.13 -36.93
C LEU A 220 53.53 37.91 -36.34
N LEU A 221 54.22 36.78 -36.42
CA LEU A 221 53.70 35.53 -35.88
C LEU A 221 54.48 35.12 -34.65
N ALA A 222 53.92 35.42 -33.49
CA ALA A 222 54.55 35.10 -32.22
C ALA A 222 53.96 33.81 -31.64
N ASP A 223 54.78 32.78 -31.57
CA ASP A 223 54.38 31.49 -30.99
C ASP A 223 54.11 31.64 -29.49
N LYS A 224 55.04 32.27 -28.78
CA LYS A 224 54.89 32.56 -27.36
C LYS A 224 53.87 33.67 -27.08
N LYS A 225 53.47 33.81 -25.83
CA LYS A 225 52.53 34.86 -25.43
C LYS A 225 53.26 36.14 -24.99
N ILE A 226 52.77 37.28 -25.46
CA ILE A 226 53.36 38.59 -25.19
C ILE A 226 52.72 39.26 -23.98
N SER A 227 53.54 39.96 -23.19
CA SER A 227 53.05 40.76 -22.07
C SER A 227 53.86 42.04 -21.89
N ASN A 228 55.05 42.08 -22.49
CA ASN A 228 55.98 43.21 -22.33
C ASN A 228 56.29 43.94 -23.63
N ILE A 229 56.30 45.28 -23.56
CA ILE A 229 56.59 46.15 -24.71
C ILE A 229 58.05 46.04 -25.18
N ARG A 230 58.91 45.53 -24.29
CA ARG A 230 60.33 45.37 -24.56
C ARG A 230 60.62 44.60 -25.86
N GLU A 231 60.10 43.37 -25.94
CA GLU A 231 60.35 42.47 -27.07
C GLU A 231 59.93 43.05 -28.42
N MET A 232 58.98 43.98 -28.37
CA MET A 232 58.44 44.59 -29.57
C MET A 232 59.37 45.64 -30.15
N LEU A 233 59.92 46.48 -29.27
CA LEU A 233 60.70 47.65 -29.66
C LEU A 233 61.59 47.47 -30.89
N PRO A 234 62.44 46.45 -30.92
CA PRO A 234 63.30 46.18 -32.07
C PRO A 234 62.55 46.11 -33.40
N VAL A 235 61.51 45.27 -33.47
CA VAL A 235 60.75 45.07 -34.71
C VAL A 235 59.74 46.19 -34.93
N LEU A 236 59.02 46.55 -33.87
CA LEU A 236 58.09 47.67 -33.90
C LEU A 236 58.76 48.92 -34.47
N GLU A 237 60.06 49.05 -34.22
CA GLU A 237 60.86 50.16 -34.74
C GLU A 237 61.03 50.12 -36.25
N ALA A 238 61.48 48.98 -36.78
CA ALA A 238 61.68 48.82 -38.21
C ALA A 238 60.39 49.00 -39.03
N VAL A 239 59.26 48.67 -38.42
CA VAL A 239 57.93 48.88 -39.01
C VAL A 239 57.52 50.35 -38.97
N ALA A 240 57.94 51.05 -37.91
CA ALA A 240 57.69 52.49 -37.74
C ALA A 240 58.41 53.36 -38.77
N LYS A 241 59.56 52.89 -39.24
CA LYS A 241 60.36 53.59 -40.22
C LYS A 241 60.16 53.01 -41.63
N ALA A 242 59.12 52.21 -41.79
CA ALA A 242 58.78 51.60 -43.08
C ALA A 242 57.43 52.08 -43.59
N GLY A 243 56.60 52.59 -42.68
CA GLY A 243 55.31 53.15 -43.04
C GLY A 243 54.14 52.18 -42.95
N LYS A 244 54.32 50.98 -43.51
CA LYS A 244 53.28 49.96 -43.56
C LYS A 244 52.78 49.56 -42.16
N PRO A 245 51.48 49.28 -42.04
CA PRO A 245 50.90 48.80 -40.78
C PRO A 245 51.41 47.41 -40.37
N LEU A 246 50.99 46.92 -39.20
CA LEU A 246 51.44 45.61 -38.71
C LEU A 246 50.36 44.85 -37.94
N LEU A 247 50.12 43.61 -38.34
CA LEU A 247 49.26 42.71 -37.59
C LEU A 247 50.12 41.78 -36.74
N ILE A 248 49.70 41.60 -35.48
CA ILE A 248 50.42 40.72 -34.58
C ILE A 248 49.53 39.57 -34.13
N ILE A 249 49.80 38.38 -34.65
CA ILE A 249 49.11 37.17 -34.21
C ILE A 249 50.02 36.42 -33.25
N ALA A 250 49.74 36.59 -31.96
CA ALA A 250 50.48 35.94 -30.89
C ALA A 250 49.64 34.89 -30.19
N GLU A 251 50.25 34.14 -29.29
CA GLU A 251 49.52 33.25 -28.39
C GLU A 251 48.54 34.06 -27.55
N ASP A 252 49.03 35.22 -27.08
CA ASP A 252 48.21 36.21 -26.38
C ASP A 252 48.98 37.53 -26.31
N VAL A 253 48.24 38.64 -26.20
CA VAL A 253 48.83 39.96 -25.93
C VAL A 253 48.05 40.63 -24.79
N GLU A 254 48.77 41.01 -23.74
CA GLU A 254 48.17 41.54 -22.53
C GLU A 254 49.07 42.58 -21.85
N GLY A 255 48.87 42.77 -20.55
CA GLY A 255 49.66 43.68 -19.75
C GLY A 255 49.68 45.09 -20.32
N GLU A 256 50.79 45.78 -20.09
CA GLU A 256 50.97 47.12 -20.67
C GLU A 256 51.25 47.05 -22.16
N ALA A 257 51.84 45.94 -22.61
CA ALA A 257 52.12 45.72 -24.02
C ALA A 257 50.89 46.06 -24.88
N LEU A 258 49.79 45.39 -24.61
CA LEU A 258 48.52 45.66 -25.26
C LEU A 258 48.13 47.13 -25.04
N ALA A 259 48.16 47.54 -23.78
CA ALA A 259 47.77 48.91 -23.39
C ALA A 259 48.56 49.98 -24.15
N THR A 260 49.88 49.78 -24.29
CA THR A 260 50.73 50.74 -24.99
C THR A 260 50.42 50.74 -26.49
N LEU A 261 50.34 49.54 -27.07
CA LEU A 261 50.05 49.39 -28.49
C LEU A 261 48.90 50.28 -28.93
N VAL A 262 47.90 50.40 -28.06
CA VAL A 262 46.75 51.27 -28.30
C VAL A 262 47.20 52.72 -28.48
N VAL A 263 47.89 53.27 -27.47
CA VAL A 263 48.36 54.66 -27.47
C VAL A 263 49.27 54.98 -28.66
N ASN A 264 49.89 53.93 -29.22
CA ASN A 264 50.80 54.09 -30.36
C ASN A 264 50.08 54.29 -31.69
N THR A 265 48.98 53.57 -31.90
CA THR A 265 48.16 53.75 -33.10
C THR A 265 47.18 54.90 -32.92
N MET A 266 46.69 55.07 -31.70
CA MET A 266 45.81 56.18 -31.34
C MET A 266 46.43 57.52 -31.71
N ARG A 267 47.76 57.62 -31.61
CA ARG A 267 48.52 58.83 -31.95
C ARG A 267 48.89 58.89 -33.42
N GLY A 268 49.12 57.72 -34.02
CA GLY A 268 49.53 57.62 -35.41
C GLY A 268 51.02 57.36 -35.56
N ILE A 269 51.64 56.83 -34.51
CA ILE A 269 53.05 56.47 -34.52
C ILE A 269 53.25 55.24 -35.42
N VAL A 270 52.44 54.21 -35.17
CA VAL A 270 52.40 52.99 -35.98
C VAL A 270 50.96 52.51 -36.05
N LYS A 271 50.63 51.73 -37.08
CA LYS A 271 49.32 51.09 -37.13
C LYS A 271 49.45 49.60 -36.82
N VAL A 272 49.03 49.20 -35.62
CA VAL A 272 49.26 47.83 -35.13
C VAL A 272 48.05 47.14 -34.51
N ALA A 273 47.78 45.92 -34.96
CA ALA A 273 46.65 45.11 -34.50
C ALA A 273 47.10 43.92 -33.67
N ALA A 274 46.25 43.51 -32.73
CA ALA A 274 46.56 42.39 -31.85
C ALA A 274 45.40 41.42 -31.76
N VAL A 275 45.64 40.18 -32.19
CA VAL A 275 44.66 39.10 -32.12
C VAL A 275 45.30 37.80 -31.65
N LYS A 276 44.57 37.03 -30.85
CA LYS A 276 45.05 35.74 -30.35
C LYS A 276 45.31 34.77 -31.52
N ALA A 277 45.90 33.62 -31.21
CA ALA A 277 46.19 32.61 -32.21
C ALA A 277 44.98 31.69 -32.43
N PRO A 278 44.75 31.30 -33.68
CA PRO A 278 43.67 30.36 -34.00
C PRO A 278 43.98 28.95 -33.48
N GLY A 279 43.20 28.49 -32.50
CA GLY A 279 43.37 27.16 -31.96
C GLY A 279 43.83 27.09 -30.52
N PHE A 280 44.33 25.92 -30.15
CA PHE A 280 44.61 25.57 -28.76
C PHE A 280 45.53 24.35 -28.76
N GLY A 281 46.48 24.32 -27.83
CA GLY A 281 47.44 23.22 -27.75
C GLY A 281 48.35 23.12 -28.97
N ASP A 282 48.65 21.89 -29.37
CA ASP A 282 49.57 21.63 -30.47
C ASP A 282 49.00 22.00 -31.84
N ARG A 283 47.68 22.08 -31.90
CA ARG A 283 46.96 22.50 -33.09
C ARG A 283 47.23 23.96 -33.44
N ARG A 284 47.40 24.78 -32.39
CA ARG A 284 47.65 26.21 -32.55
C ARG A 284 48.91 26.47 -33.36
N LYS A 285 50.03 25.90 -32.91
CA LYS A 285 51.33 26.07 -33.56
C LYS A 285 51.30 25.50 -34.97
N ALA A 286 50.54 24.43 -35.14
CA ALA A 286 50.30 23.86 -36.46
C ALA A 286 49.64 24.90 -37.37
N MET A 287 48.49 25.44 -36.93
CA MET A 287 47.73 26.42 -37.71
C MET A 287 48.46 27.76 -37.88
N LEU A 288 49.21 28.15 -36.86
CA LEU A 288 50.00 29.38 -36.90
C LEU A 288 51.05 29.30 -38.01
N GLN A 289 51.64 28.12 -38.18
CA GLN A 289 52.61 27.87 -39.23
C GLN A 289 51.97 28.05 -40.60
N ASP A 290 50.75 27.54 -40.76
CA ASP A 290 50.01 27.65 -42.01
C ASP A 290 49.94 29.10 -42.49
N ILE A 291 49.75 30.00 -41.55
CA ILE A 291 49.60 31.43 -41.84
C ILE A 291 50.92 32.00 -42.37
N ALA A 292 52.03 31.55 -41.80
CA ALA A 292 53.36 31.98 -42.21
C ALA A 292 53.62 31.67 -43.68
N THR A 293 53.22 30.47 -44.10
CA THR A 293 53.38 30.02 -45.47
C THR A 293 52.63 30.91 -46.47
N LEU A 294 51.37 31.25 -46.16
CA LEU A 294 50.54 32.06 -47.04
C LEU A 294 51.02 33.52 -47.14
N THR A 295 51.82 33.96 -46.17
CA THR A 295 52.24 35.36 -46.09
C THR A 295 53.74 35.58 -46.29
N GLY A 296 54.50 34.48 -46.31
CA GLY A 296 55.95 34.55 -46.49
C GLY A 296 56.70 35.09 -45.28
N GLY A 297 56.25 34.69 -44.08
CA GLY A 297 56.92 35.07 -42.84
C GLY A 297 57.41 33.87 -42.07
N THR A 298 58.16 34.14 -41.01
CA THR A 298 58.67 33.07 -40.14
C THR A 298 57.95 33.11 -38.81
N VAL A 299 57.55 31.93 -38.33
CA VAL A 299 57.02 31.79 -36.98
C VAL A 299 58.16 32.03 -35.99
N ILE A 300 57.99 33.03 -35.12
CA ILE A 300 58.97 33.28 -34.06
C ILE A 300 58.60 32.39 -32.87
N SER A 301 59.12 31.17 -32.89
CA SER A 301 58.81 30.16 -31.90
C SER A 301 59.83 30.18 -30.77
N GLU A 302 59.35 30.53 -29.58
CA GLU A 302 60.21 30.62 -28.40
C GLU A 302 60.81 29.28 -28.01
N GLU A 303 60.07 28.20 -28.30
CA GLU A 303 60.50 26.84 -27.98
C GLU A 303 61.75 26.45 -28.75
N ILE A 304 61.83 26.79 -30.03
CA ILE A 304 62.95 26.38 -30.88
C ILE A 304 64.07 27.42 -30.99
N GLY A 305 64.46 27.97 -29.84
CA GLY A 305 65.63 28.84 -29.72
C GLY A 305 65.55 30.14 -30.49
N MET A 306 64.48 30.91 -30.24
CA MET A 306 64.31 32.21 -30.88
C MET A 306 63.77 33.22 -29.89
N GLU A 307 64.33 34.43 -29.92
CA GLU A 307 63.81 35.53 -29.13
C GLU A 307 62.96 36.41 -30.02
N LEU A 308 61.93 37.00 -29.43
CA LEU A 308 61.02 37.89 -30.14
C LEU A 308 61.74 39.18 -30.55
N GLU A 309 62.80 39.52 -29.81
CA GLU A 309 63.54 40.77 -29.98
C GLU A 309 64.58 40.69 -31.11
N LYS A 310 65.06 39.49 -31.39
CA LYS A 310 66.09 39.31 -32.42
C LYS A 310 65.51 39.25 -33.84
N ALA A 311 64.20 39.49 -33.96
CA ALA A 311 63.53 39.49 -35.25
C ALA A 311 63.73 40.81 -36.00
N THR A 312 63.74 40.73 -37.33
CA THR A 312 63.79 41.90 -38.21
C THR A 312 62.65 41.83 -39.21
N LEU A 313 62.57 42.82 -40.10
CA LEU A 313 61.55 42.87 -41.15
C LEU A 313 61.52 41.60 -41.99
N GLU A 314 62.68 40.94 -42.06
CA GLU A 314 62.87 39.66 -42.75
C GLU A 314 61.81 38.62 -42.39
N ASP A 315 61.59 38.42 -41.10
CA ASP A 315 60.74 37.33 -40.60
C ASP A 315 59.25 37.65 -40.60
N LEU A 316 58.89 38.87 -40.98
CA LEU A 316 57.50 39.30 -41.01
C LEU A 316 56.80 38.88 -42.29
N GLY A 317 55.58 38.37 -42.16
CA GLY A 317 54.75 38.05 -43.31
C GLY A 317 54.17 39.32 -43.89
N GLN A 318 53.55 39.20 -45.07
CA GLN A 318 52.94 40.35 -45.75
C GLN A 318 51.69 39.96 -46.53
N ALA A 319 50.69 40.85 -46.52
CA ALA A 319 49.42 40.61 -47.20
C ALA A 319 48.96 41.83 -47.99
N LYS A 320 48.05 41.60 -48.94
CA LYS A 320 47.45 42.67 -49.73
C LYS A 320 46.52 43.53 -48.86
N ARG A 321 45.74 42.87 -47.99
CA ARG A 321 44.78 43.54 -47.10
C ARG A 321 44.42 42.66 -45.90
N VAL A 322 43.95 43.28 -44.82
CA VAL A 322 43.55 42.57 -43.60
C VAL A 322 42.25 43.15 -43.04
N VAL A 323 41.32 42.27 -42.64
CA VAL A 323 40.04 42.68 -42.05
C VAL A 323 39.78 41.95 -40.71
N ILE A 324 39.66 42.71 -39.63
CA ILE A 324 39.44 42.17 -38.28
C ILE A 324 38.23 42.79 -37.60
N ASN A 325 37.29 41.96 -37.17
CA ASN A 325 36.18 42.43 -36.33
C ASN A 325 36.21 41.75 -34.95
N LYS A 326 35.17 42.03 -34.14
CA LYS A 326 35.04 41.50 -32.78
C LYS A 326 35.17 39.98 -32.67
N ASP A 327 34.93 39.27 -33.77
CA ASP A 327 34.86 37.81 -33.75
C ASP A 327 35.82 37.08 -34.69
N THR A 328 36.10 37.64 -35.87
CA THR A 328 36.93 36.97 -36.87
C THR A 328 37.99 37.84 -37.55
N THR A 329 39.12 37.21 -37.89
CA THR A 329 40.20 37.87 -38.60
C THR A 329 40.38 37.26 -39.98
N THR A 330 40.57 38.11 -40.98
CA THR A 330 40.68 37.66 -42.37
C THR A 330 41.92 38.23 -43.05
N ILE A 331 42.67 37.34 -43.69
CA ILE A 331 43.80 37.74 -44.52
C ILE A 331 43.39 37.58 -45.97
N ILE A 332 43.33 38.70 -46.67
CA ILE A 332 43.06 38.72 -48.11
C ILE A 332 44.38 38.72 -48.87
N ASP A 333 44.69 37.59 -49.50
CA ASP A 333 45.79 37.49 -50.46
C ASP A 333 47.17 37.87 -49.88
N GLY A 334 47.84 36.90 -49.25
CA GLY A 334 49.19 37.11 -48.73
C GLY A 334 50.25 36.97 -49.81
N VAL A 335 51.50 37.36 -49.49
CA VAL A 335 52.61 37.28 -50.45
C VAL A 335 52.84 35.85 -50.95
N GLY A 336 53.05 34.92 -50.02
CA GLY A 336 53.13 33.49 -50.27
C GLY A 336 53.69 32.96 -51.59
N GLU A 337 54.90 32.39 -51.53
CA GLU A 337 55.52 31.69 -52.66
C GLU A 337 54.55 30.64 -53.15
N GLU A 338 54.16 30.76 -54.42
CA GLU A 338 53.14 29.89 -55.01
C GLU A 338 53.42 28.41 -54.76
N ALA A 339 54.63 27.97 -55.08
CA ALA A 339 55.04 26.58 -54.91
C ALA A 339 55.03 26.13 -53.45
N ALA A 340 55.44 27.02 -52.55
CA ALA A 340 55.49 26.73 -51.11
C ALA A 340 54.10 26.51 -50.50
N ILE A 341 53.10 27.23 -51.00
CA ILE A 341 51.71 27.05 -50.56
C ILE A 341 51.23 25.63 -50.87
N GLN A 342 51.23 25.28 -52.17
CA GLN A 342 50.73 23.99 -52.63
C GLN A 342 51.63 22.83 -52.19
N GLY A 343 52.87 23.15 -51.86
CA GLY A 343 53.78 22.18 -51.27
C GLY A 343 53.35 21.86 -49.85
N ARG A 344 53.07 22.90 -49.08
CA ARG A 344 52.54 22.75 -47.72
C ARG A 344 51.15 22.12 -47.75
N VAL A 345 50.42 22.32 -48.85
CA VAL A 345 49.08 21.75 -48.99
C VAL A 345 49.12 20.24 -49.25
N ALA A 346 49.90 19.82 -50.26
CA ALA A 346 50.03 18.40 -50.61
C ALA A 346 50.66 17.59 -49.48
N GLN A 347 51.19 18.31 -48.49
CA GLN A 347 51.77 17.73 -47.28
C GLN A 347 50.66 17.47 -46.25
N ILE A 348 49.85 18.49 -45.98
CA ILE A 348 48.71 18.37 -45.08
C ILE A 348 47.64 17.43 -45.69
N ARG A 349 47.60 17.39 -47.01
CA ARG A 349 46.70 16.52 -47.78
C ARG A 349 47.00 15.03 -47.54
N GLN A 350 48.27 14.72 -47.32
CA GLN A 350 48.71 13.36 -47.04
C GLN A 350 48.70 13.06 -45.53
N GLN A 351 48.57 14.13 -44.73
CA GLN A 351 48.39 13.99 -43.28
C GLN A 351 46.98 13.47 -42.96
N ILE A 352 46.04 13.78 -43.85
CA ILE A 352 44.67 13.25 -43.76
C ILE A 352 44.67 11.77 -44.16
N GLU A 353 45.57 11.43 -45.08
CA GLU A 353 45.72 10.06 -45.57
C GLU A 353 46.03 9.07 -44.44
N GLU A 354 46.96 9.46 -43.57
CA GLU A 354 47.38 8.61 -42.45
C GLU A 354 46.75 9.04 -41.12
N ALA A 355 45.68 9.84 -41.20
CA ALA A 355 44.93 10.28 -40.02
C ALA A 355 44.22 9.10 -39.36
N THR A 356 44.65 8.77 -38.14
CA THR A 356 44.27 7.51 -37.48
C THR A 356 42.88 7.49 -36.83
N SER A 357 42.00 8.37 -37.28
CA SER A 357 40.63 8.46 -36.75
C SER A 357 39.73 9.31 -37.64
N ASP A 358 38.77 10.00 -37.03
CA ASP A 358 37.88 10.91 -37.73
C ASP A 358 38.13 12.37 -37.38
N TYR A 359 38.47 12.63 -36.12
CA TYR A 359 38.80 13.99 -35.67
C TYR A 359 40.13 14.48 -36.26
N ASP A 360 41.10 13.57 -36.35
CA ASP A 360 42.40 13.86 -37.00
C ASP A 360 42.25 14.01 -38.51
N ARG A 361 41.02 13.86 -39.00
CA ARG A 361 40.66 14.02 -40.40
C ARG A 361 39.90 15.33 -40.64
N GLU A 362 38.99 15.65 -39.72
CA GLU A 362 38.14 16.85 -39.81
C GLU A 362 38.95 18.13 -39.88
N LYS A 363 39.66 18.42 -38.79
CA LYS A 363 40.44 19.65 -38.64
C LYS A 363 41.49 19.81 -39.75
N LEU A 364 41.96 18.69 -40.28
CA LEU A 364 43.01 18.68 -41.29
C LEU A 364 42.49 19.26 -42.60
N GLN A 365 41.38 18.73 -43.11
CA GLN A 365 40.79 19.25 -44.33
C GLN A 365 40.21 20.66 -44.15
N GLU A 366 39.93 21.02 -42.90
CA GLU A 366 39.50 22.38 -42.58
C GLU A 366 40.61 23.37 -42.94
N ARG A 367 41.83 23.04 -42.52
CA ARG A 367 43.01 23.87 -42.78
C ARG A 367 43.38 23.90 -44.25
N VAL A 368 43.18 22.78 -44.94
CA VAL A 368 43.48 22.72 -46.38
C VAL A 368 42.56 23.63 -47.17
N ALA A 369 41.31 23.73 -46.73
CA ALA A 369 40.33 24.59 -47.39
C ALA A 369 40.65 26.06 -47.15
N LYS A 370 41.14 26.35 -45.94
CA LYS A 370 41.56 27.70 -45.57
C LYS A 370 42.72 28.15 -46.46
N LEU A 371 43.58 27.20 -46.80
CA LEU A 371 44.77 27.47 -47.60
C LEU A 371 44.54 27.32 -49.12
N ALA A 372 43.69 26.37 -49.50
CA ALA A 372 43.40 26.11 -50.91
C ALA A 372 42.26 26.97 -51.44
N GLY A 373 42.07 25.66 -51.44
CA GLY A 373 40.94 26.36 -52.03
C GLY A 373 40.37 27.36 -51.06
N GLY A 374 39.14 27.09 -50.65
CA GLY A 374 38.44 27.99 -49.77
C GLY A 374 37.45 27.30 -48.85
N VAL A 375 36.77 28.11 -48.04
CA VAL A 375 35.78 27.61 -47.10
C VAL A 375 34.42 28.27 -47.32
N ALA A 376 33.36 27.46 -47.28
CA ALA A 376 32.02 27.95 -47.55
C ALA A 376 31.05 27.66 -46.41
N VAL A 377 30.11 28.57 -46.20
CA VAL A 377 29.08 28.42 -45.19
C VAL A 377 27.72 28.48 -45.87
N ILE A 378 26.88 27.51 -45.59
CA ILE A 378 25.48 27.59 -46.03
C ILE A 378 24.64 28.05 -44.85
N LYS A 379 23.93 29.19 -45.03
CA LYS A 379 23.03 29.72 -44.02
C LYS A 379 21.61 29.36 -44.39
N VAL A 380 20.92 28.68 -43.48
CA VAL A 380 19.57 28.16 -43.73
C VAL A 380 18.52 29.17 -43.22
N GLY A 381 17.54 29.48 -44.05
CA GLY A 381 16.48 30.38 -43.65
C GLY A 381 15.22 29.61 -43.30
N ALA A 382 14.47 30.11 -42.31
CA ALA A 382 13.14 29.60 -42.01
C ALA A 382 12.34 30.66 -41.26
N ALA A 383 11.02 30.54 -41.26
CA ALA A 383 10.19 31.57 -40.63
C ALA A 383 10.27 31.47 -39.12
N THR A 384 10.08 30.25 -38.61
CA THR A 384 10.08 29.97 -37.18
C THR A 384 11.36 29.23 -36.81
N GLU A 385 11.29 28.47 -35.71
CA GLU A 385 12.43 27.75 -35.17
C GLU A 385 12.22 26.25 -35.27
N VAL A 386 10.98 25.77 -35.18
CA VAL A 386 10.75 24.36 -35.45
C VAL A 386 11.04 24.09 -36.91
N GLU A 387 10.83 25.09 -37.76
CA GLU A 387 11.15 24.97 -39.17
C GLU A 387 12.67 24.99 -39.37
N MET A 388 13.33 25.93 -38.70
CA MET A 388 14.77 26.05 -38.80
C MET A 388 15.45 24.72 -38.53
N LYS A 389 14.99 24.02 -37.49
CA LYS A 389 15.60 22.76 -37.02
C LYS A 389 15.45 21.62 -38.00
N GLU A 390 14.23 21.38 -38.49
CA GLU A 390 14.02 20.33 -39.47
C GLU A 390 14.71 20.69 -40.81
N LYS A 391 14.69 21.95 -41.23
CA LYS A 391 15.42 22.33 -42.45
C LYS A 391 16.94 22.18 -42.29
N LYS A 392 17.51 22.76 -41.23
CA LYS A 392 18.95 22.68 -41.02
C LYS A 392 19.40 21.23 -41.01
N ALA A 393 18.58 20.37 -40.41
CA ALA A 393 18.83 18.93 -40.37
C ALA A 393 18.83 18.29 -41.74
N ARG A 394 18.02 18.80 -42.68
CA ARG A 394 17.97 18.18 -43.99
C ARG A 394 19.17 18.65 -44.83
N VAL A 395 19.52 19.94 -44.75
CA VAL A 395 20.70 20.45 -45.45
C VAL A 395 21.98 19.78 -44.95
N GLU A 396 22.07 19.55 -43.64
CA GLU A 396 23.16 18.76 -43.06
C GLU A 396 23.22 17.36 -43.63
N ASP A 397 22.05 16.74 -43.76
CA ASP A 397 21.90 15.41 -44.34
C ASP A 397 22.37 15.38 -45.81
N ALA A 398 21.85 16.27 -46.64
CA ALA A 398 22.29 16.37 -48.02
C ALA A 398 23.79 16.63 -48.15
N LEU A 399 24.30 17.54 -47.34
CA LEU A 399 25.73 17.82 -47.34
C LEU A 399 26.58 16.54 -47.18
N HIS A 400 26.11 15.60 -46.34
CA HIS A 400 26.81 14.34 -46.12
C HIS A 400 26.63 13.44 -47.31
N ALA A 401 25.41 13.36 -47.82
CA ALA A 401 25.10 12.39 -48.85
C ALA A 401 25.86 12.70 -50.14
N THR A 402 26.04 13.98 -50.44
CA THR A 402 26.85 14.35 -51.60
C THR A 402 28.29 13.98 -51.35
N ARG A 403 28.81 14.22 -50.14
CA ARG A 403 30.22 13.88 -49.84
C ARG A 403 30.48 12.40 -50.00
N ALA A 404 29.46 11.59 -49.80
CA ALA A 404 29.54 10.16 -49.94
C ALA A 404 29.52 9.77 -51.39
N ALA A 405 28.67 10.44 -52.17
CA ALA A 405 28.58 10.16 -53.59
C ALA A 405 29.92 10.44 -54.26
N VAL A 406 30.50 11.57 -53.92
CA VAL A 406 31.77 11.97 -54.49
C VAL A 406 32.85 10.94 -54.23
N GLU A 407 32.88 10.36 -53.04
CA GLU A 407 33.94 9.41 -52.75
C GLU A 407 33.61 7.97 -53.17
N GLU A 408 32.34 7.66 -53.43
CA GLU A 408 31.99 6.27 -53.70
C GLU A 408 30.90 5.95 -54.76
N GLY A 409 30.28 8.22 -56.35
CA GLY A 409 29.35 8.14 -57.46
C GLY A 409 27.90 7.97 -57.08
N VAL A 410 27.03 7.87 -58.09
CA VAL A 410 25.57 7.76 -57.91
C VAL A 410 24.97 6.56 -58.63
N VAL A 411 23.76 6.22 -58.24
CA VAL A 411 23.04 5.11 -58.83
C VAL A 411 21.56 5.48 -58.87
N ALA A 412 20.76 4.75 -59.62
CA ALA A 412 19.35 5.05 -59.80
C ALA A 412 18.70 4.98 -58.45
N GLY A 413 18.04 6.07 -58.03
CA GLY A 413 17.24 6.10 -56.82
C GLY A 413 15.91 5.33 -56.83
N GLY A 414 15.03 5.58 -55.86
CA GLY A 414 13.74 4.90 -55.82
C GLY A 414 13.97 3.46 -55.44
N GLY A 415 15.19 3.22 -54.95
CA GLY A 415 15.65 1.86 -54.69
C GLY A 415 15.66 0.95 -55.91
N VAL A 416 15.83 1.51 -57.12
CA VAL A 416 15.88 0.64 -58.28
C VAL A 416 17.22 -0.05 -58.36
N ALA A 417 18.30 0.70 -58.07
CA ALA A 417 19.64 0.12 -58.01
C ALA A 417 19.56 -1.24 -57.32
N LEU A 418 19.03 -1.26 -56.10
CA LEU A 418 18.94 -2.53 -55.36
C LEU A 418 18.16 -3.60 -56.10
N ILE A 419 17.01 -3.24 -56.66
CA ILE A 419 16.21 -4.21 -57.42
C ILE A 419 16.95 -4.82 -58.64
N ARG A 420 17.86 -3.99 -59.16
CA ARG A 420 18.64 -4.30 -60.34
C ARG A 420 19.71 -5.29 -59.95
N VAL A 421 20.39 -5.04 -58.82
CA VAL A 421 21.39 -6.01 -58.41
C VAL A 421 20.75 -7.34 -58.00
N ALA A 422 19.56 -7.31 -57.41
CA ALA A 422 18.85 -8.57 -57.14
C ALA A 422 18.60 -9.51 -58.37
N SER A 423 18.41 -8.93 -59.55
CA SER A 423 18.22 -9.81 -60.71
C SER A 423 19.57 -10.24 -61.26
N LYS A 424 20.59 -9.38 -61.13
CA LYS A 424 21.92 -9.84 -61.51
C LYS A 424 22.38 -11.03 -60.69
N LEU A 425 21.95 -11.13 -59.44
CA LEU A 425 22.41 -12.20 -58.57
C LEU A 425 21.43 -13.37 -58.52
N ALA A 426 20.52 -13.40 -59.50
CA ALA A 426 19.51 -14.45 -59.56
C ALA A 426 20.15 -15.82 -59.63
N ASP A 427 21.40 -15.86 -60.08
CA ASP A 427 22.09 -17.14 -60.26
C ASP A 427 23.19 -17.46 -59.24
N LEU A 428 23.26 -16.66 -58.18
CA LEU A 428 24.19 -16.87 -57.07
C LEU A 428 23.79 -18.06 -56.23
N ARG A 429 24.76 -18.94 -55.95
CA ARG A 429 24.52 -20.07 -55.06
C ARG A 429 25.59 -20.20 -53.99
N GLY A 430 25.30 -21.00 -52.95
CA GLY A 430 26.24 -21.20 -51.86
C GLY A 430 26.81 -22.60 -51.80
N GLN A 431 27.33 -22.96 -50.62
CA GLN A 431 27.93 -24.26 -50.41
C GLN A 431 26.89 -25.33 -50.15
N ASN A 432 25.65 -24.94 -49.85
CA ASN A 432 24.62 -25.95 -49.60
C ASN A 432 23.25 -25.32 -49.66
N GLU A 433 22.19 -26.10 -49.53
CA GLU A 433 20.85 -25.53 -49.67
C GLU A 433 20.49 -24.44 -48.66
N ASP A 434 20.88 -24.58 -47.41
CA ASP A 434 20.57 -23.55 -46.42
C ASP A 434 21.24 -22.24 -46.84
N GLN A 435 22.48 -22.30 -47.31
CA GLN A 435 23.15 -21.09 -47.78
C GLN A 435 22.39 -20.44 -48.94
N ASN A 436 21.73 -21.28 -49.75
CA ASN A 436 20.95 -20.81 -50.88
C ASN A 436 19.75 -19.99 -50.43
N VAL A 437 18.96 -20.55 -49.52
CA VAL A 437 17.83 -19.82 -48.95
C VAL A 437 18.33 -18.51 -48.35
N GLY A 438 19.54 -18.54 -47.83
CA GLY A 438 20.12 -17.37 -47.20
C GLY A 438 20.38 -16.31 -48.24
N ILE A 439 20.78 -16.74 -49.44
CA ILE A 439 20.93 -15.78 -50.53
C ILE A 439 19.58 -15.22 -50.97
N LYS A 440 18.64 -16.10 -51.32
CA LYS A 440 17.29 -15.66 -51.69
C LYS A 440 16.66 -14.72 -50.65
N VAL A 441 16.92 -14.98 -49.38
CA VAL A 441 16.50 -14.04 -48.33
C VAL A 441 17.09 -12.61 -48.53
N ALA A 442 18.38 -12.45 -48.79
CA ALA A 442 18.87 -11.11 -49.04
C ALA A 442 18.31 -10.54 -50.33
N LEU A 443 18.25 -11.32 -51.39
CA LEU A 443 17.79 -10.77 -52.67
C LEU A 443 16.38 -10.19 -52.51
N ARG A 444 15.48 -10.98 -51.90
CA ARG A 444 14.09 -10.63 -51.67
C ARG A 444 13.99 -9.36 -50.82
N ALA A 445 14.97 -9.16 -49.96
CA ALA A 445 14.96 -8.00 -49.09
C ALA A 445 15.32 -6.79 -49.88
N MET A 446 16.08 -6.99 -50.94
CA MET A 446 16.62 -5.88 -51.70
C MET A 446 15.54 -5.09 -52.35
N GLU A 447 14.39 -5.73 -52.52
CA GLU A 447 13.18 -5.09 -53.01
C GLU A 447 12.50 -4.18 -52.00
N ALA A 448 12.87 -4.23 -50.73
CA ALA A 448 12.01 -3.56 -49.72
C ALA A 448 11.97 -2.04 -49.76
N PRO A 449 13.09 -1.37 -49.91
CA PRO A 449 13.01 0.08 -50.02
C PRO A 449 11.98 0.49 -51.07
N LEU A 450 12.07 -0.05 -52.30
CA LEU A 450 11.12 0.33 -53.36
C LEU A 450 9.75 0.02 -52.84
N ARG A 451 9.58 -1.15 -52.26
CA ARG A 451 8.26 -1.55 -51.77
C ARG A 451 7.67 -0.62 -50.69
N GLN A 452 8.51 -0.06 -49.80
CA GLN A 452 8.02 0.86 -48.74
C GLN A 452 7.69 2.21 -49.34
N ILE A 453 8.59 2.69 -50.23
CA ILE A 453 8.38 3.98 -50.91
C ILE A 453 6.98 3.99 -51.51
N VAL A 454 6.66 2.94 -52.23
CA VAL A 454 5.36 2.84 -52.84
C VAL A 454 4.24 2.75 -51.82
N LEU A 455 4.53 2.16 -50.67
CA LEU A 455 3.47 1.86 -49.74
C LEU A 455 3.11 3.11 -48.98
N ASN A 456 4.11 3.92 -48.69
CA ASN A 456 3.91 5.26 -48.19
C ASN A 456 3.14 6.20 -49.16
N CYS A 457 2.98 5.85 -50.43
CA CYS A 457 2.20 6.69 -51.34
C CYS A 457 0.81 6.21 -51.37
N GLY A 458 0.48 5.19 -50.60
CA GLY A 458 -0.88 4.69 -50.64
C GLY A 458 -1.17 3.84 -51.86
N GLU A 459 -0.11 3.39 -52.53
CA GLU A 459 -0.24 2.60 -53.75
C GLU A 459 0.28 1.17 -53.62
N GLU A 460 -0.19 0.31 -54.54
CA GLU A 460 0.06 -1.12 -54.52
C GLU A 460 1.55 -1.48 -54.74
N PRO A 461 2.22 -1.99 -53.72
CA PRO A 461 3.68 -1.98 -53.76
C PRO A 461 4.17 -3.11 -54.68
N SER A 462 3.48 -4.24 -54.62
CA SER A 462 3.86 -5.41 -55.42
C SER A 462 3.61 -5.12 -56.94
N VAL A 463 2.54 -4.39 -57.25
CA VAL A 463 2.23 -4.00 -58.63
C VAL A 463 3.29 -3.05 -59.18
N VAL A 464 3.71 -2.05 -58.42
CA VAL A 464 4.83 -1.23 -58.87
C VAL A 464 6.06 -2.09 -59.07
N ALA A 465 6.42 -2.90 -58.07
CA ALA A 465 7.63 -3.73 -58.15
C ALA A 465 7.59 -4.66 -59.39
N ASN A 466 6.50 -5.37 -59.61
CA ASN A 466 6.39 -6.19 -60.77
C ASN A 466 6.76 -5.42 -62.02
N THR A 467 6.19 -4.23 -62.20
CA THR A 467 6.51 -3.47 -63.42
C THR A 467 7.89 -2.79 -63.45
N VAL A 468 8.50 -2.45 -62.33
CA VAL A 468 9.88 -2.02 -62.41
C VAL A 468 10.80 -3.19 -62.79
N LYS A 469 10.47 -4.38 -62.27
CA LYS A 469 11.27 -5.58 -62.52
C LYS A 469 11.05 -6.06 -63.93
N GLY A 470 9.99 -5.62 -64.59
CA GLY A 470 9.82 -5.89 -66.00
C GLY A 470 10.75 -5.09 -66.90
N GLY A 471 11.35 -4.04 -66.36
CA GLY A 471 12.16 -3.11 -67.13
C GLY A 471 13.63 -3.44 -67.08
N ASP A 472 14.48 -2.48 -67.43
CA ASP A 472 15.95 -2.66 -67.42
C ASP A 472 16.70 -1.41 -67.04
N GLY A 473 18.00 -1.55 -66.81
CA GLY A 473 18.86 -0.43 -66.46
C GLY A 473 18.27 0.50 -65.42
N ASN A 474 18.08 1.75 -65.78
CA ASN A 474 17.69 2.77 -64.86
C ASN A 474 16.22 3.08 -64.89
N TYR A 475 15.41 2.16 -65.38
CA TYR A 475 13.96 2.40 -65.43
C TYR A 475 13.42 2.21 -64.05
N GLY A 476 12.60 3.16 -63.59
CA GLY A 476 12.06 3.09 -62.24
C GLY A 476 10.73 3.79 -62.09
N TYR A 477 10.24 3.88 -60.84
CA TYR A 477 8.98 4.55 -60.54
C TYR A 477 9.36 5.85 -59.97
N ASN A 478 8.67 6.89 -60.41
CA ASN A 478 8.82 8.22 -59.82
C ASN A 478 7.63 8.48 -58.93
N ALA A 479 7.85 8.29 -57.63
CA ALA A 479 6.77 8.35 -56.62
C ALA A 479 6.17 9.74 -56.52
N ALA A 480 7.01 10.77 -56.69
CA ALA A 480 6.54 12.15 -56.75
C ALA A 480 5.47 12.32 -57.80
N THR A 481 5.77 11.96 -59.04
CA THR A 481 4.88 12.28 -60.15
C THR A 481 3.98 11.12 -60.52
N GLU A 482 4.17 9.96 -59.90
CA GLU A 482 3.28 8.80 -60.15
C GLU A 482 3.40 8.22 -61.57
N GLU A 483 4.56 8.37 -62.21
CA GLU A 483 4.76 7.70 -63.49
C GLU A 483 6.18 7.14 -63.64
N TYR A 484 6.29 6.08 -64.46
CA TYR A 484 7.57 5.36 -64.62
C TYR A 484 8.47 6.10 -65.63
N GLY A 485 9.77 5.84 -65.59
CA GLY A 485 10.71 6.54 -66.46
C GLY A 485 12.15 6.20 -66.13
N ASN A 486 13.08 6.91 -66.73
CA ASN A 486 14.48 6.69 -66.45
C ASN A 486 14.88 7.53 -65.24
N MET A 487 15.23 6.88 -64.12
CA MET A 487 15.50 7.61 -62.85
C MET A 487 16.62 8.64 -62.97
N ILE A 488 17.68 8.34 -63.71
CA ILE A 488 18.77 9.31 -63.80
C ILE A 488 18.34 10.55 -64.58
N ASP A 489 17.48 10.33 -65.57
CA ASP A 489 16.96 11.42 -66.40
C ASP A 489 16.00 12.28 -65.60
N MET A 490 15.25 11.66 -64.70
CA MET A 490 14.34 12.41 -63.87
C MET A 490 15.03 13.03 -62.67
N GLY A 491 16.34 12.87 -62.55
CA GLY A 491 17.07 13.48 -61.46
C GLY A 491 16.96 12.77 -60.11
N ILE A 492 16.30 11.63 -60.07
CA ILE A 492 16.20 10.84 -58.86
C ILE A 492 17.42 9.93 -58.64
N LEU A 493 18.54 10.49 -58.17
CA LEU A 493 19.76 9.71 -57.90
C LEU A 493 20.07 9.56 -56.41
N ASP A 494 20.32 8.33 -55.90
CA ASP A 494 20.97 8.11 -54.58
C ASP A 494 22.48 7.96 -54.70
N PRO A 495 23.25 8.40 -53.72
CA PRO A 495 24.70 8.25 -53.81
C PRO A 495 25.07 6.79 -53.52
N THR A 496 26.09 6.30 -54.22
CA THR A 496 26.42 4.87 -54.16
C THR A 496 26.83 4.50 -52.73
N LYS A 497 27.80 5.25 -52.19
CA LYS A 497 28.23 5.06 -50.83
C LYS A 497 27.04 4.89 -49.88
N VAL A 498 26.03 5.74 -49.95
CA VAL A 498 24.90 5.49 -49.09
C VAL A 498 24.18 4.19 -49.42
N THR A 499 23.88 3.88 -50.66
CA THR A 499 23.11 2.64 -50.89
C THR A 499 23.87 1.40 -50.41
N ARG A 500 25.16 1.39 -50.73
CA ARG A 500 26.07 0.33 -50.33
C ARG A 500 26.02 0.18 -48.83
N SER A 501 26.27 1.31 -48.15
CA SER A 501 26.37 1.37 -46.68
C SER A 501 25.07 0.95 -46.03
N ALA A 502 23.94 1.43 -46.52
CA ALA A 502 22.68 0.91 -46.01
C ALA A 502 22.80 -0.60 -46.01
N LEU A 503 23.05 -1.19 -47.17
CA LEU A 503 23.05 -2.65 -47.30
C LEU A 503 24.03 -3.36 -46.38
N GLN A 504 25.27 -2.92 -46.37
CA GLN A 504 26.27 -3.62 -45.60
C GLN A 504 25.87 -3.69 -44.13
N TYR A 505 25.42 -2.57 -43.57
CA TYR A 505 25.08 -2.48 -42.16
C TYR A 505 23.83 -3.24 -41.82
N ALA A 506 22.77 -3.08 -42.58
CA ALA A 506 21.60 -3.87 -42.24
C ALA A 506 21.99 -5.32 -42.21
N ALA A 507 22.75 -5.77 -43.23
CA ALA A 507 23.11 -7.21 -43.39
C ALA A 507 23.90 -7.68 -42.19
N SER A 508 24.89 -6.87 -41.83
CA SER A 508 25.69 -7.16 -40.68
C SER A 508 24.83 -7.42 -39.44
N VAL A 509 24.02 -6.46 -39.02
CA VAL A 509 23.20 -6.71 -37.84
C VAL A 509 22.21 -7.84 -38.09
N ALA A 510 21.34 -7.74 -39.07
CA ALA A 510 20.27 -8.76 -39.21
C ALA A 510 20.82 -10.20 -39.37
N GLY A 511 22.03 -10.28 -39.94
CA GLY A 511 22.70 -11.54 -40.15
C GLY A 511 22.90 -12.21 -38.81
N LEU A 512 23.61 -11.52 -37.90
CA LEU A 512 23.75 -11.97 -36.51
C LEU A 512 22.42 -12.25 -35.81
N MET A 513 21.49 -11.34 -36.01
CA MET A 513 20.24 -11.38 -35.29
C MET A 513 19.49 -12.69 -35.49
N ILE A 514 19.53 -13.22 -36.70
CA ILE A 514 18.73 -14.40 -36.97
C ILE A 514 19.34 -15.69 -36.43
N THR A 515 20.57 -15.61 -35.90
CA THR A 515 21.23 -16.78 -35.35
C THR A 515 20.99 -16.93 -33.85
N THR A 516 19.98 -16.26 -33.33
CA THR A 516 19.74 -16.14 -31.90
C THR A 516 18.92 -17.31 -31.43
N GLU A 517 19.42 -18.03 -30.43
CA GLU A 517 18.68 -19.17 -29.92
C GLU A 517 18.28 -18.94 -28.47
N CYS A 518 18.96 -18.01 -27.82
CA CYS A 518 18.68 -17.74 -26.44
C CYS A 518 18.94 -16.28 -26.06
N MET A 519 18.12 -15.73 -25.17
CA MET A 519 18.24 -14.34 -24.79
C MET A 519 18.26 -14.20 -23.28
N VAL A 520 19.16 -13.36 -22.78
CA VAL A 520 19.36 -13.20 -21.35
C VAL A 520 19.27 -11.74 -20.94
N THR A 521 18.27 -11.41 -20.12
CA THR A 521 18.01 -10.05 -19.64
C THR A 521 17.55 -10.00 -18.18
N ASP A 522 17.45 -8.79 -17.62
CA ASP A 522 16.91 -8.54 -16.29
C ASP A 522 15.44 -8.82 -16.13
N LEU A 523 15.01 -9.08 -14.91
CA LEU A 523 13.62 -9.35 -14.61
C LEU A 523 12.77 -8.08 -14.67
N PRO A 524 11.51 -8.22 -15.08
CA PRO A 524 10.56 -7.10 -15.16
C PRO A 524 10.24 -6.41 -13.82
N ALA B 1 13.86 6.21 -20.67
CA ALA B 1 12.64 5.50 -20.25
C ALA B 1 12.02 4.79 -21.45
N ALA B 2 11.33 3.69 -21.19
CA ALA B 2 10.43 3.10 -22.16
C ALA B 2 9.48 4.17 -22.68
N LYS B 3 9.27 4.14 -24.00
CA LYS B 3 8.43 5.09 -24.71
C LYS B 3 7.12 4.47 -25.14
N ASP B 4 6.10 5.31 -25.26
CA ASP B 4 4.82 4.93 -25.86
C ASP B 4 4.86 5.44 -27.30
N VAL B 5 4.46 4.62 -28.27
CA VAL B 5 4.40 5.09 -29.64
C VAL B 5 3.04 4.85 -30.26
N LYS B 6 2.50 5.89 -30.89
CA LYS B 6 1.17 5.83 -31.46
C LYS B 6 1.23 6.22 -32.90
N PHE B 7 0.38 5.57 -33.70
CA PHE B 7 0.42 5.74 -35.14
C PHE B 7 -0.86 6.28 -35.75
N GLY B 8 -0.67 7.05 -36.82
CA GLY B 8 -1.73 7.38 -37.72
C GLY B 8 -2.85 8.14 -37.05
N ASN B 9 -4.06 7.62 -37.22
CA ASN B 9 -5.21 8.31 -36.71
C ASN B 9 -5.17 8.47 -35.20
N ASP B 10 -4.82 7.42 -34.48
CA ASP B 10 -4.76 7.51 -33.03
C ASP B 10 -3.85 8.60 -32.58
N ALA B 11 -2.63 8.62 -33.12
CA ALA B 11 -1.71 9.69 -32.74
C ALA B 11 -2.38 11.05 -32.93
N ARG B 12 -3.07 11.18 -34.06
CA ARG B 12 -3.60 12.47 -34.54
C ARG B 12 -4.81 12.94 -33.72
N VAL B 13 -5.77 12.07 -33.48
CA VAL B 13 -6.87 12.41 -32.60
C VAL B 13 -6.32 12.94 -31.25
N LYS B 14 -5.41 12.21 -30.63
CA LYS B 14 -4.79 12.73 -29.42
C LYS B 14 -4.10 14.07 -29.64
N MET B 15 -3.30 14.22 -30.68
CA MET B 15 -2.60 15.50 -30.90
C MET B 15 -3.56 16.67 -30.98
N LEU B 16 -4.75 16.41 -31.51
CA LEU B 16 -5.70 17.46 -31.79
C LEU B 16 -6.34 17.85 -30.47
N ARG B 17 -6.82 16.85 -29.74
CA ARG B 17 -7.35 17.09 -28.39
C ARG B 17 -6.46 18.02 -27.58
N GLY B 18 -5.16 17.84 -27.72
CA GLY B 18 -4.20 18.68 -27.03
C GLY B 18 -4.36 20.11 -27.50
N VAL B 19 -4.15 20.32 -28.79
CA VAL B 19 -4.36 21.63 -29.45
C VAL B 19 -5.67 22.29 -28.97
N ASN B 20 -6.79 21.60 -29.11
CA ASN B 20 -8.01 22.18 -28.62
C ASN B 20 -8.00 22.74 -27.19
N VAL B 21 -7.54 21.96 -26.23
CA VAL B 21 -7.52 22.41 -24.85
C VAL B 21 -6.80 23.76 -24.76
N LEU B 22 -5.61 23.85 -25.33
CA LEU B 22 -4.88 25.10 -25.35
C LEU B 22 -5.66 26.13 -26.15
N ALA B 23 -5.97 25.84 -27.42
CA ALA B 23 -6.78 26.77 -28.25
C ALA B 23 -8.01 27.26 -27.53
N ASP B 24 -8.86 26.34 -27.07
CA ASP B 24 -10.05 26.76 -26.31
C ASP B 24 -9.80 27.68 -25.11
N ALA B 25 -8.72 27.48 -24.38
CA ALA B 25 -8.47 28.36 -23.25
C ALA B 25 -8.01 29.70 -23.78
N VAL B 26 -7.43 29.75 -24.97
CA VAL B 26 -6.89 31.04 -25.38
C VAL B 26 -7.99 31.88 -26.08
N LYS B 27 -8.80 31.17 -26.86
CA LYS B 27 -9.88 31.71 -27.64
C LYS B 27 -10.82 32.59 -26.85
N VAL B 28 -11.00 32.31 -25.55
CA VAL B 28 -12.11 32.98 -24.84
C VAL B 28 -11.80 34.44 -24.63
N THR B 29 -10.57 34.82 -24.91
CA THR B 29 -10.15 36.17 -24.67
C THR B 29 -10.10 37.01 -25.91
N LEU B 30 -10.36 36.43 -27.08
CA LEU B 30 -10.24 37.19 -28.33
C LEU B 30 -11.31 38.26 -28.52
N GLY B 31 -10.88 39.48 -28.80
CA GLY B 31 -11.82 40.52 -29.16
C GLY B 31 -12.37 41.40 -28.07
N PRO B 32 -13.09 42.44 -28.44
CA PRO B 32 -13.62 43.38 -27.44
C PRO B 32 -14.58 42.74 -26.45
N LYS B 33 -15.41 41.76 -26.82
CA LYS B 33 -16.22 41.01 -25.87
C LYS B 33 -15.50 39.71 -25.42
N GLY B 34 -14.18 39.79 -25.45
CA GLY B 34 -13.35 38.79 -24.84
C GLY B 34 -13.47 38.85 -23.32
N ARG B 35 -13.39 37.67 -22.69
CA ARG B 35 -13.44 37.50 -21.24
C ARG B 35 -12.03 37.17 -20.71
N ASN B 36 -11.88 37.07 -19.40
CA ASN B 36 -10.56 36.78 -18.86
C ASN B 36 -10.39 35.33 -18.49
N VAL B 37 -9.12 34.95 -18.34
CA VAL B 37 -8.75 33.64 -17.83
C VAL B 37 -8.00 33.84 -16.52
N VAL B 38 -8.29 32.99 -15.54
CA VAL B 38 -7.56 33.01 -14.27
C VAL B 38 -6.47 31.96 -14.25
N LEU B 39 -5.24 32.40 -13.96
CA LEU B 39 -4.08 31.53 -13.95
C LEU B 39 -3.46 31.36 -12.56
N ASP B 40 -3.67 30.18 -11.98
CA ASP B 40 -3.10 29.86 -10.69
C ASP B 40 -1.59 30.00 -10.63
N LYS B 41 -1.08 30.21 -9.42
CA LYS B 41 0.33 30.41 -9.18
C LYS B 41 0.49 30.16 -7.68
N SER B 42 1.06 28.99 -7.29
CA SER B 42 1.25 28.72 -5.85
C SER B 42 1.92 29.96 -5.21
N PHE B 43 3.15 30.23 -5.68
CA PHE B 43 3.90 31.51 -5.52
C PHE B 43 3.12 32.66 -4.88
N GLY B 44 2.29 33.37 -5.65
CA GLY B 44 1.54 34.52 -5.13
C GLY B 44 0.03 34.34 -5.31
N ALA B 45 -0.70 35.44 -5.47
CA ALA B 45 -2.11 35.35 -5.76
C ALA B 45 -2.23 34.92 -7.20
N PRO B 46 -3.35 34.33 -7.59
CA PRO B 46 -3.61 34.10 -9.01
C PRO B 46 -3.54 35.37 -9.83
N THR B 47 -3.54 35.17 -11.13
CA THR B 47 -3.37 36.24 -12.09
C THR B 47 -4.64 36.26 -12.92
N ILE B 48 -5.22 37.43 -13.12
CA ILE B 48 -6.27 37.52 -14.11
C ILE B 48 -5.63 38.09 -15.36
N THR B 49 -5.96 37.55 -16.52
CA THR B 49 -5.31 38.02 -17.76
C THR B 49 -6.12 37.76 -19.01
N LYS B 50 -6.04 38.70 -19.96
CA LYS B 50 -6.67 38.59 -21.28
C LYS B 50 -5.66 38.12 -22.34
N ASP B 51 -4.38 38.22 -21.96
CA ASP B 51 -3.23 38.12 -22.85
C ASP B 51 -2.92 36.71 -23.28
N GLY B 52 -3.21 36.46 -24.55
CA GLY B 52 -3.21 35.10 -25.10
C GLY B 52 -1.99 34.22 -24.86
N VAL B 53 -0.80 34.83 -24.95
CA VAL B 53 0.42 34.09 -24.77
C VAL B 53 0.50 33.66 -23.32
N SER B 54 0.02 34.50 -22.40
CA SER B 54 0.10 34.20 -20.99
C SER B 54 -0.70 32.98 -20.61
N VAL B 55 -1.91 32.85 -21.15
CA VAL B 55 -2.68 31.63 -20.96
C VAL B 55 -1.92 30.47 -21.56
N ALA B 56 -1.41 30.63 -22.79
CA ALA B 56 -0.74 29.54 -23.54
C ALA B 56 0.41 28.92 -22.77
N ARG B 57 1.41 29.73 -22.41
CA ARG B 57 2.53 29.27 -21.59
C ARG B 57 2.19 28.46 -20.32
N GLU B 58 0.94 28.47 -19.86
CA GLU B 58 0.59 27.69 -18.67
C GLU B 58 -0.03 26.35 -19.00
N ILE B 59 -0.51 26.14 -20.20
CA ILE B 59 -1.13 24.85 -20.46
C ILE B 59 -0.07 23.77 -20.60
N GLU B 60 -0.27 22.71 -19.83
CA GLU B 60 0.49 21.46 -19.87
C GLU B 60 -0.51 20.37 -19.53
N LEU B 61 -0.58 19.29 -20.29
CA LEU B 61 -1.64 18.34 -20.05
C LEU B 61 -1.10 17.06 -19.42
N GLU B 62 -2.02 16.21 -18.93
CA GLU B 62 -1.55 15.02 -18.27
C GLU B 62 -1.28 13.88 -19.21
N ASP B 63 -2.22 13.63 -20.14
CA ASP B 63 -2.07 12.67 -21.21
C ASP B 63 -0.92 13.11 -22.10
N LYS B 64 0.08 12.28 -22.23
CA LYS B 64 1.38 12.72 -22.65
C LYS B 64 1.35 13.14 -24.11
N PHE B 65 0.42 12.58 -24.87
CA PHE B 65 0.29 12.83 -26.31
C PHE B 65 -0.44 14.14 -26.51
N GLU B 66 -1.59 14.29 -25.84
CA GLU B 66 -2.32 15.54 -25.81
C GLU B 66 -1.33 16.60 -25.43
N ASN B 67 -0.51 16.36 -24.41
CA ASN B 67 0.47 17.36 -24.05
C ASN B 67 1.26 17.86 -25.22
N MET B 68 1.71 16.93 -26.06
CA MET B 68 2.58 17.20 -27.19
C MET B 68 1.89 18.14 -28.18
N GLY B 69 0.63 17.83 -28.50
CA GLY B 69 -0.23 18.76 -29.20
C GLY B 69 -0.11 20.18 -28.64
N ALA B 70 -0.53 20.36 -27.39
CA ALA B 70 -0.50 21.69 -26.78
C ALA B 70 0.89 22.30 -26.75
N GLN B 71 1.91 21.50 -26.53
CA GLN B 71 3.24 22.07 -26.39
C GLN B 71 3.78 22.65 -27.69
N MET B 72 3.17 22.21 -28.79
CA MET B 72 3.60 22.62 -30.12
C MET B 72 2.90 23.91 -30.58
N VAL B 73 1.57 23.92 -30.59
CA VAL B 73 0.83 25.14 -30.87
C VAL B 73 1.24 26.26 -29.93
N LYS B 74 1.59 25.91 -28.70
CA LYS B 74 2.05 26.92 -27.77
C LYS B 74 3.16 27.80 -28.40
N GLU B 75 3.78 27.30 -29.45
CA GLU B 75 4.90 28.01 -30.03
C GLU B 75 4.45 29.14 -30.96
N VAL B 76 3.27 29.00 -31.55
CA VAL B 76 2.81 30.05 -32.42
C VAL B 76 2.56 31.29 -31.54
N ALA B 77 1.77 31.10 -30.48
CA ALA B 77 1.41 32.20 -29.57
C ALA B 77 2.70 32.74 -28.97
N SER B 78 3.66 31.87 -28.77
CA SER B 78 4.87 32.34 -28.17
C SER B 78 5.70 33.17 -29.14
N LYS B 79 5.81 32.69 -30.36
CA LYS B 79 6.59 33.36 -31.40
C LYS B 79 5.98 34.72 -31.84
N ALA B 80 4.68 34.70 -32.15
CA ALA B 80 3.92 35.95 -32.32
C ALA B 80 4.38 37.02 -31.32
N ASN B 81 4.29 36.67 -30.03
CA ASN B 81 4.64 37.56 -28.97
C ASN B 81 6.05 38.15 -29.09
N ASP B 82 7.03 37.36 -29.50
CA ASP B 82 8.44 37.80 -29.47
C ASP B 82 8.77 38.77 -30.58
N ALA B 83 7.96 38.64 -31.64
CA ALA B 83 8.15 39.40 -32.88
C ALA B 83 7.28 40.66 -32.89
N ALA B 84 5.98 40.40 -32.90
CA ALA B 84 4.94 41.42 -32.86
C ALA B 84 4.82 42.15 -31.52
N GLY B 85 4.37 41.43 -30.47
CA GLY B 85 4.03 42.01 -29.18
C GLY B 85 2.51 41.90 -28.97
N ASP B 86 1.77 41.43 -29.97
CA ASP B 86 0.32 41.34 -29.88
C ASP B 86 -0.14 40.31 -30.92
N GLY B 87 -1.43 40.03 -31.00
CA GLY B 87 -1.90 39.07 -31.97
C GLY B 87 -1.73 37.60 -31.64
N THR B 88 -1.21 37.32 -30.42
CA THR B 88 -0.91 35.97 -29.95
C THR B 88 -2.19 35.13 -29.89
N THR B 89 -3.31 35.74 -29.50
CA THR B 89 -4.54 34.97 -29.56
C THR B 89 -4.92 34.67 -31.00
N THR B 90 -4.80 35.68 -31.87
CA THR B 90 -5.23 35.52 -33.27
C THR B 90 -4.42 34.36 -33.82
N ALA B 91 -3.08 34.56 -33.71
CA ALA B 91 -2.14 33.53 -34.12
C ALA B 91 -2.71 32.15 -33.67
N THR B 92 -3.04 32.02 -32.38
CA THR B 92 -3.43 30.73 -31.86
C THR B 92 -4.67 30.22 -32.55
N VAL B 93 -5.59 31.14 -32.80
CA VAL B 93 -6.90 30.75 -33.34
C VAL B 93 -6.81 30.32 -34.81
N LEU B 94 -5.85 30.91 -35.54
CA LEU B 94 -5.62 30.56 -36.92
C LEU B 94 -5.01 29.20 -36.89
N ALA B 95 -3.99 29.02 -36.03
CA ALA B 95 -3.27 27.73 -35.96
C ALA B 95 -4.23 26.61 -35.67
N GLN B 96 -5.17 26.82 -34.78
CA GLN B 96 -6.06 25.73 -34.45
C GLN B 96 -6.96 25.40 -35.63
N ALA B 97 -7.09 26.36 -36.53
CA ALA B 97 -8.09 26.29 -37.59
C ALA B 97 -7.50 25.54 -38.77
N ILE B 98 -6.26 25.94 -39.08
CA ILE B 98 -5.54 25.24 -40.12
C ILE B 98 -5.46 23.74 -39.74
N ILE B 99 -5.07 23.45 -38.49
CA ILE B 99 -4.91 22.08 -37.98
C ILE B 99 -6.22 21.33 -38.14
N THR B 100 -7.31 21.88 -37.65
CA THR B 100 -8.56 21.15 -37.65
C THR B 100 -8.88 20.77 -39.08
N GLU B 101 -8.66 21.74 -39.99
CA GLU B 101 -9.14 21.59 -41.37
C GLU B 101 -8.18 20.67 -42.11
N GLY B 102 -6.89 20.92 -41.93
CA GLY B 102 -5.84 19.99 -42.31
C GLY B 102 -6.19 18.55 -41.98
N LEU B 103 -6.19 18.19 -40.70
CA LEU B 103 -6.36 16.79 -40.32
C LEU B 103 -7.62 16.22 -40.93
N LYS B 104 -8.62 17.06 -41.17
CA LYS B 104 -9.83 16.54 -41.79
C LYS B 104 -9.54 16.07 -43.21
N ALA B 105 -8.66 16.80 -43.89
CA ALA B 105 -8.28 16.46 -45.25
C ALA B 105 -7.38 15.22 -45.25
N VAL B 106 -6.46 15.16 -44.28
CA VAL B 106 -5.58 14.02 -44.17
C VAL B 106 -6.42 12.77 -44.01
N ALA B 107 -7.51 12.90 -43.29
CA ALA B 107 -8.40 11.78 -43.09
C ALA B 107 -9.21 11.46 -44.35
N ALA B 108 -9.15 12.36 -45.34
CA ALA B 108 -9.84 12.16 -46.61
C ALA B 108 -8.99 11.38 -47.61
N GLY B 109 -7.76 11.06 -47.20
CA GLY B 109 -6.81 10.41 -48.08
C GLY B 109 -5.83 11.34 -48.82
N MET B 110 -5.96 12.64 -48.63
CA MET B 110 -4.97 13.60 -49.12
C MET B 110 -3.57 13.36 -48.58
N ASN B 111 -2.59 13.79 -49.35
CA ASN B 111 -1.18 13.65 -48.99
C ASN B 111 -0.69 14.81 -48.14
N PRO B 112 -0.41 14.59 -46.88
CA PRO B 112 -0.14 15.70 -45.97
C PRO B 112 0.94 16.63 -46.47
N MET B 113 2.02 16.08 -46.98
CA MET B 113 3.13 16.94 -47.35
C MET B 113 2.77 17.92 -48.47
N ASP B 114 1.68 17.63 -49.21
CA ASP B 114 1.17 18.48 -50.27
C ASP B 114 0.26 19.54 -49.65
N LEU B 115 -0.61 19.10 -48.72
CA LEU B 115 -1.50 20.01 -48.04
C LEU B 115 -0.63 21.07 -47.44
N LYS B 116 0.49 20.68 -46.85
CA LYS B 116 1.43 21.66 -46.36
C LYS B 116 1.93 22.64 -47.44
N ARG B 117 2.40 22.14 -48.58
CA ARG B 117 2.87 23.00 -49.68
C ARG B 117 1.79 24.01 -50.11
N GLY B 118 0.53 23.59 -50.09
CA GLY B 118 -0.58 24.44 -50.45
C GLY B 118 -0.71 25.57 -49.45
N ILE B 119 -1.00 25.22 -48.19
CA ILE B 119 -1.01 26.14 -47.05
C ILE B 119 0.14 27.09 -47.21
N ASP B 120 1.36 26.60 -47.41
CA ASP B 120 2.49 27.54 -47.40
C ASP B 120 2.38 28.55 -48.55
N LYS B 121 2.03 28.08 -49.73
CA LYS B 121 1.89 28.93 -50.89
C LYS B 121 0.79 29.95 -50.66
N ALA B 122 -0.35 29.48 -50.13
CA ALA B 122 -1.48 30.37 -49.81
C ALA B 122 -1.01 31.47 -48.89
N VAL B 123 -0.22 31.12 -47.90
CA VAL B 123 0.32 32.11 -46.98
C VAL B 123 1.31 33.10 -47.63
N THR B 124 2.20 32.63 -48.49
CA THR B 124 3.20 33.52 -49.07
C THR B 124 2.50 34.62 -49.87
N ALA B 125 1.30 34.27 -50.33
CA ALA B 125 0.52 35.11 -51.20
C ALA B 125 -0.28 36.10 -50.34
N ALA B 126 -0.88 35.57 -49.28
CA ALA B 126 -1.57 36.40 -48.30
C ALA B 126 -0.60 37.42 -47.73
N VAL B 127 0.63 37.06 -47.47
CA VAL B 127 1.56 38.05 -46.95
C VAL B 127 1.79 39.21 -47.91
N GLU B 128 2.00 38.87 -49.20
CA GLU B 128 2.12 39.84 -50.28
C GLU B 128 0.88 40.75 -50.33
N GLU B 129 -0.30 40.15 -50.27
CA GLU B 129 -1.53 40.86 -50.38
C GLU B 129 -1.74 41.85 -49.25
N LEU B 130 -1.48 41.42 -48.02
CA LEU B 130 -1.38 42.33 -46.87
C LEU B 130 -0.38 43.46 -47.04
N LYS B 131 0.79 43.24 -47.62
CA LYS B 131 1.69 44.39 -47.84
C LYS B 131 0.97 45.45 -48.69
N ALA B 132 0.01 44.99 -49.50
CA ALA B 132 -0.60 45.86 -50.50
C ALA B 132 -1.62 46.76 -49.79
N LEU B 133 -2.54 46.11 -49.09
CA LEU B 133 -3.55 46.71 -48.20
C LEU B 133 -3.03 47.63 -47.13
N SER B 134 -1.91 47.29 -46.54
CA SER B 134 -1.35 48.14 -45.52
C SER B 134 -1.19 49.57 -46.03
N VAL B 135 -1.66 50.49 -45.25
CA VAL B 135 -1.39 51.87 -45.52
C VAL B 135 -0.53 52.34 -44.35
N PRO B 136 0.86 51.49 -45.22
CA PRO B 136 1.69 52.15 -44.21
C PRO B 136 0.87 52.77 -43.12
N CYS B 137 1.49 53.04 -41.98
CA CYS B 137 0.81 53.66 -40.84
C CYS B 137 1.78 54.64 -40.22
N SER B 138 1.55 55.93 -40.44
CA SER B 138 2.55 56.93 -40.09
C SER B 138 2.01 58.14 -39.34
N ASP B 139 0.77 58.54 -39.65
CA ASP B 139 0.08 59.62 -38.93
C ASP B 139 -0.35 59.19 -37.50
N SER B 140 -0.23 60.12 -36.57
CA SER B 140 -0.64 59.94 -35.18
C SER B 140 -2.03 59.34 -35.01
N LYS B 141 -2.97 59.62 -35.90
CA LYS B 141 -4.33 59.08 -35.74
C LYS B 141 -4.35 57.59 -35.89
N ALA B 142 -3.66 57.10 -36.91
CA ALA B 142 -3.59 55.66 -37.19
C ALA B 142 -2.89 54.91 -36.07
N ILE B 143 -1.79 55.49 -35.58
CA ILE B 143 -1.02 54.90 -34.49
C ILE B 143 -1.88 54.77 -33.23
N ALA B 144 -2.56 55.84 -32.85
CA ALA B 144 -3.44 55.82 -31.71
C ALA B 144 -4.46 54.70 -31.84
N GLN B 145 -4.91 54.47 -33.05
CA GLN B 145 -5.86 53.39 -33.30
C GLN B 145 -5.31 52.00 -33.02
N VAL B 146 -4.12 51.67 -33.53
CA VAL B 146 -3.63 50.32 -33.26
C VAL B 146 -3.47 50.15 -31.75
N GLY B 147 -2.88 51.17 -31.12
CA GLY B 147 -2.74 51.26 -29.67
C GLY B 147 -4.03 50.98 -28.95
N THR B 148 -5.09 51.66 -29.35
CA THR B 148 -6.39 51.47 -28.77
C THR B 148 -6.93 50.04 -28.87
N ILE B 149 -6.82 49.40 -30.04
CA ILE B 149 -7.42 48.07 -30.22
C ILE B 149 -6.62 47.01 -29.46
N SER B 150 -5.32 47.27 -29.43
CA SER B 150 -4.35 46.52 -28.71
C SER B 150 -4.65 46.52 -27.23
N ALA B 151 -5.05 47.67 -26.70
CA ALA B 151 -5.34 47.83 -25.30
C ALA B 151 -6.80 47.53 -24.98
N ASN B 152 -7.38 46.56 -25.67
CA ASN B 152 -8.79 46.21 -25.54
C ASN B 152 -9.75 47.41 -25.58
N SER B 153 -9.63 48.22 -26.63
CA SER B 153 -10.57 49.32 -26.90
C SER B 153 -10.46 50.39 -25.84
N ASP B 154 -9.24 50.73 -25.44
CA ASP B 154 -9.01 51.75 -24.42
C ASP B 154 -8.36 52.97 -25.05
N GLU B 155 -9.21 53.94 -25.40
CA GLU B 155 -8.83 55.15 -26.11
C GLU B 155 -7.67 55.92 -25.51
N THR B 156 -7.56 55.92 -24.20
CA THR B 156 -6.55 56.70 -23.50
C THR B 156 -5.16 56.17 -23.73
N VAL B 157 -5.05 54.84 -23.79
CA VAL B 157 -3.76 54.19 -24.03
C VAL B 157 -3.27 54.52 -25.43
N GLY B 158 -4.21 54.50 -26.38
CA GLY B 158 -3.93 54.87 -27.76
C GLY B 158 -3.33 56.26 -27.76
N LYS B 159 -4.16 57.20 -27.33
CA LYS B 159 -3.79 58.62 -27.26
C LYS B 159 -2.42 58.82 -26.61
N LEU B 160 -2.16 58.08 -25.54
CA LEU B 160 -0.99 58.27 -24.73
C LEU B 160 0.28 57.81 -25.43
N ILE B 161 0.19 56.69 -26.13
CA ILE B 161 1.30 56.17 -26.92
C ILE B 161 1.56 57.04 -28.14
N ALA B 162 0.49 57.43 -28.82
CA ALA B 162 0.56 58.30 -29.99
C ALA B 162 1.31 59.57 -29.64
N GLU B 163 0.89 60.20 -28.55
CA GLU B 163 1.58 61.35 -28.00
C GLU B 163 3.05 61.07 -27.69
N ALA B 164 3.33 59.88 -27.17
CA ALA B 164 4.68 59.52 -26.79
C ALA B 164 5.61 59.54 -28.00
N MET B 165 5.26 58.75 -29.03
CA MET B 165 6.07 58.60 -30.26
C MET B 165 6.29 59.93 -30.97
N ASP B 166 5.25 60.77 -30.93
CA ASP B 166 5.30 62.15 -31.41
C ASP B 166 6.42 62.98 -30.78
N LYS B 167 6.68 62.78 -29.49
CA LYS B 167 7.65 63.60 -28.76
C LYS B 167 9.07 63.04 -28.75
N VAL B 168 9.22 61.73 -28.64
CA VAL B 168 10.55 61.11 -28.57
C VAL B 168 11.13 60.92 -29.96
N GLY B 169 10.24 60.78 -30.94
CA GLY B 169 10.63 60.57 -32.31
C GLY B 169 10.48 59.12 -32.74
N LYS B 170 11.19 58.76 -33.81
CA LYS B 170 11.20 57.40 -34.33
C LYS B 170 12.38 56.62 -33.74
N GLU B 171 13.52 57.31 -33.61
CA GLU B 171 14.71 56.69 -33.02
C GLU B 171 14.75 56.82 -31.49
N GLY B 172 13.57 56.90 -30.87
CA GLY B 172 13.45 57.16 -29.42
C GLY B 172 12.71 56.09 -28.61
N VAL B 173 13.11 55.97 -27.35
CA VAL B 173 12.62 54.89 -26.50
C VAL B 173 11.46 55.29 -25.58
N ILE B 174 10.51 54.37 -25.42
CA ILE B 174 9.40 54.52 -24.49
C ILE B 174 9.32 53.30 -23.58
N THR B 175 9.43 53.52 -22.27
CA THR B 175 9.27 52.47 -21.28
C THR B 175 7.97 52.66 -20.50
N VAL B 176 7.54 51.61 -19.80
CA VAL B 176 6.31 51.64 -19.02
C VAL B 176 6.51 51.06 -17.60
N GLU B 177 6.15 51.85 -16.59
CA GLU B 177 6.27 51.42 -15.21
C GLU B 177 5.04 51.73 -14.39
N ASP B 178 5.03 51.25 -13.15
CA ASP B 178 3.92 51.47 -12.22
C ASP B 178 3.91 52.92 -11.81
N GLY B 179 2.73 53.52 -11.84
CA GLY B 179 2.55 54.88 -11.36
C GLY B 179 2.14 54.88 -9.90
N THR B 180 2.17 56.05 -9.28
CA THR B 180 1.73 56.15 -7.90
C THR B 180 0.22 56.37 -7.81
N GLY B 181 -0.30 57.31 -8.60
CA GLY B 181 -1.71 57.67 -8.55
C GLY B 181 -2.66 56.72 -9.25
N LEU B 182 -3.88 57.20 -9.45
CA LEU B 182 -4.95 56.43 -10.06
C LEU B 182 -4.96 56.58 -11.57
N GLN B 183 -4.36 57.65 -12.07
CA GLN B 183 -4.40 57.98 -13.50
C GLN B 183 -3.04 57.80 -14.16
N ASP B 184 -3.06 57.49 -15.46
CA ASP B 184 -1.85 57.35 -16.27
C ASP B 184 -1.11 58.66 -16.44
N GLU B 185 0.19 58.60 -16.69
CA GLU B 185 1.00 59.82 -16.78
C GLU B 185 2.20 59.64 -17.69
N LEU B 186 2.42 60.63 -18.56
CA LEU B 186 3.52 60.58 -19.52
C LEU B 186 4.61 61.57 -19.17
N ASP B 187 5.84 61.07 -19.03
CA ASP B 187 7.00 61.90 -18.71
C ASP B 187 7.99 61.87 -19.86
N VAL B 188 8.42 63.06 -20.31
CA VAL B 188 9.38 63.15 -21.39
C VAL B 188 10.60 63.88 -20.88
N VAL B 189 11.75 63.22 -21.01
CA VAL B 189 13.01 63.82 -20.61
C VAL B 189 13.73 64.44 -21.81
N GLU B 190 13.96 65.76 -21.68
CA GLU B 190 14.54 66.53 -22.77
C GLU B 190 16.06 66.50 -22.73
N GLY B 191 15.91 65.97 -22.63
CA GLY B 191 17.35 65.93 -22.80
C GLY B 191 17.88 64.54 -22.49
N MET B 192 19.06 64.50 -21.87
CA MET B 192 19.66 63.22 -21.49
C MET B 192 19.70 63.01 -19.99
N GLN B 193 19.35 61.81 -19.56
CA GLN B 193 19.42 61.38 -18.16
C GLN B 193 19.80 59.90 -18.06
N PHE B 194 20.54 59.54 -17.01
CA PHE B 194 20.97 58.16 -16.78
C PHE B 194 20.87 57.75 -15.31
N ASP B 195 20.80 56.44 -15.08
CA ASP B 195 20.60 55.88 -13.74
C ASP B 195 21.85 55.99 -12.86
N ARG B 196 22.00 57.13 -12.20
CA ARG B 196 23.14 57.34 -11.31
C ARG B 196 22.92 58.44 -10.29
N GLY B 197 23.07 58.08 -9.01
CA GLY B 197 22.98 59.05 -7.92
C GLY B 197 24.34 59.53 -7.45
N TYR B 198 24.33 60.62 -6.71
CA TYR B 198 25.55 61.18 -6.11
C TYR B 198 26.20 60.17 -5.16
N LEU B 199 27.52 60.16 -5.14
CA LEU B 199 28.26 59.30 -4.20
C LEU B 199 28.43 60.03 -2.88
N SER B 200 28.35 61.36 -2.95
CA SER B 200 28.50 62.22 -1.80
C SER B 200 27.16 62.88 -1.45
N PRO B 201 26.45 62.31 -0.48
CA PRO B 201 25.15 62.85 -0.07
C PRO B 201 25.27 64.22 0.60
N TYR B 202 26.45 64.53 1.14
CA TYR B 202 26.68 65.81 1.81
C TYR B 202 26.99 66.93 0.82
N PHE B 203 26.40 66.87 -0.37
CA PHE B 203 26.66 67.87 -1.39
C PHE B 203 25.42 68.64 -1.86
N ILE B 204 24.25 68.03 -1.65
CA ILE B 204 22.98 68.64 -2.03
C ILE B 204 22.95 70.15 -1.75
N ASN B 205 22.98 70.94 -2.82
CA ASN B 205 22.92 72.40 -2.70
C ASN B 205 21.50 72.97 -2.75
N LYS B 206 20.50 72.07 -2.69
CA LYS B 206 19.08 72.44 -2.58
C LYS B 206 18.32 71.38 -1.78
N PRO B 207 18.29 71.52 -0.45
CA PRO B 207 17.65 70.53 0.43
C PRO B 207 16.15 70.37 0.21
N GLU B 208 15.56 71.23 -0.62
CA GLU B 208 14.11 71.21 -0.91
C GLU B 208 13.70 69.99 -1.73
N THR B 209 14.41 69.73 -2.83
CA THR B 209 14.17 68.56 -3.65
C THR B 209 15.03 67.39 -3.19
N GLY B 210 16.08 67.70 -2.42
CA GLY B 210 17.08 66.73 -2.04
C GLY B 210 17.95 66.37 -3.22
N ALA B 211 18.35 67.39 -3.99
CA ALA B 211 19.12 67.21 -5.22
C ALA B 211 20.17 68.31 -5.45
N VAL B 212 21.17 68.00 -6.28
CA VAL B 212 22.27 68.92 -6.59
C VAL B 212 21.99 69.66 -7.91
N GLU B 213 22.03 71.00 -7.86
CA GLU B 213 21.70 71.83 -9.02
C GLU B 213 22.89 72.71 -9.44
N LEU B 214 23.77 72.15 -10.27
CA LEU B 214 24.96 72.87 -10.73
C LEU B 214 24.69 73.78 -11.92
N GLU B 215 24.83 75.09 -11.68
CA GLU B 215 24.55 76.10 -12.69
C GLU B 215 25.72 76.29 -13.65
N SER B 216 25.46 76.02 -14.94
CA SER B 216 26.43 76.17 -16.03
C SER B 216 27.85 75.68 -15.70
N PRO B 217 27.99 74.38 -15.41
CA PRO B 217 29.25 73.82 -14.92
C PRO B 217 30.13 73.18 -15.99
N PHE B 218 31.35 72.83 -15.59
CA PHE B 218 32.27 72.03 -16.41
C PHE B 218 31.99 70.56 -16.15
N ILE B 219 32.40 69.69 -17.07
CA ILE B 219 32.20 68.27 -16.89
C ILE B 219 33.49 67.49 -17.17
N LEU B 220 33.91 66.72 -16.18
CA LEU B 220 35.07 65.85 -16.32
C LEU B 220 34.65 64.41 -16.54
N LEU B 221 35.15 63.82 -17.63
CA LEU B 221 34.83 62.44 -17.94
C LEU B 221 36.05 61.55 -17.75
N ALA B 222 36.07 60.88 -16.59
CA ALA B 222 37.17 60.00 -16.25
C ALA B 222 36.81 58.54 -16.54
N ASP B 223 37.49 57.97 -17.53
CA ASP B 223 37.29 56.56 -17.89
C ASP B 223 37.73 55.63 -16.75
N LYS B 224 38.92 55.88 -16.21
CA LYS B 224 39.44 55.13 -15.06
C LYS B 224 38.72 55.49 -13.75
N LYS B 225 38.93 54.69 -12.71
CA LYS B 225 38.35 54.97 -11.41
C LYS B 225 39.29 55.79 -10.52
N ILE B 226 38.73 56.80 -9.85
CA ILE B 226 39.48 57.72 -9.00
C ILE B 226 39.49 57.26 -7.55
N SER B 227 40.62 57.47 -6.87
CA SER B 227 40.73 57.22 -5.43
C SER B 227 41.64 58.23 -4.74
N ASN B 228 42.44 58.95 -5.53
CA ASN B 228 43.43 59.90 -5.00
C ASN B 228 43.18 61.35 -5.43
N ILE B 229 43.32 62.27 -4.47
CA ILE B 229 43.14 63.71 -4.71
C ILE B 229 44.23 64.30 -5.61
N ARG B 230 45.35 63.60 -5.72
CA ARG B 230 46.50 64.01 -6.53
C ARG B 230 46.12 64.36 -7.97
N GLU B 231 45.52 63.39 -8.68
CA GLU B 231 45.19 63.52 -10.09
C GLU B 231 44.25 64.69 -10.39
N MET B 232 43.50 65.10 -9.37
CA MET B 232 42.53 66.17 -9.51
C MET B 232 43.19 67.54 -9.49
N LEU B 233 44.12 67.73 -8.57
CA LEU B 233 44.74 69.02 -8.30
C LEU B 233 44.98 69.91 -9.52
N PRO B 234 45.65 69.40 -10.55
CA PRO B 234 45.89 70.17 -11.79
C PRO B 234 44.63 70.78 -12.39
N VAL B 235 43.61 69.95 -12.63
CA VAL B 235 42.36 70.40 -13.26
C VAL B 235 41.45 71.09 -12.26
N LEU B 236 41.30 70.49 -11.08
CA LEU B 236 40.54 71.08 -10.00
C LEU B 236 40.98 72.53 -9.73
N GLU B 237 42.26 72.80 -9.96
CA GLU B 237 42.83 74.14 -9.82
C GLU B 237 42.31 75.13 -10.87
N ALA B 238 42.39 74.75 -12.14
CA ALA B 238 41.93 75.60 -13.24
C ALA B 238 40.43 75.92 -13.15
N VAL B 239 39.66 75.00 -12.56
CA VAL B 239 38.23 75.19 -12.32
C VAL B 239 37.99 76.13 -11.13
N ALA B 240 38.88 76.07 -10.14
CA ALA B 240 38.84 76.93 -8.96
C ALA B 240 39.10 78.41 -9.27
N LYS B 241 39.88 78.66 -10.31
CA LYS B 241 40.22 80.01 -10.74
C LYS B 241 39.37 80.44 -11.95
N ALA B 242 38.32 79.68 -12.22
CA ALA B 242 37.40 79.98 -13.31
C ALA B 242 36.00 80.31 -12.82
N GLY B 243 35.70 79.89 -11.58
CA GLY B 243 34.42 80.19 -10.95
C GLY B 243 33.35 79.14 -11.13
N LYS B 244 33.17 78.68 -12.37
CA LYS B 244 32.14 77.70 -12.72
C LYS B 244 32.28 76.39 -11.93
N PRO B 245 31.16 75.77 -11.56
CA PRO B 245 31.16 74.46 -10.89
C PRO B 245 31.68 73.33 -11.79
N LEU B 246 31.79 72.12 -11.23
CA LEU B 246 32.31 70.98 -11.98
C LEU B 246 31.63 69.65 -11.62
N LEU B 247 31.15 68.94 -12.64
CA LEU B 247 30.64 67.59 -12.46
C LEU B 247 31.72 66.60 -12.88
N ILE B 248 31.88 65.56 -12.07
CA ILE B 248 32.86 64.52 -12.36
C ILE B 248 32.18 63.17 -12.54
N ILE B 249 32.10 62.72 -13.78
CA ILE B 249 31.59 61.39 -14.09
C ILE B 249 32.76 60.46 -14.33
N ALA B 250 33.10 59.68 -13.30
CA ALA B 250 34.19 58.72 -13.35
C ALA B 250 33.66 57.29 -13.31
N GLU B 251 34.55 56.32 -13.49
CA GLU B 251 34.23 54.92 -13.27
C GLU B 251 33.79 54.73 -11.83
N ASP B 252 34.51 55.39 -10.91
CA ASP B 252 34.17 55.44 -9.49
C ASP B 252 34.98 56.56 -8.82
N VAL B 253 34.45 57.10 -7.72
CA VAL B 253 35.20 58.03 -6.86
C VAL B 253 35.06 57.58 -5.41
N GLU B 254 36.19 57.38 -4.74
CA GLU B 254 36.23 56.82 -3.40
C GLU B 254 37.41 57.38 -2.59
N GLY B 255 37.82 56.62 -1.57
CA GLY B 255 38.96 56.98 -0.74
C GLY B 255 38.83 58.37 -0.13
N GLU B 256 39.96 59.01 0.08
CA GLU B 256 39.97 60.39 0.58
C GLU B 256 39.56 61.37 -0.52
N ALA B 257 39.80 61.00 -1.78
CA ALA B 257 39.41 61.82 -2.93
C ALA B 257 37.97 62.30 -2.78
N LEU B 258 37.05 61.36 -2.66
CA LEU B 258 35.64 61.66 -2.42
C LEU B 258 35.50 62.47 -1.13
N ALA B 259 36.12 61.98 -0.06
CA ALA B 259 36.05 62.61 1.25
C ALA B 259 36.49 64.07 1.22
N THR B 260 37.59 64.36 0.51
CA THR B 260 38.12 65.72 0.41
C THR B 260 37.18 66.60 -0.41
N LEU B 261 36.76 66.09 -1.57
CA LEU B 261 35.87 66.81 -2.46
C LEU B 261 34.71 67.44 -1.70
N VAL B 262 34.21 66.72 -0.70
CA VAL B 262 33.14 67.21 0.17
C VAL B 262 33.57 68.49 0.87
N VAL B 263 34.67 68.41 1.64
CA VAL B 263 35.19 69.55 2.42
C VAL B 263 35.51 70.77 1.55
N ASN B 264 35.73 70.54 0.26
CA ASN B 264 36.06 71.60 -0.68
C ASN B 264 34.84 72.42 -1.12
N THR B 265 33.71 71.75 -1.35
CA THR B 265 32.47 72.43 -1.67
C THR B 265 31.75 72.92 -0.42
N MET B 266 31.87 72.13 0.65
CA MET B 266 31.32 72.48 1.97
C MET B 266 31.81 73.85 2.43
N ARG B 267 33.06 74.19 2.06
CA ARG B 267 33.68 75.47 2.41
C ARG B 267 33.36 76.55 1.37
N GLY B 268 33.21 76.14 0.12
CA GLY B 268 32.96 77.08 -0.97
C GLY B 268 34.20 77.36 -1.79
N ILE B 269 35.18 76.46 -1.71
CA ILE B 269 36.41 76.57 -2.50
C ILE B 269 36.11 76.30 -3.98
N VAL B 270 35.41 75.19 -4.23
CA VAL B 270 34.93 74.82 -5.56
C VAL B 270 33.57 74.15 -5.41
N LYS B 271 32.77 74.15 -6.46
CA LYS B 271 31.52 73.39 -6.45
C LYS B 271 31.67 72.15 -7.33
N VAL B 272 31.79 70.98 -6.69
CA VAL B 272 32.11 69.74 -7.40
C VAL B 272 31.25 68.51 -7.05
N ALA B 273 30.72 67.86 -8.07
CA ALA B 273 29.86 66.69 -7.92
C ALA B 273 30.54 65.41 -8.38
N ALA B 274 30.16 64.30 -7.75
CA ALA B 274 30.74 63.00 -8.08
C ALA B 274 29.66 61.94 -8.26
N VAL B 275 29.60 61.38 -9.47
CA VAL B 275 28.67 60.31 -9.80
C VAL B 275 29.36 59.23 -10.64
N LYS B 276 28.99 57.97 -10.40
CA LYS B 276 29.55 56.84 -11.15
C LYS B 276 29.20 56.95 -12.63
N ALA B 277 29.78 56.07 -13.44
CA ALA B 277 29.51 56.05 -14.88
C ALA B 277 28.27 55.22 -15.20
N PRO B 278 27.48 55.67 -16.17
CA PRO B 278 26.30 54.91 -16.62
C PRO B 278 26.71 53.65 -17.37
N GLY B 279 26.40 52.50 -16.79
CA GLY B 279 26.70 51.23 -17.42
C GLY B 279 27.73 50.38 -16.72
N PHE B 280 28.26 49.41 -17.48
CA PHE B 280 29.10 48.34 -16.95
C PHE B 280 29.84 47.69 -18.13
N GLY B 281 31.10 47.31 -17.91
CA GLY B 281 31.90 46.72 -18.96
C GLY B 281 32.17 47.66 -20.13
N ASP B 282 32.17 47.10 -21.34
CA ASP B 282 32.49 47.86 -22.56
C ASP B 282 31.40 48.84 -22.94
N ARG B 283 30.20 48.60 -22.44
CA ARG B 283 29.06 49.49 -22.64
C ARG B 283 29.27 50.83 -21.96
N ARG B 284 29.93 50.81 -20.81
CA ARG B 284 30.19 52.01 -20.01
C ARG B 284 30.98 53.05 -20.80
N LYS B 285 32.14 52.63 -21.33
CA LYS B 285 33.02 53.50 -22.10
C LYS B 285 32.34 53.98 -23.37
N ALA B 286 31.50 53.12 -23.92
CA ALA B 286 30.66 53.49 -25.05
C ALA B 286 29.74 54.65 -24.67
N MET B 287 28.96 54.47 -23.61
CA MET B 287 28.00 55.49 -23.14
C MET B 287 28.68 56.75 -22.61
N LEU B 288 29.83 56.57 -21.97
CA LEU B 288 30.61 57.70 -21.45
C LEU B 288 31.05 58.61 -22.57
N GLN B 289 31.42 58.01 -23.70
CA GLN B 289 31.80 58.75 -24.90
C GLN B 289 30.63 59.60 -25.40
N ASP B 290 29.44 59.02 -25.40
CA ASP B 290 28.23 59.71 -25.85
C ASP B 290 28.08 61.04 -25.12
N ILE B 291 28.38 61.05 -23.83
CA ILE B 291 28.23 62.23 -22.99
C ILE B 291 29.21 63.33 -23.41
N ALA B 292 30.42 62.92 -23.79
CA ALA B 292 31.46 63.84 -24.23
C ALA B 292 31.03 64.62 -25.46
N THR B 293 30.39 63.91 -26.40
CA THR B 293 29.89 64.50 -27.64
C THR B 293 28.85 65.60 -27.38
N LEU B 294 27.89 65.32 -26.49
CA LEU B 294 26.82 66.26 -26.17
C LEU B 294 27.31 67.51 -25.41
N THR B 295 28.49 67.41 -24.79
CA THR B 295 29.00 68.48 -23.94
C THR B 295 30.27 69.14 -24.47
N GLY B 296 30.87 68.56 -25.51
CA GLY B 296 32.08 69.10 -26.11
C GLY B 296 33.33 68.90 -25.25
N GLY B 297 33.43 67.74 -24.61
CA GLY B 297 34.59 67.39 -23.82
C GLY B 297 35.30 66.14 -24.34
N THR B 298 36.45 65.85 -23.76
CA THR B 298 37.21 64.66 -24.14
C THR B 298 37.15 63.65 -23.00
N VAL B 299 36.93 62.38 -23.36
CA VAL B 299 37.03 61.29 -22.41
C VAL B 299 38.50 61.11 -22.05
N ILE B 300 38.81 61.24 -20.76
CA ILE B 300 40.18 60.99 -20.28
C ILE B 300 40.30 59.48 -20.00
N SER B 301 40.67 58.75 -21.05
CA SER B 301 40.76 57.30 -21.01
C SER B 301 42.17 56.86 -20.65
N GLU B 302 42.29 56.22 -19.50
CA GLU B 302 43.58 55.76 -19.00
C GLU B 302 44.19 54.69 -19.90
N GLU B 303 43.32 53.91 -20.54
CA GLU B 303 43.74 52.83 -21.44
C GLU B 303 44.50 53.35 -22.65
N ILE B 304 44.02 54.44 -23.24
CA ILE B 304 44.62 54.97 -24.48
C ILE B 304 45.66 56.08 -24.24
N GLY B 305 46.56 55.85 -23.29
CA GLY B 305 47.71 56.70 -23.04
C GLY B 305 47.40 58.12 -22.61
N MET B 306 46.61 58.24 -21.53
CA MET B 306 46.27 59.54 -20.98
C MET B 306 46.30 59.50 -19.46
N GLU B 307 46.88 60.54 -18.85
CA GLU B 307 46.85 60.70 -17.41
C GLU B 307 45.76 61.69 -17.05
N LEU B 308 45.14 61.47 -15.90
CA LEU B 308 44.09 62.34 -15.41
C LEU B 308 44.64 63.73 -15.06
N GLU B 309 45.95 63.76 -14.74
CA GLU B 309 46.62 64.97 -14.27
C GLU B 309 47.05 65.89 -15.40
N LYS B 310 47.27 65.33 -16.58
CA LYS B 310 47.72 66.13 -17.73
C LYS B 310 46.57 66.85 -18.45
N ALA B 311 45.36 66.76 -17.87
CA ALA B 311 44.19 67.41 -18.45
C ALA B 311 44.14 68.90 -18.09
N THR B 312 43.55 69.70 -18.99
CA THR B 312 43.30 71.12 -18.75
C THR B 312 41.83 71.42 -19.01
N LEU B 313 41.44 72.69 -18.85
CA LEU B 313 40.07 73.13 -19.11
C LEU B 313 39.58 72.75 -20.51
N GLU B 314 40.53 72.60 -21.42
CA GLU B 314 40.31 72.18 -22.80
C GLU B 314 39.44 70.92 -22.90
N ASP B 315 39.80 69.88 -22.14
CA ASP B 315 39.17 68.56 -22.26
C ASP B 315 37.86 68.41 -21.50
N LEU B 316 37.47 69.46 -20.77
CA LEU B 316 36.24 69.42 -19.99
C LEU B 316 35.02 69.77 -20.82
N GLY B 317 33.95 68.99 -20.64
CA GLY B 317 32.67 69.29 -21.27
C GLY B 317 31.99 70.44 -20.55
N GLN B 318 30.91 70.95 -21.15
CA GLN B 318 30.15 72.05 -20.56
C GLN B 318 28.66 71.95 -20.86
N ALA B 319 27.84 72.34 -19.87
CA ALA B 319 26.39 72.27 -20.00
C ALA B 319 25.72 73.55 -19.50
N LYS B 320 24.47 73.75 -19.91
CA LYS B 320 23.66 74.88 -19.45
C LYS B 320 23.28 74.71 -17.97
N ARG B 321 22.92 73.47 -17.60
CA ARG B 321 22.49 73.15 -16.23
C ARG B 321 22.64 71.65 -15.94
N VAL B 322 22.75 71.28 -14.66
CA VAL B 322 22.86 69.89 -14.24
C VAL B 322 21.99 69.61 -13.00
N VAL B 323 21.28 68.49 -13.02
CA VAL B 323 20.43 68.06 -11.90
C VAL B 323 20.74 66.61 -11.47
N ILE B 324 21.16 66.45 -10.21
CA ILE B 324 21.52 65.14 -9.66
C ILE B 324 20.78 64.84 -8.36
N ASN B 325 20.06 63.73 -8.31
CA ASN B 325 19.48 63.24 -7.06
C ASN B 325 20.06 61.88 -6.66
N LYS B 326 19.51 61.30 -5.59
CA LYS B 326 19.96 60.01 -5.04
C LYS B 326 20.01 58.87 -6.07
N ASP B 327 19.25 59.00 -7.15
CA ASP B 327 19.10 57.90 -8.11
C ASP B 327 19.49 58.22 -9.56
N THR B 328 19.26 59.46 -10.02
CA THR B 328 19.51 59.82 -11.42
C THR B 328 20.22 61.16 -11.63
N THR B 329 21.03 61.21 -12.69
CA THR B 329 21.73 62.43 -13.08
C THR B 329 21.24 62.91 -14.44
N THR B 330 21.03 64.21 -14.56
CA THR B 330 20.48 64.81 -15.77
C THR B 330 21.34 65.97 -16.27
N ILE B 331 21.66 65.93 -17.55
CA ILE B 331 22.33 67.04 -18.21
C ILE B 331 21.31 67.75 -19.09
N ILE B 332 21.03 69.00 -18.74
CA ILE B 332 20.15 69.86 -19.53
C ILE B 332 21.00 70.68 -20.50
N ASP B 333 20.92 70.34 -21.78
CA ASP B 333 21.47 71.17 -22.86
C ASP B 333 22.98 71.42 -22.73
N GLY B 334 23.78 70.50 -23.25
CA GLY B 334 25.24 70.66 -23.28
C GLY B 334 25.71 71.52 -24.45
N VAL B 335 26.99 71.91 -24.44
CA VAL B 335 27.55 72.76 -25.51
C VAL B 335 27.43 72.10 -26.87
N GLY B 336 27.96 70.89 -27.00
CA GLY B 336 27.81 70.03 -28.18
C GLY B 336 27.69 70.63 -29.58
N GLU B 337 28.76 70.49 -30.37
CA GLU B 337 28.75 70.87 -31.78
C GLU B 337 27.60 70.17 -32.47
N GLU B 338 26.69 70.98 -33.03
CA GLU B 338 25.46 70.46 -33.62
C GLU B 338 25.71 69.29 -34.58
N ALA B 339 26.61 69.50 -35.53
CA ALA B 339 26.96 68.48 -36.54
C ALA B 339 27.57 67.21 -35.92
N ALA B 340 28.39 67.39 -34.88
CA ALA B 340 29.04 66.28 -34.21
C ALA B 340 28.06 65.36 -33.47
N ILE B 341 26.99 65.95 -32.92
CA ILE B 341 25.94 65.18 -32.25
C ILE B 341 25.25 64.24 -33.24
N GLN B 342 24.67 64.82 -34.29
CA GLN B 342 23.92 64.05 -35.30
C GLN B 342 24.82 63.16 -36.14
N GLY B 343 26.11 63.49 -36.17
CA GLY B 343 27.11 62.64 -36.79
C GLY B 343 27.33 61.39 -35.97
N ARG B 344 27.50 61.58 -34.67
CA ARG B 344 27.61 60.46 -33.73
C ARG B 344 26.30 59.67 -33.65
N VAL B 345 25.19 60.33 -33.95
CA VAL B 345 23.87 59.68 -33.93
C VAL B 345 23.69 58.76 -35.15
N ALA B 346 23.90 59.30 -36.34
CA ALA B 346 23.76 58.53 -37.59
C ALA B 346 24.76 57.38 -37.67
N GLN B 347 25.73 57.40 -36.75
CA GLN B 347 26.74 56.36 -36.60
C GLN B 347 26.19 55.22 -35.72
N ILE B 348 25.66 55.58 -34.56
CA ILE B 348 25.02 54.63 -33.64
C ILE B 348 23.73 54.06 -34.28
N ARG B 349 23.10 54.87 -35.14
CA ARG B 349 21.90 54.49 -35.88
C ARG B 349 22.16 53.34 -36.86
N GLN B 350 23.37 53.30 -37.41
CA GLN B 350 23.78 52.24 -38.33
C GLN B 350 24.42 51.07 -37.57
N GLN B 351 24.74 51.29 -36.29
CA GLN B 351 25.20 50.22 -35.41
C GLN B 351 24.05 49.27 -35.05
N ILE B 352 22.83 49.82 -35.04
CA ILE B 352 21.61 49.03 -34.85
C ILE B 352 21.32 48.22 -36.11
N GLU B 353 21.70 48.79 -37.25
CA GLU B 353 21.51 48.15 -38.55
C GLU B 353 22.21 46.79 -38.64
N GLU B 354 23.46 46.76 -38.16
CA GLU B 354 24.26 45.54 -38.19
C GLU B 354 24.32 44.83 -36.83
N ALA B 355 23.39 45.19 -35.94
CA ALA B 355 23.28 44.55 -34.63
C ALA B 355 22.84 43.09 -34.77
N THR B 356 23.73 42.19 -34.38
CA THR B 356 23.60 40.76 -34.68
C THR B 356 22.65 39.97 -33.78
N SER B 357 21.72 40.67 -33.13
CA SER B 357 20.74 40.05 -32.24
C SER B 357 19.60 41.00 -31.89
N ASP B 358 19.07 40.86 -30.67
CA ASP B 358 18.02 41.75 -30.16
C ASP B 358 18.51 42.65 -29.03
N TYR B 359 19.40 42.11 -28.19
CA TYR B 359 19.99 42.89 -27.10
C TYR B 359 20.95 43.96 -27.62
N ASP B 360 21.72 43.61 -28.66
CA ASP B 360 22.61 44.56 -29.34
C ASP B 360 21.83 45.61 -30.15
N ARG B 361 20.49 45.50 -30.09
CA ARG B 361 19.57 46.42 -30.74
C ARG B 361 18.88 47.32 -29.71
N GLU B 362 18.49 46.74 -28.57
CA GLU B 362 17.78 47.45 -27.50
C GLU B 362 18.58 48.63 -26.96
N LYS B 363 19.71 48.31 -26.33
CA LYS B 363 20.57 49.31 -25.69
C LYS B 363 21.03 50.40 -26.65
N LEU B 364 21.13 50.05 -27.93
CA LEU B 364 21.63 50.96 -28.96
C LEU B 364 20.62 52.09 -29.20
N GLN B 365 19.37 51.74 -29.47
CA GLN B 365 18.34 52.76 -29.67
C GLN B 365 18.01 53.51 -28.37
N GLU B 366 18.33 52.90 -27.24
CA GLU B 366 18.20 53.57 -25.95
C GLU B 366 19.10 54.80 -25.90
N ARG B 367 20.35 54.60 -26.32
CA ARG B 367 21.35 55.67 -26.33
C ARG B 367 21.03 56.74 -27.38
N VAL B 368 20.46 56.32 -28.51
CA VAL B 368 20.10 57.27 -29.57
C VAL B 368 18.99 58.20 -29.10
N ALA B 369 18.08 57.67 -28.29
CA ALA B 369 16.98 58.47 -27.76
C ALA B 369 17.48 59.46 -26.71
N LYS B 370 18.48 59.02 -25.94
CA LYS B 370 19.11 59.87 -24.93
C LYS B 370 19.79 61.05 -25.61
N LEU B 371 20.33 60.81 -26.80
CA LEU B 371 21.06 61.83 -27.55
C LEU B 371 20.18 62.62 -28.52
N ALA B 372 19.18 61.96 -29.10
CA ALA B 372 18.28 62.61 -30.06
C ALA B 372 17.09 63.27 -29.38
N GLY B 373 16.82 62.28 -30.20
CA GLY B 373 15.61 62.88 -29.68
C GLY B 373 15.59 62.84 -28.18
N GLY B 374 14.66 62.06 -27.66
CA GLY B 374 14.49 61.97 -26.22
C GLY B 374 13.95 60.63 -25.76
N VAL B 375 13.77 60.53 -24.45
CA VAL B 375 13.26 59.31 -23.83
C VAL B 375 11.99 59.58 -23.02
N ALA B 376 11.01 58.69 -23.16
CA ALA B 376 9.72 58.87 -22.50
C ALA B 376 9.34 57.69 -21.63
N VAL B 377 8.65 57.98 -20.53
CA VAL B 377 8.18 56.96 -19.62
C VAL B 377 6.66 57.09 -19.50
N ILE B 378 5.96 55.99 -19.68
CA ILE B 378 4.53 55.96 -19.40
C ILE B 378 4.32 55.34 -18.01
N LYS B 379 3.71 56.08 -17.11
CA LYS B 379 3.39 55.60 -15.76
C LYS B 379 1.92 55.21 -15.72
N VAL B 380 1.65 53.97 -15.37
CA VAL B 380 0.30 53.40 -15.38
C VAL B 380 -0.34 53.53 -13.98
N GLY B 381 -1.56 54.05 -13.93
CA GLY B 381 -2.27 54.18 -12.67
C GLY B 381 -3.30 53.07 -12.52
N ALA B 382 -3.49 52.60 -11.28
CA ALA B 382 -4.59 51.70 -10.95
C ALA B 382 -4.89 51.79 -9.46
N ALA B 383 -6.08 51.36 -9.06
CA ALA B 383 -6.47 51.49 -7.65
C ALA B 383 -5.73 50.46 -6.80
N THR B 384 -5.77 49.21 -7.24
CA THR B 384 -5.16 48.10 -6.53
C THR B 384 -3.91 47.64 -7.28
N GLU B 385 -3.54 46.38 -7.08
CA GLU B 385 -2.34 45.80 -7.65
C GLU B 385 -2.68 44.72 -8.66
N VAL B 386 -3.79 44.00 -8.49
CA VAL B 386 -4.22 43.10 -9.54
C VAL B 386 -4.62 43.91 -10.74
N GLU B 387 -5.11 45.12 -10.51
CA GLU B 387 -5.46 46.02 -11.60
C GLU B 387 -4.18 46.54 -12.27
N MET B 388 -3.22 46.97 -11.45
CA MET B 388 -1.97 47.49 -11.96
C MET B 388 -1.35 46.53 -12.95
N LYS B 389 -1.35 45.23 -12.60
CA LYS B 389 -0.69 44.19 -13.40
C LYS B 389 -1.35 43.94 -14.74
N GLU B 390 -2.67 43.77 -14.78
CA GLU B 390 -3.38 43.59 -16.03
C GLU B 390 -3.32 44.88 -16.88
N LYS B 391 -3.43 46.06 -16.27
CA LYS B 391 -3.29 47.30 -17.05
C LYS B 391 -1.87 47.48 -17.61
N LYS B 392 -0.84 47.36 -16.75
CA LYS B 392 0.53 47.53 -17.21
C LYS B 392 0.82 46.60 -18.36
N ALA B 393 0.29 45.38 -18.27
CA ALA B 393 0.43 44.37 -19.32
C ALA B 393 -0.23 44.79 -20.62
N ARG B 394 -1.33 45.55 -20.57
CA ARG B 394 -2.00 45.93 -21.79
C ARG B 394 -1.25 47.10 -22.44
N VAL B 395 -0.82 48.09 -21.63
CA VAL B 395 -0.03 49.21 -22.16
C VAL B 395 1.28 48.73 -22.77
N GLU B 396 1.93 47.75 -22.15
CA GLU B 396 3.10 47.09 -22.72
C GLU B 396 2.80 46.44 -24.05
N ASP B 397 1.65 45.77 -24.13
CA ASP B 397 1.15 45.15 -25.36
C ASP B 397 0.93 46.19 -26.48
N ALA B 398 0.15 47.24 -26.20
CA ALA B 398 -0.04 48.30 -27.16
C ALA B 398 1.26 48.96 -27.60
N LEU B 399 2.14 49.23 -26.66
CA LEU B 399 3.43 49.80 -26.99
C LEU B 399 4.18 48.98 -28.09
N HIS B 400 4.05 47.65 -28.04
CA HIS B 400 4.68 46.77 -29.02
C HIS B 400 3.92 46.84 -30.32
N ALA B 401 2.61 46.79 -30.25
CA ALA B 401 1.80 46.67 -31.45
C ALA B 401 1.94 47.91 -32.32
N THR B 402 2.06 49.08 -31.69
CA THR B 402 2.29 50.30 -32.46
C THR B 402 3.67 50.23 -33.09
N ARG B 403 4.69 49.77 -32.37
CA ARG B 403 6.05 49.69 -32.92
C ARG B 403 6.11 48.79 -34.14
N ALA B 404 5.22 47.82 -34.19
CA ALA B 404 5.13 46.88 -35.29
C ALA B 404 4.43 47.53 -36.46
N ALA B 405 3.38 48.30 -36.17
CA ALA B 405 2.65 48.98 -37.23
C ALA B 405 3.57 49.95 -37.94
N VAL B 406 4.33 50.70 -37.18
CA VAL B 406 5.24 51.69 -37.72
C VAL B 406 6.24 51.05 -38.66
N GLU B 407 6.76 49.88 -38.32
CA GLU B 407 7.76 49.27 -39.18
C GLU B 407 7.17 48.41 -40.31
N GLU B 408 5.89 48.03 -40.22
CA GLU B 408 5.36 47.11 -41.22
C GLU B 408 3.90 47.28 -41.70
N GLY B 409 2.81 49.77 -40.92
CA GLY B 409 1.48 50.19 -41.33
C GLY B 409 0.34 49.46 -40.68
N VAL B 410 -0.90 49.81 -41.06
CA VAL B 410 -2.13 49.25 -40.48
C VAL B 410 -3.07 48.68 -41.53
N VAL B 411 -4.00 47.87 -41.08
CA VAL B 411 -5.00 47.26 -41.94
C VAL B 411 -6.31 47.19 -41.18
N ALA B 412 -7.41 46.92 -41.86
CA ALA B 412 -8.73 46.89 -41.24
C ALA B 412 -8.70 45.81 -40.20
N GLY B 413 -9.04 46.17 -38.96
CA GLY B 413 -9.22 45.20 -37.87
C GLY B 413 -10.46 44.32 -37.91
N GLY B 414 -10.81 43.66 -36.80
CA GLY B 414 -12.00 42.81 -36.78
C GLY B 414 -11.73 41.57 -37.61
N GLY B 415 -10.44 41.39 -37.91
CA GLY B 415 -10.01 40.37 -38.84
C GLY B 415 -10.62 40.50 -40.25
N VAL B 416 -10.95 41.71 -40.70
CA VAL B 416 -11.49 41.83 -42.03
C VAL B 416 -10.37 41.74 -43.05
N ALA B 417 -9.23 42.37 -42.74
CA ALA B 417 -8.04 42.26 -43.60
C ALA B 417 -7.92 40.81 -44.07
N LEU B 418 -7.84 39.87 -43.12
CA LEU B 418 -7.70 38.46 -43.49
C LEU B 418 -8.80 37.96 -44.41
N ILE B 419 -10.05 38.28 -44.09
CA ILE B 419 -11.18 37.86 -44.93
C ILE B 419 -11.09 38.39 -46.39
N ARG B 420 -10.45 39.56 -46.49
CA ARG B 420 -10.29 40.28 -47.73
C ARG B 420 -9.24 39.59 -48.55
N VAL B 421 -8.12 39.24 -47.92
CA VAL B 421 -7.11 38.51 -48.69
C VAL B 421 -7.60 37.13 -49.10
N ALA B 422 -8.41 36.47 -48.28
CA ALA B 422 -9.01 35.20 -48.72
C ALA B 422 -9.85 35.24 -50.04
N SER B 423 -10.50 36.37 -50.32
CA SER B 423 -11.24 36.42 -51.59
C SER B 423 -10.32 36.82 -52.72
N LYS B 424 -9.28 37.60 -52.42
CA LYS B 424 -8.29 37.86 -53.46
C LYS B 424 -7.60 36.59 -53.94
N LEU B 425 -7.45 35.61 -53.05
CA LEU B 425 -6.73 34.40 -53.42
C LEU B 425 -7.68 33.26 -53.83
N ALA B 426 -8.93 33.64 -54.12
CA ALA B 426 -9.93 32.65 -54.52
C ALA B 426 -9.50 31.87 -55.73
N ASP B 427 -8.58 32.45 -56.51
CA ASP B 427 -8.13 31.81 -57.74
C ASP B 427 -6.72 31.22 -57.73
N LEU B 428 -6.14 31.14 -56.53
CA LEU B 428 -4.83 30.51 -56.32
C LEU B 428 -4.90 29.00 -56.48
N ARG B 429 -3.98 28.44 -57.25
CA ARG B 429 -3.88 26.99 -57.39
C ARG B 429 -2.46 26.48 -57.18
N GLY B 430 -2.33 25.16 -56.98
CA GLY B 430 -1.02 24.57 -56.77
C GLY B 430 -0.59 23.65 -57.91
N GLN B 431 0.37 22.77 -57.60
CA GLN B 431 0.90 21.85 -58.59
C GLN B 431 0.00 20.64 -58.77
N ASN B 432 -0.94 20.42 -57.86
CA ASN B 432 -1.83 19.26 -58.01
C ASN B 432 -3.03 19.41 -57.11
N GLU B 433 -3.98 18.49 -57.18
CA GLU B 433 -5.20 18.64 -56.38
C GLU B 433 -4.99 18.70 -54.86
N ASP B 434 -4.10 17.89 -54.32
CA ASP B 434 -3.86 17.92 -52.87
C ASP B 434 -3.35 19.31 -52.49
N GLN B 435 -2.45 19.89 -53.28
CA GLN B 435 -1.97 21.24 -53.00
C GLN B 435 -3.12 22.26 -53.00
N ASN B 436 -4.12 21.99 -53.83
CA ASN B 436 -5.29 22.86 -53.95
C ASN B 436 -6.10 22.87 -52.66
N VAL B 437 -6.44 21.67 -52.18
CA VAL B 437 -7.15 21.54 -50.91
C VAL B 437 -6.34 22.23 -49.81
N GLY B 438 -5.03 22.19 -49.94
CA GLY B 438 -4.15 22.79 -48.97
C GLY B 438 -4.29 24.28 -49.00
N ILE B 439 -4.50 24.84 -50.18
CA ILE B 439 -4.77 26.28 -50.28
C ILE B 439 -6.13 26.62 -49.67
N LYS B 440 -7.19 25.97 -50.15
CA LYS B 440 -8.53 26.18 -49.58
C LYS B 440 -8.57 26.03 -48.05
N VAL B 441 -7.80 25.10 -47.53
CA VAL B 441 -7.63 25.00 -46.06
C VAL B 441 -7.09 26.30 -45.42
N ALA B 442 -6.03 26.92 -45.96
CA ALA B 442 -5.61 28.17 -45.37
C ALA B 442 -6.64 29.28 -45.59
N LEU B 443 -7.22 29.37 -46.77
CA LEU B 443 -8.15 30.47 -47.02
C LEU B 443 -9.30 30.43 -46.00
N ARG B 444 -9.89 29.23 -45.84
CA ARG B 444 -11.01 28.99 -44.95
C ARG B 444 -10.62 29.33 -43.50
N ALA B 445 -9.35 29.19 -43.18
CA ALA B 445 -8.89 29.46 -41.84
C ALA B 445 -8.83 30.94 -41.64
N MET B 446 -8.64 31.66 -42.72
CA MET B 446 -8.41 33.10 -42.64
C MET B 446 -9.60 33.81 -42.09
N GLU B 447 -10.75 33.15 -42.23
CA GLU B 447 -12.00 33.63 -41.65
C GLU B 447 -12.10 33.47 -40.15
N ALA B 448 -11.21 32.71 -39.51
CA ALA B 448 -11.48 32.33 -38.11
C ALA B 448 -11.42 33.45 -37.07
N PRO B 449 -10.43 34.31 -37.12
CA PRO B 449 -10.45 35.42 -36.16
C PRO B 449 -11.80 36.13 -36.17
N LEU B 450 -12.31 36.54 -37.34
CA LEU B 450 -13.58 37.24 -37.40
C LEU B 450 -14.61 36.34 -36.78
N ARG B 451 -14.60 35.08 -37.16
CA ARG B 451 -15.58 34.14 -36.64
C ARG B 451 -15.57 33.97 -35.11
N GLN B 452 -14.38 34.02 -34.47
CA GLN B 452 -14.28 33.88 -33.00
C GLN B 452 -14.74 35.16 -32.33
N ILE B 453 -14.29 36.31 -32.88
CA ILE B 453 -14.68 37.62 -32.35
C ILE B 453 -16.20 37.67 -32.21
N VAL B 454 -16.88 37.27 -33.26
CA VAL B 454 -18.32 37.27 -33.23
C VAL B 454 -18.89 36.26 -32.25
N LEU B 455 -18.16 35.17 -32.03
CA LEU B 455 -18.72 34.08 -31.27
C LEU B 455 -18.62 34.41 -29.80
N ASN B 456 -17.52 35.07 -29.43
CA ASN B 456 -17.39 35.67 -28.12
C ASN B 456 -18.43 36.77 -27.80
N CYS B 457 -19.17 37.29 -28.78
CA CYS B 457 -20.20 38.28 -28.49
C CYS B 457 -21.49 37.60 -28.33
N GLY B 458 -21.53 36.28 -28.42
CA GLY B 458 -22.80 35.61 -28.28
C GLY B 458 -23.66 35.69 -29.54
N GLU B 459 -23.03 36.06 -30.65
CA GLU B 459 -23.75 36.24 -31.92
C GLU B 459 -23.34 35.24 -32.99
N GLU B 460 -24.23 35.09 -33.99
CA GLU B 460 -24.09 34.11 -35.06
C GLU B 460 -22.89 34.38 -35.98
N PRO B 461 -21.88 33.52 -35.95
CA PRO B 461 -20.59 33.92 -36.49
C PRO B 461 -20.65 33.82 -38.03
N SER B 462 -21.32 32.79 -38.52
CA SER B 462 -21.42 32.56 -39.96
C SER B 462 -22.29 33.68 -40.63
N VAL B 463 -23.33 34.12 -39.93
CA VAL B 463 -24.19 35.21 -40.41
C VAL B 463 -23.42 36.53 -40.49
N VAL B 464 -22.63 36.87 -39.48
CA VAL B 464 -21.77 38.04 -39.62
C VAL B 464 -20.81 37.85 -40.79
N ALA B 465 -20.11 36.72 -40.85
CA ALA B 465 -19.13 36.49 -41.92
C ALA B 465 -19.78 36.60 -43.31
N ASN B 466 -20.91 35.94 -43.53
CA ASN B 466 -21.58 36.06 -44.79
C ASN B 466 -21.74 37.52 -45.19
N THR B 467 -22.24 38.35 -44.27
CA THR B 467 -22.44 39.77 -44.62
C THR B 467 -21.16 40.62 -44.70
N VAL B 468 -20.10 40.31 -43.99
CA VAL B 468 -18.87 41.03 -44.24
C VAL B 468 -18.31 40.65 -45.63
N LYS B 469 -18.46 39.38 -45.98
CA LYS B 469 -17.94 38.87 -47.26
C LYS B 469 -18.80 39.38 -48.41
N GLY B 470 -20.01 39.84 -48.11
CA GLY B 470 -20.80 40.50 -49.13
C GLY B 470 -20.31 41.90 -49.49
N GLY B 471 -19.46 42.47 -48.65
CA GLY B 471 -19.00 43.85 -48.79
C GLY B 471 -17.69 43.95 -49.53
N ASP B 472 -17.01 45.09 -49.41
CA ASP B 472 -15.70 45.31 -50.05
C ASP B 472 -14.77 46.17 -49.24
N GLY B 473 -13.52 46.25 -49.68
CA GLY B 473 -12.51 47.06 -49.00
C GLY B 473 -12.51 46.92 -47.50
N ASN B 474 -12.74 48.01 -46.80
CA ASN B 474 -12.61 48.06 -45.37
C ASN B 474 -13.92 47.93 -44.63
N TYR B 475 -14.93 47.37 -45.28
CA TYR B 475 -16.23 47.21 -44.61
C TYR B 475 -16.12 46.04 -43.67
N GLY B 476 -16.58 46.22 -42.43
CA GLY B 476 -16.46 45.17 -41.43
C GLY B 476 -17.53 45.24 -40.38
N TYR B 477 -17.42 44.40 -39.35
CA TYR B 477 -18.36 44.36 -38.24
C TYR B 477 -17.67 45.02 -37.12
N ASN B 478 -18.41 45.89 -36.44
CA ASN B 478 -17.91 46.51 -35.21
C ASN B 478 -18.57 45.83 -34.03
N ALA B 479 -17.81 44.91 -33.42
CA ALA B 479 -18.32 44.04 -32.35
C ALA B 479 -18.71 44.83 -31.12
N ALA B 480 -17.95 45.89 -30.83
CA ALA B 480 -18.29 46.80 -29.75
C ALA B 480 -19.71 47.34 -29.89
N THR B 481 -20.01 47.95 -31.03
CA THR B 481 -21.27 48.66 -31.19
C THR B 481 -22.33 47.82 -31.88
N GLU B 482 -21.98 46.63 -32.35
CA GLU B 482 -22.97 45.73 -32.98
C GLU B 482 -23.53 46.25 -34.31
N GLU B 483 -22.77 47.06 -35.04
CA GLU B 483 -23.20 47.44 -36.38
C GLU B 483 -22.05 47.51 -37.39
N TYR B 484 -22.38 47.29 -38.66
CA TYR B 484 -21.36 47.20 -39.73
C TYR B 484 -20.94 48.60 -40.19
N GLY B 485 -19.79 48.73 -40.82
CA GLY B 485 -19.27 50.03 -41.23
C GLY B 485 -17.87 49.94 -41.78
N ASN B 486 -17.25 51.08 -42.02
CA ASN B 486 -15.90 51.09 -42.50
C ASN B 486 -14.93 51.03 -41.31
N MET B 487 -14.17 49.93 -41.19
CA MET B 487 -13.33 49.72 -39.99
C MET B 487 -12.29 50.82 -39.77
N ILE B 488 -11.70 51.36 -40.83
CA ILE B 488 -10.69 52.39 -40.63
C ILE B 488 -11.32 53.68 -40.11
N ASP B 489 -12.56 53.94 -40.55
CA ASP B 489 -13.30 55.13 -40.14
C ASP B 489 -13.73 54.99 -38.70
N MET B 490 -14.06 53.77 -38.29
CA MET B 490 -14.45 53.56 -36.91
C MET B 490 -13.25 53.40 -35.98
N GLY B 491 -12.04 53.55 -36.50
CA GLY B 491 -10.87 53.48 -35.67
C GLY B 491 -10.42 52.08 -35.26
N ILE B 492 -11.08 51.05 -35.77
CA ILE B 492 -10.69 49.68 -35.53
C ILE B 492 -9.57 49.19 -36.45
N LEU B 493 -8.33 49.59 -36.18
CA LEU B 493 -7.17 49.16 -37.00
C LEU B 493 -6.25 48.17 -36.28
N ASP B 494 -5.89 47.03 -36.90
CA ASP B 494 -4.74 46.18 -36.45
C ASP B 494 -3.46 46.54 -37.19
N PRO B 495 -2.30 46.43 -36.55
CA PRO B 495 -1.05 46.74 -37.25
C PRO B 495 -0.71 45.60 -38.19
N THR B 496 -0.14 45.95 -39.36
CA THR B 496 0.08 44.96 -40.41
C THR B 496 1.05 43.88 -39.92
N LYS B 497 2.20 44.33 -39.43
CA LYS B 497 3.18 43.43 -38.86
C LYS B 497 2.52 42.39 -37.93
N VAL B 498 1.65 42.80 -37.02
CA VAL B 498 1.00 41.77 -36.26
C VAL B 498 0.11 40.86 -37.07
N THR B 499 -0.73 41.36 -37.97
CA THR B 499 -1.61 40.41 -38.67
C THR B 499 -0.81 39.40 -39.50
N ARG B 500 0.20 39.92 -40.18
CA ARG B 500 1.11 39.13 -41.00
C ARG B 500 1.72 38.05 -40.12
N SER B 501 2.34 38.49 -39.02
CA SER B 501 3.07 37.63 -38.10
C SER B 501 2.17 36.58 -37.50
N ALA B 502 0.97 36.94 -37.06
CA ALA B 502 0.04 35.91 -36.64
C ALA B 502 0.03 34.85 -37.71
N LEU B 503 -0.31 35.24 -38.94
CA LEU B 503 -0.47 34.26 -40.02
C LEU B 503 0.75 33.41 -40.28
N GLN B 504 1.90 34.03 -40.44
CA GLN B 504 3.08 33.30 -40.80
C GLN B 504 3.37 32.19 -39.77
N TYR B 505 3.31 32.54 -38.49
CA TYR B 505 3.63 31.61 -37.42
C TYR B 505 2.60 30.52 -37.27
N ALA B 506 1.33 30.85 -37.25
CA ALA B 506 0.38 29.76 -37.14
C ALA B 506 0.63 28.80 -38.26
N ALA B 507 0.83 29.32 -39.49
CA ALA B 507 0.97 28.47 -40.71
C ALA B 507 2.17 27.56 -40.56
N SER B 508 3.28 28.17 -40.16
CA SER B 508 4.47 27.42 -39.92
C SER B 508 4.23 26.23 -39.00
N VAL B 509 3.77 26.45 -37.78
CA VAL B 509 3.53 25.30 -36.92
C VAL B 509 2.45 24.39 -37.48
N ALA B 510 1.25 24.87 -37.71
CA ALA B 510 0.16 23.94 -38.10
C ALA B 510 0.47 23.14 -39.39
N GLY B 511 1.30 23.76 -40.26
CA GLY B 511 1.70 23.15 -41.49
C GLY B 511 2.43 21.86 -41.18
N LEU B 512 3.51 21.96 -40.40
CA LEU B 512 4.22 20.78 -39.87
C LEU B 512 3.32 19.80 -39.15
N MET B 513 2.47 20.33 -38.31
CA MET B 513 1.66 19.53 -37.42
C MET B 513 0.80 18.52 -38.17
N ILE B 514 0.26 18.92 -39.30
CA ILE B 514 -0.65 18.03 -40.00
C ILE B 514 0.04 16.90 -40.76
N THR B 515 1.37 16.94 -40.83
CA THR B 515 2.12 15.91 -41.53
C THR B 515 2.56 14.78 -40.60
N THR B 516 1.93 14.67 -39.44
CA THR B 516 2.36 13.78 -38.37
C THR B 516 1.75 12.42 -38.57
N GLU B 517 2.58 11.39 -38.63
CA GLU B 517 2.06 10.05 -38.81
C GLU B 517 2.36 9.18 -37.59
N CYS B 518 3.33 9.61 -36.80
CA CYS B 518 3.71 8.85 -35.64
C CYS B 518 4.21 9.73 -34.51
N MET B 519 3.91 9.35 -33.27
CA MET B 519 4.29 10.15 -32.11
C MET B 519 4.99 9.28 -31.08
N VAL B 520 6.07 9.81 -30.52
CA VAL B 520 6.90 9.06 -29.58
C VAL B 520 7.10 9.83 -28.30
N THR B 521 6.60 9.28 -27.19
CA THR B 521 6.68 9.90 -25.85
C THR B 521 6.92 8.89 -24.74
N ASP B 522 7.16 9.39 -23.51
CA ASP B 522 7.30 8.57 -22.31
C ASP B 522 6.02 7.88 -21.87
N LEU B 523 6.16 6.81 -21.11
CA LEU B 523 5.03 6.06 -20.60
C LEU B 523 4.34 6.80 -19.45
N PRO B 524 3.02 6.64 -19.34
CA PRO B 524 2.22 7.26 -18.28
C PRO B 524 2.58 6.82 -16.83
N ALA C 1 3.74 21.28 -13.84
CA ALA C 1 2.77 20.17 -13.61
C ALA C 1 1.63 20.28 -14.61
N ALA C 2 1.05 19.14 -14.96
CA ALA C 2 -0.22 19.10 -15.63
C ALA C 2 -1.23 19.97 -14.89
N LYS C 3 -2.00 20.74 -15.65
CA LYS C 3 -3.00 21.66 -15.15
C LYS C 3 -4.41 21.16 -15.36
N ASP C 4 -5.30 21.58 -14.48
CA ASP C 4 -6.74 21.36 -14.65
C ASP C 4 -7.30 22.67 -15.22
N VAL C 5 -8.15 22.59 -16.24
CA VAL C 5 -8.77 23.79 -16.76
C VAL C 5 -10.28 23.66 -16.82
N LYS C 6 -10.96 24.68 -16.29
CA LYS C 6 -12.41 24.66 -16.20
C LYS C 6 -12.96 25.88 -16.87
N PHE C 7 -14.12 25.71 -17.50
CA PHE C 7 -14.71 26.76 -18.30
C PHE C 7 -16.08 27.22 -17.85
N GLY C 8 -16.33 28.51 -18.06
CA GLY C 8 -17.65 29.06 -18.01
C GLY C 8 -18.30 28.89 -16.66
N ASN C 9 -19.49 28.32 -16.68
CA ASN C 9 -20.25 28.20 -15.46
C ASN C 9 -19.53 27.35 -14.42
N ASP C 10 -18.97 26.21 -14.82
CA ASP C 10 -18.28 25.37 -13.86
C ASP C 10 -17.19 26.11 -13.17
N ALA C 11 -16.33 26.78 -13.93
CA ALA C 11 -15.26 27.55 -13.31
C ALA C 11 -15.84 28.48 -12.25
N ARG C 12 -16.95 29.13 -12.61
CA ARG C 12 -17.54 30.23 -11.83
C ARG C 12 -18.22 29.73 -10.55
N VAL C 13 -19.04 28.70 -10.65
CA VAL C 13 -19.61 28.10 -9.46
C VAL C 13 -18.49 27.77 -8.44
N LYS C 14 -17.45 27.07 -8.88
CA LYS C 14 -16.31 26.83 -8.01
C LYS C 14 -15.70 28.13 -7.48
N MET C 15 -15.44 29.10 -8.32
CA MET C 15 -14.81 30.34 -7.85
C MET C 15 -15.61 30.99 -6.73
N LEU C 16 -16.94 30.85 -6.81
CA LEU C 16 -17.83 31.55 -5.92
C LEU C 16 -17.79 30.82 -4.59
N ARG C 17 -17.97 29.50 -4.64
CA ARG C 17 -17.83 28.67 -3.43
C ARG C 17 -16.61 29.06 -2.61
N GLY C 18 -15.52 29.34 -3.29
CA GLY C 18 -14.30 29.77 -2.64
C GLY C 18 -14.53 31.06 -1.91
N VAL C 19 -14.91 32.10 -2.65
CA VAL C 19 -15.28 33.40 -2.08
C VAL C 19 -16.19 33.24 -0.85
N ASN C 20 -17.30 32.54 -1.00
CA ASN C 20 -18.14 32.34 0.15
C ASN C 20 -17.46 31.83 1.44
N VAL C 21 -16.68 30.77 1.34
CA VAL C 21 -16.02 30.23 2.52
C VAL C 21 -15.23 31.32 3.23
N LEU C 22 -14.41 32.06 2.48
CA LEU C 22 -13.68 33.16 3.06
C LEU C 22 -14.66 34.23 3.55
N ALA C 23 -15.51 34.75 2.67
CA ALA C 23 -16.53 35.74 3.08
C ALA C 23 -17.28 35.32 4.32
N ASP C 24 -17.91 34.15 4.30
CA ASP C 24 -18.60 33.66 5.51
C ASP C 24 -17.78 33.62 6.80
N ALA C 25 -16.51 33.29 6.72
CA ALA C 25 -15.72 33.27 7.93
C ALA C 25 -15.44 34.69 8.36
N VAL C 26 -15.45 35.64 7.44
CA VAL C 26 -15.04 36.97 7.86
C VAL C 26 -16.27 37.75 8.39
N LYS C 27 -17.40 37.52 7.72
CA LYS C 27 -18.66 38.14 7.99
C LYS C 27 -19.09 38.04 9.43
N VAL C 28 -18.70 36.94 10.14
CA VAL C 28 -19.33 36.70 11.44
C VAL C 28 -18.85 37.70 12.46
N THR C 29 -17.85 38.47 12.08
CA THR C 29 -17.26 39.40 13.01
C THR C 29 -17.70 40.82 12.79
N LEU C 30 -18.50 41.08 11.76
CA LEU C 30 -18.88 42.46 11.45
C LEU C 30 -19.85 43.08 12.45
N GLY C 31 -19.49 44.26 12.96
CA GLY C 31 -20.41 45.00 13.79
C GLY C 31 -20.36 44.80 15.28
N PRO C 32 -21.09 45.61 16.02
CA PRO C 32 -21.05 45.51 17.49
C PRO C 32 -21.52 44.17 18.03
N LYS C 33 -22.50 43.49 17.42
CA LYS C 33 -22.86 42.12 17.81
C LYS C 33 -22.12 41.08 16.95
N GLY C 34 -20.94 41.49 16.49
CA GLY C 34 -20.00 40.58 15.88
C GLY C 34 -19.43 39.62 16.92
N ARG C 35 -19.17 38.39 16.48
CA ARG C 35 -18.59 37.33 17.29
C ARG C 35 -17.13 37.12 16.88
N ASN C 36 -16.41 36.24 17.57
CA ASN C 36 -15.02 36.02 17.23
C ASN C 36 -14.81 34.78 16.41
N VAL C 37 -13.64 34.72 15.77
CA VAL C 37 -13.18 33.54 15.06
C VAL C 37 -11.92 33.05 15.75
N VAL C 38 -11.81 31.73 15.89
CA VAL C 38 -10.59 31.11 16.43
C VAL C 38 -9.68 30.62 15.33
N LEU C 39 -8.43 31.07 15.37
CA LEU C 39 -7.45 30.73 14.35
C LEU C 39 -6.30 29.87 14.88
N ASP C 40 -6.32 28.59 14.51
CA ASP C 40 -5.26 27.68 14.88
C ASP C 40 -3.87 28.13 14.48
N LYS C 41 -2.87 27.64 15.18
CA LYS C 41 -1.49 28.00 14.95
C LYS C 41 -0.70 26.89 15.66
N SER C 42 -0.11 25.94 14.91
CA SER C 42 0.68 24.88 15.55
C SER C 42 1.66 25.53 16.55
N PHE C 43 2.57 26.34 15.99
CA PHE C 43 3.40 27.36 16.69
C PHE C 43 3.08 27.57 18.18
N GLY C 44 2.05 28.37 18.48
CA GLY C 44 1.69 28.69 19.87
C GLY C 44 0.25 28.28 20.19
N ALA C 45 -0.39 29.00 21.11
CA ALA C 45 -1.79 28.76 21.39
C ALA C 45 -2.56 29.33 20.23
N PRO C 46 -3.78 28.87 19.98
CA PRO C 46 -4.65 29.54 19.04
C PRO C 46 -4.86 31.01 19.36
N THR C 47 -5.45 31.70 18.41
CA THR C 47 -5.64 33.13 18.47
C THR C 47 -7.14 33.35 18.44
N ILE C 48 -7.66 34.18 19.33
CA ILE C 48 -9.03 34.61 19.16
C ILE C 48 -8.97 35.99 18.52
N THR C 49 -9.82 36.26 17.54
CA THR C 49 -9.75 37.55 16.85
C THR C 49 -11.05 37.95 16.18
N LYS C 50 -11.32 39.27 16.21
CA LYS C 50 -12.47 39.88 15.53
C LYS C 50 -12.07 40.47 14.17
N ASP C 51 -10.75 40.63 14.00
CA ASP C 51 -10.13 41.42 12.96
C ASP C 51 -10.15 40.76 11.60
N GLY C 52 -10.98 41.30 10.74
CA GLY C 52 -11.33 40.68 9.46
C GLY C 52 -10.20 40.20 8.55
N VAL C 53 -9.13 40.99 8.49
CA VAL C 53 -8.01 40.66 7.64
C VAL C 53 -7.33 39.44 8.22
N SER C 54 -7.30 39.34 9.56
CA SER C 54 -6.62 38.24 10.21
C SER C 54 -7.26 36.91 9.91
N VAL C 55 -8.60 36.85 9.93
CA VAL C 55 -9.29 35.66 9.50
C VAL C 55 -8.95 35.38 8.04
N ALA C 56 -9.03 36.42 7.19
CA ALA C 56 -8.84 36.27 5.73
C ALA C 56 -7.53 35.63 5.36
N ARG C 57 -6.41 36.24 5.78
CA ARG C 57 -5.09 35.68 5.57
C ARG C 57 -4.88 34.18 5.94
N GLU C 58 -5.80 33.59 6.69
CA GLU C 58 -5.65 32.16 7.03
C GLU C 58 -6.45 31.24 6.13
N ILE C 59 -7.42 31.74 5.41
CA ILE C 59 -8.19 30.82 4.59
C ILE C 59 -7.38 30.39 3.37
N GLU C 60 -7.30 29.07 3.20
CA GLU C 60 -6.72 28.39 2.04
C GLU C 60 -7.56 27.13 1.87
N LEU C 61 -8.04 26.82 0.69
CA LEU C 61 -8.94 25.70 0.58
C LEU C 61 -8.29 24.51 -0.10
N GLU C 62 -8.95 23.35 -0.04
CA GLU C 62 -8.32 22.18 -0.62
C GLU C 62 -8.59 22.03 -2.10
N ASP C 63 -9.85 22.20 -2.49
CA ASP C 63 -10.27 22.23 -3.89
C ASP C 63 -9.60 23.41 -4.56
N LYS C 64 -8.82 23.14 -5.58
CA LYS C 64 -7.82 24.07 -6.02
C LYS C 64 -8.45 25.30 -6.65
N PHE C 65 -9.67 25.15 -7.16
CA PHE C 65 -10.40 26.21 -7.85
C PHE C 65 -11.04 27.10 -6.80
N GLU C 66 -11.76 26.48 -5.87
CA GLU C 66 -12.31 27.18 -4.72
C GLU C 66 -11.18 27.96 -4.11
N ASN C 67 -10.02 27.35 -3.94
CA ASN C 67 -8.90 28.08 -3.39
C ASN C 67 -8.67 29.42 -4.07
N MET C 68 -8.71 29.38 -5.40
CA MET C 68 -8.41 30.53 -6.24
C MET C 68 -9.40 31.67 -5.97
N GLY C 69 -10.68 31.32 -5.92
CA GLY C 69 -11.69 32.23 -5.41
C GLY C 69 -11.23 32.92 -4.13
N ALA C 70 -11.05 32.16 -3.06
CA ALA C 70 -10.65 32.73 -1.78
C ALA C 70 -9.35 33.51 -1.86
N GLN C 71 -8.40 33.05 -2.64
CA GLN C 71 -7.11 33.71 -2.64
C GLN C 71 -7.16 35.10 -3.28
N MET C 72 -8.22 35.33 -4.04
CA MET C 72 -8.38 36.59 -4.75
C MET C 72 -9.12 37.64 -3.90
N VAL C 73 -10.32 37.32 -3.41
CA VAL C 73 -11.01 38.19 -2.47
C VAL C 73 -10.14 38.50 -1.27
N LYS C 74 -9.31 37.55 -0.86
CA LYS C 74 -8.41 37.80 0.25
C LYS C 74 -7.64 39.13 0.04
N GLU C 75 -7.58 39.60 -1.19
CA GLU C 75 -6.78 40.77 -1.47
C GLU C 75 -7.52 42.07 -1.13
N VAL C 76 -8.84 42.04 -1.15
CA VAL C 76 -9.56 43.24 -0.81
C VAL C 76 -9.29 43.52 0.68
N ALA C 77 -9.55 42.49 1.51
CA ALA C 77 -9.39 42.62 2.97
C ALA C 77 -7.93 42.96 3.24
N SER C 78 -7.05 42.44 2.42
CA SER C 78 -5.66 42.70 2.66
C SER C 78 -5.29 44.14 2.34
N LYS C 79 -5.77 44.61 1.18
CA LYS C 79 -5.48 45.96 0.70
C LYS C 79 -6.11 47.07 1.58
N ALA C 80 -7.41 46.92 1.86
CA ALA C 80 -8.07 47.73 2.88
C ALA C 80 -7.14 47.98 4.08
N ASN C 81 -6.68 46.88 4.69
CA ASN C 81 -5.84 46.94 5.82
C ASN C 81 -4.58 47.81 5.64
N ASP C 82 -3.95 47.74 4.47
CA ASP C 82 -2.64 48.41 4.28
C ASP C 82 -2.77 49.90 4.13
N ALA C 83 -3.96 50.28 3.68
CA ALA C 83 -4.29 51.68 3.34
C ALA C 83 -4.97 52.37 4.52
N ALA C 84 -6.16 51.86 4.81
CA ALA C 84 -7.00 52.31 5.92
C ALA C 84 -6.45 51.95 7.31
N GLY C 85 -6.45 50.64 7.63
CA GLY C 85 -6.14 50.14 8.97
C GLY C 85 -7.41 49.53 9.59
N ASP C 86 -8.55 49.66 8.91
CA ASP C 86 -9.82 49.16 9.43
C ASP C 86 -10.76 48.96 8.24
N GLY C 87 -11.97 48.48 8.48
CA GLY C 87 -12.90 48.29 7.38
C GLY C 87 -12.71 47.05 6.52
N THR C 88 -11.72 46.20 6.90
CA THR C 88 -11.35 45.00 6.17
C THR C 88 -12.53 44.03 6.10
N THR C 89 -13.31 43.93 7.16
CA THR C 89 -14.50 43.10 7.06
C THR C 89 -15.49 43.71 6.09
N THR C 90 -15.70 45.02 6.18
CA THR C 90 -16.71 45.69 5.35
C THR C 90 -16.31 45.41 3.92
N ALA C 91 -15.06 45.83 3.62
CA ALA C 91 -14.47 45.58 2.32
C ALA C 91 -14.88 44.16 1.87
N THR C 92 -14.62 43.15 2.71
CA THR C 92 -14.84 41.78 2.29
C THR C 92 -16.29 41.55 1.97
N VAL C 93 -17.16 42.13 2.78
CA VAL C 93 -18.59 41.86 2.66
C VAL C 93 -19.19 42.51 1.39
N LEU C 94 -18.61 43.65 1.00
CA LEU C 94 -19.04 44.34 -0.19
C LEU C 94 -18.58 43.48 -1.33
N ALA C 95 -17.31 43.08 -1.29
CA ALA C 95 -16.73 42.28 -2.39
C ALA C 95 -17.54 41.03 -2.63
N GLN C 96 -17.97 40.38 -1.58
CA GLN C 96 -18.71 39.14 -1.78
C GLN C 96 -20.06 39.43 -2.43
N ALA C 97 -20.49 40.67 -2.29
CA ALA C 97 -21.87 41.04 -2.63
C ALA C 97 -21.91 41.41 -4.10
N ILE C 98 -20.91 42.21 -4.49
CA ILE C 98 -20.78 42.56 -5.87
C ILE C 98 -20.65 41.24 -6.70
N ILE C 99 -19.77 40.33 -6.25
CA ILE C 99 -19.51 39.06 -6.93
C ILE C 99 -20.81 38.27 -7.07
N THR C 100 -21.53 38.09 -5.97
CA THR C 100 -22.70 37.24 -6.02
C THR C 100 -23.65 37.80 -7.06
N GLU C 101 -23.78 39.13 -7.05
CA GLU C 101 -24.82 39.78 -7.85
C GLU C 101 -24.36 39.84 -9.29
N GLY C 102 -23.11 40.24 -9.48
CA GLY C 102 -22.41 40.08 -10.74
C GLY C 102 -22.68 38.74 -11.40
N LEU C 103 -22.14 37.65 -10.84
CA LEU C 103 -22.24 36.35 -11.49
C LEU C 103 -23.67 36.01 -11.81
N LYS C 104 -24.61 36.52 -11.01
CA LYS C 104 -26.01 36.23 -11.31
C LYS C 104 -26.41 36.87 -12.63
N ALA C 105 -25.86 38.06 -12.89
CA ALA C 105 -26.15 38.79 -14.12
C ALA C 105 -25.44 38.12 -15.28
N VAL C 106 -24.19 37.68 -15.06
CA VAL C 106 -23.44 37.01 -16.11
C VAL C 106 -24.21 35.79 -16.56
N ALA C 107 -24.86 35.14 -15.60
CA ALA C 107 -25.66 33.98 -15.91
C ALA C 107 -26.97 34.35 -16.63
N ALA C 108 -27.27 35.64 -16.66
CA ALA C 108 -28.47 36.14 -17.34
C ALA C 108 -28.21 36.43 -18.82
N GLY C 109 -26.95 36.25 -19.23
CA GLY C 109 -26.54 36.60 -20.58
C GLY C 109 -25.92 37.99 -20.77
N MET C 110 -25.85 38.77 -19.71
CA MET C 110 -25.12 40.03 -19.73
C MET C 110 -23.64 39.87 -20.06
N ASN C 111 -23.07 40.92 -20.62
CA ASN C 111 -21.66 40.96 -21.00
C ASN C 111 -20.77 41.37 -19.86
N PRO C 112 -19.97 40.48 -19.32
CA PRO C 112 -19.25 40.77 -18.07
C PRO C 112 -18.43 42.03 -18.16
N MET C 113 -17.74 42.24 -19.25
CA MET C 113 -16.84 43.39 -19.31
C MET C 113 -17.58 44.73 -19.19
N ASP C 114 -18.91 44.71 -19.46
CA ASP C 114 -19.77 45.87 -19.37
C ASP C 114 -20.23 46.01 -17.91
N LEU C 115 -20.63 44.87 -17.32
CA LEU C 115 -21.05 44.87 -15.93
C LEU C 115 -19.93 45.48 -15.14
N LYS C 116 -18.70 45.11 -15.45
CA LYS C 116 -17.57 45.74 -14.82
C LYS C 116 -17.53 47.27 -15.01
N ARG C 117 -17.65 47.76 -16.24
CA ARG C 117 -17.65 49.20 -16.52
C ARG C 117 -18.73 49.93 -15.69
N GLY C 118 -19.87 49.30 -15.51
CA GLY C 118 -20.97 49.87 -14.74
C GLY C 118 -20.56 50.00 -13.30
N ILE C 119 -20.28 48.86 -12.63
CA ILE C 119 -19.72 48.80 -11.30
C ILE C 119 -18.69 49.89 -11.16
N ASP C 120 -17.73 49.98 -12.07
CA ASP C 120 -16.64 50.94 -11.84
C ASP C 120 -17.17 52.37 -11.82
N LYS C 121 -18.04 52.70 -12.76
CA LYS C 121 -18.62 54.03 -12.85
C LYS C 121 -19.42 54.33 -11.60
N ALA C 122 -20.24 53.36 -11.17
CA ALA C 122 -21.05 53.52 -9.95
C ALA C 122 -20.13 53.84 -8.79
N VAL C 123 -19.02 53.16 -8.70
CA VAL C 123 -18.05 53.42 -7.64
C VAL C 123 -17.38 54.80 -7.73
N THR C 124 -17.01 55.25 -8.93
CA THR C 124 -16.30 56.52 -9.05
C THR C 124 -17.19 57.64 -8.53
N ALA C 125 -18.49 57.39 -8.63
CA ALA C 125 -19.52 58.36 -8.30
C ALA C 125 -19.78 58.31 -6.79
N ALA C 126 -19.89 57.10 -6.27
CA ALA C 126 -20.01 56.89 -4.83
C ALA C 126 -18.81 57.51 -4.13
N VAL C 127 -17.62 57.41 -4.66
CA VAL C 127 -16.49 58.03 -4.00
C VAL C 127 -16.62 59.54 -3.91
N GLU C 128 -17.03 60.17 -5.02
CA GLU C 128 -17.33 61.59 -5.06
C GLU C 128 -18.38 61.97 -4.03
N GLU C 129 -19.46 61.19 -3.97
CA GLU C 129 -20.56 61.47 -3.10
C GLU C 129 -20.17 61.41 -1.64
N LEU C 130 -19.42 60.37 -1.25
CA LEU C 130 -18.76 60.32 0.06
C LEU C 130 -17.86 61.51 0.37
N LYS C 131 -17.09 62.02 -0.59
CA LYS C 131 -16.30 63.22 -0.26
C LYS C 131 -17.23 64.34 0.20
N ALA C 132 -18.48 64.29 -0.28
CA ALA C 132 -19.41 65.40 -0.08
C ALA C 132 -19.93 65.34 1.34
N LEU C 133 -20.50 64.18 1.69
CA LEU C 133 -20.97 63.80 3.02
C LEU C 133 -19.96 63.91 4.14
N SER C 134 -18.72 63.56 3.86
CA SER C 134 -17.70 63.67 4.88
C SER C 134 -17.68 65.08 5.47
N VAL C 135 -17.68 65.12 6.78
CA VAL C 135 -17.46 66.36 7.46
C VAL C 135 -16.14 66.17 8.19
N PRO C 136 -15.35 66.48 6.55
CA PRO C 136 -14.11 66.52 7.32
C PRO C 136 -14.31 66.05 8.74
N CYS C 137 -13.24 65.68 9.42
CA CYS C 137 -13.30 65.23 10.81
C CYS C 137 -12.08 65.79 11.52
N SER C 138 -12.29 66.80 12.36
CA SER C 138 -11.16 67.56 12.88
C SER C 138 -11.23 67.82 14.38
N ASP C 139 -12.44 67.98 14.92
CA ASP C 139 -12.66 68.13 16.37
C ASP C 139 -12.45 66.80 17.12
N SER C 140 -11.85 66.90 18.31
CA SER C 140 -11.62 65.78 19.21
C SER C 140 -12.84 64.89 19.40
N LYS C 141 -14.06 65.42 19.39
CA LYS C 141 -15.24 64.58 19.62
C LYS C 141 -15.44 63.59 18.52
N ALA C 142 -15.30 64.06 17.28
CA ALA C 142 -15.47 63.22 16.10
C ALA C 142 -14.40 62.14 16.03
N ILE C 143 -13.16 62.53 16.32
CA ILE C 143 -12.04 61.59 16.33
C ILE C 143 -12.26 60.47 17.35
N ALA C 144 -12.62 60.83 18.57
CA ALA C 144 -12.91 59.85 19.59
C ALA C 144 -13.96 58.88 19.12
N GLN C 145 -14.91 59.37 18.37
CA GLN C 145 -15.95 58.49 17.82
C GLN C 145 -15.43 57.44 16.84
N VAL C 146 -14.63 57.84 15.85
CA VAL C 146 -14.17 56.82 14.92
C VAL C 146 -13.37 55.77 15.70
N GLY C 147 -12.49 56.26 16.58
CA GLY C 147 -11.72 55.42 17.49
C GLY C 147 -12.58 54.44 18.24
N THR C 148 -13.65 54.92 18.83
CA THR C 148 -14.57 54.06 19.54
C THR C 148 -15.21 52.96 18.70
N ILE C 149 -15.67 53.28 17.50
CA ILE C 149 -16.38 52.27 16.68
C ILE C 149 -15.41 51.22 16.14
N SER C 150 -14.22 51.73 15.86
CA SER C 150 -13.09 50.97 15.44
C SER C 150 -12.71 49.94 16.48
N ALA C 151 -12.74 50.34 17.75
CA ALA C 151 -12.36 49.47 18.85
C ALA C 151 -13.55 48.69 19.38
N ASN C 152 -14.46 48.28 18.50
CA ASN C 152 -15.68 47.57 18.86
C ASN C 152 -16.47 48.23 20.00
N SER C 153 -16.76 49.52 19.85
CA SER C 153 -17.64 50.24 20.79
C SER C 153 -17.00 50.37 22.15
N ASP C 154 -15.70 50.67 22.17
CA ASP C 154 -14.97 50.82 23.43
C ASP C 154 -14.58 52.28 23.63
N GLU C 155 -15.42 52.98 24.40
CA GLU C 155 -15.31 54.41 24.64
C GLU C 155 -13.94 54.89 25.11
N THR C 156 -13.26 54.06 25.90
CA THR C 156 -11.99 54.43 26.50
C THR C 156 -10.89 54.56 25.48
N VAL C 157 -10.92 53.67 24.50
CA VAL C 157 -9.92 53.68 23.43
C VAL C 157 -10.08 54.94 22.59
N GLY C 158 -11.34 55.29 22.33
CA GLY C 158 -11.67 56.51 21.61
C GLY C 158 -11.03 57.67 22.34
N LYS C 159 -11.51 57.87 23.56
CA LYS C 159 -11.04 58.94 24.45
C LYS C 159 -9.52 59.03 24.48
N LEU C 160 -8.87 57.88 24.55
CA LEU C 160 -7.45 57.79 24.76
C LEU C 160 -6.65 58.24 23.54
N ILE C 161 -7.12 57.84 22.37
CA ILE C 161 -6.52 58.25 21.10
C ILE C 161 -6.77 59.74 20.83
N ALA C 162 -8.00 60.18 21.07
CA ALA C 162 -8.38 61.57 20.90
C ALA C 162 -7.47 62.47 21.72
N GLU C 163 -7.30 62.11 22.99
CA GLU C 163 -6.36 62.76 23.87
C GLU C 163 -4.93 62.75 23.33
N ALA C 164 -4.54 61.62 22.75
CA ALA C 164 -3.20 61.46 22.23
C ALA C 164 -2.90 62.49 21.15
N MET C 165 -3.72 62.49 20.09
CA MET C 165 -3.55 63.37 18.92
C MET C 165 -3.57 64.85 19.30
N ASP C 166 -4.41 65.17 20.28
CA ASP C 166 -4.48 66.48 20.91
C ASP C 166 -3.14 66.97 21.46
N LYS C 167 -2.35 66.06 22.05
CA LYS C 167 -1.11 66.44 22.70
C LYS C 167 0.13 66.39 21.80
N VAL C 168 0.21 65.40 20.92
CA VAL C 168 1.39 65.26 20.05
C VAL C 168 1.28 66.16 18.83
N GLY C 169 0.04 66.45 18.44
CA GLY C 169 -0.24 67.28 17.30
C GLY C 169 -0.67 66.46 16.09
N LYS C 170 -0.53 67.08 14.92
CA LYS C 170 -0.86 66.43 13.65
C LYS C 170 0.41 65.79 13.05
N GLU C 171 1.53 66.48 13.18
CA GLU C 171 2.81 65.97 12.70
C GLU C 171 3.53 65.10 13.74
N GLY C 172 2.76 64.44 14.61
CA GLY C 172 3.31 63.68 15.74
C GLY C 172 2.93 62.20 15.78
N VAL C 173 3.83 61.40 16.36
CA VAL C 173 3.69 59.95 16.33
C VAL C 173 3.08 59.37 17.59
N ILE C 174 2.24 58.34 17.43
CA ILE C 174 1.66 57.58 18.51
C ILE C 174 1.91 56.08 18.29
N THR C 175 2.60 55.44 19.23
CA THR C 175 2.81 54.00 19.18
C THR C 175 2.02 53.30 20.28
N VAL C 176 1.86 51.99 20.15
CA VAL C 176 1.10 51.19 21.12
C VAL C 176 1.87 49.92 21.53
N GLU C 177 2.05 49.75 22.85
CA GLU C 177 2.74 48.58 23.38
C GLU C 177 2.02 47.97 24.56
N ASP C 178 2.53 46.83 25.01
CA ASP C 178 1.96 46.11 26.15
C ASP C 178 2.24 46.90 27.42
N GLY C 179 1.21 47.04 28.23
CA GLY C 179 1.37 47.68 29.53
C GLY C 179 1.64 46.64 30.60
N THR C 180 2.03 47.10 31.79
CA THR C 180 2.25 46.17 32.89
C THR C 180 0.96 45.89 33.64
N GLY C 181 0.22 46.94 33.99
CA GLY C 181 -0.99 46.81 34.79
C GLY C 181 -2.22 46.33 34.05
N LEU C 182 -3.37 46.50 34.70
CA LEU C 182 -4.65 46.05 34.17
C LEU C 182 -5.31 47.12 33.33
N GLN C 183 -4.91 48.38 33.54
CA GLN C 183 -5.57 49.52 32.87
C GLN C 183 -4.65 50.16 31.84
N ASP C 184 -5.26 50.75 30.81
CA ASP C 184 -4.55 51.48 29.76
C ASP C 184 -3.86 52.74 30.29
N GLU C 185 -2.81 53.18 29.60
CA GLU C 185 -2.04 54.32 30.08
C GLU C 185 -1.40 55.10 28.95
N LEU C 186 -1.50 56.42 28.99
CA LEU C 186 -0.94 57.28 27.95
C LEU C 186 0.27 58.05 28.46
N ASP C 187 1.39 57.92 27.74
CA ASP C 187 2.63 58.61 28.10
C ASP C 187 3.00 59.58 27.00
N VAL C 188 3.27 60.83 27.37
CA VAL C 188 3.66 61.84 26.39
C VAL C 188 5.04 62.34 26.76
N VAL C 189 5.95 62.25 25.81
CA VAL C 189 7.31 62.76 26.01
C VAL C 189 7.47 64.15 25.42
N GLU C 190 7.83 65.08 26.31
CA GLU C 190 7.91 66.49 25.94
C GLU C 190 9.29 66.82 25.40
N GLY C 191 9.16 66.34 25.14
CA GLY C 191 10.38 66.78 24.47
C GLY C 191 10.88 65.72 23.53
N MET C 192 12.21 65.59 23.45
CA MET C 192 12.82 64.58 22.60
C MET C 192 13.50 63.47 23.39
N GLN C 193 13.29 62.23 22.95
CA GLN C 193 13.93 61.06 23.51
C GLN C 193 14.21 60.02 22.43
N PHE C 194 15.30 59.27 22.57
CA PHE C 194 15.69 58.23 21.61
C PHE C 194 16.22 56.96 22.29
N ASP C 195 16.16 55.85 21.56
CA ASP C 195 16.54 54.53 22.10
C ASP C 195 18.04 54.37 22.26
N ARG C 196 18.56 54.82 23.39
CA ARG C 196 19.99 54.69 23.68
C ARG C 196 20.32 54.77 25.17
N GLY C 197 20.99 53.75 25.67
CA GLY C 197 21.47 53.71 27.04
C GLY C 197 22.92 54.11 27.17
N TYR C 198 23.33 54.43 28.39
CA TYR C 198 24.72 54.76 28.69
C TYR C 198 25.64 53.58 28.37
N LEU C 199 26.83 53.90 27.88
CA LEU C 199 27.84 52.87 27.62
C LEU C 199 28.64 52.59 28.88
N SER C 200 28.63 53.58 29.77
CA SER C 200 29.35 53.50 31.04
C SER C 200 28.35 53.41 32.20
N PRO C 201 28.09 52.20 32.68
CA PRO C 201 27.15 52.00 33.80
C PRO C 201 27.65 52.60 35.11
N TYR C 202 28.97 52.77 35.22
CA TYR C 202 29.57 53.33 36.43
C TYR C 202 29.50 54.85 36.47
N PHE C 203 28.44 55.42 35.90
CA PHE C 203 28.30 56.87 35.84
C PHE C 203 27.04 57.40 36.54
N ILE C 204 26.04 56.53 36.68
CA ILE C 204 24.78 56.89 37.33
C ILE C 204 24.99 57.80 38.54
N ASN C 205 24.60 59.07 38.40
CA ASN C 205 24.72 60.03 39.49
C ASN C 205 23.46 60.11 40.38
N LYS C 206 22.54 59.16 40.17
CA LYS C 206 21.34 58.99 41.01
C LYS C 206 20.94 57.52 41.07
N PRO C 207 21.51 56.76 42.01
CA PRO C 207 21.24 55.31 42.12
C PRO C 207 19.79 54.96 42.43
N GLU C 208 18.96 55.97 42.70
CA GLU C 208 17.54 55.77 43.04
C GLU C 208 16.72 55.30 41.85
N THR C 209 16.85 56.00 40.72
CA THR C 209 16.18 55.62 39.48
C THR C 209 17.07 54.70 38.65
N GLY C 210 18.36 54.71 38.96
CA GLY C 210 19.36 54.00 38.17
C GLY C 210 19.58 54.72 36.86
N ALA C 211 19.68 56.05 36.94
CA ALA C 211 19.82 56.91 35.76
C ALA C 211 20.73 58.12 35.98
N VAL C 212 21.25 58.68 34.88
CA VAL C 212 22.15 59.84 34.91
C VAL C 212 21.37 61.15 34.70
N GLU C 213 21.53 62.09 35.62
CA GLU C 213 20.79 63.35 35.58
C GLU C 213 21.73 64.56 35.48
N LEU C 214 22.11 64.91 34.26
CA LEU C 214 23.03 66.03 34.03
C LEU C 214 22.33 67.39 34.01
N GLU C 215 22.66 68.21 34.99
CA GLU C 215 22.03 69.53 35.16
C GLU C 215 22.67 70.57 34.25
N SER C 216 21.85 71.13 33.36
CA SER C 216 22.25 72.20 32.42
C SER C 216 23.63 71.98 31.77
N PRO C 217 23.78 70.90 31.00
CA PRO C 217 25.09 70.50 30.47
C PRO C 217 25.35 70.95 29.03
N PHE C 218 26.59 70.75 28.59
CA PHE C 218 26.99 70.93 27.19
C PHE C 218 26.75 69.62 26.45
N ILE C 219 26.64 69.70 25.13
CA ILE C 219 26.44 68.50 24.32
C ILE C 219 27.40 68.44 23.15
N LEU C 220 28.17 67.35 23.09
CA LEU C 220 29.08 67.11 21.98
C LEU C 220 28.49 66.11 21.01
N LEU C 221 28.42 66.49 19.75
CA LEU C 221 27.89 65.62 18.71
C LEU C 221 29.00 65.15 17.78
N ALA C 222 29.47 63.95 18.04
CA ALA C 222 30.55 63.37 17.24
C ALA C 222 29.98 62.41 16.19
N ASP C 223 30.12 62.79 14.93
CA ASP C 223 29.67 61.95 13.82
C ASP C 223 30.50 60.67 13.73
N LYS C 224 31.82 60.80 13.80
CA LYS C 224 32.74 59.66 13.82
C LYS C 224 32.70 58.91 15.15
N LYS C 225 33.28 57.71 15.18
CA LYS C 225 33.36 56.91 16.40
C LYS C 225 34.66 57.19 17.18
N ILE C 226 34.53 57.35 18.50
CA ILE C 226 35.64 57.66 19.39
C ILE C 226 36.26 56.40 19.99
N SER C 227 37.59 56.41 20.14
CA SER C 227 38.30 55.34 20.82
C SER C 227 39.49 55.86 21.63
N ASN C 228 39.91 57.09 21.33
CA ASN C 228 41.09 57.70 21.95
C ASN C 228 40.80 58.95 22.76
N ILE C 229 41.42 59.04 23.95
CA ILE C 229 41.25 60.19 24.85
C ILE C 229 41.88 61.48 24.28
N ARG C 230 42.77 61.33 23.32
CA ARG C 230 43.48 62.42 22.68
C ARG C 230 42.53 63.51 22.14
N GLU C 231 41.61 63.11 21.26
CA GLU C 231 40.70 64.03 20.58
C GLU C 231 39.82 64.82 21.54
N MET C 232 39.62 64.28 22.74
CA MET C 232 38.77 64.89 23.74
C MET C 232 39.47 66.04 24.44
N LEU C 233 40.74 65.82 24.81
CA LEU C 233 41.50 66.75 25.64
C LEU C 233 41.23 68.23 25.39
N PRO C 234 41.35 68.69 24.15
CA PRO C 234 41.08 70.10 23.82
C PRO C 234 39.72 70.60 24.32
N VAL C 235 38.65 69.90 23.97
CA VAL C 235 37.29 70.31 24.34
C VAL C 235 36.96 69.93 25.78
N LEU C 236 37.30 68.71 26.16
CA LEU C 236 37.14 68.25 27.54
C LEU C 236 37.76 69.24 28.53
N GLU C 237 38.83 69.91 28.09
CA GLU C 237 39.50 70.93 28.89
C GLU C 237 38.65 72.18 29.10
N ALA C 238 38.13 72.75 28.02
CA ALA C 238 37.30 73.95 28.08
C ALA C 238 36.02 73.75 28.90
N VAL C 239 35.52 72.51 28.92
CA VAL C 239 34.36 72.12 29.74
C VAL C 239 34.75 71.98 31.22
N ALA C 240 35.97 71.53 31.47
CA ALA C 240 36.53 71.38 32.83
C ALA C 240 36.73 72.73 33.54
N LYS C 241 36.99 73.77 32.77
CA LYS C 241 37.20 75.11 33.29
C LYS C 241 35.95 75.98 33.14
N ALA C 242 34.82 75.33 32.85
CA ALA C 242 33.54 76.02 32.70
C ALA C 242 32.53 75.58 33.76
N GLY C 243 32.77 74.41 34.35
CA GLY C 243 31.94 73.90 35.42
C GLY C 243 30.82 72.98 34.98
N LYS C 244 30.08 73.39 33.96
CA LYS C 244 28.93 72.64 33.44
C LYS C 244 29.30 71.23 32.99
N PRO C 245 28.41 70.25 33.22
CA PRO C 245 28.61 68.87 32.73
C PRO C 245 28.61 68.76 31.21
N LEU C 246 28.86 67.56 30.68
CA LEU C 246 28.91 67.34 29.24
C LEU C 246 28.36 65.98 28.82
N LEU C 247 27.42 66.00 27.86
CA LEU C 247 26.95 64.78 27.24
C LEU C 247 27.65 64.60 25.90
N ILE C 248 28.07 63.37 25.63
CA ILE C 248 28.75 63.04 24.38
C ILE C 248 27.96 62.00 23.60
N ILE C 249 27.30 62.46 22.53
CA ILE C 249 26.61 61.56 21.61
C ILE C 249 27.49 61.34 20.39
N ALA C 250 28.19 60.20 20.38
CA ALA C 250 29.06 59.82 19.29
C ALA C 250 28.50 58.62 18.53
N GLU C 251 29.15 58.26 17.43
CA GLU C 251 28.85 57.03 16.71
C GLU C 251 29.08 55.84 17.65
N ASP C 252 30.18 55.92 18.42
CA ASP C 252 30.50 54.97 19.47
C ASP C 252 31.61 55.55 20.36
N VAL C 253 31.67 55.11 21.62
CA VAL C 253 32.78 55.43 22.52
C VAL C 253 33.26 54.14 23.17
N GLU C 254 34.56 53.85 23.04
CA GLU C 254 35.14 52.59 23.49
C GLU C 254 36.60 52.77 23.94
N GLY C 255 37.36 51.68 23.91
CA GLY C 255 38.76 51.70 24.27
C GLY C 255 39.02 52.29 25.64
N GLU C 256 40.17 52.91 25.81
CA GLU C 256 40.51 53.60 27.05
C GLU C 256 39.73 54.90 27.18
N ALA C 257 39.36 55.50 26.05
CA ALA C 257 38.57 56.73 26.05
C ALA C 257 37.38 56.61 27.00
N LEU C 258 36.54 55.62 26.75
CA LEU C 258 35.41 55.32 27.64
C LEU C 258 35.92 55.04 29.05
N ALA C 259 36.90 54.16 29.16
CA ALA C 259 37.46 53.76 30.45
C ALA C 259 37.95 54.96 31.27
N THR C 260 38.65 55.90 30.62
CA THR C 260 39.18 57.08 31.28
C THR C 260 38.04 58.00 31.72
N LEU C 261 37.12 58.27 30.79
CA LEU C 261 35.97 59.14 31.06
C LEU C 261 35.32 58.81 32.40
N VAL C 262 35.27 57.51 32.71
CA VAL C 262 34.73 57.04 33.99
C VAL C 262 35.52 57.63 35.15
N VAL C 263 36.84 57.37 35.17
CA VAL C 263 37.74 57.82 36.24
C VAL C 263 37.73 59.34 36.42
N ASN C 264 37.34 60.06 35.37
CA ASN C 264 37.30 61.52 35.39
C ASN C 264 36.08 62.07 36.12
N THR C 265 34.92 61.45 35.93
CA THR C 265 33.71 61.83 36.66
C THR C 265 33.66 61.20 38.04
N MET C 266 34.17 59.97 38.13
CA MET C 266 34.29 59.24 39.39
C MET C 266 35.04 60.07 40.44
N ARG C 267 36.02 60.86 39.99
CA ARG C 267 36.82 61.73 40.86
C ARG C 267 36.15 63.10 41.07
N GLY C 268 35.44 63.57 40.05
CA GLY C 268 34.80 64.88 40.10
C GLY C 268 35.58 65.93 39.32
N ILE C 269 36.42 65.47 38.39
CA ILE C 269 37.18 66.37 37.52
C ILE C 269 36.23 67.04 36.53
N VAL C 270 35.42 66.22 35.86
CA VAL C 270 34.37 66.68 34.94
C VAL C 270 33.18 65.74 35.08
N LYS C 271 31.99 66.22 34.72
CA LYS C 271 30.82 65.35 34.66
C LYS C 271 30.48 65.04 33.21
N VAL C 272 30.78 63.82 32.76
CA VAL C 272 30.66 63.46 31.33
C VAL C 272 29.95 62.13 31.04
N ALA C 273 28.98 62.18 30.14
CA ALA C 273 28.19 61.00 29.75
C ALA C 273 28.49 60.55 28.33
N ALA C 274 28.35 59.25 28.11
CA ALA C 274 28.62 58.67 26.80
C ALA C 274 27.51 57.74 26.35
N VAL C 275 26.88 58.09 25.24
CA VAL C 275 25.81 57.29 24.63
C VAL C 275 25.98 57.22 23.11
N LYS C 276 25.67 56.06 22.54
CA LYS C 276 25.75 55.86 21.08
C LYS C 276 24.79 56.81 20.35
N ALA C 277 24.88 56.84 19.03
CA ALA C 277 24.01 57.67 18.22
C ALA C 277 22.70 56.95 17.90
N PRO C 278 21.59 57.71 17.89
CA PRO C 278 20.29 57.14 17.53
C PRO C 278 20.22 56.81 16.04
N GLY C 279 20.12 55.52 15.73
CA GLY C 279 20.01 55.09 14.34
C GLY C 279 21.18 54.28 13.82
N PHE C 280 21.24 54.21 12.49
CA PHE C 280 22.15 53.31 11.77
C PHE C 280 22.24 53.77 10.33
N GLY C 281 23.43 53.69 9.74
CA GLY C 281 23.64 54.14 8.37
C GLY C 281 23.44 55.63 8.19
N ASP C 282 22.86 56.01 7.05
CA ASP C 282 22.66 57.41 6.67
C ASP C 282 21.60 58.10 7.50
N ARG C 283 20.72 57.30 8.10
CA ARG C 283 19.69 57.77 9.00
C ARG C 283 20.27 58.36 10.28
N ARG C 284 21.38 57.77 10.74
CA ARG C 284 22.05 58.21 11.96
C ARG C 284 22.48 59.67 11.88
N LYS C 285 23.26 59.99 10.86
CA LYS C 285 23.77 61.34 10.64
C LYS C 285 22.63 62.33 10.43
N ALA C 286 21.57 61.85 9.79
CA ALA C 286 20.35 62.63 9.64
C ALA C 286 19.79 62.99 11.01
N MET C 287 19.54 61.97 11.85
CA MET C 287 18.97 62.16 13.19
C MET C 287 19.91 62.91 14.14
N LEU C 288 21.20 62.67 14.00
CA LEU C 288 22.21 63.35 14.81
C LEU C 288 22.18 64.85 14.57
N GLN C 289 21.97 65.22 13.31
CA GLN C 289 21.84 66.62 12.93
C GLN C 289 20.63 67.26 13.62
N ASP C 290 19.52 66.54 13.66
CA ASP C 290 18.30 67.02 14.31
C ASP C 290 18.57 67.48 15.73
N ILE C 291 19.42 66.74 16.43
CA ILE C 291 19.74 67.02 17.82
C ILE C 291 20.52 68.33 17.94
N ALA C 292 21.40 68.58 16.99
CA ALA C 292 22.20 69.80 16.96
C ALA C 292 21.33 71.04 16.87
N THR C 293 20.30 70.96 16.04
CA THR C 293 19.35 72.06 15.86
C THR C 293 18.61 72.41 17.15
N LEU C 294 18.13 71.40 17.87
CA LEU C 294 17.38 71.60 19.11
C LEU C 294 18.25 72.14 20.25
N THR C 295 19.56 71.99 20.14
CA THR C 295 20.48 72.34 21.22
C THR C 295 21.43 73.49 20.89
N GLY C 296 21.46 73.89 19.61
CA GLY C 296 22.33 74.97 19.15
C GLY C 296 23.80 74.60 19.10
N GLY C 297 24.09 73.37 18.67
CA GLY C 297 25.45 72.90 18.50
C GLY C 297 25.76 72.52 17.06
N THR C 298 27.02 72.22 16.80
CA THR C 298 27.45 71.81 15.46
C THR C 298 27.82 70.33 15.50
N VAL C 299 27.37 69.58 14.49
CA VAL C 299 27.80 68.21 14.30
C VAL C 299 29.26 68.22 13.87
N ILE C 300 30.12 67.57 14.65
CA ILE C 300 31.53 67.43 14.28
C ILE C 300 31.65 66.19 13.38
N SER C 301 31.46 66.42 12.08
CA SER C 301 31.45 65.37 11.09
C SER C 301 32.84 65.19 10.49
N GLU C 302 33.41 64.02 10.74
CA GLU C 302 34.75 63.69 10.25
C GLU C 302 34.82 63.65 8.73
N GLU C 303 33.70 63.27 8.11
CA GLU C 303 33.60 63.18 6.65
C GLU C 303 33.78 64.52 5.97
N ILE C 304 33.17 65.57 6.51
CA ILE C 304 33.21 66.89 5.89
C ILE C 304 34.31 67.81 6.42
N GLY C 305 35.52 67.26 6.53
CA GLY C 305 36.73 68.02 6.84
C GLY C 305 36.75 68.68 8.20
N MET C 306 36.53 67.88 9.25
CA MET C 306 36.57 68.38 10.61
C MET C 306 37.26 67.39 11.53
N GLU C 307 38.12 67.91 12.40
CA GLU C 307 38.74 67.09 13.43
C GLU C 307 38.00 67.30 14.74
N LEU C 308 37.94 66.25 15.54
CA LEU C 308 37.27 66.30 16.84
C LEU C 308 38.04 67.21 17.80
N GLU C 309 39.35 67.36 17.54
CA GLU C 309 40.24 68.11 18.42
C GLU C 309 40.19 69.62 18.19
N LYS C 310 39.83 70.02 16.98
CA LYS C 310 39.79 71.44 16.64
C LYS C 310 38.49 72.13 17.10
N ALA C 311 37.66 71.40 17.84
CA ALA C 311 36.41 71.94 18.36
C ALA C 311 36.63 72.78 19.63
N THR C 312 35.77 73.78 19.82
CA THR C 312 35.75 74.59 21.04
C THR C 312 34.35 74.60 21.63
N LEU C 313 34.16 75.32 22.74
CA LEU C 313 32.86 75.45 23.38
C LEU C 313 31.77 75.93 22.42
N GLU C 314 32.21 76.66 21.40
CA GLU C 314 31.37 77.18 20.32
C GLU C 314 30.45 76.11 19.71
N ASP C 315 31.03 74.97 19.35
CA ASP C 315 30.32 73.93 18.60
C ASP C 315 29.48 72.99 19.46
N LEU C 316 29.53 73.18 20.77
CA LEU C 316 28.77 72.34 21.69
C LEU C 316 27.34 72.82 21.85
N GLY C 317 26.40 71.87 21.84
CA GLY C 317 25.01 72.15 22.11
C GLY C 317 24.80 72.36 23.59
N GLN C 318 23.61 72.83 23.97
CA GLN C 318 23.26 73.06 25.38
C GLN C 318 21.79 72.80 25.67
N ALA C 319 21.53 72.23 26.85
CA ALA C 319 20.17 71.90 27.27
C ALA C 319 19.88 72.33 28.70
N LYS C 320 18.60 72.43 29.04
CA LYS C 320 18.16 72.74 30.40
C LYS C 320 18.46 71.58 31.35
N ARG C 321 18.21 70.35 30.87
CA ARG C 321 18.42 69.12 31.66
C ARG C 321 18.56 67.89 30.76
N VAL C 322 19.19 66.84 31.28
CA VAL C 322 19.39 65.58 30.55
C VAL C 322 19.13 64.37 31.45
N VAL C 323 18.40 63.38 30.93
CA VAL C 323 18.10 62.14 31.66
C VAL C 323 18.46 60.89 30.83
N ILE C 324 19.38 60.08 31.35
CA ILE C 324 19.85 58.87 30.66
C ILE C 324 19.74 57.63 31.55
N ASN C 325 19.03 56.61 31.07
CA ASN C 325 19.04 55.30 31.74
C ASN C 325 19.62 54.22 30.85
N LYS C 326 19.56 52.96 31.33
CA LYS C 326 20.11 51.80 30.62
C LYS C 326 19.61 51.64 29.18
N ASP C 327 18.47 52.23 28.86
CA ASP C 327 17.82 52.02 27.57
C ASP C 327 17.56 53.28 26.74
N THR C 328 17.24 54.40 27.38
CA THR C 328 16.88 55.63 26.65
C THR C 328 17.51 56.92 27.17
N THR C 329 17.77 57.84 26.25
CA THR C 329 18.32 59.15 26.57
C THR C 329 17.31 60.24 26.22
N THR C 330 17.18 61.21 27.13
CA THR C 330 16.19 62.27 26.98
C THR C 330 16.83 63.66 27.15
N ILE C 331 16.54 64.53 26.19
CA ILE C 331 16.94 65.93 26.29
C ILE C 331 15.69 66.74 26.60
N ILE C 332 15.69 67.35 27.78
CA ILE C 332 14.62 68.26 28.19
C ILE C 332 15.01 69.68 27.85
N ASP C 333 14.34 70.25 26.84
CA ASP C 333 14.42 71.67 26.53
C ASP C 333 15.85 72.16 26.22
N GLY C 334 16.27 72.03 24.95
CA GLY C 334 17.57 72.53 24.52
C GLY C 334 17.54 74.03 24.21
N VAL C 335 18.71 74.64 24.00
CA VAL C 335 18.81 76.07 23.70
C VAL C 335 18.05 76.45 22.44
N GLY C 336 18.38 75.79 21.33
CA GLY C 336 17.66 75.88 20.06
C GLY C 336 16.98 77.18 19.63
N GLU C 337 17.58 77.85 18.65
CA GLU C 337 16.98 79.04 18.02
C GLU C 337 15.59 78.68 17.54
N GLU C 338 14.59 79.38 18.06
CA GLU C 338 13.19 79.07 17.80
C GLU C 338 12.90 78.91 16.31
N ALA C 339 13.30 79.89 15.51
CA ALA C 339 13.10 79.88 14.06
C ALA C 339 13.81 78.73 13.35
N ALA C 340 15.02 78.41 13.82
CA ALA C 340 15.82 77.33 13.24
C ALA C 340 15.20 75.95 13.46
N ILE C 341 14.53 75.75 14.59
CA ILE C 341 13.82 74.49 14.87
C ILE C 341 12.70 74.27 13.85
N GLN C 342 11.76 75.21 13.80
CA GLN C 342 10.59 75.10 12.92
C GLN C 342 10.96 75.23 11.45
N GLY C 343 12.12 75.82 11.18
CA GLY C 343 12.68 75.87 9.84
C GLY C 343 13.14 74.49 9.43
N ARG C 344 13.88 73.83 10.31
CA ARG C 344 14.31 72.45 10.10
C ARG C 344 13.12 71.49 10.07
N VAL C 345 12.04 71.87 10.76
CA VAL C 345 10.83 71.05 10.80
C VAL C 345 10.06 71.12 9.47
N ALA C 346 9.76 72.34 9.01
CA ALA C 346 9.02 72.54 7.74
C ALA C 346 9.80 72.01 6.55
N GLN C 347 11.07 71.69 6.78
CA GLN C 347 11.96 71.09 5.79
C GLN C 347 11.77 69.57 5.77
N ILE C 348 11.84 68.94 6.94
CA ILE C 348 11.60 67.50 7.09
C ILE C 348 10.12 67.17 6.78
N ARG C 349 9.25 68.15 7.03
CA ARG C 349 7.82 68.04 6.75
C ARG C 349 7.53 67.90 5.25
N GLN C 350 8.36 68.53 4.43
CA GLN C 350 8.25 68.46 2.98
C GLN C 350 9.06 67.29 2.41
N GLN C 351 9.93 66.71 3.24
CA GLN C 351 10.65 65.49 2.90
C GLN C 351 9.71 64.28 2.90
N ILE C 352 8.67 64.36 3.73
CA ILE C 352 7.60 63.35 3.76
C ILE C 352 6.73 63.51 2.51
N GLU C 353 6.60 64.74 2.05
CA GLU C 353 5.81 65.06 0.87
C GLU C 353 6.30 64.31 -0.38
N GLU C 354 7.62 64.30 -0.57
CA GLU C 354 8.23 63.64 -1.72
C GLU C 354 8.83 62.27 -1.36
N ALA C 355 8.43 61.72 -0.23
CA ALA C 355 8.86 60.39 0.21
C ALA C 355 8.30 59.31 -0.71
N THR C 356 9.20 58.64 -1.42
CA THR C 356 8.83 57.76 -2.54
C THR C 356 8.32 56.38 -2.16
N SER C 357 7.83 56.22 -0.93
CA SER C 357 7.30 54.95 -0.44
C SER C 357 6.51 55.13 0.85
N ASP C 358 6.56 54.12 1.72
CA ASP C 358 5.92 54.16 3.03
C ASP C 358 6.93 54.21 4.16
N TYR C 359 8.05 53.51 4.01
CA TYR C 359 9.12 53.53 5.02
C TYR C 359 9.82 54.89 5.07
N ASP C 360 10.02 55.50 3.89
CA ASP C 360 10.60 56.84 3.79
C ASP C 360 9.61 57.91 4.29
N ARG C 361 8.44 57.46 4.73
CA ARG C 361 7.40 58.31 5.30
C ARG C 361 7.30 58.12 6.83
N GLU C 362 7.41 56.87 7.28
CA GLU C 362 7.31 56.51 8.70
C GLU C 362 8.35 57.23 9.55
N LYS C 363 9.61 56.90 9.32
CA LYS C 363 10.74 57.42 10.09
C LYS C 363 10.80 58.96 10.06
N LEU C 364 10.31 59.54 8.98
CA LEU C 364 10.36 60.98 8.78
C LEU C 364 9.44 61.70 9.77
N GLN C 365 8.17 61.30 9.82
CA GLN C 365 7.24 61.90 10.77
C GLN C 365 7.57 61.53 12.22
N GLU C 366 8.32 60.44 12.40
CA GLU C 366 8.82 60.07 13.72
C GLU C 366 9.74 61.16 14.25
N ARG C 367 10.66 61.60 13.40
CA ARG C 367 11.63 62.64 13.75
C ARG C 367 10.96 64.01 13.94
N VAL C 368 9.92 64.28 13.16
CA VAL C 368 9.20 65.55 13.28
C VAL C 368 8.49 65.64 14.62
N ALA C 369 7.98 64.51 15.10
CA ALA C 369 7.29 64.47 16.39
C ALA C 369 8.28 64.64 17.53
N LYS C 370 9.48 64.08 17.36
CA LYS C 370 10.55 64.21 18.33
C LYS C 370 10.94 65.69 18.47
N LEU C 371 10.89 66.40 17.36
CA LEU C 371 11.29 67.81 17.32
C LEU C 371 10.13 68.78 17.58
N ALA C 372 8.93 68.42 17.13
CA ALA C 372 7.75 69.27 17.30
C ALA C 372 7.04 69.01 18.61
N GLY C 373 6.36 68.75 17.52
CA GLY C 373 5.55 68.54 18.70
C GLY C 373 6.20 67.54 19.63
N GLY C 374 5.54 66.41 19.77
CA GLY C 374 6.01 65.38 20.66
C GLY C 374 5.63 63.98 20.24
N VAL C 375 6.05 63.01 21.05
CA VAL C 375 5.77 61.61 20.80
C VAL C 375 5.01 60.96 21.95
N ALA C 376 4.00 60.16 21.62
CA ALA C 376 3.16 59.53 22.64
C ALA C 376 3.12 58.02 22.51
N VAL C 377 3.01 57.35 23.66
CA VAL C 377 2.91 55.91 23.70
C VAL C 377 1.62 55.54 24.42
N ILE C 378 0.82 54.67 23.82
CA ILE C 378 -0.33 54.11 24.50
C ILE C 378 0.05 52.72 25.02
N LYS C 379 -0.04 52.52 26.33
CA LYS C 379 0.22 51.23 26.95
C LYS C 379 -1.10 50.55 27.26
N VAL C 380 -1.27 49.35 26.72
CA VAL C 380 -2.53 48.60 26.83
C VAL C 380 -2.48 47.64 28.03
N GLY C 381 -3.51 47.67 28.86
CA GLY C 381 -3.57 46.77 30.00
C GLY C 381 -4.51 45.61 29.72
N ALA C 382 -4.17 44.43 30.25
CA ALA C 382 -5.07 43.28 30.25
C ALA C 382 -4.68 42.32 31.34
N ALA C 383 -5.59 41.45 31.75
CA ALA C 383 -5.31 40.54 32.86
C ALA C 383 -4.36 39.44 32.42
N THR C 384 -4.67 38.80 31.30
CA THR C 384 -3.90 37.70 30.76
C THR C 384 -3.15 38.17 29.52
N GLU C 385 -2.82 37.22 28.63
CA GLU C 385 -2.05 37.47 27.43
C GLU C 385 -2.88 37.26 26.19
N VAL C 386 -3.84 36.33 26.22
CA VAL C 386 -4.76 36.24 25.10
C VAL C 386 -5.60 37.50 25.04
N GLU C 387 -5.84 38.11 26.19
CA GLU C 387 -6.56 39.37 26.26
C GLU C 387 -5.68 40.50 25.73
N MET C 388 -4.43 40.54 26.19
CA MET C 388 -3.50 41.55 25.76
C MET C 388 -3.44 41.65 24.25
N LYS C 389 -3.39 40.49 23.58
CA LYS C 389 -3.23 40.41 22.12
C LYS C 389 -4.43 40.92 21.35
N GLU C 390 -5.64 40.48 21.70
CA GLU C 390 -6.84 40.97 21.04
C GLU C 390 -7.06 42.47 21.37
N LYS C 391 -6.81 42.91 22.60
CA LYS C 391 -6.93 44.33 22.91
C LYS C 391 -5.90 45.19 22.16
N LYS C 392 -4.61 44.82 22.24
CA LYS C 392 -3.57 45.58 21.57
C LYS C 392 -3.89 45.72 20.10
N ALA C 393 -4.41 44.64 19.52
CA ALA C 393 -4.83 44.61 18.11
C ALA C 393 -5.96 45.59 17.82
N ARG C 394 -6.86 45.83 18.78
CA ARG C 394 -7.97 46.72 18.52
C ARG C 394 -7.51 48.18 18.64
N VAL C 395 -6.69 48.47 19.66
CA VAL C 395 -6.13 49.82 19.81
C VAL C 395 -5.27 50.20 18.60
N GLU C 396 -4.49 49.26 18.09
CA GLU C 396 -3.74 49.45 16.85
C GLU C 396 -4.64 49.76 15.69
N ASP C 397 -5.75 49.03 15.60
CA ASP C 397 -6.79 49.24 14.58
C ASP C 397 -7.41 50.65 14.67
N ALA C 398 -7.90 51.03 15.86
CA ALA C 398 -8.42 52.37 16.06
C ALA C 398 -7.41 53.46 15.74
N LEU C 399 -6.18 53.28 16.19
CA LEU C 399 -5.12 54.23 15.90
C LEU C 399 -5.01 54.53 14.38
N HIS C 400 -5.19 53.50 13.55
CA HIS C 400 -5.13 53.66 12.10
C HIS C 400 -6.38 54.34 11.60
N ALA C 401 -7.53 53.93 12.11
CA ALA C 401 -8.79 54.40 11.56
C ALA C 401 -8.95 55.89 11.82
N THR C 402 -8.48 56.37 12.96
CA THR C 402 -8.52 57.80 13.23
C THR C 402 -7.58 58.52 12.28
N ARG C 403 -6.38 57.98 12.05
CA ARG C 403 -5.41 58.62 11.15
C ARG C 403 -5.96 58.76 9.73
N ALA C 404 -6.85 57.86 9.36
CA ALA C 404 -7.49 57.86 8.07
C ALA C 404 -8.58 58.91 8.04
N ALA C 405 -9.34 59.01 9.12
CA ALA C 405 -10.40 59.99 9.19
C ALA C 405 -9.82 61.39 9.07
N VAL C 406 -8.76 61.64 9.79
CA VAL C 406 -8.10 62.93 9.79
C VAL C 406 -7.67 63.33 8.39
N GLU C 407 -7.15 62.40 7.62
CA GLU C 407 -6.67 62.76 6.29
C GLU C 407 -7.77 62.71 5.20
N GLU C 408 -8.90 62.05 5.47
CA GLU C 408 -9.88 61.89 4.40
C GLU C 408 -11.39 61.94 4.76
N GLY C 409 -11.83 62.97 7.36
CA GLY C 409 -13.17 63.19 7.88
C GLY C 409 -13.96 61.96 8.20
N VAL C 410 -15.20 62.14 8.66
CA VAL C 410 -16.09 61.04 9.09
C VAL C 410 -17.44 61.07 8.39
N VAL C 411 -18.14 59.96 8.46
CA VAL C 411 -19.46 59.81 7.87
C VAL C 411 -20.29 58.93 8.78
N ALA C 412 -21.60 58.89 8.58
CA ALA C 412 -22.50 58.14 9.43
C ALA C 412 -22.11 56.70 9.34
N GLY C 413 -21.83 56.07 10.48
CA GLY C 413 -21.58 54.63 10.57
C GLY C 413 -22.78 53.70 10.39
N GLY C 414 -22.65 52.42 10.77
CA GLY C 414 -23.77 51.50 10.63
C GLY C 414 -23.99 51.20 9.16
N GLY C 415 -22.98 51.59 8.38
CA GLY C 415 -23.09 51.56 6.94
C GLY C 415 -24.24 52.39 6.36
N VAL C 416 -24.64 53.48 7.04
CA VAL C 416 -25.70 54.28 6.48
C VAL C 416 -25.16 55.15 5.37
N ALA C 417 -23.95 55.69 5.56
CA ALA C 417 -23.28 56.47 4.51
C ALA C 417 -23.48 55.75 3.18
N LEU C 418 -23.07 54.49 3.11
CA LEU C 418 -23.21 53.74 1.85
C LEU C 418 -24.64 53.68 1.34
N ILE C 419 -25.59 53.39 2.22
CA ILE C 419 -27.00 53.33 1.82
C ILE C 419 -27.53 54.68 1.23
N ARG C 420 -26.91 55.75 1.73
CA ARG C 420 -27.27 57.11 1.40
C ARG C 420 -26.74 57.41 0.01
N VAL C 421 -25.48 57.03 -0.25
CA VAL C 421 -24.98 57.26 -1.59
C VAL C 421 -25.70 56.39 -2.63
N ALA C 422 -26.11 55.18 -2.26
CA ALA C 422 -26.94 54.40 -3.19
C ALA C 422 -28.27 55.05 -3.68
N SER C 423 -28.89 55.88 -2.84
CA SER C 423 -30.11 56.54 -3.33
C SER C 423 -29.75 57.79 -4.11
N LYS C 424 -28.63 58.43 -3.76
CA LYS C 424 -28.19 59.54 -4.60
C LYS C 424 -27.88 59.09 -6.02
N LEU C 425 -27.42 57.87 -6.20
CA LEU C 425 -27.03 57.40 -7.52
C LEU C 425 -28.14 56.60 -8.21
N ALA C 426 -29.36 56.73 -7.68
CA ALA C 426 -30.50 56.02 -8.23
C ALA C 426 -30.71 56.34 -9.69
N ASP C 427 -30.19 57.49 -10.12
CA ASP C 427 -30.39 57.93 -11.50
C ASP C 427 -29.17 57.86 -12.41
N LEU C 428 -28.12 57.18 -11.94
CA LEU C 428 -26.91 56.93 -12.71
C LEU C 428 -27.15 55.91 -13.81
N ARG C 429 -26.71 56.24 -15.03
CA ARG C 429 -26.79 55.30 -16.14
C ARG C 429 -25.47 55.17 -16.89
N GLY C 430 -25.35 54.11 -17.71
CA GLY C 430 -24.14 53.88 -18.47
C GLY C 430 -24.33 54.06 -19.97
N GLN C 431 -23.40 53.48 -20.74
CA GLN C 431 -23.42 53.57 -22.18
C GLN C 431 -24.40 52.59 -22.79
N ASN C 432 -24.86 51.60 -22.03
CA ASN C 432 -25.80 50.62 -22.59
C ASN C 432 -26.48 49.86 -21.48
N GLU C 433 -27.42 48.98 -21.80
CA GLU C 433 -28.15 48.28 -20.76
C GLU C 433 -27.29 47.40 -19.83
N ASP C 434 -26.31 46.69 -20.37
CA ASP C 434 -25.46 45.86 -19.53
C ASP C 434 -24.73 46.74 -18.53
N GLN C 435 -24.23 47.90 -18.96
CA GLN C 435 -23.58 48.82 -18.03
C GLN C 435 -24.52 49.26 -16.91
N ASN C 436 -25.81 49.35 -17.24
CA ASN C 436 -26.84 49.76 -16.29
C ASN C 436 -27.00 48.72 -15.19
N VAL C 437 -27.18 47.47 -15.58
CA VAL C 437 -27.26 46.38 -14.61
C VAL C 437 -26.00 46.38 -13.74
N GLY C 438 -24.90 46.77 -14.33
CA GLY C 438 -23.63 46.80 -13.63
C GLY C 438 -23.65 47.86 -12.57
N ILE C 439 -24.32 48.98 -12.86
CA ILE C 439 -24.50 50.01 -11.83
C ILE C 439 -25.42 49.51 -10.72
N LYS C 440 -26.63 49.08 -11.08
CA LYS C 440 -27.56 48.53 -10.08
C LYS C 440 -26.93 47.43 -9.20
N VAL C 441 -26.08 46.62 -9.80
CA VAL C 441 -25.29 45.65 -9.02
C VAL C 441 -24.43 46.33 -7.92
N ALA C 442 -23.67 47.38 -8.21
CA ALA C 442 -22.94 48.03 -7.15
C ALA C 442 -23.88 48.70 -6.14
N LEU C 443 -24.91 49.38 -6.62
CA LEU C 443 -25.77 50.10 -5.68
C LEU C 443 -26.36 49.12 -4.63
N ARG C 444 -26.90 48.00 -5.14
CA ARG C 444 -27.52 46.96 -4.34
C ARG C 444 -26.51 46.38 -3.33
N ALA C 445 -25.25 46.40 -3.69
CA ALA C 445 -24.22 45.86 -2.84
C ALA C 445 -23.97 46.81 -1.71
N MET C 446 -24.22 48.08 -1.97
CA MET C 446 -23.87 49.13 -1.02
C MET C 446 -24.64 48.99 0.24
N GLU C 447 -25.78 48.30 0.13
CA GLU C 447 -26.61 47.97 1.28
C GLU C 447 -26.04 46.86 2.15
N ALA C 448 -25.02 46.13 1.70
CA ALA C 448 -24.68 44.88 2.43
C ALA C 448 -24.08 45.04 3.82
N PRO C 449 -23.15 45.96 4.02
CA PRO C 449 -22.66 46.13 5.39
C PRO C 449 -23.82 46.31 6.36
N LEU C 450 -24.76 47.23 6.10
CA LEU C 450 -25.88 47.45 7.01
C LEU C 450 -26.59 46.14 7.16
N ARG C 451 -26.84 45.47 6.06
CA ARG C 451 -27.56 44.20 6.10
C ARG C 451 -26.88 43.10 6.93
N GLN C 452 -25.53 43.03 6.93
CA GLN C 452 -24.81 42.02 7.73
C GLN C 452 -24.83 42.40 9.20
N ILE C 453 -24.58 43.70 9.47
CA ILE C 453 -24.60 44.21 10.85
C ILE C 453 -25.89 43.76 11.53
N VAL C 454 -27.00 43.99 10.85
CA VAL C 454 -28.27 43.59 11.40
C VAL C 454 -28.42 42.08 11.52
N LEU C 455 -27.75 41.34 10.65
CA LEU C 455 -28.00 39.92 10.59
C LEU C 455 -27.23 39.25 11.71
N ASN C 456 -26.04 39.76 11.98
CA ASN C 456 -25.29 39.40 13.17
C ASN C 456 -26.01 39.73 14.51
N CYS C 457 -27.06 40.54 14.52
CA CYS C 457 -27.78 40.81 15.75
C CYS C 457 -28.91 39.87 15.86
N GLY C 458 -29.09 38.98 14.92
CA GLY C 458 -30.21 38.07 15.01
C GLY C 458 -31.53 38.72 14.61
N GLU C 459 -31.43 39.85 13.92
CA GLU C 459 -32.61 40.61 13.51
C GLU C 459 -32.80 40.69 12.01
N GLU C 460 -34.04 40.99 11.59
CA GLU C 460 -34.48 41.00 10.20
C GLU C 460 -33.79 42.09 9.36
N PRO C 461 -32.93 41.71 8.43
CA PRO C 461 -31.99 42.68 7.89
C PRO C 461 -32.73 43.58 6.87
N SER C 462 -33.62 42.97 6.10
CA SER C 462 -34.36 43.70 5.08
C SER C 462 -35.35 44.70 5.75
N VAL C 463 -35.94 44.32 6.87
CA VAL C 463 -36.84 45.20 7.62
C VAL C 463 -36.08 46.40 8.20
N VAL C 464 -34.91 46.20 8.78
CA VAL C 464 -34.11 47.35 9.18
C VAL C 464 -33.79 48.22 7.96
N ALA C 465 -33.27 47.62 6.89
CA ALA C 465 -32.88 48.38 5.69
C ALA C 465 -34.08 49.19 5.13
N ASN C 466 -35.23 48.56 4.97
CA ASN C 466 -36.37 49.29 4.50
C ASN C 466 -36.58 50.55 5.31
N THR C 467 -36.57 50.44 6.64
CA THR C 467 -36.80 51.64 7.46
C THR C 467 -35.62 52.64 7.53
N VAL C 468 -34.38 52.22 7.37
CA VAL C 468 -33.33 53.22 7.25
C VAL C 468 -33.47 53.98 5.92
N LYS C 469 -33.87 53.25 4.88
CA LYS C 469 -34.00 53.83 3.54
C LYS C 469 -35.24 54.71 3.48
N GLY C 470 -36.15 54.55 4.41
CA GLY C 470 -37.27 55.48 4.53
C GLY C 470 -36.88 56.85 5.08
N GLY C 471 -35.70 56.95 5.68
CA GLY C 471 -35.25 58.15 6.37
C GLY C 471 -34.40 59.03 5.49
N ASP C 472 -33.65 59.94 6.10
CA ASP C 472 -32.75 60.86 5.38
C ASP C 472 -31.50 61.20 6.13
N GLY C 473 -30.56 61.86 5.45
CA GLY C 473 -29.31 62.27 6.06
C GLY C 473 -28.65 61.20 6.91
N ASN C 474 -28.47 61.48 8.18
CA ASN C 474 -27.72 60.64 9.06
C ASN C 474 -28.57 59.74 9.92
N TYR C 475 -29.80 59.49 9.50
CA TYR C 475 -30.68 58.61 10.28
C TYR C 475 -30.25 57.19 10.04
N GLY C 476 -30.10 56.42 11.11
CA GLY C 476 -29.63 55.04 10.98
C GLY C 476 -30.12 54.14 12.08
N TYR C 477 -29.62 52.90 12.11
CA TYR C 477 -29.98 51.92 13.13
C TYR C 477 -28.82 51.87 14.02
N ASN C 478 -29.12 51.87 15.31
CA ASN C 478 -28.09 51.66 16.33
C ASN C 478 -28.20 50.24 16.84
N ALA C 479 -27.32 49.38 16.32
CA ALA C 479 -27.37 47.93 16.58
C ALA C 479 -27.11 47.61 18.04
N ALA C 480 -26.24 48.39 18.68
CA ALA C 480 -25.99 48.27 20.11
C ALA C 480 -27.29 48.40 20.91
N THR C 481 -28.01 49.48 20.71
CA THR C 481 -29.15 49.77 21.56
C THR C 481 -30.47 49.35 20.95
N GLU C 482 -30.45 48.87 19.71
CA GLU C 482 -31.68 48.37 19.05
C GLU C 482 -32.73 49.46 18.78
N GLU C 483 -32.31 50.70 18.61
CA GLU C 483 -33.26 51.73 18.18
C GLU C 483 -32.67 52.71 17.17
N TYR C 484 -33.54 53.29 16.34
CA TYR C 484 -33.12 54.17 15.23
C TYR C 484 -32.83 55.58 15.75
N GLY C 485 -32.07 56.37 15.02
CA GLY C 485 -31.70 57.70 15.47
C GLY C 485 -30.69 58.36 14.53
N ASN C 486 -30.16 59.50 14.95
CA ASN C 486 -29.16 60.16 14.15
C ASN C 486 -27.78 59.60 14.50
N MET C 487 -27.12 58.91 13.55
CA MET C 487 -25.85 58.21 13.85
C MET C 487 -24.75 59.13 14.36
N ILE C 488 -24.64 60.35 13.84
CA ILE C 488 -23.58 61.23 14.31
C ILE C 488 -23.82 61.66 15.75
N ASP C 489 -25.10 61.83 16.10
CA ASP C 489 -25.50 62.23 17.45
C ASP C 489 -25.26 61.10 18.42
N MET C 490 -25.45 59.87 17.96
CA MET C 490 -25.21 58.73 18.82
C MET C 490 -23.75 58.34 18.87
N GLY C 491 -22.88 59.09 18.19
CA GLY C 491 -21.46 58.80 18.24
C GLY C 491 -20.99 57.64 17.36
N ILE C 492 -21.89 57.05 16.58
CA ILE C 492 -21.53 56.00 15.66
C ILE C 492 -20.97 56.53 14.32
N LEU C 493 -19.71 56.96 14.31
CA LEU C 493 -19.08 57.47 13.08
C LEU C 493 -18.00 56.53 12.51
N ASP C 494 -18.04 56.18 11.21
CA ASP C 494 -16.88 55.59 10.48
C ASP C 494 -16.03 56.63 9.80
N PRO C 495 -14.72 56.44 9.69
CA PRO C 495 -13.90 57.45 9.01
C PRO C 495 -14.09 57.30 7.51
N THR C 496 -14.07 58.45 6.81
CA THR C 496 -14.41 58.46 5.39
C THR C 496 -13.41 57.62 4.61
N LYS C 497 -12.13 57.92 4.79
CA LYS C 497 -11.07 57.15 4.17
C LYS C 497 -11.32 55.64 4.28
N VAL C 498 -11.67 55.14 5.46
CA VAL C 498 -11.99 53.72 5.47
C VAL C 498 -13.22 53.37 4.66
N THR C 499 -14.32 54.08 4.75
CA THR C 499 -15.49 53.61 3.98
C THR C 499 -15.22 53.62 2.48
N ARG C 500 -14.58 54.69 2.03
CA ARG C 500 -14.18 54.88 0.65
C ARG C 500 -13.33 53.69 0.23
N SER C 501 -12.26 53.47 1.00
CA SER C 501 -11.26 52.43 0.72
C SER C 501 -11.89 51.06 0.71
N ALA C 502 -12.73 50.74 1.67
CA ALA C 502 -13.46 49.48 1.58
C ALA C 502 -14.02 49.39 0.18
N LEU C 503 -14.83 50.37 -0.21
CA LEU C 503 -15.53 50.32 -1.50
C LEU C 503 -14.61 50.18 -2.70
N GLN C 504 -13.61 51.03 -2.79
CA GLN C 504 -12.77 51.03 -3.95
C GLN C 504 -12.14 49.65 -4.17
N TYR C 505 -11.61 49.06 -3.11
CA TYR C 505 -10.91 47.78 -3.19
C TYR C 505 -11.85 46.63 -3.46
N ALA C 506 -12.95 46.54 -2.75
CA ALA C 506 -13.83 45.44 -3.08
C ALA C 506 -14.18 45.52 -4.55
N ALA C 507 -14.50 46.73 -5.03
CA ALA C 507 -14.97 46.93 -6.43
C ALA C 507 -13.91 46.49 -7.40
N SER C 508 -12.69 46.95 -7.14
CA SER C 508 -11.57 46.57 -7.94
C SER C 508 -11.47 45.05 -8.10
N VAL C 509 -11.34 44.31 -7.00
CA VAL C 509 -11.25 42.86 -7.16
C VAL C 509 -12.53 42.29 -7.74
N ALA C 510 -13.67 42.48 -7.11
CA ALA C 510 -14.89 41.78 -7.60
C ALA C 510 -15.24 42.11 -9.07
N GLY C 511 -14.84 43.31 -9.49
CA GLY C 511 -15.06 43.77 -10.84
C GLY C 511 -14.38 42.82 -11.79
N LEU C 512 -13.05 42.67 -11.64
CA LEU C 512 -12.28 41.66 -12.37
C LEU C 512 -12.84 40.26 -12.26
N MET C 513 -13.18 39.89 -11.05
CA MET C 513 -13.58 38.54 -10.75
C MET C 513 -14.75 38.06 -11.60
N ILE C 514 -15.70 38.94 -11.84
CA ILE C 514 -16.90 38.51 -12.54
C ILE C 514 -16.70 38.36 -14.05
N THR C 515 -15.53 38.76 -14.55
CA THR C 515 -15.25 38.67 -15.98
C THR C 515 -14.54 37.35 -16.33
N THR C 516 -14.59 36.37 -15.44
CA THR C 516 -13.80 35.16 -15.54
C THR C 516 -14.54 34.14 -16.36
N GLU C 517 -13.89 33.64 -17.42
CA GLU C 517 -14.54 32.66 -18.26
C GLU C 517 -13.80 31.33 -18.20
N CYS C 518 -12.55 31.38 -17.77
CA CYS C 518 -11.76 30.18 -17.70
C CYS C 518 -10.74 30.22 -16.56
N MET C 519 -10.49 29.07 -15.94
CA MET C 519 -9.58 29.01 -14.81
C MET C 519 -8.57 27.90 -15.00
N VAL C 520 -7.31 28.20 -14.69
CA VAL C 520 -6.21 27.27 -14.92
C VAL C 520 -5.41 27.06 -13.66
N THR C 521 -5.41 25.82 -13.15
CA THR C 521 -4.70 25.44 -11.92
C THR C 521 -4.07 24.04 -12.00
N ASP C 522 -3.28 23.68 -10.98
CA ASP C 522 -2.69 22.35 -10.83
C ASP C 522 -3.68 21.25 -10.55
N LEU C 523 -3.30 20.02 -10.87
CA LEU C 523 -4.15 18.87 -10.65
C LEU C 523 -4.20 18.49 -9.16
N PRO C 524 -5.35 17.97 -8.71
CA PRO C 524 -5.54 17.53 -7.33
C PRO C 524 -4.62 16.38 -6.85
N ALA D 1 -1.18 25.22 4.51
CA ALA D 1 -2.02 24.03 4.26
C ALA D 1 -3.48 24.46 4.11
N ALA D 2 -4.23 23.71 3.33
CA ALA D 2 -5.68 23.79 3.35
C ALA D 2 -6.18 23.68 4.78
N LYS D 3 -7.15 24.53 5.11
CA LYS D 3 -7.75 24.63 6.43
C LYS D 3 -9.14 24.03 6.47
N ASP D 4 -9.52 23.54 7.63
CA ASP D 4 -10.90 23.13 7.91
C ASP D 4 -11.55 24.30 8.65
N VAL D 5 -12.77 24.67 8.27
CA VAL D 5 -13.46 25.72 9.00
C VAL D 5 -14.85 25.29 9.43
N LYS D 6 -15.15 25.51 10.71
CA LYS D 6 -16.41 25.07 11.29
C LYS D 6 -17.10 26.24 11.90
N PHE D 7 -18.43 26.22 11.81
CA PHE D 7 -19.23 27.34 12.24
C PHE D 7 -20.23 27.04 13.35
N GLY D 8 -20.44 28.03 14.19
CA GLY D 8 -21.57 28.07 15.09
C GLY D 8 -21.56 26.92 16.05
N ASN D 9 -22.68 26.21 16.09
CA ASN D 9 -22.83 25.16 17.05
C ASN D 9 -21.78 24.05 16.87
N ASP D 10 -21.55 23.63 15.63
CA ASP D 10 -20.57 22.58 15.40
C ASP D 10 -19.23 22.95 15.94
N ALA D 11 -18.75 24.14 15.60
CA ALA D 11 -17.46 24.57 16.13
C ALA D 11 -17.45 24.42 17.65
N ARG D 12 -18.55 24.85 18.27
CA ARG D 12 -18.65 24.99 19.73
C ARG D 12 -18.73 23.64 20.44
N VAL D 13 -19.58 22.74 19.99
CA VAL D 13 -19.60 21.40 20.52
C VAL D 13 -18.18 20.79 20.52
N LYS D 14 -17.50 20.84 19.39
CA LYS D 14 -16.11 20.39 19.36
C LYS D 14 -15.24 21.15 20.35
N MET D 15 -15.30 22.47 20.38
CA MET D 15 -14.44 23.22 21.32
C MET D 15 -14.61 22.78 22.75
N LEU D 16 -15.84 22.37 23.09
CA LEU D 16 -16.20 22.09 24.46
C LEU D 16 -15.63 20.71 24.78
N ARG D 17 -15.91 19.74 23.91
CA ARG D 17 -15.32 18.42 24.05
C ARG D 17 -13.83 18.48 24.39
N GLY D 18 -13.13 19.39 23.75
CA GLY D 18 -11.73 19.60 24.00
C GLY D 18 -11.51 19.99 25.43
N VAL D 19 -12.10 21.14 25.82
CA VAL D 19 -12.09 21.63 27.21
C VAL D 19 -12.37 20.49 28.20
N ASN D 20 -13.48 19.79 28.05
CA ASN D 20 -13.73 18.70 28.93
C ASN D 20 -12.60 17.68 29.14
N VAL D 21 -12.02 17.17 28.06
CA VAL D 21 -10.95 16.18 28.18
C VAL D 21 -9.86 16.73 29.10
N LEU D 22 -9.39 17.95 28.83
CA LEU D 22 -8.40 18.56 29.69
C LEU D 22 -8.98 18.78 31.07
N ALA D 23 -10.10 19.49 31.21
CA ALA D 23 -10.75 19.69 32.51
C ALA D 23 -10.90 18.39 33.28
N ASP D 24 -11.56 17.40 32.70
CA ASP D 24 -11.68 16.10 33.38
C ASP D 24 -10.38 15.45 33.85
N ALA D 25 -9.30 15.59 33.12
CA ALA D 25 -8.06 15.00 33.57
C ALA D 25 -7.52 15.83 34.70
N VAL D 26 -7.86 17.11 34.77
CA VAL D 26 -7.22 17.91 35.81
C VAL D 26 -8.03 17.81 37.13
N LYS D 27 -9.34 17.78 36.96
CA LYS D 27 -10.31 17.74 38.04
C LYS D 27 -10.06 16.63 39.02
N VAL D 28 -9.49 15.49 38.57
CA VAL D 28 -9.48 14.31 39.44
C VAL D 28 -8.54 14.51 40.60
N THR D 29 -7.75 15.57 40.53
CA THR D 29 -6.75 15.80 41.53
C THR D 29 -7.13 16.85 42.53
N LEU D 30 -8.27 17.49 42.35
CA LEU D 30 -8.65 18.59 43.25
C LEU D 30 -9.02 18.15 44.65
N GLY D 31 -8.40 18.78 45.64
CA GLY D 31 -8.80 18.55 47.02
C GLY D 31 -8.11 17.45 47.79
N PRO D 32 -8.37 17.38 49.09
CA PRO D 32 -7.70 16.39 49.93
C PRO D 32 -7.98 14.95 49.52
N LYS D 33 -9.17 14.59 49.03
CA LYS D 33 -9.43 13.26 48.47
C LYS D 33 -9.23 13.26 46.94
N GLY D 34 -8.34 14.15 46.50
CA GLY D 34 -7.84 14.11 45.15
C GLY D 34 -6.94 12.89 44.93
N ARG D 35 -7.00 12.35 43.72
CA ARG D 35 -6.19 11.21 43.29
C ARG D 35 -5.09 11.69 42.34
N ASN D 36 -4.21 10.80 41.92
CA ASN D 36 -3.13 11.21 41.05
C ASN D 36 -3.40 10.90 39.59
N VAL D 37 -2.64 11.57 38.73
CA VAL D 37 -2.62 11.28 37.31
C VAL D 37 -1.23 10.80 36.93
N VAL D 38 -1.17 9.79 36.08
CA VAL D 38 0.11 9.30 35.55
C VAL D 38 0.40 9.89 34.17
N LEU D 39 1.57 10.52 34.05
CA LEU D 39 1.97 11.17 32.82
C LEU D 39 3.17 10.49 32.14
N ASP D 40 2.89 9.81 31.04
CA ASP D 40 3.94 9.18 30.26
C ASP D 40 5.03 10.12 29.79
N LYS D 41 6.21 9.56 29.54
CA LYS D 41 7.37 10.32 29.13
C LYS D 41 8.30 9.27 28.52
N SER D 42 8.42 9.22 27.19
CA SER D 42 9.33 8.23 26.58
C SER D 42 10.69 8.32 27.29
N PHE D 43 11.33 9.49 27.16
CA PHE D 43 12.45 10.00 27.99
C PHE D 43 12.84 9.12 29.19
N GLY D 44 12.11 9.24 30.31
CA GLY D 44 12.43 8.49 31.53
C GLY D 44 11.26 7.62 31.98
N ALA D 45 11.14 7.39 33.28
CA ALA D 45 9.99 6.68 33.81
C ALA D 45 8.83 7.64 33.77
N PRO D 46 7.60 7.15 33.74
CA PRO D 46 6.45 8.02 33.92
C PRO D 46 6.52 8.82 35.21
N THR D 47 5.63 9.79 35.30
CA THR D 47 5.58 10.73 36.40
C THR D 47 4.25 10.53 37.07
N ILE D 48 4.24 10.42 38.39
CA ILE D 48 2.97 10.49 39.08
C ILE D 48 2.84 11.92 39.60
N THR D 49 1.68 12.52 39.48
CA THR D 49 1.53 13.92 39.91
C THR D 49 0.10 14.31 40.25
N LYS D 50 -0.03 15.17 41.26
CA LYS D 50 -1.31 15.75 41.68
C LYS D 50 -1.51 17.16 41.09
N ASP D 51 -0.39 17.71 40.60
CA ASP D 51 -0.24 19.11 40.25
C ASP D 51 -0.90 19.49 38.95
N GLY D 52 -1.99 20.24 39.09
CA GLY D 52 -2.91 20.51 37.99
C GLY D 52 -2.33 21.03 36.68
N VAL D 53 -1.35 21.93 36.79
CA VAL D 53 -0.75 22.52 35.62
C VAL D 53 0.03 21.43 34.90
N SER D 54 0.64 20.51 35.65
CA SER D 54 1.45 19.47 35.06
C SER D 54 0.64 18.53 34.19
N VAL D 55 -0.55 18.14 34.65
CA VAL D 55 -1.44 17.37 33.82
C VAL D 55 -1.81 18.19 32.59
N ALA D 56 -2.18 19.47 32.80
CA ALA D 56 -2.67 20.35 31.72
C ALA D 56 -1.70 20.46 30.56
N ARG D 57 -0.47 20.91 30.83
CA ARG D 57 0.58 20.98 29.82
C ARG D 57 0.81 19.72 28.96
N GLU D 58 0.28 18.57 29.35
CA GLU D 58 0.46 17.35 28.54
C GLU D 58 -0.73 17.06 27.64
N ILE D 59 -1.88 17.63 27.88
CA ILE D 59 -2.99 17.29 27.02
C ILE D 59 -2.84 17.97 25.66
N GLU D 60 -2.94 17.14 24.62
CA GLU D 60 -2.99 17.54 23.22
C GLU D 60 -3.90 16.52 22.55
N LEU D 61 -4.88 16.94 21.77
CA LEU D 61 -5.82 15.96 21.27
C LEU D 61 -5.62 15.70 19.78
N GLU D 62 -6.27 14.65 19.26
CA GLU D 62 -6.06 14.33 17.87
C GLU D 62 -6.96 15.10 16.94
N ASP D 63 -8.25 15.16 17.27
CA ASP D 63 -9.24 15.96 16.57
C ASP D 63 -8.85 17.42 16.71
N LYS D 64 -8.63 18.08 15.59
CA LYS D 64 -7.85 19.29 15.58
C LYS D 64 -8.60 20.42 16.27
N PHE D 65 -9.93 20.33 16.29
CA PHE D 65 -10.80 21.35 16.84
C PHE D 65 -10.85 21.16 18.35
N GLU D 66 -11.12 19.93 18.79
CA GLU D 66 -11.06 19.57 20.19
C GLU D 66 -9.72 20.03 20.69
N ASN D 67 -8.65 19.78 19.95
CA ASN D 67 -7.35 20.24 20.40
C ASN D 67 -7.35 21.70 20.79
N MET D 68 -7.97 22.51 19.94
CA MET D 68 -7.99 23.96 20.09
C MET D 68 -8.68 24.36 21.40
N GLY D 69 -9.83 23.75 21.67
CA GLY D 69 -10.43 23.82 22.99
C GLY D 69 -9.41 23.62 24.10
N ALA D 70 -8.83 22.42 24.18
CA ALA D 70 -7.87 22.13 25.23
C ALA D 70 -6.67 23.07 25.24
N GLN D 71 -6.20 23.48 24.08
CA GLN D 71 -5.00 24.30 24.05
C GLN D 71 -5.22 25.69 24.63
N MET D 72 -6.49 26.07 24.70
CA MET D 72 -6.86 27.40 25.18
C MET D 72 -7.06 27.43 26.70
N VAL D 73 -7.95 26.58 27.23
CA VAL D 73 -8.08 26.43 28.67
C VAL D 73 -6.75 26.10 29.33
N LYS D 74 -5.90 25.37 28.62
CA LYS D 74 -4.59 25.07 29.15
C LYS D 74 -3.88 26.36 29.65
N GLU D 75 -4.34 27.50 29.18
CA GLU D 75 -3.67 28.74 29.51
C GLU D 75 -4.07 29.27 30.89
N VAL D 76 -5.27 28.93 31.34
CA VAL D 76 -5.67 29.40 32.64
C VAL D 76 -4.76 28.71 33.67
N ALA D 77 -4.69 27.37 33.59
CA ALA D 77 -3.90 26.57 34.52
C ALA D 77 -2.45 27.01 34.40
N SER D 78 -2.06 27.38 33.20
CA SER D 78 -0.69 27.78 33.03
C SER D 78 -0.40 29.13 33.66
N LYS D 79 -1.30 30.07 33.43
CA LYS D 79 -1.16 31.44 33.96
C LYS D 79 -1.25 31.52 35.50
N ALA D 80 -2.30 30.90 36.05
CA ALA D 80 -2.38 30.66 37.50
C ALA D 80 -1.00 30.32 38.08
N ASN D 81 -0.40 29.25 37.54
CA ASN D 81 0.86 28.78 37.98
C ASN D 81 1.96 29.85 38.00
N ASP D 82 2.02 30.70 36.99
CA ASP D 82 3.15 31.64 36.84
C ASP D 82 3.08 32.80 37.82
N ALA D 83 1.84 33.06 38.23
CA ALA D 83 1.51 34.20 39.10
C ALA D 83 1.46 33.77 40.56
N ALA D 84 0.49 32.90 40.83
CA ALA D 84 0.26 32.31 42.15
C ALA D 84 1.35 31.29 42.56
N GLY D 85 1.38 30.14 41.88
CA GLY D 85 2.21 29.01 42.27
C GLY D 85 1.31 27.85 42.71
N ASP D 86 0.00 28.08 42.78
CA ASP D 86 -0.94 27.06 43.24
C ASP D 86 -2.32 27.43 42.69
N GLY D 87 -3.34 26.63 42.96
CA GLY D 87 -4.67 26.96 42.48
C GLY D 87 -4.97 26.66 41.02
N THR D 88 -3.99 26.06 40.32
CA THR D 88 -4.06 25.74 38.89
C THR D 88 -5.22 24.78 38.61
N THR D 89 -5.45 23.82 39.51
CA THR D 89 -6.62 22.99 39.30
C THR D 89 -7.89 23.79 39.49
N THR D 90 -7.94 24.65 40.52
CA THR D 90 -9.16 25.40 40.83
C THR D 90 -9.45 26.21 39.58
N ALA D 91 -8.43 27.02 39.23
CA ALA D 91 -8.51 27.83 38.03
C ALA D 91 -9.18 26.98 36.91
N THR D 92 -8.65 25.78 36.65
CA THR D 92 -9.13 25.00 35.53
C THR D 92 -10.59 24.67 35.71
N VAL D 93 -10.96 24.34 36.93
CA VAL D 93 -12.32 23.86 37.19
C VAL D 93 -13.37 24.99 37.07
N LEU D 94 -12.93 26.22 37.38
CA LEU D 94 -13.80 27.37 37.27
C LEU D 94 -13.95 27.60 35.80
N ALA D 95 -12.83 27.61 35.08
CA ALA D 95 -12.86 27.88 33.63
C ALA D 95 -13.78 26.92 32.92
N GLN D 96 -13.74 25.66 33.29
CA GLN D 96 -14.59 24.72 32.59
C GLN D 96 -16.06 24.98 32.88
N ALA D 97 -16.29 25.68 33.97
CA ALA D 97 -17.64 25.83 34.52
C ALA D 97 -18.31 27.02 33.86
N ILE D 98 -17.52 28.10 33.80
CA ILE D 98 -17.99 29.27 33.12
C ILE D 98 -18.34 28.88 31.65
N ILE D 99 -17.42 28.16 30.98
CA ILE D 99 -17.59 27.74 29.59
C ILE D 99 -18.86 26.93 29.43
N THR D 100 -19.04 25.91 30.26
CA THR D 100 -20.17 25.03 30.09
C THR D 100 -21.43 25.86 30.17
N GLU D 101 -21.45 26.79 31.14
CA GLU D 101 -22.69 27.50 31.46
C GLU D 101 -22.91 28.58 30.43
N GLY D 102 -21.84 29.31 30.12
CA GLY D 102 -21.78 30.17 28.96
C GLY D 102 -22.42 29.56 27.73
N LEU D 103 -21.77 28.55 27.13
CA LEU D 103 -22.24 28.01 25.87
C LEU D 103 -23.68 27.58 25.97
N LYS D 104 -24.14 27.22 27.15
CA LYS D 104 -25.54 26.83 27.28
C LYS D 104 -26.44 28.04 27.04
N ALA D 105 -25.97 29.21 27.49
CA ALA D 105 -26.71 30.45 27.33
C ALA D 105 -26.65 30.89 25.87
N VAL D 106 -25.46 30.75 25.26
CA VAL D 106 -25.30 31.12 23.87
C VAL D 106 -26.28 30.33 23.03
N ALA D 107 -26.50 29.09 23.43
CA ALA D 107 -27.43 28.24 22.72
C ALA D 107 -28.88 28.63 23.00
N ALA D 108 -29.07 29.51 23.99
CA ALA D 108 -30.41 30.00 24.33
C ALA D 108 -30.81 31.22 23.51
N GLY D 109 -29.88 31.68 22.66
CA GLY D 109 -30.08 32.90 21.91
C GLY D 109 -29.51 34.18 22.52
N MET D 110 -28.92 34.10 23.69
CA MET D 110 -28.18 35.21 24.27
C MET D 110 -27.02 35.68 23.41
N ASN D 111 -26.67 36.95 23.58
CA ASN D 111 -25.58 37.58 22.83
C ASN D 111 -24.24 37.37 23.51
N PRO D 112 -23.36 36.58 22.95
CA PRO D 112 -22.14 36.18 23.66
C PRO D 112 -21.35 37.36 24.18
N MET D 113 -21.20 38.40 23.38
CA MET D 113 -20.34 39.48 23.80
C MET D 113 -20.85 40.20 25.05
N ASP D 114 -22.16 40.02 25.36
CA ASP D 114 -22.79 40.57 26.54
C ASP D 114 -22.56 39.63 27.72
N LEU D 115 -22.74 38.31 27.46
CA LEU D 115 -22.50 37.32 28.48
C LEU D 115 -21.11 37.55 28.98
N LYS D 116 -20.17 37.78 28.08
CA LYS D 116 -18.83 38.12 28.49
C LYS D 116 -18.76 39.37 29.41
N ARG D 117 -19.39 40.48 29.01
CA ARG D 117 -19.39 41.70 29.83
C ARG D 117 -19.94 41.43 31.25
N GLY D 118 -20.93 40.56 31.35
CA GLY D 118 -21.54 40.20 32.62
C GLY D 118 -20.51 39.48 33.47
N ILE D 119 -20.06 38.30 33.01
CA ILE D 119 -18.97 37.54 33.60
C ILE D 119 -17.91 38.50 34.05
N ASP D 120 -17.44 39.39 33.18
CA ASP D 120 -16.30 40.21 33.59
C ASP D 120 -16.66 41.11 34.79
N LYS D 121 -17.83 41.73 34.73
CA LYS D 121 -18.28 42.60 35.79
C LYS D 121 -18.43 41.81 37.09
N ALA D 122 -19.04 40.63 36.98
CA ALA D 122 -19.21 39.76 38.17
C ALA D 122 -17.85 39.48 38.79
N VAL D 123 -16.87 39.21 37.95
CA VAL D 123 -15.52 38.96 38.46
C VAL D 123 -14.86 40.20 39.10
N THR D 124 -15.02 41.39 38.51
CA THR D 124 -14.35 42.56 39.05
C THR D 124 -14.83 42.83 40.46
N ALA D 125 -16.06 42.36 40.71
CA ALA D 125 -16.76 42.59 41.95
C ALA D 125 -16.33 41.53 42.97
N ALA D 126 -16.29 40.29 42.50
CA ALA D 126 -15.77 39.18 43.31
C ALA D 126 -14.34 39.50 43.74
N VAL D 127 -13.53 40.06 42.89
CA VAL D 127 -12.17 40.37 43.33
C VAL D 127 -12.13 41.38 44.46
N GLU D 128 -12.94 42.44 44.35
CA GLU D 128 -13.12 43.43 45.40
C GLU D 128 -13.58 42.77 46.70
N GLU D 129 -14.58 41.89 46.59
CA GLU D 129 -15.15 41.24 47.75
C GLU D 129 -14.17 40.37 48.47
N LEU D 130 -13.41 39.56 47.73
CA LEU D 130 -12.24 38.86 48.28
C LEU D 130 -11.21 39.74 48.96
N LYS D 131 -10.90 40.93 48.42
CA LYS D 131 -9.96 41.79 49.15
C LYS D 131 -10.52 42.08 50.57
N ALA D 132 -11.84 42.02 50.69
CA ALA D 132 -12.50 42.46 51.91
C ALA D 132 -12.34 41.37 52.95
N LEU D 133 -12.79 40.16 52.58
CA LEU D 133 -12.64 38.91 53.34
C LEU D 133 -11.25 38.54 53.75
N SER D 134 -10.28 38.78 52.87
CA SER D 134 -8.91 38.47 53.22
C SER D 134 -8.53 39.11 54.55
N VAL D 135 -7.95 38.30 55.39
CA VAL D 135 -7.36 38.82 56.58
C VAL D 135 -5.87 38.55 56.44
N PRO D 136 -5.86 40.03 55.32
CA PRO D 136 -4.40 39.87 55.38
C PRO D 136 -4.00 38.58 56.03
N CYS D 137 -2.76 38.16 55.81
CA CYS D 137 -2.24 36.92 56.39
C CYS D 137 -0.79 37.19 56.77
N SER D 138 -0.54 37.34 58.07
CA SER D 138 0.76 37.83 58.51
C SER D 138 1.38 37.04 59.65
N ASP D 139 0.54 36.51 60.55
CA ASP D 139 1.00 35.63 61.64
C ASP D 139 1.43 34.24 61.12
N SER D 140 2.48 33.71 61.72
CA SER D 140 3.01 32.37 61.43
C SER D 140 1.94 31.28 61.39
N LYS D 141 0.88 31.37 62.18
CA LYS D 141 -0.13 30.31 62.19
C LYS D 141 -0.88 30.25 60.89
N ALA D 142 -1.26 31.42 60.39
CA ALA D 142 -2.00 31.52 59.13
C ALA D 142 -1.16 31.06 57.96
N ILE D 143 0.12 31.47 57.94
CA ILE D 143 1.05 31.08 56.90
C ILE D 143 1.22 29.56 56.86
N ALA D 144 1.47 28.94 58.00
CA ALA D 144 1.59 27.50 58.08
C ALA D 144 0.37 26.83 57.50
N GLN D 145 -0.79 27.43 57.72
CA GLN D 145 -2.02 26.88 57.15
C GLN D 145 -2.07 26.88 55.63
N VAL D 146 -1.75 28.00 54.99
CA VAL D 146 -1.83 27.98 53.53
C VAL D 146 -0.86 26.93 53.01
N GLY D 147 0.36 26.94 53.57
CA GLY D 147 1.38 25.95 53.29
C GLY D 147 0.88 24.54 53.40
N THR D 148 0.22 24.22 54.50
CA THR D 148 -0.36 22.92 54.69
C THR D 148 -1.38 22.49 53.65
N ILE D 149 -2.30 23.38 53.27
CA ILE D 149 -3.38 22.99 52.33
C ILE D 149 -2.83 22.83 50.91
N SER D 150 -1.84 23.68 50.64
CA SER D 150 -1.07 23.68 49.45
C SER D 150 -0.35 22.37 49.25
N ALA D 151 0.20 21.84 50.34
CA ALA D 151 0.96 20.61 50.30
C ALA D 151 0.08 19.40 50.54
N ASN D 152 -1.15 19.43 50.03
CA ASN D 152 -2.14 18.38 50.23
C ASN D 152 -2.29 17.91 51.68
N SER D 153 -2.52 18.87 52.58
CA SER D 153 -2.84 18.57 53.98
C SER D 153 -1.65 17.95 54.70
N ASP D 154 -0.46 18.49 54.45
CA ASP D 154 0.76 17.98 55.07
C ASP D 154 1.31 19.00 56.05
N GLU D 155 0.95 18.81 57.31
CA GLU D 155 1.26 19.72 58.40
C GLU D 155 2.73 20.11 58.53
N THR D 156 3.62 19.18 58.21
CA THR D 156 5.05 19.39 58.38
C THR D 156 5.59 20.41 57.42
N VAL D 157 5.06 20.39 56.20
CA VAL D 157 5.49 21.34 55.17
C VAL D 157 5.07 22.75 55.56
N GLY D 158 3.85 22.85 56.09
CA GLY D 158 3.33 24.11 56.61
C GLY D 158 4.31 24.65 57.62
N LYS D 159 4.44 23.89 58.70
CA LYS D 159 5.33 24.22 59.83
C LYS D 159 6.71 24.64 59.34
N LEU D 160 7.23 23.93 58.37
CA LEU D 160 8.59 24.11 57.90
C LEU D 160 8.79 25.41 57.15
N ILE D 161 7.83 25.76 56.32
CA ILE D 161 7.84 27.01 55.59
C ILE D 161 7.61 28.20 56.52
N ALA D 162 6.65 28.06 57.43
CA ALA D 162 6.34 29.08 58.42
C ALA D 162 7.58 29.43 59.22
N GLU D 163 8.26 28.40 59.70
CA GLU D 163 9.54 28.56 60.37
C GLU D 163 10.58 29.25 59.49
N ALA D 164 10.59 28.91 58.20
CA ALA D 164 11.55 29.46 57.27
C ALA D 164 11.42 30.98 57.19
N MET D 165 10.22 31.44 56.82
CA MET D 165 9.92 32.88 56.63
C MET D 165 10.18 33.71 57.89
N ASP D 166 9.88 33.08 59.04
CA ASP D 166 10.19 33.62 60.36
C ASP D 166 11.68 33.96 60.54
N LYS D 167 12.56 33.13 59.99
CA LYS D 167 14.00 33.30 60.21
C LYS D 167 14.70 34.16 59.16
N VAL D 168 14.32 34.03 57.90
CA VAL D 168 14.97 34.78 56.82
C VAL D 168 14.40 36.19 56.72
N GLY D 169 13.15 36.33 57.12
CA GLY D 169 12.45 37.60 57.07
C GLY D 169 11.47 37.67 55.91
N LYS D 170 11.13 38.90 55.54
CA LYS D 170 10.22 39.16 54.42
C LYS D 170 11.04 39.40 53.15
N GLU D 171 12.16 40.11 53.29
CA GLU D 171 13.04 40.38 52.16
C GLU D 171 14.09 39.26 51.95
N GLY D 172 13.74 38.03 52.34
CA GLY D 172 14.66 36.89 52.32
C GLY D 172 14.24 35.69 51.47
N VAL D 173 15.24 34.98 50.96
CA VAL D 173 14.99 33.91 50.00
C VAL D 173 14.96 32.52 50.61
N ILE D 174 14.06 31.67 50.11
CA ILE D 174 13.97 30.27 50.48
C ILE D 174 13.97 29.41 49.23
N THR D 175 14.96 28.51 49.12
CA THR D 175 15.02 27.55 48.03
C THR D 175 14.74 26.14 48.54
N VAL D 176 14.44 25.23 47.62
CA VAL D 176 14.14 23.84 47.95
C VAL D 176 14.91 22.84 47.07
N GLU D 177 15.64 21.93 47.70
CA GLU D 177 16.40 20.92 46.99
C GLU D 177 16.24 19.53 47.57
N ASP D 178 16.80 18.55 46.88
CA ASP D 178 16.75 17.15 47.32
C ASP D 178 17.61 16.99 48.55
N GLY D 179 17.07 16.31 49.54
CA GLY D 179 17.82 15.97 50.74
C GLY D 179 18.47 14.60 50.60
N THR D 180 19.37 14.28 51.52
CA THR D 180 19.99 12.96 51.48
C THR D 180 19.15 11.95 52.24
N GLY D 181 18.71 12.30 53.45
CA GLY D 181 17.98 11.37 54.31
C GLY D 181 16.51 11.19 53.97
N LEU D 182 15.78 10.60 54.91
CA LEU D 182 14.37 10.28 54.75
C LEU D 182 13.49 11.43 55.20
N GLN D 183 14.03 12.31 56.04
CA GLN D 183 13.24 13.39 56.64
C GLN D 183 13.65 14.75 56.10
N ASP D 184 12.69 15.69 56.08
CA ASP D 184 12.92 17.08 55.66
C ASP D 184 13.86 17.82 56.60
N GLU D 185 14.53 18.85 56.09
CA GLU D 185 15.51 19.56 56.89
C GLU D 185 15.65 21.02 56.47
N LEU D 186 15.68 21.92 57.44
CA LEU D 186 15.78 23.35 57.18
C LEU D 186 17.15 23.89 57.57
N ASP D 187 17.82 24.54 56.63
CA ASP D 187 19.13 25.14 56.86
C ASP D 187 19.05 26.64 56.70
N VAL D 188 19.56 27.37 57.69
CA VAL D 188 19.55 28.83 57.63
C VAL D 188 20.98 29.31 57.70
N VAL D 189 21.37 30.08 56.70
CA VAL D 189 22.70 30.67 56.67
C VAL D 189 22.69 32.10 57.20
N GLU D 190 23.48 32.30 58.26
CA GLU D 190 23.50 33.57 58.96
C GLU D 190 24.51 34.52 58.35
N GLY D 191 24.25 34.29 57.90
CA GLY D 191 25.08 35.35 57.34
C GLY D 191 25.03 35.32 55.83
N MET D 192 26.17 35.61 55.21
CA MET D 192 26.27 35.58 53.75
C MET D 192 27.14 34.45 53.24
N GLN D 193 26.67 33.78 52.20
CA GLN D 193 27.40 32.73 51.50
C GLN D 193 27.09 32.74 50.01
N PHE D 194 28.08 32.39 49.18
CA PHE D 194 27.92 32.35 47.73
C PHE D 194 28.60 31.14 47.09
N ASP D 195 28.15 30.78 45.89
CA ASP D 195 28.62 29.58 45.18
C ASP D 195 30.02 29.74 44.63
N ARG D 196 31.02 29.47 45.46
CA ARG D 196 32.42 29.56 45.02
C ARG D 196 33.38 28.75 45.89
N GLY D 197 34.12 27.86 45.25
CA GLY D 197 35.15 27.08 45.92
C GLY D 197 36.53 27.66 45.73
N TYR D 198 37.46 27.21 46.58
CA TYR D 198 38.87 27.61 46.48
C TYR D 198 39.46 27.20 45.12
N LEU D 199 40.33 28.04 44.60
CA LEU D 199 41.04 27.73 43.36
C LEU D 199 42.29 26.93 43.67
N SER D 200 42.76 27.06 44.90
CA SER D 200 43.94 26.38 45.39
C SER D 200 43.55 25.32 46.42
N PRO D 201 43.44 24.07 45.99
CA PRO D 201 43.08 22.97 46.90
C PRO D 201 44.16 22.69 47.95
N TYR D 202 45.40 23.07 47.66
CA TYR D 202 46.52 22.86 48.57
C TYR D 202 46.58 23.92 49.68
N PHE D 203 45.42 24.43 50.10
CA PHE D 203 45.38 25.48 51.10
C PHE D 203 44.60 25.09 52.36
N ILE D 204 43.70 24.12 52.23
CA ILE D 204 42.89 23.64 53.34
C ILE D 204 43.68 23.58 54.65
N ASN D 205 43.37 24.48 55.58
CA ASN D 205 44.03 24.51 56.88
C ASN D 205 43.30 23.68 57.95
N LYS D 206 42.31 22.89 57.51
CA LYS D 206 41.60 21.93 58.37
C LYS D 206 41.16 20.71 57.53
N PRO D 207 42.03 19.71 57.40
CA PRO D 207 41.72 18.53 56.57
C PRO D 207 40.53 17.71 57.07
N GLU D 208 39.99 18.04 58.23
CA GLU D 208 38.86 17.31 58.83
C GLU D 208 37.56 17.53 58.06
N THR D 209 37.23 18.79 57.78
CA THR D 209 36.05 19.15 56.99
C THR D 209 36.42 19.23 55.51
N GLY D 210 37.71 19.37 55.23
CA GLY D 210 38.20 19.62 53.89
C GLY D 210 37.88 21.04 53.48
N ALA D 211 38.10 21.98 54.40
CA ALA D 211 37.76 23.39 54.20
C ALA D 211 38.77 24.36 54.83
N VAL D 212 38.78 25.60 54.33
CA VAL D 212 39.69 26.66 54.81
C VAL D 212 39.00 27.53 55.86
N GLU D 213 39.63 27.66 57.03
CA GLU D 213 39.04 28.41 58.14
C GLU D 213 39.92 29.60 58.56
N LEU D 214 39.74 30.73 57.89
CA LEU D 214 40.55 31.92 58.17
C LEU D 214 40.02 32.75 59.35
N GLU D 215 40.81 32.80 60.42
CA GLU D 215 40.42 33.48 61.65
C GLU D 215 40.67 34.99 61.56
N SER D 216 39.59 35.75 61.68
CA SER D 216 39.61 37.22 61.68
C SER D 216 40.53 37.84 60.61
N PRO D 217 40.25 37.58 59.33
CA PRO D 217 41.16 37.97 58.25
C PRO D 217 40.79 39.28 57.55
N PHE D 218 41.69 39.74 56.69
CA PHE D 218 41.45 40.86 55.78
C PHE D 218 40.80 40.33 54.51
N ILE D 219 40.12 41.20 53.77
CA ILE D 219 39.50 40.80 52.52
C ILE D 219 39.84 41.76 51.38
N LEU D 220 40.42 41.20 50.32
CA LEU D 220 40.72 41.97 49.13
C LEU D 220 39.70 41.71 48.04
N LEU D 221 39.10 42.78 47.54
CA LEU D 221 38.10 42.68 46.49
C LEU D 221 38.65 43.22 45.17
N ALA D 222 39.10 42.30 44.33
CA ALA D 222 39.66 42.67 43.03
C ALA D 222 38.63 42.49 41.93
N ASP D 223 38.21 43.63 41.34
CA ASP D 223 37.27 43.61 40.24
C ASP D 223 37.87 42.94 39.00
N LYS D 224 39.09 43.34 38.65
CA LYS D 224 39.84 42.72 37.54
C LYS D 224 40.33 41.32 37.87
N LYS D 225 40.77 40.59 36.86
CA LYS D 225 41.33 39.25 37.05
C LYS D 225 42.86 39.27 37.25
N ILE D 226 43.33 38.52 38.23
CA ILE D 226 44.74 38.46 38.60
C ILE D 226 45.46 37.32 37.89
N SER D 227 46.71 37.57 37.51
CA SER D 227 47.58 36.54 36.94
C SER D 227 49.03 36.71 37.36
N ASN D 228 49.37 37.90 37.86
CA ASN D 228 50.75 38.25 38.22
C ASN D 228 50.93 38.56 39.71
N ILE D 229 52.02 38.02 40.29
CA ILE D 229 52.36 38.23 41.71
C ILE D 229 52.76 39.68 42.01
N ARG D 230 53.13 40.42 40.96
CA ARG D 230 53.55 41.81 41.06
C ARG D 230 52.55 42.70 41.81
N GLU D 231 51.31 42.73 41.31
CA GLU D 231 50.26 43.60 41.86
C GLU D 231 49.96 43.33 43.33
N MET D 232 50.28 42.12 43.77
CA MET D 232 49.99 41.72 45.14
C MET D 232 51.02 42.27 46.12
N LEU D 233 52.30 42.20 45.73
CA LEU D 233 53.41 42.53 46.60
C LEU D 233 53.18 43.70 47.57
N PRO D 234 52.77 44.86 47.05
CA PRO D 234 52.48 46.03 47.92
C PRO D 234 51.53 45.72 49.07
N VAL D 235 50.36 45.16 48.76
CA VAL D 235 49.35 44.87 49.79
C VAL D 235 49.66 43.59 50.55
N LEU D 236 50.04 42.54 49.83
CA LEU D 236 50.48 41.29 50.43
C LEU D 236 51.53 41.54 51.51
N GLU D 237 52.35 42.58 51.30
CA GLU D 237 53.37 42.98 52.25
C GLU D 237 52.80 43.53 53.56
N ALA D 238 51.90 44.50 53.45
CA ALA D 238 51.27 45.12 54.62
C ALA D 238 50.48 44.12 55.47
N VAL D 239 49.96 43.08 54.82
CA VAL D 239 49.25 41.98 55.49
C VAL D 239 50.23 41.03 56.19
N ALA D 240 51.41 40.86 55.58
CA ALA D 240 52.49 40.03 56.12
C ALA D 240 53.09 40.59 57.42
N LYS D 241 53.05 41.91 57.55
CA LYS D 241 53.58 42.59 58.73
C LYS D 241 52.46 43.00 59.69
N ALA D 242 51.27 42.43 59.48
CA ALA D 242 50.11 42.70 60.32
C ALA D 242 49.64 41.45 61.05
N GLY D 243 50.04 40.27 60.54
CA GLY D 243 49.72 39.01 61.18
C GLY D 243 48.45 38.33 60.67
N LYS D 244 47.37 39.11 60.59
CA LYS D 244 46.06 38.60 60.16
C LYS D 244 46.09 37.96 58.78
N PRO D 245 45.32 36.88 58.58
CA PRO D 245 45.18 36.24 57.26
C PRO D 245 44.50 37.14 56.23
N LEU D 246 44.40 36.67 54.97
CA LEU D 246 43.79 37.45 53.90
C LEU D 246 43.01 36.59 52.90
N LEU D 247 41.76 36.97 52.67
CA LEU D 247 40.96 36.36 51.61
C LEU D 247 40.99 37.28 50.38
N ILE D 248 41.16 36.66 49.21
CA ILE D 248 41.18 37.41 47.96
C ILE D 248 40.05 36.95 47.04
N ILE D 249 39.03 37.80 46.93
CA ILE D 249 37.94 37.56 45.99
C ILE D 249 38.16 38.40 44.75
N ALA D 250 38.70 37.76 43.71
CA ALA D 250 38.98 38.41 42.43
C ALA D 250 38.05 37.89 41.35
N GLU D 251 38.11 38.50 40.17
CA GLU D 251 37.44 37.98 38.99
C GLU D 251 37.97 36.58 38.68
N ASP D 252 39.30 36.43 38.81
CA ASP D 252 39.98 35.14 38.70
C ASP D 252 41.41 35.28 39.25
N VAL D 253 41.98 34.17 39.72
CA VAL D 253 43.39 34.11 40.09
C VAL D 253 44.02 32.87 39.44
N GLU D 254 45.09 33.09 38.68
CA GLU D 254 45.73 32.03 37.90
C GLU D 254 47.24 32.25 37.77
N GLY D 255 47.83 31.67 36.72
CA GLY D 255 49.24 31.82 36.44
C GLY D 255 50.12 31.42 37.61
N GLU D 256 51.27 32.07 37.71
CA GLU D 256 52.17 31.85 38.84
C GLU D 256 51.63 32.51 40.11
N ALA D 257 50.85 33.58 39.94
CA ALA D 257 50.22 34.27 41.08
C ALA D 257 49.57 33.27 42.03
N LEU D 258 48.64 32.49 41.50
CA LEU D 258 48.00 31.42 42.26
C LEU D 258 49.06 30.45 42.78
N ALA D 259 49.92 29.99 41.88
CA ALA D 259 50.96 29.02 42.21
C ALA D 259 51.85 29.48 43.37
N THR D 260 52.25 30.77 43.34
CA THR D 260 53.11 31.33 44.38
C THR D 260 52.35 31.43 45.71
N LEU D 261 51.14 31.98 45.64
CA LEU D 261 50.30 32.14 46.83
C LEU D 261 50.28 30.88 47.69
N VAL D 262 50.28 29.73 47.02
CA VAL D 262 50.32 28.43 47.70
C VAL D 262 51.59 28.32 48.53
N VAL D 263 52.76 28.44 47.88
CA VAL D 263 54.07 28.32 48.53
C VAL D 263 54.25 29.31 49.70
N ASN D 264 53.49 30.40 49.66
CA ASN D 264 53.57 31.43 50.69
C ASN D 264 52.84 31.06 51.98
N THR D 265 51.68 30.43 51.86
CA THR D 265 50.95 29.93 53.04
C THR D 265 51.47 28.58 53.48
N MET D 266 51.87 27.76 52.51
CA MET D 266 52.48 26.46 52.76
C MET D 266 53.68 26.56 53.70
N ARG D 267 54.41 27.69 53.61
CA ARG D 267 55.57 27.96 54.45
C ARG D 267 55.18 28.65 55.76
N GLY D 268 54.12 29.46 55.71
CA GLY D 268 53.67 30.21 56.86
C GLY D 268 54.10 31.67 56.82
N ILE D 269 54.40 32.15 55.62
CA ILE D 269 54.77 33.55 55.41
C ILE D 269 53.53 34.44 55.59
N VAL D 270 52.45 34.06 54.91
CA VAL D 270 51.14 34.71 55.03
C VAL D 270 50.07 33.64 54.91
N LYS D 271 48.88 33.91 55.45
CA LYS D 271 47.75 33.01 55.23
C LYS D 271 46.77 33.64 54.25
N VAL D 272 46.75 33.12 53.01
CA VAL D 272 45.99 33.74 51.92
C VAL D 272 45.13 32.78 51.08
N ALA D 273 43.86 33.14 50.91
CA ALA D 273 42.90 32.34 50.15
C ALA D 273 42.52 32.99 48.83
N ALA D 274 42.19 32.16 47.85
CA ALA D 274 41.81 32.65 46.54
C ALA D 274 40.55 31.97 46.03
N VAL D 275 39.52 32.79 45.80
CA VAL D 275 38.23 32.32 45.26
C VAL D 275 37.71 33.28 44.19
N LYS D 276 37.09 32.74 43.14
CA LYS D 276 36.51 33.54 42.07
C LYS D 276 35.40 34.45 42.61
N ALA D 277 34.90 35.34 41.77
CA ALA D 277 33.82 36.25 42.15
C ALA D 277 32.46 35.59 41.94
N PRO D 278 31.52 35.86 42.85
CA PRO D 278 30.15 35.35 42.72
C PRO D 278 29.41 36.05 41.59
N GLY D 279 29.08 35.29 40.54
CA GLY D 279 28.34 35.83 39.42
C GLY D 279 29.10 35.88 38.10
N PHE D 280 28.57 36.69 37.19
CA PHE D 280 28.99 36.74 35.79
C PHE D 280 28.47 38.02 35.17
N GLY D 281 29.26 38.65 34.31
CA GLY D 281 28.88 39.90 33.67
C GLY D 281 28.73 41.04 34.66
N ASP D 282 27.74 41.90 34.41
CA ASP D 282 27.50 43.11 35.22
C ASP D 282 26.97 42.79 36.60
N ARG D 283 26.39 41.61 36.74
CA ARG D 283 25.89 41.11 38.02
C ARG D 283 27.03 40.87 39.01
N ARG D 284 28.18 40.44 38.50
CA ARG D 284 29.35 40.13 39.31
C ARG D 284 29.81 41.35 40.10
N LYS D 285 30.07 42.45 39.39
CA LYS D 285 30.54 43.69 39.99
C LYS D 285 29.50 44.25 40.95
N ALA D 286 28.23 44.04 40.61
CA ALA D 286 27.13 44.39 41.50
C ALA D 286 27.26 43.63 42.82
N MET D 287 27.34 42.29 42.74
CA MET D 287 27.44 41.42 43.92
C MET D 287 28.74 41.60 44.69
N LEU D 288 29.82 41.85 43.95
CA LEU D 288 31.14 42.08 44.56
C LEU D 288 31.12 43.30 45.45
N GLN D 289 30.40 44.33 45.00
CA GLN D 289 30.22 45.56 45.77
C GLN D 289 29.49 45.28 47.08
N ASP D 290 28.47 44.43 47.02
CA ASP D 290 27.69 44.06 48.19
C ASP D 290 28.60 43.56 49.31
N ILE D 291 29.61 42.78 48.92
CA ILE D 291 30.53 42.17 49.88
C ILE D 291 31.37 43.24 50.57
N ALA D 292 31.76 44.27 49.81
CA ALA D 292 32.56 45.38 50.34
C ALA D 292 31.83 46.10 51.46
N THR D 293 30.54 46.31 51.26
CA THR D 293 29.69 46.99 52.24
C THR D 293 29.63 46.23 53.57
N LEU D 294 29.44 44.91 53.50
CA LEU D 294 29.33 44.07 54.70
C LEU D 294 30.65 43.96 55.47
N THR D 295 31.77 44.24 54.81
CA THR D 295 33.09 44.05 55.39
C THR D 295 33.88 45.33 55.61
N GLY D 296 33.37 46.45 55.07
CA GLY D 296 34.02 47.74 55.22
C GLY D 296 35.28 47.89 54.38
N GLY D 297 35.26 47.35 53.17
CA GLY D 297 36.38 47.47 52.23
C GLY D 297 35.99 48.18 50.96
N THR D 298 36.98 48.47 50.12
CA THR D 298 36.74 49.12 48.84
C THR D 298 36.98 48.13 47.71
N VAL D 299 36.07 48.12 46.74
CA VAL D 299 36.27 47.35 45.52
C VAL D 299 37.39 48.01 44.72
N ILE D 300 38.45 47.26 44.46
CA ILE D 300 39.53 47.76 43.60
C ILE D 300 39.16 47.47 42.15
N SER D 301 38.43 48.42 41.56
CA SER D 301 37.90 48.29 40.20
C SER D 301 38.87 48.89 39.20
N GLU D 302 39.40 48.03 38.34
CA GLU D 302 40.36 48.45 37.32
C GLU D 302 39.74 49.41 36.31
N GLU D 303 38.44 49.25 36.07
CA GLU D 303 37.70 50.09 35.12
C GLU D 303 37.66 51.55 35.56
N ILE D 304 37.43 51.80 36.85
CA ILE D 304 37.29 53.17 37.34
C ILE D 304 38.58 53.78 37.89
N GLY D 305 39.67 53.62 37.15
CA GLY D 305 40.94 54.28 37.42
C GLY D 305 41.61 53.89 38.72
N MET D 306 41.82 52.59 38.91
CA MET D 306 42.49 52.09 40.10
C MET D 306 43.44 50.96 39.74
N GLU D 307 44.64 50.99 40.32
CA GLU D 307 45.58 49.90 40.19
C GLU D 307 45.51 49.02 41.42
N LEU D 308 45.74 47.73 41.22
CA LEU D 308 45.72 46.76 42.32
C LEU D 308 46.89 47.01 43.27
N GLU D 309 47.96 47.62 42.73
CA GLU D 309 49.21 47.83 43.47
C GLU D 309 49.18 49.05 44.37
N LYS D 310 48.34 50.03 44.03
CA LYS D 310 48.26 51.27 44.80
C LYS D 310 47.36 51.13 46.04
N ALA D 311 46.88 49.92 46.30
CA ALA D 311 46.04 49.65 47.46
C ALA D 311 46.86 49.50 48.76
N THR D 312 46.25 49.89 49.87
CA THR D 312 46.83 49.70 51.20
C THR D 312 45.84 48.97 52.09
N LEU D 313 46.21 48.73 53.36
CA LEU D 313 45.35 48.07 54.33
C LEU D 313 43.98 48.77 54.46
N GLU D 314 43.98 50.06 54.15
CA GLU D 314 42.79 50.91 54.14
C GLU D 314 41.62 50.29 53.35
N ASP D 315 41.90 49.84 52.14
CA ASP D 315 40.85 49.39 51.21
C ASP D 315 40.41 47.94 51.43
N LEU D 316 41.05 47.25 52.36
CA LEU D 316 40.71 45.86 52.65
C LEU D 316 39.54 45.74 53.60
N GLY D 317 38.62 44.82 53.27
CA GLY D 317 37.51 44.50 54.16
C GLY D 317 38.00 43.64 55.31
N GLN D 318 37.14 43.44 56.31
CA GLN D 318 37.47 42.62 57.48
C GLN D 318 36.26 41.86 58.01
N ALA D 319 36.50 40.63 58.47
CA ALA D 319 35.45 39.77 59.00
C ALA D 319 35.85 39.10 60.31
N LYS D 320 34.87 38.62 61.05
CA LYS D 320 35.10 37.87 62.28
C LYS D 320 35.70 36.49 61.97
N ARG D 321 35.18 35.84 60.92
CA ARG D 321 35.61 34.50 60.51
C ARG D 321 35.25 34.22 59.04
N VAL D 322 35.97 33.29 58.41
CA VAL D 322 35.72 32.90 57.02
C VAL D 322 35.80 31.38 56.85
N VAL D 323 34.85 30.80 56.13
CA VAL D 323 34.81 29.36 55.83
C VAL D 323 34.67 29.09 54.33
N ILE D 324 35.66 28.39 53.76
CA ILE D 324 35.68 28.08 52.33
C ILE D 324 35.89 26.58 52.07
N ASN D 325 34.97 25.97 51.33
CA ASN D 325 35.17 24.60 50.86
C ASN D 325 35.22 24.53 49.33
N LYS D 326 35.28 23.30 48.80
CA LYS D 326 35.38 23.05 47.36
C LYS D 326 34.28 23.74 46.52
N ASP D 327 33.16 24.08 47.16
CA ASP D 327 32.00 24.58 46.43
C ASP D 327 31.49 25.96 46.86
N THR D 328 31.57 26.28 48.16
CA THR D 328 31.02 27.54 48.67
C THR D 328 31.91 28.31 49.64
N THR D 329 31.81 29.63 49.61
CA THR D 329 32.54 30.51 50.50
C THR D 329 31.57 31.26 51.41
N THR D 330 31.91 31.35 52.69
CA THR D 330 31.05 31.97 53.69
C THR D 330 31.79 33.03 54.50
N ILE D 331 31.18 34.20 54.61
CA ILE D 331 31.68 35.25 55.49
C ILE D 331 30.76 35.32 56.69
N ILE D 332 31.33 35.01 57.86
CA ILE D 332 30.62 35.12 59.13
C ILE D 332 30.92 36.48 59.75
N ASP D 333 29.93 37.36 59.74
CA ASP D 333 29.96 38.62 60.49
C ASP D 333 31.14 39.54 60.11
N GLY D 334 30.95 40.35 59.07
CA GLY D 334 31.96 41.33 58.66
C GLY D 334 31.90 42.60 59.51
N VAL D 335 32.91 43.47 59.36
CA VAL D 335 32.97 44.73 60.13
C VAL D 335 31.76 45.62 59.86
N GLY D 336 31.52 45.93 58.59
CA GLY D 336 30.32 46.62 58.13
C GLY D 336 29.62 47.67 59.00
N GLU D 337 29.77 48.94 58.62
CA GLU D 337 29.05 50.04 59.27
C GLU D 337 27.56 49.74 59.23
N GLU D 338 26.95 49.66 60.40
CA GLU D 338 25.56 49.25 60.53
C GLU D 338 24.63 50.01 59.59
N ALA D 339 24.72 51.33 59.62
CA ALA D 339 23.89 52.20 58.78
C ALA D 339 24.13 52.00 57.29
N ALA D 340 25.39 51.78 56.91
CA ALA D 340 25.78 51.57 55.52
C ALA D 340 25.21 50.28 54.92
N ILE D 341 25.10 49.24 55.75
CA ILE D 341 24.49 47.97 55.32
C ILE D 341 23.03 48.18 54.93
N GLN D 342 22.23 48.65 55.90
CA GLN D 342 20.79 48.83 55.70
C GLN D 342 20.48 49.96 54.73
N GLY D 343 21.44 50.86 54.54
CA GLY D 343 21.36 51.89 53.52
C GLY D 343 21.48 51.28 52.14
N ARG D 344 22.48 50.43 51.97
CA ARG D 344 22.67 49.67 50.74
C ARG D 344 21.53 48.69 50.50
N VAL D 345 20.89 48.25 51.59
CA VAL D 345 19.76 47.32 51.51
C VAL D 345 18.49 48.02 51.00
N ALA D 346 18.11 49.12 51.66
CA ALA D 346 16.92 49.88 51.28
C ALA D 346 17.03 50.47 49.86
N GLN D 347 18.25 50.41 49.32
CA GLN D 347 18.57 50.83 47.97
C GLN D 347 18.27 49.71 46.97
N ILE D 348 18.81 48.51 47.26
CA ILE D 348 18.55 47.32 46.46
C ILE D 348 17.07 46.90 46.58
N ARG D 349 16.46 47.22 47.73
CA ARG D 349 15.05 46.96 48.00
C ARG D 349 14.12 47.75 47.06
N GLN D 350 14.56 48.94 46.68
CA GLN D 350 13.81 49.79 45.76
C GLN D 350 14.20 49.51 44.31
N GLN D 351 15.30 48.78 44.11
CA GLN D 351 15.70 48.30 42.79
C GLN D 351 14.78 47.18 42.31
N ILE D 352 14.21 46.45 43.27
CA ILE D 352 13.20 45.42 42.99
C ILE D 352 11.87 46.11 42.64
N GLU D 353 11.64 47.27 43.23
CA GLU D 353 10.44 48.06 43.00
C GLU D 353 10.28 48.43 41.53
N GLU D 354 11.37 48.89 40.91
CA GLU D 354 11.37 49.30 39.51
C GLU D 354 11.95 48.23 38.58
N ALA D 355 12.05 47.00 39.07
CA ALA D 355 12.53 45.88 38.27
C ALA D 355 11.54 45.54 37.16
N THR D 356 11.98 45.73 35.92
CA THR D 356 11.09 45.73 34.74
C THR D 356 10.70 44.35 34.22
N SER D 357 10.79 43.32 35.08
CA SER D 357 10.44 41.95 34.71
C SER D 357 10.32 41.05 35.93
N ASP D 358 10.68 39.77 35.76
CA ASP D 358 10.68 38.80 36.85
C ASP D 358 12.08 38.37 37.23
N TYR D 359 12.96 38.25 36.24
CA TYR D 359 14.37 37.89 36.49
C TYR D 359 15.12 39.02 37.19
N ASP D 360 14.83 40.26 36.80
CA ASP D 360 15.39 41.46 37.45
C ASP D 360 14.82 41.66 38.86
N ARG D 361 13.93 40.74 39.25
CA ARG D 361 13.31 40.73 40.58
C ARG D 361 13.89 39.60 41.45
N GLU D 362 14.09 38.43 40.83
CA GLU D 362 14.59 37.24 41.52
C GLU D 362 15.96 37.47 42.16
N LYS D 363 16.96 37.70 41.31
CA LYS D 363 18.35 37.88 41.76
C LYS D 363 18.50 39.02 42.76
N LEU D 364 17.63 40.01 42.66
CA LEU D 364 17.70 41.20 43.51
C LEU D 364 17.37 40.85 44.96
N GLN D 365 16.23 40.20 45.18
CA GLN D 365 15.86 39.79 46.53
C GLN D 365 16.77 38.68 47.07
N GLU D 366 17.43 37.97 46.16
CA GLU D 366 18.43 36.98 46.55
C GLU D 366 19.57 37.67 47.30
N ARG D 367 20.05 38.77 46.73
CA ARG D 367 21.15 39.54 47.31
C ARG D 367 20.75 40.23 48.61
N VAL D 368 19.48 40.68 48.68
CA VAL D 368 18.99 41.33 49.88
C VAL D 368 18.95 40.36 51.06
N ALA D 369 18.63 39.09 50.77
CA ALA D 369 18.57 38.07 51.80
C ALA D 369 19.98 37.71 52.28
N LYS D 370 20.93 37.72 51.34
CA LYS D 370 22.33 37.47 51.65
C LYS D 370 22.86 38.54 52.61
N LEU D 371 22.37 39.77 52.42
CA LEU D 371 22.81 40.91 53.21
C LEU D 371 21.96 41.15 54.47
N ALA D 372 20.66 40.87 54.37
CA ALA D 372 19.74 41.08 55.50
C ALA D 372 19.67 39.87 56.41
N GLY D 373 18.56 40.21 55.79
CA GLY D 373 18.34 39.09 56.69
C GLY D 373 19.25 37.94 56.36
N GLY D 374 18.64 36.86 55.90
CA GLY D 374 19.39 35.65 55.59
C GLY D 374 18.76 34.82 54.50
N VAL D 375 19.41 33.70 54.20
CA VAL D 375 18.95 32.78 53.17
C VAL D 375 18.73 31.38 53.74
N ALA D 376 17.63 30.74 53.35
CA ALA D 376 17.27 29.43 53.87
C ALA D 376 17.06 28.40 52.77
N VAL D 377 17.42 27.16 53.07
CA VAL D 377 17.24 26.06 52.15
C VAL D 377 16.38 25.01 52.83
N ILE D 378 15.34 24.56 52.14
CA ILE D 378 14.57 23.42 52.61
C ILE D 378 15.03 22.18 51.84
N LYS D 379 15.51 21.17 52.56
CA LYS D 379 15.93 19.90 51.97
C LYS D 379 14.83 18.88 52.19
N VAL D 380 14.35 18.30 51.08
CA VAL D 380 13.22 17.38 51.11
C VAL D 380 13.72 15.93 51.17
N GLY D 381 13.18 15.15 52.10
CA GLY D 381 13.55 13.75 52.23
C GLY D 381 12.50 12.85 51.59
N ALA D 382 12.95 11.74 51.00
CA ALA D 382 12.06 10.69 50.54
C ALA D 382 12.82 9.38 50.43
N ALA D 383 12.11 8.26 50.42
CA ALA D 383 12.79 6.97 50.40
C ALA D 383 13.37 6.69 49.01
N THR D 384 12.54 6.87 47.99
CA THR D 384 12.91 6.62 46.61
C THR D 384 13.07 7.94 45.87
N GLU D 385 12.90 7.90 44.55
CA GLU D 385 13.09 9.04 43.68
C GLU D 385 11.78 9.47 43.05
N VAL D 386 10.86 8.54 42.80
CA VAL D 386 9.53 8.96 42.37
C VAL D 386 8.85 9.70 43.50
N GLU D 387 9.19 9.33 44.73
CA GLU D 387 8.67 10.02 45.91
C GLU D 387 9.31 11.41 46.02
N MET D 388 10.63 11.46 45.87
CA MET D 388 11.35 12.71 45.96
C MET D 388 10.74 13.76 45.06
N LYS D 389 10.41 13.36 43.82
CA LYS D 389 9.89 14.28 42.79
C LYS D 389 8.52 14.84 43.09
N GLU D 390 7.56 13.99 43.46
CA GLU D 390 6.24 14.45 43.82
C GLU D 390 6.29 15.27 45.14
N LYS D 391 7.10 14.87 46.11
CA LYS D 391 7.24 15.67 47.33
C LYS D 391 7.89 17.03 47.06
N LYS D 392 9.05 17.04 46.39
CA LYS D 392 9.74 18.29 46.12
C LYS D 392 8.82 19.25 45.40
N ALA D 393 8.01 18.71 44.48
CA ALA D 393 7.01 19.48 43.75
C ALA D 393 5.94 20.09 44.65
N ARG D 394 5.58 19.41 45.73
CA ARG D 394 4.54 19.94 46.60
C ARG D 394 5.12 21.03 47.50
N VAL D 395 6.33 20.81 48.04
CA VAL D 395 6.99 21.84 48.86
C VAL D 395 7.26 23.10 48.04
N GLU D 396 7.65 22.95 46.78
CA GLU D 396 7.79 24.07 45.86
C GLU D 396 6.49 24.81 45.67
N ASP D 397 5.40 24.06 45.52
CA ASP D 397 4.05 24.59 45.41
C ASP D 397 3.64 25.40 46.66
N ALA D 398 3.75 24.80 47.84
CA ALA D 398 3.47 25.50 49.08
C ALA D 398 4.33 26.75 49.26
N LEU D 399 5.61 26.64 48.97
CA LEU D 399 6.49 27.79 49.05
C LEU D 399 5.95 29.00 48.26
N HIS D 400 5.33 28.75 47.10
CA HIS D 400 4.76 29.81 46.27
C HIS D 400 3.48 30.30 46.88
N ALA D 401 2.65 29.38 47.34
CA ALA D 401 1.31 29.75 47.78
C ALA D 401 1.39 30.63 49.03
N THR D 402 2.35 30.36 49.91
CA THR D 402 2.54 31.22 51.07
C THR D 402 3.02 32.58 50.61
N ARG D 403 3.95 32.64 49.65
CA ARG D 403 4.47 33.94 49.17
C ARG D 403 3.36 34.81 48.59
N ALA D 404 2.34 34.16 48.06
CA ALA D 404 1.19 34.83 47.49
C ALA D 404 0.28 35.33 48.58
N ALA D 405 0.09 34.52 49.61
CA ALA D 405 -0.76 34.90 50.72
C ALA D 405 -0.19 36.14 51.39
N VAL D 406 1.10 36.14 51.62
CA VAL D 406 1.78 37.24 52.27
C VAL D 406 1.58 38.53 51.50
N GLU D 407 1.64 38.49 50.18
CA GLU D 407 1.50 39.72 49.42
C GLU D 407 0.04 40.11 49.11
N GLU D 408 -0.91 39.17 49.25
CA GLU D 408 -2.26 39.48 48.82
C GLU D 408 -3.45 38.90 49.64
N GLY D 409 -2.62 37.87 52.14
CA GLY D 409 -3.57 37.36 53.11
C GLY D 409 -4.22 36.05 52.75
N VAL D 410 -5.13 35.58 53.62
CA VAL D 410 -5.81 34.28 53.47
C VAL D 410 -7.32 34.40 53.54
N VAL D 411 -8.00 33.37 53.07
CA VAL D 411 -9.45 33.31 53.09
C VAL D 411 -9.86 31.87 53.37
N ALA D 412 -11.12 31.65 53.70
CA ALA D 412 -11.61 30.32 54.06
C ALA D 412 -11.41 29.44 52.86
N GLY D 413 -10.70 28.32 53.05
CA GLY D 413 -10.54 27.28 52.02
C GLY D 413 -11.76 26.41 51.71
N GLY D 414 -11.58 25.28 51.02
CA GLY D 414 -12.71 24.42 50.71
C GLY D 414 -13.57 25.09 49.67
N GLY D 415 -12.99 26.13 49.07
CA GLY D 415 -13.73 27.00 48.18
C GLY D 415 -14.95 27.68 48.82
N VAL D 416 -14.93 27.93 50.14
CA VAL D 416 -16.06 28.59 50.73
C VAL D 416 -16.00 30.07 50.41
N ALA D 417 -14.80 30.66 50.47
CA ALA D 417 -14.60 32.06 50.10
C ALA D 417 -15.42 32.34 48.85
N LEU D 418 -15.18 31.58 47.78
CA LEU D 418 -15.91 31.80 46.53
C LEU D 418 -17.43 31.73 46.69
N ILE D 419 -17.92 30.71 47.41
CA ILE D 419 -19.35 30.57 47.63
C ILE D 419 -19.99 31.78 48.37
N ARG D 420 -19.13 32.39 49.19
CA ARG D 420 -19.50 33.50 50.04
C ARG D 420 -19.61 34.73 49.18
N VAL D 421 -18.63 34.95 48.30
CA VAL D 421 -18.76 36.11 47.43
C VAL D 421 -19.93 35.96 46.45
N ALA D 422 -20.22 34.74 46.00
CA ALA D 422 -21.43 34.55 45.18
C ALA D 422 -22.78 35.00 45.81
N SER D 423 -22.91 34.91 47.14
CA SER D 423 -24.16 35.38 47.73
C SER D 423 -24.09 36.88 47.96
N LYS D 424 -22.90 37.42 48.21
CA LYS D 424 -22.79 38.87 48.28
C LYS D 424 -23.17 39.53 46.97
N LEU D 425 -22.93 38.87 45.84
CA LEU D 425 -23.20 39.48 44.56
C LEU D 425 -24.56 39.06 43.98
N ALA D 426 -25.40 38.50 44.86
CA ALA D 426 -26.72 38.05 44.44
C ALA D 426 -27.53 39.17 43.81
N ASP D 427 -27.16 40.41 44.14
CA ASP D 427 -27.92 41.56 43.66
C ASP D 427 -27.23 42.40 42.58
N LEU D 428 -26.14 41.87 42.03
CA LEU D 428 -25.42 42.50 40.92
C LEU D 428 -26.20 42.40 39.62
N ARG D 429 -26.31 43.53 38.92
CA ARG D 429 -26.95 43.54 37.61
C ARG D 429 -26.11 44.26 36.55
N GLY D 430 -26.44 44.05 35.28
CA GLY D 430 -25.71 44.68 34.20
C GLY D 430 -26.53 45.72 33.44
N GLN D 431 -26.08 46.03 32.22
CA GLN D 431 -26.73 47.02 31.39
C GLN D 431 -27.95 46.45 30.69
N ASN D 432 -28.10 45.12 30.66
CA ASN D 432 -29.26 44.54 29.99
C ASN D 432 -29.43 43.10 30.40
N GLU D 433 -30.48 42.43 29.95
CA GLU D 433 -30.72 41.06 30.40
C GLU D 433 -29.61 40.05 30.06
N ASP D 434 -29.03 40.14 28.87
CA ASP D 434 -27.96 39.21 28.52
C ASP D 434 -26.80 39.39 29.49
N GLN D 435 -26.46 40.64 29.82
CA GLN D 435 -25.39 40.87 30.79
C GLN D 435 -25.71 40.24 32.15
N ASN D 436 -27.00 40.18 32.48
CA ASN D 436 -27.47 39.61 33.72
C ASN D 436 -27.20 38.11 33.78
N VAL D 437 -27.63 37.40 32.74
CA VAL D 437 -27.36 35.98 32.63
C VAL D 437 -25.85 35.75 32.71
N GLY D 438 -25.09 36.69 32.20
CA GLY D 438 -23.65 36.60 32.20
C GLY D 438 -23.13 36.67 33.60
N ILE D 439 -23.76 37.49 34.43
CA ILE D 439 -23.39 37.53 35.85
C ILE D 439 -23.76 36.23 36.55
N LYS D 440 -25.03 35.83 36.47
CA LYS D 440 -25.47 34.56 37.05
C LYS D 440 -24.60 33.36 36.62
N VAL D 441 -24.16 33.37 35.38
CA VAL D 441 -23.18 32.37 34.92
C VAL D 441 -21.87 32.38 35.76
N ALA D 442 -21.25 33.53 36.01
CA ALA D 442 -20.08 33.50 36.86
C ALA D 442 -20.42 33.11 38.29
N LEU D 443 -21.50 33.63 38.84
CA LEU D 443 -21.81 33.33 40.25
C LEU D 443 -21.94 31.81 40.44
N ARG D 444 -22.73 31.18 39.56
CA ARG D 444 -23.01 29.76 39.58
C ARG D 444 -21.71 28.95 39.45
N ALA D 445 -20.74 29.52 38.76
CA ALA D 445 -19.48 28.84 38.56
C ALA D 445 -18.69 28.88 39.82
N MET D 446 -18.93 29.90 40.63
CA MET D 446 -18.12 30.14 41.80
C MET D 446 -18.26 29.03 42.79
N GLU D 447 -19.38 28.31 42.68
CA GLU D 447 -19.64 27.12 43.46
C GLU D 447 -18.83 25.90 43.04
N ALA D 448 -18.17 25.93 41.88
CA ALA D 448 -17.64 24.65 41.35
C ALA D 448 -16.48 24.03 42.13
N PRO D 449 -15.49 24.79 42.54
CA PRO D 449 -14.43 24.17 43.34
C PRO D 449 -15.03 23.38 44.50
N LEU D 450 -15.91 23.98 45.31
CA LEU D 450 -16.49 23.26 46.44
C LEU D 450 -17.16 22.04 45.91
N ARG D 451 -17.92 22.20 44.84
CA ARG D 451 -18.64 21.07 44.26
C ARG D 451 -17.75 19.91 43.79
N GLN D 452 -16.55 20.20 43.24
CA GLN D 452 -15.63 19.15 42.78
C GLN D 452 -14.97 18.47 43.97
N ILE D 453 -14.53 19.31 44.95
CA ILE D 453 -13.90 18.78 46.17
C ILE D 453 -14.79 17.70 46.77
N VAL D 454 -16.06 18.01 46.90
CA VAL D 454 -16.98 17.05 47.43
C VAL D 454 -17.17 15.84 46.53
N LEU D 455 -17.02 16.03 45.23
CA LEU D 455 -17.37 14.98 44.31
C LEU D 455 -16.24 13.97 44.27
N ASN D 456 -15.02 14.47 44.36
CA ASN D 456 -13.86 13.64 44.58
C ASN D 456 -13.88 12.84 45.90
N CYS D 457 -14.75 13.15 46.86
CA CYS D 457 -14.83 12.37 48.08
C CYS D 457 -15.87 11.34 47.93
N GLY D 458 -16.51 11.25 46.79
CA GLY D 458 -17.54 10.25 46.64
C GLY D 458 -18.85 10.64 47.31
N GLU D 459 -18.98 11.92 47.62
CA GLU D 459 -20.16 12.43 48.32
C GLU D 459 -20.98 13.40 47.49
N GLU D 460 -22.26 13.56 47.90
CA GLU D 460 -23.25 14.35 47.19
C GLU D 460 -22.93 15.86 47.15
N PRO D 461 -22.60 16.39 45.99
CA PRO D 461 -21.93 17.69 45.97
C PRO D 461 -22.97 18.79 46.22
N SER D 462 -24.16 18.63 45.64
CA SER D 462 -25.21 19.61 45.77
C SER D 462 -25.73 19.67 47.25
N VAL D 463 -25.79 18.51 47.91
CA VAL D 463 -26.19 18.43 49.32
C VAL D 463 -25.18 19.14 50.22
N VAL D 464 -23.89 18.92 50.02
CA VAL D 464 -22.91 19.71 50.77
C VAL D 464 -23.09 21.19 50.47
N ALA D 465 -23.15 21.57 49.20
CA ALA D 465 -23.27 22.99 48.82
C ALA D 465 -24.53 23.63 49.47
N ASN D 466 -25.67 22.99 49.35
CA ASN D 466 -26.85 23.52 49.99
C ASN D 466 -26.58 23.86 51.43
N THR D 467 -26.00 22.94 52.19
CA THR D 467 -25.75 23.22 53.61
C THR D 467 -24.59 24.19 53.90
N VAL D 468 -23.58 24.31 53.06
CA VAL D 468 -22.63 25.38 53.29
C VAL D 468 -23.29 26.76 53.03
N LYS D 469 -24.15 26.79 52.01
CA LYS D 469 -24.82 28.04 51.61
C LYS D 469 -25.89 28.40 52.64
N GLY D 470 -26.30 27.45 53.46
CA GLY D 470 -27.17 27.76 54.57
C GLY D 470 -26.48 28.50 55.71
N GLY D 471 -25.16 28.48 55.73
CA GLY D 471 -24.36 29.02 56.82
C GLY D 471 -23.92 30.44 56.56
N ASP D 472 -22.92 30.92 57.29
CA ASP D 472 -22.36 32.27 57.13
C ASP D 472 -20.88 32.36 57.37
N GLY D 473 -20.30 33.50 57.06
CA GLY D 473 -18.87 33.72 57.27
C GLY D 473 -17.99 32.58 56.82
N ASN D 474 -17.25 32.02 57.75
CA ASN D 474 -16.25 31.04 57.45
C ASN D 474 -16.70 29.61 57.68
N TYR D 475 -18.00 29.39 57.70
CA TYR D 475 -18.51 28.02 57.91
C TYR D 475 -18.34 27.26 56.63
N GLY D 476 -17.79 26.05 56.71
CA GLY D 476 -17.54 25.27 55.52
C GLY D 476 -17.55 23.78 55.78
N TYR D 477 -17.19 22.99 54.75
CA TYR D 477 -17.13 21.54 54.86
C TYR D 477 -15.70 21.22 54.96
N ASN D 478 -15.39 20.32 55.88
CA ASN D 478 -14.04 19.78 56.00
C ASN D 478 -14.02 18.40 55.39
N ALA D 479 -13.53 18.33 54.15
CA ALA D 479 -13.57 17.10 53.34
C ALA D 479 -12.72 16.00 53.94
N ALA D 480 -11.59 16.38 54.55
CA ALA D 480 -10.75 15.44 55.28
C ALA D 480 -11.55 14.69 56.34
N THR D 481 -12.20 15.42 57.23
CA THR D 481 -12.82 14.79 58.39
C THR D 481 -14.30 14.54 58.19
N GLU D 482 -14.87 15.00 57.08
CA GLU D 482 -16.29 14.73 56.78
C GLU D 482 -17.27 15.43 57.74
N GLU D 483 -16.88 16.55 58.33
CA GLU D 483 -17.84 17.32 59.12
C GLU D 483 -17.69 18.83 58.93
N TYR D 484 -18.79 19.56 59.13
CA TYR D 484 -18.83 21.01 58.87
C TYR D 484 -18.25 21.78 60.07
N GLY D 485 -17.83 23.02 59.87
CA GLY D 485 -17.20 23.79 60.92
C GLY D 485 -16.66 25.11 60.41
N ASN D 486 -15.92 25.81 61.26
CA ASN D 486 -15.33 27.06 60.86
C ASN D 486 -13.98 26.78 60.18
N MET D 487 -13.87 27.06 58.88
CA MET D 487 -12.65 26.69 58.11
C MET D 487 -11.37 27.31 58.65
N ILE D 488 -11.41 28.55 59.12
CA ILE D 488 -10.19 29.16 59.63
C ILE D 488 -9.74 28.49 60.92
N ASP D 489 -10.72 28.06 61.72
CA ASP D 489 -10.44 27.38 62.99
C ASP D 489 -9.88 26.01 62.74
N MET D 490 -10.36 25.36 61.69
CA MET D 490 -9.84 24.05 61.36
C MET D 490 -8.54 24.11 60.57
N GLY D 491 -8.01 25.30 60.34
CA GLY D 491 -6.75 25.42 59.66
C GLY D 491 -6.79 25.26 58.14
N ILE D 492 -7.98 25.11 57.57
CA ILE D 492 -8.15 25.03 56.14
C ILE D 492 -8.20 26.41 55.46
N LEU D 493 -7.05 27.06 55.28
CA LEU D 493 -6.99 28.37 54.62
C LEU D 493 -6.35 28.33 53.23
N ASP D 494 -6.98 28.91 52.19
CA ASP D 494 -6.30 29.23 50.89
C ASP D 494 -5.78 30.65 50.87
N PRO D 495 -4.67 30.92 50.19
CA PRO D 495 -4.15 32.28 50.15
C PRO D 495 -5.00 33.10 49.17
N THR D 496 -5.20 34.38 49.51
CA THR D 496 -6.14 35.21 48.75
C THR D 496 -5.65 35.36 47.31
N LYS D 497 -4.39 35.78 47.17
CA LYS D 497 -3.78 35.90 45.86
C LYS D 497 -4.07 34.66 44.99
N VAL D 498 -3.90 33.45 45.51
CA VAL D 498 -4.29 32.34 44.68
C VAL D 498 -5.77 32.29 44.36
N THR D 499 -6.66 32.48 45.32
CA THR D 499 -8.09 32.32 44.94
C THR D 499 -8.51 33.36 43.90
N ARG D 500 -8.05 34.59 44.12
CA ARG D 500 -8.30 35.71 43.24
C ARG D 500 -7.81 35.34 41.85
N SER D 501 -6.52 34.95 41.78
CA SER D 501 -5.84 34.65 40.53
C SER D 501 -6.50 33.49 39.81
N ALA D 502 -6.85 32.42 40.51
CA ALA D 502 -7.63 31.38 39.85
C ALA D 502 -8.76 32.07 39.12
N LEU D 503 -9.59 32.83 39.85
CA LEU D 503 -10.79 33.44 39.25
C LEU D 503 -10.51 34.34 38.07
N GLN D 504 -9.58 35.27 38.23
CA GLN D 504 -9.34 36.23 37.18
C GLN D 504 -8.98 35.53 35.87
N TYR D 505 -8.09 34.56 35.94
CA TYR D 505 -7.59 33.86 34.76
C TYR D 505 -8.63 32.96 34.15
N ALA D 506 -9.32 32.16 34.93
CA ALA D 506 -10.33 31.35 34.30
C ALA D 506 -11.28 32.25 33.56
N ALA D 507 -11.69 33.36 34.21
CA ALA D 507 -12.72 34.28 33.63
C ALA D 507 -12.23 34.86 32.33
N SER D 508 -10.99 35.33 32.36
CA SER D 508 -10.37 35.85 31.18
C SER D 508 -10.47 34.88 30.01
N VAL D 509 -9.91 33.68 30.13
CA VAL D 509 -10.02 32.76 29.01
C VAL D 509 -11.46 32.39 28.73
N ALA D 510 -12.18 31.82 29.67
CA ALA D 510 -13.55 31.32 29.33
C ALA D 510 -14.49 32.41 28.76
N GLY D 511 -14.22 33.66 29.17
CA GLY D 511 -14.98 34.79 28.72
C GLY D 511 -14.86 34.89 27.23
N LEU D 512 -13.62 35.02 26.73
CA LEU D 512 -13.33 34.96 25.29
C LEU D 512 -13.88 33.73 24.61
N MET D 513 -13.68 32.60 25.25
CA MET D 513 -14.00 31.32 24.64
C MET D 513 -15.46 31.22 24.22
N ILE D 514 -16.36 31.77 25.02
CA ILE D 514 -17.77 31.60 24.72
C ILE D 514 -18.26 32.50 23.60
N THR D 515 -17.42 33.43 23.13
CA THR D 515 -17.80 34.34 22.07
C THR D 515 -17.41 33.80 20.68
N THR D 516 -17.15 32.51 20.58
CA THR D 516 -16.57 31.89 19.40
C THR D 516 -17.68 31.50 18.45
N GLU D 517 -17.60 31.97 17.22
CA GLU D 517 -18.62 31.63 16.25
C GLU D 517 -18.03 30.82 15.10
N CYS D 518 -16.72 30.89 14.95
CA CYS D 518 -16.08 30.19 13.89
C CYS D 518 -14.66 29.75 14.25
N MET D 519 -14.24 28.58 13.77
CA MET D 519 -12.93 28.04 14.10
C MET D 519 -12.20 27.62 12.84
N VAL D 520 -10.91 27.96 12.78
CA VAL D 520 -10.10 27.72 11.60
C VAL D 520 -8.84 26.96 11.94
N THR D 521 -8.71 25.75 11.42
CA THR D 521 -7.57 24.86 11.67
C THR D 521 -7.14 24.06 10.44
N ASP D 522 -6.01 23.35 10.54
CA ASP D 522 -5.51 22.44 9.50
C ASP D 522 -6.36 21.21 9.29
N LEU D 523 -6.25 20.62 8.11
CA LEU D 523 -7.00 19.42 7.77
C LEU D 523 -6.42 18.18 8.46
N PRO D 524 -7.28 17.23 8.81
CA PRO D 524 -6.88 15.97 9.44
C PRO D 524 -5.93 15.07 8.62
N ALA E 1 2.83 15.08 20.55
CA ALA E 1 1.87 14.16 19.89
C ALA E 1 0.54 14.19 20.63
N ALA E 2 -0.54 13.95 19.90
CA ALA E 2 -1.82 13.64 20.50
C ALA E 2 -1.65 12.51 21.51
N LYS E 3 -2.30 12.67 22.66
CA LYS E 3 -2.25 11.74 23.77
C LYS E 3 -3.52 10.92 23.90
N ASP E 4 -3.38 9.74 24.43
CA ASP E 4 -4.52 8.90 24.84
C ASP E 4 -4.70 9.11 26.34
N VAL E 5 -5.92 9.31 26.80
CA VAL E 5 -6.14 9.42 28.23
C VAL E 5 -7.22 8.48 28.71
N LYS E 6 -6.91 7.75 29.79
CA LYS E 6 -7.81 6.74 30.30
C LYS E 6 -8.08 7.02 31.75
N PHE E 7 -9.30 6.72 32.17
CA PHE E 7 -9.75 7.05 33.51
C PHE E 7 -10.17 5.87 34.35
N GLY E 8 -9.92 5.99 35.65
CA GLY E 8 -10.52 5.15 36.65
C GLY E 8 -10.17 3.70 36.47
N ASN E 9 -11.21 2.89 36.42
CA ASN E 9 -11.00 1.47 36.34
C ASN E 9 -10.23 1.05 35.10
N ASP E 10 -10.60 1.60 33.94
CA ASP E 10 -9.91 1.24 32.72
C ASP E 10 -8.44 1.50 32.82
N ALA E 11 -8.08 2.70 33.25
CA ALA E 11 -6.66 3.01 33.39
C ALA E 11 -5.98 1.93 34.24
N ARG E 12 -6.66 1.55 35.33
CA ARG E 12 -6.09 0.70 36.38
C ARG E 12 -5.95 -0.76 35.94
N VAL E 13 -6.99 -1.33 35.35
CA VAL E 13 -6.87 -2.65 34.78
C VAL E 13 -5.65 -2.73 33.84
N LYS E 14 -5.53 -1.80 32.90
CA LYS E 14 -4.34 -1.74 32.06
C LYS E 14 -3.06 -1.61 32.88
N MET E 15 -3.00 -0.69 33.83
CA MET E 15 -1.76 -0.52 34.61
C MET E 15 -1.32 -1.81 35.28
N LEU E 16 -2.30 -2.63 35.68
CA LEU E 16 -2.03 -3.80 36.46
C LEU E 16 -1.48 -4.85 35.52
N ARG E 17 -2.19 -5.07 34.41
CA ARG E 17 -1.70 -5.98 33.37
C ARG E 17 -0.22 -5.76 33.07
N GLY E 18 0.19 -4.52 33.05
CA GLY E 18 1.58 -4.17 32.83
C GLY E 18 2.43 -4.74 33.93
N VAL E 19 2.16 -4.32 35.16
CA VAL E 19 2.82 -4.85 36.36
C VAL E 19 2.92 -6.38 36.31
N ASN E 20 1.81 -7.07 36.14
CA ASN E 20 1.90 -8.50 36.05
C ASN E 20 2.92 -9.07 35.07
N VAL E 21 2.93 -8.61 33.82
CA VAL E 21 3.86 -9.13 32.84
C VAL E 21 5.29 -9.04 33.38
N LEU E 22 5.67 -7.87 33.88
CA LEU E 22 6.99 -7.71 34.47
C LEU E 22 7.09 -8.59 35.70
N ALA E 23 6.21 -8.44 36.68
CA ALA E 23 6.22 -9.31 37.88
C ALA E 23 6.32 -10.77 37.54
N ASP E 24 5.40 -11.29 36.73
CA ASP E 24 5.50 -12.70 36.31
C ASP E 24 6.82 -13.14 35.69
N ALA E 25 7.47 -12.29 34.92
CA ALA E 25 8.74 -12.70 34.34
C ALA E 25 9.78 -12.68 35.42
N VAL E 26 9.60 -11.89 36.47
CA VAL E 26 10.70 -11.81 37.44
C VAL E 26 10.55 -12.93 38.49
N LYS E 27 9.29 -13.17 38.85
CA LYS E 27 8.90 -14.14 39.84
C LYS E 27 9.48 -15.52 39.62
N VAL E 28 9.71 -15.90 38.35
CA VAL E 28 10.00 -17.31 38.09
C VAL E 28 11.38 -17.67 38.60
N THR E 29 12.13 -16.65 38.99
CA THR E 29 13.48 -16.88 39.41
C THR E 29 13.67 -16.85 40.90
N LEU E 30 12.61 -16.56 41.66
CA LEU E 30 12.74 -16.43 43.10
C LEU E 30 13.00 -17.75 43.83
N GLY E 31 14.04 -17.77 44.64
CA GLY E 31 14.28 -18.92 45.50
C GLY E 31 15.16 -20.03 44.98
N PRO E 32 15.49 -20.98 45.84
CA PRO E 32 16.38 -22.07 45.44
C PRO E 32 15.85 -22.92 44.30
N LYS E 33 14.54 -23.17 44.19
CA LYS E 33 13.96 -23.84 43.03
C LYS E 33 13.47 -22.82 41.98
N GLY E 34 14.13 -21.67 41.99
CA GLY E 34 13.98 -20.70 40.92
C GLY E 34 14.60 -21.20 39.64
N ARG E 35 13.97 -20.84 38.51
CA ARG E 35 14.41 -21.18 37.18
C ARG E 35 15.02 -19.94 36.50
N ASN E 36 15.55 -20.10 35.30
CA ASN E 36 16.16 -18.96 34.64
C ASN E 36 15.26 -18.33 33.60
N VAL E 37 15.60 -17.10 33.24
CA VAL E 37 14.97 -16.39 32.14
C VAL E 37 16.01 -16.14 31.06
N VAL E 38 15.62 -16.31 29.81
CA VAL E 38 16.49 -16.00 28.67
C VAL E 38 16.19 -14.62 28.11
N LEU E 39 17.22 -13.79 28.03
CA LEU E 39 17.09 -12.42 27.56
C LEU E 39 17.81 -12.17 26.22
N ASP E 40 17.03 -12.03 25.16
CA ASP E 40 17.57 -11.73 23.86
C ASP E 40 18.41 -10.46 23.81
N LYS E 41 19.31 -10.40 22.84
CA LYS E 41 20.22 -9.29 22.68
C LYS E 41 20.71 -9.43 21.23
N SER E 42 20.22 -8.57 20.31
CA SER E 42 20.69 -8.67 18.92
C SER E 42 22.23 -8.72 18.92
N PHE E 43 22.83 -7.62 19.41
CA PHE E 43 24.24 -7.50 19.87
C PHE E 43 25.06 -8.81 19.88
N GLY E 44 24.91 -9.62 20.93
CA GLY E 44 25.67 -10.86 21.07
C GLY E 44 24.75 -12.07 21.19
N ALA E 45 25.21 -13.12 21.89
CA ALA E 45 24.36 -14.26 22.15
C ALA E 45 23.38 -13.83 23.21
N PRO E 46 22.23 -14.49 23.31
CA PRO E 46 21.35 -14.26 24.45
C PRO E 46 22.04 -14.49 25.78
N THR E 47 21.35 -14.07 26.82
CA THR E 47 21.87 -14.11 28.17
C THR E 47 20.95 -15.02 28.95
N ILE E 48 21.52 -15.95 29.72
CA ILE E 48 20.70 -16.67 30.66
C ILE E 48 20.92 -16.00 32.01
N THR E 49 19.87 -15.79 32.78
CA THR E 49 20.03 -15.09 34.07
C THR E 49 18.93 -15.38 35.06
N LYS E 50 19.32 -15.44 36.34
CA LYS E 50 18.40 -15.61 37.47
C LYS E 50 18.07 -14.27 38.14
N ASP E 51 18.90 -13.27 37.81
CA ASP E 51 18.99 -11.99 38.50
C ASP E 51 17.85 -11.06 38.18
N GLY E 52 17.00 -10.89 39.17
CA GLY E 52 15.70 -10.21 39.01
C GLY E 52 15.68 -8.85 38.33
N VAL E 53 16.67 -8.02 38.65
CA VAL E 53 16.74 -6.70 38.10
C VAL E 53 17.03 -6.82 36.60
N SER E 54 17.84 -7.81 36.23
CA SER E 54 18.23 -7.98 34.84
C SER E 54 17.05 -8.31 33.95
N VAL E 55 16.16 -9.19 34.41
CA VAL E 55 14.94 -9.44 33.70
C VAL E 55 14.13 -8.16 33.62
N ALA E 56 13.99 -7.46 34.76
CA ALA E 56 13.14 -6.25 34.85
C ALA E 56 13.50 -5.18 33.85
N ARG E 57 14.75 -4.71 33.88
CA ARG E 57 15.26 -3.76 32.91
C ARG E 57 14.98 -4.06 31.42
N GLU E 58 14.60 -5.28 31.07
CA GLU E 58 14.30 -5.59 29.67
C GLU E 58 12.83 -5.53 29.32
N ILE E 59 11.95 -5.56 30.30
CA ILE E 59 10.55 -5.54 29.93
C ILE E 59 10.13 -4.14 29.49
N GLU E 60 9.52 -4.10 28.30
CA GLU E 60 8.89 -2.93 27.71
C GLU E 60 7.70 -3.47 26.93
N LEU E 61 6.52 -2.92 27.09
CA LEU E 61 5.38 -3.55 26.44
C LEU E 61 4.88 -2.73 25.26
N GLU E 62 3.99 -3.33 24.46
CA GLU E 62 3.55 -2.61 23.28
C GLU E 62 2.39 -1.69 23.56
N ASP E 63 1.38 -2.19 24.28
CA ASP E 63 0.25 -1.41 24.75
C ASP E 63 0.77 -0.34 25.70
N LYS E 64 0.52 0.91 25.36
CA LYS E 64 1.30 1.99 25.91
C LYS E 64 1.02 2.18 27.39
N PHE E 65 -0.17 1.76 27.82
CA PHE E 65 -0.62 1.91 29.19
C PHE E 65 -0.01 0.80 30.03
N GLU E 66 -0.16 -0.44 29.56
CA GLU E 66 0.49 -1.59 30.16
C GLU E 66 1.94 -1.23 30.31
N ASN E 67 2.55 -0.66 29.27
CA ASN E 67 3.94 -0.28 29.39
C ASN E 67 4.22 0.53 30.63
N MET E 68 3.36 1.50 30.90
CA MET E 68 3.52 2.45 31.99
C MET E 68 3.52 1.72 33.34
N GLY E 69 2.56 0.81 33.52
CA GLY E 69 2.60 -0.13 34.61
C GLY E 69 4.00 -0.73 34.80
N ALA E 70 4.46 -1.50 33.81
CA ALA E 70 5.76 -2.14 33.92
C ALA E 70 6.90 -1.16 34.13
N GLN E 71 6.84 0.00 33.51
CA GLN E 71 7.97 0.92 33.61
C GLN E 71 8.13 1.51 35.00
N MET E 72 7.05 1.42 35.78
CA MET E 72 7.03 1.98 37.13
C MET E 72 7.52 0.97 38.18
N VAL E 73 6.91 -0.22 38.25
CA VAL E 73 7.42 -1.28 39.11
C VAL E 73 8.86 -1.59 38.81
N LYS E 74 9.25 -1.45 37.55
CA LYS E 74 10.64 -1.68 37.19
C LYS E 74 11.59 -0.89 38.13
N GLU E 75 11.06 0.13 38.78
CA GLU E 75 11.90 0.98 39.59
C GLU E 75 12.18 0.38 40.98
N VAL E 76 11.29 -0.46 41.46
CA VAL E 76 11.54 -1.06 42.75
C VAL E 76 12.76 -1.98 42.59
N ALA E 77 12.68 -2.88 41.59
CA ALA E 77 13.74 -3.86 41.35
C ALA E 77 15.01 -3.09 41.04
N SER E 78 14.87 -1.95 40.40
CA SER E 78 16.04 -1.21 40.06
C SER E 78 16.68 -0.56 41.27
N LYS E 79 15.85 0.04 42.11
CA LYS E 79 16.31 0.73 43.31
C LYS E 79 16.91 -0.22 44.38
N ALA E 80 16.16 -1.28 44.68
CA ALA E 80 16.71 -2.40 45.47
C ALA E 80 18.18 -2.67 45.07
N ASN E 81 18.40 -2.95 43.79
CA ASN E 81 19.69 -3.26 43.28
C ASN E 81 20.77 -2.21 43.61
N ASP E 82 20.43 -0.92 43.55
CA ASP E 82 21.45 0.14 43.69
C ASP E 82 21.90 0.33 45.11
N ALA E 83 21.00 -0.07 46.01
CA ALA E 83 21.17 0.12 47.45
C ALA E 83 21.74 -1.13 48.10
N ALA E 84 20.93 -2.19 48.03
CA ALA E 84 21.26 -3.52 48.53
C ALA E 84 22.34 -4.25 47.71
N GLY E 85 21.98 -4.63 46.47
CA GLY E 85 22.81 -5.49 45.63
C GLY E 85 22.10 -6.84 45.45
N ASP E 86 20.98 -7.05 46.13
CA ASP E 86 20.27 -8.33 46.07
C ASP E 86 18.82 -8.06 46.48
N GLY E 87 17.97 -9.08 46.48
CA GLY E 87 16.60 -8.87 46.89
C GLY E 87 15.66 -8.23 45.87
N THR E 88 16.19 -7.97 44.66
CA THR E 88 15.46 -7.29 43.58
C THR E 88 14.24 -8.11 43.18
N THR E 89 14.35 -9.43 43.16
CA THR E 89 13.15 -10.21 42.90
C THR E 89 12.15 -10.06 44.03
N THR E 90 12.63 -10.13 45.28
CA THR E 90 11.74 -10.09 46.44
C THR E 90 10.98 -8.78 46.32
N ALA E 91 11.80 -7.70 46.28
CA ALA E 91 11.26 -6.36 46.10
C ALA E 91 10.11 -6.44 45.07
N THR E 92 10.38 -7.01 43.89
CA THR E 92 9.39 -6.97 42.82
C THR E 92 8.14 -7.70 43.24
N VAL E 93 8.33 -8.82 43.93
CA VAL E 93 7.19 -9.68 44.27
C VAL E 93 6.28 -9.05 45.34
N LEU E 94 6.90 -8.26 46.23
CA LEU E 94 6.16 -7.56 47.25
C LEU E 94 5.40 -6.50 46.54
N ALA E 95 6.08 -5.74 45.68
CA ALA E 95 5.44 -4.63 44.98
C ALA E 95 4.23 -5.11 44.21
N GLN E 96 4.33 -6.24 43.57
CA GLN E 96 3.19 -6.70 42.78
C GLN E 96 2.03 -7.06 43.69
N ALA E 97 2.35 -7.31 44.94
CA ALA E 97 1.40 -7.91 45.88
C ALA E 97 0.60 -6.79 46.52
N ILE E 98 1.36 -5.77 46.95
CA ILE E 98 0.73 -4.60 47.50
C ILE E 98 -0.27 -4.04 46.43
N ILE E 99 0.21 -3.89 45.18
CA ILE E 99 -0.58 -3.35 44.07
C ILE E 99 -1.86 -4.16 43.90
N THR E 100 -1.72 -5.48 43.78
CA THR E 100 -2.88 -6.29 43.48
C THR E 100 -3.91 -6.06 44.57
N GLU E 101 -3.43 -6.02 45.82
CA GLU E 101 -4.34 -6.02 46.96
C GLU E 101 -4.91 -4.63 47.13
N GLY E 102 -4.04 -3.64 47.05
CA GLY E 102 -4.43 -2.26 46.90
C GLY E 102 -5.59 -2.07 45.93
N LEU E 103 -5.35 -2.26 44.63
CA LEU E 103 -6.37 -1.96 43.63
C LEU E 103 -7.65 -2.70 43.94
N LYS E 104 -7.56 -3.85 44.60
CA LYS E 104 -8.78 -4.56 44.92
C LYS E 104 -9.60 -3.76 45.93
N ALA E 105 -8.90 -3.09 46.85
CA ALA E 105 -9.54 -2.28 47.87
C ALA E 105 -10.09 -1.00 47.23
N VAL E 106 -9.32 -0.41 46.31
CA VAL E 106 -9.76 0.80 45.64
C VAL E 106 -11.06 0.50 44.92
N ALA E 107 -11.17 -0.70 44.40
CA ALA E 107 -12.38 -1.10 43.72
C ALA E 107 -13.53 -1.38 44.70
N ALA E 108 -13.20 -1.41 45.99
CA ALA E 108 -14.20 -1.62 47.04
C ALA E 108 -14.83 -0.31 47.50
N GLY E 109 -14.34 0.79 46.95
CA GLY E 109 -14.76 2.12 47.38
C GLY E 109 -13.89 2.80 48.43
N MET E 110 -12.85 2.13 48.89
CA MET E 110 -11.85 2.76 49.74
C MET E 110 -11.16 3.95 49.10
N ASN E 111 -10.67 4.85 49.95
CA ASN E 111 -9.98 6.06 49.52
C ASN E 111 -8.50 5.82 49.31
N PRO E 112 -8.02 5.83 48.08
CA PRO E 112 -6.65 5.40 47.81
C PRO E 112 -5.62 6.12 48.65
N MET E 113 -5.77 7.42 48.81
CA MET E 113 -4.73 8.16 49.49
C MET E 113 -4.58 7.74 50.96
N ASP E 114 -5.62 7.08 51.51
CA ASP E 114 -5.63 6.57 52.87
C ASP E 114 -4.97 5.19 52.88
N LEU E 115 -5.34 4.36 51.89
CA LEU E 115 -4.75 3.04 51.75
C LEU E 115 -3.27 3.24 51.71
N LYS E 116 -2.81 4.22 50.96
CA LYS E 116 -1.41 4.56 50.96
C LYS E 116 -0.85 4.89 52.37
N ARG E 117 -1.50 5.79 53.10
CA ARG E 117 -1.05 6.14 54.46
C ARG E 117 -0.94 4.90 55.37
N GLY E 118 -1.84 3.95 55.19
CA GLY E 118 -1.85 2.72 55.97
C GLY E 118 -0.61 1.92 55.64
N ILE E 119 -0.50 1.47 54.37
CA ILE E 119 0.68 0.82 53.82
C ILE E 119 1.90 1.50 54.38
N ASP E 120 2.00 2.83 54.27
CA ASP E 120 3.26 3.45 54.67
C ASP E 120 3.54 3.25 56.17
N LYS E 121 2.51 3.43 56.99
CA LYS E 121 2.64 3.26 58.41
C LYS E 121 3.03 1.83 58.75
N ALA E 122 2.34 0.88 58.09
CA ALA E 122 2.64 -0.56 58.30
C ALA E 122 4.11 -0.80 58.01
N VAL E 123 4.60 -0.22 56.93
CA VAL E 123 6.01 -0.36 56.59
C VAL E 123 6.98 0.28 57.59
N THR E 124 6.67 1.47 58.09
CA THR E 124 7.59 2.16 58.99
C THR E 124 7.81 1.31 60.24
N ALA E 125 6.78 0.52 60.53
CA ALA E 125 6.72 -0.30 61.73
C ALA E 125 7.47 -1.61 61.48
N ALA E 126 7.22 -2.20 60.32
CA ALA E 126 7.95 -3.38 59.87
C ALA E 126 9.44 -3.07 59.83
N VAL E 127 9.84 -1.90 59.39
CA VAL E 127 11.27 -1.61 59.38
C VAL E 127 11.88 -1.61 60.77
N GLU E 128 11.18 -0.97 61.72
CA GLU E 128 11.55 -0.97 63.13
C GLU E 128 11.67 -2.40 63.66
N GLU E 129 10.67 -3.22 63.36
CA GLU E 129 10.61 -4.57 63.85
C GLU E 129 11.75 -5.42 63.35
N LEU E 130 12.04 -5.34 62.05
CA LEU E 130 13.28 -5.90 61.48
C LEU E 130 14.56 -5.42 62.13
N LYS E 131 14.69 -4.15 62.49
CA LYS E 131 15.92 -3.75 63.20
C LYS E 131 16.07 -4.59 64.48
N ALA E 132 14.93 -5.04 65.02
CA ALA E 132 14.91 -5.67 66.32
C ALA E 132 15.44 -7.11 66.18
N LEU E 133 14.79 -7.84 65.28
CA LEU E 133 15.16 -9.20 64.85
C LEU E 133 16.56 -9.38 64.32
N SER E 134 17.05 -8.39 63.60
CA SER E 134 18.40 -8.49 63.09
C SER E 134 19.38 -8.78 64.23
N VAL E 135 20.21 -9.76 64.00
CA VAL E 135 21.31 -9.99 64.88
C VAL E 135 22.56 -9.71 64.06
N PRO E 136 22.18 -7.93 64.36
CA PRO E 136 23.49 -7.70 63.76
C PRO E 136 24.05 -8.96 63.13
N CYS E 137 25.02 -8.80 62.25
CA CYS E 137 25.65 -9.94 61.58
C CYS E 137 27.14 -9.62 61.46
N SER E 138 27.94 -10.28 62.29
CA SER E 138 29.34 -9.87 62.43
C SER E 138 30.34 -11.02 62.38
N ASP E 139 29.95 -12.18 62.88
CA ASP E 139 30.77 -13.40 62.80
C ASP E 139 30.82 -13.97 61.36
N SER E 140 31.99 -14.47 60.98
CA SER E 140 32.23 -15.13 59.70
C SER E 140 31.18 -16.15 59.32
N LYS E 141 30.59 -16.87 60.27
CA LYS E 141 29.61 -17.90 59.92
C LYS E 141 28.36 -17.30 59.33
N ALA E 142 27.88 -16.23 59.96
CA ALA E 142 26.67 -15.54 59.50
C ALA E 142 26.88 -14.91 58.14
N ILE E 143 28.04 -14.28 57.95
CA ILE E 143 28.39 -13.65 56.68
C ILE E 143 28.40 -14.68 55.55
N ALA E 144 29.08 -15.81 55.76
CA ALA E 144 29.12 -16.87 54.78
C ALA E 144 27.72 -17.29 54.40
N GLN E 145 26.83 -17.29 55.37
CA GLN E 145 25.44 -17.64 55.08
C GLN E 145 24.72 -16.68 54.15
N VAL E 146 24.80 -15.37 54.39
CA VAL E 146 24.09 -14.48 53.50
C VAL E 146 24.65 -14.66 52.09
N GLY E 147 25.98 -14.70 52.00
CA GLY E 147 26.71 -14.97 50.77
C GLY E 147 26.20 -16.20 50.06
N THR E 148 26.07 -17.29 50.77
CA THR E 148 25.55 -18.52 50.22
C THR E 148 24.13 -18.40 49.65
N ILE E 149 23.21 -17.77 50.36
CA ILE E 149 21.80 -17.72 49.90
C ILE E 149 21.66 -16.79 48.69
N SER E 150 22.48 -15.75 48.73
CA SER E 150 22.64 -14.78 47.71
C SER E 150 23.10 -15.42 46.42
N ALA E 151 24.04 -16.36 46.53
CA ALA E 151 24.61 -17.03 45.38
C ALA E 151 23.83 -18.29 45.03
N ASN E 152 22.51 -18.25 45.19
CA ASN E 152 21.64 -19.40 44.95
C ASN E 152 22.11 -20.70 45.60
N SER E 153 22.37 -20.65 46.91
CA SER E 153 22.69 -21.84 47.70
C SER E 153 24.01 -22.44 47.29
N ASP E 154 25.01 -21.58 47.06
CA ASP E 154 26.34 -22.04 46.66
C ASP E 154 27.34 -21.79 47.77
N GLU E 155 27.56 -22.84 48.57
CA GLU E 155 28.38 -22.79 49.76
C GLU E 155 29.78 -22.22 49.57
N THR E 156 30.37 -22.45 48.40
CA THR E 156 31.74 -22.04 48.13
C THR E 156 31.88 -20.55 48.02
N VAL E 157 30.86 -19.92 47.44
CA VAL E 157 30.86 -18.46 47.28
C VAL E 157 30.76 -17.80 48.65
N GLY E 158 29.92 -18.38 49.51
CA GLY E 158 29.77 -17.93 50.88
C GLY E 158 31.14 -17.94 51.53
N LYS E 159 31.68 -19.15 51.64
CA LYS E 159 32.98 -19.40 52.24
C LYS E 159 34.04 -18.44 51.73
N LEU E 160 34.02 -18.18 50.42
CA LEU E 160 35.05 -17.42 49.76
C LEU E 160 35.00 -15.95 50.11
N ILE E 161 33.79 -15.41 50.18
CA ILE E 161 33.57 -14.02 50.57
C ILE E 161 33.87 -13.82 52.05
N ALA E 162 33.40 -14.76 52.89
CA ALA E 162 33.64 -14.73 54.32
C ALA E 162 35.13 -14.66 54.60
N GLU E 163 35.87 -15.55 53.95
CA GLU E 163 37.32 -15.53 54.00
C GLU E 163 37.91 -14.20 53.55
N ALA E 164 37.33 -13.63 52.50
CA ALA E 164 37.82 -12.38 51.95
C ALA E 164 37.77 -11.26 52.98
N MET E 165 36.57 -11.00 53.51
CA MET E 165 36.33 -9.91 54.48
C MET E 165 37.18 -10.06 55.75
N ASP E 166 37.38 -11.31 56.15
CA ASP E 166 38.27 -11.69 57.23
C ASP E 166 39.71 -11.18 57.04
N LYS E 167 40.20 -11.21 55.80
CA LYS E 167 41.59 -10.85 55.53
C LYS E 167 41.82 -9.38 55.19
N VAL E 168 40.91 -8.76 54.45
CA VAL E 168 41.07 -7.36 54.06
C VAL E 168 40.62 -6.42 55.16
N GLY E 169 39.70 -6.90 55.97
CA GLY E 169 39.15 -6.13 57.07
C GLY E 169 37.76 -5.59 56.74
N LYS E 170 37.38 -4.55 57.48
CA LYS E 170 36.10 -3.87 57.28
C LYS E 170 36.28 -2.67 56.34
N GLU E 171 37.40 -1.96 56.52
CA GLU E 171 37.71 -0.82 55.66
C GLU E 171 38.46 -1.23 54.38
N GLY E 172 38.23 -2.46 53.90
CA GLY E 172 38.97 -3.03 52.78
C GLY E 172 38.13 -3.47 51.58
N VAL E 173 38.74 -3.39 50.40
CA VAL E 173 38.01 -3.62 49.16
C VAL E 173 38.16 -5.03 48.60
N ILE E 174 37.07 -5.55 48.03
CA ILE E 174 37.04 -6.83 47.35
C ILE E 174 36.43 -6.65 45.96
N THR E 175 37.20 -6.98 44.91
CA THR E 175 36.70 -6.97 43.55
C THR E 175 36.56 -8.38 43.01
N VAL E 176 35.82 -8.53 41.91
CA VAL E 176 35.59 -9.82 41.28
C VAL E 176 35.82 -9.78 39.75
N GLU E 177 36.69 -10.66 39.26
CA GLU E 177 36.98 -10.74 37.84
C GLU E 177 36.98 -12.16 37.32
N ASP E 178 37.11 -12.29 36.00
CA ASP E 178 37.15 -13.60 35.34
C ASP E 178 38.45 -14.28 35.69
N GLY E 179 38.35 -15.55 36.04
CA GLY E 179 39.53 -16.36 36.29
C GLY E 179 39.94 -17.10 35.02
N THR E 180 41.13 -17.70 35.04
CA THR E 180 41.57 -18.47 33.90
C THR E 180 41.08 -19.91 33.98
N GLY E 181 41.25 -20.54 35.14
CA GLY E 181 40.90 -21.94 35.32
C GLY E 181 39.42 -22.23 35.52
N LEU E 182 39.15 -23.45 35.97
CA LEU E 182 37.79 -23.94 36.18
C LEU E 182 37.29 -23.62 37.57
N GLN E 183 38.21 -23.38 38.50
CA GLN E 183 37.85 -23.18 39.92
C GLN E 183 38.07 -21.74 40.36
N ASP E 184 37.29 -21.31 41.33
CA ASP E 184 37.40 -19.97 41.93
C ASP E 184 38.71 -19.80 42.69
N GLU E 185 39.17 -18.56 42.82
CA GLU E 185 40.45 -18.30 43.47
C GLU E 185 40.50 -16.93 44.14
N LEU E 186 41.02 -16.90 45.36
CA LEU E 186 41.10 -15.66 46.14
C LEU E 186 42.53 -15.17 46.26
N ASP E 187 42.77 -13.93 45.86
CA ASP E 187 44.10 -13.32 45.93
C ASP E 187 44.06 -12.13 46.88
N VAL E 188 45.00 -12.11 47.83
CA VAL E 188 45.08 -11.03 48.80
C VAL E 188 46.42 -10.35 48.64
N VAL E 189 46.39 -9.05 48.40
CA VAL E 189 47.61 -8.26 48.29
C VAL E 189 47.94 -7.57 49.61
N GLU E 190 49.13 -7.91 50.12
CA GLU E 190 49.56 -7.44 51.43
C GLU E 190 50.26 -6.09 51.32
N GLY E 191 49.81 -6.04 50.98
CA GLY E 191 50.38 -4.70 51.05
C GLY E 191 49.67 -3.77 50.10
N MET E 192 50.44 -2.87 49.48
CA MET E 192 49.88 -1.93 48.52
C MET E 192 50.35 -2.20 47.09
N GLN E 193 49.42 -2.14 46.16
CA GLN E 193 49.69 -2.27 44.73
C GLN E 193 48.75 -1.38 43.91
N PHE E 194 49.25 -0.86 42.79
CA PHE E 194 48.46 0.01 41.90
C PHE E 194 48.69 -0.29 40.42
N ASP E 195 47.72 0.11 39.59
CA ASP E 195 47.75 -0.19 38.15
C ASP E 195 48.77 0.64 37.39
N ARG E 196 50.01 0.17 37.37
CA ARG E 196 51.07 0.87 36.64
C ARG E 196 52.26 -0.03 36.28
N GLY E 197 52.57 -0.07 34.99
CA GLY E 197 53.73 -0.80 34.50
C GLY E 197 54.93 0.08 34.27
N TYR E 198 56.09 -0.54 34.16
CA TYR E 198 57.34 0.17 33.85
C TYR E 198 57.23 0.90 32.50
N LEU E 199 57.85 2.06 32.42
CA LEU E 199 57.91 2.81 31.17
C LEU E 199 59.11 2.35 30.35
N SER E 200 60.08 1.78 31.05
CA SER E 200 61.30 1.27 30.45
C SER E 200 61.33 -0.26 30.52
N PRO E 201 60.95 -0.91 29.42
CA PRO E 201 60.95 -2.38 29.38
C PRO E 201 62.35 -2.98 29.45
N TYR E 202 63.36 -2.20 29.07
CA TYR E 202 64.75 -2.65 29.10
C TYR E 202 65.37 -2.57 30.49
N PHE E 203 64.56 -2.78 31.53
CA PHE E 203 65.04 -2.67 32.90
C PHE E 203 64.87 -3.95 33.71
N ILE E 204 63.94 -4.80 33.29
CA ILE E 204 63.67 -6.07 33.96
C ILE E 204 64.95 -6.75 34.45
N ASN E 205 65.14 -6.76 35.76
CA ASN E 205 66.31 -7.42 36.36
C ASN E 205 66.07 -8.89 36.74
N LYS E 206 64.93 -9.43 36.28
CA LYS E 206 64.60 -10.86 36.42
C LYS E 206 63.75 -11.32 35.23
N PRO E 207 64.39 -11.74 34.13
CA PRO E 207 63.67 -12.14 32.92
C PRO E 207 62.76 -13.36 33.09
N GLU E 208 62.81 -13.99 34.26
CA GLU E 208 62.01 -15.19 34.56
C GLU E 208 60.53 -14.87 34.70
N THR E 209 60.21 -13.87 35.51
CA THR E 209 58.83 -13.41 35.68
C THR E 209 58.50 -12.30 34.67
N GLY E 210 59.56 -11.70 34.13
CA GLY E 210 59.42 -10.53 33.27
C GLY E 210 59.05 -9.32 34.11
N ALA E 211 59.73 -9.18 35.25
CA ALA E 211 59.44 -8.11 36.21
C ALA E 211 60.69 -7.55 36.90
N VAL E 212 60.58 -6.33 37.43
CA VAL E 212 61.68 -5.64 38.13
C VAL E 212 61.59 -5.85 39.64
N GLU E 213 62.68 -6.35 40.23
CA GLU E 213 62.70 -6.67 41.66
C GLU E 213 63.76 -5.86 42.42
N LEU E 214 63.39 -4.65 42.84
CA LEU E 214 64.33 -3.76 43.54
C LEU E 214 64.44 -4.06 45.03
N GLU E 215 65.61 -4.50 45.45
CA GLU E 215 65.87 -4.90 46.83
C GLU E 215 66.16 -3.68 47.72
N SER E 216 65.30 -3.48 48.72
CA SER E 216 65.43 -2.41 49.72
C SER E 216 65.83 -1.04 49.13
N PRO E 217 64.99 -0.48 48.25
CA PRO E 217 65.35 0.73 47.51
C PRO E 217 64.82 2.02 48.11
N PHE E 218 65.27 3.15 47.54
CA PHE E 218 64.74 4.47 47.83
C PHE E 218 63.56 4.74 46.91
N ILE E 219 62.69 5.67 47.28
CA ILE E 219 61.56 6.02 46.45
C ILE E 219 61.43 7.53 46.26
N LEU E 220 61.43 7.96 45.01
CA LEU E 220 61.24 9.36 44.67
C LEU E 220 59.82 9.60 44.19
N LEU E 221 59.14 10.55 44.83
CA LEU E 221 57.79 10.88 44.46
C LEU E 221 57.73 12.25 43.80
N ALA E 222 57.69 12.25 42.48
CA ALA E 222 57.66 13.48 41.72
C ALA E 222 56.23 13.80 41.28
N ASP E 223 55.69 14.88 41.84
CA ASP E 223 54.34 15.36 41.48
C ASP E 223 54.29 15.81 40.02
N LYS E 224 55.25 16.64 39.61
CA LYS E 224 55.39 17.10 38.23
C LYS E 224 55.87 15.98 37.30
N LYS E 225 55.77 16.22 36.00
CA LYS E 225 56.25 15.27 35.00
C LYS E 225 57.70 15.55 34.58
N ILE E 226 58.50 14.49 34.51
CA ILE E 226 59.92 14.57 34.17
C ILE E 226 60.17 14.39 32.68
N SER E 227 61.14 15.14 32.14
CA SER E 227 61.58 14.98 30.77
C SER E 227 63.08 15.19 30.62
N ASN E 228 63.70 15.82 31.62
CA ASN E 228 65.11 16.19 31.58
C ASN E 228 65.96 15.51 32.66
N ILE E 229 67.14 15.03 32.26
CA ILE E 229 68.08 14.37 33.17
C ILE E 229 68.69 15.33 34.21
N ARG E 230 68.61 16.63 33.91
CA ARG E 230 69.13 17.69 34.78
C ARG E 230 68.64 17.59 36.21
N GLU E 231 67.32 17.61 36.39
CA GLU E 231 66.68 17.63 37.71
C GLU E 231 67.04 16.42 38.57
N MET E 232 67.43 15.33 37.91
CA MET E 232 67.75 14.09 38.58
C MET E 232 69.14 14.13 39.20
N LEU E 233 70.11 14.65 38.44
CA LEU E 233 71.52 14.62 38.81
C LEU E 233 71.82 14.79 40.30
N PRO E 234 71.31 15.85 40.92
CA PRO E 234 71.52 16.07 42.36
C PRO E 234 71.16 14.87 43.23
N VAL E 235 69.94 14.36 43.09
CA VAL E 235 69.46 13.24 43.90
C VAL E 235 69.98 11.90 43.39
N LEU E 236 69.92 11.71 42.08
CA LEU E 236 70.49 10.52 41.44
C LEU E 236 71.92 10.29 41.89
N GLU E 237 72.64 11.37 42.18
CA GLU E 237 74.01 11.31 42.68
C GLU E 237 74.11 10.73 44.08
N ALA E 238 73.34 11.27 45.02
CA ALA E 238 73.33 10.81 46.40
C ALA E 238 72.93 9.34 46.54
N VAL E 239 72.09 8.87 45.62
CA VAL E 239 71.67 7.47 45.54
C VAL E 239 72.79 6.58 44.97
N ALA E 240 73.56 7.15 44.03
CA ALA E 240 74.71 6.47 43.41
C ALA E 240 75.86 6.20 44.39
N LYS E 241 75.98 7.07 45.39
CA LYS E 241 77.02 6.93 46.41
C LYS E 241 76.47 6.33 47.70
N ALA E 242 75.27 5.76 47.61
CA ALA E 242 74.63 5.11 48.76
C ALA E 242 74.44 3.61 48.53
N GLY E 243 74.48 3.20 47.26
CA GLY E 243 74.38 1.79 46.90
C GLY E 243 72.98 1.30 46.59
N LYS E 244 72.03 1.64 47.46
CA LYS E 244 70.64 1.20 47.34
C LYS E 244 70.00 1.64 46.01
N PRO E 245 69.14 0.79 45.44
CA PRO E 245 68.40 1.13 44.22
C PRO E 245 67.39 2.27 44.43
N LEU E 246 66.71 2.71 43.36
CA LEU E 246 65.75 3.80 43.45
C LEU E 246 64.55 3.62 42.52
N LEU E 247 63.35 3.74 43.09
CA LEU E 247 62.13 3.77 42.30
C LEU E 247 61.68 5.22 42.14
N ILE E 248 61.27 5.57 40.93
CA ILE E 248 60.79 6.91 40.64
C ILE E 248 59.34 6.88 40.18
N ILE E 249 58.44 7.31 41.05
CA ILE E 249 57.03 7.46 40.69
C ILE E 249 56.75 8.92 40.41
N ALA E 250 56.72 9.26 39.12
CA ALA E 250 56.45 10.61 38.66
C ALA E 250 55.11 10.69 37.97
N GLU E 251 54.69 11.90 37.62
CA GLU E 251 53.53 12.12 36.77
C GLU E 251 53.76 11.43 35.42
N ASP E 252 55.00 11.58 34.91
CA ASP E 252 55.46 10.89 33.71
C ASP E 252 56.99 11.01 33.63
N VAL E 253 57.63 10.05 32.95
CA VAL E 253 59.05 10.12 32.62
C VAL E 253 59.23 9.81 31.14
N GLU E 254 59.87 10.72 30.41
CA GLU E 254 60.01 10.63 28.96
C GLU E 254 61.32 11.25 28.48
N GLY E 255 61.35 11.65 27.20
CA GLY E 255 62.49 12.30 26.61
C GLY E 255 63.77 11.49 26.75
N GLU E 256 64.89 12.19 26.83
CA GLU E 256 66.18 11.53 27.06
C GLU E 256 66.31 11.06 28.51
N ALA E 257 65.61 11.74 29.43
CA ALA E 257 65.60 11.36 30.84
C ALA E 257 65.37 9.85 31.00
N LEU E 258 64.25 9.39 30.47
CA LEU E 258 63.93 7.97 30.45
C LEU E 258 65.03 7.20 29.73
N ALA E 259 65.37 7.67 28.53
CA ALA E 259 66.37 7.02 27.69
C ALA E 259 67.72 6.84 28.41
N THR E 260 68.16 7.89 29.11
CA THR E 260 69.43 7.85 29.84
C THR E 260 69.33 6.89 31.02
N LEU E 261 68.27 7.01 31.80
CA LEU E 261 68.06 6.15 32.97
C LEU E 261 68.32 4.69 32.65
N VAL E 262 67.93 4.28 31.44
CA VAL E 262 68.18 2.92 30.96
C VAL E 262 69.68 2.62 30.94
N VAL E 263 70.44 3.43 30.19
CA VAL E 263 71.89 3.25 30.04
C VAL E 263 72.64 3.27 31.38
N ASN E 264 72.03 3.89 32.39
CA ASN E 264 72.63 4.00 33.71
C ASN E 264 72.53 2.71 34.53
N THR E 265 71.38 2.04 34.45
CA THR E 265 71.21 0.74 35.11
C THR E 265 71.77 -0.39 34.27
N MET E 266 71.64 -0.25 32.95
CA MET E 266 72.20 -1.21 32.00
C MET E 266 73.69 -1.42 32.23
N ARG E 267 74.39 -0.37 32.67
CA ARG E 267 75.82 -0.41 32.96
C ARG E 267 76.10 -0.85 34.40
N GLY E 268 75.19 -0.50 35.30
CA GLY E 268 75.36 -0.81 36.72
C GLY E 268 75.83 0.38 37.53
N ILE E 269 75.60 1.59 36.98
CA ILE E 269 75.94 2.83 37.68
C ILE E 269 74.98 3.03 38.86
N VAL E 270 73.69 2.92 38.57
CA VAL E 270 72.62 2.98 39.57
C VAL E 270 71.52 2.01 39.17
N LYS E 271 70.73 1.55 40.12
CA LYS E 271 69.55 0.75 39.79
C LYS E 271 68.28 1.59 39.96
N VAL E 272 67.68 1.99 38.84
CA VAL E 272 66.57 2.95 38.84
C VAL E 272 65.36 2.57 37.98
N ALA E 273 64.17 2.62 38.58
CA ALA E 273 62.92 2.28 37.91
C ALA E 273 62.04 3.49 37.67
N ALA E 274 61.25 3.44 36.61
CA ALA E 274 60.37 4.55 36.25
C ALA E 274 58.97 4.05 35.93
N VAL E 275 58.00 4.53 36.73
CA VAL E 275 56.58 4.21 36.54
C VAL E 275 55.71 5.45 36.73
N LYS E 276 54.66 5.57 35.92
CA LYS E 276 53.73 6.69 36.01
C LYS E 276 53.04 6.71 37.38
N ALA E 277 52.29 7.77 37.65
CA ALA E 277 51.56 7.90 38.90
C ALA E 277 50.20 7.22 38.83
N PRO E 278 49.78 6.59 39.92
CA PRO E 278 48.46 5.96 39.99
C PRO E 278 47.35 7.00 40.03
N GLY E 279 46.54 7.04 38.98
CA GLY E 279 45.42 7.95 38.91
C GLY E 279 45.52 9.03 37.85
N PHE E 280 44.70 10.07 38.03
CA PHE E 280 44.47 11.10 37.02
C PHE E 280 43.82 12.30 37.70
N GLY E 281 44.20 13.50 37.29
CA GLY E 281 43.68 14.72 37.89
C GLY E 281 44.06 14.89 39.35
N ASP E 282 43.12 15.41 40.15
CA ASP E 282 43.36 15.71 41.56
C ASP E 282 43.48 14.46 42.42
N ARG E 283 42.93 13.36 41.91
CA ARG E 283 43.01 12.05 42.56
C ARG E 283 44.44 11.54 42.60
N ARG E 284 45.21 11.85 41.55
CA ARG E 284 46.59 11.40 41.42
C ARG E 284 47.45 11.89 42.59
N LYS E 285 47.45 13.21 42.79
CA LYS E 285 48.23 13.85 43.86
C LYS E 285 47.76 13.37 45.23
N ALA E 286 46.47 13.11 45.34
CA ALA E 286 45.90 12.51 46.54
C ALA E 286 46.55 11.15 46.79
N MET E 287 46.47 10.26 45.81
CA MET E 287 47.02 8.89 45.92
C MET E 287 48.54 8.86 46.04
N LEU E 288 49.21 9.79 45.34
CA LEU E 288 50.66 9.91 45.39
C LEU E 288 51.12 10.22 46.81
N GLN E 289 50.36 11.07 47.50
CA GLN E 289 50.63 11.42 48.88
C GLN E 289 50.54 10.19 49.78
N ASP E 290 49.53 9.35 49.55
CA ASP E 290 49.33 8.13 50.31
C ASP E 290 50.60 7.28 50.34
N ILE E 291 51.27 7.22 49.19
CA ILE E 291 52.47 6.42 49.03
C ILE E 291 53.61 6.96 49.89
N ALA E 292 53.70 8.28 49.97
CA ALA E 292 54.73 8.96 50.77
C ALA E 292 54.63 8.58 52.24
N THR E 293 53.40 8.53 52.74
CA THR E 293 53.12 8.17 54.13
C THR E 293 53.60 6.75 54.46
N LEU E 294 53.30 5.80 53.58
CA LEU E 294 53.67 4.39 53.81
C LEU E 294 55.18 4.15 53.72
N THR E 295 55.91 5.07 53.09
CA THR E 295 57.34 4.90 52.84
C THR E 295 58.23 5.89 53.57
N GLY E 296 57.63 6.90 54.19
CA GLY E 296 58.37 7.92 54.91
C GLY E 296 59.14 8.88 54.03
N GLY E 297 58.54 9.26 52.91
CA GLY E 297 59.14 10.23 51.99
C GLY E 297 58.27 11.47 51.83
N THR E 298 58.81 12.47 51.12
CA THR E 298 58.09 13.69 50.85
C THR E 298 57.73 13.76 49.38
N VAL E 299 56.49 14.14 49.09
CA VAL E 299 56.07 14.42 47.73
C VAL E 299 56.76 15.70 47.27
N ILE E 300 57.54 15.60 46.19
CA ILE E 300 58.17 16.78 45.61
C ILE E 300 57.17 17.40 44.63
N SER E 301 56.33 18.29 45.17
CA SER E 301 55.25 18.92 44.44
C SER E 301 55.71 20.25 43.86
N GLU E 302 55.75 20.31 42.53
CA GLU E 302 56.19 21.51 41.82
C GLU E 302 55.26 22.70 42.08
N GLU E 303 53.97 22.40 42.30
CA GLU E 303 52.96 23.42 42.55
C GLU E 303 53.23 24.19 43.83
N ILE E 304 53.61 23.50 44.89
CA ILE E 304 53.80 24.14 46.20
C ILE E 304 55.25 24.56 46.49
N GLY E 305 55.88 25.19 45.51
CA GLY E 305 57.18 25.82 45.67
C GLY E 305 58.33 24.88 45.98
N MET E 306 58.50 23.87 45.13
CA MET E 306 59.59 22.91 45.28
C MET E 306 60.19 22.57 43.93
N GLU E 307 61.53 22.52 43.89
CA GLU E 307 62.23 22.07 42.69
C GLU E 307 62.65 20.62 42.90
N LEU E 308 62.66 19.87 41.81
CA LEU E 308 63.06 18.46 41.84
C LEU E 308 64.55 18.33 42.17
N GLU E 309 65.31 19.39 41.86
CA GLU E 309 66.77 19.38 42.01
C GLU E 309 67.22 19.69 43.43
N LYS E 310 66.40 20.41 44.18
CA LYS E 310 66.76 20.78 45.55
C LYS E 310 66.49 19.67 46.57
N ALA E 311 66.10 18.49 46.08
CA ALA E 311 65.83 17.35 46.94
C ALA E 311 67.13 16.62 47.34
N THR E 312 67.11 16.02 48.54
CA THR E 312 68.20 15.18 49.02
C THR E 312 67.65 13.83 49.45
N LEU E 313 68.52 12.95 49.94
CA LEU E 313 68.13 11.62 50.43
C LEU E 313 67.01 11.70 51.48
N GLU E 314 66.98 12.83 52.18
CA GLU E 314 65.97 13.15 53.19
C GLU E 314 64.54 12.90 52.70
N ASP E 315 64.21 13.43 51.52
CA ASP E 315 62.83 13.43 51.02
C ASP E 315 62.42 12.13 50.33
N LEU E 316 63.35 11.19 50.20
CA LEU E 316 63.07 9.91 49.55
C LEU E 316 62.43 8.92 50.50
N GLY E 317 61.40 8.22 50.00
CA GLY E 317 60.78 7.14 50.74
C GLY E 317 61.66 5.91 50.70
N GLN E 318 61.31 4.90 51.51
CA GLN E 318 62.06 3.64 51.56
C GLN E 318 61.17 2.44 51.82
N ALA E 319 61.49 1.32 51.18
CA ALA E 319 60.71 0.09 51.31
C ALA E 319 61.61 -1.13 51.52
N LYS E 320 61.02 -2.21 52.03
CA LYS E 320 61.71 -3.48 52.20
C LYS E 320 62.01 -4.13 50.84
N ARG E 321 61.03 -4.06 49.92
CA ARG E 321 61.14 -4.65 48.58
C ARG E 321 60.15 -4.01 47.60
N VAL E 322 60.44 -4.10 46.30
CA VAL E 322 59.57 -3.55 45.26
C VAL E 322 59.46 -4.53 44.08
N VAL E 323 58.24 -4.71 43.58
CA VAL E 323 57.97 -5.59 42.42
C VAL E 323 57.16 -4.86 41.34
N ILE E 324 57.74 -4.74 40.14
CA ILE E 324 57.10 -4.04 39.01
C ILE E 324 57.07 -4.92 37.76
N ASN E 325 55.87 -5.12 37.20
CA ASN E 325 55.74 -5.76 35.89
C ASN E 325 55.10 -4.82 34.87
N LYS E 326 54.83 -5.34 33.68
CA LYS E 326 54.26 -4.58 32.56
C LYS E 326 52.96 -3.83 32.90
N ASP E 327 52.27 -4.28 33.94
CA ASP E 327 50.94 -3.74 34.27
C ASP E 327 50.78 -3.16 35.68
N THR E 328 51.45 -3.72 36.67
CA THR E 328 51.28 -3.29 38.07
C THR E 328 52.57 -3.14 38.87
N THR E 329 52.56 -2.18 39.80
CA THR E 329 53.67 -1.92 40.69
C THR E 329 53.26 -2.20 42.14
N THR E 330 54.14 -2.87 42.88
CA THR E 330 53.85 -3.28 44.24
C THR E 330 54.96 -2.85 45.21
N ILE E 331 54.54 -2.23 46.30
CA ILE E 331 55.46 -1.90 47.39
C ILE E 331 55.17 -2.85 48.54
N ILE E 332 56.17 -3.68 48.85
CA ILE E 332 56.11 -4.59 49.98
C ILE E 332 56.76 -3.93 51.19
N ASP E 333 55.93 -3.54 52.15
CA ASP E 333 56.39 -3.10 53.47
C ASP E 333 57.34 -1.89 53.43
N GLY E 334 56.77 -0.69 53.41
CA GLY E 334 57.56 0.54 53.45
C GLY E 334 57.98 0.91 54.87
N VAL E 335 58.89 1.89 55.01
CA VAL E 335 59.37 2.33 56.32
C VAL E 335 58.24 2.83 57.21
N GLY E 336 57.48 3.81 56.72
CA GLY E 336 56.26 4.31 57.34
C GLY E 336 56.10 4.32 58.86
N GLU E 337 56.16 5.52 59.45
CA GLU E 337 55.88 5.72 60.87
C GLU E 337 54.51 5.15 61.18
N GLU E 338 54.48 4.19 62.09
CA GLU E 338 53.26 3.44 62.40
C GLU E 338 52.08 4.36 62.67
N ALA E 339 52.26 5.33 63.57
CA ALA E 339 51.21 6.28 63.95
C ALA E 339 50.76 7.15 62.77
N ALA E 340 51.70 7.55 61.93
CA ALA E 340 51.42 8.40 60.76
C ALA E 340 50.55 7.70 59.71
N ILE E 341 50.73 6.39 59.57
CA ILE E 341 49.91 5.58 58.65
C ILE E 341 48.44 5.61 59.09
N GLN E 342 48.19 5.13 60.30
CA GLN E 342 46.83 5.02 60.83
C GLN E 342 46.21 6.38 61.11
N GLY E 343 47.06 7.39 61.26
CA GLY E 343 46.60 8.78 61.36
C GLY E 343 46.06 9.24 60.02
N ARG E 344 46.82 8.99 58.97
CA ARG E 344 46.39 9.29 57.60
C ARG E 344 45.19 8.43 57.20
N VAL E 345 45.06 7.26 57.81
CA VAL E 345 43.94 6.35 57.54
C VAL E 345 42.64 6.86 58.17
N ALA E 346 42.67 7.14 59.48
CA ALA E 346 41.49 7.63 60.20
C ALA E 346 41.02 8.98 59.67
N GLN E 347 41.86 9.60 58.85
CA GLN E 347 41.58 10.85 58.16
C GLN E 347 40.79 10.59 56.88
N ILE E 348 41.31 9.69 56.05
CA ILE E 348 40.64 9.26 54.81
C ILE E 348 39.33 8.51 55.14
N ARG E 349 39.33 7.85 56.31
CA ARG E 349 38.16 7.13 56.83
C ARG E 349 36.98 8.06 57.11
N GLN E 350 37.28 9.28 57.54
CA GLN E 350 36.27 10.30 57.81
C GLN E 350 35.96 11.12 56.56
N GLN E 351 36.80 11.00 55.53
CA GLN E 351 36.54 11.60 54.22
C GLN E 351 35.42 10.86 53.50
N ILE E 352 35.28 9.57 53.80
CA ILE E 352 34.18 8.75 53.30
C ILE E 352 32.89 9.13 54.03
N GLU E 353 33.03 9.54 55.30
CA GLU E 353 31.91 9.95 56.13
C GLU E 353 31.14 11.12 55.51
N GLU E 354 31.88 12.11 55.05
CA GLU E 354 31.29 13.31 54.45
C GLU E 354 31.32 13.29 52.91
N ALA E 355 31.54 12.11 52.34
CA ALA E 355 31.53 11.93 50.89
C ALA E 355 30.13 12.14 50.32
N THR E 356 29.99 13.19 49.52
CA THR E 356 28.68 13.71 49.10
C THR E 356 27.99 12.95 47.96
N SER E 357 28.38 11.68 47.77
CA SER E 357 27.79 10.84 46.72
C SER E 357 28.16 9.37 46.93
N ASP E 358 28.30 8.64 45.82
CA ASP E 358 28.72 7.24 45.83
C ASP E 358 30.11 7.04 45.26
N TYR E 359 30.45 7.81 44.22
CA TYR E 359 31.78 7.75 43.63
C TYR E 359 32.86 8.32 44.56
N ASP E 360 32.52 9.39 45.27
CA ASP E 360 33.40 9.98 46.30
C ASP E 360 33.52 9.08 47.53
N ARG E 361 32.83 7.94 47.47
CA ARG E 361 32.86 6.92 48.53
C ARG E 361 33.67 5.69 48.09
N GLU E 362 33.50 5.30 46.82
CA GLU E 362 34.17 4.12 46.25
C GLU E 362 35.69 4.22 46.31
N LYS E 363 36.23 5.18 45.57
CA LYS E 363 37.67 5.39 45.46
C LYS E 363 38.34 5.61 46.82
N LEU E 364 37.59 6.17 47.76
CA LEU E 364 38.11 6.51 49.08
C LEU E 364 38.44 5.24 49.87
N GLN E 365 37.46 4.33 49.99
CA GLN E 365 37.70 3.07 50.69
C GLN E 365 38.67 2.16 49.93
N GLU E 366 38.81 2.40 48.62
CA GLU E 366 39.80 1.69 47.83
C GLU E 366 41.20 2.00 48.34
N ARG E 367 41.46 3.29 48.57
CA ARG E 367 42.76 3.76 49.05
C ARG E 367 43.01 3.32 50.50
N VAL E 368 41.96 3.27 51.30
CA VAL E 368 42.09 2.85 52.70
C VAL E 368 42.51 1.38 52.78
N ALA E 369 42.00 0.57 51.86
CA ALA E 369 42.33 -0.85 51.82
C ALA E 369 43.76 -1.06 51.36
N LYS E 370 44.20 -0.20 50.43
CA LYS E 370 45.57 -0.23 49.93
C LYS E 370 46.55 0.07 51.07
N LEU E 371 46.12 0.95 51.98
CA LEU E 371 46.95 1.39 53.10
C LEU E 371 46.76 0.55 54.37
N ALA E 372 45.54 0.06 54.60
CA ALA E 372 45.23 -0.74 55.78
C ALA E 372 45.48 -2.22 55.55
N GLY E 373 44.24 -1.86 55.80
CA GLY E 373 44.35 -3.30 55.69
C GLY E 373 44.94 -3.68 54.35
N GLY E 374 44.10 -4.33 53.54
CA GLY E 374 44.54 -4.82 52.26
C GLY E 374 43.43 -4.88 51.23
N VAL E 375 43.80 -5.33 50.03
CA VAL E 375 42.87 -5.46 48.92
C VAL E 375 42.82 -6.89 48.40
N ALA E 376 41.61 -7.39 48.13
CA ALA E 376 41.43 -8.76 47.69
C ALA E 376 40.67 -8.85 46.37
N VAL E 377 41.04 -9.85 45.57
CA VAL E 377 40.39 -10.11 44.30
C VAL E 377 39.84 -11.52 44.32
N ILE E 378 38.57 -11.67 43.97
CA ILE E 378 38.01 -13.00 43.76
C ILE E 378 37.98 -13.29 42.27
N LYS E 379 38.66 -14.36 41.84
CA LYS E 379 38.68 -14.79 40.45
C LYS E 379 37.71 -15.95 40.29
N VAL E 380 36.75 -15.79 39.38
CA VAL E 380 35.68 -16.76 39.17
C VAL E 380 36.06 -17.73 38.04
N GLY E 381 35.92 -19.02 38.29
CA GLY E 381 36.20 -20.02 37.27
C GLY E 381 34.92 -20.53 36.64
N ALA E 382 34.97 -20.83 35.35
CA ALA E 382 33.89 -21.54 34.66
C ALA E 382 34.43 -22.22 33.42
N ALA E 383 33.71 -23.20 32.90
CA ALA E 383 34.21 -23.95 31.75
C ALA E 383 34.09 -23.11 30.48
N THR E 384 32.91 -22.55 30.26
CA THR E 384 32.61 -21.76 29.08
C THR E 384 32.53 -20.28 29.47
N GLU E 385 31.79 -19.51 28.67
CA GLU E 385 31.66 -18.07 28.84
C GLU E 385 30.25 -17.70 29.23
N VAL E 386 29.24 -18.44 28.77
CA VAL E 386 27.90 -18.21 29.27
C VAL E 386 27.85 -18.57 30.74
N GLU E 387 28.67 -19.54 31.13
CA GLU E 387 28.77 -19.91 32.54
C GLU E 387 29.49 -18.83 33.32
N MET E 388 30.61 -18.35 32.78
CA MET E 388 31.39 -17.32 33.42
C MET E 388 30.52 -16.13 33.81
N LYS E 389 29.65 -15.71 32.88
CA LYS E 389 28.81 -14.53 33.04
C LYS E 389 27.75 -14.66 34.12
N GLU E 390 27.00 -15.77 34.12
CA GLU E 390 26.00 -15.99 35.15
C GLU E 390 26.70 -16.23 36.52
N LYS E 391 27.82 -16.94 36.56
CA LYS E 391 28.54 -17.11 37.82
C LYS E 391 29.11 -15.78 38.36
N LYS E 392 29.85 -15.05 37.51
CA LYS E 392 30.44 -13.79 37.93
C LYS E 392 29.37 -12.87 38.49
N ALA E 393 28.20 -12.89 37.84
CA ALA E 393 27.04 -12.10 38.28
C ALA E 393 26.53 -12.52 39.65
N ARG E 394 26.63 -13.79 40.00
CA ARG E 394 26.12 -14.23 41.28
C ARG E 394 27.12 -13.87 42.39
N VAL E 395 28.42 -14.07 42.13
CA VAL E 395 29.45 -13.68 43.11
C VAL E 395 29.43 -12.17 43.36
N GLU E 396 29.22 -11.38 42.32
CA GLU E 396 29.02 -9.94 42.45
C GLU E 396 27.83 -9.61 43.32
N ASP E 397 26.73 -10.35 43.11
CA ASP E 397 25.51 -10.24 43.91
C ASP E 397 25.75 -10.55 45.40
N ALA E 398 26.33 -11.71 45.68
CA ALA E 398 26.68 -12.07 47.04
C ALA E 398 27.62 -11.06 47.70
N LEU E 399 28.63 -10.63 46.97
CA LEU E 399 29.54 -9.62 47.49
C LEU E 399 28.80 -8.37 48.02
N HIS E 400 27.71 -7.97 47.34
CA HIS E 400 26.92 -6.82 47.76
C HIS E 400 26.08 -7.19 48.95
N ALA E 401 25.47 -8.35 48.92
CA ALA E 401 24.49 -8.71 49.94
C ALA E 401 25.17 -8.85 51.30
N THR E 402 26.40 -9.36 51.32
CA THR E 402 27.15 -9.43 52.56
C THR E 402 27.48 -8.03 53.03
N ARG E 403 27.89 -7.13 52.13
CA ARG E 403 28.24 -5.77 52.53
C ARG E 403 27.05 -5.04 53.16
N ALA E 404 25.86 -5.44 52.76
CA ALA E 404 24.63 -4.87 53.29
C ALA E 404 24.34 -5.44 54.65
N ALA E 405 24.56 -6.74 54.81
CA ALA E 405 24.32 -7.39 56.09
C ALA E 405 25.22 -6.77 57.14
N VAL E 406 26.48 -6.60 56.81
CA VAL E 406 27.45 -6.03 57.73
C VAL E 406 27.03 -4.66 58.20
N GLU E 407 26.49 -3.83 57.32
CA GLU E 407 26.13 -2.49 57.74
C GLU E 407 24.72 -2.39 58.34
N GLU E 408 23.86 -3.39 58.13
CA GLU E 408 22.48 -3.24 58.57
C GLU E 408 21.74 -4.49 59.13
N GLY E 409 23.51 -6.62 59.70
CA GLY E 409 23.05 -7.86 60.30
C GLY E 409 22.21 -8.75 59.42
N VAL E 410 21.76 -9.88 59.96
CA VAL E 410 20.98 -10.90 59.24
C VAL E 410 19.66 -11.24 59.92
N VAL E 411 18.78 -11.86 59.18
CA VAL E 411 17.48 -12.29 59.68
C VAL E 411 17.13 -13.61 59.02
N ALA E 412 16.13 -14.30 59.53
CA ALA E 412 15.75 -15.62 59.02
C ALA E 412 15.34 -15.44 57.60
N GLY E 413 15.97 -16.19 56.68
CA GLY E 413 15.58 -16.25 55.27
C GLY E 413 14.29 -16.99 54.94
N GLY E 414 14.06 -17.32 53.67
CA GLY E 414 12.85 -18.03 53.28
C GLY E 414 11.67 -17.11 53.41
N GLY E 415 12.01 -15.82 53.53
CA GLY E 415 11.02 -14.81 53.84
C GLY E 415 10.26 -15.03 55.15
N VAL E 416 10.88 -15.69 56.14
CA VAL E 416 10.17 -15.87 57.39
C VAL E 416 10.20 -14.59 58.19
N ALA E 417 11.35 -13.90 58.18
CA ALA E 417 11.46 -12.59 58.83
C ALA E 417 10.19 -11.80 58.54
N LEU E 418 9.88 -11.60 57.26
CA LEU E 418 8.69 -10.83 56.90
C LEU E 418 7.41 -11.37 57.50
N ILE E 419 7.21 -12.69 57.43
CA ILE E 419 6.01 -13.30 58.00
C ILE E 419 5.87 -13.07 59.53
N ARG E 420 7.04 -12.92 60.15
CA ARG E 420 7.17 -12.76 61.58
C ARG E 420 6.78 -11.35 61.92
N VAL E 421 7.28 -10.37 61.16
CA VAL E 421 6.87 -9.01 61.46
C VAL E 421 5.38 -8.79 61.17
N ALA E 422 4.83 -9.46 60.16
CA ALA E 422 3.37 -9.39 59.95
C ALA E 422 2.47 -9.80 61.17
N SER E 423 2.94 -10.75 61.98
CA SER E 423 2.12 -11.11 63.13
C SER E 423 2.39 -10.15 64.28
N LYS E 424 3.61 -9.63 64.37
CA LYS E 424 3.85 -8.59 65.36
C LYS E 424 2.97 -7.36 65.14
N LEU E 425 2.65 -7.06 63.88
CA LEU E 425 1.88 -5.86 63.60
C LEU E 425 0.38 -6.15 63.45
N ALA E 426 -0.03 -7.32 63.92
CA ALA E 426 -1.42 -7.73 63.84
C ALA E 426 -2.34 -6.72 64.50
N ASP E 427 -1.77 -5.94 65.43
CA ASP E 427 -2.58 -4.99 66.19
C ASP E 427 -2.38 -3.52 65.83
N LEU E 428 -1.68 -3.27 64.73
CA LEU E 428 -1.48 -1.92 64.20
C LEU E 428 -2.76 -1.35 63.60
N ARG E 429 -3.09 -0.12 63.97
CA ARG E 429 -4.23 0.57 63.39
C ARG E 429 -3.90 1.98 62.91
N GLY E 430 -4.77 2.56 62.09
CA GLY E 430 -4.55 3.89 61.57
C GLY E 430 -5.54 4.92 62.11
N GLN E 431 -5.65 6.05 61.38
CA GLN E 431 -6.53 7.13 61.78
C GLN E 431 -7.97 6.84 61.40
N ASN E 432 -8.21 5.87 60.52
CA ASN E 432 -9.59 5.58 60.14
C ASN E 432 -9.67 4.23 59.47
N GLU E 433 -10.86 3.77 59.11
CA GLU E 433 -10.98 2.42 58.54
C GLU E 433 -10.21 2.20 57.23
N ASP E 434 -10.21 3.17 56.33
CA ASP E 434 -9.48 3.00 55.08
C ASP E 434 -8.00 2.81 55.38
N GLN E 435 -7.45 3.58 56.32
CA GLN E 435 -6.05 3.40 56.70
C GLN E 435 -5.78 1.98 57.24
N ASN E 436 -6.80 1.41 57.88
CA ASN E 436 -6.71 0.07 58.45
C ASN E 436 -6.56 -0.98 57.36
N VAL E 437 -7.46 -0.93 56.37
CA VAL E 437 -7.36 -1.83 55.23
C VAL E 437 -6.00 -1.67 54.57
N GLY E 438 -5.47 -0.46 54.61
CA GLY E 438 -4.20 -0.16 54.01
C GLY E 438 -3.10 -0.86 54.75
N ILE E 439 -3.25 -0.96 56.07
CA ILE E 439 -2.28 -1.75 56.86
C ILE E 439 -2.40 -3.23 56.53
N LYS E 440 -3.60 -3.80 56.69
CA LYS E 440 -3.83 -5.21 56.34
C LYS E 440 -3.33 -5.57 54.93
N VAL E 441 -3.49 -4.66 54.00
CA VAL E 441 -2.89 -4.84 52.66
C VAL E 441 -1.35 -5.04 52.71
N ALA E 442 -0.59 -4.21 53.43
CA ALA E 442 0.83 -4.47 53.51
C ALA E 442 1.13 -5.77 54.26
N LEU E 443 0.44 -6.01 55.37
CA LEU E 443 0.76 -7.20 56.16
C LEU E 443 0.61 -8.46 55.29
N ARG E 444 -0.53 -8.55 54.59
CA ARG E 444 -0.87 -9.68 53.73
C ARG E 444 0.17 -9.84 52.62
N ALA E 445 0.78 -8.74 52.22
CA ALA E 445 1.76 -8.78 51.16
C ALA E 445 3.03 -9.36 51.70
N MET E 446 3.24 -9.20 52.98
CA MET E 446 4.51 -9.57 53.60
C MET E 446 4.73 -11.04 53.51
N GLU E 447 3.63 -11.77 53.35
CA GLU E 447 3.66 -13.21 53.13
C GLU E 447 4.10 -13.61 51.73
N ALA E 448 4.19 -12.69 50.78
CA ALA E 448 4.33 -13.14 49.37
C ALA E 448 5.66 -13.78 49.01
N PRO E 449 6.78 -13.24 49.43
CA PRO E 449 8.04 -13.93 49.12
C PRO E 449 7.96 -15.40 49.51
N LEU E 450 7.57 -15.71 50.76
CA LEU E 450 7.50 -17.10 51.20
C LEU E 450 6.57 -17.81 50.27
N ARG E 451 5.43 -17.22 49.99
CA ARG E 451 4.45 -17.85 49.11
C ARG E 451 4.95 -18.16 47.70
N GLN E 452 5.81 -17.29 47.11
CA GLN E 452 6.35 -17.52 45.76
C GLN E 452 7.41 -18.59 45.80
N ILE E 453 8.30 -18.52 46.82
CA ILE E 453 9.36 -19.51 47.00
C ILE E 453 8.75 -20.91 46.96
N VAL E 454 7.69 -21.09 47.72
CA VAL E 454 7.03 -22.36 47.74
C VAL E 454 6.37 -22.71 46.42
N LEU E 455 5.95 -21.70 45.68
CA LEU E 455 5.15 -21.96 44.50
C LEU E 455 6.06 -22.38 43.37
N ASN E 456 7.24 -21.76 43.33
CA ASN E 456 8.31 -22.21 42.46
C ASN E 456 8.82 -23.64 42.76
N CYS E 457 8.48 -24.25 43.89
CA CYS E 457 8.89 -25.62 44.15
C CYS E 457 7.82 -26.54 43.73
N GLY E 458 6.74 -26.04 43.19
CA GLY E 458 5.67 -26.92 42.79
C GLY E 458 4.83 -27.40 43.95
N GLU E 459 4.95 -26.71 45.08
CA GLU E 459 4.23 -27.09 46.30
C GLU E 459 3.21 -26.07 46.76
N GLU E 460 2.26 -26.54 47.59
CA GLU E 460 1.11 -25.76 48.05
C GLU E 460 1.50 -24.57 48.94
N PRO E 461 1.32 -23.35 48.45
CA PRO E 461 2.01 -22.23 49.07
C PRO E 461 1.27 -21.85 50.38
N SER E 462 -0.05 -21.91 50.34
CA SER E 462 -0.87 -21.55 51.49
C SER E 462 -0.68 -22.58 52.64
N VAL E 463 -0.52 -23.86 52.28
CA VAL E 463 -0.27 -24.92 53.27
C VAL E 463 1.09 -24.73 53.94
N VAL E 464 2.14 -24.43 53.19
CA VAL E 464 3.40 -24.09 53.83
C VAL E 464 3.22 -22.87 54.74
N ALA E 465 2.64 -21.79 54.22
CA ALA E 465 2.47 -20.56 55.00
C ALA E 465 1.68 -20.83 56.30
N ASN E 466 0.55 -21.52 56.22
CA ASN E 466 -0.18 -21.84 57.40
C ASN E 466 0.72 -22.45 58.45
N THR E 467 1.51 -23.45 58.08
CA THR E 467 2.38 -24.09 59.08
C THR E 467 3.62 -23.27 59.51
N VAL E 468 4.16 -22.40 58.69
CA VAL E 468 5.20 -21.53 59.22
C VAL E 468 4.59 -20.53 60.23
N LYS E 469 3.38 -20.07 59.93
CA LYS E 469 2.70 -19.09 60.78
C LYS E 469 2.22 -19.76 62.07
N GLY E 470 2.14 -21.08 62.08
CA GLY E 470 1.87 -21.78 63.32
C GLY E 470 3.05 -21.81 64.28
N GLY E 471 4.24 -21.48 63.79
CA GLY E 471 5.47 -21.59 64.57
C GLY E 471 5.86 -20.28 65.21
N ASP E 472 7.12 -20.15 65.62
CA ASP E 472 7.64 -18.92 66.25
C ASP E 472 9.08 -18.64 65.92
N GLY E 473 9.55 -17.45 66.28
CA GLY E 473 10.93 -17.06 66.05
C GLY E 473 11.44 -17.39 64.66
N ASN E 474 12.47 -18.19 64.59
CA ASN E 474 13.16 -18.46 63.35
C ASN E 474 12.75 -19.76 62.70
N TYR E 475 11.57 -20.26 63.02
CA TYR E 475 11.11 -21.52 62.41
C TYR E 475 10.64 -21.20 61.02
N GLY E 476 11.08 -21.99 60.04
CA GLY E 476 10.72 -21.73 58.66
C GLY E 476 10.71 -22.97 57.81
N TYR E 477 10.53 -22.81 56.49
CA TYR E 477 10.51 -23.90 55.54
C TYR E 477 11.81 -23.83 54.87
N ASN E 478 12.43 -25.00 54.71
CA ASN E 478 13.64 -25.12 53.92
C ASN E 478 13.29 -25.73 52.58
N ALA E 479 13.18 -24.85 51.57
CA ALA E 479 12.70 -25.24 50.24
C ALA E 479 13.64 -26.20 49.54
N ALA E 480 14.94 -26.03 49.79
CA ALA E 480 15.95 -26.96 49.28
C ALA E 480 15.65 -28.39 49.73
N THR E 481 15.51 -28.59 51.03
CA THR E 481 15.42 -29.95 51.55
C THR E 481 13.99 -30.38 51.79
N GLU E 482 13.03 -29.49 51.62
CA GLU E 482 11.60 -29.85 51.78
C GLU E 482 11.20 -30.21 53.21
N GLU E 483 11.89 -29.68 54.21
CA GLU E 483 11.44 -29.86 55.58
C GLU E 483 11.61 -28.62 56.45
N TYR E 484 10.76 -28.49 57.48
CA TYR E 484 10.72 -27.29 58.33
C TYR E 484 11.84 -27.36 59.39
N GLY E 485 12.21 -26.22 59.96
CA GLY E 485 13.30 -26.18 60.92
C GLY E 485 13.65 -24.76 61.31
N ASN E 486 14.74 -24.60 62.05
CA ASN E 486 15.19 -23.29 62.43
C ASN E 486 16.07 -22.71 61.32
N MET E 487 15.61 -21.63 60.65
CA MET E 487 16.34 -21.11 59.47
C MET E 487 17.77 -20.68 59.76
N ILE E 488 18.03 -20.10 60.93
CA ILE E 488 19.40 -19.67 61.21
C ILE E 488 20.32 -20.86 61.40
N ASP E 489 19.77 -21.93 61.96
CA ASP E 489 20.53 -23.17 62.20
C ASP E 489 20.81 -23.86 60.89
N MET E 490 19.87 -23.78 59.96
CA MET E 490 20.09 -24.39 58.66
C MET E 490 20.91 -23.51 57.73
N GLY E 491 21.37 -22.37 58.22
CA GLY E 491 22.21 -21.51 57.40
C GLY E 491 21.48 -20.66 56.35
N ILE E 492 20.16 -20.71 56.33
CA ILE E 492 19.37 -19.90 55.43
C ILE E 492 19.13 -18.48 55.98
N LEU E 493 20.12 -17.60 55.88
CA LEU E 493 19.99 -16.21 56.35
C LEU E 493 19.95 -15.19 55.21
N ASP E 494 18.96 -14.26 55.18
CA ASP E 494 19.02 -13.03 54.35
C ASP E 494 19.58 -11.85 55.11
N PRO E 495 20.30 -10.93 54.46
CA PRO E 495 20.84 -9.78 55.17
C PRO E 495 19.71 -8.79 55.43
N THR E 496 19.78 -8.13 56.59
CA THR E 496 18.67 -7.28 57.04
C THR E 496 18.48 -6.14 56.05
N LYS E 497 19.57 -5.40 55.79
CA LYS E 497 19.55 -4.33 54.82
C LYS E 497 18.81 -4.74 53.53
N VAL E 498 19.10 -5.91 52.98
CA VAL E 498 18.31 -6.28 51.82
C VAL E 498 16.84 -6.50 52.15
N THR E 499 16.48 -7.20 53.19
CA THR E 499 15.02 -7.43 53.39
C THR E 499 14.27 -6.12 53.59
N ARG E 500 14.87 -5.26 54.40
CA ARG E 500 14.34 -3.93 54.70
C ARG E 500 14.13 -3.19 53.39
N SER E 501 15.23 -3.11 52.61
CA SER E 501 15.27 -2.35 51.36
C SER E 501 14.27 -2.89 50.37
N ALA E 502 14.19 -4.21 50.20
CA ALA E 502 13.11 -4.74 49.37
C ALA E 502 11.84 -4.06 49.80
N LEU E 503 11.48 -4.19 51.08
CA LEU E 503 10.19 -3.68 51.56
C LEU E 503 9.98 -2.19 51.33
N GLN E 504 10.95 -1.38 51.72
CA GLN E 504 10.77 0.04 51.65
C GLN E 504 10.46 0.47 50.21
N TYR E 505 11.22 -0.05 49.25
CA TYR E 505 11.09 0.33 47.85
C TYR E 505 9.82 -0.19 47.23
N ALA E 506 9.50 -1.45 47.43
CA ALA E 506 8.24 -1.89 46.84
C ALA E 506 7.14 -1.01 47.35
N ALA E 507 7.14 -0.72 48.66
CA ALA E 507 6.04 0.05 49.31
C ALA E 507 5.94 1.42 48.71
N SER E 508 7.10 2.06 48.59
CA SER E 508 7.18 3.35 47.99
C SER E 508 6.50 3.37 46.62
N VAL E 509 6.96 2.56 45.67
CA VAL E 509 6.31 2.59 44.37
C VAL E 509 4.86 2.13 44.47
N ALA E 510 4.58 0.93 44.95
CA ALA E 510 3.18 0.45 44.88
C ALA E 510 2.17 1.36 45.62
N GLY E 511 2.68 2.06 46.64
CA GLY E 511 1.89 2.98 47.41
C GLY E 511 1.34 4.04 46.48
N LEU E 512 2.24 4.77 45.81
CA LEU E 512 1.87 5.72 44.75
C LEU E 512 0.97 5.12 43.69
N MET E 513 1.35 3.95 43.24
CA MET E 513 0.70 3.33 42.11
C MET E 513 -0.80 3.15 42.30
N ILE E 514 -1.20 2.81 43.51
CA ILE E 514 -2.61 2.51 43.73
C ILE E 514 -3.48 3.77 43.83
N THR E 515 -2.86 4.95 43.85
CA THR E 515 -3.60 6.18 43.95
C THR E 515 -3.92 6.79 42.57
N THR E 516 -3.81 5.98 41.52
CA THR E 516 -3.86 6.43 40.14
C THR E 516 -5.30 6.48 39.69
N GLU E 517 -5.74 7.64 39.20
CA GLU E 517 -7.11 7.74 38.74
C GLU E 517 -7.15 8.04 37.25
N CYS E 518 -6.04 8.53 36.72
CA CYS E 518 -5.99 8.86 35.33
C CYS E 518 -4.59 8.68 34.74
N MET E 519 -4.52 8.25 33.48
CA MET E 519 -3.24 7.98 32.83
C MET E 519 -3.17 8.67 31.48
N VAL E 520 -2.03 9.29 31.21
CA VAL E 520 -1.84 10.07 30.00
C VAL E 520 -0.61 9.61 29.24
N THR E 521 -0.82 9.11 28.02
CA THR E 521 0.25 8.60 27.15
C THR E 521 0.02 8.92 25.68
N ASP E 522 1.03 8.63 24.83
CA ASP E 522 0.95 8.76 23.38
C ASP E 522 0.00 7.79 22.71
N LEU E 523 -0.47 8.14 21.53
CA LEU E 523 -1.38 7.31 20.77
C LEU E 523 -0.64 6.11 20.13
N PRO E 524 -1.34 4.98 20.03
CA PRO E 524 -0.79 3.76 19.42
C PRO E 524 -0.37 3.88 17.93
N ALA F 1 12.73 -1.52 22.21
CA ALA F 1 11.51 -2.00 21.53
C ALA F 1 10.65 -2.79 22.50
N ALA F 2 9.35 -2.77 22.27
CA ALA F 2 8.44 -3.71 22.90
C ALA F 2 8.96 -5.13 22.70
N LYS F 3 8.89 -5.92 23.77
CA LYS F 3 9.36 -7.29 23.82
C LYS F 3 8.22 -8.29 23.80
N ASP F 4 8.50 -9.46 23.27
CA ASP F 4 7.59 -10.61 23.37
C ASP F 4 8.11 -11.47 24.53
N VAL F 5 7.24 -11.93 25.41
CA VAL F 5 7.68 -12.83 26.46
C VAL F 5 6.85 -14.09 26.52
N LYS F 6 7.56 -15.23 26.57
CA LYS F 6 6.90 -16.52 26.54
C LYS F 6 7.32 -17.31 27.74
N PHE F 7 6.39 -18.11 28.24
CA PHE F 7 6.60 -18.84 29.48
C PHE F 7 6.51 -20.35 29.35
N GLY F 8 7.32 -21.02 30.16
CA GLY F 8 7.16 -22.42 30.44
C GLY F 8 7.28 -23.27 29.20
N ASN F 9 6.27 -24.10 28.99
CA ASN F 9 6.32 -25.02 27.89
C ASN F 9 6.42 -24.32 26.54
N ASP F 10 5.63 -23.28 26.32
CA ASP F 10 5.68 -22.59 25.05
C ASP F 10 7.06 -22.08 24.76
N ALA F 11 7.66 -21.39 25.72
CA ALA F 11 9.02 -20.90 25.50
C ALA F 11 9.91 -22.05 25.04
N ARG F 12 9.76 -23.20 25.72
CA ARG F 12 10.67 -24.35 25.59
C ARG F 12 10.49 -25.09 24.26
N VAL F 13 9.26 -25.38 23.87
CA VAL F 13 9.02 -25.95 22.57
C VAL F 13 9.69 -25.08 21.48
N LYS F 14 9.45 -23.78 21.48
CA LYS F 14 10.15 -22.90 20.56
C LYS F 14 11.67 -23.01 20.70
N MET F 15 12.20 -22.94 21.89
CA MET F 15 13.67 -22.99 22.04
C MET F 15 14.26 -24.24 21.41
N LEU F 16 13.50 -25.34 21.47
CA LEU F 16 14.00 -26.62 21.06
C LEU F 16 13.99 -26.64 19.54
N ARG F 17 12.85 -26.27 18.95
CA ARG F 17 12.77 -26.13 17.50
C ARG F 17 13.98 -25.41 16.92
N GLY F 18 14.42 -24.38 17.61
CA GLY F 18 15.59 -23.64 17.20
C GLY F 18 16.80 -24.54 17.17
N VAL F 19 17.14 -25.09 18.35
CA VAL F 19 18.22 -26.08 18.50
C VAL F 19 18.17 -27.13 17.38
N ASN F 20 17.05 -27.80 17.21
CA ASN F 20 16.98 -28.76 16.13
C ASN F 20 17.41 -28.28 14.74
N VAL F 21 16.91 -27.15 14.29
CA VAL F 21 17.27 -26.65 12.97
C VAL F 21 18.79 -26.57 12.84
N LEU F 22 19.44 -25.94 13.81
CA LEU F 22 20.89 -25.87 13.81
C LEU F 22 21.47 -27.28 13.94
N ALA F 23 21.11 -28.02 14.99
CA ALA F 23 21.59 -29.40 15.15
C ALA F 23 21.42 -30.22 13.89
N ASP F 24 20.20 -30.31 13.36
CA ASP F 24 20.00 -31.04 12.10
C ASP F 24 20.87 -30.62 10.92
N ALA F 25 21.17 -29.35 10.77
CA ALA F 25 22.02 -28.95 9.67
C ALA F 25 23.44 -29.38 9.98
N VAL F 26 23.80 -29.51 11.24
CA VAL F 26 25.21 -29.79 11.51
C VAL F 26 25.46 -31.31 11.46
N LYS F 27 24.48 -32.05 11.97
CA LYS F 27 24.50 -33.49 12.08
C LYS F 27 24.80 -34.19 10.79
N VAL F 28 24.42 -33.59 9.63
CA VAL F 28 24.47 -34.37 8.39
C VAL F 28 25.89 -34.61 7.97
N THR F 29 26.82 -33.93 8.63
CA THR F 29 28.19 -34.01 8.24
C THR F 29 29.02 -34.90 9.14
N LEU F 30 28.43 -35.44 10.20
CA LEU F 30 29.20 -36.25 11.15
C LEU F 30 29.65 -37.59 10.60
N GLY F 31 30.94 -37.86 10.71
CA GLY F 31 31.44 -39.19 10.38
C GLY F 31 31.92 -39.44 8.98
N PRO F 32 32.52 -40.59 8.74
CA PRO F 32 33.06 -40.89 7.42
C PRO F 32 32.01 -40.92 6.31
N LYS F 33 30.78 -41.37 6.55
CA LYS F 33 29.70 -41.25 5.56
C LYS F 33 28.87 -39.96 5.80
N GLY F 34 29.56 -38.97 6.34
CA GLY F 34 29.02 -37.62 6.40
C GLY F 34 28.97 -37.01 5.01
N ARG F 35 27.94 -36.18 4.79
CA ARG F 35 27.71 -35.46 3.55
C ARG F 35 28.06 -33.98 3.75
N ASN F 36 27.98 -33.18 2.70
CA ASN F 36 28.33 -31.78 2.83
C ASN F 36 27.11 -30.90 2.94
N VAL F 37 27.35 -29.68 3.44
CA VAL F 37 26.35 -28.63 3.46
C VAL F 37 26.82 -27.49 2.58
N VAL F 38 25.91 -26.91 1.82
CA VAL F 38 26.21 -25.74 1.00
C VAL F 38 25.79 -24.45 1.70
N LEU F 39 26.74 -23.54 1.83
CA LEU F 39 26.52 -22.27 2.52
C LEU F 39 26.59 -21.05 1.60
N ASP F 40 25.43 -20.48 1.31
CA ASP F 40 25.37 -19.28 0.50
C ASP F 40 26.19 -18.12 1.03
N LYS F 41 26.57 -17.22 0.13
CA LYS F 41 27.40 -16.08 0.45
C LYS F 41 27.19 -15.13 -0.74
N SER F 42 26.41 -14.05 -0.55
CA SER F 42 26.20 -13.09 -1.66
C SER F 42 27.58 -12.75 -2.25
N PHE F 43 28.41 -12.11 -1.41
CA PHE F 43 29.88 -11.96 -1.56
C PHE F 43 30.52 -12.70 -2.75
N GLY F 44 30.79 -14.00 -2.59
CA GLY F 44 31.44 -14.79 -3.65
C GLY F 44 30.59 -15.99 -4.07
N ALA F 45 31.22 -17.07 -4.49
CA ALA F 45 30.50 -18.28 -4.81
C ALA F 45 30.11 -18.90 -3.49
N PRO F 46 29.08 -19.73 -3.46
CA PRO F 46 28.82 -20.53 -2.26
C PRO F 46 30.01 -21.37 -1.84
N THR F 47 29.88 -21.91 -0.64
CA THR F 47 30.94 -22.67 0.00
C THR F 47 30.39 -24.07 0.19
N ILE F 48 31.17 -25.08 -0.17
CA ILE F 48 30.79 -26.41 0.24
C ILE F 48 31.64 -26.75 1.47
N THR F 49 31.06 -27.35 2.48
CA THR F 49 31.82 -27.62 3.70
C THR F 49 31.26 -28.75 4.54
N LYS F 50 32.17 -29.51 5.16
CA LYS F 50 31.83 -30.60 6.09
C LYS F 50 31.93 -30.14 7.55
N ASP F 51 32.59 -28.99 7.72
CA ASP F 51 33.08 -28.48 8.99
C ASP F 51 31.99 -27.90 9.86
N GLY F 52 31.68 -28.62 10.91
CA GLY F 52 30.50 -28.37 11.75
C GLY F 52 30.28 -26.94 12.26
N VAL F 53 31.37 -26.29 12.66
CA VAL F 53 31.29 -24.96 13.20
C VAL F 53 30.88 -24.03 12.08
N SER F 54 31.37 -24.29 10.85
CA SER F 54 31.09 -23.43 9.73
C SER F 54 29.62 -23.40 9.38
N VAL F 55 28.95 -24.56 9.39
CA VAL F 55 27.53 -24.59 9.21
C VAL F 55 26.87 -23.83 10.34
N ALA F 56 27.30 -24.09 11.59
CA ALA F 56 26.67 -23.49 12.79
C ALA F 56 26.63 -21.98 12.75
N ARG F 57 27.80 -21.34 12.64
CA ARG F 57 27.89 -19.89 12.51
C ARG F 57 26.96 -19.22 11.45
N GLU F 58 26.37 -19.98 10.54
CA GLU F 58 25.47 -19.39 9.55
C GLU F 58 24.00 -19.50 9.93
N ILE F 59 23.65 -20.38 10.84
CA ILE F 59 22.23 -20.48 11.14
C ILE F 59 21.77 -19.30 11.97
N GLU F 60 20.70 -18.66 11.48
CA GLU F 60 19.96 -17.59 12.15
C GLU F 60 18.52 -17.80 11.72
N LEU F 61 17.57 -17.79 12.63
CA LEU F 61 16.22 -18.13 12.21
C LEU F 61 15.31 -16.90 12.21
N GLU F 62 14.12 -17.05 11.63
CA GLU F 62 13.26 -15.90 11.54
C GLU F 62 12.41 -15.69 12.77
N ASP F 63 11.79 -16.78 13.26
CA ASP F 63 11.05 -16.80 14.50
C ASP F 63 12.01 -16.51 15.63
N LYS F 64 11.74 -15.46 16.37
CA LYS F 64 12.75 -14.81 17.16
C LYS F 64 13.17 -15.70 18.33
N PHE F 65 12.27 -16.59 18.76
CA PHE F 65 12.48 -17.47 19.89
C PHE F 65 13.31 -18.65 19.43
N GLU F 66 12.88 -19.29 18.34
CA GLU F 66 13.64 -20.34 17.69
C GLU F 66 15.03 -19.80 17.50
N ASN F 67 15.16 -18.57 17.01
CA ASN F 67 16.48 -18.02 16.83
C ASN F 67 17.34 -18.15 18.06
N MET F 68 16.76 -17.84 19.22
CA MET F 68 17.45 -17.82 20.49
C MET F 68 18.00 -19.21 20.84
N GLY F 69 17.15 -20.22 20.68
CA GLY F 69 17.59 -21.59 20.70
C GLY F 69 18.88 -21.78 19.90
N ALA F 70 18.80 -21.59 18.58
CA ALA F 70 19.96 -21.79 17.73
C ALA F 70 21.15 -20.93 18.12
N GLN F 71 20.91 -19.71 18.55
CA GLN F 71 22.03 -18.82 18.83
C GLN F 71 22.83 -19.24 20.04
N MET F 72 22.20 -20.08 20.86
CA MET F 72 22.83 -20.55 22.10
C MET F 72 23.66 -21.82 21.90
N VAL F 73 23.05 -22.88 21.35
CA VAL F 73 23.80 -24.07 20.98
C VAL F 73 24.94 -23.73 20.04
N LYS F 74 24.75 -22.73 19.20
CA LYS F 74 25.81 -22.31 18.31
C LYS F 74 27.13 -22.10 19.10
N GLU F 75 27.02 -21.91 20.40
CA GLU F 75 28.19 -21.60 21.18
C GLU F 75 29.01 -22.84 21.54
N VAL F 76 28.37 -24.00 21.59
CA VAL F 76 29.11 -25.19 21.90
C VAL F 76 30.07 -25.45 20.72
N ALA F 77 29.48 -25.48 19.50
CA ALA F 77 30.26 -25.76 18.29
C ALA F 77 31.31 -24.67 18.15
N SER F 78 30.98 -23.48 18.59
CA SER F 78 31.94 -22.42 18.45
C SER F 78 33.10 -22.57 19.42
N LYS F 79 32.77 -22.89 20.67
CA LYS F 79 33.76 -23.04 21.73
C LYS F 79 34.70 -24.25 21.51
N ALA F 80 34.09 -25.41 21.26
CA ALA F 80 34.84 -26.58 20.78
C ALA F 80 35.96 -26.16 19.82
N ASN F 81 35.56 -25.47 18.74
CA ASN F 81 36.47 -25.04 17.73
C ASN F 81 37.66 -24.23 18.27
N ASP F 82 37.42 -23.33 19.23
CA ASP F 82 38.48 -22.39 19.66
C ASP F 82 39.53 -23.05 20.53
N ALA F 83 39.08 -24.14 21.16
CA ALA F 83 39.89 -24.89 22.13
C ALA F 83 40.59 -26.06 21.46
N ALA F 84 39.76 -27.00 21.00
CA ALA F 84 40.18 -28.19 20.27
C ALA F 84 40.72 -27.92 18.86
N GLY F 85 39.83 -27.49 17.95
CA GLY F 85 40.13 -27.36 16.54
C GLY F 85 39.32 -28.41 15.74
N ASP F 86 38.60 -29.28 16.45
CA ASP F 86 37.84 -30.35 15.80
C ASP F 86 36.76 -30.80 16.77
N GLY F 87 35.91 -31.74 16.38
CA GLY F 87 34.88 -32.20 17.29
C GLY F 87 33.65 -31.33 17.43
N THR F 88 33.59 -30.23 16.66
CA THR F 88 32.52 -29.23 16.70
C THR F 88 31.19 -29.88 16.35
N THR F 89 31.18 -30.80 15.39
CA THR F 89 29.94 -31.50 15.13
C THR F 89 29.55 -32.38 16.31
N THR F 90 30.53 -33.10 16.87
CA THR F 90 30.24 -34.05 17.96
C THR F 90 29.62 -33.21 19.06
N ALA F 91 30.40 -32.20 19.47
CA ALA F 91 29.95 -31.25 20.47
C ALA F 91 28.45 -30.94 20.19
N THR F 92 28.13 -30.53 18.97
CA THR F 92 26.78 -30.07 18.68
C THR F 92 25.80 -31.19 18.90
N VAL F 93 26.18 -32.39 18.50
CA VAL F 93 25.25 -33.52 18.54
C VAL F 93 24.96 -33.98 19.98
N LEU F 94 25.96 -33.81 20.86
CA LEU F 94 25.81 -34.17 22.25
C LEU F 94 24.89 -33.13 22.82
N ALA F 95 25.18 -31.86 22.54
CA ALA F 95 24.37 -30.75 23.10
C ALA F 95 22.92 -30.92 22.73
N GLN F 96 22.63 -31.31 21.51
CA GLN F 96 21.24 -31.43 21.13
C GLN F 96 20.57 -32.57 21.88
N ALA F 97 21.40 -33.48 22.38
CA ALA F 97 20.91 -34.75 22.90
C ALA F 97 20.57 -34.56 24.37
N ILE F 98 21.51 -33.89 25.05
CA ILE F 98 21.27 -33.56 26.43
C ILE F 98 19.96 -32.72 26.51
N ILE F 99 19.84 -31.70 25.65
CA ILE F 99 18.69 -30.80 25.62
C ILE F 99 17.41 -31.60 25.42
N THR F 100 17.38 -32.44 24.40
CA THR F 100 16.15 -33.14 24.07
C THR F 100 15.72 -33.93 25.29
N GLU F 101 16.71 -34.57 25.93
CA GLU F 101 16.40 -35.54 26.98
C GLU F 101 16.07 -34.80 28.25
N GLY F 102 16.90 -33.80 28.56
CA GLY F 102 16.57 -32.80 29.56
C GLY F 102 15.12 -32.34 29.51
N LEU F 103 14.76 -31.59 28.47
CA LEU F 103 13.42 -31.00 28.42
C LEU F 103 12.35 -32.04 28.58
N LYS F 104 12.64 -33.28 28.18
CA LYS F 104 11.64 -34.32 28.34
C LYS F 104 11.41 -34.59 29.83
N ALA F 105 12.50 -34.51 30.60
CA ALA F 105 12.43 -34.74 32.03
C ALA F 105 11.75 -33.55 32.71
N VAL F 106 12.09 -32.33 32.26
CA VAL F 106 11.48 -31.14 32.82
C VAL F 106 9.98 -31.23 32.65
N ALA F 107 9.56 -31.79 31.54
CA ALA F 107 8.15 -31.96 31.27
C ALA F 107 7.53 -33.08 32.13
N ALA F 108 8.40 -33.85 32.80
CA ALA F 108 7.95 -34.93 33.67
C ALA F 108 7.69 -34.44 35.10
N GLY F 109 7.97 -33.15 35.32
CA GLY F 109 7.87 -32.58 36.65
C GLY F 109 9.18 -32.54 37.46
N MET F 110 10.26 -33.05 36.92
CA MET F 110 11.58 -32.88 37.51
C MET F 110 12.00 -31.43 37.67
N ASN F 111 12.87 -31.20 38.64
CA ASN F 111 13.39 -29.87 38.94
C ASN F 111 14.61 -29.54 38.11
N PRO F 112 14.50 -28.62 37.16
CA PRO F 112 15.57 -28.41 36.20
C PRO F 112 16.91 -28.16 36.85
N MET F 113 16.95 -27.35 37.88
CA MET F 113 18.24 -27.00 38.44
C MET F 113 18.99 -28.20 39.02
N ASP F 114 18.25 -29.30 39.30
CA ASP F 114 18.80 -30.54 39.80
C ASP F 114 19.29 -31.37 38.62
N LEU F 115 18.46 -31.43 37.56
CA LEU F 115 18.83 -32.16 36.36
C LEU F 115 20.15 -31.60 35.93
N LYS F 116 20.30 -30.28 35.96
CA LYS F 116 21.58 -29.70 35.68
C LYS F 116 22.73 -30.21 36.57
N ARG F 117 22.54 -30.20 37.90
CA ARG F 117 23.56 -30.69 38.83
C ARG F 117 23.98 -32.15 38.51
N GLY F 118 23.02 -32.95 38.08
CA GLY F 118 23.27 -34.34 37.72
C GLY F 118 24.16 -34.40 36.50
N ILE F 119 23.67 -33.87 35.37
CA ILE F 119 24.43 -33.69 34.15
C ILE F 119 25.82 -33.25 34.51
N ASP F 120 25.96 -32.19 35.31
CA ASP F 120 27.32 -31.67 35.53
C ASP F 120 28.20 -32.71 36.23
N LYS F 121 27.66 -33.36 37.25
CA LYS F 121 28.40 -34.37 37.98
C LYS F 121 28.78 -35.52 37.06
N ALA F 122 27.81 -35.97 36.25
CA ALA F 122 28.06 -37.06 35.29
C ALA F 122 29.22 -36.67 34.40
N VAL F 123 29.24 -35.43 33.94
CA VAL F 123 30.34 -34.96 33.11
C VAL F 123 31.69 -34.88 33.83
N THR F 124 31.72 -34.42 35.07
CA THR F 124 33.00 -34.27 35.77
C THR F 124 33.68 -35.63 35.89
N ALA F 125 32.82 -36.65 35.90
CA ALA F 125 33.24 -38.02 36.13
C ALA F 125 33.71 -38.62 34.79
N ALA F 126 32.92 -38.37 33.75
CA ALA F 126 33.29 -38.75 32.39
C ALA F 126 34.63 -38.13 32.03
N VAL F 127 34.88 -36.89 32.41
CA VAL F 127 36.17 -36.31 32.08
C VAL F 127 37.33 -37.04 32.73
N GLU F 128 37.18 -37.37 34.02
CA GLU F 128 38.13 -38.17 34.76
C GLU F 128 38.36 -39.52 34.08
N GLU F 129 37.28 -40.18 33.69
CA GLU F 129 37.34 -41.48 33.10
C GLU F 129 38.07 -41.48 31.78
N LEU F 130 37.76 -40.52 30.91
CA LEU F 130 38.58 -40.25 29.72
C LEU F 130 40.05 -39.99 29.98
N LYS F 131 40.41 -39.26 31.04
CA LYS F 131 41.86 -39.11 31.30
C LYS F 131 42.50 -40.51 31.47
N ALA F 132 41.67 -41.46 31.92
CA ALA F 132 42.19 -42.77 32.31
C ALA F 132 42.49 -43.57 31.05
N LEU F 133 41.46 -43.70 30.22
CA LEU F 133 41.49 -44.31 28.88
C LEU F 133 42.51 -43.75 27.92
N SER F 134 42.70 -42.45 27.95
CA SER F 134 43.68 -41.85 27.07
C SER F 134 45.03 -42.53 27.22
N VAL F 135 45.60 -42.88 26.10
CA VAL F 135 46.95 -43.34 26.10
C VAL F 135 47.72 -42.28 25.32
N PRO F 136 47.66 -41.29 26.87
CA PRO F 136 48.58 -40.40 26.16
C PRO F 136 48.71 -40.76 24.70
N CYS F 137 49.20 -39.84 23.90
CA CYS F 137 49.38 -40.07 22.46
C CYS F 137 50.68 -39.39 22.05
N SER F 138 51.72 -40.19 21.83
CA SER F 138 53.06 -39.63 21.69
C SER F 138 53.85 -40.17 20.50
N ASP F 139 53.63 -41.43 20.16
CA ASP F 139 54.24 -42.06 18.97
C ASP F 139 53.60 -41.53 17.66
N SER F 140 54.45 -41.36 16.65
CA SER F 140 54.05 -40.94 15.30
C SER F 140 52.86 -41.71 14.74
N LYS F 141 52.70 -42.99 15.07
CA LYS F 141 51.59 -43.76 14.50
C LYS F 141 50.26 -43.27 15.01
N ALA F 142 50.19 -43.03 16.31
CA ALA F 142 48.96 -42.54 16.94
C ALA F 142 48.59 -41.16 16.45
N ILE F 143 49.59 -40.28 16.32
CA ILE F 143 49.39 -38.93 15.83
C ILE F 143 48.82 -38.95 14.41
N ALA F 144 49.44 -39.71 13.52
CA ALA F 144 48.96 -39.85 12.16
C ALA F 144 47.51 -40.27 12.15
N GLN F 145 47.15 -41.12 13.08
CA GLN F 145 45.75 -41.55 13.17
C GLN F 145 44.76 -40.44 13.51
N VAL F 146 45.05 -39.63 14.53
CA VAL F 146 44.08 -38.59 14.84
C VAL F 146 43.94 -37.67 13.63
N GLY F 147 45.09 -37.30 13.06
CA GLY F 147 45.18 -36.53 11.83
C GLY F 147 44.31 -37.08 10.73
N THR F 148 44.43 -38.37 10.48
CA THR F 148 43.63 -39.03 9.48
C THR F 148 42.12 -38.95 9.71
N ILE F 149 41.66 -39.18 10.94
CA ILE F 149 40.20 -39.21 11.20
C ILE F 149 39.61 -37.80 11.13
N SER F 150 40.44 -36.86 11.57
CA SER F 150 40.20 -35.47 11.53
C SER F 150 40.00 -34.99 10.11
N ALA F 151 40.82 -35.50 9.19
CA ALA F 151 40.77 -35.11 7.79
C ALA F 151 39.82 -35.99 7.00
N ASN F 152 38.72 -36.40 7.61
CA ASN F 152 37.74 -37.30 7.00
C ASN F 152 38.35 -38.54 6.34
N SER F 153 39.17 -39.27 7.10
CA SER F 153 39.71 -40.56 6.67
C SER F 153 40.68 -40.40 5.51
N ASP F 154 41.53 -39.38 5.59
CA ASP F 154 42.50 -39.11 4.53
C ASP F 154 43.91 -39.39 5.04
N GLU F 155 44.37 -40.59 4.75
CA GLU F 155 45.65 -41.11 5.22
C GLU F 155 46.85 -40.21 4.99
N THR F 156 46.84 -39.49 3.87
CA THR F 156 47.98 -38.67 3.47
C THR F 156 48.17 -37.49 4.38
N VAL F 157 47.05 -36.91 4.82
CA VAL F 157 47.09 -35.76 5.72
C VAL F 157 47.65 -36.18 7.07
N GLY F 158 47.23 -37.37 7.52
CA GLY F 158 47.75 -37.96 8.74
C GLY F 158 49.25 -38.03 8.64
N LYS F 159 49.69 -38.84 7.68
CA LYS F 159 51.11 -39.07 7.40
C LYS F 159 51.90 -37.77 7.36
N LEU F 160 51.32 -36.76 6.72
CA LEU F 160 52.01 -35.52 6.45
C LEU F 160 52.23 -34.69 7.70
N ILE F 161 51.21 -34.65 8.55
CA ILE F 161 51.30 -33.96 9.83
C ILE F 161 52.23 -34.68 10.79
N ALA F 162 52.11 -36.01 10.85
CA ALA F 162 52.96 -36.85 11.68
C ALA F 162 54.42 -36.60 11.36
N GLU F 163 54.73 -36.64 10.07
CA GLU F 163 56.05 -36.29 9.57
C GLU F 163 56.48 -34.88 9.98
N ALA F 164 55.53 -33.94 9.94
CA ALA F 164 55.82 -32.56 10.26
C ALA F 164 56.33 -32.43 11.69
N MET F 165 55.51 -32.88 12.65
CA MET F 165 55.80 -32.78 14.09
C MET F 165 57.11 -33.48 14.48
N ASP F 166 57.36 -34.59 13.80
CA ASP F 166 58.61 -35.32 13.89
C ASP F 166 59.85 -34.47 13.59
N LYS F 167 59.74 -33.57 12.61
CA LYS F 167 60.89 -32.79 12.17
C LYS F 167 61.06 -31.44 12.88
N VAL F 168 59.97 -30.76 13.18
CA VAL F 168 60.04 -29.44 13.82
C VAL F 168 60.20 -29.59 15.33
N GLY F 169 59.69 -30.69 15.85
CA GLY F 169 59.74 -30.97 17.27
C GLY F 169 58.40 -30.73 17.95
N LYS F 170 58.46 -30.54 19.27
CA LYS F 170 57.28 -30.26 20.08
C LYS F 170 57.12 -28.73 20.24
N GLU F 171 58.24 -28.05 20.43
CA GLU F 171 58.24 -26.60 20.56
C GLU F 171 58.31 -25.87 19.20
N GLY F 172 57.80 -26.53 18.15
CA GLY F 172 57.92 -26.03 16.76
C GLY F 172 56.61 -25.80 16.03
N VAL F 173 56.64 -24.83 15.11
CA VAL F 173 55.42 -24.38 14.44
C VAL F 173 55.20 -25.01 13.06
N ILE F 174 53.93 -25.31 12.76
CA ILE F 174 53.51 -25.79 11.46
C ILE F 174 52.36 -24.93 10.93
N THR F 175 52.57 -24.31 9.77
CA THR F 175 51.52 -23.55 9.11
C THR F 175 51.06 -24.26 7.84
N VAL F 176 49.89 -23.85 7.32
CA VAL F 176 49.32 -24.45 6.13
C VAL F 176 48.85 -23.39 5.12
N GLU F 177 49.34 -23.49 3.88
CA GLU F 177 48.96 -22.56 2.82
C GLU F 177 48.63 -23.25 1.53
N ASP F 178 48.16 -22.47 0.56
CA ASP F 178 47.80 -22.98 -0.76
C ASP F 178 49.07 -23.37 -1.50
N GLY F 179 49.04 -24.54 -2.12
CA GLY F 179 50.15 -24.98 -2.95
C GLY F 179 49.90 -24.60 -4.40
N THR F 180 50.93 -24.74 -5.22
CA THR F 180 50.76 -24.46 -6.64
C THR F 180 50.25 -25.68 -7.39
N GLY F 181 50.86 -26.84 -7.15
CA GLY F 181 50.53 -28.06 -7.88
C GLY F 181 49.27 -28.77 -7.41
N LEU F 182 49.14 -30.02 -7.86
CA LEU F 182 47.97 -30.84 -7.57
C LEU F 182 48.16 -31.63 -6.28
N GLN F 183 49.41 -31.82 -5.87
CA GLN F 183 49.73 -32.68 -4.72
C GLN F 183 50.23 -31.85 -3.53
N ASP F 184 50.00 -32.37 -2.34
CA ASP F 184 50.47 -31.76 -1.08
C ASP F 184 51.98 -31.78 -0.97
N GLU F 185 52.54 -30.85 -0.20
CA GLU F 185 53.99 -30.74 -0.09
C GLU F 185 54.43 -30.17 1.24
N LEU F 186 55.44 -30.80 1.84
CA LEU F 186 55.95 -30.39 3.15
C LEU F 186 57.32 -29.74 3.04
N ASP F 187 57.45 -28.52 3.55
CA ASP F 187 58.71 -27.78 3.54
C ASP F 187 59.19 -27.55 4.94
N VAL F 188 60.45 -27.91 5.21
CA VAL F 188 61.02 -27.70 6.53
C VAL F 188 62.21 -26.77 6.41
N VAL F 189 62.17 -25.69 7.16
CA VAL F 189 63.28 -24.74 7.18
C VAL F 189 64.20 -24.99 8.36
N GLU F 190 65.47 -25.27 8.02
CA GLU F 190 66.46 -25.65 9.01
C GLU F 190 67.14 -24.43 9.60
N GLY F 191 66.60 -24.29 9.59
CA GLY F 191 67.23 -23.21 10.35
C GLY F 191 66.25 -22.11 10.64
N MET F 192 66.73 -20.87 10.60
CA MET F 192 65.87 -19.72 10.83
C MET F 192 65.65 -18.88 9.58
N GLN F 193 64.40 -18.47 9.37
CA GLN F 193 64.01 -17.58 8.29
C GLN F 193 62.87 -16.66 8.74
N PHE F 194 62.86 -15.43 8.21
CA PHE F 194 61.83 -14.44 8.53
C PHE F 194 61.36 -13.65 7.30
N ASP F 195 60.16 -13.08 7.41
CA ASP F 195 59.53 -12.37 6.29
C ASP F 195 60.17 -11.01 6.01
N ARG F 196 61.22 -11.02 5.22
CA ARG F 196 61.91 -9.77 4.84
C ARG F 196 62.74 -9.89 3.57
N GLY F 197 62.44 -9.02 2.61
CA GLY F 197 63.21 -8.94 1.38
C GLY F 197 64.25 -7.84 1.41
N TYR F 198 65.19 -7.92 0.47
CA TYR F 198 66.22 -6.89 0.31
C TYR F 198 65.59 -5.54 0.00
N LEU F 199 66.20 -4.48 0.52
CA LEU F 199 65.75 -3.12 0.23
C LEU F 199 66.43 -2.63 -1.05
N SER F 200 67.56 -3.24 -1.35
CA SER F 200 68.35 -2.90 -2.53
C SER F 200 68.29 -4.05 -3.54
N PRO F 201 67.42 -3.93 -4.54
CA PRO F 201 67.28 -4.95 -5.57
C PRO F 201 68.53 -5.07 -6.45
N TYR F 202 69.33 -4.01 -6.53
CA TYR F 202 70.54 -4.00 -7.33
C TYR F 202 71.72 -4.68 -6.63
N PHE F 203 71.44 -5.69 -5.82
CA PHE F 203 72.48 -6.37 -5.07
C PHE F 203 72.60 -7.87 -5.38
N ILE F 204 71.51 -8.45 -5.87
CA ILE F 204 71.47 -9.86 -6.22
C ILE F 204 72.78 -10.35 -6.85
N ASN F 205 73.53 -11.15 -6.10
CA ASN F 205 74.79 -11.71 -6.61
C ASN F 205 74.63 -13.07 -7.29
N LYS F 206 73.37 -13.47 -7.54
CA LYS F 206 73.03 -14.67 -8.31
C LYS F 206 71.71 -14.47 -9.05
N PRO F 207 71.77 -13.90 -10.27
CA PRO F 207 70.55 -13.59 -11.04
C PRO F 207 69.73 -14.82 -11.43
N GLU F 208 70.24 -16.02 -11.15
CA GLU F 208 69.57 -17.28 -11.50
C GLU F 208 68.33 -17.52 -10.64
N THR F 209 68.48 -17.39 -9.32
CA THR F 209 67.36 -17.53 -8.40
C THR F 209 66.71 -16.17 -8.15
N GLY F 210 67.45 -15.10 -8.47
CA GLY F 210 67.03 -13.74 -8.16
C GLY F 210 67.16 -13.50 -6.66
N ALA F 211 68.28 -13.95 -6.09
CA ALA F 211 68.53 -13.87 -4.65
C ALA F 211 69.99 -13.58 -4.30
N VAL F 212 70.22 -13.07 -3.09
CA VAL F 212 71.57 -12.74 -2.58
C VAL F 212 72.14 -13.88 -1.74
N GLU F 213 73.33 -14.34 -2.11
CA GLU F 213 73.96 -15.49 -1.43
C GLU F 213 75.31 -15.11 -0.80
N LEU F 214 75.25 -14.59 0.43
CA LEU F 214 76.46 -14.16 1.14
C LEU F 214 77.19 -15.31 1.84
N GLU F 215 78.39 -15.58 1.35
CA GLU F 215 79.20 -16.69 1.86
C GLU F 215 79.95 -16.31 3.14
N SER F 216 79.64 -17.03 4.22
CA SER F 216 80.27 -16.86 5.54
C SER F 216 80.47 -15.38 5.96
N PRO F 217 79.38 -14.63 6.10
CA PRO F 217 79.46 -13.19 6.32
C PRO F 217 79.34 -12.76 7.79
N PHE F 218 79.59 -11.48 8.03
CA PHE F 218 79.34 -10.84 9.32
C PHE F 218 77.90 -10.36 9.36
N ILE F 219 77.35 -10.14 10.56
CA ILE F 219 76.00 -9.64 10.68
C ILE F 219 75.91 -8.47 11.66
N LEU F 220 75.39 -7.35 11.15
CA LEU F 220 75.18 -6.18 11.97
C LEU F 220 73.72 -6.06 12.36
N LEU F 221 73.46 -5.95 13.66
CA LEU F 221 72.11 -5.81 14.17
C LEU F 221 71.88 -4.41 14.71
N ALA F 222 71.26 -3.58 13.88
CA ALA F 222 70.98 -2.20 14.27
C ALA F 222 69.53 -2.06 14.74
N ASP F 223 69.38 -1.77 16.03
CA ASP F 223 68.05 -1.55 16.61
C ASP F 223 67.39 -0.30 16.04
N LYS F 224 68.14 0.81 15.98
CA LYS F 224 67.68 2.05 15.39
C LYS F 224 67.62 1.98 13.86
N LYS F 225 66.96 2.96 13.24
CA LYS F 225 66.89 3.02 11.78
C LYS F 225 68.02 3.87 11.17
N ILE F 226 68.62 3.36 10.11
CA ILE F 226 69.75 3.99 9.44
C ILE F 226 69.30 4.87 8.29
N SER F 227 69.99 6.01 8.10
CA SER F 227 69.76 6.89 6.97
C SER F 227 71.06 7.53 6.46
N ASN F 228 72.09 7.49 7.30
CA ASN F 228 73.37 8.15 7.01
C ASN F 228 74.55 7.19 6.90
N ILE F 229 75.40 7.40 5.89
CA ILE F 229 76.59 6.58 5.66
C ILE F 229 77.66 6.77 6.76
N ARG F 230 77.56 7.86 7.49
CA ARG F 230 78.49 8.22 8.56
C ARG F 230 78.68 7.09 9.58
N GLU F 231 77.57 6.66 10.20
CA GLU F 231 77.59 5.67 11.26
C GLU F 231 78.20 4.34 10.85
N MET F 232 78.17 4.08 9.55
CA MET F 232 78.67 2.82 9.00
C MET F 232 80.19 2.81 8.91
N LEU F 233 80.75 3.92 8.42
CA LEU F 233 82.17 4.02 8.12
C LEU F 233 83.11 3.27 9.06
N PRO F 234 83.01 3.51 10.38
CA PRO F 234 83.86 2.80 11.34
C PRO F 234 83.83 1.28 11.20
N VAL F 235 82.63 0.69 11.20
CA VAL F 235 82.48 -0.77 11.13
C VAL F 235 82.62 -1.28 9.70
N LEU F 236 81.97 -0.59 8.77
CA LEU F 236 82.11 -0.90 7.34
C LEU F 236 83.58 -0.99 6.94
N GLU F 237 84.42 -0.20 7.59
CA GLU F 237 85.86 -0.22 7.36
C GLU F 237 86.53 -1.51 7.81
N ALA F 238 86.29 -1.91 9.06
CA ALA F 238 86.87 -3.14 9.61
C ALA F 238 86.45 -4.39 8.84
N VAL F 239 85.26 -4.36 8.25
CA VAL F 239 84.75 -5.44 7.39
C VAL F 239 85.43 -5.42 6.01
N ALA F 240 85.75 -4.22 5.53
CA ALA F 240 86.45 -4.02 4.25
C ALA F 240 87.89 -4.54 4.26
N LYS F 241 88.51 -4.53 5.44
CA LYS F 241 89.87 -5.00 5.61
C LYS F 241 89.91 -6.42 6.21
N ALA F 242 88.76 -7.08 6.20
CA ALA F 242 88.64 -8.44 6.70
C ALA F 242 88.26 -9.43 5.60
N GLY F 243 87.70 -8.91 4.52
CA GLY F 243 87.35 -9.73 3.36
C GLY F 243 85.92 -10.23 3.34
N LYS F 244 85.48 -10.79 4.47
CA LYS F 244 84.15 -11.38 4.61
C LYS F 244 83.03 -10.38 4.31
N PRO F 245 81.95 -10.85 3.67
CA PRO F 245 80.76 -10.01 3.42
C PRO F 245 80.04 -9.58 4.71
N LEU F 246 79.00 -8.75 4.57
CA LEU F 246 78.26 -8.26 5.73
C LEU F 246 76.76 -8.10 5.48
N LEU F 247 75.95 -8.69 6.35
CA LEU F 247 74.51 -8.47 6.32
C LEU F 247 74.15 -7.44 7.39
N ILE F 248 73.27 -6.51 7.01
CA ILE F 248 72.82 -5.48 7.93
C ILE F 248 71.31 -5.58 8.14
N ILE F 249 70.92 -6.05 9.33
CA ILE F 249 69.52 -6.08 9.71
C ILE F 249 69.26 -4.91 10.64
N ALA F 250 68.69 -3.85 10.08
CA ALA F 250 68.34 -2.64 10.81
C ALA F 250 66.84 -2.48 10.93
N GLU F 251 66.40 -1.49 11.70
CA GLU F 251 65.00 -1.08 11.73
C GLU F 251 64.57 -0.66 10.33
N ASP F 252 65.46 0.08 9.66
CA ASP F 252 65.29 0.48 8.26
C ASP F 252 66.63 1.01 7.72
N VAL F 253 66.82 0.91 6.41
CA VAL F 253 67.96 1.54 5.74
C VAL F 253 67.44 2.31 4.51
N GLU F 254 67.76 3.60 4.45
CA GLU F 254 67.24 4.50 3.42
C GLU F 254 68.25 5.59 3.06
N GLY F 255 67.73 6.70 2.54
CA GLY F 255 68.54 7.85 2.18
C GLY F 255 69.69 7.50 1.24
N GLU F 256 70.78 8.23 1.36
CA GLU F 256 71.99 7.94 0.58
C GLU F 256 72.70 6.70 1.12
N ALA F 257 72.53 6.44 2.42
CA ALA F 257 73.12 5.25 3.05
C ALA F 257 72.87 4.00 2.21
N LEU F 258 71.60 3.71 1.97
CA LEU F 258 71.20 2.61 1.10
C LEU F 258 71.81 2.81 -0.29
N ALA F 259 71.62 3.99 -0.85
CA ALA F 259 72.10 4.32 -2.19
C ALA F 259 73.60 4.08 -2.36
N THR F 260 74.39 4.49 -1.35
CA THR F 260 75.84 4.32 -1.39
C THR F 260 76.21 2.84 -1.28
N LEU F 261 75.61 2.16 -0.30
CA LEU F 261 75.86 0.75 -0.08
C LEU F 261 75.85 -0.04 -1.38
N VAL F 262 74.94 0.33 -2.29
CA VAL F 262 74.85 -0.28 -3.60
C VAL F 262 76.15 -0.10 -4.37
N VAL F 263 76.57 1.15 -4.56
CA VAL F 263 77.78 1.50 -5.33
C VAL F 263 79.05 0.85 -4.75
N ASN F 264 78.99 0.49 -3.47
CA ASN F 264 80.12 -0.12 -2.77
C ASN F 264 80.30 -1.61 -3.11
N THR F 265 79.19 -2.34 -3.19
CA THR F 265 79.23 -3.75 -3.60
C THR F 265 79.27 -3.89 -5.11
N MET F 266 78.58 -2.97 -5.80
CA MET F 266 78.59 -2.90 -7.26
C MET F 266 80.01 -2.84 -7.81
N ARG F 267 80.91 -2.17 -7.07
CA ARG F 267 82.32 -2.02 -7.44
C ARG F 267 83.16 -3.19 -6.94
N GLY F 268 82.78 -3.75 -5.80
CA GLY F 268 83.53 -4.83 -5.19
C GLY F 268 84.39 -4.36 -4.03
N ILE F 269 84.05 -3.21 -3.46
CA ILE F 269 84.75 -2.67 -2.30
C ILE F 269 84.43 -3.52 -1.07
N VAL F 270 83.14 -3.75 -0.84
CA VAL F 270 82.63 -4.62 0.21
C VAL F 270 81.39 -5.34 -0.31
N LYS F 271 81.07 -6.49 0.28
CA LYS F 271 79.81 -7.16 -0.05
C LYS F 271 78.82 -6.98 1.10
N VAL F 272 77.81 -6.12 0.89
CA VAL F 272 76.90 -5.73 1.96
C VAL F 272 75.40 -5.75 1.60
N ALA F 273 74.61 -6.40 2.45
CA ALA F 273 73.17 -6.54 2.26
C ALA F 273 72.37 -5.73 3.27
N ALA F 274 71.19 -5.29 2.85
CA ALA F 274 70.32 -4.49 3.70
C ALA F 274 68.90 -5.01 3.68
N VAL F 275 68.42 -5.41 4.86
CA VAL F 275 67.04 -5.89 5.05
C VAL F 275 66.44 -5.33 6.33
N LYS F 276 65.15 -4.99 6.29
CA LYS F 276 64.44 -4.48 7.46
C LYS F 276 64.44 -5.52 8.60
N ALA F 277 63.96 -5.11 9.76
CA ALA F 277 63.87 -6.00 10.91
C ALA F 277 62.57 -6.80 10.90
N PRO F 278 62.64 -8.07 11.30
CA PRO F 278 61.44 -8.91 11.40
C PRO F 278 60.54 -8.46 12.55
N GLY F 279 59.35 -7.96 12.20
CA GLY F 279 58.39 -7.55 13.22
C GLY F 279 58.09 -6.06 13.24
N PHE F 280 57.51 -5.63 14.36
CA PHE F 280 56.93 -4.30 14.53
C PHE F 280 56.75 -4.04 16.01
N GLY F 281 57.00 -2.80 16.44
CA GLY F 281 56.88 -2.44 17.85
C GLY F 281 57.88 -3.16 18.74
N ASP F 282 57.44 -3.53 19.93
CA ASP F 282 58.29 -4.15 20.94
C ASP F 282 58.68 -5.58 20.59
N ARG F 283 57.89 -6.19 19.71
CA ARG F 283 58.14 -7.52 19.20
C ARG F 283 59.41 -7.56 18.34
N ARG F 284 59.65 -6.47 17.61
CA ARG F 284 60.80 -6.35 16.72
C ARG F 284 62.12 -6.53 17.47
N LYS F 285 62.31 -5.70 18.50
CA LYS F 285 63.52 -5.73 19.32
C LYS F 285 63.68 -7.07 20.03
N ALA F 286 62.55 -7.66 20.39
CA ALA F 286 62.52 -9.00 20.95
C ALA F 286 63.11 -9.99 19.94
N MET F 287 62.54 -10.02 18.74
CA MET F 287 62.98 -10.94 17.67
C MET F 287 64.39 -10.65 17.16
N LEU F 288 64.75 -9.36 17.12
CA LEU F 288 66.08 -8.94 16.70
C LEU F 288 67.14 -9.50 17.63
N GLN F 289 66.83 -9.52 18.92
CA GLN F 289 67.71 -10.09 19.93
C GLN F 289 67.93 -11.57 19.68
N ASP F 290 66.86 -12.28 19.34
CA ASP F 290 66.93 -13.72 19.05
C ASP F 290 68.00 -14.02 18.02
N ILE F 291 68.10 -13.16 17.02
CA ILE F 291 69.04 -13.34 15.92
C ILE F 291 70.49 -13.20 16.41
N ALA F 292 70.70 -12.27 17.34
CA ALA F 292 72.02 -12.03 17.93
C ALA F 292 72.55 -13.27 18.63
N THR F 293 71.67 -13.94 19.37
CA THR F 293 72.01 -15.16 20.09
C THR F 293 72.47 -16.28 19.15
N LEU F 294 71.75 -16.49 18.06
CA LEU F 294 72.07 -17.55 17.10
C LEU F 294 73.37 -17.29 16.32
N THR F 295 73.81 -16.03 16.29
CA THR F 295 74.96 -15.63 15.48
C THR F 295 76.16 -15.15 16.29
N GLY F 296 75.97 -14.97 17.60
CA GLY F 296 77.03 -14.51 18.49
C GLY F 296 77.40 -13.04 18.31
N GLY F 297 76.39 -12.20 18.08
CA GLY F 297 76.60 -10.76 17.95
C GLY F 297 75.85 -9.98 19.00
N THR F 298 76.09 -8.68 19.06
CA THR F 298 75.42 -7.80 20.00
C THR F 298 74.45 -6.89 19.24
N VAL F 299 73.24 -6.75 19.78
CA VAL F 299 72.28 -5.78 19.27
C VAL F 299 72.80 -4.39 19.60
N ILE F 300 73.01 -3.57 18.57
CA ILE F 300 73.40 -2.18 18.78
C ILE F 300 72.12 -1.36 18.96
N SER F 301 71.68 -1.28 20.22
CA SER F 301 70.44 -0.62 20.58
C SER F 301 70.69 0.82 20.96
N GLU F 302 70.14 1.73 20.16
CA GLU F 302 70.31 3.16 20.37
C GLU F 302 69.69 3.63 21.68
N GLU F 303 68.61 2.94 22.09
CA GLU F 303 67.89 3.26 23.32
C GLU F 303 68.75 3.07 24.56
N ILE F 304 69.52 1.97 24.61
CA ILE F 304 70.31 1.65 25.80
C ILE F 304 71.77 2.13 25.74
N GLY F 305 71.94 3.39 25.33
CA GLY F 305 73.22 4.08 25.38
C GLY F 305 74.31 3.50 24.51
N MET F 306 74.01 3.34 23.21
CA MET F 306 74.99 2.84 22.25
C MET F 306 74.91 3.61 20.94
N GLU F 307 76.07 3.95 20.40
CA GLU F 307 76.14 4.55 19.07
C GLU F 307 76.50 3.48 18.06
N LEU F 308 75.98 3.64 16.86
CA LEU F 308 76.24 2.70 15.76
C LEU F 308 77.70 2.77 15.33
N GLU F 309 78.33 3.93 15.59
CA GLU F 309 79.69 4.21 15.15
C GLU F 309 80.76 3.64 16.07
N LYS F 310 80.40 3.46 17.35
CA LYS F 310 81.36 2.95 18.33
C LYS F 310 81.48 1.42 18.31
N ALA F 311 80.83 0.78 17.33
CA ALA F 311 80.88 -0.66 17.19
C ALA F 311 82.16 -1.12 16.48
N THR F 312 82.62 -2.32 16.82
CA THR F 312 83.76 -2.96 16.15
C THR F 312 83.36 -4.36 15.68
N LEU F 313 84.28 -5.09 15.07
CA LEU F 313 84.05 -6.46 14.62
C LEU F 313 83.52 -7.36 15.74
N GLU F 314 83.88 -7.00 16.97
CA GLU F 314 83.45 -7.68 18.19
C GLU F 314 81.94 -7.91 18.24
N ASP F 315 81.16 -6.85 17.98
CA ASP F 315 79.71 -6.88 18.17
C ASP F 315 78.94 -7.49 17.00
N LEU F 316 79.65 -7.85 15.94
CA LEU F 316 79.02 -8.43 14.75
C LEU F 316 78.79 -9.92 14.89
N GLY F 317 77.59 -10.37 14.50
CA GLY F 317 77.28 -11.78 14.45
C GLY F 317 77.96 -12.42 13.25
N GLN F 318 77.93 -13.75 13.19
CA GLN F 318 78.53 -14.51 12.09
C GLN F 318 77.75 -15.78 11.76
N ALA F 319 77.67 -16.09 10.47
CA ALA F 319 76.95 -17.27 9.99
C ALA F 319 77.75 -18.06 8.95
N LYS F 320 77.36 -19.32 8.75
CA LYS F 320 77.96 -20.17 7.73
C LYS F 320 77.58 -19.69 6.33
N ARG F 321 76.30 -19.30 6.15
CA ARG F 321 75.77 -18.85 4.87
C ARG F 321 74.50 -18.01 5.06
N VAL F 322 74.18 -17.17 4.07
CA VAL F 322 72.99 -16.32 4.10
C VAL F 322 72.28 -16.30 2.75
N VAL F 323 70.96 -16.43 2.75
CA VAL F 323 70.15 -16.39 1.52
C VAL F 323 68.99 -15.37 1.63
N ILE F 324 68.99 -14.37 0.75
CA ILE F 324 67.98 -13.31 0.76
C ILE F 324 67.33 -13.15 -0.62
N ASN F 325 66.01 -13.25 -0.67
CA ASN F 325 65.26 -12.91 -1.88
C ASN F 325 64.31 -11.74 -1.65
N LYS F 326 63.50 -11.42 -2.66
CA LYS F 326 62.55 -10.29 -2.63
C LYS F 326 61.60 -10.30 -1.41
N ASP F 327 61.40 -11.47 -0.81
CA ASP F 327 60.40 -11.63 0.24
C ASP F 327 60.92 -12.15 1.58
N THR F 328 61.92 -13.03 1.57
CA THR F 328 62.41 -13.65 2.81
C THR F 328 63.93 -13.72 2.96
N THR F 329 64.40 -13.62 4.20
CA THR F 329 65.81 -13.73 4.53
C THR F 329 66.06 -14.96 5.39
N THR F 330 67.13 -15.69 5.07
CA THR F 330 67.44 -16.94 5.75
C THR F 330 68.88 -16.96 6.25
N ILE F 331 69.04 -17.31 7.52
CA ILE F 331 70.37 -17.54 8.09
C ILE F 331 70.55 -19.04 8.26
N ILE F 332 71.52 -19.59 7.52
CA ILE F 332 71.89 -20.99 7.63
C ILE F 332 73.05 -21.11 8.61
N ASP F 333 72.77 -21.67 9.79
CA ASP F 333 73.80 -22.08 10.75
C ASP F 333 74.72 -20.92 11.20
N GLY F 334 74.29 -20.18 12.23
CA GLY F 334 75.11 -19.12 12.80
C GLY F 334 76.14 -19.65 13.80
N VAL F 335 77.08 -18.80 14.22
CA VAL F 335 78.13 -19.20 15.17
C VAL F 335 77.55 -19.70 16.49
N GLY F 336 76.73 -18.87 17.13
CA GLY F 336 75.94 -19.22 18.30
C GLY F 336 76.47 -20.22 19.33
N GLU F 337 76.87 -19.71 20.50
CA GLU F 337 77.26 -20.55 21.64
C GLU F 337 76.14 -21.51 21.94
N GLU F 338 76.44 -22.80 21.86
CA GLU F 338 75.43 -23.85 22.00
C GLU F 338 74.56 -23.66 23.24
N ALA F 339 75.19 -23.49 24.40
CA ALA F 339 74.49 -23.30 25.67
C ALA F 339 73.63 -22.03 25.70
N ALA F 340 74.14 -20.97 25.09
CA ALA F 340 73.43 -19.68 25.05
C ALA F 340 72.14 -19.74 24.22
N ILE F 341 72.14 -20.55 23.16
CA ILE F 341 70.93 -20.75 22.34
C ILE F 341 69.82 -21.39 23.17
N GLN F 342 70.10 -22.58 23.70
CA GLN F 342 69.11 -23.35 24.45
C GLN F 342 68.78 -22.70 25.80
N GLY F 343 69.67 -21.84 26.27
CA GLY F 343 69.41 -21.02 27.44
C GLY F 343 68.37 -19.96 27.13
N ARG F 344 68.57 -19.27 26.01
CA ARG F 344 67.60 -18.30 25.51
C ARG F 344 66.29 -18.97 25.11
N VAL F 345 66.36 -20.25 24.75
CA VAL F 345 65.17 -21.02 24.36
C VAL F 345 64.32 -21.38 25.58
N ALA F 346 64.94 -22.01 26.59
CA ALA F 346 64.25 -22.42 27.81
C ALA F 346 63.69 -21.21 28.58
N GLN F 347 64.13 -20.03 28.17
CA GLN F 347 63.67 -18.75 28.71
C GLN F 347 62.38 -18.32 28.01
N ILE F 348 62.40 -18.31 26.67
CA ILE F 348 61.23 -18.00 25.86
C ILE F 348 60.15 -19.10 26.03
N ARG F 349 60.61 -20.31 26.31
CA ARG F 349 59.75 -21.47 26.57
C ARG F 349 58.88 -21.28 27.82
N GLN F 350 59.43 -20.59 28.81
CA GLN F 350 58.73 -20.30 30.06
C GLN F 350 57.96 -18.97 29.95
N GLN F 351 58.25 -18.18 28.91
CA GLN F 351 57.48 -16.98 28.60
C GLN F 351 56.10 -17.34 28.05
N ILE F 352 56.01 -18.50 27.40
CA ILE F 352 54.74 -19.06 26.93
C ILE F 352 53.95 -19.59 28.13
N GLU F 353 54.67 -20.06 29.14
CA GLU F 353 54.06 -20.58 30.37
C GLU F 353 53.19 -19.53 31.06
N GLU F 354 53.71 -18.32 31.18
CA GLU F 354 53.02 -17.22 31.84
C GLU F 354 52.37 -16.25 30.85
N ALA F 355 52.21 -16.68 29.61
CA ALA F 355 51.55 -15.89 28.56
C ALA F 355 50.07 -15.73 28.87
N THR F 356 49.66 -14.49 29.13
CA THR F 356 48.35 -14.18 29.72
C THR F 356 47.18 -14.19 28.73
N SER F 357 47.33 -14.87 27.59
CA SER F 357 46.29 -14.96 26.57
C SER F 357 46.60 -16.07 25.56
N ASP F 358 46.18 -15.84 24.30
CA ASP F 358 46.45 -16.76 23.21
C ASP F 358 47.43 -16.18 22.20
N TYR F 359 47.34 -14.88 21.95
CA TYR F 359 48.26 -14.20 21.04
C TYR F 359 49.68 -14.11 21.62
N ASP F 360 49.77 -13.87 22.94
CA ASP F 360 51.05 -13.88 23.66
C ASP F 360 51.63 -15.29 23.77
N ARG F 361 50.92 -16.26 23.21
CA ARG F 361 51.33 -17.66 23.16
C ARG F 361 51.77 -18.06 21.74
N GLU F 362 51.02 -17.58 20.74
CA GLU F 362 51.27 -17.90 19.33
C GLU F 362 52.67 -17.48 18.88
N LYS F 363 52.90 -16.17 18.88
CA LYS F 363 54.16 -15.58 18.41
C LYS F 363 55.37 -16.11 19.17
N LEU F 364 55.16 -16.50 20.43
CA LEU F 364 56.23 -16.97 21.29
C LEU F 364 56.78 -18.31 20.80
N GLN F 365 55.89 -19.29 20.61
CA GLN F 365 56.32 -20.59 20.11
C GLN F 365 56.78 -20.52 18.65
N GLU F 366 56.35 -19.48 17.93
CA GLU F 366 56.83 -19.23 16.58
C GLU F 366 58.34 -18.98 16.61
N ARG F 367 58.76 -18.12 17.54
CA ARG F 367 60.17 -17.76 17.69
C ARG F 367 61.00 -18.93 18.20
N VAL F 368 60.41 -19.76 19.06
CA VAL F 368 61.12 -20.92 19.59
C VAL F 368 61.41 -21.94 18.49
N ALA F 369 60.49 -22.06 17.55
CA ALA F 369 60.66 -22.98 16.42
C ALA F 369 61.72 -22.46 15.47
N LYS F 370 61.78 -21.14 15.31
CA LYS F 370 62.78 -20.49 14.48
C LYS F 370 64.17 -20.76 15.04
N LEU F 371 64.26 -20.81 16.37
CA LEU F 371 65.53 -20.99 17.07
C LEU F 371 65.85 -22.46 17.35
N ALA F 372 64.83 -23.27 17.62
CA ALA F 372 65.01 -24.69 17.93
C ALA F 372 65.03 -25.55 16.68
N GLY F 373 64.05 -25.77 17.53
CA GLY F 373 63.99 -26.71 16.43
C GLY F 373 63.90 -25.98 15.11
N GLY F 374 62.75 -26.15 14.47
CA GLY F 374 62.53 -25.56 13.17
C GLY F 374 61.09 -25.23 12.89
N VAL F 375 60.86 -24.70 11.68
CA VAL F 375 59.52 -24.33 11.25
C VAL F 375 59.14 -25.03 9.95
N ALA F 376 57.91 -25.53 9.89
CA ALA F 376 57.44 -26.29 8.73
C ALA F 376 56.18 -25.71 8.12
N VAL F 377 56.08 -25.82 6.79
CA VAL F 377 54.92 -25.36 6.06
C VAL F 377 54.33 -26.54 5.31
N ILE F 378 53.03 -26.75 5.46
CA ILE F 378 52.33 -27.72 4.62
C ILE F 378 51.63 -26.97 3.49
N LYS F 379 51.97 -27.31 2.25
CA LYS F 379 51.34 -26.73 1.07
C LYS F 379 50.31 -27.71 0.52
N VAL F 380 49.07 -27.26 0.42
CA VAL F 380 47.94 -28.10 0.01
C VAL F 380 47.71 -27.98 -1.50
N GLY F 381 47.60 -29.11 -2.18
CA GLY F 381 47.33 -29.11 -3.60
C GLY F 381 45.87 -29.41 -3.88
N ALA F 382 45.32 -28.78 -4.93
CA ALA F 382 44.00 -29.13 -5.44
C ALA F 382 43.88 -28.69 -6.89
N ALA F 383 42.93 -29.25 -7.62
CA ALA F 383 42.81 -28.94 -9.04
C ALA F 383 42.21 -27.54 -9.23
N THR F 384 41.10 -27.29 -8.54
CA THR F 384 40.37 -26.04 -8.62
C THR F 384 40.58 -25.24 -7.34
N GLU F 385 39.63 -24.36 -7.04
CA GLU F 385 39.69 -23.47 -5.90
C GLU F 385 38.63 -23.80 -4.88
N VAL F 386 37.47 -24.30 -5.31
CA VAL F 386 36.50 -24.79 -4.34
C VAL F 386 37.08 -26.01 -3.65
N GLU F 387 37.92 -26.76 -4.36
CA GLU F 387 38.60 -27.91 -3.78
C GLU F 387 39.68 -27.44 -2.80
N MET F 388 40.47 -26.45 -3.23
CA MET F 388 41.53 -25.92 -2.40
C MET F 388 41.01 -25.53 -1.03
N LYS F 389 39.85 -24.86 -1.02
CA LYS F 389 39.26 -24.31 0.22
C LYS F 389 38.78 -25.38 1.19
N GLU F 390 38.02 -26.36 0.72
CA GLU F 390 37.58 -27.45 1.57
C GLU F 390 38.78 -28.32 2.01
N LYS F 391 39.75 -28.57 1.14
CA LYS F 391 40.94 -29.32 1.55
C LYS F 391 41.78 -28.55 2.58
N LYS F 392 42.13 -27.29 2.28
CA LYS F 392 42.94 -26.51 3.20
C LYS F 392 42.29 -26.46 4.57
N ALA F 393 40.96 -26.35 4.59
CA ALA F 393 40.17 -26.36 5.82
C ALA F 393 40.29 -27.67 6.58
N ARG F 394 40.44 -28.80 5.90
CA ARG F 394 40.52 -30.06 6.59
C ARG F 394 41.93 -30.26 7.16
N VAL F 395 42.96 -29.90 6.39
CA VAL F 395 44.35 -29.98 6.88
C VAL F 395 44.55 -29.06 8.09
N GLU F 396 43.96 -27.87 8.05
CA GLU F 396 43.94 -26.96 9.20
C GLU F 396 43.29 -27.59 10.41
N ASP F 397 42.16 -28.27 10.18
CA ASP F 397 41.42 -29.01 11.21
C ASP F 397 42.28 -30.13 11.84
N ALA F 398 42.84 -31.01 11.00
CA ALA F 398 43.73 -32.05 11.48
C ALA F 398 44.93 -31.49 12.24
N LEU F 399 45.54 -30.46 11.71
CA LEU F 399 46.66 -29.83 12.39
C LEU F 399 46.32 -29.45 13.86
N HIS F 400 45.08 -29.00 14.11
CA HIS F 400 44.64 -28.63 15.44
C HIS F 400 44.40 -29.88 16.25
N ALA F 401 43.74 -30.86 15.66
CA ALA F 401 43.30 -32.03 16.41
C ALA F 401 44.50 -32.82 16.91
N THR F 402 45.57 -32.89 16.13
CA THR F 402 46.78 -33.55 16.58
C THR F 402 47.39 -32.75 17.72
N ARG F 403 47.42 -31.42 17.62
CA ARG F 403 48.01 -30.59 18.68
C ARG F 403 47.28 -30.77 20.00
N ALA F 404 46.01 -31.11 19.93
CA ALA F 404 45.19 -31.35 21.09
C ALA F 404 45.48 -32.72 21.66
N ALA F 405 45.66 -33.70 20.80
CA ALA F 405 45.96 -35.04 21.24
C ALA F 405 47.28 -35.05 22.00
N VAL F 406 48.26 -34.38 21.45
CA VAL F 406 49.58 -34.31 22.05
C VAL F 406 49.51 -33.73 23.44
N GLU F 407 48.71 -32.71 23.65
CA GLU F 407 48.67 -32.09 24.97
C GLU F 407 47.68 -32.76 25.94
N GLU F 408 46.75 -33.58 25.44
CA GLU F 408 45.72 -34.11 26.32
C GLU F 408 45.21 -35.56 26.10
N GLY F 409 46.88 -37.01 24.33
CA GLY F 409 46.64 -38.41 24.04
C GLY F 409 45.44 -38.71 23.18
N VAL F 410 45.19 -40.00 22.92
CA VAL F 410 44.09 -40.46 22.06
C VAL F 410 43.20 -41.49 22.73
N VAL F 411 42.03 -41.68 22.16
CA VAL F 411 41.06 -42.64 22.66
C VAL F 411 40.36 -43.27 21.47
N ALA F 412 39.64 -44.36 21.68
CA ALA F 412 38.98 -45.08 20.60
C ALA F 412 37.99 -44.14 19.98
N GLY F 413 38.10 -43.94 18.66
CA GLY F 413 37.12 -43.18 17.88
C GLY F 413 35.76 -43.83 17.63
N GLY F 414 34.97 -43.31 16.69
CA GLY F 414 33.67 -43.89 16.40
C GLY F 414 32.73 -43.61 17.54
N GLY F 415 33.19 -42.67 18.39
CA GLY F 415 32.52 -42.38 19.64
C GLY F 415 32.40 -43.58 20.59
N VAL F 416 33.34 -44.53 20.54
CA VAL F 416 33.25 -45.65 21.45
C VAL F 416 33.72 -45.22 22.82
N ALA F 417 34.79 -44.42 22.87
CA ALA F 417 35.28 -43.86 24.13
C ALA F 417 34.08 -43.42 24.96
N LEU F 418 33.25 -42.54 24.40
CA LEU F 418 32.08 -42.05 25.14
C LEU F 418 31.16 -43.17 25.62
N ILE F 419 30.85 -44.12 24.75
CA ILE F 419 29.98 -45.24 25.13
C ILE F 419 30.55 -46.08 26.31
N ARG F 420 31.89 -46.08 26.36
CA ARG F 420 32.65 -46.85 27.32
C ARG F 420 32.56 -46.15 28.65
N VAL F 421 32.74 -44.82 28.66
CA VAL F 421 32.60 -44.12 29.93
C VAL F 421 31.16 -44.16 30.44
N ALA F 422 30.17 -44.14 29.55
CA ALA F 422 28.79 -44.33 30.01
C ALA F 422 28.48 -45.64 30.81
N SER F 423 29.19 -46.72 30.50
CA SER F 423 28.94 -47.94 31.29
C SER F 423 29.76 -47.91 32.57
N LYS F 424 30.93 -47.26 32.54
CA LYS F 424 31.66 -47.10 33.78
C LYS F 424 30.87 -46.28 34.80
N LEU F 425 30.04 -45.35 34.34
CA LEU F 425 29.32 -44.49 35.27
C LEU F 425 27.89 -44.99 35.52
N ALA F 426 27.65 -46.25 35.17
CA ALA F 426 26.33 -46.83 35.35
C ALA F 426 25.88 -46.77 36.80
N ASP F 427 26.85 -46.65 37.71
CA ASP F 427 26.54 -46.65 39.12
C ASP F 427 26.67 -45.31 39.85
N LEU F 428 26.82 -44.24 39.06
CA LEU F 428 26.88 -42.87 39.58
C LEU F 428 25.51 -42.40 40.06
N ARG F 429 25.47 -41.84 41.27
CA ARG F 429 24.25 -41.26 41.78
C ARG F 429 24.44 -39.85 42.33
N GLY F 430 23.34 -39.13 42.53
CA GLY F 430 23.41 -37.77 43.04
C GLY F 430 22.84 -37.63 44.45
N GLN F 431 22.50 -36.37 44.81
CA GLN F 431 21.97 -36.07 46.12
C GLN F 431 20.50 -36.40 46.21
N ASN F 432 19.82 -36.60 45.08
CA ASN F 432 18.39 -36.92 45.14
C ASN F 432 17.93 -37.50 43.83
N GLU F 433 16.67 -37.90 43.73
CA GLU F 433 16.21 -38.54 42.50
C GLU F 433 16.30 -37.67 41.24
N ASP F 434 15.98 -36.39 41.32
CA ASP F 434 16.07 -35.52 40.16
C ASP F 434 17.51 -35.47 39.68
N GLN F 435 18.47 -35.38 40.59
CA GLN F 435 19.88 -35.39 40.19
C GLN F 435 20.25 -36.70 39.47
N ASN F 436 19.58 -37.78 39.85
CA ASN F 436 19.81 -39.09 39.25
C ASN F 436 19.39 -39.11 37.79
N VAL F 437 18.15 -38.67 37.54
CA VAL F 437 17.66 -38.57 36.16
C VAL F 437 18.61 -37.68 35.35
N GLY F 438 19.18 -36.70 36.02
CA GLY F 438 20.08 -35.77 35.39
C GLY F 438 21.34 -36.48 34.96
N ILE F 439 21.78 -37.43 35.78
CA ILE F 439 22.93 -38.26 35.38
C ILE F 439 22.57 -39.16 34.20
N LYS F 440 21.52 -39.97 34.35
CA LYS F 440 21.07 -40.83 33.25
C LYS F 440 20.86 -40.06 31.93
N VAL F 441 20.37 -38.84 32.03
CA VAL F 441 20.30 -37.96 30.85
C VAL F 441 21.69 -37.75 30.18
N ALA F 442 22.75 -37.42 30.92
CA ALA F 442 24.03 -37.29 30.26
C ALA F 442 24.53 -38.63 29.74
N LEU F 443 24.39 -39.70 30.53
CA LEU F 443 24.94 -40.98 30.08
C LEU F 443 24.33 -41.38 28.72
N ARG F 444 22.99 -41.29 28.65
CA ARG F 444 22.22 -41.64 27.46
C ARG F 444 22.65 -40.77 26.27
N ALA F 445 23.10 -39.57 26.55
CA ALA F 445 23.51 -38.67 25.49
C ALA F 445 24.84 -39.11 24.97
N MET F 446 25.60 -39.76 25.80
CA MET F 446 26.98 -40.10 25.47
C MET F 446 27.03 -41.05 24.33
N GLU F 447 25.92 -41.77 24.13
CA GLU F 447 25.74 -42.65 22.99
C GLU F 447 25.49 -41.94 21.67
N ALA F 448 25.21 -40.63 21.68
CA ALA F 448 24.69 -40.02 20.43
C ALA F 448 25.67 -39.92 19.28
N PRO F 449 26.90 -39.50 19.49
CA PRO F 449 27.83 -39.48 18.37
C PRO F 449 27.82 -40.82 17.65
N LEU F 450 28.01 -41.95 18.35
CA LEU F 450 28.03 -43.26 17.70
C LEU F 450 26.74 -43.41 16.97
N ARG F 451 25.64 -43.09 17.61
CA ARG F 451 24.33 -43.24 17.00
C ARG F 451 24.13 -42.43 15.72
N GLN F 452 24.70 -41.20 15.63
CA GLN F 452 24.57 -40.37 14.41
C GLN F 452 25.46 -40.90 13.31
N ILE F 453 26.71 -41.28 13.69
CA ILE F 453 27.66 -41.83 12.73
C ILE F 453 26.99 -42.98 11.97
N VAL F 454 26.37 -43.87 12.72
CA VAL F 454 25.69 -44.97 12.10
C VAL F 454 24.49 -44.54 11.26
N LEU F 455 23.86 -43.45 11.65
CA LEU F 455 22.61 -43.09 11.02
C LEU F 455 22.90 -42.43 9.69
N ASN F 456 23.97 -41.65 9.65
CA ASN F 456 24.52 -41.15 8.41
C ASN F 456 25.00 -42.25 7.42
N CYS F 457 25.15 -43.50 7.85
CA CYS F 457 25.53 -44.56 6.92
C CYS F 457 24.32 -45.22 6.42
N GLY F 458 23.15 -44.78 6.82
CA GLY F 458 21.95 -45.45 6.35
C GLY F 458 21.67 -46.76 7.07
N GLU F 459 22.33 -46.95 8.21
CA GLU F 459 22.21 -48.19 8.97
C GLU F 459 21.56 -48.00 10.35
N GLU F 460 21.05 -49.11 10.89
CA GLU F 460 20.28 -49.14 12.13
C GLU F 460 21.11 -48.75 13.36
N PRO F 461 20.83 -47.60 13.96
CA PRO F 461 21.81 -47.02 14.87
C PRO F 461 21.75 -47.77 16.22
N SER F 462 20.54 -48.12 16.64
CA SER F 462 20.34 -48.79 17.90
C SER F 462 20.95 -50.24 17.85
N VAL F 463 20.83 -50.89 16.69
CA VAL F 463 21.41 -52.23 16.50
C VAL F 463 22.95 -52.18 16.55
N VAL F 464 23.57 -51.20 15.90
CA VAL F 464 25.01 -51.05 16.08
C VAL F 464 25.34 -50.80 17.54
N ALA F 465 24.67 -49.83 18.17
CA ALA F 465 24.96 -49.48 19.56
C ALA F 465 24.81 -50.72 20.49
N ASN F 466 23.71 -51.44 20.39
CA ASN F 466 23.55 -52.62 21.18
C ASN F 466 24.78 -53.50 21.10
N THR F 467 25.24 -53.79 19.88
CA THR F 467 26.41 -54.67 19.74
C THR F 467 27.77 -54.03 20.12
N VAL F 468 27.96 -52.74 20.01
CA VAL F 468 29.18 -52.18 20.56
C VAL F 468 29.16 -52.26 22.10
N LYS F 469 27.98 -52.05 22.67
CA LYS F 469 27.82 -52.06 24.13
C LYS F 469 27.91 -53.48 24.65
N GLY F 470 27.75 -54.47 23.78
CA GLY F 470 28.00 -55.85 24.18
C GLY F 470 29.48 -56.18 24.34
N GLY F 471 30.35 -55.32 23.81
CA GLY F 471 31.79 -55.59 23.77
C GLY F 471 32.52 -54.95 24.94
N ASP F 472 33.83 -54.80 24.82
CA ASP F 472 34.67 -54.18 25.86
C ASP F 472 35.83 -53.39 25.31
N GLY F 473 36.49 -52.64 26.18
CA GLY F 473 37.66 -51.85 25.81
C GLY F 473 37.47 -51.07 24.52
N ASN F 474 38.30 -51.34 23.54
CA ASN F 474 38.35 -50.57 22.33
C ASN F 474 37.61 -51.20 21.18
N TYR F 475 36.66 -52.07 21.47
CA TYR F 475 35.89 -52.71 20.40
C TYR F 475 34.87 -51.71 19.91
N GLY F 476 34.77 -51.54 18.60
CA GLY F 476 33.86 -50.57 18.03
C GLY F 476 33.38 -50.91 16.65
N TYR F 477 32.65 -50.00 16.01
CA TYR F 477 32.14 -50.20 14.66
C TYR F 477 33.00 -49.38 13.80
N ASN F 478 33.40 -49.96 12.68
CA ASN F 478 34.13 -49.23 11.65
C ASN F 478 33.18 -48.91 10.52
N ALA F 479 32.70 -47.66 10.53
CA ALA F 479 31.65 -47.20 9.61
C ALA F 479 32.11 -47.22 8.17
N ALA F 480 33.39 -46.91 7.96
CA ALA F 480 34.00 -47.01 6.63
C ALA F 480 33.82 -48.40 6.05
N THR F 481 34.26 -49.42 6.77
CA THR F 481 34.31 -50.76 6.20
C THR F 481 33.10 -51.60 6.58
N GLU F 482 32.24 -51.09 7.45
CA GLU F 482 31.00 -51.82 7.83
C GLU F 482 31.25 -53.10 8.63
N GLU F 483 32.35 -53.17 9.37
CA GLU F 483 32.54 -54.30 10.26
C GLU F 483 33.17 -53.90 11.60
N TYR F 484 32.87 -54.69 12.64
CA TYR F 484 33.30 -54.37 14.02
C TYR F 484 34.76 -54.82 14.23
N GLY F 485 35.43 -54.27 15.22
CA GLY F 485 36.83 -54.57 15.46
C GLY F 485 37.43 -53.70 16.56
N ASN F 486 38.74 -53.78 16.72
CA ASN F 486 39.40 -52.96 17.70
C ASN F 486 39.75 -51.60 17.06
N MET F 487 39.12 -50.52 17.54
CA MET F 487 39.29 -49.19 16.90
C MET F 487 40.73 -48.71 16.85
N ILE F 488 41.52 -48.95 17.89
CA ILE F 488 42.90 -48.49 17.86
C ILE F 488 43.72 -49.23 16.82
N ASP F 489 43.39 -50.51 16.65
CA ASP F 489 44.09 -51.37 15.67
C ASP F 489 43.71 -50.95 14.27
N MET F 490 42.46 -50.54 14.09
CA MET F 490 42.04 -50.09 12.77
C MET F 490 42.43 -48.65 12.49
N GLY F 491 43.13 -48.01 13.40
CA GLY F 491 43.59 -46.66 13.17
C GLY F 491 42.54 -45.56 13.36
N ILE F 492 41.35 -45.92 13.80
CA ILE F 492 40.31 -44.96 14.09
C ILE F 492 40.43 -44.34 15.48
N LEU F 493 41.35 -43.38 15.66
CA LEU F 493 41.54 -42.71 16.95
C LEU F 493 41.07 -41.25 16.96
N ASP F 494 40.25 -40.82 17.94
CA ASP F 494 40.02 -39.37 18.23
C ASP F 494 40.96 -38.86 19.31
N PRO F 495 41.37 -37.60 19.26
CA PRO F 495 42.26 -37.09 20.31
C PRO F 495 41.44 -36.82 21.57
N THR F 496 42.06 -37.07 22.73
CA THR F 496 41.33 -37.02 24.00
C THR F 496 40.81 -35.60 24.23
N LYS F 497 41.72 -34.63 24.16
CA LYS F 497 41.36 -33.24 24.30
C LYS F 497 40.10 -32.90 23.48
N VAL F 498 40.03 -33.32 22.22
CA VAL F 498 38.78 -33.05 21.54
C VAL F 498 37.60 -33.79 22.12
N THR F 499 37.68 -35.06 22.43
CA THR F 499 36.45 -35.73 22.93
C THR F 499 35.96 -35.10 24.24
N ARG F 500 36.92 -34.84 25.12
CA ARG F 500 36.68 -34.21 26.41
C ARG F 500 35.98 -32.89 26.17
N SER F 501 36.61 -32.05 25.35
CA SER F 501 36.15 -30.69 25.06
C SER F 501 34.78 -30.69 24.43
N ALA F 502 34.53 -31.56 23.45
CA ALA F 502 33.17 -31.69 22.96
C ALA F 502 32.27 -31.80 24.16
N LEU F 503 32.50 -32.81 25.01
CA LEU F 503 31.59 -33.07 26.15
C LEU F 503 31.42 -31.90 27.09
N GLN F 504 32.52 -31.33 27.53
CA GLN F 504 32.44 -30.29 28.52
C GLN F 504 31.55 -29.13 28.02
N TYR F 505 31.78 -28.71 26.80
CA TYR F 505 31.06 -27.56 26.23
C TYR F 505 29.62 -27.87 25.95
N ALA F 506 29.32 -28.99 25.32
CA ALA F 506 27.91 -29.26 25.10
C ALA F 506 27.21 -29.23 26.45
N ALA F 507 27.81 -29.86 27.46
CA ALA F 507 27.18 -30.00 28.80
C ALA F 507 26.92 -28.64 29.40
N SER F 508 27.96 -27.81 29.34
CA SER F 508 27.86 -26.47 29.83
C SER F 508 26.65 -25.75 29.23
N VAL F 509 26.58 -25.61 27.91
CA VAL F 509 25.42 -24.92 27.35
C VAL F 509 24.14 -25.69 27.63
N ALA F 510 24.01 -26.93 27.20
CA ALA F 510 22.70 -27.61 27.34
C ALA F 510 22.18 -27.67 28.80
N GLY F 511 23.15 -27.68 29.74
CA GLY F 511 22.84 -27.72 31.14
C GLY F 511 22.03 -26.50 31.49
N LEU F 512 22.59 -25.30 31.24
CA LEU F 512 21.86 -24.04 31.36
C LEU F 512 20.54 -24.02 30.62
N MET F 513 20.59 -24.49 29.39
CA MET F 513 19.47 -24.38 28.48
C MET F 513 18.20 -25.01 29.04
N ILE F 514 18.35 -26.14 29.71
CA ILE F 514 17.16 -26.84 30.17
C ILE F 514 16.52 -26.23 31.40
N THR F 515 17.17 -25.23 32.01
CA THR F 515 16.64 -24.58 33.19
C THR F 515 15.80 -23.34 32.85
N THR F 516 15.37 -23.23 31.60
CA THR F 516 14.75 -22.03 31.06
C THR F 516 13.27 -22.08 31.33
N GLU F 517 12.74 -21.04 31.99
CA GLU F 517 11.32 -21.02 32.27
C GLU F 517 10.66 -19.86 31.56
N CYS F 518 11.45 -18.88 31.14
CA CYS F 518 10.91 -17.73 30.48
C CYS F 518 11.88 -17.13 29.47
N MET F 519 11.36 -16.62 28.35
CA MET F 519 12.20 -16.08 27.30
C MET F 519 11.71 -14.69 26.90
N VAL F 520 12.66 -13.78 26.72
CA VAL F 520 12.35 -12.39 26.44
C VAL F 520 13.08 -11.91 25.19
N THR F 521 12.32 -11.56 24.16
CA THR F 521 12.85 -11.10 22.87
C THR F 521 12.03 -9.98 22.25
N ASP F 522 12.53 -9.39 21.15
CA ASP F 522 11.82 -8.39 20.35
C ASP F 522 10.61 -8.90 19.61
N LEU F 523 9.70 -8.01 19.28
CA LEU F 523 8.49 -8.36 18.57
C LEU F 523 8.77 -8.63 17.08
N PRO F 524 8.02 -9.56 16.49
CA PRO F 524 8.15 -9.90 15.07
C PRO F 524 7.87 -8.77 14.07
N ALA G 1 21.08 -12.07 8.24
CA ALA G 1 19.65 -12.28 7.93
C ALA G 1 19.25 -13.71 8.31
N ALA G 2 17.98 -13.88 8.66
CA ALA G 2 17.38 -15.19 8.74
C ALA G 2 17.65 -15.96 7.45
N LYS G 3 18.01 -17.24 7.62
CA LYS G 3 18.34 -18.13 6.53
C LYS G 3 17.24 -19.14 6.26
N ASP G 4 17.16 -19.58 5.02
CA ASP G 4 16.31 -20.71 4.63
C ASP G 4 17.23 -21.94 4.57
N VAL G 5 16.80 -23.07 5.13
CA VAL G 5 17.59 -24.27 5.02
C VAL G 5 16.78 -25.43 4.49
N LYS G 6 17.35 -26.11 3.48
CA LYS G 6 16.65 -27.20 2.82
C LYS G 6 17.50 -28.43 2.87
N PHE G 7 16.83 -29.57 2.98
CA PHE G 7 17.51 -30.83 3.18
C PHE G 7 17.26 -31.87 2.10
N GLY G 8 18.29 -32.67 1.85
CA GLY G 8 18.17 -33.91 1.13
C GLY G 8 17.66 -33.69 -0.28
N ASN G 9 16.60 -34.41 -0.60
CA ASN G 9 16.10 -34.37 -1.94
C ASN G 9 15.64 -32.97 -2.36
N ASP G 10 14.91 -32.28 -1.48
CA ASP G 10 14.45 -30.95 -1.83
C ASP G 10 15.59 -30.05 -2.17
N ALA G 11 16.61 -30.01 -1.31
CA ALA G 11 17.76 -29.17 -1.61
C ALA G 11 18.27 -29.48 -3.02
N ARG G 12 18.35 -30.78 -3.32
CA ARG G 12 19.02 -31.29 -4.53
C ARG G 12 18.21 -31.02 -5.81
N VAL G 13 16.92 -31.30 -5.80
CA VAL G 13 16.08 -30.93 -6.92
C VAL G 13 16.27 -29.44 -7.26
N LYS G 14 16.15 -28.56 -6.28
CA LYS G 14 16.44 -27.16 -6.51
C LYS G 14 17.85 -26.94 -7.05
N MET G 15 18.86 -27.51 -6.44
CA MET G 15 20.24 -27.28 -6.93
C MET G 15 20.40 -27.62 -8.40
N LEU G 16 19.65 -28.65 -8.83
CA LEU G 16 19.82 -29.18 -10.15
C LEU G 16 19.14 -28.23 -11.12
N ARG G 17 17.90 -27.88 -10.81
CA ARG G 17 17.19 -26.87 -11.61
C ARG G 17 18.07 -25.67 -11.92
N GLY G 18 18.85 -25.25 -10.96
CA GLY G 18 19.77 -24.15 -11.13
C GLY G 18 20.77 -24.48 -12.20
N VAL G 19 21.55 -25.54 -11.97
CA VAL G 19 22.50 -26.08 -12.95
C VAL G 19 21.89 -26.13 -14.35
N ASN G 20 20.76 -26.79 -14.50
CA ASN G 20 20.15 -26.82 -15.81
C ASN G 20 19.97 -25.47 -16.52
N VAL G 21 19.39 -24.49 -15.85
CA VAL G 21 19.17 -23.19 -16.46
C VAL G 21 20.48 -22.66 -17.05
N LEU G 22 21.54 -22.66 -16.25
CA LEU G 22 22.84 -22.25 -16.73
C LEU G 22 23.31 -23.20 -17.83
N ALA G 23 23.41 -24.50 -17.55
CA ALA G 23 23.79 -25.48 -18.57
C ALA G 23 23.02 -25.30 -19.86
N ASP G 24 21.70 -25.35 -19.80
CA ASP G 24 20.90 -25.12 -21.02
C ASP G 24 21.19 -23.84 -21.80
N ALA G 25 21.49 -22.75 -21.13
CA ALA G 25 21.80 -21.53 -21.87
C ALA G 25 23.17 -21.67 -22.48
N VAL G 26 24.04 -22.49 -21.91
CA VAL G 26 25.39 -22.50 -22.45
C VAL G 26 25.48 -23.50 -23.63
N LYS G 27 24.78 -24.62 -23.44
CA LYS G 27 24.73 -25.72 -24.37
C LYS G 27 24.39 -25.33 -25.77
N VAL G 28 23.58 -24.26 -25.94
CA VAL G 28 23.02 -24.02 -27.28
C VAL G 28 24.09 -23.55 -28.23
N THR G 29 25.25 -23.24 -27.69
CA THR G 29 26.31 -22.71 -28.49
C THR G 29 27.36 -23.70 -28.84
N LEU G 30 27.27 -24.93 -28.34
CA LEU G 30 28.32 -25.93 -28.58
C LEU G 30 28.38 -26.44 -30.01
N GLY G 31 29.57 -26.38 -30.59
CA GLY G 31 29.77 -27.00 -31.89
C GLY G 31 29.55 -26.15 -33.12
N PRO G 32 29.90 -26.68 -34.28
CA PRO G 32 29.78 -25.91 -35.53
C PRO G 32 28.35 -25.49 -35.85
N LYS G 33 27.32 -26.28 -35.55
CA LYS G 33 25.93 -25.85 -35.69
C LYS G 33 25.38 -25.27 -34.36
N GLY G 34 26.32 -24.73 -33.58
CA GLY G 34 25.97 -23.93 -32.44
C GLY G 34 25.35 -22.61 -32.87
N ARG G 35 24.39 -22.13 -32.06
CA ARG G 35 23.70 -20.87 -32.26
C ARG G 35 24.20 -19.84 -31.25
N ASN G 36 23.73 -18.61 -31.34
CA ASN G 36 24.20 -17.60 -30.41
C ASN G 36 23.23 -17.33 -29.29
N VAL G 37 23.75 -16.71 -28.24
CA VAL G 37 22.95 -16.22 -27.13
C VAL G 37 23.07 -14.70 -27.08
N VAL G 38 21.95 -14.03 -26.83
CA VAL G 38 21.95 -12.58 -26.65
C VAL G 38 21.98 -12.20 -25.18
N LEU G 39 22.96 -11.38 -24.81
CA LEU G 39 23.16 -10.97 -23.43
C LEU G 39 22.91 -9.47 -23.20
N ASP G 40 21.79 -9.17 -22.57
CA ASP G 40 21.46 -7.80 -22.23
C ASP G 40 22.51 -7.08 -21.41
N LYS G 41 22.52 -5.76 -21.49
CA LYS G 41 23.49 -4.93 -20.81
C LYS G 41 22.85 -3.54 -20.83
N SER G 42 22.32 -3.07 -19.69
CA SER G 42 21.72 -1.73 -19.65
C SER G 42 22.71 -0.74 -20.29
N PHE G 43 23.87 -0.60 -19.64
CA PHE G 43 25.13 -0.01 -20.16
C PHE G 43 25.13 0.37 -21.66
N GLY G 44 25.34 -0.62 -22.55
CA GLY G 44 25.39 -0.34 -23.99
C GLY G 44 24.36 -1.16 -24.75
N ALA G 45 24.66 -1.51 -26.01
CA ALA G 45 23.78 -2.37 -26.77
C ALA G 45 23.98 -3.76 -26.22
N PRO G 46 23.01 -4.65 -26.38
CA PRO G 46 23.23 -6.05 -26.09
C PRO G 46 24.42 -6.63 -26.83
N THR G 47 24.79 -7.83 -26.40
CA THR G 47 25.96 -8.51 -26.91
C THR G 47 25.46 -9.78 -27.54
N ILE G 48 25.92 -10.09 -28.75
CA ILE G 48 25.67 -11.41 -29.27
C ILE G 48 26.94 -12.22 -29.04
N THR G 49 26.82 -13.46 -28.60
CA THR G 49 28.02 -14.24 -28.30
C THR G 49 27.80 -15.74 -28.36
N LYS G 50 28.83 -16.45 -28.82
CA LYS G 50 28.86 -17.93 -28.85
C LYS G 50 29.63 -18.50 -27.65
N ASP G 51 30.39 -17.61 -27.00
CA ASP G 51 31.42 -17.93 -26.03
C ASP G 51 30.87 -18.34 -24.68
N GLY G 52 31.00 -19.62 -24.40
CA GLY G 52 30.33 -20.27 -23.27
C GLY G 52 30.47 -19.62 -21.89
N VAL G 53 31.68 -19.13 -21.60
CA VAL G 53 31.94 -18.53 -20.31
C VAL G 53 31.15 -17.23 -20.23
N SER G 54 31.03 -16.53 -21.36
CA SER G 54 30.34 -15.26 -21.38
C SER G 54 28.87 -15.38 -21.03
N VAL G 55 28.20 -16.40 -21.58
CA VAL G 55 26.84 -16.67 -21.18
C VAL G 55 26.81 -17.01 -19.71
N ALA G 56 27.72 -17.89 -19.26
CA ALA G 56 27.74 -18.38 -17.87
C ALA G 56 27.80 -17.28 -16.83
N ARG G 57 28.84 -16.45 -16.90
CA ARG G 57 28.97 -15.28 -16.03
C ARG G 57 27.73 -14.37 -15.89
N GLU G 58 26.74 -14.49 -16.77
CA GLU G 58 25.54 -13.65 -16.65
C GLU G 58 24.39 -14.34 -15.96
N ILE G 59 24.41 -15.65 -15.85
CA ILE G 59 23.26 -16.28 -15.22
C ILE G 59 23.31 -16.07 -13.70
N GLU G 60 22.19 -15.57 -13.18
CA GLU G 60 21.90 -15.42 -11.76
C GLU G 60 20.40 -15.66 -11.64
N LEU G 61 19.95 -16.48 -10.72
CA LEU G 61 18.54 -16.80 -10.71
C LEU G 61 17.82 -16.14 -9.54
N GLU G 62 16.48 -16.18 -9.57
CA GLU G 62 15.76 -15.52 -8.52
C GLU G 62 15.56 -16.38 -7.29
N ASP G 63 15.14 -17.63 -7.50
CA ASP G 63 15.03 -18.64 -6.47
C ASP G 63 16.41 -18.90 -5.90
N LYS G 64 16.57 -18.68 -4.62
CA LYS G 64 17.87 -18.46 -4.05
C LYS G 64 18.69 -19.74 -4.08
N PHE G 65 18.01 -20.89 -4.09
CA PHE G 65 18.63 -22.20 -4.05
C PHE G 65 19.08 -22.55 -5.47
N GLU G 66 18.17 -22.42 -6.43
CA GLU G 66 18.49 -22.58 -7.83
C GLU G 66 19.68 -21.70 -8.10
N ASN G 67 19.67 -20.47 -7.62
CA ASN G 67 20.82 -19.61 -7.83
C ASN G 67 22.13 -20.29 -7.47
N MET G 68 22.13 -20.94 -6.32
CA MET G 68 23.32 -21.57 -5.75
C MET G 68 23.85 -22.66 -6.68
N GLY G 69 22.95 -23.50 -7.16
CA GLY G 69 23.26 -24.40 -8.26
C GLY G 69 24.04 -23.70 -9.37
N ALA G 70 23.41 -22.74 -10.03
CA ALA G 70 24.05 -22.04 -11.13
C ALA G 70 25.35 -21.35 -10.73
N GLN G 71 25.41 -20.81 -9.54
CA GLN G 71 26.61 -20.06 -9.17
C GLN G 71 27.83 -20.94 -9.00
N MET G 72 27.57 -22.24 -8.82
CA MET G 72 28.64 -23.20 -8.59
C MET G 72 29.19 -23.77 -9.90
N VAL G 73 28.32 -24.35 -10.74
CA VAL G 73 28.75 -24.79 -12.06
C VAL G 73 29.37 -23.65 -12.84
N LYS G 74 28.90 -22.43 -12.61
CA LYS G 74 29.50 -21.29 -13.27
C LYS G 74 31.04 -21.30 -13.12
N GLU G 75 31.53 -22.03 -12.13
CA GLU G 75 32.95 -22.00 -11.86
C GLU G 75 33.74 -22.92 -12.79
N VAL G 76 33.11 -23.96 -13.31
CA VAL G 76 33.81 -24.83 -14.20
C VAL G 76 34.13 -24.01 -15.48
N ALA G 77 33.07 -23.41 -16.05
CA ALA G 77 33.20 -22.63 -17.28
C ALA G 77 34.16 -21.49 -17.02
N SER G 78 34.15 -20.99 -15.80
CA SER G 78 35.02 -19.89 -15.51
C SER G 78 36.48 -20.32 -15.44
N LYS G 79 36.71 -21.44 -14.74
CA LYS G 79 38.06 -21.97 -14.54
C LYS G 79 38.71 -22.48 -15.85
N ALA G 80 37.96 -23.31 -16.59
CA ALA G 80 38.34 -23.65 -17.97
C ALA G 80 38.95 -22.44 -18.69
N ASN G 81 38.16 -21.35 -18.76
CA ASN G 81 38.56 -20.16 -19.43
C ASN G 81 39.93 -19.61 -18.97
N ASP G 82 40.21 -19.65 -17.68
CA ASP G 82 41.41 -18.98 -17.13
C ASP G 82 42.68 -19.74 -17.43
N ALA G 83 42.48 -21.04 -17.62
CA ALA G 83 43.58 -22.00 -17.82
C ALA G 83 43.82 -22.25 -19.30
N ALA G 84 42.80 -22.84 -19.92
CA ALA G 84 42.77 -23.14 -21.35
C ALA G 84 42.65 -21.89 -22.25
N GLY G 85 41.48 -21.23 -22.20
CA GLY G 85 41.14 -20.15 -23.12
C GLY G 85 39.99 -20.61 -24.03
N ASP G 86 39.59 -21.87 -23.93
CA ASP G 86 38.54 -22.42 -24.79
C ASP G 86 37.97 -23.64 -24.08
N GLY G 87 36.97 -24.30 -24.66
CA GLY G 87 36.41 -25.48 -24.03
C GLY G 87 35.44 -25.26 -22.88
N THR G 88 35.13 -23.97 -22.60
CA THR G 88 34.27 -23.55 -21.50
C THR G 88 32.87 -24.14 -21.67
N THR G 89 32.37 -24.19 -22.90
CA THR G 89 31.09 -24.86 -23.09
C THR G 89 31.20 -26.34 -22.81
N THR G 90 32.27 -26.97 -23.31
CA THR G 90 32.42 -28.43 -23.17
C THR G 90 32.41 -28.69 -21.67
N ALA G 91 33.37 -28.02 -21.01
CA ALA G 91 33.48 -28.09 -19.56
C ALA G 91 32.04 -28.07 -18.97
N THR G 92 31.25 -27.07 -19.34
CA THR G 92 29.95 -26.89 -18.71
C THR G 92 29.08 -28.10 -18.98
N VAL G 93 29.16 -28.61 -20.19
CA VAL G 93 28.26 -29.70 -20.60
C VAL G 93 28.60 -31.03 -19.91
N LEU G 94 29.90 -31.21 -19.61
CA LEU G 94 30.35 -32.39 -18.92
C LEU G 94 29.85 -32.25 -17.52
N ALA G 95 30.08 -31.07 -16.93
CA ALA G 95 29.69 -30.84 -15.52
C ALA G 95 28.22 -31.09 -15.33
N GLN G 96 27.40 -30.66 -16.27
CA GLN G 96 25.97 -30.86 -16.07
C GLN G 96 25.62 -32.34 -16.14
N ALA G 97 26.51 -33.10 -16.76
CA ALA G 97 26.21 -34.49 -17.10
C ALA G 97 26.57 -35.37 -15.93
N ILE G 98 27.76 -35.09 -15.39
CA ILE G 98 28.18 -35.79 -14.21
C ILE G 98 27.11 -35.58 -13.10
N ILE G 99 26.70 -34.32 -12.90
CA ILE G 99 25.72 -33.94 -11.87
C ILE G 99 24.43 -34.71 -12.09
N THR G 100 23.89 -34.68 -13.30
CA THR G 100 22.59 -35.29 -13.52
C THR G 100 22.69 -36.76 -13.14
N GLU G 101 23.81 -37.37 -13.54
CA GLU G 101 23.92 -38.83 -13.44
C GLU G 101 24.24 -39.19 -12.00
N GLY G 102 25.19 -38.45 -11.42
CA GLY G 102 25.42 -38.45 -9.99
C GLY G 102 24.13 -38.45 -9.18
N LEU G 103 23.40 -37.33 -9.18
CA LEU G 103 22.23 -37.22 -8.31
C LEU G 103 21.26 -38.35 -8.54
N LYS G 104 21.26 -38.91 -9.75
CA LYS G 104 20.35 -40.03 -9.99
C LYS G 104 20.79 -41.23 -9.16
N ALA G 105 22.11 -41.40 -9.02
CA ALA G 105 22.66 -42.49 -8.25
C ALA G 105 22.44 -42.24 -6.75
N VAL G 106 22.63 -40.99 -6.33
CA VAL G 106 22.43 -40.64 -4.93
C VAL G 106 21.01 -40.98 -4.55
N ALA G 107 20.09 -40.78 -5.48
CA ALA G 107 18.71 -41.10 -5.24
C ALA G 107 18.45 -42.61 -5.25
N ALA G 108 19.46 -43.37 -5.68
CA ALA G 108 19.36 -44.83 -5.71
C ALA G 108 19.79 -45.45 -4.37
N GLY G 109 20.24 -44.59 -3.45
CA GLY G 109 20.79 -45.05 -2.19
C GLY G 109 22.31 -45.21 -2.12
N MET G 110 23.00 -44.95 -3.22
CA MET G 110 24.46 -44.88 -3.22
C MET G 110 25.02 -43.82 -2.27
N ASN G 111 26.24 -44.05 -1.83
CA ASN G 111 26.93 -43.15 -0.92
C ASN G 111 27.67 -42.05 -1.67
N PRO G 112 27.23 -40.82 -1.58
CA PRO G 112 27.78 -39.77 -2.44
C PRO G 112 29.28 -39.66 -2.36
N MET G 113 29.83 -39.73 -1.17
CA MET G 113 31.26 -39.51 -1.04
C MET G 113 32.10 -40.56 -1.78
N ASP G 114 31.48 -41.72 -2.09
CA ASP G 114 32.10 -42.80 -2.83
C ASP G 114 31.95 -42.52 -4.32
N LEU G 115 30.74 -42.10 -4.72
CA LEU G 115 30.48 -41.76 -6.11
C LEU G 115 31.52 -40.74 -6.49
N LYS G 116 31.76 -39.77 -5.62
CA LYS G 116 32.82 -38.83 -5.86
C LYS G 116 34.21 -39.49 -6.07
N ARG G 117 34.63 -40.37 -5.17
CA ARG G 117 35.92 -41.07 -5.30
C ARG G 117 36.04 -41.81 -6.64
N GLY G 118 34.93 -42.36 -7.12
CA GLY G 118 34.89 -43.08 -8.37
C GLY G 118 35.15 -42.12 -9.51
N ILE G 119 34.24 -41.13 -9.69
CA ILE G 119 34.40 -40.02 -10.62
C ILE G 119 35.84 -39.58 -10.59
N ASP G 120 36.40 -39.29 -9.42
CA ASP G 120 37.74 -38.71 -9.42
C ASP G 120 38.77 -39.68 -10.02
N LYS G 121 38.68 -40.94 -9.63
CA LYS G 121 39.59 -41.95 -10.13
C LYS G 121 39.44 -42.10 -11.63
N ALA G 122 38.18 -42.16 -12.09
CA ALA G 122 37.90 -42.27 -13.54
C ALA G 122 38.57 -41.12 -14.26
N VAL G 123 38.48 -39.92 -13.71
CA VAL G 123 39.13 -38.77 -14.31
C VAL G 123 40.66 -38.83 -14.30
N THR G 124 41.28 -39.28 -13.22
CA THR G 124 42.73 -39.29 -13.14
C THR G 124 43.29 -40.18 -14.24
N ALA G 125 42.46 -41.14 -14.62
CA ALA G 125 42.83 -42.17 -15.58
C ALA G 125 42.61 -41.63 -16.99
N ALA G 126 41.47 -40.99 -17.19
CA ALA G 126 41.18 -40.31 -18.44
C ALA G 126 42.26 -39.27 -18.73
N VAL G 127 42.74 -38.56 -17.74
CA VAL G 127 43.79 -37.60 -18.02
C VAL G 127 45.06 -38.24 -18.54
N GLU G 128 45.47 -39.35 -17.90
CA GLU G 128 46.59 -40.16 -18.33
C GLU G 128 46.39 -40.64 -19.77
N GLU G 129 45.20 -41.15 -20.07
CA GLU G 129 44.90 -41.70 -21.36
C GLU G 129 44.97 -40.67 -22.46
N LEU G 130 44.38 -39.48 -22.22
CA LEU G 130 44.60 -38.32 -23.08
C LEU G 130 46.05 -37.92 -23.29
N LYS G 131 46.90 -37.98 -22.27
CA LYS G 131 48.32 -37.67 -22.52
C LYS G 131 48.86 -38.63 -23.60
N ALA G 132 48.26 -39.82 -23.69
CA ALA G 132 48.80 -40.89 -24.52
C ALA G 132 48.45 -40.58 -25.97
N LEU G 133 47.14 -40.41 -26.21
CA LEU G 133 46.54 -39.98 -27.47
C LEU G 133 47.06 -38.70 -28.07
N SER G 134 47.34 -37.72 -27.23
CA SER G 134 47.88 -36.48 -27.72
C SER G 134 49.10 -36.73 -28.60
N VAL G 135 49.09 -36.12 -29.75
CA VAL G 135 50.26 -36.10 -30.56
C VAL G 135 50.69 -34.64 -30.61
N PRO G 136 51.39 -34.93 -28.94
CA PRO G 136 51.97 -33.60 -29.11
C PRO G 136 51.41 -32.89 -30.32
N CYS G 137 51.56 -31.57 -30.37
CA CYS G 137 51.07 -30.78 -31.51
C CYS G 137 52.11 -29.69 -31.76
N SER G 138 52.88 -29.87 -32.84
CA SER G 138 54.05 -29.03 -33.03
C SER G 138 54.19 -28.46 -34.44
N ASP G 139 53.75 -29.21 -35.45
CA ASP G 139 53.73 -28.74 -36.85
C ASP G 139 52.62 -27.69 -37.08
N SER G 140 52.94 -26.70 -37.90
CA SER G 140 52.02 -25.64 -38.31
C SER G 140 50.66 -26.14 -38.75
N LYS G 141 50.56 -27.32 -39.37
CA LYS G 141 49.26 -27.80 -39.85
C LYS G 141 48.33 -28.10 -38.71
N ALA G 142 48.86 -28.77 -37.70
CA ALA G 142 48.08 -29.15 -36.50
C ALA G 142 47.63 -27.92 -35.73
N ILE G 143 48.54 -26.95 -35.59
CA ILE G 143 48.24 -25.71 -34.90
C ILE G 143 47.11 -24.96 -35.59
N ALA G 144 47.21 -24.79 -36.90
CA ALA G 144 46.17 -24.13 -37.66
C ALA G 144 44.84 -24.80 -37.44
N GLN G 145 44.86 -26.11 -37.29
CA GLN G 145 43.62 -26.84 -37.01
C GLN G 145 42.96 -26.50 -35.68
N VAL G 146 43.73 -26.49 -34.59
CA VAL G 146 43.08 -26.19 -33.33
C VAL G 146 42.49 -24.78 -33.40
N GLY G 147 43.29 -23.85 -33.93
CA GLY G 147 42.89 -22.49 -34.21
C GLY G 147 41.58 -22.40 -34.97
N THR G 148 41.49 -23.14 -36.05
CA THR G 148 40.28 -23.19 -36.84
C THR G 148 39.04 -23.66 -36.08
N ILE G 149 39.15 -24.74 -35.30
CA ILE G 149 37.96 -25.30 -34.62
C ILE G 149 37.50 -24.38 -33.47
N SER G 150 38.51 -23.78 -32.86
CA SER G 150 38.39 -22.80 -31.84
C SER G 150 37.62 -21.60 -32.34
N ALA G 151 37.90 -21.17 -33.57
CA ALA G 151 37.27 -20.00 -34.16
C ALA G 151 36.00 -20.37 -34.90
N ASN G 152 35.26 -21.34 -34.40
CA ASN G 152 34.05 -21.85 -35.05
C ASN G 152 34.22 -22.18 -36.53
N SER G 153 35.23 -22.99 -36.85
CA SER G 153 35.42 -23.50 -38.21
C SER G 153 35.79 -22.40 -39.18
N ASP G 154 36.66 -21.48 -38.75
CA ASP G 154 37.08 -20.36 -39.58
C ASP G 154 38.54 -20.53 -39.96
N GLU G 155 38.74 -21.09 -41.16
CA GLU G 155 40.04 -21.45 -41.68
C GLU G 155 41.08 -20.34 -41.66
N THR G 156 40.64 -19.11 -41.86
CA THR G 156 41.54 -17.97 -41.96
C THR G 156 42.20 -17.65 -40.65
N VAL G 157 41.44 -17.80 -39.57
CA VAL G 157 41.95 -17.52 -38.23
C VAL G 157 43.03 -18.55 -37.88
N GLY G 158 42.76 -19.80 -38.25
CA GLY G 158 43.71 -20.88 -38.08
C GLY G 158 45.01 -20.49 -38.74
N LYS G 159 44.92 -20.35 -40.06
CA LYS G 159 46.05 -19.98 -40.92
C LYS G 159 46.83 -18.81 -40.35
N LEU G 160 46.11 -17.81 -39.84
CA LEU G 160 46.69 -16.56 -39.41
C LEU G 160 47.50 -16.71 -38.14
N ILE G 161 46.97 -17.48 -37.21
CA ILE G 161 47.67 -17.78 -35.96
C ILE G 161 48.88 -18.68 -36.19
N ALA G 162 48.69 -19.71 -37.03
CA ALA G 162 49.75 -20.63 -37.39
C ALA G 162 50.93 -19.87 -37.96
N GLU G 163 50.64 -18.99 -38.91
CA GLU G 163 51.63 -18.09 -39.46
C GLU G 163 52.30 -17.22 -38.39
N ALA G 164 51.51 -16.76 -37.44
CA ALA G 164 52.01 -15.88 -36.39
C ALA G 164 53.10 -16.57 -35.59
N MET G 165 52.76 -17.73 -35.00
CA MET G 165 53.66 -18.50 -34.12
C MET G 165 54.95 -18.92 -34.84
N ASP G 166 54.79 -19.23 -36.13
CA ASP G 166 55.89 -19.49 -37.04
C ASP G 166 56.94 -18.36 -37.10
N LYS G 167 56.48 -17.12 -37.05
CA LYS G 167 57.37 -15.97 -37.21
C LYS G 167 57.93 -15.42 -35.90
N VAL G 168 57.13 -15.38 -34.85
CA VAL G 168 57.59 -14.83 -33.57
C VAL G 168 58.38 -15.85 -32.78
N GLY G 169 58.07 -17.12 -33.01
CA GLY G 169 58.72 -18.22 -32.33
C GLY G 169 57.84 -18.82 -31.25
N LYS G 170 58.50 -19.52 -30.32
CA LYS G 170 57.82 -20.13 -29.17
C LYS G 170 57.86 -19.18 -27.97
N GLU G 171 59.00 -18.51 -27.80
CA GLU G 171 59.16 -17.54 -26.72
C GLU G 171 58.68 -16.13 -27.11
N GLY G 172 57.71 -16.05 -28.03
CA GLY G 172 57.25 -14.79 -28.60
C GLY G 172 55.76 -14.48 -28.42
N VAL G 173 55.45 -13.18 -28.34
CA VAL G 173 54.10 -12.74 -28.01
C VAL G 173 53.25 -12.37 -29.22
N ILE G 174 51.97 -12.71 -29.16
CA ILE G 174 50.98 -12.34 -30.16
C ILE G 174 49.78 -11.67 -29.47
N THR G 175 49.50 -10.43 -29.85
CA THR G 175 48.32 -9.71 -29.36
C THR G 175 47.30 -9.54 -30.47
N VAL G 176 46.06 -9.21 -30.08
CA VAL G 176 44.97 -9.03 -31.04
C VAL G 176 44.19 -7.72 -30.77
N GLU G 177 44.08 -6.89 -31.80
CA GLU G 177 43.34 -5.63 -31.68
C GLU G 177 42.42 -5.39 -32.86
N ASP G 178 41.63 -4.32 -32.76
CA ASP G 178 40.68 -3.93 -33.81
C ASP G 178 41.47 -3.42 -35.00
N GLY G 179 41.08 -3.89 -36.17
CA GLY G 179 41.67 -3.38 -37.41
C GLY G 179 40.83 -2.24 -37.97
N THR G 180 41.37 -1.55 -38.96
CA THR G 180 40.62 -0.49 -39.59
C THR G 180 39.74 -1.02 -40.72
N GLY G 181 40.31 -1.86 -41.59
CA GLY G 181 39.60 -2.37 -42.76
C GLY G 181 38.63 -3.50 -42.49
N LEU G 182 38.22 -4.15 -43.58
CA LEU G 182 37.25 -5.24 -43.53
C LEU G 182 37.92 -6.57 -43.34
N GLN G 183 39.21 -6.65 -43.67
CA GLN G 183 39.94 -7.94 -43.64
C GLN G 183 40.97 -7.96 -42.52
N ASP G 184 41.25 -9.17 -42.03
CA ASP G 184 42.27 -9.41 -41.01
C ASP G 184 43.68 -9.10 -41.51
N GLU G 185 44.58 -8.79 -40.59
CA GLU G 185 45.94 -8.41 -40.99
C GLU G 185 46.96 -8.74 -39.91
N LEU G 186 48.08 -9.32 -40.33
CA LEU G 186 49.15 -9.73 -39.42
C LEU G 186 50.37 -8.84 -39.56
N ASP G 187 50.80 -8.25 -38.44
CA ASP G 187 51.97 -7.37 -38.40
C ASP G 187 53.05 -7.99 -37.53
N VAL G 188 54.27 -8.09 -38.07
CA VAL G 188 55.38 -8.65 -37.32
C VAL G 188 56.45 -7.59 -37.20
N VAL G 189 56.83 -7.30 -35.96
CA VAL G 189 57.90 -6.35 -35.71
C VAL G 189 59.23 -7.05 -35.48
N GLU G 190 60.19 -6.70 -36.35
CA GLU G 190 61.48 -7.35 -36.36
C GLU G 190 62.45 -6.67 -35.39
N GLY G 191 61.97 -6.71 -35.10
CA GLY G 191 62.95 -6.25 -34.13
C GLY G 191 62.28 -5.89 -32.83
N MET G 192 62.79 -4.84 -32.18
CA MET G 192 62.21 -4.38 -30.92
C MET G 192 61.52 -3.03 -31.06
N GLN G 193 60.34 -2.92 -30.44
CA GLN G 193 59.58 -1.68 -30.37
C GLN G 193 58.83 -1.59 -29.04
N PHE G 194 58.67 -0.36 -28.54
CA PHE G 194 57.97 -0.11 -27.27
C PHE G 194 57.07 1.12 -27.32
N ASP G 195 56.08 1.17 -26.42
CA ASP G 195 55.08 2.24 -26.40
C ASP G 195 55.63 3.56 -25.89
N ARG G 196 56.22 4.33 -26.79
CA ARG G 196 56.76 5.64 -26.42
C ARG G 196 56.94 6.59 -27.61
N GLY G 197 56.31 7.76 -27.50
CA GLY G 197 56.46 8.80 -28.50
C GLY G 197 57.48 9.85 -28.12
N TYR G 198 57.91 10.62 -29.10
CA TYR G 198 58.84 11.74 -28.88
C TYR G 198 58.23 12.76 -27.91
N LEU G 199 59.08 13.35 -27.08
CA LEU G 199 58.66 14.40 -26.17
C LEU G 199 58.74 15.75 -26.88
N SER G 200 59.57 15.79 -27.91
CA SER G 200 59.79 16.99 -28.71
C SER G 200 59.20 16.79 -30.11
N PRO G 201 57.99 17.30 -30.33
CA PRO G 201 57.33 17.18 -31.64
C PRO G 201 58.05 17.97 -32.73
N TYR G 202 58.81 19.00 -32.34
CA TYR G 202 59.53 19.83 -33.29
C TYR G 202 60.85 19.19 -33.74
N PHE G 203 60.88 17.87 -33.83
CA PHE G 203 62.09 17.16 -34.20
C PHE G 203 61.95 16.30 -35.46
N ILE G 204 60.71 15.93 -35.77
CA ILE G 204 60.41 15.12 -36.95
C ILE G 204 61.28 15.50 -38.16
N ASN G 205 62.22 14.63 -38.51
CA ASN G 205 63.08 14.87 -39.67
C ASN G 205 62.53 14.28 -40.99
N LYS G 206 61.27 13.83 -40.94
CA LYS G 206 60.54 13.36 -42.12
C LYS G 206 59.04 13.65 -41.96
N PRO G 207 58.60 14.85 -42.36
CA PRO G 207 57.20 15.26 -42.20
C PRO G 207 56.20 14.40 -42.98
N GLU G 208 56.69 13.50 -43.82
CA GLU G 208 55.84 12.62 -44.64
C GLU G 208 55.09 11.59 -43.81
N THR G 209 55.81 10.88 -42.96
CA THR G 209 55.21 9.90 -42.05
C THR G 209 54.84 10.56 -40.72
N GLY G 210 55.44 11.73 -40.47
CA GLY G 210 55.31 12.40 -39.19
C GLY G 210 56.10 11.66 -38.13
N ALA G 211 57.32 11.26 -38.50
CA ALA G 211 58.18 10.46 -37.63
C ALA G 211 59.67 10.81 -37.75
N VAL G 212 60.45 10.46 -36.72
CA VAL G 212 61.89 10.73 -36.66
C VAL G 212 62.69 9.51 -37.13
N GLU G 213 63.57 9.71 -38.12
CA GLU G 213 64.34 8.61 -38.71
C GLU G 213 65.85 8.82 -38.54
N LEU G 214 66.38 8.39 -37.40
CA LEU G 214 67.81 8.56 -37.10
C LEU G 214 68.68 7.48 -37.72
N GLU G 215 69.53 7.88 -38.66
CA GLU G 215 70.39 6.96 -39.39
C GLU G 215 71.65 6.61 -38.61
N SER G 216 71.80 5.32 -38.30
CA SER G 216 72.96 4.76 -37.58
C SER G 216 73.43 5.62 -36.38
N PRO G 217 72.58 5.79 -35.38
CA PRO G 217 72.85 6.71 -34.28
C PRO G 217 73.43 6.05 -33.02
N PHE G 218 73.85 6.88 -32.08
CA PHE G 218 74.25 6.46 -30.74
C PHE G 218 73.01 6.42 -29.85
N ILE G 219 73.07 5.66 -28.76
CA ILE G 219 71.95 5.60 -27.83
C ILE G 219 72.39 5.81 -26.39
N LEU G 220 71.79 6.80 -25.75
CA LEU G 220 72.04 7.08 -24.35
C LEU G 220 70.92 6.55 -23.49
N LEU G 221 71.27 5.73 -22.51
CA LEU G 221 70.29 5.16 -21.60
C LEU G 221 70.43 5.76 -20.21
N ALA G 222 69.57 6.74 -19.93
CA ALA G 222 69.60 7.42 -18.64
C ALA G 222 68.52 6.84 -17.72
N ASP G 223 68.97 6.20 -16.65
CA ASP G 223 68.07 5.63 -15.63
C ASP G 223 67.31 6.75 -14.90
N LYS G 224 68.05 7.76 -14.45
CA LYS G 224 67.46 8.94 -13.80
C LYS G 224 66.73 9.84 -14.80
N LYS G 225 65.94 10.79 -14.28
CA LYS G 225 65.23 11.75 -15.12
C LYS G 225 66.05 13.03 -15.34
N ILE G 226 66.07 13.50 -16.58
CA ILE G 226 66.84 14.68 -16.97
C ILE G 226 65.98 15.95 -16.93
N SER G 227 66.61 17.05 -16.52
CA SER G 227 65.97 18.36 -16.55
C SER G 227 66.95 19.48 -16.90
N ASN G 228 68.24 19.18 -16.77
CA ASN G 228 69.31 20.17 -16.99
C ASN G 228 70.25 19.84 -18.14
N ILE G 229 70.57 20.86 -18.94
CA ILE G 229 71.48 20.72 -20.10
C ILE G 229 72.93 20.43 -19.68
N ARG G 230 73.25 20.73 -18.42
CA ARG G 230 74.57 20.53 -17.84
C ARG G 230 75.11 19.11 -18.04
N GLU G 231 74.36 18.13 -17.55
CA GLU G 231 74.77 16.72 -17.56
C GLU G 231 75.03 16.19 -18.97
N MET G 232 74.41 16.83 -19.95
CA MET G 232 74.52 16.39 -21.33
C MET G 232 75.84 16.83 -21.96
N LEU G 233 76.22 18.08 -21.71
CA LEU G 233 77.36 18.72 -22.36
C LEU G 233 78.56 17.82 -22.62
N PRO G 234 79.07 17.12 -21.60
CA PRO G 234 80.20 16.19 -21.79
C PRO G 234 79.99 15.18 -22.90
N VAL G 235 78.88 14.44 -22.86
CA VAL G 235 78.60 13.41 -23.86
C VAL G 235 78.06 13.98 -25.16
N LEU G 236 77.12 14.92 -25.04
CA LEU G 236 76.59 15.63 -26.19
C LEU G 236 77.72 16.20 -27.05
N GLU G 237 78.82 16.58 -26.39
CA GLU G 237 80.01 17.08 -27.08
C GLU G 237 80.71 16.02 -27.95
N ALA G 238 81.01 14.87 -27.34
CA ALA G 238 81.68 13.77 -28.05
C ALA G 238 80.87 13.26 -29.24
N VAL G 239 79.55 13.35 -29.14
CA VAL G 239 78.64 12.99 -30.24
C VAL G 239 78.63 14.06 -31.35
N ALA G 240 78.80 15.32 -30.94
CA ALA G 240 78.88 16.46 -31.86
C ALA G 240 80.12 16.45 -32.74
N LYS G 241 81.20 15.86 -32.23
CA LYS G 241 82.46 15.76 -32.95
C LYS G 241 82.65 14.36 -33.55
N ALA G 242 81.57 13.59 -33.59
CA ALA G 242 81.59 12.25 -34.16
C ALA G 242 80.69 12.14 -35.39
N GLY G 243 79.74 13.08 -35.51
CA GLY G 243 78.86 13.14 -36.67
C GLY G 243 77.54 12.41 -36.51
N LYS G 244 77.60 11.17 -36.01
CA LYS G 244 76.42 10.32 -35.85
C LYS G 244 75.36 10.95 -34.93
N PRO G 245 74.08 10.73 -35.25
CA PRO G 245 72.97 11.21 -34.40
C PRO G 245 72.93 10.51 -33.04
N LEU G 246 72.00 10.92 -32.17
CA LEU G 246 71.89 10.35 -30.83
C LEU G 246 70.44 10.25 -30.33
N LEU G 247 70.06 9.06 -29.89
CA LEU G 247 68.78 8.85 -29.23
C LEU G 247 69.00 8.83 -27.72
N ILE G 248 68.12 9.52 -27.00
CA ILE G 248 68.20 9.57 -25.55
C ILE G 248 66.94 8.98 -24.92
N ILE G 249 67.08 7.77 -24.37
CA ILE G 249 66.00 7.14 -23.62
C ILE G 249 66.25 7.33 -22.13
N ALA G 250 65.58 8.32 -21.56
CA ALA G 250 65.69 8.63 -20.14
C ALA G 250 64.40 8.29 -19.41
N GLU G 251 64.42 8.41 -18.08
CA GLU G 251 63.22 8.32 -17.27
C GLU G 251 62.24 9.42 -17.69
N ASP G 252 62.80 10.61 -17.93
CA ASP G 252 62.06 11.75 -18.48
C ASP G 252 63.06 12.82 -18.95
N VAL G 253 62.65 13.64 -19.92
CA VAL G 253 63.41 14.82 -20.32
C VAL G 253 62.47 16.02 -20.38
N GLU G 254 62.82 17.08 -19.65
CA GLU G 254 61.97 18.25 -19.50
C GLU G 254 62.79 19.53 -19.33
N GLY G 255 62.18 20.55 -18.72
CA GLY G 255 62.84 21.81 -18.45
C GLY G 255 63.42 22.45 -19.70
N GLU G 256 64.50 23.19 -19.52
CA GLU G 256 65.22 23.78 -20.66
C GLU G 256 66.00 22.72 -21.43
N ALA G 257 66.40 21.66 -20.73
CA ALA G 257 67.12 20.55 -21.37
C ALA G 257 66.43 20.11 -22.67
N LEU G 258 65.17 19.73 -22.55
CA LEU G 258 64.34 19.39 -23.70
C LEU G 258 64.28 20.58 -24.66
N ALA G 259 63.96 21.75 -24.13
CA ALA G 259 63.82 22.96 -24.92
C ALA G 259 65.07 23.27 -25.74
N THR G 260 66.25 23.14 -25.12
CA THR G 260 67.52 23.41 -25.79
C THR G 260 67.79 22.36 -26.87
N LEU G 261 67.63 21.09 -26.51
CA LEU G 261 67.86 19.98 -27.43
C LEU G 261 67.21 20.24 -28.79
N VAL G 262 66.03 20.86 -28.76
CA VAL G 262 65.32 21.23 -29.98
C VAL G 262 66.16 22.19 -30.83
N VAL G 263 66.53 23.33 -30.24
CA VAL G 263 67.31 24.37 -30.92
C VAL G 263 68.64 23.86 -31.46
N ASN G 264 69.14 22.77 -30.88
CA ASN G 264 70.40 22.17 -31.28
C ASN G 264 70.30 21.35 -32.57
N THR G 265 69.22 20.59 -32.73
CA THR G 265 68.97 19.84 -33.96
C THR G 265 68.33 20.72 -35.02
N MET G 266 67.48 21.65 -34.58
CA MET G 266 66.85 22.63 -35.45
C MET G 266 67.88 23.40 -36.27
N ARG G 267 69.06 23.64 -35.68
CA ARG G 267 70.17 24.35 -36.33
C ARG G 267 71.06 23.39 -37.13
N GLY G 268 71.18 22.16 -36.65
CA GLY G 268 72.04 21.17 -37.29
C GLY G 268 73.36 20.99 -36.56
N ILE G 269 73.38 21.38 -35.28
CA ILE G 269 74.57 21.20 -34.44
C ILE G 269 74.76 19.71 -34.13
N VAL G 270 73.68 19.08 -33.67
CA VAL G 270 73.63 17.64 -33.42
C VAL G 270 72.24 17.13 -33.78
N LYS G 271 72.13 15.84 -34.08
CA LYS G 271 70.80 15.25 -34.27
C LYS G 271 70.44 14.39 -33.07
N VAL G 272 69.51 14.89 -32.25
CA VAL G 272 69.19 14.26 -30.97
C VAL G 272 67.70 14.08 -30.65
N ALA G 273 67.32 12.86 -30.28
CA ALA G 273 65.93 12.51 -29.96
C ALA G 273 65.72 12.25 -28.48
N ALA G 274 64.51 12.54 -28.01
CA ALA G 274 64.18 12.35 -26.61
C ALA G 274 62.85 11.63 -26.44
N VAL G 275 62.91 10.46 -25.81
CA VAL G 275 61.73 9.64 -25.51
C VAL G 275 61.80 9.07 -24.10
N LYS G 276 60.66 9.01 -23.43
CA LYS G 276 60.58 8.44 -22.07
C LYS G 276 60.99 6.97 -22.07
N ALA G 277 61.11 6.40 -20.88
CA ALA G 277 61.48 4.99 -20.74
C ALA G 277 60.24 4.09 -20.81
N PRO G 278 60.39 2.93 -21.45
CA PRO G 278 59.30 1.95 -21.53
C PRO G 278 59.03 1.31 -20.17
N GLY G 279 57.86 1.59 -19.60
CA GLY G 279 57.48 1.00 -18.33
C GLY G 279 57.33 1.98 -17.19
N PHE G 280 57.34 1.42 -15.98
CA PHE G 280 57.00 2.14 -14.75
C PHE G 280 57.51 1.33 -13.57
N GLY G 281 58.01 2.01 -12.54
CA GLY G 281 58.55 1.35 -11.37
C GLY G 281 59.79 0.52 -11.67
N ASP G 282 59.89 -0.63 -11.01
CA ASP G 282 61.06 -1.52 -11.11
C ASP G 282 61.14 -2.22 -12.46
N ARG G 283 60.00 -2.30 -13.14
CA ARG G 283 59.90 -2.87 -14.46
C ARG G 283 60.65 -2.03 -15.49
N ARG G 284 60.63 -0.71 -15.29
CA ARG G 284 61.27 0.24 -16.21
C ARG G 284 62.77 -0.04 -16.33
N LYS G 285 63.45 -0.05 -15.19
CA LYS G 285 64.90 -0.28 -15.14
C LYS G 285 65.25 -1.66 -15.66
N ALA G 286 64.36 -2.62 -15.42
CA ALA G 286 64.48 -3.94 -15.98
C ALA G 286 64.49 -3.86 -17.52
N MET G 287 63.44 -3.26 -18.09
CA MET G 287 63.29 -3.14 -19.55
C MET G 287 64.36 -2.24 -20.18
N LEU G 288 64.75 -1.19 -19.47
CA LEU G 288 65.79 -0.28 -19.93
C LEU G 288 67.11 -1.01 -20.11
N GLN G 289 67.39 -1.93 -19.20
CA GLN G 289 68.58 -2.77 -19.27
C GLN G 289 68.56 -3.63 -20.53
N ASP G 290 67.41 -4.19 -20.85
CA ASP G 290 67.23 -5.03 -22.03
C ASP G 290 67.72 -4.31 -23.29
N ILE G 291 67.42 -3.02 -23.36
CA ILE G 291 67.77 -2.21 -24.52
C ILE G 291 69.28 -2.05 -24.64
N ALA G 292 69.95 -1.92 -23.50
CA ALA G 292 71.41 -1.79 -23.45
C ALA G 292 72.10 -2.99 -24.06
N THR G 293 71.59 -4.18 -23.74
CA THR G 293 72.12 -5.43 -24.24
C THR G 293 72.04 -5.53 -25.77
N LEU G 294 70.89 -5.16 -26.33
CA LEU G 294 70.67 -5.24 -27.78
C LEU G 294 71.52 -4.22 -28.56
N THR G 295 71.99 -3.18 -27.89
CA THR G 295 72.69 -2.07 -28.55
C THR G 295 74.16 -1.94 -28.14
N GLY G 296 74.57 -2.69 -27.12
CA GLY G 296 75.95 -2.65 -26.65
C GLY G 296 76.31 -1.38 -25.89
N GLY G 297 75.38 -0.89 -25.08
CA GLY G 297 75.61 0.29 -24.26
C GLY G 297 75.46 -0.01 -22.78
N THR G 298 75.80 0.97 -21.95
CA THR G 298 75.68 0.82 -20.51
C THR G 298 74.55 1.72 -20.00
N VAL G 299 73.72 1.16 -19.12
CA VAL G 299 72.71 1.95 -18.43
C VAL G 299 73.42 2.88 -17.46
N ILE G 300 73.21 4.19 -17.63
CA ILE G 300 73.76 5.16 -16.68
C ILE G 300 72.75 5.31 -15.53
N SER G 301 72.92 4.45 -14.53
CA SER G 301 72.02 4.38 -13.39
C SER G 301 72.53 5.24 -12.26
N GLU G 302 71.75 6.27 -11.93
CA GLU G 302 72.10 7.22 -10.87
C GLU G 302 72.15 6.55 -9.50
N GLU G 303 71.32 5.52 -9.32
CA GLU G 303 71.25 4.78 -8.07
C GLU G 303 72.55 4.07 -7.74
N ILE G 304 73.17 3.44 -8.74
CA ILE G 304 74.38 2.65 -8.51
C ILE G 304 75.69 3.41 -8.75
N GLY G 305 75.76 4.63 -8.20
CA GLY G 305 76.98 5.42 -8.17
C GLY G 305 77.53 5.84 -9.53
N MET G 306 76.68 6.48 -10.33
CA MET G 306 77.09 6.97 -11.64
C MET G 306 76.50 8.34 -11.91
N GLU G 307 77.32 9.24 -12.45
CA GLU G 307 76.84 10.55 -12.88
C GLU G 307 76.64 10.51 -14.38
N LEU G 308 75.65 11.26 -14.85
CA LEU G 308 75.33 11.35 -16.26
C LEU G 308 76.45 12.05 -17.03
N GLU G 309 77.22 12.89 -16.31
CA GLU G 309 78.26 13.73 -16.89
C GLU G 309 79.57 12.99 -17.09
N LYS G 310 79.81 11.96 -16.29
CA LYS G 310 81.06 11.20 -16.38
C LYS G 310 81.05 10.13 -17.48
N ALA G 311 79.98 10.13 -18.29
CA ALA G 311 79.86 9.19 -19.39
C ALA G 311 80.65 9.65 -20.62
N THR G 312 81.13 8.67 -21.40
CA THR G 312 81.80 8.92 -22.68
C THR G 312 81.13 8.10 -23.78
N LEU G 313 81.63 8.21 -25.00
CA LEU G 313 81.12 7.45 -26.15
C LEU G 313 81.08 5.95 -25.86
N GLU G 314 81.97 5.51 -24.98
CA GLU G 314 82.07 4.13 -24.51
C GLU G 314 80.72 3.54 -24.08
N ASP G 315 80.00 4.27 -23.24
CA ASP G 315 78.78 3.75 -22.60
C ASP G 315 77.53 3.87 -23.47
N LEU G 316 77.66 4.47 -24.65
CA LEU G 316 76.53 4.65 -25.55
C LEU G 316 76.28 3.42 -26.40
N GLY G 317 75.00 3.04 -26.53
CA GLY G 317 74.60 1.97 -27.41
C GLY G 317 74.62 2.45 -28.85
N GLN G 318 74.48 1.51 -29.79
CA GLN G 318 74.46 1.83 -31.22
C GLN G 318 73.54 0.92 -32.02
N ALA G 319 72.87 1.49 -33.01
CA ALA G 319 71.92 0.77 -33.85
C ALA G 319 72.12 1.06 -35.34
N LYS G 320 71.59 0.18 -36.19
CA LYS G 320 71.61 0.37 -37.63
C LYS G 320 70.69 1.52 -38.05
N ARG G 321 69.50 1.59 -37.41
CA ARG G 321 68.49 2.60 -37.71
C ARG G 321 67.50 2.76 -36.55
N VAL G 322 66.84 3.92 -36.49
CA VAL G 322 65.85 4.20 -35.44
C VAL G 322 64.62 4.92 -36.03
N VAL G 323 63.43 4.48 -35.63
CA VAL G 323 62.17 5.08 -36.07
C VAL G 323 61.26 5.45 -34.88
N ILE G 324 60.95 6.75 -34.75
CA ILE G 324 60.12 7.26 -33.65
C ILE G 324 58.94 8.09 -34.16
N ASN G 325 57.73 7.71 -33.76
CA ASN G 325 56.55 8.54 -34.03
C ASN G 325 55.90 8.99 -32.72
N LYS G 326 54.75 9.66 -32.84
CA LYS G 326 54.00 10.21 -31.71
C LYS G 326 53.68 9.19 -30.60
N ASP G 327 53.69 7.91 -30.95
CA ASP G 327 53.24 6.86 -30.03
C ASP G 327 54.26 5.76 -29.72
N THR G 328 55.09 5.38 -30.71
CA THR G 328 56.03 4.26 -30.54
C THR G 328 57.44 4.52 -31.05
N THR G 329 58.42 3.91 -30.38
CA THR G 329 59.82 3.98 -30.76
C THR G 329 60.33 2.60 -31.15
N THR G 330 61.09 2.54 -32.25
CA THR G 330 61.57 1.29 -32.79
C THR G 330 63.09 1.32 -33.03
N ILE G 331 63.76 0.29 -32.52
CA ILE G 331 65.18 0.10 -32.81
C ILE G 331 65.31 -1.05 -33.80
N ILE G 332 65.80 -0.72 -34.99
CA ILE G 332 66.09 -1.71 -36.02
C ILE G 332 67.55 -2.14 -35.93
N ASP G 333 67.77 -3.36 -35.45
CA ASP G 333 69.08 -4.00 -35.50
C ASP G 333 70.19 -3.23 -34.77
N GLY G 334 70.31 -3.45 -33.46
CA GLY G 334 71.38 -2.85 -32.67
C GLY G 334 72.70 -3.61 -32.79
N VAL G 335 73.79 -3.02 -32.28
CA VAL G 335 75.12 -3.64 -32.35
C VAL G 335 75.14 -5.00 -31.66
N GLY G 336 74.75 -5.02 -30.38
CA GLY G 336 74.55 -6.23 -29.58
C GLY G 336 75.40 -7.48 -29.82
N GLU G 337 76.31 -7.75 -28.88
CA GLU G 337 77.10 -8.99 -28.88
C GLU G 337 76.15 -10.16 -28.94
N GLU G 338 76.30 -10.98 -30.00
CA GLU G 338 75.38 -12.08 -30.26
C GLU G 338 75.16 -12.96 -29.03
N ALA G 339 76.24 -13.41 -28.41
CA ALA G 339 76.20 -14.27 -27.23
C ALA G 339 75.54 -13.60 -26.02
N ALA G 340 75.79 -12.30 -25.86
CA ALA G 340 75.24 -11.52 -24.75
C ALA G 340 73.72 -11.37 -24.83
N ILE G 341 73.19 -11.27 -26.05
CA ILE G 341 71.74 -11.20 -26.26
C ILE G 341 71.06 -12.48 -25.77
N GLN G 342 71.45 -13.61 -26.36
CA GLN G 342 70.85 -14.91 -26.04
C GLN G 342 71.19 -15.38 -24.64
N GLY G 343 72.26 -14.83 -24.07
CA GLY G 343 72.61 -15.05 -22.68
C GLY G 343 71.62 -14.35 -21.78
N ARG G 344 71.35 -13.09 -22.08
CA ARG G 344 70.34 -12.31 -21.37
C ARG G 344 68.94 -12.88 -21.59
N VAL G 345 68.75 -13.54 -22.73
CA VAL G 345 67.45 -14.16 -23.06
C VAL G 345 67.21 -15.43 -22.22
N ALA G 346 68.16 -16.36 -22.26
CA ALA G 346 68.05 -17.62 -21.51
C ALA G 346 67.98 -17.39 -20.00
N GLN G 347 68.28 -16.15 -19.60
CA GLN G 347 68.20 -15.69 -18.21
C GLN G 347 66.77 -15.26 -17.89
N ILE G 348 66.21 -14.39 -18.73
CA ILE G 348 64.82 -13.95 -18.59
C ILE G 348 63.85 -15.13 -18.85
N ARG G 349 64.29 -16.07 -19.67
CA ARG G 349 63.55 -17.29 -19.98
C ARG G 349 63.34 -18.18 -18.75
N GLN G 350 64.32 -18.17 -17.86
CA GLN G 350 64.27 -18.93 -16.61
C GLN G 350 63.63 -18.10 -15.48
N GLN G 351 63.49 -16.79 -15.71
CA GLN G 351 62.76 -15.92 -14.79
C GLN G 351 61.25 -16.18 -14.88
N ILE G 352 60.80 -16.63 -16.06
CA ILE G 352 59.42 -17.05 -16.27
C ILE G 352 59.19 -18.40 -15.58
N GLU G 353 60.24 -19.21 -15.53
CA GLU G 353 60.21 -20.53 -14.90
C GLU G 353 59.81 -20.44 -13.42
N GLU G 354 60.42 -19.50 -12.71
CA GLU G 354 60.17 -19.31 -11.28
C GLU G 354 59.23 -18.14 -11.00
N ALA G 355 58.51 -17.69 -12.02
CA ALA G 355 57.51 -16.62 -11.88
C ALA G 355 56.34 -17.09 -11.04
N THR G 356 56.18 -16.45 -9.88
CA THR G 356 55.29 -16.94 -8.82
C THR G 356 53.80 -16.61 -9.01
N SER G 357 53.40 -16.35 -10.25
CA SER G 357 52.01 -16.02 -10.58
C SER G 357 51.74 -16.09 -12.08
N ASP G 358 50.84 -15.23 -12.56
CA ASP G 358 50.53 -15.13 -13.98
C ASP G 358 51.00 -13.81 -14.58
N TYR G 359 50.91 -12.73 -13.81
CA TYR G 359 51.38 -11.42 -14.25
C TYR G 359 52.91 -11.37 -14.35
N ASP G 360 53.59 -12.02 -13.39
CA ASP G 360 55.05 -12.15 -13.40
C ASP G 360 55.52 -13.10 -14.52
N ARG G 361 54.55 -13.62 -15.28
CA ARG G 361 54.80 -14.50 -16.42
C ARG G 361 54.53 -13.77 -17.74
N GLU G 362 53.46 -12.97 -17.78
CA GLU G 362 53.04 -12.23 -18.97
C GLU G 362 54.13 -11.28 -19.48
N LYS G 363 54.43 -10.28 -18.67
CA LYS G 363 55.39 -9.22 -19.01
C LYS G 363 56.77 -9.79 -19.35
N LEU G 364 57.10 -10.93 -18.75
CA LEU G 364 58.41 -11.55 -18.92
C LEU G 364 58.58 -12.07 -20.34
N GLN G 365 57.63 -12.89 -20.81
CA GLN G 365 57.69 -13.39 -22.18
C GLN G 365 57.47 -12.29 -23.22
N GLU G 366 56.85 -11.20 -22.79
CA GLU G 366 56.70 -10.03 -23.65
C GLU G 366 58.07 -9.47 -24.01
N ARG G 367 58.93 -9.33 -23.01
CA ARG G 367 60.28 -8.81 -23.18
C ARG G 367 61.17 -9.77 -23.97
N VAL G 368 60.96 -11.08 -23.78
CA VAL G 368 61.73 -12.08 -24.50
C VAL G 368 61.44 -12.03 -25.99
N ALA G 369 60.18 -11.75 -26.33
CA ALA G 369 59.77 -11.66 -27.72
C ALA G 369 60.34 -10.39 -28.37
N LYS G 370 60.41 -9.32 -27.59
CA LYS G 370 60.99 -8.06 -28.03
C LYS G 370 62.47 -8.26 -28.36
N LEU G 371 63.13 -9.12 -27.60
CA LEU G 371 64.56 -9.38 -27.75
C LEU G 371 64.86 -10.54 -28.70
N ALA G 372 64.00 -11.57 -28.71
CA ALA G 372 64.20 -12.74 -29.56
C ALA G 372 63.59 -12.56 -30.94
N GLY G 373 63.08 -13.52 -30.19
CA GLY G 373 62.48 -13.50 -31.51
C GLY G 373 61.86 -12.16 -31.80
N GLY G 374 60.54 -12.16 -31.89
CA GLY G 374 59.82 -10.96 -32.23
C GLY G 374 58.43 -10.91 -31.66
N VAL G 375 57.73 -9.82 -31.96
CA VAL G 375 56.37 -9.61 -31.48
C VAL G 375 55.40 -9.39 -32.65
N ALA G 376 54.23 -10.01 -32.58
CA ALA G 376 53.25 -9.95 -33.65
C ALA G 376 51.90 -9.46 -33.17
N VAL G 377 51.21 -8.72 -34.04
CA VAL G 377 49.89 -8.22 -33.76
C VAL G 377 48.94 -8.74 -34.84
N ILE G 378 47.82 -9.31 -34.40
CA ILE G 378 46.76 -9.67 -35.34
C ILE G 378 45.69 -8.58 -35.28
N LYS G 379 45.42 -7.94 -36.42
CA LYS G 379 44.37 -6.92 -36.52
C LYS G 379 43.15 -7.55 -37.16
N VAL G 380 42.02 -7.47 -36.46
CA VAL G 380 40.77 -8.10 -36.88
C VAL G 380 39.90 -7.11 -37.66
N GLY G 381 39.42 -7.53 -38.82
CA GLY G 381 38.55 -6.68 -39.62
C GLY G 381 37.10 -7.09 -39.46
N ALA G 382 36.20 -6.11 -39.48
CA ALA G 382 34.76 -6.36 -39.56
C ALA G 382 34.05 -5.16 -40.12
N ALA G 383 32.83 -5.34 -40.63
CA ALA G 383 32.12 -4.22 -41.25
C ALA G 383 31.61 -3.26 -40.20
N THR G 384 30.95 -3.80 -39.18
CA THR G 384 30.35 -3.02 -38.11
C THR G 384 31.16 -3.21 -36.84
N GLU G 385 30.50 -3.01 -35.69
CA GLU G 385 31.13 -3.07 -34.39
C GLU G 385 30.61 -4.25 -33.58
N VAL G 386 29.34 -4.62 -33.77
CA VAL G 386 28.87 -5.85 -33.15
C VAL G 386 29.60 -7.02 -33.75
N GLU G 387 29.98 -6.89 -35.02
CA GLU G 387 30.76 -7.92 -35.69
C GLU G 387 32.19 -7.93 -35.15
N MET G 388 32.78 -6.75 -35.04
CA MET G 388 34.13 -6.62 -34.55
C MET G 388 34.30 -7.35 -33.23
N LYS G 389 33.33 -7.17 -32.32
CA LYS G 389 33.38 -7.72 -30.96
C LYS G 389 33.31 -9.23 -30.91
N GLU G 390 32.34 -9.83 -31.60
CA GLU G 390 32.24 -11.28 -31.64
C GLU G 390 33.45 -11.89 -32.40
N LYS G 391 33.91 -11.26 -33.48
CA LYS G 391 35.10 -11.77 -34.17
C LYS G 391 36.37 -11.66 -33.30
N LYS G 392 36.64 -10.46 -32.76
CA LYS G 392 37.82 -10.27 -31.93
C LYS G 392 37.85 -11.29 -30.81
N ALA G 393 36.67 -11.55 -30.24
CA ALA G 393 36.51 -12.55 -29.18
C ALA G 393 36.86 -13.96 -29.65
N ARG G 394 36.61 -14.30 -30.90
CA ARG G 394 36.89 -15.64 -31.36
C ARG G 394 38.39 -15.79 -31.65
N VAL G 395 39.00 -14.77 -32.28
CA VAL G 395 40.45 -14.79 -32.52
C VAL G 395 41.24 -14.85 -31.21
N GLU G 396 40.77 -14.11 -30.19
CA GLU G 396 41.34 -14.19 -28.86
C GLU G 396 41.24 -15.58 -28.29
N ASP G 397 40.08 -16.21 -28.49
CA ASP G 397 39.82 -17.60 -28.06
C ASP G 397 40.78 -18.59 -28.75
N ALA G 398 40.84 -18.56 -30.09
CA ALA G 398 41.77 -19.39 -30.82
C ALA G 398 43.22 -19.17 -30.41
N LEU G 399 43.62 -17.92 -30.26
CA LEU G 399 44.96 -17.61 -29.81
C LEU G 399 45.34 -18.37 -28.51
N HIS G 400 44.37 -18.51 -27.59
CA HIS G 400 44.60 -19.22 -26.33
C HIS G 400 44.64 -20.70 -26.58
N ALA G 401 43.72 -21.20 -27.40
CA ALA G 401 43.57 -22.64 -27.56
C ALA G 401 44.80 -23.23 -28.23
N THR G 402 45.40 -22.50 -29.16
CA THR G 402 46.64 -22.96 -29.77
C THR G 402 47.74 -22.95 -28.73
N ARG G 403 47.83 -21.91 -27.90
CA ARG G 403 48.89 -21.84 -26.88
C ARG G 403 48.81 -23.01 -25.90
N ALA G 404 47.62 -23.54 -25.71
CA ALA G 404 47.37 -24.66 -24.85
C ALA G 404 47.78 -25.94 -25.53
N ALA G 405 47.48 -26.05 -26.81
CA ALA G 405 47.85 -27.24 -27.56
C ALA G 405 49.37 -27.40 -27.58
N VAL G 406 50.05 -26.30 -27.83
CA VAL G 406 51.50 -26.30 -27.89
C VAL G 406 52.10 -26.79 -26.59
N GLU G 407 51.55 -26.39 -25.46
CA GLU G 407 52.15 -26.80 -24.19
C GLU G 407 51.63 -28.15 -23.68
N GLU G 408 50.52 -28.66 -24.21
CA GLU G 408 49.95 -29.88 -23.64
C GLU G 408 49.29 -30.91 -24.59
N GLY G 409 49.89 -30.41 -27.31
CA GLY G 409 49.45 -31.29 -28.37
C GLY G 409 47.97 -31.27 -28.66
N VAL G 410 47.53 -32.09 -29.62
CA VAL G 410 46.14 -32.15 -30.08
C VAL G 410 45.56 -33.56 -30.03
N VAL G 411 44.25 -33.64 -30.09
CA VAL G 411 43.53 -34.90 -30.09
C VAL G 411 42.33 -34.77 -31.00
N ALA G 412 41.70 -35.88 -31.35
CA ALA G 412 40.57 -35.88 -32.28
C ALA G 412 39.49 -35.05 -31.67
N GLY G 413 39.01 -34.03 -32.39
CA GLY G 413 37.86 -33.24 -32.01
C GLY G 413 36.48 -33.89 -32.11
N GLY G 414 35.40 -33.12 -32.06
CA GLY G 414 34.07 -33.69 -32.15
C GLY G 414 33.76 -34.45 -30.89
N GLY G 415 34.61 -34.20 -29.89
CA GLY G 415 34.58 -34.96 -28.66
C GLY G 415 34.80 -36.47 -28.84
N VAL G 416 35.55 -36.88 -29.88
CA VAL G 416 35.79 -38.30 -30.03
C VAL G 416 36.85 -38.75 -29.05
N ALA G 417 37.89 -37.93 -28.87
CA ALA G 417 38.92 -38.20 -27.86
C ALA G 417 38.24 -38.72 -26.61
N LEU G 418 37.32 -37.94 -26.05
CA LEU G 418 36.64 -38.36 -24.81
C LEU G 418 35.95 -39.71 -24.94
N ILE G 419 35.22 -39.92 -26.02
CA ILE G 419 34.52 -41.20 -26.24
C ILE G 419 35.49 -42.41 -26.28
N ARG G 420 36.70 -42.10 -26.74
CA ARG G 420 37.75 -43.08 -26.93
C ARG G 420 38.31 -43.45 -25.59
N VAL G 421 38.57 -42.44 -24.74
CA VAL G 421 39.07 -42.79 -23.42
C VAL G 421 38.00 -43.51 -22.59
N ALA G 422 36.73 -43.18 -22.77
CA ALA G 422 35.67 -43.97 -22.11
C ALA G 422 35.66 -45.50 -22.39
N SER G 423 36.07 -45.91 -23.58
CA SER G 423 36.10 -47.35 -23.83
C SER G 423 37.41 -47.94 -23.31
N LYS G 424 38.49 -47.16 -23.32
CA LYS G 424 39.70 -47.65 -22.69
C LYS G 424 39.51 -47.91 -21.20
N LEU G 425 38.64 -47.16 -20.54
CA LEU G 425 38.46 -47.30 -19.10
C LEU G 425 37.26 -48.20 -18.76
N ALA G 426 36.79 -48.95 -19.76
CA ALA G 426 35.65 -49.83 -19.56
C ALA G 426 35.89 -50.82 -18.45
N ASP G 427 37.17 -51.07 -18.15
CA ASP G 427 37.52 -52.06 -17.15
C ASP G 427 38.06 -51.51 -15.82
N LEU G 428 37.93 -50.20 -15.63
CA LEU G 428 38.30 -49.53 -14.39
C LEU G 428 37.33 -49.84 -13.26
N ARG G 429 37.86 -50.22 -12.10
CA ARG G 429 37.05 -50.45 -10.94
C ARG G 429 37.56 -49.72 -9.69
N GLY G 430 36.72 -49.61 -8.66
CA GLY G 430 37.11 -48.94 -7.44
C GLY G 430 37.23 -49.87 -6.25
N GLN G 431 37.18 -49.28 -5.05
CA GLN G 431 37.31 -50.04 -3.82
C GLN G 431 36.01 -50.71 -3.44
N ASN G 432 34.89 -50.32 -4.03
CA ASN G 432 33.61 -50.95 -3.69
C ASN G 432 32.58 -50.64 -4.74
N GLU G 433 31.38 -51.19 -4.62
CA GLU G 433 30.38 -50.98 -5.66
C GLU G 433 29.97 -49.52 -5.90
N ASP G 434 29.81 -48.73 -4.83
CA ASP G 434 29.44 -47.33 -5.02
C ASP G 434 30.52 -46.63 -5.81
N GLN G 435 31.79 -46.89 -5.53
CA GLN G 435 32.88 -46.29 -6.30
C GLN G 435 32.79 -46.67 -7.79
N ASN G 436 32.27 -47.87 -8.05
CA ASN G 436 32.12 -48.38 -9.41
C ASN G 436 31.09 -47.57 -10.17
N VAL G 437 29.91 -47.41 -9.59
CA VAL G 437 28.87 -46.58 -10.20
C VAL G 437 29.43 -45.18 -10.44
N GLY G 438 30.31 -44.75 -9.56
CA GLY G 438 30.90 -43.43 -9.66
C GLY G 438 31.79 -43.36 -10.87
N ILE G 439 32.48 -44.45 -11.18
CA ILE G 439 33.26 -44.50 -12.42
C ILE G 439 32.35 -44.49 -13.64
N LYS G 440 31.43 -45.45 -13.72
CA LYS G 440 30.47 -45.48 -14.83
C LYS G 440 29.75 -44.13 -15.06
N VAL G 441 29.46 -43.44 -13.99
CA VAL G 441 28.94 -42.06 -14.09
C VAL G 441 29.90 -41.12 -14.88
N ALA G 442 31.19 -41.08 -14.57
CA ALA G 442 32.06 -40.24 -15.38
C ALA G 442 32.18 -40.75 -16.81
N LEU G 443 32.31 -42.06 -16.99
CA LEU G 443 32.52 -42.57 -18.35
C LEU G 443 31.35 -42.15 -19.25
N ARG G 444 30.12 -42.37 -18.75
CA ARG G 444 28.88 -42.06 -19.45
C ARG G 444 28.80 -40.56 -19.76
N ALA G 445 29.42 -39.76 -18.93
CA ALA G 445 29.38 -38.32 -19.13
C ALA G 445 30.30 -37.96 -20.24
N MET G 446 31.31 -38.78 -20.44
CA MET G 446 32.36 -38.45 -21.39
C MET G 446 31.84 -38.40 -22.78
N GLU G 447 30.71 -39.07 -22.99
CA GLU G 447 29.98 -39.04 -24.25
C GLU G 447 29.23 -37.74 -24.49
N ALA G 448 29.08 -36.86 -23.49
CA ALA G 448 28.11 -35.76 -23.67
C ALA G 448 28.48 -34.69 -24.68
N PRO G 449 29.71 -34.22 -24.71
CA PRO G 449 30.04 -33.25 -25.75
C PRO G 449 29.62 -33.76 -27.12
N LEU G 450 30.01 -34.98 -27.51
CA LEU G 450 29.65 -35.50 -28.83
C LEU G 450 28.15 -35.47 -28.92
N ARG G 451 27.48 -35.93 -27.89
CA ARG G 451 26.03 -35.98 -27.90
C ARG G 451 25.34 -34.62 -28.07
N GLN G 452 25.91 -33.54 -27.50
CA GLN G 452 25.31 -32.19 -27.64
C GLN G 452 25.58 -31.64 -29.03
N ILE G 453 26.84 -31.84 -29.50
CA ILE G 453 27.23 -31.38 -30.84
C ILE G 453 26.21 -31.90 -31.85
N VAL G 454 25.91 -33.18 -31.77
CA VAL G 454 24.95 -33.75 -32.66
C VAL G 454 23.54 -33.21 -32.46
N LEU G 455 23.23 -32.83 -31.23
CA LEU G 455 21.87 -32.49 -30.92
C LEU G 455 21.58 -31.08 -31.41
N ASN G 456 22.58 -30.22 -31.29
CA ASN G 456 22.56 -28.92 -31.93
C ASN G 456 22.47 -28.97 -33.48
N CYS G 457 22.70 -30.10 -34.13
CA CYS G 457 22.55 -30.18 -35.58
C CYS G 457 21.20 -30.65 -35.90
N GLY G 458 20.36 -30.89 -34.92
CA GLY G 458 19.04 -31.38 -35.23
C GLY G 458 19.01 -32.86 -35.57
N GLU G 459 20.08 -33.55 -35.24
CA GLU G 459 20.21 -34.97 -35.55
C GLU G 459 20.26 -35.88 -34.33
N GLU G 460 19.96 -37.17 -34.56
CA GLU G 460 19.81 -38.17 -33.52
C GLU G 460 21.13 -38.46 -32.78
N PRO G 461 21.23 -38.10 -31.51
CA PRO G 461 22.54 -38.00 -30.89
C PRO G 461 23.03 -39.42 -30.54
N SER G 462 22.11 -40.25 -30.08
CA SER G 462 22.45 -41.61 -29.67
C SER G 462 22.86 -42.46 -30.92
N VAL G 463 22.19 -42.23 -32.05
CA VAL G 463 22.53 -42.92 -33.30
C VAL G 463 23.92 -42.53 -33.79
N VAL G 464 24.27 -41.24 -33.76
CA VAL G 464 25.65 -40.88 -34.08
C VAL G 464 26.61 -41.55 -33.11
N ALA G 465 26.35 -41.42 -31.81
CA ALA G 465 27.25 -41.99 -30.79
C ALA G 465 27.43 -43.51 -31.00
N ASN G 466 26.35 -44.25 -31.15
CA ASN G 466 26.48 -45.66 -31.41
C ASN G 466 27.46 -45.92 -32.53
N THR G 467 27.33 -45.23 -33.65
CA THR G 467 28.25 -45.49 -34.77
C THR G 467 29.67 -44.92 -34.60
N VAL G 468 29.89 -43.86 -33.85
CA VAL G 468 31.27 -43.50 -33.58
C VAL G 468 31.92 -44.55 -32.65
N LYS G 469 31.13 -45.07 -31.71
CA LYS G 469 31.64 -46.05 -30.74
C LYS G 469 31.84 -47.39 -31.42
N GLY G 470 31.24 -47.60 -32.58
CA GLY G 470 31.54 -48.78 -33.37
C GLY G 470 32.91 -48.74 -34.05
N GLY G 471 33.52 -47.56 -34.11
CA GLY G 471 34.76 -47.36 -34.84
C GLY G 471 35.97 -47.45 -33.95
N ASP G 472 37.11 -46.93 -34.41
CA ASP G 472 38.36 -46.93 -33.63
C ASP G 472 39.22 -45.72 -33.85
N GLY G 473 40.26 -45.57 -33.05
CA GLY G 473 41.18 -44.45 -33.17
C GLY G 473 40.51 -43.11 -33.37
N ASN G 474 40.80 -42.47 -34.48
CA ASN G 474 40.37 -41.13 -34.72
C ASN G 474 39.15 -41.04 -35.60
N TYR G 475 38.36 -42.09 -35.68
CA TYR G 475 37.15 -42.07 -36.50
C TYR G 475 36.11 -41.30 -35.75
N GLY G 476 35.45 -40.36 -36.42
CA GLY G 476 34.46 -39.51 -35.77
C GLY G 476 33.39 -39.01 -36.71
N TYR G 477 32.52 -38.12 -36.21
CA TYR G 477 31.46 -37.53 -37.01
C TYR G 477 31.91 -36.16 -37.30
N ASN G 478 31.73 -35.77 -38.55
CA ASN G 478 31.98 -34.39 -38.96
C ASN G 478 30.65 -33.68 -39.10
N ALA G 479 30.32 -32.91 -38.06
CA ALA G 479 29.01 -32.25 -37.95
C ALA G 479 28.79 -31.22 -39.04
N ALA G 480 29.86 -30.53 -39.43
CA ALA G 480 29.81 -29.60 -40.56
C ALA G 480 29.29 -30.28 -41.81
N THR G 481 29.93 -31.37 -42.21
CA THR G 481 29.62 -31.97 -43.51
C THR G 481 28.65 -33.13 -43.40
N GLU G 482 28.29 -33.53 -42.18
CA GLU G 482 27.30 -34.61 -42.00
C GLU G 482 27.78 -35.99 -42.46
N GLU G 483 29.09 -36.24 -42.45
CA GLU G 483 29.57 -37.58 -42.73
C GLU G 483 30.75 -37.99 -41.85
N TYR G 484 30.88 -39.31 -41.63
CA TYR G 484 31.90 -39.85 -40.70
C TYR G 484 33.26 -39.93 -41.41
N GLY G 485 34.35 -40.00 -40.65
CA GLY G 485 35.68 -40.01 -41.23
C GLY G 485 36.76 -39.93 -40.16
N ASN G 486 38.00 -39.76 -40.59
CA ASN G 486 39.09 -39.62 -39.66
C ASN G 486 39.21 -38.14 -39.26
N MET G 487 38.95 -37.83 -37.98
CA MET G 487 38.91 -36.41 -37.54
C MET G 487 40.22 -35.66 -37.76
N ILE G 488 41.36 -36.30 -37.58
CA ILE G 488 42.62 -35.58 -37.77
C ILE G 488 42.84 -35.25 -39.25
N ASP G 489 42.37 -36.15 -40.11
CA ASP G 489 42.49 -35.97 -41.56
C ASP G 489 41.57 -34.87 -42.02
N MET G 490 40.40 -34.76 -41.40
CA MET G 490 39.48 -33.71 -41.76
C MET G 490 39.81 -32.39 -41.09
N GLY G 491 40.90 -32.33 -40.34
CA GLY G 491 41.31 -31.09 -39.73
C GLY G 491 40.53 -30.68 -38.47
N ILE G 492 39.63 -31.53 -38.00
CA ILE G 492 38.90 -31.28 -36.78
C ILE G 492 39.68 -31.70 -35.53
N LEU G 493 40.65 -30.89 -35.10
CA LEU G 493 41.44 -31.17 -33.89
C LEU G 493 41.13 -30.24 -32.71
N ASP G 494 40.85 -30.76 -31.50
CA ASP G 494 40.89 -29.96 -30.24
C ASP G 494 42.24 -30.04 -29.55
N PRO G 495 42.69 -28.99 -28.88
CA PRO G 495 43.98 -29.06 -28.20
C PRO G 495 43.82 -29.88 -26.92
N THR G 496 44.88 -30.65 -26.59
CA THR G 496 44.78 -31.61 -25.49
C THR G 496 44.53 -30.87 -24.18
N LYS G 497 45.39 -29.89 -23.90
CA LYS G 497 45.23 -29.06 -22.72
C LYS G 497 43.76 -28.61 -22.54
N VAL G 498 43.11 -28.13 -23.59
CA VAL G 498 41.71 -27.82 -23.37
C VAL G 498 40.85 -29.03 -23.08
N THR G 499 40.98 -30.13 -23.79
CA THR G 499 40.05 -31.25 -23.48
C THR G 499 40.23 -31.76 -22.05
N ARG G 500 41.50 -31.88 -21.66
CA ARG G 500 41.90 -32.31 -20.34
C ARG G 500 41.26 -31.38 -19.32
N SER G 501 41.53 -30.08 -19.50
CA SER G 501 41.10 -29.04 -18.58
C SER G 501 39.59 -28.99 -18.47
N ALA G 502 38.87 -29.06 -19.59
CA ALA G 502 37.43 -29.18 -19.48
C ALA G 502 37.15 -30.26 -18.47
N LEU G 503 37.65 -31.47 -18.72
CA LEU G 503 37.32 -32.61 -17.85
C LEU G 503 37.67 -32.42 -16.40
N GLN G 504 38.90 -32.01 -16.12
CA GLN G 504 39.34 -31.92 -14.75
C GLN G 504 38.41 -30.98 -13.95
N TYR G 505 38.10 -29.82 -14.51
CA TYR G 505 37.29 -28.82 -13.83
C TYR G 505 35.85 -29.23 -13.69
N ALA G 506 35.23 -29.71 -14.74
CA ALA G 506 33.86 -30.14 -14.54
C ALA G 506 33.82 -31.14 -13.41
N ALA G 507 34.76 -32.10 -13.43
CA ALA G 507 34.77 -33.22 -12.45
C ALA G 507 34.91 -32.69 -11.05
N SER G 508 35.88 -31.79 -10.90
CA SER G 508 36.09 -31.15 -9.63
C SER G 508 34.80 -30.55 -9.07
N VAL G 509 34.17 -29.62 -9.79
CA VAL G 509 32.94 -29.06 -9.24
C VAL G 509 31.86 -30.12 -9.11
N ALA G 510 31.47 -30.79 -10.19
CA ALA G 510 30.30 -31.70 -10.07
C ALA G 510 30.48 -32.82 -9.02
N GLY G 511 31.75 -33.18 -8.79
CA GLY G 511 32.11 -34.18 -7.82
C GLY G 511 31.62 -33.73 -6.47
N LEU G 512 32.10 -32.56 -6.02
CA LEU G 512 31.59 -31.91 -4.80
C LEU G 512 30.09 -31.75 -4.77
N MET G 513 29.56 -31.29 -5.88
CA MET G 513 28.16 -30.92 -5.96
C MET G 513 27.23 -32.07 -5.58
N ILE G 514 27.57 -33.27 -5.98
CA ILE G 514 26.66 -34.37 -5.75
C ILE G 514 26.68 -34.88 -4.31
N THR G 515 27.60 -34.37 -3.48
CA THR G 515 27.70 -34.81 -2.11
C THR G 515 26.89 -33.90 -1.16
N THR G 516 25.96 -33.13 -1.72
CA THR G 516 25.25 -32.07 -1.00
C THR G 516 24.04 -32.66 -0.32
N GLU G 517 23.94 -32.46 1.00
CA GLU G 517 22.80 -32.99 1.71
C GLU G 517 21.97 -31.86 2.30
N CYS G 518 22.58 -30.69 2.42
CA CYS G 518 21.89 -29.57 2.99
C CYS G 518 22.35 -28.24 2.41
N MET G 519 21.43 -27.29 2.26
CA MET G 519 21.76 -26.01 1.66
C MET G 519 21.25 -24.88 2.52
N VAL G 520 22.09 -23.85 2.69
CA VAL G 520 21.79 -22.75 3.58
C VAL G 520 21.93 -21.42 2.86
N THR G 521 20.82 -20.70 2.73
CA THR G 521 20.76 -19.40 2.04
C THR G 521 19.83 -18.39 2.72
N ASP G 522 19.84 -17.14 2.25
CA ASP G 522 18.93 -16.08 2.69
C ASP G 522 17.48 -16.30 2.32
N LEU G 523 16.59 -15.67 3.07
CA LEU G 523 15.16 -15.77 2.82
C LEU G 523 14.74 -14.95 1.59
N PRO G 524 13.73 -15.43 0.87
CA PRO G 524 13.20 -14.74 -0.32
C PRO G 524 12.59 -13.34 -0.06
N ALA H 1 -36.50 -1.22 -19.90
CA ALA H 1 -35.22 -1.17 -19.16
C ALA H 1 -34.51 0.15 -19.46
N ALA H 2 -33.73 0.62 -18.50
CA ALA H 2 -32.78 1.67 -18.73
C ALA H 2 -31.91 1.32 -19.95
N LYS H 3 -31.69 2.32 -20.79
CA LYS H 3 -30.94 2.20 -22.03
C LYS H 3 -29.57 2.83 -21.92
N ASP H 4 -28.64 2.31 -22.70
CA ASP H 4 -27.32 2.92 -22.89
C ASP H 4 -27.40 3.69 -24.22
N VAL H 5 -26.90 4.92 -24.24
CA VAL H 5 -26.87 5.66 -25.50
C VAL H 5 -25.49 6.19 -25.79
N LYS H 6 -25.04 5.96 -27.03
CA LYS H 6 -23.70 6.33 -27.44
C LYS H 6 -23.79 7.20 -28.67
N PHE H 7 -22.88 8.16 -28.75
CA PHE H 7 -22.92 9.15 -29.80
C PHE H 7 -21.69 9.17 -30.70
N GLY H 8 -21.93 9.50 -31.96
CA GLY H 8 -20.90 9.91 -32.87
C GLY H 8 -19.87 8.83 -33.08
N ASN H 9 -18.62 9.21 -32.89
CA ASN H 9 -17.54 8.29 -33.15
C ASN H 9 -17.61 7.04 -32.29
N ASP H 10 -17.87 7.19 -30.99
CA ASP H 10 -17.95 6.03 -30.13
C ASP H 10 -18.97 5.06 -30.61
N ALA H 11 -20.18 5.54 -30.89
CA ALA H 11 -21.20 4.63 -31.39
C ALA H 11 -20.66 3.85 -32.59
N ARG H 12 -19.98 4.58 -33.47
CA ARG H 12 -19.56 4.07 -34.79
C ARG H 12 -18.41 3.06 -34.70
N VAL H 13 -17.37 3.37 -33.94
CA VAL H 13 -16.34 2.39 -33.71
C VAL H 13 -16.93 1.07 -33.20
N LYS H 14 -17.78 1.13 -32.18
CA LYS H 14 -18.46 -0.09 -31.75
C LYS H 14 -19.28 -0.72 -32.87
N MET H 15 -20.07 0.03 -33.60
CA MET H 15 -20.89 -0.58 -34.66
C MET H 15 -20.05 -1.34 -35.66
N LEU H 16 -18.82 -0.85 -35.90
CA LEU H 16 -17.99 -1.38 -36.94
C LEU H 16 -17.41 -2.69 -36.42
N ARG H 17 -16.84 -2.63 -35.22
CA ARG H 17 -16.34 -3.85 -34.57
C ARG H 17 -17.34 -5.01 -34.69
N GLY H 18 -18.60 -4.70 -34.55
CA GLY H 18 -19.66 -5.69 -34.69
C GLY H 18 -19.63 -6.26 -36.07
N VAL H 19 -19.84 -5.40 -37.07
CA VAL H 19 -19.75 -5.76 -38.49
C VAL H 19 -18.52 -6.64 -38.76
N ASN H 20 -17.33 -6.18 -38.41
CA ASN H 20 -16.17 -7.00 -38.62
C ASN H 20 -16.26 -8.45 -38.11
N VAL H 21 -16.65 -8.64 -36.87
CA VAL H 21 -16.72 -10.00 -36.32
C VAL H 21 -17.57 -10.88 -37.23
N LEU H 22 -18.77 -10.41 -37.59
CA LEU H 22 -19.61 -11.16 -38.51
C LEU H 22 -18.93 -11.26 -39.87
N ALA H 23 -18.57 -10.13 -40.49
CA ALA H 23 -17.85 -10.15 -41.77
C ALA H 23 -16.67 -11.10 -41.76
N ASP H 24 -15.74 -10.92 -40.83
CA ASP H 24 -14.61 -11.87 -40.74
C ASP H 24 -14.96 -13.35 -40.63
N ALA H 25 -16.03 -13.71 -39.94
CA ALA H 25 -16.38 -15.11 -39.86
C ALA H 25 -16.96 -15.54 -41.19
N VAL H 26 -17.52 -14.62 -41.96
CA VAL H 26 -18.19 -15.10 -43.17
C VAL H 26 -17.17 -15.18 -44.33
N LYS H 27 -16.28 -14.19 -44.35
CA LYS H 27 -15.24 -14.02 -45.34
C LYS H 27 -14.40 -15.26 -45.56
N VAL H 28 -14.20 -16.08 -44.51
CA VAL H 28 -13.18 -17.12 -44.64
C VAL H 28 -13.63 -18.21 -45.59
N THR H 29 -14.90 -18.14 -45.98
CA THR H 29 -15.45 -19.17 -46.82
C THR H 29 -15.56 -18.77 -48.26
N LEU H 30 -15.23 -17.53 -48.60
CA LEU H 30 -15.41 -17.06 -49.97
C LEU H 30 -14.44 -17.67 -50.97
N GLY H 31 -14.99 -18.21 -52.05
CA GLY H 31 -14.15 -18.67 -53.14
C GLY H 31 -13.70 -20.11 -53.13
N PRO H 32 -13.08 -20.55 -54.22
CA PRO H 32 -12.65 -21.95 -54.31
C PRO H 32 -11.64 -22.36 -53.25
N LYS H 33 -10.73 -21.51 -52.80
CA LYS H 33 -9.85 -21.81 -51.67
C LYS H 33 -10.45 -21.27 -50.35
N GLY H 34 -11.77 -21.20 -50.34
CA GLY H 34 -12.51 -20.96 -49.12
C GLY H 34 -12.41 -22.17 -48.19
N ARG H 35 -12.38 -21.88 -46.89
CA ARG H 35 -12.34 -22.88 -45.83
C ARG H 35 -13.71 -22.97 -45.14
N ASN H 36 -13.87 -23.88 -44.20
CA ASN H 36 -15.15 -24.02 -43.55
C ASN H 36 -15.19 -23.36 -42.20
N VAL H 37 -16.41 -23.13 -41.73
CA VAL H 37 -16.66 -22.66 -40.37
C VAL H 37 -17.45 -23.73 -39.63
N VAL H 38 -17.09 -23.96 -38.37
CA VAL H 38 -17.82 -24.87 -37.50
C VAL H 38 -18.82 -24.14 -36.62
N LEU H 39 -20.08 -24.56 -36.70
CA LEU H 39 -21.15 -23.93 -35.95
C LEU H 39 -21.76 -24.83 -34.87
N ASP H 40 -21.44 -24.53 -33.62
CA ASP H 40 -22.01 -25.26 -32.51
C ASP H 40 -23.53 -25.29 -32.47
N LYS H 41 -24.06 -26.31 -31.82
CA LYS H 41 -25.49 -26.52 -31.72
C LYS H 41 -25.64 -27.49 -30.55
N SER H 42 -26.10 -26.99 -29.38
CA SER H 42 -26.28 -27.90 -28.22
C SER H 42 -27.08 -29.13 -28.70
N PHE H 43 -28.32 -28.88 -29.12
CA PHE H 43 -29.18 -29.75 -29.95
C PHE H 43 -28.53 -31.05 -30.45
N GLY H 44 -27.76 -30.98 -31.55
CA GLY H 44 -27.13 -32.16 -32.14
C GLY H 44 -25.62 -32.02 -32.21
N ALA H 45 -25.00 -32.66 -33.20
CA ALA H 45 -23.57 -32.48 -33.41
C ALA H 45 -23.39 -31.11 -34.03
N PRO H 46 -22.22 -30.51 -33.91
CA PRO H 46 -21.92 -29.31 -34.67
C PRO H 46 -22.11 -29.50 -36.16
N THR H 47 -22.09 -28.37 -36.85
CA THR H 47 -22.33 -28.31 -38.28
C THR H 47 -21.07 -27.79 -38.90
N ILE H 48 -20.60 -28.44 -39.96
CA ILE H 48 -19.54 -27.81 -40.74
C ILE H 48 -20.22 -27.18 -41.95
N THR H 49 -19.84 -25.97 -42.31
CA THR H 49 -20.51 -25.29 -43.43
C THR H 49 -19.66 -24.22 -44.09
N LYS H 50 -19.82 -24.10 -45.41
CA LYS H 50 -19.18 -23.07 -46.24
C LYS H 50 -20.13 -21.89 -46.49
N ASP H 51 -21.42 -22.15 -46.24
CA ASP H 51 -22.54 -21.33 -46.66
C ASP H 51 -22.70 -20.06 -45.86
N GLY H 52 -22.38 -18.96 -46.50
CA GLY H 52 -22.24 -17.66 -45.83
C GLY H 52 -23.37 -17.19 -44.92
N VAL H 53 -24.61 -17.44 -45.36
CA VAL H 53 -25.76 -17.01 -44.60
C VAL H 53 -25.81 -17.83 -43.32
N SER H 54 -25.42 -19.10 -43.41
CA SER H 54 -25.49 -19.98 -42.26
C SER H 54 -24.58 -19.54 -41.14
N VAL H 55 -23.36 -19.13 -41.47
CA VAL H 55 -22.48 -18.55 -40.48
C VAL H 55 -23.12 -17.30 -39.93
N ALA H 56 -23.62 -16.42 -40.82
CA ALA H 56 -24.18 -15.11 -40.42
C ALA H 56 -25.28 -15.20 -39.39
N ARG H 57 -26.34 -15.93 -39.71
CA ARG H 57 -27.43 -16.18 -38.75
C ARG H 57 -27.03 -16.65 -37.33
N GLU H 58 -25.79 -17.10 -37.13
CA GLU H 58 -25.38 -17.52 -35.79
C GLU H 58 -24.62 -16.45 -35.02
N ILE H 59 -24.11 -15.43 -35.67
CA ILE H 59 -23.37 -14.45 -34.91
C ILE H 59 -24.32 -13.58 -34.10
N GLU H 60 -24.03 -13.50 -32.80
CA GLU H 60 -24.67 -12.60 -31.84
C GLU H 60 -23.57 -12.23 -30.86
N LEU H 61 -23.39 -10.96 -30.55
CA LEU H 61 -22.24 -10.62 -29.73
C LEU H 61 -22.66 -10.23 -28.31
N GLU H 62 -21.67 -10.12 -27.41
CA GLU H 62 -22.03 -9.82 -26.05
C GLU H 62 -22.19 -8.34 -25.78
N ASP H 63 -21.22 -7.55 -26.25
CA ASP H 63 -21.26 -6.10 -26.21
C ASP H 63 -22.43 -5.63 -27.04
N LYS H 64 -23.34 -4.92 -26.42
CA LYS H 64 -24.67 -4.79 -26.95
C LYS H 64 -24.68 -3.95 -28.22
N PHE H 65 -23.68 -3.08 -28.35
CA PHE H 65 -23.56 -2.15 -29.46
C PHE H 65 -22.96 -2.90 -30.65
N GLU H 66 -21.84 -3.59 -30.40
CA GLU H 66 -21.23 -4.47 -31.38
C GLU H 66 -22.31 -5.37 -31.87
N ASN H 67 -23.13 -5.93 -30.98
CA ASN H 67 -24.20 -6.78 -31.43
C ASN H 67 -25.03 -6.16 -32.53
N MET H 68 -25.38 -4.88 -32.33
CA MET H 68 -26.26 -4.15 -33.21
C MET H 68 -25.64 -4.04 -34.62
N GLY H 69 -24.36 -3.68 -34.67
CA GLY H 69 -23.59 -3.81 -35.89
C GLY H 69 -23.85 -5.14 -36.59
N ALA H 70 -23.46 -6.25 -35.95
CA ALA H 70 -23.62 -7.55 -36.56
C ALA H 70 -25.06 -7.88 -36.91
N GLN H 71 -26.01 -7.46 -36.10
CA GLN H 71 -27.39 -7.84 -36.35
C GLN H 71 -27.97 -7.17 -37.58
N MET H 72 -27.30 -6.10 -38.01
CA MET H 72 -27.76 -5.32 -39.15
C MET H 72 -27.18 -5.85 -40.47
N VAL H 73 -25.85 -5.95 -40.59
CA VAL H 73 -25.23 -6.57 -41.75
C VAL H 73 -25.77 -7.98 -41.95
N LYS H 74 -26.09 -8.67 -40.87
CA LYS H 74 -26.65 -10.00 -41.00
C LYS H 74 -27.84 -10.00 -42.00
N GLU H 75 -28.40 -8.84 -42.26
CA GLU H 75 -29.58 -8.77 -43.10
C GLU H 75 -29.22 -8.82 -44.59
N VAL H 76 -28.03 -8.37 -44.94
CA VAL H 76 -27.66 -8.41 -46.34
C VAL H 76 -27.55 -9.90 -46.73
N ALA H 77 -26.75 -10.65 -45.95
CA ALA H 77 -26.51 -12.06 -46.22
C ALA H 77 -27.84 -12.79 -46.15
N SER H 78 -28.72 -12.31 -45.29
CA SER H 78 -29.97 -12.97 -45.18
C SER H 78 -30.88 -12.73 -46.40
N LYS H 79 -30.92 -11.46 -46.81
CA LYS H 79 -31.75 -11.05 -47.94
C LYS H 79 -31.28 -11.63 -49.30
N ALA H 80 -29.97 -11.48 -49.57
CA ALA H 80 -29.34 -12.20 -50.68
C ALA H 80 -29.92 -13.63 -50.81
N ASN H 81 -29.80 -14.40 -49.71
CA ASN H 81 -30.25 -15.75 -49.68
C ASN H 81 -31.71 -15.93 -50.12
N ASP H 82 -32.60 -15.04 -49.71
CA ASP H 82 -34.05 -15.26 -49.94
C ASP H 82 -34.45 -15.00 -51.37
N ALA H 83 -33.63 -14.17 -52.01
CA ALA H 83 -33.88 -13.71 -53.38
C ALA H 83 -33.13 -14.57 -54.39
N ALA H 84 -31.80 -14.48 -54.29
CA ALA H 84 -30.86 -15.25 -55.12
C ALA H 84 -30.84 -16.75 -54.80
N GLY H 85 -30.33 -17.11 -53.62
CA GLY H 85 -30.06 -18.49 -53.24
C GLY H 85 -28.55 -18.70 -53.11
N ASP H 86 -27.75 -17.68 -53.46
CA ASP H 86 -26.30 -17.79 -53.43
C ASP H 86 -25.74 -16.37 -53.34
N GLY H 87 -24.42 -16.22 -53.28
CA GLY H 87 -23.85 -14.89 -53.21
C GLY H 87 -23.88 -14.19 -51.85
N THR H 88 -24.39 -14.89 -50.83
CA THR H 88 -24.56 -14.37 -49.47
C THR H 88 -23.20 -13.97 -48.89
N THR H 89 -22.15 -14.73 -49.16
CA THR H 89 -20.85 -14.28 -48.71
C THR H 89 -20.43 -13.03 -49.44
N THR H 90 -20.64 -12.99 -50.76
CA THR H 90 -20.17 -11.85 -51.57
C THR H 90 -20.87 -10.64 -50.99
N ALA H 91 -22.21 -10.75 -50.98
CA ALA H 91 -23.04 -9.71 -50.40
C ALA H 91 -22.36 -9.21 -49.10
N THR H 92 -22.03 -10.12 -48.19
CA THR H 92 -21.52 -9.72 -46.89
C THR H 92 -20.22 -8.95 -47.05
N VAL H 93 -19.40 -9.42 -47.97
CA VAL H 93 -18.05 -8.85 -48.11
C VAL H 93 -18.08 -7.43 -48.72
N LEU H 94 -19.09 -7.21 -49.58
CA LEU H 94 -19.27 -5.91 -50.19
C LEU H 94 -19.75 -5.02 -49.10
N ALA H 95 -20.75 -5.48 -48.35
CA ALA H 95 -21.34 -4.65 -47.28
C ALA H 95 -20.29 -4.22 -46.29
N GLN H 96 -19.39 -5.10 -45.95
CA GLN H 96 -18.38 -4.71 -44.95
C GLN H 96 -17.45 -3.67 -45.53
N ALA H 97 -17.41 -3.61 -46.86
CA ALA H 97 -16.40 -2.82 -47.56
C ALA H 97 -16.90 -1.41 -47.71
N ILE H 98 -18.16 -1.33 -48.13
CA ILE H 98 -18.80 -0.04 -48.23
C ILE H 98 -18.74 0.64 -46.83
N ILE H 99 -19.12 -0.10 -45.78
CA ILE H 99 -19.14 0.41 -44.40
C ILE H 99 -17.77 0.92 -44.01
N THR H 100 -16.74 0.11 -44.20
CA THR H 100 -15.43 0.50 -43.72
C THR H 100 -15.06 1.81 -44.39
N GLU H 101 -15.36 1.90 -45.69
CA GLU H 101 -14.86 3.01 -46.50
C GLU H 101 -15.71 4.24 -46.23
N GLY H 102 -17.02 4.02 -46.22
CA GLY H 102 -17.97 4.98 -45.69
C GLY H 102 -17.49 5.65 -44.40
N LEU H 103 -17.47 4.89 -43.30
CA LEU H 103 -17.17 5.50 -42.00
C LEU H 103 -15.86 6.23 -42.04
N LYS H 104 -14.94 5.81 -42.91
CA LYS H 104 -13.68 6.52 -42.99
C LYS H 104 -13.89 7.93 -43.54
N ALA H 105 -14.85 8.04 -44.47
CA ALA H 105 -15.17 9.32 -45.08
C ALA H 105 -15.94 10.18 -44.08
N VAL H 106 -16.87 9.55 -43.33
CA VAL H 106 -17.65 10.27 -42.34
C VAL H 106 -16.69 10.89 -41.33
N ALA H 107 -15.61 10.18 -41.05
CA ALA H 107 -14.61 10.69 -40.13
C ALA H 107 -13.76 11.79 -40.76
N ALA H 108 -13.91 11.98 -42.07
CA ALA H 108 -13.19 13.02 -42.79
C ALA H 108 -13.95 14.35 -42.78
N GLY H 109 -15.15 14.33 -42.20
CA GLY H 109 -16.03 15.48 -42.22
C GLY H 109 -17.07 15.51 -43.34
N MET H 110 -17.08 14.52 -44.21
CA MET H 110 -18.15 14.36 -45.18
C MET H 110 -19.53 14.20 -44.56
N ASN H 111 -20.55 14.57 -45.32
CA ASN H 111 -21.93 14.50 -44.89
C ASN H 111 -22.53 13.13 -45.19
N PRO H 112 -22.80 12.33 -44.18
CA PRO H 112 -23.19 10.93 -44.42
C PRO H 112 -24.35 10.80 -45.37
N MET H 113 -25.37 11.62 -45.22
CA MET H 113 -26.54 11.44 -46.04
C MET H 113 -26.27 11.63 -47.53
N ASP H 114 -25.16 12.30 -47.87
CA ASP H 114 -24.72 12.52 -49.23
C ASP H 114 -23.91 11.30 -49.69
N LEU H 115 -23.03 10.82 -48.82
CA LEU H 115 -22.23 9.64 -49.12
C LEU H 115 -23.21 8.57 -49.48
N LYS H 116 -24.28 8.45 -48.73
CA LYS H 116 -25.33 7.52 -49.09
C LYS H 116 -25.91 7.74 -50.50
N ARG H 117 -26.31 8.97 -50.83
CA ARG H 117 -26.85 9.27 -52.16
C ARG H 117 -25.87 8.88 -53.28
N GLY H 118 -24.58 9.04 -53.04
CA GLY H 118 -23.55 8.69 -53.99
C GLY H 118 -23.54 7.20 -54.20
N ILE H 119 -23.23 6.44 -53.13
CA ILE H 119 -23.32 4.99 -53.10
C ILE H 119 -24.55 4.57 -53.85
N ASP H 120 -25.72 5.13 -53.52
CA ASP H 120 -26.94 4.60 -54.16
C ASP H 120 -26.91 4.81 -55.68
N LYS H 121 -26.51 5.99 -56.11
CA LYS H 121 -26.43 6.31 -57.51
C LYS H 121 -25.43 5.40 -58.21
N ALA H 122 -24.26 5.23 -57.58
CA ALA H 122 -23.23 4.32 -58.14
C ALA H 122 -23.82 2.94 -58.34
N VAL H 123 -24.58 2.48 -57.37
CA VAL H 123 -25.22 1.17 -57.50
C VAL H 123 -26.29 1.11 -58.61
N THR H 124 -27.12 2.13 -58.75
CA THR H 124 -28.20 2.07 -59.73
C THR H 124 -27.60 1.91 -61.13
N ALA H 125 -26.37 2.41 -61.24
CA ALA H 125 -25.65 2.47 -62.50
C ALA H 125 -24.96 1.12 -62.74
N ALA H 126 -24.33 0.62 -61.70
CA ALA H 126 -23.73 -0.71 -61.73
C ALA H 126 -24.81 -1.74 -62.07
N VAL H 127 -26.00 -1.62 -61.55
CA VAL H 127 -27.03 -2.59 -61.92
C VAL H 127 -27.36 -2.57 -63.39
N GLU H 128 -27.52 -1.37 -63.95
CA GLU H 128 -27.72 -1.17 -65.38
C GLU H 128 -26.58 -1.80 -66.19
N GLU H 129 -25.34 -1.54 -65.77
CA GLU H 129 -24.18 -2.00 -66.47
C GLU H 129 -24.09 -3.51 -66.50
N LEU H 130 -24.32 -4.16 -65.35
CA LEU H 130 -24.52 -5.61 -65.29
C LEU H 130 -25.61 -6.14 -66.20
N LYS H 131 -26.75 -5.47 -66.33
CA LYS H 131 -27.74 -5.98 -67.28
C LYS H 131 -27.12 -6.07 -68.69
N ALA H 132 -26.13 -5.22 -68.93
CA ALA H 132 -25.59 -5.06 -70.27
C ALA H 132 -24.68 -6.25 -70.57
N LEU H 133 -23.69 -6.43 -69.67
CA LEU H 133 -22.75 -7.57 -69.63
C LEU H 133 -23.38 -8.94 -69.60
N SER H 134 -24.46 -9.09 -68.88
CA SER H 134 -25.11 -10.38 -68.83
C SER H 134 -25.41 -10.90 -70.23
N VAL H 135 -25.04 -12.13 -70.45
CA VAL H 135 -25.44 -12.79 -71.65
C VAL H 135 -26.35 -13.92 -71.20
N PRO H 136 -27.27 -11.88 -70.33
CA PRO H 136 -28.40 -12.78 -70.47
C PRO H 136 -28.07 -14.21 -70.05
N CYS H 137 -29.13 -14.99 -69.90
CA CYS H 137 -29.03 -16.37 -69.51
C CYS H 137 -30.21 -17.05 -70.14
N SER H 138 -30.02 -17.57 -71.35
CA SER H 138 -31.13 -18.23 -72.04
C SER H 138 -30.94 -19.70 -72.43
N ASP H 139 -29.95 -19.97 -73.28
CA ASP H 139 -29.68 -21.33 -73.75
C ASP H 139 -29.42 -22.28 -72.59
N SER H 140 -29.77 -23.55 -72.78
CA SER H 140 -29.57 -24.57 -71.77
C SER H 140 -28.15 -24.55 -71.23
N LYS H 141 -27.24 -23.93 -71.98
CA LYS H 141 -25.85 -23.82 -71.55
C LYS H 141 -25.76 -22.88 -70.37
N ALA H 142 -26.10 -21.62 -70.62
CA ALA H 142 -26.07 -20.59 -69.59
C ALA H 142 -26.82 -21.06 -68.36
N ILE H 143 -27.87 -21.85 -68.60
CA ILE H 143 -28.71 -22.38 -67.53
C ILE H 143 -27.97 -23.37 -66.65
N ALA H 144 -27.55 -24.49 -67.22
CA ALA H 144 -26.82 -25.47 -66.43
C ALA H 144 -25.58 -24.75 -65.92
N GLN H 145 -25.17 -23.72 -66.68
CA GLN H 145 -24.04 -22.90 -66.34
C GLN H 145 -24.29 -22.40 -64.94
N VAL H 146 -25.00 -21.28 -64.85
CA VAL H 146 -25.35 -20.66 -63.57
C VAL H 146 -25.76 -21.67 -62.52
N GLY H 147 -26.58 -22.65 -62.92
CA GLY H 147 -27.02 -23.66 -61.99
C GLY H 147 -25.84 -24.31 -61.31
N THR H 148 -25.04 -25.05 -62.06
CA THR H 148 -23.87 -25.73 -61.51
C THR H 148 -23.04 -24.81 -60.62
N ILE H 149 -23.04 -23.51 -60.94
CA ILE H 149 -22.27 -22.52 -60.16
C ILE H 149 -22.90 -22.31 -58.80
N SER H 150 -24.15 -21.86 -58.82
CA SER H 150 -24.91 -21.60 -57.61
C SER H 150 -25.06 -22.87 -56.77
N ALA H 151 -24.84 -24.00 -57.41
CA ALA H 151 -24.91 -25.30 -56.76
C ALA H 151 -23.53 -25.59 -56.18
N ASN H 152 -22.61 -24.65 -56.39
CA ASN H 152 -21.25 -24.77 -55.89
C ASN H 152 -20.40 -25.71 -56.74
N SER H 153 -20.17 -25.32 -57.98
CA SER H 153 -19.33 -26.11 -58.88
C SER H 153 -19.96 -27.41 -59.37
N ASP H 154 -20.74 -28.06 -58.52
CA ASP H 154 -21.38 -29.32 -58.90
C ASP H 154 -22.11 -29.22 -60.22
N GLU H 155 -21.47 -29.71 -61.29
CA GLU H 155 -22.04 -29.68 -62.62
C GLU H 155 -23.31 -30.51 -62.75
N THR H 156 -23.33 -31.67 -62.10
CA THR H 156 -24.48 -32.58 -62.18
C THR H 156 -25.73 -31.78 -61.88
N VAL H 157 -25.61 -30.83 -60.97
CA VAL H 157 -26.74 -30.01 -60.58
C VAL H 157 -27.22 -29.11 -61.70
N GLY H 158 -26.42 -28.11 -62.05
CA GLY H 158 -26.80 -27.20 -63.11
C GLY H 158 -27.39 -27.98 -64.26
N LYS H 159 -26.95 -29.22 -64.40
CA LYS H 159 -27.42 -30.13 -65.43
C LYS H 159 -28.94 -30.33 -65.36
N LEU H 160 -29.38 -31.14 -64.39
CA LEU H 160 -30.80 -31.44 -64.20
C LEU H 160 -31.69 -30.24 -64.31
N ILE H 161 -31.21 -29.13 -63.76
CA ILE H 161 -31.96 -27.89 -63.81
C ILE H 161 -32.23 -27.50 -65.27
N ALA H 162 -31.17 -27.50 -66.07
CA ALA H 162 -31.31 -27.15 -67.47
C ALA H 162 -32.27 -28.14 -68.12
N GLU H 163 -32.08 -29.42 -67.83
CA GLU H 163 -32.92 -30.49 -68.37
C GLU H 163 -34.36 -30.19 -68.01
N ALA H 164 -34.57 -29.98 -66.72
CA ALA H 164 -35.88 -29.68 -66.21
C ALA H 164 -36.54 -28.64 -67.08
N MET H 165 -36.09 -27.40 -66.99
CA MET H 165 -36.67 -26.32 -67.78
C MET H 165 -36.79 -26.75 -69.23
N ASP H 166 -35.83 -27.54 -69.68
CA ASP H 166 -35.82 -28.01 -71.05
C ASP H 166 -37.01 -28.94 -71.27
N LYS H 167 -37.65 -29.36 -70.18
CA LYS H 167 -38.82 -30.26 -70.25
C LYS H 167 -40.16 -29.54 -70.19
N VAL H 168 -40.49 -28.95 -69.04
CA VAL H 168 -41.75 -28.23 -68.87
C VAL H 168 -41.58 -26.73 -69.18
N GLY H 169 -40.40 -26.36 -69.68
CA GLY H 169 -40.14 -24.98 -70.05
C GLY H 169 -39.46 -24.16 -68.98
N LYS H 170 -39.09 -22.94 -69.32
CA LYS H 170 -38.45 -22.06 -68.35
C LYS H 170 -39.46 -21.67 -67.29
N GLU H 171 -40.72 -21.55 -67.67
CA GLU H 171 -41.77 -21.19 -66.73
C GLU H 171 -42.45 -22.41 -66.14
N GLY H 172 -42.04 -23.59 -66.61
CA GLY H 172 -42.63 -24.82 -66.11
C GLY H 172 -42.52 -24.87 -64.60
N VAL H 173 -43.19 -25.82 -63.97
CA VAL H 173 -43.13 -25.94 -62.53
C VAL H 173 -42.25 -27.10 -62.12
N ILE H 174 -41.16 -26.78 -61.44
CA ILE H 174 -40.22 -27.80 -61.01
C ILE H 174 -40.22 -27.94 -59.50
N THR H 175 -40.08 -29.17 -59.01
CA THR H 175 -40.08 -29.40 -57.57
C THR H 175 -38.94 -30.32 -57.20
N VAL H 176 -38.81 -30.55 -55.91
CA VAL H 176 -37.75 -31.41 -55.42
C VAL H 176 -38.24 -32.31 -54.30
N GLU H 177 -37.82 -33.56 -54.37
CA GLU H 177 -38.19 -34.55 -53.39
C GLU H 177 -36.93 -35.34 -53.10
N ASP H 178 -36.84 -35.89 -51.90
CA ASP H 178 -35.68 -36.68 -51.54
C ASP H 178 -35.61 -37.89 -52.46
N GLY H 179 -34.41 -38.29 -52.82
CA GLY H 179 -34.25 -39.44 -53.69
C GLY H 179 -34.43 -40.75 -52.96
N THR H 180 -35.06 -41.72 -53.63
CA THR H 180 -35.28 -43.02 -53.02
C THR H 180 -33.97 -43.79 -52.94
N GLY H 181 -33.13 -43.67 -53.97
CA GLY H 181 -31.85 -44.35 -53.98
C GLY H 181 -30.65 -43.43 -54.07
N LEU H 182 -29.66 -43.83 -54.87
CA LEU H 182 -28.44 -43.03 -55.06
C LEU H 182 -28.50 -42.23 -56.35
N GLN H 183 -29.44 -42.59 -57.21
CA GLN H 183 -29.59 -41.91 -58.48
C GLN H 183 -30.55 -40.74 -58.46
N ASP H 184 -30.23 -39.72 -59.25
CA ASP H 184 -31.07 -38.54 -59.36
C ASP H 184 -32.17 -38.98 -60.31
N GLU H 185 -33.37 -38.40 -60.18
CA GLU H 185 -34.50 -38.77 -61.03
C GLU H 185 -35.33 -37.55 -61.42
N LEU H 186 -35.54 -37.38 -62.72
CA LEU H 186 -36.34 -36.26 -63.20
C LEU H 186 -37.56 -36.86 -63.88
N ASP H 187 -38.75 -36.54 -63.37
CA ASP H 187 -39.99 -37.07 -63.92
C ASP H 187 -41.05 -35.99 -64.07
N VAL H 188 -41.82 -36.08 -65.16
CA VAL H 188 -42.88 -35.13 -65.41
C VAL H 188 -44.19 -35.85 -65.09
N VAL H 189 -45.06 -35.22 -64.31
CA VAL H 189 -46.31 -35.86 -63.94
C VAL H 189 -47.46 -34.89 -63.86
N GLU H 190 -48.70 -35.39 -63.99
CA GLU H 190 -49.88 -34.55 -63.90
C GLU H 190 -49.84 -33.84 -62.56
N GLY H 191 -49.69 -30.78 -62.87
CA GLY H 191 -49.56 -30.01 -61.64
C GLY H 191 -49.52 -28.51 -61.90
N MET H 192 -49.34 -27.74 -60.84
CA MET H 192 -49.43 -26.28 -60.90
C MET H 192 -48.72 -25.58 -59.74
N GLN H 193 -48.29 -24.34 -59.96
CA GLN H 193 -47.69 -23.52 -58.92
C GLN H 193 -48.20 -22.09 -58.96
N PHE H 194 -48.60 -21.56 -57.80
CA PHE H 194 -49.09 -20.19 -57.71
C PHE H 194 -48.48 -19.40 -56.55
N ASP H 195 -48.49 -18.08 -56.70
CA ASP H 195 -47.78 -17.18 -55.78
C ASP H 195 -48.49 -16.92 -54.45
N ARG H 196 -48.58 -17.95 -53.62
CA ARG H 196 -49.20 -17.82 -52.30
C ARG H 196 -48.44 -18.61 -51.23
N GLY H 197 -48.13 -17.95 -50.13
CA GLY H 197 -47.39 -18.57 -49.04
C GLY H 197 -48.29 -19.08 -47.95
N TYR H 198 -47.71 -19.84 -47.03
CA TYR H 198 -48.47 -20.37 -45.90
C TYR H 198 -49.09 -19.25 -45.06
N LEU H 199 -50.16 -19.57 -44.36
CA LEU H 199 -50.85 -18.58 -43.54
C LEU H 199 -50.29 -18.53 -42.12
N SER H 200 -49.28 -19.35 -41.85
CA SER H 200 -48.56 -19.37 -40.57
C SER H 200 -47.27 -20.20 -40.64
N PRO H 201 -46.15 -19.65 -40.16
CA PRO H 201 -44.89 -20.40 -40.09
C PRO H 201 -44.99 -21.66 -39.24
N TYR H 202 -46.13 -21.88 -38.61
CA TYR H 202 -46.33 -23.00 -37.71
C TYR H 202 -46.80 -24.28 -38.41
N PHE H 203 -46.98 -24.20 -39.72
CA PHE H 203 -47.34 -25.39 -40.51
C PHE H 203 -46.11 -26.14 -40.99
N ILE H 204 -44.96 -25.47 -40.94
CA ILE H 204 -43.68 -26.02 -41.38
C ILE H 204 -43.40 -27.35 -40.69
N ASN H 205 -43.26 -28.40 -41.49
CA ASN H 205 -42.87 -29.71 -40.98
C ASN H 205 -41.42 -30.06 -41.38
N LYS H 206 -40.90 -29.36 -42.39
CA LYS H 206 -39.49 -29.48 -42.76
C LYS H 206 -38.76 -28.20 -42.35
N PRO H 207 -38.19 -28.20 -41.15
CA PRO H 207 -37.52 -27.01 -40.60
C PRO H 207 -36.35 -26.58 -41.48
N GLU H 208 -35.70 -27.56 -42.13
CA GLU H 208 -34.55 -27.32 -42.99
C GLU H 208 -34.87 -26.37 -44.16
N THR H 209 -35.71 -26.84 -45.08
CA THR H 209 -36.14 -26.02 -46.23
C THR H 209 -36.93 -24.80 -45.79
N GLY H 210 -37.52 -24.86 -44.59
CA GLY H 210 -38.43 -23.84 -44.11
C GLY H 210 -39.72 -23.91 -44.92
N ALA H 211 -40.16 -25.14 -45.19
CA ALA H 211 -41.28 -25.38 -46.07
C ALA H 211 -42.28 -26.37 -45.47
N VAL H 212 -43.36 -26.62 -46.20
CA VAL H 212 -44.41 -27.54 -45.79
C VAL H 212 -44.59 -28.61 -46.85
N GLU H 213 -44.05 -29.80 -46.59
CA GLU H 213 -44.20 -30.93 -47.51
C GLU H 213 -45.33 -31.84 -47.00
N LEU H 214 -46.29 -32.16 -47.87
CA LEU H 214 -47.41 -32.99 -47.48
C LEU H 214 -47.59 -34.19 -48.41
N GLU H 215 -47.82 -35.35 -47.80
CA GLU H 215 -47.87 -36.62 -48.53
C GLU H 215 -49.29 -37.02 -48.93
N SER H 216 -49.50 -37.23 -50.22
CA SER H 216 -50.80 -37.53 -50.85
C SER H 216 -52.05 -37.04 -50.11
N PRO H 217 -52.15 -35.71 -49.93
CA PRO H 217 -53.25 -35.13 -49.14
C PRO H 217 -54.49 -34.77 -49.97
N PHE H 218 -55.59 -34.54 -49.27
CA PHE H 218 -56.81 -34.05 -49.86
C PHE H 218 -56.73 -32.53 -49.97
N ILE H 219 -57.46 -31.96 -50.92
CA ILE H 219 -57.48 -30.51 -51.12
C ILE H 219 -58.89 -29.96 -50.99
N LEU H 220 -59.04 -28.99 -50.08
CA LEU H 220 -60.30 -28.29 -49.85
C LEU H 220 -60.32 -26.98 -50.61
N LEU H 221 -61.37 -26.78 -51.41
CA LEU H 221 -61.44 -25.58 -52.24
C LEU H 221 -62.66 -24.71 -51.93
N ALA H 222 -62.45 -23.74 -51.06
CA ALA H 222 -63.53 -22.88 -50.55
C ALA H 222 -63.52 -21.49 -51.16
N ASP H 223 -64.72 -20.99 -51.46
CA ASP H 223 -64.88 -19.70 -52.11
C ASP H 223 -64.95 -18.54 -51.12
N LYS H 224 -65.29 -18.82 -49.87
CA LYS H 224 -65.48 -17.77 -48.86
C LYS H 224 -64.28 -17.62 -47.92
N LYS H 225 -64.35 -16.59 -47.07
CA LYS H 225 -63.37 -16.41 -46.00
C LYS H 225 -63.69 -17.41 -44.89
N ILE H 226 -62.66 -17.95 -44.25
CA ILE H 226 -62.86 -18.92 -43.18
C ILE H 226 -62.49 -18.35 -41.81
N SER H 227 -63.51 -17.90 -41.08
CA SER H 227 -63.31 -17.33 -39.76
C SER H 227 -63.65 -18.35 -38.68
N ASN H 228 -64.86 -18.88 -38.73
CA ASN H 228 -65.33 -19.86 -37.76
C ASN H 228 -64.82 -21.27 -38.07
N ILE H 229 -64.68 -22.08 -37.04
CA ILE H 229 -64.13 -23.43 -37.16
C ILE H 229 -65.20 -24.52 -37.13
N ARG H 230 -66.46 -24.12 -36.96
CA ARG H 230 -67.58 -25.04 -36.83
C ARG H 230 -67.91 -25.78 -38.12
N GLU H 231 -67.82 -25.08 -39.26
CA GLU H 231 -68.09 -25.68 -40.57
C GLU H 231 -66.96 -26.59 -41.03
N MET H 232 -65.92 -26.70 -40.21
CA MET H 232 -64.76 -27.53 -40.51
C MET H 232 -64.92 -28.98 -40.08
N LEU H 233 -65.58 -29.20 -38.95
CA LEU H 233 -65.67 -30.53 -38.33
C LEU H 233 -66.25 -31.69 -39.18
N PRO H 234 -67.27 -31.44 -40.02
CA PRO H 234 -67.78 -32.48 -40.91
C PRO H 234 -66.73 -33.06 -41.86
N VAL H 235 -65.88 -32.20 -42.41
CA VAL H 235 -64.80 -32.64 -43.31
C VAL H 235 -63.50 -32.96 -42.58
N LEU H 236 -63.14 -32.13 -41.60
CA LEU H 236 -61.89 -32.26 -40.85
C LEU H 236 -61.85 -33.52 -39.96
N GLU H 237 -63.01 -34.12 -39.74
CA GLU H 237 -63.12 -35.38 -38.99
C GLU H 237 -63.19 -36.59 -39.92
N ALA H 238 -63.60 -36.36 -41.16
CA ALA H 238 -63.60 -37.41 -42.18
C ALA H 238 -62.19 -37.67 -42.73
N VAL H 239 -61.36 -36.62 -42.72
CA VAL H 239 -59.96 -36.72 -43.13
C VAL H 239 -59.02 -37.00 -41.94
N ALA H 240 -59.58 -36.97 -40.74
CA ALA H 240 -58.89 -37.43 -39.54
C ALA H 240 -58.83 -38.97 -39.56
N LYS H 241 -59.96 -39.58 -39.92
CA LYS H 241 -60.09 -41.04 -39.96
C LYS H 241 -59.67 -41.63 -41.31
N ALA H 242 -59.19 -40.77 -42.21
CA ALA H 242 -58.62 -41.22 -43.47
C ALA H 242 -57.10 -41.25 -43.38
N GLY H 243 -56.57 -40.84 -42.23
CA GLY H 243 -55.14 -40.89 -41.95
C GLY H 243 -54.29 -39.83 -42.65
N LYS H 244 -54.79 -39.28 -43.75
CA LYS H 244 -54.02 -38.37 -44.59
C LYS H 244 -54.12 -36.90 -44.16
N PRO H 245 -53.15 -36.08 -44.54
CA PRO H 245 -53.21 -34.62 -44.29
C PRO H 245 -54.22 -33.93 -45.20
N LEU H 246 -54.34 -32.61 -45.07
CA LEU H 246 -55.34 -31.84 -45.79
C LEU H 246 -54.88 -30.41 -46.06
N LEU H 247 -55.05 -29.97 -47.30
CA LEU H 247 -54.68 -28.62 -47.73
C LEU H 247 -55.92 -27.75 -47.90
N ILE H 248 -55.85 -26.51 -47.40
CA ILE H 248 -56.98 -25.58 -47.50
C ILE H 248 -56.66 -24.39 -48.38
N ILE H 249 -57.39 -24.27 -49.48
CA ILE H 249 -57.36 -23.06 -50.29
C ILE H 249 -58.71 -22.35 -50.24
N ALA H 250 -58.70 -21.15 -49.69
CA ALA H 250 -59.90 -20.31 -49.56
C ALA H 250 -59.54 -18.84 -49.74
N GLU H 251 -60.56 -17.98 -49.80
CA GLU H 251 -60.36 -16.54 -49.88
C GLU H 251 -59.35 -16.10 -48.82
N ASP H 252 -59.54 -16.62 -47.60
CA ASP H 252 -58.59 -16.43 -46.50
C ASP H 252 -58.92 -17.41 -45.37
N VAL H 253 -58.11 -17.40 -44.32
CA VAL H 253 -58.44 -18.10 -43.07
C VAL H 253 -58.13 -17.16 -41.90
N GLU H 254 -59.19 -16.71 -41.22
CA GLU H 254 -59.12 -15.69 -40.17
C GLU H 254 -58.70 -16.28 -38.83
N GLY H 255 -58.05 -15.44 -38.01
CA GLY H 255 -57.50 -15.81 -36.72
C GLY H 255 -58.24 -16.90 -35.95
N GLU H 256 -59.57 -16.82 -35.93
CA GLU H 256 -60.41 -17.75 -35.17
C GLU H 256 -60.26 -19.22 -35.58
N ALA H 257 -60.36 -19.50 -36.88
CA ALA H 257 -60.18 -20.86 -37.38
C ALA H 257 -58.71 -21.18 -37.59
N LEU H 258 -57.92 -20.15 -37.88
CA LEU H 258 -56.48 -20.27 -38.10
C LEU H 258 -55.76 -20.73 -36.85
N ALA H 259 -55.90 -19.95 -35.76
CA ALA H 259 -55.21 -20.24 -34.50
C ALA H 259 -55.59 -21.60 -33.91
N THR H 260 -56.80 -22.07 -34.20
CA THR H 260 -57.23 -23.41 -33.79
C THR H 260 -56.52 -24.48 -34.62
N LEU H 261 -56.40 -24.23 -35.93
CA LEU H 261 -55.70 -25.13 -36.84
C LEU H 261 -54.20 -25.15 -36.57
N VAL H 262 -53.65 -23.99 -36.23
CA VAL H 262 -52.22 -23.83 -35.95
C VAL H 262 -51.76 -24.74 -34.82
N VAL H 263 -52.44 -24.68 -33.67
CA VAL H 263 -52.11 -25.53 -32.52
C VAL H 263 -52.64 -26.97 -32.74
N ASN H 264 -53.52 -27.14 -33.71
CA ASN H 264 -54.08 -28.45 -34.05
C ASN H 264 -53.15 -29.33 -34.87
N THR H 265 -52.08 -28.76 -35.42
CA THR H 265 -51.10 -29.56 -36.17
C THR H 265 -49.87 -29.88 -35.32
N MET H 266 -49.13 -28.85 -34.93
CA MET H 266 -48.01 -29.00 -34.01
C MET H 266 -48.58 -29.24 -32.61
N ARG H 267 -48.32 -30.44 -32.09
CA ARG H 267 -48.90 -30.92 -30.83
C ARG H 267 -50.30 -31.54 -31.02
N GLY H 268 -50.80 -31.56 -32.25
CA GLY H 268 -52.19 -31.92 -32.48
C GLY H 268 -52.47 -33.12 -33.36
N ILE H 269 -53.75 -33.46 -33.47
CA ILE H 269 -54.23 -34.64 -34.20
C ILE H 269 -53.92 -34.58 -35.70
N VAL H 270 -54.81 -33.95 -36.49
CA VAL H 270 -54.66 -33.89 -37.95
C VAL H 270 -53.70 -32.79 -38.38
N LYS H 271 -52.67 -33.16 -39.15
CA LYS H 271 -51.68 -32.20 -39.64
C LYS H 271 -52.12 -31.58 -40.96
N VAL H 272 -52.50 -30.30 -40.89
CA VAL H 272 -53.05 -29.56 -42.03
C VAL H 272 -52.36 -28.21 -42.24
N ALA H 273 -52.55 -27.62 -43.42
CA ALA H 273 -52.04 -26.29 -43.75
C ALA H 273 -53.02 -25.54 -44.66
N ALA H 274 -52.90 -24.21 -44.68
CA ALA H 274 -53.83 -23.40 -45.46
C ALA H 274 -53.14 -22.22 -46.15
N VAL H 275 -53.61 -21.90 -47.36
CA VAL H 275 -53.08 -20.80 -48.15
C VAL H 275 -54.19 -20.05 -48.86
N LYS H 276 -54.02 -18.75 -49.07
CA LYS H 276 -54.99 -17.92 -49.79
C LYS H 276 -55.09 -18.37 -51.24
N ALA H 277 -56.29 -18.34 -51.81
CA ALA H 277 -56.49 -18.67 -53.23
C ALA H 277 -55.80 -17.62 -54.10
N PRO H 278 -55.26 -18.03 -55.25
CA PRO H 278 -54.48 -17.12 -56.11
C PRO H 278 -55.32 -16.03 -56.72
N GLY H 279 -54.70 -14.89 -57.02
CA GLY H 279 -55.37 -13.76 -57.64
C GLY H 279 -56.36 -13.03 -56.74
N PHE H 280 -57.23 -12.23 -57.35
CA PHE H 280 -58.27 -11.50 -56.62
C PHE H 280 -59.48 -11.22 -57.50
N GLY H 281 -60.64 -11.09 -56.87
CA GLY H 281 -61.87 -10.72 -57.56
C GLY H 281 -62.42 -11.77 -58.52
N ASP H 282 -62.49 -11.41 -59.80
CA ASP H 282 -63.05 -12.29 -60.84
C ASP H 282 -62.07 -13.37 -61.30
N ARG H 283 -60.78 -13.12 -61.13
CA ARG H 283 -59.75 -14.09 -61.48
C ARG H 283 -59.85 -15.32 -60.57
N ARG H 284 -59.78 -15.11 -59.26
CA ARG H 284 -59.76 -16.22 -58.30
C ARG H 284 -61.00 -17.12 -58.38
N LYS H 285 -62.09 -16.58 -58.94
CA LYS H 285 -63.30 -17.36 -59.21
C LYS H 285 -63.00 -18.53 -60.15
N ALA H 286 -62.44 -18.20 -61.32
CA ALA H 286 -62.10 -19.20 -62.32
C ALA H 286 -60.74 -19.84 -62.05
N MET H 287 -59.84 -19.09 -61.42
CA MET H 287 -58.49 -19.57 -61.09
C MET H 287 -58.53 -20.69 -60.06
N LEU H 288 -59.53 -20.63 -59.18
CA LEU H 288 -59.75 -21.66 -58.17
C LEU H 288 -60.40 -22.91 -58.78
N GLN H 289 -61.25 -22.70 -59.78
CA GLN H 289 -61.86 -23.80 -60.54
C GLN H 289 -60.79 -24.58 -61.31
N ASP H 290 -59.78 -23.87 -61.80
CA ASP H 290 -58.63 -24.47 -62.47
C ASP H 290 -58.02 -25.55 -61.58
N ILE H 291 -57.74 -25.19 -60.33
CA ILE H 291 -57.21 -26.15 -59.35
C ILE H 291 -58.19 -27.30 -59.12
N ALA H 292 -59.46 -26.98 -58.99
CA ALA H 292 -60.49 -28.00 -58.82
C ALA H 292 -60.43 -29.06 -59.91
N THR H 293 -60.34 -28.58 -61.15
CA THR H 293 -60.26 -29.46 -62.33
C THR H 293 -59.03 -30.36 -62.25
N LEU H 294 -57.89 -29.77 -61.94
CA LEU H 294 -56.62 -30.47 -61.88
C LEU H 294 -56.59 -31.56 -60.82
N THR H 295 -57.18 -31.25 -59.66
CA THR H 295 -57.14 -32.13 -58.50
C THR H 295 -58.34 -33.07 -58.42
N GLY H 296 -59.32 -32.83 -59.28
CA GLY H 296 -60.53 -33.64 -59.31
C GLY H 296 -61.39 -33.39 -58.08
N GLY H 297 -61.55 -32.11 -57.74
CA GLY H 297 -62.34 -31.71 -56.60
C GLY H 297 -63.49 -30.81 -56.99
N THR H 298 -64.25 -30.36 -55.99
CA THR H 298 -65.35 -29.43 -56.22
C THR H 298 -65.11 -28.12 -55.49
N VAL H 299 -65.52 -27.02 -56.11
CA VAL H 299 -65.45 -25.70 -55.49
C VAL H 299 -66.71 -25.45 -54.66
N ILE H 300 -66.51 -25.14 -53.38
CA ILE H 300 -67.63 -24.82 -52.50
C ILE H 300 -67.96 -23.33 -52.67
N SER H 301 -68.91 -23.05 -53.56
CA SER H 301 -69.31 -21.69 -53.89
C SER H 301 -70.44 -21.23 -52.99
N GLU H 302 -70.54 -19.92 -52.81
CA GLU H 302 -71.63 -19.33 -52.05
C GLU H 302 -72.84 -19.07 -52.93
N GLU H 303 -72.60 -18.75 -54.20
CA GLU H 303 -73.65 -18.40 -55.16
C GLU H 303 -74.46 -19.62 -55.64
N ILE H 304 -74.06 -20.80 -55.19
CA ILE H 304 -74.82 -22.03 -55.43
C ILE H 304 -75.50 -22.48 -54.14
N GLY H 305 -75.05 -21.96 -53.00
CA GLY H 305 -75.64 -22.29 -51.71
C GLY H 305 -74.83 -23.27 -50.88
N MET H 306 -74.01 -24.06 -51.57
CA MET H 306 -73.13 -25.05 -50.94
C MET H 306 -72.39 -24.43 -49.75
N GLU H 307 -72.46 -25.10 -48.60
CA GLU H 307 -71.69 -24.69 -47.43
C GLU H 307 -70.70 -25.77 -47.05
N LEU H 308 -69.73 -25.40 -46.24
CA LEU H 308 -68.67 -26.32 -45.83
C LEU H 308 -69.18 -27.50 -45.00
N GLU H 309 -70.26 -27.27 -44.26
CA GLU H 309 -70.89 -28.31 -43.46
C GLU H 309 -71.46 -29.43 -44.32
N LYS H 310 -71.95 -29.06 -45.51
CA LYS H 310 -72.50 -30.03 -46.46
C LYS H 310 -71.47 -30.43 -47.51
N ALA H 311 -70.34 -30.98 -47.04
CA ALA H 311 -69.25 -31.41 -47.93
C ALA H 311 -68.61 -32.72 -47.41
N THR H 312 -68.27 -33.61 -48.33
CA THR H 312 -67.67 -34.90 -48.00
C THR H 312 -66.24 -35.02 -48.56
N LEU H 313 -65.62 -36.17 -48.32
CA LEU H 313 -64.33 -36.52 -48.89
C LEU H 313 -64.40 -36.50 -50.41
N GLU H 314 -65.49 -37.05 -50.96
CA GLU H 314 -65.72 -37.10 -52.40
C GLU H 314 -65.61 -35.74 -53.11
N ASP H 315 -65.98 -34.67 -52.40
CA ASP H 315 -65.97 -33.31 -52.94
C ASP H 315 -64.56 -32.74 -53.03
N LEU H 316 -63.62 -33.34 -52.29
CA LEU H 316 -62.26 -32.83 -52.21
C LEU H 316 -61.38 -33.34 -53.34
N GLY H 317 -60.31 -32.59 -53.61
CA GLY H 317 -59.34 -32.95 -54.63
C GLY H 317 -58.17 -33.70 -54.01
N GLN H 318 -57.27 -34.19 -54.85
CA GLN H 318 -56.15 -34.99 -54.37
C GLN H 318 -54.91 -34.85 -55.25
N ALA H 319 -53.75 -34.89 -54.60
CA ALA H 319 -52.47 -34.90 -55.30
C ALA H 319 -51.52 -35.87 -54.58
N LYS H 320 -50.47 -36.32 -55.27
CA LYS H 320 -49.49 -37.21 -54.65
C LYS H 320 -48.52 -36.47 -53.71
N ARG H 321 -48.34 -35.17 -53.93
CA ARG H 321 -47.49 -34.34 -53.07
C ARG H 321 -47.82 -32.85 -53.21
N VAL H 322 -47.36 -32.04 -52.26
CA VAL H 322 -47.51 -30.57 -52.33
C VAL H 322 -46.54 -29.86 -51.39
N VAL H 323 -45.86 -28.84 -51.89
CA VAL H 323 -44.94 -28.05 -51.06
C VAL H 323 -45.29 -26.55 -51.00
N ILE H 324 -45.40 -26.03 -49.79
CA ILE H 324 -45.71 -24.62 -49.54
C ILE H 324 -44.53 -23.98 -48.83
N ASN H 325 -44.15 -22.78 -49.25
CA ASN H 325 -43.15 -22.03 -48.51
C ASN H 325 -43.60 -20.59 -48.27
N LYS H 326 -42.65 -19.74 -47.86
CA LYS H 326 -42.91 -18.34 -47.52
C LYS H 326 -43.94 -17.65 -48.41
N ASP H 327 -43.86 -17.88 -49.73
CA ASP H 327 -44.73 -17.19 -50.70
C ASP H 327 -45.12 -18.01 -51.93
N THR H 328 -44.82 -19.31 -51.91
CA THR H 328 -45.08 -20.18 -53.05
C THR H 328 -45.80 -21.45 -52.63
N THR H 329 -46.86 -21.78 -53.36
CA THR H 329 -47.51 -23.08 -53.22
C THR H 329 -47.42 -23.79 -54.55
N THR H 330 -47.05 -25.07 -54.52
CA THR H 330 -46.97 -25.88 -55.72
C THR H 330 -47.52 -27.29 -55.46
N ILE H 331 -48.49 -27.72 -56.26
CA ILE H 331 -49.08 -29.06 -56.12
C ILE H 331 -48.61 -30.00 -57.20
N ILE H 332 -48.45 -31.28 -56.85
CA ILE H 332 -47.83 -32.24 -57.75
C ILE H 332 -48.67 -33.51 -57.96
N ASP H 333 -48.93 -33.83 -59.23
CA ASP H 333 -49.68 -35.03 -59.62
C ASP H 333 -51.12 -35.01 -59.14
N GLY H 334 -51.98 -34.26 -59.84
CA GLY H 334 -53.39 -34.20 -59.52
C GLY H 334 -54.17 -35.40 -60.03
N VAL H 335 -55.12 -35.86 -59.23
CA VAL H 335 -55.94 -37.03 -59.57
C VAL H 335 -56.98 -36.71 -60.64
N GLY H 336 -57.05 -35.43 -61.02
CA GLY H 336 -58.00 -34.96 -62.02
C GLY H 336 -57.90 -35.72 -63.33
N GLU H 337 -59.06 -36.08 -63.88
CA GLU H 337 -59.16 -36.83 -65.13
C GLU H 337 -58.44 -36.13 -66.28
N GLU H 338 -57.88 -36.93 -67.18
CA GLU H 338 -57.27 -36.38 -68.39
C GLU H 338 -58.32 -35.75 -69.29
N ALA H 339 -59.53 -36.31 -69.27
CA ALA H 339 -60.68 -35.76 -69.99
C ALA H 339 -61.10 -34.40 -69.43
N ALA H 340 -61.22 -34.31 -68.10
CA ALA H 340 -61.65 -33.09 -67.41
C ALA H 340 -60.68 -31.91 -67.60
N ILE H 341 -59.38 -32.20 -67.51
CA ILE H 341 -58.35 -31.15 -67.68
C ILE H 341 -58.27 -30.69 -69.15
N GLN H 342 -58.29 -31.64 -70.07
CA GLN H 342 -58.26 -31.32 -71.50
C GLN H 342 -59.50 -30.54 -71.92
N GLY H 343 -60.63 -30.85 -71.28
CA GLY H 343 -61.87 -30.13 -71.52
C GLY H 343 -61.80 -28.68 -71.09
N ARG H 344 -61.19 -28.44 -69.94
CA ARG H 344 -60.99 -27.08 -69.42
C ARG H 344 -59.92 -26.31 -70.20
N VAL H 345 -58.99 -27.04 -70.80
CA VAL H 345 -57.98 -26.43 -71.66
C VAL H 345 -58.66 -25.85 -72.91
N ALA H 346 -59.46 -26.68 -73.58
CA ALA H 346 -60.22 -26.25 -74.76
C ALA H 346 -61.19 -25.12 -74.46
N GLN H 347 -61.69 -25.07 -73.23
CA GLN H 347 -62.58 -24.02 -72.75
C GLN H 347 -61.90 -22.65 -72.70
N ILE H 348 -60.67 -22.62 -72.18
CA ILE H 348 -59.91 -21.37 -72.10
C ILE H 348 -59.27 -21.01 -73.43
N ARG H 349 -58.77 -22.03 -74.14
CA ARG H 349 -58.15 -21.84 -75.45
C ARG H 349 -59.11 -21.06 -76.35
N GLN H 350 -60.38 -21.44 -76.29
CA GLN H 350 -61.46 -20.72 -76.93
C GLN H 350 -61.49 -19.26 -76.48
N GLN H 351 -61.69 -19.05 -75.17
CA GLN H 351 -61.79 -17.71 -74.58
C GLN H 351 -60.67 -16.72 -74.95
N ARG H 361 -56.19 -11.35 -72.89
CA ARG H 361 -55.59 -12.41 -73.69
C ARG H 361 -54.32 -12.96 -73.04
N GLU H 362 -53.64 -12.11 -72.29
CA GLU H 362 -52.43 -12.49 -71.58
C GLU H 362 -52.74 -13.19 -70.26
N LYS H 363 -53.78 -12.71 -69.56
CA LYS H 363 -54.17 -13.25 -68.26
C LYS H 363 -54.81 -14.63 -68.36
N LEU H 364 -55.50 -14.88 -69.47
CA LEU H 364 -56.05 -16.21 -69.75
C LEU H 364 -54.93 -17.12 -70.23
N GLN H 365 -53.92 -16.53 -70.87
CA GLN H 365 -52.74 -17.26 -71.37
C GLN H 365 -51.92 -17.83 -70.21
N GLU H 366 -51.88 -17.09 -69.10
CA GLU H 366 -51.15 -17.53 -67.91
C GLU H 366 -51.81 -18.74 -67.25
N ARG H 367 -53.14 -18.78 -67.31
CA ARG H 367 -53.92 -19.88 -66.72
C ARG H 367 -53.77 -21.15 -67.53
N VAL H 368 -53.62 -21.00 -68.85
CA VAL H 368 -53.37 -22.14 -69.73
C VAL H 368 -52.01 -22.74 -69.42
N ALA H 369 -51.00 -21.88 -69.38
CA ALA H 369 -49.63 -22.28 -69.09
C ALA H 369 -49.54 -23.07 -67.79
N LYS H 370 -50.14 -22.55 -66.72
CA LYS H 370 -50.13 -23.22 -65.43
C LYS H 370 -50.77 -24.62 -65.53
N LEU H 371 -51.91 -24.71 -66.19
CA LEU H 371 -52.71 -25.94 -66.23
C LEU H 371 -52.17 -27.00 -67.18
N ALA H 372 -52.02 -26.65 -68.44
CA ALA H 372 -51.58 -27.60 -69.45
C ALA H 372 -50.08 -27.81 -69.44
N GLY H 373 -50.14 -28.84 -68.73
CA GLY H 373 -48.73 -28.49 -68.65
C GLY H 373 -47.93 -29.39 -67.74
N GLY H 374 -48.56 -29.83 -66.65
CA GLY H 374 -47.88 -30.71 -65.72
C GLY H 374 -46.78 -30.09 -64.89
N VAL H 375 -46.30 -30.87 -63.92
CA VAL H 375 -45.26 -30.42 -63.03
C VAL H 375 -44.10 -31.39 -63.03
N ALA H 376 -42.91 -30.85 -63.27
CA ALA H 376 -41.69 -31.66 -63.30
C ALA H 376 -41.15 -31.82 -61.89
N VAL H 377 -40.68 -33.04 -61.57
CA VAL H 377 -40.14 -33.33 -60.25
C VAL H 377 -38.70 -33.84 -60.31
N ILE H 378 -37.98 -33.64 -59.22
CA ILE H 378 -36.60 -34.07 -59.11
C ILE H 378 -36.34 -34.79 -57.81
N LYS H 379 -35.64 -35.90 -57.89
CA LYS H 379 -35.31 -36.67 -56.71
C LYS H 379 -33.79 -36.64 -56.56
N VAL H 380 -33.33 -35.90 -55.56
CA VAL H 380 -31.91 -35.77 -55.30
C VAL H 380 -31.32 -37.08 -54.81
N GLY H 381 -30.51 -37.72 -55.65
CA GLY H 381 -29.88 -38.96 -55.28
C GLY H 381 -28.64 -38.71 -54.46
N ALA H 382 -28.28 -39.67 -53.62
CA ALA H 382 -27.11 -39.52 -52.78
C ALA H 382 -26.78 -40.81 -52.08
N ALA H 383 -25.56 -40.90 -51.58
CA ALA H 383 -25.11 -42.08 -50.89
C ALA H 383 -25.65 -42.08 -49.48
N THR H 384 -25.34 -41.01 -48.75
CA THR H 384 -25.79 -40.86 -47.38
C THR H 384 -27.04 -40.00 -47.29
N GLU H 385 -27.80 -40.24 -46.23
CA GLU H 385 -29.03 -39.51 -45.98
C GLU H 385 -28.68 -38.06 -45.66
N VAL H 386 -27.47 -37.85 -45.16
CA VAL H 386 -26.97 -36.53 -44.84
C VAL H 386 -26.81 -35.78 -46.15
N GLU H 387 -25.77 -36.18 -46.88
CA GLU H 387 -25.47 -35.62 -48.19
C GLU H 387 -26.79 -35.48 -48.94
N MET H 388 -27.52 -36.59 -49.00
CA MET H 388 -28.81 -36.64 -49.67
C MET H 388 -29.57 -35.36 -49.40
N LYS H 389 -30.21 -35.29 -48.24
CA LYS H 389 -30.96 -34.11 -47.88
C LYS H 389 -30.12 -32.85 -47.99
N GLU H 390 -28.81 -32.97 -47.81
CA GLU H 390 -27.95 -31.80 -47.90
C GLU H 390 -27.97 -31.33 -49.35
N LYS H 391 -27.59 -32.23 -50.26
CA LYS H 391 -27.56 -31.94 -51.69
C LYS H 391 -28.89 -31.36 -52.11
N LYS H 392 -29.96 -32.05 -51.71
CA LYS H 392 -31.31 -31.61 -52.02
C LYS H 392 -31.42 -30.11 -51.78
N ALA H 393 -30.86 -29.66 -50.68
CA ALA H 393 -30.88 -28.25 -50.32
C ALA H 393 -30.26 -27.39 -51.42
N ARG H 394 -28.96 -27.55 -51.62
CA ARG H 394 -28.22 -26.79 -52.64
C ARG H 394 -29.00 -26.70 -53.94
N VAL H 395 -29.70 -27.77 -54.28
CA VAL H 395 -30.50 -27.84 -55.50
C VAL H 395 -31.53 -26.71 -55.52
N GLU H 396 -32.46 -26.79 -54.59
CA GLU H 396 -33.52 -25.80 -54.47
C GLU H 396 -32.91 -24.42 -54.57
N ASP H 397 -31.75 -24.26 -53.95
CA ASP H 397 -31.07 -22.97 -54.00
C ASP H 397 -30.89 -22.60 -55.45
N ALA H 398 -29.93 -23.28 -56.07
CA ALA H 398 -29.59 -23.07 -57.48
C ALA H 398 -30.83 -22.80 -58.32
N LEU H 399 -31.77 -23.73 -58.26
CA LEU H 399 -32.99 -23.59 -59.00
C LEU H 399 -33.42 -22.11 -58.92
N HIS H 400 -33.52 -21.60 -57.69
CA HIS H 400 -33.89 -20.20 -57.48
C HIS H 400 -33.15 -19.31 -58.46
N ALA H 401 -31.93 -18.95 -58.06
CA ALA H 401 -31.05 -18.11 -58.85
C ALA H 401 -31.31 -18.28 -60.33
N THR H 402 -31.42 -19.53 -60.76
CA THR H 402 -31.65 -19.84 -62.16
C THR H 402 -32.92 -19.20 -62.66
N ARG H 403 -34.02 -19.47 -62.00
CA ARG H 403 -35.25 -18.85 -62.42
C ARG H 403 -35.01 -17.36 -62.56
N ALA H 404 -34.42 -16.77 -61.53
CA ALA H 404 -34.10 -15.36 -61.51
C ALA H 404 -33.12 -15.02 -62.63
N ALA H 405 -32.05 -15.81 -62.73
CA ALA H 405 -31.05 -15.59 -63.76
C ALA H 405 -31.74 -15.52 -65.12
N VAL H 406 -32.68 -16.42 -65.33
CA VAL H 406 -33.43 -16.48 -66.59
C VAL H 406 -34.23 -15.21 -66.81
N GLU H 407 -35.00 -14.84 -65.79
CA GLU H 407 -35.82 -13.65 -65.87
C GLU H 407 -35.02 -12.41 -66.17
N GLU H 408 -33.87 -12.22 -65.51
CA GLU H 408 -33.09 -11.00 -65.73
C GLU H 408 -31.60 -11.11 -65.99
N GLY H 409 -29.47 -14.63 -66.80
CA GLY H 409 -28.18 -14.69 -67.48
C GLY H 409 -26.98 -14.79 -66.58
N VAL H 410 -25.79 -14.82 -67.17
CA VAL H 410 -24.51 -14.99 -66.45
C VAL H 410 -23.51 -13.89 -66.77
N VAL H 411 -22.50 -13.77 -65.92
CA VAL H 411 -21.44 -12.80 -66.09
C VAL H 411 -20.14 -13.42 -65.62
N ALA H 412 -19.02 -12.82 -65.93
CA ALA H 412 -17.70 -13.37 -65.59
C ALA H 412 -17.64 -13.46 -64.11
N GLY H 413 -17.34 -14.65 -63.58
CA GLY H 413 -17.09 -14.88 -62.17
C GLY H 413 -15.76 -14.35 -61.60
N GLY H 414 -15.36 -14.80 -60.41
CA GLY H 414 -14.11 -14.36 -59.83
C GLY H 414 -14.25 -12.91 -59.41
N GLY H 415 -15.51 -12.47 -59.38
CA GLY H 415 -15.82 -11.07 -59.18
C GLY H 415 -15.22 -10.13 -60.23
N VAL H 416 -15.00 -10.60 -61.46
CA VAL H 416 -14.46 -9.70 -62.45
C VAL H 416 -15.55 -8.78 -62.96
N ALA H 417 -16.76 -9.33 -63.17
CA ALA H 417 -17.90 -8.52 -63.56
C ALA H 417 -17.89 -7.23 -62.75
N LEU H 418 -17.89 -7.35 -61.42
CA LEU H 418 -17.89 -6.14 -60.58
C LEU H 418 -16.74 -5.20 -60.87
N ILE H 419 -15.52 -5.73 -61.00
CA ILE H 419 -14.35 -4.90 -61.29
C ILE H 419 -14.47 -4.13 -62.64
N ARG H 420 -15.23 -4.76 -63.54
CA ARG H 420 -15.44 -4.27 -64.89
C ARG H 420 -16.41 -3.12 -64.83
N VAL H 421 -17.49 -3.28 -64.08
CA VAL H 421 -18.42 -2.17 -63.96
C VAL H 421 -17.79 -1.00 -63.21
N ALA H 422 -16.94 -1.26 -62.23
CA ALA H 422 -16.21 -0.15 -61.59
C ALA H 422 -15.36 0.77 -62.53
N SER H 423 -14.82 0.21 -63.61
CA SER H 423 -14.07 1.08 -64.52
C SER H 423 -15.03 1.76 -65.49
N LYS H 424 -16.13 1.10 -65.83
CA LYS H 424 -17.13 1.79 -66.64
C LYS H 424 -17.68 3.03 -65.93
N LEU H 425 -17.75 2.99 -64.60
CA LEU H 425 -18.35 4.11 -63.87
C LEU H 425 -17.30 5.08 -63.34
N ALA H 426 -16.08 4.97 -63.89
CA ALA H 426 -14.99 5.83 -63.47
C ALA H 426 -15.33 7.29 -63.64
N ASP H 427 -16.29 7.58 -64.51
CA ASP H 427 -16.65 8.96 -64.81
C ASP H 427 -18.00 9.43 -64.25
N LEU H 428 -18.59 8.62 -63.37
CA LEU H 428 -19.83 8.96 -62.68
C LEU H 428 -19.62 10.03 -61.63
N ARG H 429 -20.47 11.06 -61.65
CA ARG H 429 -20.42 12.10 -60.63
C ARG H 429 -21.79 12.38 -60.02
N GLY H 430 -21.81 13.07 -58.88
CA GLY H 430 -23.05 13.40 -58.20
C GLY H 430 -23.38 14.88 -58.21
N GLN H 431 -24.25 15.29 -57.29
CA GLN H 431 -24.69 16.67 -57.20
C GLN H 431 -23.67 17.51 -56.46
N ASN H 432 -22.72 16.91 -55.76
CA ASN H 432 -21.72 17.70 -55.04
C ASN H 432 -20.54 16.83 -54.65
N GLU H 433 -19.51 17.41 -54.04
CA GLU H 433 -18.32 16.63 -53.74
C GLU H 433 -18.55 15.44 -52.78
N ASP H 434 -19.36 15.61 -51.75
CA ASP H 434 -19.62 14.50 -50.83
C ASP H 434 -20.26 13.36 -51.59
N GLN H 435 -21.21 13.66 -52.49
CA GLN H 435 -21.83 12.59 -53.30
C GLN H 435 -20.78 11.86 -54.14
N ASN H 436 -19.74 12.59 -54.56
CA ASN H 436 -18.67 12.04 -55.36
C ASN H 436 -17.87 11.01 -54.59
N VAL H 437 -17.43 11.38 -53.39
CA VAL H 437 -16.73 10.45 -52.52
C VAL H 437 -17.61 9.22 -52.28
N GLY H 438 -18.90 9.44 -52.25
CA GLY H 438 -19.85 8.38 -52.01
C GLY H 438 -19.85 7.43 -53.17
N ILE H 439 -19.70 7.96 -54.38
CA ILE H 439 -19.56 7.08 -55.55
C ILE H 439 -18.24 6.30 -55.49
N LYS H 440 -17.12 7.01 -55.39
CA LYS H 440 -15.80 6.35 -55.26
C LYS H 440 -15.77 5.28 -54.16
N VAL H 441 -16.46 5.53 -53.07
CA VAL H 441 -16.63 4.50 -52.04
C VAL H 441 -17.30 3.21 -52.57
N ALA H 442 -18.39 3.29 -53.32
CA ALA H 442 -18.96 2.06 -53.86
C ALA H 442 -18.03 1.45 -54.90
N LEU H 443 -17.45 2.25 -55.78
CA LEU H 443 -16.63 1.66 -56.85
C LEU H 443 -15.49 0.82 -56.23
N ARG H 444 -14.79 1.44 -55.25
CA ARG H 444 -13.67 0.83 -54.56
C ARG H 444 -14.10 -0.47 -53.86
N ALA H 445 -15.36 -0.52 -53.46
CA ALA H 445 -15.85 -1.68 -52.77
C ALA H 445 -16.05 -2.79 -53.76
N MET H 446 -16.30 -2.42 -54.99
CA MET H 446 -16.68 -3.38 -56.01
C MET H 446 -15.57 -4.34 -56.28
N GLU H 447 -14.35 -3.90 -55.95
CA GLU H 447 -13.15 -4.74 -56.02
C GLU H 447 -13.07 -5.79 -54.92
N ALA H 448 -13.89 -5.71 -53.87
CA ALA H 448 -13.59 -6.56 -52.69
C ALA H 448 -13.78 -8.06 -52.87
N PRO H 449 -14.84 -8.52 -53.50
CA PRO H 449 -14.94 -9.96 -53.71
C PRO H 449 -13.66 -10.50 -54.35
N LEU H 450 -13.20 -9.91 -55.45
CA LEU H 450 -11.97 -10.42 -56.11
C LEU H 450 -10.88 -10.37 -55.09
N ARG H 451 -10.76 -9.27 -54.37
CA ARG H 451 -9.71 -9.14 -53.39
C ARG H 451 -9.72 -10.19 -52.27
N GLN H 452 -10.91 -10.62 -51.81
CA GLN H 452 -11.01 -11.64 -50.75
C GLN H 452 -10.68 -13.02 -51.32
N ILE H 453 -11.23 -13.30 -52.52
CA ILE H 453 -10.97 -14.58 -53.19
C ILE H 453 -9.47 -14.83 -53.24
N VAL H 454 -8.75 -13.82 -53.68
CA VAL H 454 -7.32 -13.94 -53.74
C VAL H 454 -6.67 -14.07 -52.37
N LEU H 455 -7.29 -13.49 -51.36
CA LEU H 455 -6.64 -13.42 -50.07
C LEU H 455 -6.79 -14.74 -49.36
N ASN H 456 -7.95 -15.36 -49.54
CA ASN H 456 -8.16 -16.74 -49.15
C ASN H 456 -7.23 -17.76 -49.85
N CYS H 457 -6.52 -17.40 -50.93
CA CYS H 457 -5.60 -18.34 -51.56
C CYS H 457 -4.25 -18.11 -51.02
N GLY H 458 -4.09 -17.20 -50.09
CA GLY H 458 -2.75 -16.95 -49.57
C GLY H 458 -1.90 -16.12 -50.50
N GLU H 459 -2.54 -15.46 -51.46
CA GLU H 459 -1.84 -14.66 -52.46
C GLU H 459 -2.13 -13.18 -52.38
N GLU H 460 -1.22 -12.38 -52.97
CA GLU H 460 -1.25 -10.93 -52.91
C GLU H 460 -2.46 -10.31 -53.63
N PRO H 461 -3.38 -9.72 -52.89
CA PRO H 461 -4.70 -9.47 -53.47
C PRO H 461 -4.61 -8.23 -54.40
N SER H 462 -3.85 -7.25 -53.97
CA SER H 462 -3.70 -6.00 -54.72
C SER H 462 -2.94 -6.28 -56.07
N VAL H 463 -1.95 -7.17 -56.03
CA VAL H 463 -1.20 -7.56 -57.22
C VAL H 463 -2.10 -8.29 -58.22
N VAL H 464 -2.92 -9.23 -57.77
CA VAL H 464 -3.88 -9.82 -58.69
C VAL H 464 -4.81 -8.74 -59.25
N ALA H 465 -5.40 -7.91 -58.38
CA ALA H 465 -6.34 -6.88 -58.82
C ALA H 465 -5.69 -5.93 -59.86
N ASN H 466 -4.50 -5.43 -59.57
CA ASN H 466 -3.82 -4.60 -60.53
C ASN H 466 -3.80 -5.23 -61.90
N THR H 467 -3.39 -6.51 -61.97
CA THR H 467 -3.32 -7.16 -63.28
C THR H 467 -4.69 -7.57 -63.90
N VAL H 468 -5.72 -7.83 -63.12
CA VAL H 468 -7.02 -8.02 -63.76
C VAL H 468 -7.52 -6.67 -64.34
N LYS H 469 -7.23 -5.59 -63.61
CA LYS H 469 -7.69 -4.26 -64.02
C LYS H 469 -6.87 -3.77 -65.21
N GLY H 470 -5.72 -4.37 -65.45
CA GLY H 470 -4.98 -4.08 -66.66
C GLY H 470 -5.59 -4.68 -67.92
N GLY H 471 -6.52 -5.63 -67.75
CA GLY H 471 -7.10 -6.37 -68.86
C GLY H 471 -8.41 -5.79 -69.33
N ASP H 472 -9.20 -6.56 -70.07
CA ASP H 472 -10.51 -6.13 -70.57
C ASP H 472 -11.54 -7.23 -70.63
N GLY H 473 -12.78 -6.87 -70.89
CA GLY H 473 -13.87 -7.83 -71.01
C GLY H 473 -13.87 -8.88 -69.92
N ASN H 474 -13.75 -10.14 -70.31
CA ASN H 474 -13.90 -11.24 -69.42
C ASN H 474 -12.59 -11.81 -68.93
N TYR H 475 -11.53 -11.03 -68.98
CA TYR H 475 -10.23 -11.53 -68.52
C TYR H 475 -10.24 -11.48 -67.02
N GLY H 476 -9.82 -12.58 -66.39
CA GLY H 476 -9.83 -12.65 -64.93
C GLY H 476 -8.80 -13.58 -64.36
N TYR H 477 -8.84 -13.81 -63.05
CA TYR H 477 -7.90 -14.70 -62.36
C TYR H 477 -8.66 -15.93 -62.10
N ASN H 478 -8.03 -17.05 -62.37
CA ASN H 478 -8.60 -18.36 -62.01
C ASN H 478 -7.89 -18.86 -60.77
N ALA H 479 -8.56 -18.68 -59.62
CA ALA H 479 -7.99 -18.97 -58.31
C ALA H 479 -7.68 -20.44 -58.13
N ALA H 480 -8.53 -21.30 -58.70
CA ALA H 480 -8.30 -22.74 -58.71
C ALA H 480 -6.94 -23.07 -59.31
N THR H 481 -6.69 -22.61 -60.53
CA THR H 481 -5.50 -23.04 -61.25
C THR H 481 -4.36 -22.06 -61.14
N GLU H 482 -4.58 -20.90 -60.52
CA GLU H 482 -3.52 -19.91 -60.31
C GLU H 482 -2.99 -19.27 -61.60
N GLU H 483 -3.82 -19.19 -62.63
CA GLU H 483 -3.40 -18.45 -63.83
C GLU H 483 -4.54 -17.63 -64.44
N TYR H 484 -4.18 -16.55 -65.13
CA TYR H 484 -5.18 -15.60 -65.69
C TYR H 484 -5.72 -16.13 -67.02
N GLY H 485 -6.88 -15.65 -67.45
CA GLY H 485 -7.50 -16.14 -68.66
C GLY H 485 -8.88 -15.55 -68.86
N ASN H 486 -9.61 -16.07 -69.84
CA ASN H 486 -10.96 -15.62 -70.08
C ASN H 486 -11.92 -16.41 -69.20
N MET H 487 -12.57 -15.75 -68.23
CA MET H 487 -13.41 -16.46 -67.23
C MET H 487 -14.55 -17.27 -67.85
N ILE H 488 -15.18 -16.76 -68.91
CA ILE H 488 -16.28 -17.51 -69.50
C ILE H 488 -15.79 -18.79 -70.18
N ASP H 489 -14.59 -18.69 -70.75
CA ASP H 489 -13.95 -19.83 -71.43
C ASP H 489 -13.53 -20.86 -70.42
N MET H 490 -13.09 -20.41 -69.25
CA MET H 490 -12.70 -21.36 -68.23
C MET H 490 -13.88 -21.88 -67.43
N GLY H 491 -15.09 -21.50 -67.80
CA GLY H 491 -16.27 -22.00 -67.13
C GLY H 491 -16.59 -21.38 -65.77
N ILE H 492 -15.82 -20.36 -65.37
CA ILE H 492 -16.08 -19.65 -64.14
C ILE H 492 -17.14 -18.54 -64.30
N LEU H 493 -18.42 -18.92 -64.34
CA LEU H 493 -19.51 -17.94 -64.47
C LEU H 493 -20.36 -17.79 -63.19
N ASP H 494 -20.59 -16.55 -62.70
CA ASP H 494 -21.66 -16.26 -61.70
C ASP H 494 -22.96 -15.84 -62.34
N PRO H 495 -24.11 -16.18 -61.78
CA PRO H 495 -25.36 -15.75 -62.40
C PRO H 495 -25.59 -14.27 -62.11
N THR H 496 -26.17 -13.57 -63.09
CA THR H 496 -26.29 -12.12 -63.02
C THR H 496 -27.15 -11.73 -61.81
N LYS H 497 -28.35 -12.31 -61.75
CA LYS H 497 -29.25 -12.10 -60.64
C LYS H 497 -28.51 -12.18 -59.29
N VAL H 498 -27.68 -13.20 -59.08
CA VAL H 498 -26.94 -13.18 -57.84
C VAL H 498 -25.95 -12.02 -57.74
N THR H 499 -25.17 -11.72 -58.75
CA THR H 499 -24.19 -10.63 -58.54
C THR H 499 -24.87 -9.29 -58.25
N ARG H 500 -25.92 -9.04 -59.03
CA ARG H 500 -26.75 -7.85 -58.90
C ARG H 500 -27.26 -7.77 -57.47
N SER H 501 -27.93 -8.86 -57.05
CA SER H 501 -28.58 -8.95 -55.75
C SER H 501 -27.59 -8.79 -54.62
N ALA H 502 -26.45 -9.45 -54.70
CA ALA H 502 -25.42 -9.17 -53.70
C ALA H 502 -25.29 -7.67 -53.59
N LEU H 503 -24.98 -7.01 -54.70
CA LEU H 503 -24.71 -5.56 -54.67
C LEU H 503 -25.85 -4.73 -54.11
N GLN H 504 -27.06 -4.94 -54.61
CA GLN H 504 -28.15 -4.10 -54.21
C GLN H 504 -28.34 -4.15 -52.69
N TYR H 505 -28.32 -5.35 -52.13
CA TYR H 505 -28.57 -5.55 -50.71
C TYR H 505 -27.45 -5.04 -49.84
N ALA H 506 -26.21 -5.36 -50.17
CA ALA H 506 -25.17 -4.81 -49.34
C ALA H 506 -25.31 -3.31 -49.32
N ALA H 507 -25.53 -2.70 -50.49
CA ALA H 507 -25.59 -1.22 -50.62
C ALA H 507 -26.69 -0.65 -49.77
N SER H 508 -27.85 -1.27 -49.89
CA SER H 508 -28.99 -0.89 -49.09
C SER H 508 -28.64 -0.83 -47.60
N VAL H 509 -28.20 -1.94 -47.02
CA VAL H 509 -27.87 -1.87 -45.59
C VAL H 509 -26.71 -0.94 -45.34
N ALA H 510 -25.55 -1.16 -45.94
CA ALA H 510 -24.38 -0.33 -45.56
C ALA H 510 -24.59 1.18 -45.76
N GLY H 511 -25.46 1.50 -46.73
CA GLY H 511 -25.80 2.86 -47.05
C GLY H 511 -26.39 3.50 -45.83
N LEU H 512 -27.49 2.93 -45.32
CA LEU H 512 -28.09 3.34 -44.03
C LEU H 512 -27.11 3.36 -42.88
N MET H 513 -26.32 2.31 -42.80
CA MET H 513 -25.45 2.10 -41.67
C MET H 513 -24.49 3.26 -41.45
N ILE H 514 -23.98 3.82 -42.51
CA ILE H 514 -22.97 4.85 -42.36
C ILE H 514 -23.55 6.21 -41.95
N THR H 515 -24.87 6.33 -41.93
CA THR H 515 -25.51 7.59 -41.56
C THR H 515 -25.85 7.64 -40.06
N THR H 516 -25.23 6.78 -39.27
CA THR H 516 -25.58 6.56 -37.88
C THR H 516 -24.84 7.55 -37.02
N GLU H 517 -25.57 8.32 -36.21
CA GLU H 517 -24.92 9.28 -35.35
C GLU H 517 -25.15 8.93 -33.88
N CYS H 518 -26.16 8.12 -33.62
CA CYS H 518 -26.47 7.76 -32.28
C CYS H 518 -27.07 6.36 -32.18
N MET H 519 -26.75 5.64 -31.10
CA MET H 519 -27.22 4.28 -30.93
C MET H 519 -27.85 4.09 -29.56
N VAL H 520 -28.99 3.41 -29.53
CA VAL H 520 -29.74 3.24 -28.30
C VAL H 520 -30.04 1.77 -28.04
N THR H 521 -29.49 1.25 -26.94
CA THR H 521 -29.65 -0.16 -26.54
C THR H 521 -29.80 -0.35 -25.03
N ASP H 522 -30.10 -1.58 -24.60
CA ASP H 522 -30.17 -1.96 -23.18
C ASP H 522 -28.84 -1.95 -22.47
N LEU H 523 -28.89 -1.82 -21.15
CA LEU H 523 -27.70 -1.81 -20.33
C LEU H 523 -27.09 -3.21 -20.19
N PRO H 524 -25.76 -3.28 -20.09
CA PRO H 524 -25.05 -4.55 -19.92
C PRO H 524 -25.36 -5.34 -18.64
N ALA I 1 -41.52 2.53 0.07
CA ALA I 1 -40.04 2.42 0.10
C ALA I 1 -39.44 3.75 0.57
N ALA I 2 -38.28 3.66 1.20
CA ALA I 2 -37.45 4.82 1.42
C ALA I 2 -37.24 5.57 0.10
N LYS I 3 -37.34 6.89 0.17
CA LYS I 3 -37.22 7.79 -0.96
C LYS I 3 -35.91 8.53 -0.97
N ASP I 4 -35.45 8.88 -2.16
CA ASP I 4 -34.32 9.78 -2.34
C ASP I 4 -34.91 11.17 -2.62
N VAL I 5 -34.39 12.21 -1.98
CA VAL I 5 -34.86 13.55 -2.26
C VAL I 5 -33.72 14.49 -2.60
N LYS I 6 -33.88 15.22 -3.70
CA LYS I 6 -32.84 16.10 -4.19
C LYS I 6 -33.39 17.49 -4.34
N PHE I 7 -32.54 18.46 -4.07
CA PHE I 7 -32.97 19.85 -4.04
C PHE I 7 -32.26 20.76 -5.04
N GLY I 8 -33.01 21.74 -5.51
CA GLY I 8 -32.46 22.89 -6.20
C GLY I 8 -31.71 22.50 -7.44
N ASN I 9 -30.47 22.97 -7.52
CA ASN I 9 -29.70 22.75 -8.70
C ASN I 9 -29.47 21.27 -8.99
N ASP I 10 -29.12 20.49 -7.98
CA ASP I 10 -28.90 19.07 -8.20
C ASP I 10 -30.09 18.41 -8.80
N ALA I 11 -31.26 18.62 -8.20
CA ALA I 11 -32.47 18.03 -8.76
C ALA I 11 -32.57 18.37 -10.25
N ARG I 12 -32.30 19.64 -10.56
CA ARG I 12 -32.54 20.22 -11.89
C ARG I 12 -31.56 19.73 -12.94
N VAL I 13 -30.27 19.73 -12.64
CA VAL I 13 -29.31 19.14 -13.54
C VAL I 13 -29.72 17.71 -13.91
N LYS I 14 -30.02 16.88 -12.92
CA LYS I 14 -30.54 15.55 -13.22
C LYS I 14 -31.80 15.59 -14.07
N MET I 15 -32.78 16.40 -13.71
CA MET I 15 -34.03 16.43 -14.51
C MET I 15 -33.78 16.74 -15.97
N LEU I 16 -32.74 17.55 -16.22
CA LEU I 16 -32.50 18.05 -17.55
C LEU I 16 -31.85 16.93 -18.34
N ARG I 17 -30.80 16.34 -17.75
CA ARG I 17 -30.16 15.17 -18.36
C ARG I 17 -31.19 14.15 -18.86
N GLY I 18 -32.24 13.96 -18.10
CA GLY I 18 -33.32 13.07 -18.48
C GLY I 18 -33.94 13.55 -19.75
N VAL I 19 -34.51 14.76 -19.70
CA VAL I 19 -35.09 15.42 -20.89
C VAL I 19 -34.17 15.28 -22.11
N ASN I 20 -32.92 15.69 -22.00
CA ASN I 20 -32.04 15.52 -23.12
C ASN I 20 -31.99 14.13 -23.77
N VAL I 21 -31.81 13.09 -22.98
CA VAL I 21 -31.74 11.74 -23.53
C VAL I 21 -32.96 11.47 -24.40
N LEU I 22 -34.16 11.73 -23.86
CA LEU I 22 -35.37 11.56 -24.65
C LEU I 22 -35.37 12.54 -25.81
N ALA I 23 -35.24 13.84 -25.57
CA ALA I 23 -35.17 14.83 -26.66
C ALA I 23 -34.18 14.44 -27.73
N ASP I 24 -32.92 14.21 -27.37
CA ASP I 24 -31.94 13.76 -28.36
C ASP I 24 -32.32 12.53 -29.19
N ALA I 25 -32.99 11.56 -28.61
CA ALA I 25 -33.37 10.39 -29.39
C ALA I 25 -34.51 10.78 -30.31
N VAL I 26 -35.28 11.80 -29.96
CA VAL I 26 -36.46 12.05 -30.79
C VAL I 26 -36.06 13.00 -31.96
N LYS I 27 -35.19 13.95 -31.62
CA LYS I 27 -34.69 14.98 -32.51
C LYS I 27 -34.13 14.44 -33.79
N VAL I 28 -33.55 13.22 -33.78
CA VAL I 28 -32.78 12.81 -34.94
C VAL I 28 -33.68 12.52 -36.12
N THR I 29 -34.98 12.49 -35.86
CA THR I 29 -35.92 12.14 -36.88
C THR I 29 -36.63 13.33 -37.48
N LEU I 30 -36.38 14.53 -36.96
CA LEU I 30 -37.12 15.71 -37.44
C LEU I 30 -36.73 16.14 -38.85
N GLY I 31 -37.75 16.31 -39.69
CA GLY I 31 -37.51 16.89 -41.00
C GLY I 31 -37.20 15.95 -42.15
N PRO I 32 -37.16 16.49 -43.36
CA PRO I 32 -36.93 15.65 -44.54
C PRO I 32 -35.59 14.92 -44.51
N LYS I 33 -34.51 15.49 -43.98
CA LYS I 33 -33.25 14.78 -43.80
C LYS I 33 -33.16 14.16 -42.38
N GLY I 34 -34.34 13.87 -41.84
CA GLY I 34 -34.43 13.07 -40.64
C GLY I 34 -34.03 11.63 -40.92
N ARG I 35 -33.40 11.00 -39.91
CA ARG I 35 -32.97 9.61 -39.95
C ARG I 35 -33.91 8.77 -39.07
N ASN I 36 -33.70 7.46 -39.05
CA ASN I 36 -34.57 6.62 -38.27
C ASN I 36 -33.96 6.21 -36.94
N VAL I 37 -34.83 5.77 -36.04
CA VAL I 37 -34.42 5.18 -34.78
C VAL I 37 -34.87 3.73 -34.76
N VAL I 38 -34.01 2.85 -34.25
CA VAL I 38 -34.36 1.44 -34.07
C VAL I 38 -34.80 1.15 -32.64
N LEU I 39 -35.99 0.57 -32.52
CA LEU I 39 -36.57 0.28 -31.22
C LEU I 39 -36.71 -1.22 -30.94
N ASP I 40 -35.85 -1.72 -30.06
CA ASP I 40 -35.92 -3.11 -29.66
C ASP I 40 -37.26 -3.54 -29.10
N LYS I 41 -37.53 -4.83 -29.18
CA LYS I 41 -38.78 -5.41 -28.74
C LYS I 41 -38.47 -6.91 -28.62
N SER I 42 -38.32 -7.42 -27.38
CA SER I 42 -38.04 -8.86 -27.20
C SER I 42 -39.06 -9.65 -28.06
N PHE I 43 -40.34 -9.51 -27.68
CA PHE I 43 -41.54 -9.84 -28.49
C PHE I 43 -41.28 -10.29 -29.94
N GLY I 44 -41.07 -9.34 -30.85
CA GLY I 44 -40.85 -9.65 -32.27
C GLY I 44 -39.52 -9.11 -32.77
N ALA I 45 -39.45 -8.78 -34.06
CA ALA I 45 -38.25 -8.15 -34.60
C ALA I 45 -38.27 -6.73 -34.12
N PRO I 46 -37.12 -6.07 -34.06
CA PRO I 46 -37.10 -4.64 -33.81
C PRO I 46 -37.94 -3.86 -34.81
N THR I 47 -38.14 -2.60 -34.50
CA THR I 47 -38.98 -1.70 -35.26
C THR I 47 -38.09 -0.60 -35.76
N ILE I 48 -38.19 -0.27 -37.04
CA ILE I 48 -37.54 0.95 -37.48
C ILE I 48 -38.63 2.00 -37.56
N THR I 49 -38.36 3.22 -37.10
CA THR I 49 -39.40 4.24 -37.09
C THR I 49 -38.86 5.66 -37.09
N LYS I 50 -39.58 6.55 -37.78
CA LYS I 50 -39.28 8.00 -37.82
C LYS I 50 -40.16 8.77 -36.83
N ASP I 51 -41.22 8.09 -36.37
CA ASP I 51 -42.35 8.67 -35.67
C ASP I 51 -42.04 9.02 -34.23
N GLY I 52 -41.96 10.32 -33.99
CA GLY I 52 -41.43 10.87 -32.73
C GLY I 52 -42.02 10.35 -31.43
N VAL I 53 -43.33 10.12 -31.41
CA VAL I 53 -44.00 9.66 -30.23
C VAL I 53 -43.54 8.23 -29.96
N SER I 54 -43.33 7.46 -31.04
CA SER I 54 -42.95 6.08 -30.89
C SER I 54 -41.60 5.90 -30.21
N VAL I 55 -40.63 6.73 -30.59
CA VAL I 55 -39.36 6.74 -29.89
C VAL I 55 -39.60 7.13 -28.45
N ALA I 56 -40.37 8.21 -28.22
CA ALA I 56 -40.60 8.77 -26.87
C ALA I 56 -41.12 7.75 -25.89
N ARG I 57 -42.27 7.15 -26.19
CA ARG I 57 -42.85 6.09 -25.37
C ARG I 57 -41.89 4.93 -24.94
N GLU I 58 -40.74 4.80 -25.57
CA GLU I 58 -39.80 3.73 -25.18
C GLU I 58 -38.71 4.21 -24.23
N ILE I 59 -38.46 5.51 -24.14
CA ILE I 59 -37.39 5.91 -23.25
C ILE I 59 -37.82 5.79 -21.80
N GLU I 60 -36.98 5.09 -21.03
CA GLU I 60 -37.06 4.96 -19.58
C GLU I 60 -35.62 4.88 -19.12
N LEU I 61 -35.23 5.64 -18.11
CA LEU I 61 -33.81 5.66 -17.79
C LEU I 61 -33.53 4.93 -16.48
N GLU I 62 -32.24 4.69 -16.19
CA GLU I 62 -31.93 3.94 -15.00
C GLU I 62 -31.84 4.79 -13.77
N ASP I 63 -31.12 5.91 -13.87
CA ASP I 63 -31.04 6.93 -12.84
C ASP I 63 -32.41 7.51 -12.61
N LYS I 64 -32.90 7.39 -11.40
CA LYS I 64 -34.31 7.48 -11.15
C LYS I 64 -34.82 8.90 -11.37
N PHE I 65 -33.92 9.87 -11.22
CA PHE I 65 -34.23 11.28 -11.34
C PHE I 65 -34.27 11.65 -12.81
N GLU I 66 -33.22 11.28 -13.54
CA GLU I 66 -33.17 11.43 -14.97
C GLU I 66 -34.43 10.82 -15.51
N ASN I 67 -34.80 9.63 -15.04
CA ASN I 67 -36.02 9.03 -15.50
C ASN I 67 -37.20 9.97 -15.46
N MET I 68 -37.33 10.67 -14.34
CA MET I 68 -38.45 11.55 -14.07
C MET I 68 -38.51 12.68 -15.09
N GLY I 69 -37.37 13.30 -15.36
CA GLY I 69 -37.22 14.19 -16.49
C GLY I 69 -37.86 13.61 -17.75
N ALA I 70 -37.32 12.50 -18.25
CA ALA I 70 -37.82 11.90 -19.47
C ALA I 70 -39.29 11.52 -19.38
N GLN I 71 -39.76 11.06 -18.23
CA GLN I 71 -41.12 10.59 -18.15
C GLN I 71 -42.14 11.72 -18.26
N MET I 72 -41.65 12.94 -18.03
CA MET I 72 -42.50 14.12 -18.05
C MET I 72 -42.61 14.74 -19.45
N VAL I 73 -41.48 15.07 -20.08
CA VAL I 73 -41.48 15.52 -21.47
C VAL I 73 -42.16 14.49 -22.37
N LYS I 74 -42.02 13.22 -22.04
CA LYS I 74 -42.68 12.20 -22.81
C LYS I 74 -44.18 12.53 -23.02
N GLU I 75 -44.71 13.40 -22.17
CA GLU I 75 -46.13 13.68 -22.24
C GLU I 75 -46.47 14.70 -23.33
N VAL I 76 -45.53 15.55 -23.68
CA VAL I 76 -45.81 16.50 -24.72
C VAL I 76 -46.00 15.71 -26.03
N ALA I 77 -45.00 14.88 -26.34
CA ALA I 77 -45.01 14.08 -27.58
C ALA I 77 -46.23 13.17 -27.53
N SER I 78 -46.60 12.74 -26.34
CA SER I 78 -47.72 11.87 -26.26
C SER I 78 -49.05 12.60 -26.52
N LYS I 79 -49.17 13.77 -25.91
CA LYS I 79 -50.38 14.58 -26.03
C LYS I 79 -50.60 15.14 -27.45
N ALA I 80 -49.54 15.77 -28.00
CA ALA I 80 -49.52 16.11 -29.43
C ALA I 80 -50.19 15.01 -30.28
N ASN I 81 -49.67 13.79 -30.16
CA ASN I 81 -50.16 12.67 -30.89
C ASN I 81 -51.66 12.44 -30.76
N ASP I 82 -52.22 12.60 -29.57
CA ASP I 82 -53.64 12.22 -29.33
C ASP I 82 -54.60 13.22 -29.91
N ALA I 83 -54.09 14.44 -30.05
CA ALA I 83 -54.88 15.59 -30.49
C ALA I 83 -54.73 15.81 -31.99
N ALA I 84 -53.49 16.15 -32.36
CA ALA I 84 -53.07 16.36 -33.75
C ALA I 84 -53.02 15.07 -34.58
N GLY I 85 -52.07 14.18 -34.27
CA GLY I 85 -51.76 13.01 -35.09
C GLY I 85 -50.37 13.17 -35.70
N ASP I 86 -49.74 14.32 -35.52
CA ASP I 86 -48.43 14.60 -36.11
C ASP I 86 -47.79 15.72 -35.28
N GLY I 87 -46.57 16.11 -35.62
CA GLY I 87 -45.93 17.18 -34.88
C GLY I 87 -45.30 16.82 -33.54
N THR I 88 -45.36 15.52 -33.19
CA THR I 88 -44.87 14.99 -31.92
C THR I 88 -43.37 15.26 -31.77
N THR I 89 -42.62 15.15 -32.85
CA THR I 89 -41.21 15.51 -32.74
C THR I 89 -41.07 17.00 -32.49
N THR I 90 -41.84 17.82 -33.22
CA THR I 90 -41.69 19.28 -33.13
C THR I 90 -41.97 19.60 -31.66
N ALA I 91 -43.17 19.18 -31.24
CA ALA I 91 -43.58 19.35 -29.86
C ALA I 91 -42.36 19.05 -28.95
N THR I 92 -41.73 17.90 -29.13
CA THR I 92 -40.68 17.49 -28.22
C THR I 92 -39.53 18.48 -28.27
N VAL I 93 -39.23 18.93 -29.47
CA VAL I 93 -38.05 19.78 -29.66
C VAL I 93 -38.24 21.20 -29.07
N LEU I 94 -39.50 21.65 -29.08
CA LEU I 94 -39.83 22.93 -28.52
C LEU I 94 -39.71 22.75 -27.04
N ALA I 95 -40.31 21.68 -26.51
CA ALA I 95 -40.31 21.45 -25.06
C ALA I 95 -38.90 21.40 -24.54
N GLN I 96 -38.00 20.77 -25.24
CA GLN I 96 -36.64 20.68 -24.73
C GLN I 96 -35.98 22.04 -24.71
N ALA I 97 -36.52 22.94 -25.52
CA ALA I 97 -35.87 24.21 -25.80
C ALA I 97 -36.28 25.21 -24.73
N ILE I 98 -37.59 25.21 -24.49
CA ILE I 98 -38.11 26.04 -23.43
C ILE I 98 -37.39 25.67 -22.11
N ILE I 99 -37.32 24.35 -21.82
CA ILE I 99 -36.69 23.84 -20.59
C ILE I 99 -35.26 24.31 -20.50
N THR I 100 -34.48 24.10 -21.55
CA THR I 100 -33.07 24.42 -21.47
C THR I 100 -32.93 25.89 -21.12
N GLU I 101 -33.76 26.70 -21.77
CA GLU I 101 -33.59 28.16 -21.70
C GLU I 101 -34.14 28.65 -20.38
N GLY I 102 -35.32 28.16 -20.03
CA GLY I 102 -35.87 28.27 -18.69
C GLY I 102 -34.82 28.05 -17.61
N LEU I 103 -34.37 26.80 -17.44
CA LEU I 103 -33.49 26.49 -16.32
C LEU I 103 -32.28 27.38 -16.32
N LYS I 104 -31.87 27.87 -17.49
CA LYS I 104 -30.72 28.76 -17.52
C LYS I 104 -31.06 30.07 -16.82
N ALA I 105 -32.31 30.51 -16.98
CA ALA I 105 -32.77 31.74 -16.36
C ALA I 105 -32.95 31.52 -14.85
N VAL I 106 -33.50 30.35 -14.48
CA VAL I 106 -33.70 30.03 -13.09
C VAL I 106 -32.36 30.09 -12.38
N ALA I 107 -31.32 29.67 -13.08
CA ALA I 107 -29.98 29.70 -12.52
C ALA I 107 -29.42 31.12 -12.47
N ALA I 108 -30.12 32.06 -13.12
CA ALA I 108 -29.71 33.47 -13.13
C ALA I 108 -30.29 34.22 -11.93
N GLY I 109 -31.11 33.52 -11.13
CA GLY I 109 -31.82 34.15 -10.03
C GLY I 109 -33.24 34.62 -10.33
N MET I 110 -33.71 34.46 -11.55
CA MET I 110 -35.10 34.69 -11.89
C MET I 110 -36.07 33.82 -11.10
N ASN I 111 -37.29 34.32 -10.95
CA ASN I 111 -38.34 33.63 -10.22
C ASN I 111 -39.12 32.69 -11.11
N PRO I 112 -38.97 31.39 -10.93
CA PRO I 112 -39.53 30.43 -11.90
C PRO I 112 -41.00 30.66 -12.17
N MET I 113 -41.78 30.89 -11.13
CA MET I 113 -43.20 30.97 -11.34
C MET I 113 -43.61 32.15 -12.25
N ASP I 114 -42.71 33.12 -12.41
CA ASP I 114 -42.90 34.28 -13.28
C ASP I 114 -42.48 33.89 -14.70
N LEU I 115 -41.33 33.21 -14.80
CA LEU I 115 -40.84 32.75 -16.09
C LEU I 115 -41.95 31.96 -16.70
N LYS I 116 -42.59 31.11 -15.91
CA LYS I 116 -43.76 30.40 -16.39
C LYS I 116 -44.88 31.32 -16.92
N ARG I 117 -45.29 32.32 -16.13
CA ARG I 117 -46.35 33.26 -16.56
C ARG I 117 -45.99 33.93 -17.89
N GLY I 118 -44.72 34.23 -18.10
CA GLY I 118 -44.25 34.85 -19.31
C GLY I 118 -44.44 33.90 -20.49
N ILE I 119 -43.74 32.75 -20.44
CA ILE I 119 -43.92 31.65 -21.38
C ILE I 119 -45.39 31.52 -21.69
N ASP I 120 -46.24 31.41 -20.67
CA ASP I 120 -47.65 31.12 -20.99
C ASP I 120 -48.29 32.25 -21.81
N LYS I 121 -48.03 33.49 -21.42
CA LYS I 121 -48.55 34.65 -22.10
C LYS I 121 -48.04 34.68 -23.53
N ALA I 122 -46.72 34.46 -23.69
CA ALA I 122 -46.11 34.42 -25.04
C ALA I 122 -46.84 33.40 -25.89
N VAL I 123 -47.12 32.25 -25.33
CA VAL I 123 -47.85 31.21 -26.06
C VAL I 123 -49.29 31.60 -26.41
N THR I 124 -50.03 32.22 -25.49
CA THR I 124 -51.43 32.54 -25.76
C THR I 124 -51.52 33.47 -26.97
N ALA I 125 -50.44 34.22 -27.14
CA ALA I 125 -50.35 35.25 -28.16
C ALA I 125 -49.94 34.61 -29.48
N ALA I 126 -48.95 33.74 -29.41
CA ALA I 126 -48.53 32.94 -30.56
C ALA I 126 -49.72 32.15 -31.09
N VAL I 127 -50.55 31.59 -30.23
CA VAL I 127 -51.70 30.85 -30.76
C VAL I 127 -52.64 31.73 -31.55
N GLU I 128 -52.94 32.93 -31.03
CA GLU I 128 -53.74 33.93 -31.71
C GLU I 128 -53.12 34.29 -33.07
N GLU I 129 -51.81 34.53 -33.08
CA GLU I 129 -51.11 34.93 -34.25
C GLU I 129 -51.16 33.88 -35.34
N LEU I 130 -50.91 32.61 -34.98
CA LEU I 130 -51.17 31.48 -35.88
C LEU I 130 -52.59 31.39 -36.40
N LYS I 131 -53.61 31.67 -35.60
CA LYS I 131 -54.96 31.66 -36.18
C LYS I 131 -55.03 32.65 -37.37
N ALA I 132 -54.19 33.68 -37.30
CA ALA I 132 -54.28 34.79 -38.24
C ALA I 132 -53.69 34.35 -39.57
N LEU I 133 -52.42 33.90 -39.50
CA LEU I 133 -51.65 33.29 -40.59
C LEU I 133 -52.30 32.11 -41.29
N SER I 134 -52.96 31.26 -40.53
CA SER I 134 -53.62 30.14 -41.13
C SER I 134 -54.55 30.58 -42.27
N VAL I 135 -54.40 29.93 -43.39
CA VAL I 135 -55.34 30.12 -44.45
C VAL I 135 -56.04 28.77 -44.61
N PRO I 136 -56.32 29.46 -42.32
CA PRO I 136 -57.46 28.60 -42.61
C PRO I 136 -57.09 27.39 -43.44
N CYS I 137 -58.03 26.46 -43.50
CA CYS I 137 -57.87 25.23 -44.24
C CYS I 137 -59.25 24.83 -44.67
N SER I 138 -59.66 25.28 -45.85
CA SER I 138 -61.01 24.97 -46.32
C SER I 138 -61.11 24.20 -47.65
N ASP I 139 -60.63 24.80 -48.73
CA ASP I 139 -60.69 24.18 -50.05
C ASP I 139 -60.02 22.82 -50.08
N SER I 140 -60.51 21.94 -50.95
CA SER I 140 -59.96 20.61 -51.07
C SER I 140 -58.46 20.64 -51.24
N LYS I 141 -57.92 21.79 -51.63
CA LYS I 141 -56.48 21.95 -51.80
C LYS I 141 -55.81 21.90 -50.44
N ALA I 142 -56.13 22.89 -49.61
CA ALA I 142 -55.57 22.99 -48.27
C ALA I 142 -55.73 21.66 -47.54
N ILE I 143 -56.84 20.98 -47.83
CA ILE I 143 -57.16 19.70 -47.22
C ILE I 143 -56.19 18.59 -47.62
N ALA I 144 -56.15 18.26 -48.90
CA ALA I 144 -55.21 17.23 -49.35
C ALA I 144 -53.83 17.74 -48.99
N GLN I 145 -53.72 19.08 -48.91
CA GLN I 145 -52.49 19.75 -48.56
C GLN I 145 -52.06 19.15 -47.23
N VAL I 146 -52.58 19.72 -46.15
CA VAL I 146 -52.28 19.26 -44.80
C VAL I 146 -52.26 17.74 -44.68
N GLY I 147 -53.24 17.10 -45.29
CA GLY I 147 -53.30 15.65 -45.24
C GLY I 147 -51.99 15.04 -45.69
N THR I 148 -51.66 15.19 -46.97
CA THR I 148 -50.43 14.65 -47.52
C THR I 148 -49.22 14.96 -46.63
N ILE I 149 -49.26 16.10 -45.94
CA ILE I 149 -48.16 16.52 -45.06
C ILE I 149 -48.10 15.63 -43.82
N SER I 150 -49.20 15.65 -43.07
CA SER I 150 -49.32 14.87 -41.85
C SER I 150 -49.18 13.37 -42.14
N ALA I 151 -49.35 13.02 -43.41
CA ALA I 151 -49.23 11.65 -43.86
C ALA I 151 -47.76 11.42 -44.19
N ASN I 152 -46.96 12.47 -44.02
CA ASN I 152 -45.53 12.41 -44.29
C ASN I 152 -45.21 12.50 -45.78
N SER I 153 -45.53 13.63 -46.38
CA SER I 153 -45.23 13.85 -47.80
C SER I 153 -46.11 13.06 -48.76
N ASP I 154 -46.48 11.85 -48.39
CA ASP I 154 -47.31 11.01 -49.26
C ASP I 154 -48.54 11.75 -49.76
N GLU I 155 -48.47 12.24 -50.99
CA GLU I 155 -49.58 12.97 -51.59
C GLU I 155 -50.83 12.12 -51.79
N THR I 156 -50.64 10.86 -52.16
CA THR I 156 -51.77 9.96 -52.40
C THR I 156 -52.70 10.02 -51.21
N VAL I 157 -52.12 10.16 -50.04
CA VAL I 157 -52.90 10.22 -48.82
C VAL I 157 -53.76 11.47 -48.72
N GLY I 158 -53.12 12.62 -48.55
CA GLY I 158 -53.86 13.87 -48.46
C GLY I 158 -54.95 13.88 -49.49
N LYS I 159 -54.72 13.18 -50.60
CA LYS I 159 -55.67 13.07 -51.70
C LYS I 159 -57.00 12.49 -51.24
N LEU I 160 -57.03 11.17 -51.00
CA LEU I 160 -58.24 10.46 -50.57
C LEU I 160 -58.99 11.19 -49.49
N ILE I 161 -58.24 11.75 -48.56
CA ILE I 161 -58.83 12.48 -47.47
C ILE I 161 -59.68 13.63 -48.02
N ALA I 162 -59.10 14.42 -48.91
CA ALA I 162 -59.82 15.54 -49.51
C ALA I 162 -61.03 14.98 -50.24
N GLU I 163 -60.83 13.92 -51.01
CA GLU I 163 -61.91 13.27 -51.76
C GLU I 163 -63.01 12.90 -50.81
N ALA I 164 -62.61 12.17 -49.78
CA ALA I 164 -63.54 11.72 -48.76
C ALA I 164 -64.44 12.87 -48.35
N MET I 165 -63.89 13.83 -47.62
CA MET I 165 -64.68 14.96 -47.17
C MET I 165 -65.47 15.56 -48.32
N ASP I 166 -64.87 15.51 -49.50
CA ASP I 166 -65.49 16.05 -50.68
C ASP I 166 -66.73 15.22 -51.02
N LYS I 167 -66.84 14.05 -50.39
CA LYS I 167 -67.98 13.14 -50.62
C LYS I 167 -69.11 13.29 -49.60
N VAL I 168 -68.85 12.89 -48.35
CA VAL I 168 -69.85 12.98 -47.29
C VAL I 168 -69.72 14.30 -46.52
N GLY I 169 -68.86 15.20 -47.01
CA GLY I 169 -68.69 16.50 -46.39
C GLY I 169 -67.55 16.58 -45.40
N LYS I 170 -67.28 17.78 -44.92
CA LYS I 170 -66.21 17.96 -43.94
C LYS I 170 -66.61 17.29 -42.63
N GLU I 171 -67.90 17.32 -42.34
CA GLU I 171 -68.40 16.71 -41.11
C GLU I 171 -68.83 15.27 -41.33
N GLY I 172 -68.76 14.82 -42.57
CA GLY I 172 -69.16 13.46 -42.89
C GLY I 172 -68.40 12.48 -42.02
N VAL I 173 -68.79 11.21 -42.03
CA VAL I 173 -68.11 10.22 -41.22
C VAL I 173 -67.23 9.34 -42.09
N ILE I 174 -65.93 9.42 -41.85
CA ILE I 174 -64.97 8.64 -42.62
C ILE I 174 -64.32 7.58 -41.76
N THR I 175 -64.07 6.41 -42.35
CA THR I 175 -63.45 5.32 -41.61
C THR I 175 -62.34 4.71 -42.42
N VAL I 176 -61.66 3.74 -41.81
CA VAL I 176 -60.57 3.08 -42.49
C VAL I 176 -60.58 1.59 -42.22
N GLU I 177 -60.33 0.84 -43.28
CA GLU I 177 -60.30 -0.60 -43.20
C GLU I 177 -59.11 -1.04 -44.02
N ASP I 178 -58.54 -2.18 -43.67
CA ASP I 178 -57.40 -2.69 -44.42
C ASP I 178 -57.84 -2.96 -45.85
N GLY I 179 -56.95 -2.72 -46.80
CA GLY I 179 -57.29 -2.94 -48.19
C GLY I 179 -57.21 -4.40 -48.55
N THR I 180 -58.14 -4.84 -49.40
CA THR I 180 -58.17 -6.22 -49.84
C THR I 180 -57.02 -6.50 -50.79
N GLY I 181 -56.72 -5.55 -51.67
CA GLY I 181 -55.62 -5.71 -52.62
C GLY I 181 -54.52 -4.67 -52.49
N LEU I 182 -54.02 -4.19 -53.62
CA LEU I 182 -52.96 -3.19 -53.64
C LEU I 182 -53.52 -1.79 -53.88
N GLN I 183 -54.76 -1.74 -54.32
CA GLN I 183 -55.41 -0.47 -54.60
C GLN I 183 -56.17 0.11 -53.43
N ASP I 184 -56.16 1.43 -53.35
CA ASP I 184 -56.87 2.15 -52.30
C ASP I 184 -58.31 2.16 -52.79
N GLU I 185 -59.27 2.18 -51.87
CA GLU I 185 -60.70 2.19 -52.25
C GLU I 185 -61.52 3.10 -51.35
N LEU I 186 -62.27 4.00 -51.97
CA LEU I 186 -63.11 4.92 -51.21
C LEU I 186 -64.55 4.60 -51.60
N ASP I 187 -65.35 4.20 -50.62
CA ASP I 187 -66.75 3.86 -50.87
C ASP I 187 -67.69 4.47 -49.85
N VAL I 188 -68.85 4.89 -50.31
CA VAL I 188 -69.85 5.47 -49.42
C VAL I 188 -70.93 4.42 -49.23
N VAL I 189 -71.31 4.14 -48.00
CA VAL I 189 -72.32 3.12 -47.75
C VAL I 189 -73.25 3.50 -46.60
N GLU I 190 -74.44 2.89 -46.57
CA GLU I 190 -75.40 3.14 -45.51
C GLU I 190 -74.71 2.80 -44.19
N GLY I 191 -74.49 5.26 -42.34
CA GLY I 191 -73.77 5.06 -41.10
C GLY I 191 -73.74 6.33 -40.25
N MET I 192 -73.05 6.25 -39.11
CA MET I 192 -73.05 7.32 -38.12
C MET I 192 -71.85 7.28 -37.17
N GLN I 193 -71.47 8.42 -36.62
CA GLN I 193 -70.41 8.49 -35.62
C GLN I 193 -70.78 9.43 -34.48
N PHE I 194 -70.59 8.97 -33.24
CA PHE I 194 -70.87 9.77 -32.07
C PHE I 194 -69.76 9.76 -31.02
N ASP I 195 -69.74 10.81 -30.21
CA ASP I 195 -68.64 11.06 -29.26
C ASP I 195 -68.66 10.21 -27.99
N ARG I 196 -68.45 8.91 -28.14
CA ARG I 196 -68.41 8.00 -26.99
C ARG I 196 -67.32 6.95 -27.15
N GLY I 197 -66.51 6.79 -26.11
CA GLY I 197 -65.41 5.83 -26.13
C GLY I 197 -65.77 4.53 -25.46
N TYR I 198 -64.91 3.54 -25.62
CA TYR I 198 -65.12 2.24 -24.99
C TYR I 198 -65.22 2.36 -23.48
N LEU I 199 -65.89 1.41 -22.86
CA LEU I 199 -66.08 1.42 -21.41
C LEU I 199 -64.95 0.69 -20.68
N SER I 200 -63.98 0.18 -21.45
CA SER I 200 -62.77 -0.47 -20.92
C SER I 200 -61.72 -0.70 -22.01
N PRO I 201 -60.47 -0.31 -21.74
CA PRO I 201 -59.36 -0.58 -22.68
C PRO I 201 -59.17 -2.06 -22.98
N TYR I 202 -59.94 -2.91 -22.31
CA TYR I 202 -59.79 -4.35 -22.43
C TYR I 202 -60.62 -4.95 -23.57
N PHE I 203 -61.36 -4.11 -24.28
CA PHE I 203 -62.11 -4.55 -25.45
C PHE I 203 -61.28 -4.47 -26.72
N ILE I 204 -60.18 -3.72 -26.65
CA ILE I 204 -59.27 -3.52 -27.78
C ILE I 204 -58.81 -4.86 -28.37
N ASN I 205 -59.12 -5.06 -29.64
CA ASN I 205 -58.65 -6.23 -30.36
C ASN I 205 -57.56 -5.86 -31.38
N LYS I 206 -57.48 -4.58 -31.73
CA LYS I 206 -56.40 -4.06 -32.56
C LYS I 206 -55.46 -3.22 -31.69
N PRO I 207 -54.42 -3.84 -31.16
CA PRO I 207 -53.49 -3.15 -30.24
C PRO I 207 -52.80 -1.98 -30.93
N GLU I 208 -52.58 -2.11 -32.24
CA GLU I 208 -51.91 -1.09 -33.05
C GLU I 208 -52.65 0.25 -33.01
N THR I 209 -53.84 0.30 -33.60
CA THR I 209 -54.66 1.51 -33.61
C THR I 209 -55.09 1.92 -32.19
N GLY I 210 -55.09 0.95 -31.27
CA GLY I 210 -55.62 1.16 -29.94
C GLY I 210 -57.13 1.29 -30.01
N ALA I 211 -57.74 0.46 -30.87
CA ALA I 211 -59.15 0.56 -31.17
C ALA I 211 -59.86 -0.79 -31.10
N VAL I 212 -61.16 -0.78 -31.35
CA VAL I 212 -61.98 -1.98 -31.33
C VAL I 212 -62.70 -2.12 -32.67
N GLU I 213 -62.19 -3.01 -33.51
CA GLU I 213 -62.82 -3.28 -34.80
C GLU I 213 -63.66 -4.55 -34.70
N LEU I 214 -64.93 -4.47 -35.11
CA LEU I 214 -65.82 -5.61 -35.01
C LEU I 214 -66.48 -5.93 -36.36
N GLU I 215 -66.50 -7.22 -36.69
CA GLU I 215 -66.97 -7.69 -38.00
C GLU I 215 -68.44 -8.09 -38.00
N SER I 216 -69.22 -7.46 -38.89
CA SER I 216 -70.68 -7.60 -39.01
C SER I 216 -71.44 -8.04 -37.73
N PRO I 217 -71.34 -7.23 -36.67
CA PRO I 217 -71.94 -7.59 -35.38
C PRO I 217 -73.38 -7.12 -35.21
N PHE I 218 -74.04 -7.68 -34.21
CA PHE I 218 -75.35 -7.26 -33.79
C PHE I 218 -75.22 -6.07 -32.84
N ILE I 219 -76.25 -5.22 -32.79
CA ILE I 219 -76.24 -4.07 -31.90
C ILE I 219 -77.41 -4.11 -30.93
N LEU I 220 -77.07 -4.02 -29.64
CA LEU I 220 -78.04 -3.99 -28.55
C LEU I 220 -78.30 -2.55 -28.13
N LEU I 221 -79.57 -2.16 -28.11
CA LEU I 221 -79.92 -0.78 -27.78
C LEU I 221 -80.80 -0.67 -26.54
N ALA I 222 -80.15 -0.46 -25.39
CA ALA I 222 -80.83 -0.45 -24.10
C ALA I 222 -80.99 0.96 -23.52
N ASP I 223 -82.15 1.20 -22.94
CA ASP I 223 -82.49 2.51 -22.40
C ASP I 223 -82.03 2.70 -20.95
N LYS I 224 -81.80 1.61 -20.24
CA LYS I 224 -81.45 1.68 -18.81
C LYS I 224 -79.95 1.49 -18.56
N LYS I 225 -79.55 1.68 -17.31
CA LYS I 225 -78.20 1.37 -16.87
C LYS I 225 -78.07 -0.15 -16.73
N ILE I 226 -76.91 -0.68 -17.07
CA ILE I 226 -76.68 -2.13 -17.00
C ILE I 226 -75.71 -2.49 -15.88
N SER I 227 -76.27 -2.89 -14.74
CA SER I 227 -75.45 -3.28 -13.59
C SER I 227 -75.36 -4.79 -13.48
N ASN I 228 -76.51 -5.45 -13.43
CA ASN I 228 -76.57 -6.91 -13.32
C ASN I 228 -76.36 -7.59 -14.67
N ILE I 229 -75.84 -8.81 -14.63
CA ILE I 229 -75.49 -9.58 -15.83
C ILE I 229 -76.52 -10.65 -16.17
N ARG I 230 -77.55 -10.78 -15.33
CA ARG I 230 -78.55 -11.83 -15.47
C ARG I 230 -79.49 -11.62 -16.67
N GLU I 231 -79.85 -10.37 -16.93
CA GLU I 231 -80.72 -10.03 -18.06
C GLU I 231 -79.97 -10.10 -19.40
N MET I 232 -78.69 -10.44 -19.33
CA MET I 232 -77.85 -10.55 -20.52
C MET I 232 -77.91 -11.92 -21.19
N LEU I 233 -78.02 -12.98 -20.38
CA LEU I 233 -77.92 -14.36 -20.87
C LEU I 233 -78.91 -14.80 -21.98
N PRO I 234 -80.17 -14.34 -21.97
CA PRO I 234 -81.10 -14.67 -23.06
C PRO I 234 -80.62 -14.19 -24.44
N VAL I 235 -80.04 -13.01 -24.51
CA VAL I 235 -79.50 -12.47 -25.77
C VAL I 235 -78.04 -12.85 -26.00
N LEU I 236 -77.23 -12.77 -24.95
CA LEU I 236 -75.79 -13.03 -25.03
C LEU I 236 -75.45 -14.50 -25.36
N GLU I 237 -76.43 -15.38 -25.19
CA GLU I 237 -76.30 -16.79 -25.54
C GLU I 237 -76.85 -17.10 -26.93
N ALA I 238 -77.76 -16.24 -27.40
CA ALA I 238 -78.29 -16.34 -28.76
C ALA I 238 -77.29 -15.81 -29.81
N VAL I 239 -76.46 -14.86 -29.39
CA VAL I 239 -75.39 -14.31 -30.24
C VAL I 239 -74.06 -15.04 -30.02
N ALA I 240 -74.02 -15.92 -29.03
CA ALA I 240 -72.91 -16.84 -28.86
C ALA I 240 -72.98 -17.93 -29.94
N LYS I 241 -74.19 -18.44 -30.17
CA LYS I 241 -74.43 -19.50 -31.15
C LYS I 241 -74.71 -18.95 -32.55
N ALA I 242 -74.61 -17.63 -32.71
CA ALA I 242 -74.69 -17.01 -34.02
C ALA I 242 -73.29 -16.70 -34.55
N GLY I 243 -72.28 -17.00 -33.74
CA GLY I 243 -70.88 -16.85 -34.12
C GLY I 243 -70.34 -15.43 -34.15
N LYS I 244 -71.24 -14.45 -34.27
CA LYS I 244 -70.86 -13.04 -34.46
C LYS I 244 -70.65 -12.29 -33.15
N PRO I 245 -69.88 -11.20 -33.18
CA PRO I 245 -69.71 -10.33 -32.01
C PRO I 245 -70.97 -9.48 -31.74
N LEU I 246 -70.92 -8.66 -30.70
CA LEU I 246 -72.08 -7.88 -30.25
C LEU I 246 -71.68 -6.56 -29.60
N LEU I 247 -72.35 -5.49 -30.02
CA LEU I 247 -72.11 -4.15 -29.50
C LEU I 247 -73.22 -3.73 -28.56
N ILE I 248 -72.85 -3.13 -27.43
CA ILE I 248 -73.83 -2.68 -26.44
C ILE I 248 -73.85 -1.16 -26.29
N ILE I 249 -74.98 -0.56 -26.63
CA ILE I 249 -75.22 0.84 -26.33
C ILE I 249 -76.34 0.97 -25.31
N ALA I 250 -76.01 1.49 -24.13
CA ALA I 250 -76.95 1.72 -23.05
C ALA I 250 -76.61 2.99 -22.29
N GLU I 251 -77.48 3.38 -21.36
CA GLU I 251 -77.23 4.53 -20.51
C GLU I 251 -75.83 4.43 -19.89
N ASP I 252 -75.49 3.22 -19.42
CA ASP I 252 -74.14 2.90 -18.94
C ASP I 252 -74.01 1.38 -18.80
N VAL I 253 -72.83 0.91 -18.42
CA VAL I 253 -72.62 -0.47 -17.99
C VAL I 253 -71.76 -0.46 -16.73
N GLU I 254 -72.37 -0.85 -15.60
CA GLU I 254 -71.77 -0.75 -14.27
C GLU I 254 -70.85 -1.93 -13.97
N GLY I 255 -69.84 -1.68 -13.13
CA GLY I 255 -68.81 -2.64 -12.77
C GLY I 255 -69.21 -4.11 -12.77
N GLU I 256 -70.38 -4.40 -12.22
CA GLU I 256 -70.87 -5.78 -12.06
C GLU I 256 -71.02 -6.55 -13.38
N ALA I 257 -71.71 -5.95 -14.35
CA ALA I 257 -71.87 -6.56 -15.67
C ALA I 257 -70.67 -6.28 -16.56
N LEU I 258 -70.02 -5.14 -16.32
CA LEU I 258 -68.84 -4.72 -17.08
C LEU I 258 -67.68 -5.67 -16.86
N ALA I 259 -67.26 -5.84 -15.61
CA ALA I 259 -66.11 -6.68 -15.26
C ALA I 259 -66.30 -8.14 -15.68
N THR I 260 -67.54 -8.61 -15.73
CA THR I 260 -67.84 -9.95 -16.25
C THR I 260 -67.65 -10.01 -17.75
N LEU I 261 -68.10 -8.96 -18.45
CA LEU I 261 -67.94 -8.86 -19.90
C LEU I 261 -66.49 -8.66 -20.30
N VAL I 262 -65.76 -7.89 -19.49
CA VAL I 262 -64.35 -7.59 -19.73
C VAL I 262 -63.50 -8.86 -19.81
N VAL I 263 -63.59 -9.72 -18.80
CA VAL I 263 -62.86 -10.99 -18.78
C VAL I 263 -63.53 -12.03 -19.71
N ASN I 264 -64.77 -11.75 -20.11
CA ASN I 264 -65.52 -12.63 -21.01
C ASN I 264 -65.11 -12.50 -22.48
N THR I 265 -64.35 -11.46 -22.82
CA THR I 265 -63.87 -11.31 -24.20
C THR I 265 -62.42 -11.78 -24.35
N MET I 266 -61.51 -11.09 -23.67
CA MET I 266 -60.11 -11.50 -23.60
C MET I 266 -60.02 -12.72 -22.69
N ARG I 267 -59.65 -13.85 -23.27
CA ARG I 267 -59.64 -15.15 -22.59
C ARG I 267 -61.02 -15.84 -22.62
N GLY I 268 -62.02 -15.20 -23.23
CA GLY I 268 -63.39 -15.66 -23.11
C GLY I 268 -64.11 -16.05 -24.38
N ILE I 269 -65.34 -16.55 -24.21
CA ILE I 269 -66.18 -17.06 -25.30
C ILE I 269 -66.57 -15.97 -26.32
N VAL I 270 -67.66 -15.24 -26.06
CA VAL I 270 -68.16 -14.22 -26.99
C VAL I 270 -67.41 -12.90 -26.86
N LYS I 271 -66.85 -12.42 -27.96
CA LYS I 271 -66.11 -11.15 -27.99
C LYS I 271 -67.05 -9.97 -28.22
N VAL I 272 -67.26 -9.19 -27.16
CA VAL I 272 -68.20 -8.05 -27.18
C VAL I 272 -67.57 -6.77 -26.63
N ALA I 273 -68.22 -5.64 -26.91
CA ALA I 273 -67.81 -4.33 -26.39
C ALA I 273 -69.03 -3.46 -26.08
N ALA I 274 -68.84 -2.45 -25.23
CA ALA I 274 -69.95 -1.60 -24.82
C ALA I 274 -69.56 -0.12 -24.69
N VAL I 275 -70.48 0.76 -25.07
CA VAL I 275 -70.28 2.21 -25.00
C VAL I 275 -71.53 2.91 -24.52
N LYS I 276 -71.36 4.03 -23.82
CA LYS I 276 -72.48 4.84 -23.36
C LYS I 276 -73.25 5.41 -24.55
N ALA I 277 -74.58 5.50 -24.44
CA ALA I 277 -75.41 6.12 -25.48
C ALA I 277 -75.09 7.62 -25.57
N PRO I 278 -75.15 8.19 -26.76
CA PRO I 278 -74.76 9.59 -26.97
C PRO I 278 -75.71 10.56 -26.29
N GLY I 279 -75.19 11.75 -25.93
CA GLY I 279 -75.99 12.79 -25.30
C GLY I 279 -76.42 12.48 -23.88
N PHE I 280 -77.40 13.23 -23.39
CA PHE I 280 -77.96 13.03 -22.05
C PHE I 280 -79.41 13.48 -21.97
N GLY I 281 -80.16 12.88 -21.05
CA GLY I 281 -81.54 13.28 -20.78
C GLY I 281 -82.53 13.00 -21.90
N ASP I 282 -83.13 14.06 -22.43
CA ASP I 282 -84.15 13.94 -23.48
C ASP I 282 -83.57 13.71 -24.88
N ARG I 283 -82.32 14.10 -25.07
CA ARG I 283 -81.62 13.89 -26.33
C ARG I 283 -81.40 12.39 -26.56
N ARG I 284 -80.74 11.72 -25.62
CA ARG I 284 -80.38 10.30 -25.79
C ARG I 284 -81.60 9.39 -26.00
N LYS I 285 -82.78 9.86 -25.57
CA LYS I 285 -84.04 9.15 -25.84
C LYS I 285 -84.28 8.99 -27.34
N ALA I 286 -84.27 10.12 -28.05
CA ALA I 286 -84.48 10.13 -29.50
C ALA I 286 -83.19 9.83 -30.27
N MET I 287 -82.04 10.20 -29.69
CA MET I 287 -80.73 9.99 -30.31
C MET I 287 -80.41 8.51 -30.41
N LEU I 288 -80.90 7.73 -29.45
CA LEU I 288 -80.73 6.29 -29.45
C LEU I 288 -81.67 5.61 -30.45
N GLN I 289 -82.86 6.18 -30.62
CA GLN I 289 -83.81 5.71 -31.62
C GLN I 289 -83.26 5.91 -33.03
N ASP I 290 -82.52 7.01 -33.22
CA ASP I 290 -81.84 7.28 -34.47
C ASP I 290 -80.97 6.10 -34.88
N ILE I 291 -80.15 5.62 -33.96
CA ILE I 291 -79.32 4.44 -34.19
C ILE I 291 -80.17 3.20 -34.48
N ALA I 292 -81.23 3.02 -33.71
CA ALA I 292 -82.15 1.91 -33.92
C ALA I 292 -82.66 1.87 -35.35
N THR I 293 -83.09 3.03 -35.85
CA THR I 293 -83.59 3.16 -37.21
C THR I 293 -82.54 2.78 -38.23
N LEU I 294 -81.34 3.30 -38.04
CA LEU I 294 -80.23 3.09 -38.96
C LEU I 294 -79.81 1.62 -39.04
N THR I 295 -79.81 0.95 -37.89
CA THR I 295 -79.32 -0.42 -37.78
C THR I 295 -80.43 -1.46 -37.94
N GLY I 296 -81.67 -0.98 -37.96
CA GLY I 296 -82.83 -1.86 -38.07
C GLY I 296 -83.03 -2.69 -36.82
N GLY I 297 -82.93 -2.02 -35.67
CA GLY I 297 -83.10 -2.67 -34.39
C GLY I 297 -84.23 -2.06 -33.60
N THR I 298 -84.44 -2.56 -32.38
CA THR I 298 -85.45 -2.03 -31.48
C THR I 298 -84.81 -1.49 -30.22
N VAL I 299 -85.37 -0.39 -29.70
CA VAL I 299 -84.95 0.19 -28.43
C VAL I 299 -85.69 -0.48 -27.27
N ILE I 300 -84.92 -1.02 -26.32
CA ILE I 300 -85.50 -1.65 -25.14
C ILE I 300 -85.76 -0.55 -24.11
N SER I 301 -86.99 -0.02 -24.13
CA SER I 301 -87.38 1.07 -23.25
C SER I 301 -87.97 0.55 -21.96
N GLU I 302 -87.88 1.36 -20.91
CA GLU I 302 -88.47 1.02 -19.62
C GLU I 302 -89.93 1.46 -19.56
N GLU I 303 -90.24 2.56 -20.22
CA GLU I 303 -91.58 3.17 -20.21
C GLU I 303 -92.60 2.39 -21.04
N ILE I 304 -92.13 1.34 -21.72
CA ILE I 304 -93.02 0.41 -22.42
C ILE I 304 -93.09 -0.93 -21.68
N GLY I 305 -92.14 -1.16 -20.77
CA GLY I 305 -92.12 -2.37 -19.95
C GLY I 305 -91.11 -3.40 -20.42
N MET I 306 -90.74 -3.33 -21.70
CA MET I 306 -89.75 -4.23 -22.30
C MET I 306 -88.52 -4.34 -21.40
N GLU I 307 -88.12 -5.58 -21.11
CA GLU I 307 -86.89 -5.83 -20.38
C GLU I 307 -85.92 -6.62 -21.24
N LEU I 308 -84.65 -6.63 -20.84
CA LEU I 308 -83.60 -7.28 -21.61
C LEU I 308 -83.79 -8.78 -21.71
N GLU I 309 -84.40 -9.37 -20.68
CA GLU I 309 -84.69 -10.80 -20.65
C GLU I 309 -85.67 -11.20 -21.75
N LYS I 310 -86.59 -10.31 -22.07
CA LYS I 310 -87.58 -10.54 -23.12
C LYS I 310 -87.16 -9.89 -24.45
N ALA I 311 -85.98 -10.30 -24.95
CA ALA I 311 -85.42 -9.78 -26.19
C ALA I 311 -84.73 -10.87 -26.99
N THR I 312 -84.89 -10.84 -28.32
CA THR I 312 -84.31 -11.84 -29.22
C THR I 312 -83.29 -11.20 -30.17
N LEU I 313 -82.71 -12.04 -31.03
CA LEU I 313 -81.83 -11.59 -32.11
C LEU I 313 -82.57 -10.62 -33.02
N GLU I 314 -83.82 -10.95 -33.35
CA GLU I 314 -84.67 -10.12 -34.20
C GLU I 314 -84.78 -8.65 -33.75
N ASP I 315 -84.72 -8.43 -32.44
CA ASP I 315 -84.85 -7.10 -31.86
C ASP I 315 -83.59 -6.26 -32.04
N LEU I 316 -82.47 -6.93 -32.32
CA LEU I 316 -81.17 -6.26 -32.42
C LEU I 316 -80.92 -5.69 -33.81
N GLY I 317 -80.04 -4.69 -33.86
CA GLY I 317 -79.64 -4.06 -35.11
C GLY I 317 -78.37 -4.70 -35.65
N GLN I 318 -77.98 -4.29 -36.85
CA GLN I 318 -76.82 -4.89 -37.52
C GLN I 318 -76.10 -3.90 -38.42
N ALA I 319 -74.78 -4.05 -38.48
CA ALA I 319 -73.94 -3.29 -39.39
C ALA I 319 -72.84 -4.20 -39.95
N LYS I 320 -72.24 -3.81 -41.07
CA LYS I 320 -71.15 -4.61 -41.66
C LYS I 320 -69.82 -4.43 -40.93
N ARG I 321 -69.66 -3.30 -40.22
CA ARG I 321 -68.47 -3.02 -39.42
C ARG I 321 -68.72 -1.94 -38.37
N VAL I 322 -67.82 -1.85 -37.40
CA VAL I 322 -67.87 -0.78 -36.38
C VAL I 322 -66.53 -0.62 -35.66
N VAL I 323 -66.06 0.61 -35.52
CA VAL I 323 -64.83 0.90 -34.79
C VAL I 323 -65.00 1.85 -33.60
N ILE I 324 -64.52 1.42 -32.44
CA ILE I 324 -64.58 2.21 -31.21
C ILE I 324 -63.17 2.51 -30.76
N ASN I 325 -62.93 3.74 -30.33
CA ASN I 325 -61.65 4.09 -29.73
C ASN I 325 -61.83 4.85 -28.42
N LYS I 326 -60.74 5.45 -27.93
CA LYS I 326 -60.72 6.16 -26.65
C LYS I 326 -61.98 6.98 -26.37
N ASP I 327 -62.51 7.68 -27.38
CA ASP I 327 -63.66 8.58 -27.20
C ASP I 327 -64.62 8.67 -28.39
N THR I 328 -64.43 7.80 -29.39
CA THR I 328 -65.24 7.83 -30.59
C THR I 328 -65.80 6.45 -30.94
N THR I 329 -67.09 6.42 -31.25
CA THR I 329 -67.71 5.22 -31.80
C THR I 329 -68.27 5.59 -33.15
N THR I 330 -68.02 4.73 -34.14
CA THR I 330 -68.54 4.93 -35.49
C THR I 330 -69.01 3.59 -36.09
N ILE I 331 -70.27 3.56 -36.52
CA ILE I 331 -70.84 2.34 -37.13
C ILE I 331 -70.96 2.47 -38.65
N ILE I 332 -70.76 1.36 -39.36
CA ILE I 332 -70.67 1.40 -40.81
C ILE I 332 -71.62 0.40 -41.50
N ASP I 333 -72.43 0.92 -42.42
CA ASP I 333 -73.36 0.11 -43.23
C ASP I 333 -74.44 -0.56 -42.37
N GLY I 334 -75.46 0.21 -42.00
CA GLY I 334 -76.58 -0.31 -41.22
C GLY I 334 -77.59 -1.04 -42.07
N VAL I 335 -78.12 -2.13 -41.54
CA VAL I 335 -79.09 -2.97 -42.26
C VAL I 335 -80.47 -2.32 -42.32
N GLY I 336 -80.61 -1.17 -41.66
CA GLY I 336 -81.86 -0.44 -41.62
C GLY I 336 -82.40 -0.13 -42.99
N GLU I 337 -83.71 -0.33 -43.16
CA GLU I 337 -84.41 -0.09 -44.43
C GLU I 337 -84.22 1.33 -44.94
N GLU I 338 -84.17 1.48 -46.26
CA GLU I 338 -84.12 2.80 -46.88
C GLU I 338 -85.41 3.57 -46.61
N ALA I 339 -86.52 2.83 -46.53
CA ALA I 339 -87.83 3.40 -46.19
C ALA I 339 -87.86 3.93 -44.75
N ALA I 340 -87.37 3.10 -43.82
CA ALA I 340 -87.36 3.43 -42.39
C ALA I 340 -86.48 4.65 -42.06
N ILE I 341 -85.31 4.73 -42.66
CA ILE I 341 -84.38 5.85 -42.44
C ILE I 341 -84.92 7.15 -43.08
N GLN I 342 -85.43 7.05 -44.30
CA GLN I 342 -86.00 8.21 -44.99
C GLN I 342 -87.24 8.72 -44.26
N GLY I 343 -87.99 7.80 -43.66
CA GLY I 343 -89.15 8.15 -42.86
C GLY I 343 -88.79 8.94 -41.61
N ARG I 344 -87.72 8.55 -40.95
CA ARG I 344 -87.21 9.25 -39.77
C ARG I 344 -86.54 10.58 -40.13
N VAL I 345 -86.02 10.67 -41.35
CA VAL I 345 -85.46 11.92 -41.84
C VAL I 345 -86.57 12.97 -41.99
N ALA I 346 -87.65 12.59 -42.67
CA ALA I 346 -88.82 13.46 -42.85
C ALA I 346 -89.47 13.85 -41.51
N GLN I 347 -89.36 12.96 -40.53
CA GLN I 347 -89.87 13.18 -39.18
C GLN I 347 -89.14 14.32 -38.46
N ILE I 348 -87.81 14.33 -38.57
CA ILE I 348 -87.00 15.37 -37.94
C ILE I 348 -86.99 16.65 -38.77
N ARG I 349 -86.93 16.49 -40.09
CA ARG I 349 -86.94 17.63 -41.00
C ARG I 349 -88.13 18.52 -40.69
N GLN I 350 -89.27 17.88 -40.44
CA GLN I 350 -90.47 18.54 -39.96
C GLN I 350 -90.18 19.30 -38.66
N GLN I 351 -89.77 18.57 -37.63
CA GLN I 351 -89.50 19.13 -36.29
C GLN I 351 -88.59 20.36 -36.26
N ARG I 361 -83.27 24.09 -32.94
CA ARG I 361 -83.17 23.99 -34.39
C ARG I 361 -81.79 23.50 -34.83
N GLU I 362 -80.78 23.81 -34.02
CA GLU I 362 -79.41 23.39 -34.27
C GLU I 362 -79.17 21.96 -33.81
N LYS I 363 -79.75 21.59 -32.67
CA LYS I 363 -79.56 20.26 -32.07
C LYS I 363 -80.28 19.17 -32.85
N LEU I 364 -81.41 19.51 -33.45
CA LEU I 364 -82.12 18.60 -34.34
C LEU I 364 -81.40 18.52 -35.69
N GLN I 365 -80.74 19.62 -36.06
CA GLN I 365 -79.95 19.71 -37.29
C GLN I 365 -78.76 18.76 -37.26
N GLU I 366 -78.17 18.61 -36.08
CA GLU I 366 -77.03 17.72 -35.90
C GLU I 366 -77.42 16.25 -36.06
N ARG I 367 -78.64 15.91 -35.64
CA ARG I 367 -79.16 14.54 -35.73
C ARG I 367 -79.47 14.17 -37.17
N VAL I 368 -79.91 15.17 -37.95
CA VAL I 368 -80.17 14.98 -39.37
C VAL I 368 -78.85 14.68 -40.10
N ALA I 369 -77.87 15.55 -39.85
CA ALA I 369 -76.55 15.41 -40.46
C ALA I 369 -75.95 14.03 -40.20
N LYS I 370 -75.98 13.58 -38.95
CA LYS I 370 -75.45 12.26 -38.61
C LYS I 370 -76.16 11.15 -39.39
N LEU I 371 -77.49 11.23 -39.46
CA LEU I 371 -78.31 10.15 -40.02
C LEU I 371 -78.32 10.12 -41.54
N ALA I 372 -78.72 11.22 -42.16
CA ALA I 372 -78.85 11.29 -43.61
C ALA I 372 -77.51 11.51 -44.29
N GLY I 373 -77.33 10.30 -44.52
CA GLY I 373 -76.02 10.87 -44.76
C GLY I 373 -74.96 9.84 -45.10
N GLY I 374 -75.07 8.66 -44.49
CA GLY I 374 -74.13 7.60 -44.75
C GLY I 374 -72.73 7.80 -44.22
N VAL I 375 -71.93 6.74 -44.31
CA VAL I 375 -70.57 6.76 -43.82
C VAL I 375 -69.60 6.35 -44.91
N ALA I 376 -68.60 7.19 -45.14
CA ALA I 376 -67.59 6.94 -46.16
C ALA I 376 -66.49 6.06 -45.58
N VAL I 377 -66.03 5.10 -46.39
CA VAL I 377 -64.99 4.18 -45.96
C VAL I 377 -63.76 4.21 -46.88
N ILE I 378 -62.63 3.85 -46.31
CA ILE I 378 -61.37 3.81 -47.05
C ILE I 378 -60.62 2.53 -46.81
N LYS I 379 -60.11 1.95 -47.89
CA LYS I 379 -59.35 0.73 -47.79
C LYS I 379 -57.92 1.04 -48.23
N VAL I 380 -57.01 1.05 -47.27
CA VAL I 380 -55.62 1.34 -47.55
C VAL I 380 -54.98 0.23 -48.34
N GLY I 381 -54.67 0.52 -49.61
CA GLY I 381 -54.04 -0.46 -50.46
C GLY I 381 -52.55 -0.49 -50.23
N ALA I 382 -51.93 -1.63 -50.49
CA ALA I 382 -50.50 -1.76 -50.29
C ALA I 382 -49.99 -3.06 -50.86
N ALA I 383 -48.69 -3.13 -51.05
CA ALA I 383 -48.06 -4.32 -51.61
C ALA I 383 -47.92 -5.35 -50.51
N THR I 384 -47.24 -4.97 -49.44
CA THR I 384 -47.03 -5.85 -48.30
C THR I 384 -48.04 -5.60 -47.20
N GLU I 385 -48.28 -6.64 -46.42
CA GLU I 385 -49.21 -6.59 -45.30
C GLU I 385 -48.65 -5.66 -44.24
N VAL I 386 -47.33 -5.52 -44.23
CA VAL I 386 -46.64 -4.64 -43.30
C VAL I 386 -47.02 -3.22 -43.68
N GLU I 387 -46.44 -2.78 -44.80
CA GLU I 387 -46.71 -1.45 -45.34
C GLU I 387 -48.21 -1.21 -45.23
N MET I 388 -48.98 -2.16 -45.75
CA MET I 388 -50.43 -2.10 -45.74
C MET I 388 -50.89 -1.54 -44.41
N LYS I 389 -50.95 -2.39 -43.40
CA LYS I 389 -51.38 -1.96 -42.09
C LYS I 389 -50.58 -0.77 -41.60
N GLU I 390 -49.32 -0.64 -42.05
CA GLU I 390 -48.52 0.50 -41.62
C GLU I 390 -49.14 1.76 -42.21
N LYS I 391 -49.27 1.78 -43.54
CA LYS I 391 -49.85 2.92 -44.25
C LYS I 391 -51.18 3.26 -43.63
N LYS I 392 -52.01 2.24 -43.45
CA LYS I 392 -53.33 2.41 -42.84
C LYS I 392 -53.21 3.32 -41.63
N ALA I 393 -52.18 3.07 -40.84
CA ALA I 393 -51.94 3.86 -39.64
C ALA I 393 -51.81 5.35 -39.97
N ARG I 394 -50.74 5.69 -40.68
CA ARG I 394 -50.48 7.08 -41.06
C ARG I 394 -51.74 7.79 -41.54
N VAL I 395 -52.59 7.04 -42.23
CA VAL I 395 -53.85 7.58 -42.75
C VAL I 395 -54.70 8.14 -41.61
N GLU I 396 -55.13 7.25 -40.73
CA GLU I 396 -55.95 7.62 -39.60
C GLU I 396 -55.34 8.83 -38.94
N ASP I 397 -54.03 8.87 -38.86
CA ASP I 397 -53.34 10.00 -38.27
C ASP I 397 -53.80 11.24 -38.99
N ALA I 398 -53.26 11.39 -40.20
CA ALA I 398 -53.56 12.53 -41.06
C ALA I 398 -55.02 12.94 -40.95
N LEU I 399 -55.90 12.00 -41.20
CA LEU I 399 -57.31 12.26 -41.11
C LEU I 399 -57.55 13.17 -39.90
N HIS I 400 -57.06 12.73 -38.74
CA HIS I 400 -57.19 13.52 -37.52
C HIS I 400 -56.89 14.96 -37.79
N ALA I 401 -55.59 15.28 -37.75
CA ALA I 401 -55.10 16.64 -37.99
C ALA I 401 -56.00 17.40 -38.93
N THR I 402 -56.38 16.73 -40.02
CA THR I 402 -57.23 17.34 -41.02
C THR I 402 -58.53 17.80 -40.45
N ARG I 403 -59.25 16.91 -39.80
CA ARG I 403 -60.49 17.31 -39.19
C ARG I 403 -60.23 18.54 -38.35
N ALA I 404 -59.20 18.45 -37.51
CA ALA I 404 -58.80 19.55 -36.65
C ALA I 404 -58.38 20.76 -37.49
N ALA I 405 -57.54 20.53 -38.48
CA ALA I 405 -57.08 21.59 -39.35
C ALA I 405 -58.29 22.34 -39.90
N VAL I 406 -59.29 21.59 -40.30
CA VAL I 406 -60.53 22.16 -40.85
C VAL I 406 -61.24 23.01 -39.83
N GLU I 407 -61.45 22.43 -38.66
CA GLU I 407 -62.12 23.12 -37.58
C GLU I 407 -61.45 24.43 -37.22
N GLU I 408 -60.12 24.43 -37.10
CA GLU I 408 -59.43 25.66 -36.68
C GLU I 408 -58.22 26.13 -37.47
N GLY I 409 -56.93 24.64 -41.19
CA GLY I 409 -56.09 25.36 -42.12
C GLY I 409 -54.62 25.01 -42.07
N VAL I 410 -53.82 25.68 -42.90
CA VAL I 410 -52.37 25.43 -43.03
C VAL I 410 -51.54 26.68 -42.84
N VAL I 411 -50.26 26.48 -42.60
CA VAL I 411 -49.30 27.57 -42.43
C VAL I 411 -47.98 27.14 -43.04
N ALA I 412 -47.07 28.07 -43.24
CA ALA I 412 -45.79 27.79 -43.88
C ALA I 412 -45.08 26.79 -43.03
N GLY I 413 -44.68 25.66 -43.63
CA GLY I 413 -43.84 24.66 -42.98
C GLY I 413 -42.36 25.02 -42.76
N GLY I 414 -41.51 24.03 -42.47
CA GLY I 414 -40.10 24.30 -42.26
C GLY I 414 -39.93 25.05 -40.96
N GLY I 415 -41.02 25.03 -40.17
CA GLY I 415 -41.11 25.83 -38.96
C GLY I 415 -40.96 27.34 -39.20
N VAL I 416 -41.34 27.84 -40.37
CA VAL I 416 -41.23 29.28 -40.58
C VAL I 416 -42.36 29.98 -39.87
N ALA I 417 -43.57 29.40 -39.93
CA ALA I 417 -44.71 29.95 -39.20
C ALA I 417 -44.25 30.37 -37.82
N LEU I 418 -43.67 29.45 -37.06
CA LEU I 418 -43.20 29.77 -35.71
C LEU I 418 -42.23 30.94 -35.67
N ILE I 419 -41.24 30.94 -36.56
CA ILE I 419 -40.26 32.03 -36.60
C ILE I 419 -40.90 33.42 -36.88
N ARG I 420 -42.02 33.34 -37.60
CA ARG I 420 -42.77 34.51 -38.03
C ARG I 420 -43.52 35.06 -36.85
N VAL I 421 -44.17 34.17 -36.09
CA VAL I 421 -44.87 34.68 -34.92
C VAL I 421 -43.89 35.21 -33.87
N ALA I 422 -42.72 34.61 -33.74
CA ALA I 422 -41.70 35.19 -32.85
C ALA I 422 -41.29 36.67 -33.12
N SER I 423 -41.31 37.09 -34.39
CA SER I 423 -40.99 38.51 -34.63
C SER I 423 -42.22 39.37 -34.43
N LYS I 424 -43.41 38.83 -34.70
CA LYS I 424 -44.60 39.59 -34.35
C LYS I 424 -44.69 39.89 -32.87
N LEU I 425 -44.17 39.00 -32.02
CA LEU I 425 -44.30 39.18 -30.58
C LEU I 425 -43.05 39.82 -29.97
N ALA I 426 -42.22 40.41 -30.84
CA ALA I 426 -40.99 41.04 -30.39
C ALA I 426 -41.26 42.11 -29.36
N ASP I 427 -42.49 42.64 -29.36
CA ASP I 427 -42.84 43.73 -28.47
C ASP I 427 -43.76 43.37 -27.29
N LEU I 428 -43.96 42.07 -27.09
CA LEU I 428 -44.73 41.56 -25.96
C LEU I 428 -44.01 41.72 -24.64
N ARG I 429 -44.70 42.25 -23.64
CA ARG I 429 -44.12 42.37 -22.30
C ARG I 429 -45.06 41.83 -21.23
N GLY I 430 -44.52 41.60 -20.02
CA GLY I 430 -45.31 41.08 -18.93
C GLY I 430 -45.49 42.08 -17.80
N GLN I 431 -45.83 41.56 -16.62
CA GLN I 431 -46.08 42.39 -15.45
C GLN I 431 -44.78 42.79 -14.78
N ASN I 432 -43.67 42.14 -15.11
CA ASN I 432 -42.40 42.51 -14.47
C ASN I 432 -41.23 41.94 -15.25
N GLU I 433 -40.00 42.23 -14.86
CA GLU I 433 -38.86 41.77 -15.64
C GLU I 433 -38.74 40.24 -15.77
N ASP I 434 -38.99 39.50 -14.71
CA ASP I 434 -38.91 38.04 -14.79
C ASP I 434 -39.90 37.53 -15.83
N GLN I 435 -41.11 38.08 -15.83
CA GLN I 435 -42.11 37.67 -16.84
C GLN I 435 -41.60 37.95 -18.26
N ASN I 436 -40.80 39.01 -18.40
CA ASN I 436 -40.24 39.40 -19.69
C ASN I 436 -39.26 38.36 -20.20
N VAL I 437 -38.30 37.97 -19.35
CA VAL I 437 -37.37 36.92 -19.71
C VAL I 437 -38.14 35.66 -20.07
N GLY I 438 -39.26 35.46 -19.42
CA GLY I 438 -40.08 34.30 -19.64
C GLY I 438 -40.66 34.35 -21.03
N ILE I 439 -41.02 35.54 -21.49
CA ILE I 439 -41.48 35.70 -22.88
C ILE I 439 -40.34 35.44 -23.86
N LYS I 440 -39.24 36.17 -23.71
CA LYS I 440 -38.05 35.95 -24.57
C LYS I 440 -37.62 34.47 -24.63
N VAL I 441 -37.73 33.78 -23.52
CA VAL I 441 -37.51 32.33 -23.50
C VAL I 441 -38.44 31.56 -24.48
N ALA I 442 -39.74 31.82 -24.49
CA ALA I 442 -40.58 31.13 -25.47
C ALA I 442 -40.26 31.59 -26.89
N LEU I 443 -40.06 32.89 -27.11
CA LEU I 443 -39.84 33.35 -28.47
C LEU I 443 -38.62 32.64 -29.08
N ARG I 444 -37.51 32.64 -28.31
CA ARG I 444 -36.25 32.04 -28.70
C ARG I 444 -36.42 30.55 -28.99
N ALA I 445 -37.37 29.93 -28.32
CA ALA I 445 -37.59 28.52 -28.50
C ALA I 445 -38.29 28.29 -29.79
N MET I 446 -39.04 29.29 -30.23
CA MET I 446 -39.90 29.15 -31.39
C MET I 446 -39.09 28.92 -32.63
N GLU I 447 -37.83 29.33 -32.56
CA GLU I 447 -36.85 29.08 -33.62
C GLU I 447 -36.37 27.64 -33.68
N ALA I 448 -36.63 26.81 -32.67
CA ALA I 448 -35.91 25.52 -32.62
C ALA I 448 -36.27 24.49 -33.69
N PRO I 449 -37.53 24.29 -34.00
CA PRO I 449 -37.82 23.36 -35.09
C PRO I 449 -36.99 23.70 -36.32
N LEU I 450 -37.02 24.95 -36.80
CA LEU I 450 -36.26 25.32 -38.00
C LEU I 450 -34.82 24.98 -37.74
N ARG I 451 -34.32 25.34 -36.57
CA ARG I 451 -32.93 25.09 -36.26
C ARG I 451 -32.53 23.60 -36.26
N GLN I 452 -33.42 22.69 -35.84
CA GLN I 452 -33.12 21.25 -35.83
C GLN I 452 -33.19 20.70 -37.25
N ILE I 453 -34.23 21.13 -37.99
CA ILE I 453 -34.39 20.69 -39.39
C ILE I 453 -33.08 20.93 -40.14
N VAL I 454 -32.56 22.12 -39.99
CA VAL I 454 -31.31 22.44 -40.65
C VAL I 454 -30.13 21.63 -40.11
N LEU I 455 -30.20 21.25 -38.85
CA LEU I 455 -29.05 20.65 -38.23
C LEU I 455 -28.96 19.19 -38.64
N ASN I 456 -30.13 18.56 -38.76
CA ASN I 456 -30.24 17.26 -39.36
C ASN I 456 -29.80 17.21 -40.86
N CYS I 457 -29.61 18.34 -41.53
CA CYS I 457 -29.14 18.30 -42.92
C CYS I 457 -27.67 18.47 -42.92
N GLY I 458 -27.06 18.57 -41.77
CA GLY I 458 -25.61 18.75 -41.76
C GLY I 458 -25.20 20.17 -42.10
N GLU I 459 -26.15 21.10 -42.01
CA GLU I 459 -25.90 22.50 -42.35
C GLU I 459 -26.01 23.45 -41.17
N GLU I 460 -25.41 24.64 -41.33
CA GLU I 460 -25.29 25.65 -40.29
C GLU I 460 -26.65 26.24 -39.86
N PRO I 461 -27.10 25.96 -38.65
CA PRO I 461 -28.52 26.17 -38.36
C PRO I 461 -28.76 27.69 -38.13
N SER I 462 -27.81 28.33 -37.47
CA SER I 462 -27.92 29.75 -37.15
C SER I 462 -27.85 30.60 -38.46
N VAL I 463 -27.01 30.18 -39.41
CA VAL I 463 -26.90 30.86 -40.71
C VAL I 463 -28.20 30.74 -41.50
N VAL I 464 -28.81 29.56 -41.56
CA VAL I 464 -30.12 29.47 -42.19
C VAL I 464 -31.11 30.38 -41.46
N ALA I 465 -31.19 30.27 -40.14
CA ALA I 465 -32.16 31.06 -39.35
C ALA I 465 -31.97 32.58 -39.60
N ASN I 466 -30.73 33.07 -39.51
CA ASN I 466 -30.49 34.45 -39.78
C ASN I 466 -31.12 34.87 -41.10
N THR I 467 -30.88 34.11 -42.17
CA THR I 467 -31.45 34.49 -43.46
C THR I 467 -32.97 34.23 -43.63
N VAL I 468 -33.57 33.28 -42.94
CA VAL I 468 -35.03 33.23 -42.99
C VAL I 468 -35.63 34.44 -42.25
N LYS I 469 -34.97 34.83 -41.16
CA LYS I 469 -35.46 35.94 -40.33
C LYS I 469 -35.22 37.26 -41.04
N GLY I 470 -34.33 37.27 -42.03
CA GLY I 470 -34.18 38.45 -42.87
C GLY I 470 -35.34 38.67 -43.84
N GLY I 471 -36.17 37.64 -44.04
CA GLY I 471 -37.23 37.66 -45.04
C GLY I 471 -38.56 38.05 -44.44
N ASP I 472 -39.65 37.76 -45.16
CA ASP I 472 -41.01 38.07 -44.69
C ASP I 472 -42.04 37.04 -45.10
N GLY I 473 -43.24 37.15 -44.57
CA GLY I 473 -44.34 36.25 -44.89
C GLY I 473 -43.94 34.79 -44.93
N ASN I 474 -44.10 34.17 -46.09
CA ASN I 474 -43.92 32.75 -46.22
C ASN I 474 -42.58 32.36 -46.79
N TYR I 475 -41.59 33.23 -46.68
CA TYR I 475 -40.26 32.91 -47.20
C TYR I 475 -39.60 31.98 -46.23
N GLY I 476 -39.03 30.89 -46.73
CA GLY I 476 -38.40 29.90 -45.86
C GLY I 476 -37.30 29.13 -46.53
N TYR I 477 -36.77 28.11 -45.85
CA TYR I 477 -35.70 27.27 -46.36
C TYR I 477 -36.36 26.01 -46.76
N ASN I 478 -35.98 25.53 -47.94
CA ASN I 478 -36.44 24.21 -48.40
C ASN I 478 -35.29 23.24 -48.22
N ALA I 479 -35.38 22.46 -47.13
CA ALA I 479 -34.30 21.55 -46.71
C ALA I 479 -34.06 20.45 -47.72
N ALA I 480 -35.14 19.99 -48.35
CA ALA I 480 -35.04 19.00 -49.43
C ALA I 480 -34.12 19.50 -50.54
N THR I 481 -34.40 20.67 -51.08
CA THR I 481 -33.68 21.13 -52.27
C THR I 481 -32.54 22.06 -51.94
N GLU I 482 -32.38 22.44 -50.68
CA GLU I 482 -31.26 23.30 -50.26
C GLU I 482 -31.31 24.72 -50.82
N GLU I 483 -32.50 25.23 -51.12
CA GLU I 483 -32.60 26.64 -51.50
C GLU I 483 -33.83 27.33 -50.92
N TYR I 484 -33.74 28.66 -50.73
CA TYR I 484 -34.80 29.43 -50.07
C TYR I 484 -35.91 29.77 -51.08
N GLY I 485 -37.10 30.10 -50.59
CA GLY I 485 -38.23 30.36 -51.46
C GLY I 485 -39.51 30.56 -50.67
N ASN I 486 -40.63 30.62 -51.37
CA ASN I 486 -41.92 30.77 -50.72
C ASN I 486 -42.44 29.38 -50.36
N MET I 487 -42.54 29.07 -49.05
CA MET I 487 -42.90 27.70 -48.61
C MET I 487 -44.27 27.23 -49.13
N ILE I 488 -45.25 28.11 -49.22
CA ILE I 488 -46.55 27.66 -49.70
C ILE I 488 -46.50 27.30 -51.18
N ASP I 489 -45.68 28.04 -51.92
CA ASP I 489 -45.50 27.81 -53.36
C ASP I 489 -44.75 26.52 -53.59
N MET I 490 -43.81 26.22 -52.71
CA MET I 490 -43.08 24.97 -52.85
C MET I 490 -43.82 23.78 -52.28
N GLY I 491 -45.04 23.99 -51.80
CA GLY I 491 -45.83 22.88 -51.29
C GLY I 491 -45.47 22.39 -49.89
N ILE I 492 -44.53 23.06 -49.23
CA ILE I 492 -44.16 22.72 -47.87
C ILE I 492 -45.10 23.36 -46.82
N LEU I 493 -46.29 22.78 -46.63
CA LEU I 493 -47.25 23.30 -45.64
C LEU I 493 -47.43 22.37 -44.43
N ASP I 494 -47.33 22.89 -43.18
CA ASP I 494 -47.82 22.19 -41.96
C ASP I 494 -49.24 22.58 -41.61
N PRO I 495 -50.05 21.68 -41.05
CA PRO I 495 -51.40 22.06 -40.68
C PRO I 495 -51.37 22.89 -39.41
N THR I 496 -52.27 23.87 -39.34
CA THR I 496 -52.24 24.85 -38.25
C THR I 496 -52.44 24.14 -36.91
N LYS I 497 -53.54 23.38 -36.83
CA LYS I 497 -53.83 22.59 -35.65
C LYS I 497 -52.58 21.86 -35.13
N VAL I 498 -51.82 21.20 -36.00
CA VAL I 498 -50.61 20.61 -35.47
C VAL I 498 -49.60 21.63 -34.98
N THR I 499 -49.32 22.69 -35.71
CA THR I 499 -48.27 23.60 -35.19
C THR I 499 -48.65 24.22 -33.84
N ARG I 500 -49.91 24.62 -33.76
CA ARG I 500 -50.51 25.19 -32.56
C ARG I 500 -50.33 24.20 -31.43
N SER I 501 -50.83 22.98 -31.66
CA SER I 501 -50.84 21.91 -30.67
C SER I 501 -49.44 21.55 -30.21
N ALA I 502 -48.51 21.42 -31.13
CA ALA I 502 -47.13 21.25 -30.70
C ALA I 502 -46.85 22.29 -29.65
N LEU I 503 -47.01 23.56 -30.00
CA LEU I 503 -46.65 24.66 -29.09
C LEU I 503 -47.36 24.62 -27.75
N GLN I 504 -48.67 24.47 -27.77
CA GLN I 504 -49.41 24.54 -26.54
C GLN I 504 -48.92 23.49 -25.54
N TYR I 505 -48.74 22.27 -26.02
CA TYR I 505 -48.35 21.14 -25.16
C TYR I 505 -46.92 21.25 -24.69
N ALA I 506 -46.00 21.55 -25.57
CA ALA I 506 -44.65 21.68 -25.06
C ALA I 506 -44.65 22.71 -23.96
N ALA I 507 -45.32 23.85 -24.20
CA ALA I 507 -45.33 24.99 -23.24
C ALA I 507 -45.88 24.57 -21.91
N SER I 508 -47.03 23.90 -21.99
CA SER I 508 -47.66 23.39 -20.82
C SER I 508 -46.69 22.56 -19.96
N VAL I 509 -46.12 21.49 -20.51
CA VAL I 509 -45.19 20.71 -19.69
C VAL I 509 -43.97 21.53 -19.32
N ALA I 510 -43.21 22.04 -20.28
CA ALA I 510 -41.94 22.70 -19.91
C ALA I 510 -42.10 23.87 -18.92
N GLY I 511 -43.29 24.51 -18.99
CA GLY I 511 -43.62 25.60 -18.12
C GLY I 511 -43.57 25.13 -16.70
N LEU I 512 -44.37 24.11 -16.37
CA LEU I 512 -44.31 23.43 -15.06
C LEU I 512 -42.91 22.96 -14.69
N MET I 513 -42.26 22.35 -15.64
CA MET I 513 -40.99 21.69 -15.39
C MET I 513 -39.95 22.63 -14.82
N ILE I 514 -39.93 23.86 -15.28
CA ILE I 514 -38.88 24.77 -14.85
C ILE I 514 -39.11 25.34 -13.45
N THR I 515 -40.28 25.08 -12.86
CA THR I 515 -40.59 25.58 -11.54
C THR I 515 -40.23 24.58 -10.44
N THR I 516 -39.38 23.60 -10.76
CA THR I 516 -39.10 22.47 -9.90
C THR I 516 -37.99 22.82 -8.96
N GLU I 517 -38.23 22.68 -7.66
CA GLU I 517 -37.19 22.99 -6.70
C GLU I 517 -36.78 21.74 -5.93
N CYS I 518 -37.63 20.73 -5.95
CA CYS I 518 -37.34 19.52 -5.23
C CYS I 518 -37.94 18.29 -5.91
N MET I 519 -37.24 17.17 -5.85
CA MET I 519 -37.67 15.94 -6.50
C MET I 519 -37.65 14.78 -5.54
N VAL I 520 -38.70 13.96 -5.57
CA VAL I 520 -38.84 12.86 -4.63
C VAL I 520 -39.10 11.56 -5.36
N THR I 521 -38.17 10.62 -5.23
CA THR I 521 -38.24 9.30 -5.90
C THR I 521 -37.73 8.16 -5.01
N ASP I 522 -37.89 6.91 -5.48
CA ASP I 522 -37.36 5.72 -4.82
C ASP I 522 -35.85 5.59 -4.86
N LEU I 523 -35.31 4.84 -3.92
CA LEU I 523 -33.88 4.63 -3.84
C LEU I 523 -33.37 3.68 -4.93
N PRO I 524 -32.15 3.90 -5.41
CA PRO I 524 -31.53 3.06 -6.43
C PRO I 524 -31.30 1.58 -6.04
N ALA J 1 -36.90 -8.83 17.04
CA ALA J 1 -35.58 -8.55 16.44
C ALA J 1 -34.73 -7.73 17.42
N ALA J 2 -33.42 -7.90 17.34
CA ALA J 2 -32.50 -6.99 17.97
C ALA J 2 -32.84 -5.55 17.58
N LYS J 3 -32.80 -4.66 18.56
CA LYS J 3 -33.13 -3.26 18.42
C LYS J 3 -31.90 -2.37 18.43
N ASP J 4 -31.99 -1.25 17.77
CA ASP J 4 -30.99 -0.18 17.85
C ASP J 4 -31.54 0.84 18.85
N VAL J 5 -30.71 1.32 19.77
CA VAL J 5 -31.15 2.36 20.68
C VAL J 5 -30.22 3.54 20.70
N LYS J 6 -30.79 4.73 20.56
CA LYS J 6 -30.01 5.95 20.47
C LYS J 6 -30.47 6.91 21.54
N PHE J 7 -29.51 7.66 22.06
CA PHE J 7 -29.77 8.54 23.19
C PHE J 7 -29.51 10.01 22.93
N GLY J 8 -30.32 10.84 23.57
CA GLY J 8 -30.05 12.25 23.73
C GLY J 8 -29.96 12.96 22.40
N ASN J 9 -28.85 13.66 22.23
CA ASN J 9 -28.70 14.46 21.04
C ASN J 9 -28.73 13.63 19.76
N ASP J 10 -28.03 12.50 19.74
CA ASP J 10 -28.04 11.68 18.54
C ASP J 10 -29.42 11.28 18.16
N ALA J 11 -30.18 10.75 19.11
CA ALA J 11 -31.55 10.37 18.78
C ALA J 11 -32.27 11.54 18.13
N ARG J 12 -32.08 12.73 18.70
CA ARG J 12 -32.84 13.94 18.36
C ARG J 12 -32.46 14.52 16.98
N VAL J 13 -31.17 14.65 16.72
CA VAL J 13 -30.76 15.04 15.39
C VAL J 13 -31.39 14.13 14.32
N LYS J 14 -31.28 12.82 14.48
CA LYS J 14 -31.98 11.92 13.57
C LYS J 14 -33.49 12.18 13.54
N MET J 15 -34.14 12.28 14.68
CA MET J 15 -35.60 12.50 14.66
C MET J 15 -36.00 13.71 13.86
N LEU J 16 -35.13 14.73 13.88
CA LEU J 16 -35.45 16.00 13.29
C LEU J 16 -35.30 15.85 11.78
N ARG J 17 -34.16 15.33 11.37
CA ARG J 17 -33.94 15.03 9.95
C ARG J 17 -35.16 14.36 9.31
N GLY J 18 -35.78 13.46 10.05
CA GLY J 18 -36.97 12.78 9.59
C GLY J 18 -38.06 13.79 9.35
N VAL J 19 -38.45 14.48 10.41
CA VAL J 19 -39.44 15.58 10.35
C VAL J 19 -39.17 16.49 9.15
N ASN J 20 -37.97 17.04 9.03
CA ASN J 20 -37.70 17.86 7.89
C ASN J 20 -38.05 17.28 6.51
N VAL J 21 -37.61 16.06 6.22
CA VAL J 21 -37.89 15.46 4.93
C VAL J 21 -39.39 15.50 4.64
N LEU J 22 -40.20 15.05 5.60
CA LEU J 22 -41.64 15.11 5.45
C LEU J 22 -42.08 16.57 5.37
N ALA J 23 -41.76 17.38 6.37
CA ALA J 23 -42.10 18.82 6.34
C ALA J 23 -41.72 19.48 5.03
N ASP J 24 -40.45 19.40 4.64
CA ASP J 24 -40.05 19.96 3.34
C ASP J 24 -40.85 19.50 2.12
N ALA J 25 -41.27 18.26 2.07
CA ALA J 25 -42.03 17.82 0.92
C ALA J 25 -43.43 18.39 1.03
N VAL J 26 -43.89 18.70 2.23
CA VAL J 26 -45.29 19.13 2.31
C VAL J 26 -45.38 20.66 2.08
N LYS J 27 -44.38 21.36 2.63
CA LYS J 27 -44.25 22.80 2.60
C LYS J 27 -44.36 23.38 1.21
N VAL J 28 -43.92 22.62 0.17
CA VAL J 28 -43.78 23.27 -1.13
C VAL J 28 -45.12 23.59 -1.74
N THR J 29 -46.17 23.06 -1.11
CA THR J 29 -47.49 23.23 -1.66
C THR J 29 -48.30 24.28 -0.95
N LEU J 30 -47.76 24.89 0.11
CA LEU J 30 -48.54 25.86 0.88
C LEU J 30 -48.79 27.18 0.16
N GLY J 31 -50.05 27.57 0.11
CA GLY J 31 -50.38 28.90 -0.40
C GLY J 31 -50.68 29.03 -1.87
N PRO J 32 -51.14 30.20 -2.29
CA PRO J 32 -51.51 30.41 -3.68
C PRO J 32 -50.36 30.22 -4.67
N LYS J 33 -49.12 30.56 -4.34
CA LYS J 33 -47.96 30.25 -5.19
C LYS J 33 -47.31 28.92 -4.74
N GLY J 34 -48.14 28.07 -4.17
CA GLY J 34 -47.76 26.69 -3.93
C GLY J 34 -47.62 25.93 -5.24
N ARG J 35 -46.67 24.99 -5.26
CA ARG J 35 -46.40 24.11 -6.39
C ARG J 35 -46.91 22.70 -6.09
N ASN J 36 -46.82 21.80 -7.04
CA ASN J 36 -47.31 20.46 -6.80
C ASN J 36 -46.22 19.48 -6.47
N VAL J 37 -46.62 18.36 -5.89
CA VAL J 37 -45.74 17.22 -5.65
C VAL J 37 -46.25 16.05 -6.47
N VAL J 38 -45.32 15.30 -7.07
CA VAL J 38 -45.65 14.08 -7.80
C VAL J 38 -45.44 12.84 -6.93
N LEU J 39 -46.50 12.04 -6.81
CA LEU J 39 -46.46 10.85 -5.98
C LEU J 39 -46.57 9.54 -6.78
N ASP J 40 -45.46 8.84 -6.89
CA ASP J 40 -45.44 7.55 -7.56
C ASP J 40 -46.43 6.54 -7.02
N LYS J 41 -46.80 5.59 -7.86
CA LYS J 41 -47.77 4.57 -7.52
C LYS J 41 -47.55 3.49 -8.57
N SER J 42 -46.91 2.37 -8.20
CA SER J 42 -46.69 1.28 -9.18
C SER J 42 -48.03 0.99 -9.88
N PHE J 43 -49.00 0.53 -9.09
CA PHE J 43 -50.45 0.50 -9.38
C PHE J 43 -50.89 1.17 -10.69
N GLY J 44 -51.04 2.50 -10.69
CA GLY J 44 -51.50 3.23 -11.88
C GLY J 44 -50.49 4.28 -12.31
N ALA J 45 -50.97 5.36 -12.93
CA ALA J 45 -50.09 6.47 -13.27
C ALA J 45 -49.78 7.19 -11.98
N PRO J 46 -48.68 7.92 -11.91
CA PRO J 46 -48.45 8.82 -10.79
C PRO J 46 -49.58 9.80 -10.57
N THR J 47 -49.52 10.45 -9.43
CA THR J 47 -50.55 11.38 -9.00
C THR J 47 -49.89 12.72 -8.88
N ILE J 48 -50.52 13.76 -9.43
CA ILE J 48 -50.05 15.10 -9.11
C ILE J 48 -50.98 15.63 -8.02
N THR J 49 -50.44 16.28 -7.01
CA THR J 49 -51.29 16.75 -5.91
C THR J 49 -50.69 17.91 -5.13
N LYS J 50 -51.57 18.82 -4.70
CA LYS J 50 -51.22 19.96 -3.85
C LYS J 50 -51.52 19.67 -2.37
N ASP J 51 -52.31 18.61 -2.16
CA ASP J 51 -52.96 18.29 -0.91
C ASP J 51 -52.03 17.71 0.13
N GLY J 52 -51.75 18.52 1.13
CA GLY J 52 -50.69 18.24 2.11
C GLY J 52 -50.67 16.88 2.78
N VAL J 53 -51.86 16.37 3.13
CA VAL J 53 -51.97 15.11 3.79
C VAL J 53 -51.54 14.01 2.81
N SER J 54 -51.88 14.20 1.54
CA SER J 54 -51.58 13.19 0.54
C SER J 54 -50.10 12.99 0.35
N VAL J 55 -49.33 14.07 0.32
CA VAL J 55 -47.89 13.96 0.30
C VAL J 55 -47.43 13.26 1.56
N ALA J 56 -47.94 13.70 2.72
CA ALA J 56 -47.51 13.18 4.04
C ALA J 56 -47.62 11.67 4.17
N ARG J 57 -48.83 11.14 3.98
CA ARG J 57 -49.05 9.69 3.98
C ARG J 57 -48.10 8.84 3.11
N GLU J 58 -47.35 9.44 2.19
CA GLU J 58 -46.42 8.65 1.37
C GLU J 58 -45.00 8.67 1.89
N ILE J 59 -44.64 9.61 2.74
CA ILE J 59 -43.26 9.61 3.18
C ILE J 59 -43.01 8.48 4.17
N GLU J 60 -41.97 7.70 3.87
CA GLU J 60 -41.41 6.65 4.71
C GLU J 60 -39.92 6.67 4.42
N LEU J 61 -39.07 6.68 5.43
CA LEU J 61 -37.66 6.85 5.14
C LEU J 61 -36.89 5.55 5.35
N GLU J 62 -35.63 5.52 4.89
CA GLU J 62 -34.88 4.29 5.01
C GLU J 62 -34.19 4.15 6.34
N ASP J 63 -33.52 5.22 6.78
CA ASP J 63 -32.90 5.31 8.09
C ASP J 63 -33.99 5.23 9.13
N LYS J 64 -33.90 4.24 9.99
CA LYS J 64 -35.05 3.78 10.74
C LYS J 64 -35.49 4.83 11.75
N PHE J 65 -34.55 5.66 12.19
CA PHE J 65 -34.77 6.68 13.20
C PHE J 65 -35.43 7.88 12.54
N GLU J 66 -34.84 8.35 11.44
CA GLU J 66 -35.42 9.39 10.62
C GLU J 66 -36.82 8.96 10.32
N ASN J 67 -37.04 7.71 9.94
CA ASN J 67 -38.38 7.26 9.69
C ASN J 67 -39.35 7.61 10.79
N MET J 68 -38.91 7.37 12.03
CA MET J 68 -39.73 7.55 13.22
C MET J 68 -40.15 9.01 13.37
N GLY J 69 -39.19 9.92 13.20
CA GLY J 69 -39.50 11.32 13.04
C GLY J 69 -40.68 11.55 12.09
N ALA J 70 -40.49 11.21 10.82
CA ALA J 70 -41.53 11.41 9.83
C ALA J 70 -42.83 10.72 10.16
N GLN J 71 -42.77 9.52 10.73
CA GLN J 71 -43.99 8.79 10.97
C GLN J 71 -44.86 9.41 12.05
N MET J 72 -44.23 10.27 12.85
CA MET J 72 -44.92 10.92 13.97
C MET J 72 -45.59 12.24 13.54
N VAL J 73 -44.83 13.17 12.96
CA VAL J 73 -45.41 14.38 12.39
C VAL J 73 -46.49 14.05 11.37
N LYS J 74 -46.31 12.95 10.67
CA LYS J 74 -47.32 12.53 9.71
C LYS J 74 -48.73 12.52 10.37
N GLU J 75 -48.77 12.48 11.69
CA GLU J 75 -50.04 12.36 12.37
C GLU J 75 -50.75 13.70 12.50
N VAL J 76 -50.00 14.79 12.51
CA VAL J 76 -50.65 16.07 12.62
C VAL J 76 -51.45 16.29 11.32
N ALA J 77 -50.76 16.14 10.18
CA ALA J 77 -51.36 16.35 8.87
C ALA J 77 -52.51 15.35 8.72
N SER J 78 -52.34 14.18 9.31
CA SER J 78 -53.38 13.22 9.18
C SER J 78 -54.62 13.57 9.99
N LYS J 79 -54.38 13.99 11.23
CA LYS J 79 -55.46 14.35 12.16
C LYS J 79 -56.24 15.61 11.73
N ALA J 80 -55.48 16.69 11.42
CA ALA J 80 -56.06 17.85 10.75
C ALA J 80 -57.13 17.43 9.71
N ASN J 81 -56.69 16.60 8.76
CA ASN J 81 -57.54 16.14 7.71
C ASN J 81 -58.85 15.50 8.19
N ASP J 82 -58.80 14.71 9.25
CA ASP J 82 -59.99 13.92 9.67
C ASP J 82 -61.04 14.76 10.33
N ALA J 83 -60.55 15.88 10.90
CA ALA J 83 -61.37 16.79 11.70
C ALA J 83 -61.88 17.95 10.85
N ALA J 84 -60.90 18.74 10.40
CA ALA J 84 -61.13 19.89 9.52
C ALA J 84 -61.55 19.51 8.09
N GLY J 85 -60.63 18.91 7.33
CA GLY J 85 -60.80 18.66 5.90
C GLY J 85 -59.82 19.52 5.10
N ASP J 86 -59.08 20.41 5.79
CA ASP J 86 -58.15 21.31 5.13
C ASP J 86 -57.13 21.76 6.17
N GLY J 87 -56.16 22.58 5.78
CA GLY J 87 -55.18 23.04 6.74
C GLY J 87 -54.06 22.08 7.11
N THR J 88 -54.05 20.90 6.45
CA THR J 88 -53.09 19.82 6.71
C THR J 88 -51.67 20.30 6.44
N THR J 89 -51.47 21.11 5.40
CA THR J 89 -50.14 21.66 5.21
C THR J 89 -49.80 22.62 6.34
N THR J 90 -50.74 23.49 6.71
CA THR J 90 -50.46 24.52 7.73
C THR J 90 -50.04 23.75 8.97
N ALA J 91 -50.96 22.86 9.38
CA ALA J 91 -50.70 21.99 10.52
C ALA J 91 -49.24 21.51 10.44
N THR J 92 -48.84 20.94 9.30
CA THR J 92 -47.52 20.34 9.21
C THR J 92 -46.44 21.38 9.43
N VAL J 93 -46.67 22.56 8.88
CA VAL J 93 -45.64 23.60 8.90
C VAL J 93 -45.44 24.19 10.32
N LEU J 94 -46.54 24.20 11.08
CA LEU J 94 -46.49 24.68 12.44
C LEU J 94 -45.74 23.64 13.20
N ALA J 95 -46.13 22.38 13.02
CA ALA J 95 -45.50 21.28 13.77
C ALA J 95 -44.01 21.27 13.55
N GLN J 96 -43.57 21.49 12.34
CA GLN J 96 -42.13 21.44 12.10
C GLN J 96 -41.44 22.59 12.80
N ALA J 97 -42.21 23.62 13.11
CA ALA J 97 -41.65 24.89 13.57
C ALA J 97 -41.48 24.83 15.07
N ILE J 98 -42.54 24.34 15.71
CA ILE J 98 -42.47 24.13 17.13
C ILE J 98 -41.27 23.19 17.44
N ILE J 99 -41.18 22.07 16.70
CA ILE J 99 -40.11 21.07 16.88
C ILE J 99 -38.75 21.72 16.74
N THR J 100 -38.54 22.44 15.65
CA THR J 100 -37.22 22.98 15.40
C THR J 100 -36.83 23.86 16.56
N GLU J 101 -37.80 24.65 17.03
CA GLU J 101 -37.52 25.70 18.01
C GLU J 101 -37.38 25.07 19.38
N GLY J 102 -38.32 24.19 19.70
CA GLY J 102 -38.21 23.27 20.81
C GLY J 102 -36.81 22.69 20.96
N LEU J 103 -36.43 21.78 20.05
CA LEU J 103 -35.17 21.08 20.21
C LEU J 103 -34.02 22.04 20.37
N LYS J 104 -34.13 23.24 19.82
CA LYS J 104 -33.05 24.19 19.99
C LYS J 104 -32.94 24.61 21.45
N ALA J 105 -34.11 24.71 22.11
CA ALA J 105 -34.15 25.08 23.52
C ALA J 105 -33.66 23.92 24.38
N VAL J 106 -34.08 22.70 24.01
CA VAL J 106 -33.66 21.52 24.76
C VAL J 106 -32.15 21.46 24.74
N ALA J 107 -31.56 21.86 23.63
CA ALA J 107 -30.12 21.87 23.51
C ALA J 107 -29.48 23.00 24.31
N ALA J 108 -30.33 23.92 24.80
CA ALA J 108 -29.86 25.05 25.60
C ALA J 108 -29.79 24.68 27.09
N GLY J 109 -30.22 23.46 27.42
CA GLY J 109 -30.33 23.03 28.80
C GLY J 109 -31.69 23.19 29.46
N MET J 110 -32.66 23.74 28.75
CA MET J 110 -34.04 23.77 29.21
C MET J 110 -34.62 22.38 29.47
N ASN J 111 -35.61 22.33 30.36
CA ASN J 111 -36.28 21.11 30.73
C ASN J 111 -37.44 20.80 29.80
N PRO J 112 -37.33 19.78 28.98
CA PRO J 112 -38.32 19.56 27.91
C PRO J 112 -39.74 19.51 28.44
N MET J 113 -39.96 18.83 29.53
CA MET J 113 -41.32 18.65 29.99
C MET J 113 -42.00 19.98 30.36
N ASP J 114 -41.19 21.02 30.61
CA ASP J 114 -41.66 22.36 30.92
C ASP J 114 -41.93 23.10 29.61
N LEU J 115 -41.01 22.96 28.66
CA LEU J 115 -41.18 23.59 27.35
C LEU J 115 -42.50 23.12 26.84
N LYS J 116 -42.78 21.84 26.99
CA LYS J 116 -44.09 21.33 26.63
C LYS J 116 -45.26 22.05 27.33
N ARG J 117 -45.20 22.16 28.67
CA ARG J 117 -46.26 22.84 29.43
C ARG J 117 -46.49 24.28 28.92
N GLY J 118 -45.42 24.96 28.52
CA GLY J 118 -45.48 26.30 28.01
C GLY J 118 -46.25 26.32 26.70
N ILE J 119 -45.69 25.63 25.68
CA ILE J 119 -46.35 25.39 24.41
C ILE J 119 -47.80 25.11 24.65
N ASP J 120 -48.13 24.17 25.54
CA ASP J 120 -49.54 23.80 25.66
C ASP J 120 -50.39 24.98 26.15
N LYS J 121 -49.89 25.69 27.15
CA LYS J 121 -50.58 26.84 27.70
C LYS J 121 -50.75 27.91 26.64
N ALA J 122 -49.66 28.18 25.91
CA ALA J 122 -49.71 29.17 24.81
C ALA J 122 -50.81 28.79 23.84
N VAL J 123 -50.90 27.53 23.51
CA VAL J 123 -51.96 27.07 22.61
C VAL J 123 -53.38 27.21 23.18
N THR J 124 -53.58 26.88 24.46
CA THR J 124 -54.93 26.92 25.03
C THR J 124 -55.47 28.34 24.94
N ALA J 125 -54.53 29.28 24.94
CA ALA J 125 -54.82 30.70 24.97
C ALA J 125 -55.08 31.18 23.54
N ALA J 126 -54.23 30.76 22.62
CA ALA J 126 -54.42 31.02 21.22
C ALA J 126 -55.78 30.48 20.77
N VAL J 127 -56.18 29.32 21.23
CA VAL J 127 -57.50 28.83 20.83
C VAL J 127 -58.63 29.74 21.27
N GLU J 128 -58.57 30.18 22.53
CA GLU J 128 -59.51 31.14 23.09
C GLU J 128 -59.54 32.43 22.25
N GLU J 129 -58.34 32.94 21.93
CA GLU J 129 -58.21 34.17 21.21
C GLU J 129 -58.82 34.10 19.81
N LEU J 130 -58.53 33.01 19.09
CA LEU J 130 -59.24 32.69 17.84
C LEU J 130 -60.75 32.60 17.97
N LYS J 131 -61.29 32.04 19.05
CA LYS J 131 -62.76 32.05 19.16
C LYS J 131 -63.26 33.51 19.14
N ALA J 132 -62.41 34.42 19.57
CA ALA J 132 -62.82 35.81 19.77
C ALA J 132 -62.91 36.49 18.41
N LEU J 133 -61.78 36.44 17.68
CA LEU J 133 -61.62 36.89 16.29
C LEU J 133 -62.59 36.32 15.29
N SER J 134 -62.91 35.06 15.42
CA SER J 134 -63.85 34.46 14.52
C SER J 134 -65.15 35.28 14.44
N VAL J 135 -65.56 35.55 13.24
CA VAL J 135 -66.85 36.13 13.05
C VAL J 135 -67.65 35.07 12.30
N PRO J 136 -66.84 34.04 14.30
CA PRO J 136 -68.05 33.32 13.95
C PRO J 136 -68.18 33.06 12.46
N CYS J 137 -69.12 32.18 12.13
CA CYS J 137 -69.39 31.81 10.76
C CYS J 137 -70.85 31.44 10.74
N SER J 138 -71.70 32.43 10.44
CA SER J 138 -73.14 32.15 10.42
C SER J 138 -73.87 32.42 9.11
N ASP J 139 -73.87 33.67 8.66
CA ASP J 139 -74.56 34.05 7.43
C ASP J 139 -74.07 33.25 6.23
N SER J 140 -74.96 33.05 5.27
CA SER J 140 -74.62 32.29 4.07
C SER J 140 -73.35 32.82 3.43
N LYS J 141 -72.96 34.04 3.79
CA LYS J 141 -71.73 34.63 3.25
C LYS J 141 -70.54 33.89 3.83
N ALA J 142 -70.38 34.00 5.15
CA ALA J 142 -69.28 33.36 5.85
C ALA J 142 -69.20 31.89 5.45
N ILE J 143 -70.38 31.29 5.21
CA ILE J 143 -70.49 29.89 4.84
C ILE J 143 -69.87 29.60 3.47
N ALA J 144 -70.43 30.18 2.42
CA ALA J 144 -69.86 29.96 1.10
C ALA J 144 -68.43 30.46 1.16
N GLN J 145 -68.20 31.41 2.08
CA GLN J 145 -66.90 31.98 2.31
C GLN J 145 -65.97 30.80 2.58
N VAL J 146 -65.91 30.39 3.84
CA VAL J 146 -65.09 29.27 4.27
C VAL J 146 -65.13 28.11 3.30
N GLY J 147 -66.33 27.78 2.82
CA GLY J 147 -66.46 26.68 1.88
C GLY J 147 -65.54 26.86 0.70
N THR J 148 -65.80 27.88 -0.11
CA THR J 148 -64.98 28.15 -1.28
C THR J 148 -63.48 28.11 -0.96
N ILE J 149 -63.13 28.50 0.27
CA ILE J 149 -61.72 28.52 0.71
C ILE J 149 -61.19 27.09 0.86
N SER J 150 -61.84 26.35 1.74
CA SER J 150 -61.47 24.97 2.02
C SER J 150 -61.58 24.10 0.76
N ALA J 151 -62.32 24.61 -0.22
CA ALA J 151 -62.51 23.93 -1.48
C ALA J 151 -61.36 24.36 -2.39
N ASN J 152 -60.49 25.21 -1.86
CA ASN J 152 -59.34 25.71 -2.60
C ASN J 152 -59.71 26.81 -3.59
N SER J 153 -60.17 27.94 -3.07
CA SER J 153 -60.51 29.07 -3.92
C SER J 153 -61.78 28.90 -4.74
N ASP J 154 -62.03 27.68 -5.21
CA ASP J 154 -63.22 27.42 -6.02
C ASP J 154 -64.49 27.96 -5.38
N GLU J 155 -64.94 29.12 -5.85
CA GLU J 155 -66.14 29.75 -5.31
C GLU J 155 -67.41 28.95 -5.55
N THR J 156 -67.50 28.32 -6.72
CA THR J 156 -68.68 27.53 -7.07
C THR J 156 -68.99 26.58 -5.94
N VAL J 157 -67.94 26.07 -5.32
CA VAL J 157 -68.09 25.14 -4.23
C VAL J 157 -68.72 25.76 -3.00
N GLY J 158 -67.99 26.65 -2.34
CA GLY J 158 -68.51 27.30 -1.16
C GLY J 158 -69.95 27.70 -1.39
N LYS J 159 -70.28 27.96 -2.65
CA LYS J 159 -71.62 28.34 -3.08
C LYS J 159 -72.65 27.28 -2.69
N LEU J 160 -72.68 26.17 -3.43
CA LEU J 160 -73.62 25.07 -3.20
C LEU J 160 -73.76 24.71 -1.76
N ILE J 161 -72.63 24.72 -1.06
CA ILE J 161 -72.63 24.40 0.35
C ILE J 161 -73.55 25.37 1.11
N ALA J 162 -73.36 26.66 0.86
CA ALA J 162 -74.19 27.67 1.52
C ALA J 162 -75.63 27.42 1.14
N GLU J 163 -75.87 27.19 -0.15
CA GLU J 163 -77.21 26.94 -0.67
C GLU J 163 -77.80 25.77 0.07
N ALA J 164 -77.05 24.68 0.08
CA ALA J 164 -77.46 23.48 0.75
C ALA J 164 -78.00 23.82 2.12
N MET J 165 -77.12 24.17 3.04
CA MET J 165 -77.54 24.51 4.40
C MET J 165 -78.70 25.47 4.35
N ASP J 166 -78.69 26.35 3.37
CA ASP J 166 -79.74 27.34 3.23
C ASP J 166 -81.06 26.64 2.89
N LYS J 167 -80.97 25.36 2.53
CA LYS J 167 -82.15 24.55 2.18
C LYS J 167 -82.69 23.71 3.34
N VAL J 168 -81.94 22.70 3.76
CA VAL J 168 -82.36 21.83 4.86
C VAL J 168 -81.81 22.33 6.20
N GLY J 169 -81.19 23.51 6.18
CA GLY J 169 -80.67 24.11 7.40
C GLY J 169 -79.21 23.82 7.66
N LYS J 170 -78.66 24.45 8.69
CA LYS J 170 -77.26 24.22 9.03
C LYS J 170 -77.09 22.80 9.55
N GLU J 171 -78.11 22.30 10.21
CA GLU J 171 -78.06 20.94 10.76
C GLU J 171 -78.65 19.93 9.80
N GLY J 172 -79.17 20.42 8.68
CA GLY J 172 -79.77 19.53 7.70
C GLY J 172 -78.78 18.46 7.30
N VAL J 173 -79.23 17.45 6.56
CA VAL J 173 -78.33 16.38 6.14
C VAL J 173 -78.00 16.53 4.67
N ILE J 174 -76.72 16.76 4.40
CA ILE J 174 -76.26 16.94 3.03
C ILE J 174 -75.38 15.78 2.60
N THR J 175 -75.51 15.39 1.34
CA THR J 175 -74.70 14.28 0.82
C THR J 175 -74.12 14.64 -0.51
N VAL J 176 -73.32 13.72 -1.04
CA VAL J 176 -72.69 13.96 -2.32
C VAL J 176 -72.69 12.71 -3.17
N GLU J 177 -72.99 12.90 -4.44
CA GLU J 177 -73.04 11.81 -5.39
C GLU J 177 -72.36 12.33 -6.64
N ASP J 178 -71.79 11.42 -7.42
CA ASP J 178 -71.14 11.83 -8.65
C ASP J 178 -72.18 12.43 -9.57
N GLY J 179 -71.79 13.44 -10.33
CA GLY J 179 -72.72 14.08 -11.23
C GLY J 179 -72.92 13.28 -12.50
N THR J 180 -74.16 13.27 -13.00
CA THR J 180 -74.48 12.54 -14.20
C THR J 180 -73.89 13.24 -15.42
N GLY J 181 -73.94 14.57 -15.42
CA GLY J 181 -73.40 15.34 -16.54
C GLY J 181 -72.27 16.29 -16.14
N LEU J 182 -72.29 17.49 -16.71
CA LEU J 182 -71.27 18.51 -16.43
C LEU J 182 -71.78 19.53 -15.42
N GLN J 183 -73.08 19.52 -15.20
CA GLN J 183 -73.69 20.45 -14.27
C GLN J 183 -73.81 19.93 -12.85
N ASP J 184 -73.66 20.85 -11.90
CA ASP J 184 -73.78 20.52 -10.49
C ASP J 184 -75.28 20.47 -10.26
N GLU J 185 -75.74 19.65 -9.31
CA GLU J 185 -77.17 19.52 -9.03
C GLU J 185 -77.45 19.41 -7.54
N LEU J 186 -78.32 20.26 -7.03
CA LEU J 186 -78.67 20.23 -5.62
C LEU J 186 -80.15 19.88 -5.55
N ASP J 187 -80.48 18.75 -4.90
CA ASP J 187 -81.86 18.31 -4.79
C ASP J 187 -82.20 17.85 -3.38
N VAL J 188 -83.41 18.16 -2.95
CA VAL J 188 -83.86 17.75 -1.64
C VAL J 188 -84.83 16.60 -1.84
N VAL J 189 -84.64 15.51 -1.11
CA VAL J 189 -85.52 14.35 -1.27
C VAL J 189 -85.81 13.65 0.03
N GLU J 190 -86.90 12.89 0.08
CA GLU J 190 -87.27 12.14 1.27
C GLU J 190 -86.10 11.23 1.62
N GLY J 191 -84.91 11.88 4.38
CA GLY J 191 -83.73 11.12 4.77
C GLY J 191 -83.23 11.50 6.15
N MET J 192 -82.12 10.90 6.56
CA MET J 192 -81.60 11.04 7.92
C MET J 192 -80.11 10.71 8.04
N GLN J 193 -79.45 11.29 9.03
CA GLN J 193 -78.05 10.97 9.32
C GLN J 193 -77.80 10.81 10.82
N PHE J 194 -77.12 9.73 11.21
CA PHE J 194 -76.80 9.50 12.61
C PHE J 194 -75.34 9.10 12.84
N ASP J 195 -74.88 9.35 14.06
CA ASP J 195 -73.46 9.21 14.42
C ASP J 195 -72.98 7.77 14.65
N ARG J 196 -72.97 6.97 13.58
CA ARG J 196 -72.49 5.59 13.67
C ARG J 196 -71.66 5.21 12.45
N GLY J 197 -70.49 4.64 12.70
CA GLY J 197 -69.59 4.24 11.62
C GLY J 197 -69.71 2.77 11.29
N TYR J 198 -69.09 2.38 10.19
CA TYR J 198 -69.09 0.98 9.77
C TYR J 198 -68.50 0.06 10.84
N LEU J 199 -68.91 -1.19 10.83
CA LEU J 199 -68.43 -2.15 11.81
C LEU J 199 -67.15 -2.86 11.35
N SER J 200 -66.66 -2.49 10.17
CA SER J 200 -65.40 -2.99 9.61
C SER J 200 -64.95 -2.19 8.39
N PRO J 201 -63.69 -1.77 8.35
CA PRO J 201 -63.13 -1.07 7.17
C PRO J 201 -63.21 -1.90 5.90
N TYR J 202 -63.66 -3.14 6.02
CA TYR J 202 -63.69 -4.08 4.91
C TYR J 202 -64.98 -3.99 4.08
N PHE J 203 -65.89 -3.11 4.48
CA PHE J 203 -67.12 -2.88 3.72
C PHE J 203 -66.93 -1.79 2.67
N ILE J 204 -65.85 -1.02 2.82
CA ILE J 204 -65.52 0.09 1.92
C ILE J 204 -65.47 -0.38 0.47
N ASN J 205 -66.33 0.20 -0.36
CA ASN J 205 -66.31 -0.06 -1.79
C ASN J 205 -65.76 1.14 -2.58
N LYS J 206 -65.74 2.30 -1.94
CA LYS J 206 -65.11 3.49 -2.51
C LYS J 206 -63.83 3.79 -1.73
N PRO J 207 -62.70 3.25 -2.20
CA PRO J 207 -61.42 3.41 -1.50
C PRO J 207 -61.02 4.87 -1.39
N GLU J 208 -61.41 5.68 -2.38
CA GLU J 208 -61.09 7.10 -2.43
C GLU J 208 -61.63 7.86 -1.22
N THR J 209 -62.95 7.97 -1.12
CA THR J 209 -63.60 8.64 0.02
C THR J 209 -63.33 7.92 1.33
N GLY J 210 -62.99 6.63 1.25
CA GLY J 210 -62.86 5.79 2.42
C GLY J 210 -64.24 5.55 3.02
N ALA J 211 -65.22 5.34 2.14
CA ALA J 211 -66.61 5.25 2.54
C ALA J 211 -67.31 4.05 1.92
N VAL J 212 -68.58 3.87 2.25
CA VAL J 212 -69.41 2.78 1.74
C VAL J 212 -70.64 3.35 1.07
N GLU J 213 -70.63 3.38 -0.26
CA GLU J 213 -71.78 3.85 -1.04
C GLU J 213 -72.58 2.65 -1.52
N LEU J 214 -73.89 2.65 -1.26
CA LEU J 214 -74.74 1.53 -1.66
C LEU J 214 -75.94 1.99 -2.47
N GLU J 215 -76.20 1.27 -3.57
CA GLU J 215 -77.23 1.64 -4.53
C GLU J 215 -78.58 0.97 -4.26
N SER J 216 -79.62 1.80 -4.10
CA SER J 216 -80.99 1.40 -3.74
C SER J 216 -81.14 0.08 -2.97
N PRO J 217 -80.53 0.01 -1.77
CA PRO J 217 -80.51 -1.23 -0.99
C PRO J 217 -81.69 -1.37 -0.03
N PHE J 218 -81.87 -2.59 0.46
CA PHE J 218 -82.84 -2.87 1.50
C PHE J 218 -82.21 -2.59 2.85
N ILE J 219 -83.04 -2.28 3.84
CA ILE J 219 -82.56 -2.01 5.19
C ILE J 219 -83.18 -2.96 6.21
N LEU J 220 -82.30 -3.64 6.96
CA LEU J 220 -82.68 -4.56 8.02
C LEU J 220 -82.62 -3.86 9.35
N LEU J 221 -83.72 -3.91 10.12
CA LEU J 221 -83.78 -3.21 11.39
C LEU J 221 -84.02 -4.14 12.57
N ALA J 222 -82.92 -4.56 13.19
CA ALA J 222 -82.95 -5.55 14.26
C ALA J 222 -82.74 -4.94 15.65
N ASP J 223 -83.50 -5.44 16.62
CA ASP J 223 -83.46 -4.92 17.97
C ASP J 223 -82.39 -5.59 18.85
N LYS J 224 -81.96 -6.79 18.46
CA LYS J 224 -81.01 -7.55 19.28
C LYS J 224 -79.57 -7.47 18.76
N LYS J 225 -78.65 -8.04 19.52
CA LYS J 225 -77.26 -8.20 19.09
C LYS J 225 -77.21 -9.35 18.09
N ILE J 226 -76.35 -9.23 17.08
CA ILE J 226 -76.23 -10.26 16.05
C ILE J 226 -74.89 -10.99 16.14
N SER J 227 -74.92 -12.15 16.80
CA SER J 227 -73.71 -12.96 16.95
C SER J 227 -73.69 -14.10 15.95
N ASN J 228 -74.75 -14.90 15.95
CA ASN J 228 -74.86 -16.04 15.04
C ASN J 228 -75.32 -15.62 13.64
N ILE J 229 -74.93 -16.40 12.64
CA ILE J 229 -75.21 -16.09 11.24
C ILE J 229 -76.35 -16.93 10.67
N ARG J 230 -76.91 -17.83 11.48
CA ARG J 230 -77.95 -18.75 11.05
C ARG J 230 -79.29 -18.07 10.78
N GLU J 231 -79.65 -17.08 11.61
CA GLU J 231 -80.89 -16.33 11.45
C GLU J 231 -80.82 -15.34 10.29
N MET J 232 -79.67 -15.30 9.62
CA MET J 232 -79.45 -14.40 8.49
C MET J 232 -79.91 -14.98 7.16
N LEU J 233 -79.73 -16.29 6.98
CA LEU J 233 -79.96 -16.96 5.70
C LEU J 233 -81.36 -16.82 5.05
N PRO J 234 -82.45 -16.82 5.84
CA PRO J 234 -83.79 -16.58 5.27
C PRO J 234 -83.93 -15.24 4.55
N VAL J 235 -83.36 -14.19 5.10
CA VAL J 235 -83.40 -12.86 4.48
C VAL J 235 -82.22 -12.60 3.54
N LEU J 236 -81.02 -13.02 3.95
CA LEU J 236 -79.79 -12.79 3.20
C LEU J 236 -79.74 -13.55 1.86
N GLU J 237 -80.61 -14.54 1.73
CA GLU J 237 -80.75 -15.31 0.49
C GLU J 237 -81.89 -14.78 -0.39
N ALA J 238 -82.84 -14.09 0.23
CA ALA J 238 -83.92 -13.43 -0.50
C ALA J 238 -83.45 -12.13 -1.15
N VAL J 239 -82.45 -11.49 -0.54
CA VAL J 239 -81.83 -10.28 -1.09
C VAL J 239 -80.60 -10.60 -1.94
N ALA J 240 -80.19 -11.86 -1.95
CA ALA J 240 -79.20 -12.36 -2.88
C ALA J 240 -79.82 -12.47 -4.27
N LYS J 241 -81.04 -13.00 -4.32
CA LYS J 241 -81.77 -13.20 -5.58
C LYS J 241 -82.59 -11.98 -5.98
N ALA J 242 -82.47 -10.90 -5.22
CA ALA J 242 -83.08 -9.63 -5.57
C ALA J 242 -82.03 -8.70 -6.21
N GLY J 243 -80.79 -9.19 -6.29
CA GLY J 243 -79.71 -8.47 -6.93
C GLY J 243 -79.13 -7.28 -6.17
N LYS J 244 -79.91 -6.73 -5.25
CA LYS J 244 -79.55 -5.49 -4.55
C LYS J 244 -78.72 -5.74 -3.28
N PRO J 245 -77.97 -4.73 -2.83
CA PRO J 245 -77.24 -4.81 -1.56
C PRO J 245 -78.18 -4.69 -0.36
N LEU J 246 -77.62 -4.74 0.85
CA LEU J 246 -78.40 -4.76 2.08
C LEU J 246 -77.66 -4.11 3.25
N LEU J 247 -78.35 -3.25 3.96
CA LEU J 247 -77.81 -2.54 5.12
C LEU J 247 -78.36 -3.12 6.41
N ILE J 248 -77.48 -3.33 7.41
CA ILE J 248 -77.89 -3.88 8.69
C ILE J 248 -77.72 -2.88 9.82
N ILE J 249 -78.85 -2.52 10.44
CA ILE J 249 -78.82 -1.76 11.67
C ILE J 249 -79.37 -2.60 12.83
N ALA J 250 -78.51 -2.89 13.80
CA ALA J 250 -78.85 -3.67 14.98
C ALA J 250 -78.12 -3.15 16.21
N GLU J 251 -78.45 -3.68 17.38
CA GLU J 251 -77.77 -3.33 18.61
C GLU J 251 -76.25 -3.44 18.41
N ASP J 252 -75.83 -4.53 17.76
CA ASP J 252 -74.44 -4.73 17.34
C ASP J 252 -74.37 -5.89 16.35
N VAL J 253 -73.18 -6.16 15.82
CA VAL J 253 -72.91 -7.38 15.07
C VAL J 253 -71.58 -7.97 15.56
N GLU J 254 -71.67 -9.12 16.23
CA GLU J 254 -70.53 -9.76 16.90
C GLU J 254 -69.66 -10.56 15.94
N GLY J 255 -68.37 -10.66 16.28
CA GLY J 255 -67.36 -11.32 15.46
C GLY J 255 -67.83 -12.49 14.61
N GLU J 256 -68.65 -13.36 15.18
CA GLU J 256 -69.13 -14.57 14.52
C GLU J 256 -69.90 -14.33 13.22
N ALA J 257 -70.90 -13.45 13.28
CA ALA J 257 -71.67 -13.09 12.09
C ALA J 257 -70.97 -12.01 11.27
N LEU J 258 -70.20 -11.17 11.96
CA LEU J 258 -69.44 -10.08 11.34
C LEU J 258 -68.38 -10.61 10.40
N ALA J 259 -67.46 -11.44 10.92
CA ALA J 259 -66.35 -11.97 10.14
C ALA J 259 -66.81 -12.80 8.93
N THR J 260 -67.98 -13.42 9.05
CA THR J 260 -68.57 -14.14 7.91
C THR J 260 -69.08 -13.17 6.85
N LEU J 261 -69.71 -12.08 7.30
CA LEU J 261 -70.20 -11.04 6.40
C LEU J 261 -69.06 -10.27 5.76
N VAL J 262 -68.00 -10.05 6.52
CA VAL J 262 -66.81 -9.31 6.06
C VAL J 262 -66.18 -9.97 4.82
N VAL J 263 -65.89 -11.26 4.91
CA VAL J 263 -65.32 -12.00 3.77
C VAL J 263 -66.41 -12.33 2.73
N ASN J 264 -67.67 -12.19 3.13
CA ASN J 264 -68.80 -12.44 2.22
C ASN J 264 -69.08 -11.30 1.23
N THR J 265 -68.47 -10.14 1.46
CA THR J 265 -68.64 -9.02 0.51
C THR J 265 -67.44 -8.90 -0.42
N MET J 266 -66.27 -8.60 0.15
CA MET J 266 -65.03 -8.58 -0.61
C MET J 266 -64.63 -10.03 -0.90
N ARG J 267 -64.64 -10.38 -2.19
CA ARG J 267 -64.44 -11.75 -2.66
C ARG J 267 -65.74 -12.58 -2.64
N GLY J 268 -66.84 -11.99 -2.21
CA GLY J 268 -68.05 -12.75 -1.95
C GLY J 268 -69.29 -12.40 -2.75
N ILE J 269 -70.35 -13.18 -2.53
CA ILE J 269 -71.62 -13.07 -3.27
C ILE J 269 -72.33 -11.73 -3.01
N VAL J 270 -73.14 -11.65 -1.94
CA VAL J 270 -73.93 -10.44 -1.65
C VAL J 270 -73.09 -9.38 -0.94
N LYS J 271 -73.05 -8.18 -1.52
CA LYS J 271 -72.31 -7.06 -0.93
C LYS J 271 -73.16 -6.29 0.07
N VAL J 272 -72.82 -6.45 1.36
CA VAL J 272 -73.58 -5.86 2.47
C VAL J 272 -72.68 -5.12 3.46
N ALA J 273 -73.30 -4.30 4.30
CA ALA J 273 -72.60 -3.57 5.38
C ALA J 273 -73.50 -3.45 6.62
N ALA J 274 -72.87 -3.22 7.77
CA ALA J 274 -73.62 -3.15 9.03
C ALA J 274 -73.10 -2.06 9.97
N VAL J 275 -74.03 -1.41 10.68
CA VAL J 275 -73.71 -0.35 11.63
C VAL J 275 -74.57 -0.46 12.87
N LYS J 276 -74.03 -0.06 14.02
CA LYS J 276 -74.76 -0.07 15.29
C LYS J 276 -75.93 0.92 15.22
N ALA J 277 -77.06 0.56 15.83
CA ALA J 277 -78.22 1.47 15.90
C ALA J 277 -77.86 2.69 16.76
N PRO J 278 -78.40 3.86 16.42
CA PRO J 278 -78.04 5.11 17.11
C PRO J 278 -78.51 5.13 18.55
N GLY J 279 -77.80 5.89 19.40
CA GLY J 279 -78.15 6.04 20.80
C GLY J 279 -77.93 4.79 21.64
N PHE J 280 -78.55 4.78 22.83
CA PHE J 280 -78.46 3.62 23.73
C PHE J 280 -79.69 3.53 24.63
N GLY J 281 -80.01 2.32 25.08
CA GLY J 281 -81.09 2.08 26.02
C GLY J 281 -82.49 2.34 25.49
N ASP J 282 -83.18 3.30 26.09
CA ASP J 282 -84.57 3.62 25.73
C ASP J 282 -84.68 4.49 24.49
N ARG J 283 -83.62 5.23 24.18
CA ARG J 283 -83.57 6.06 22.98
C ARG J 283 -83.58 5.18 21.72
N ARG J 284 -82.63 4.26 21.62
CA ARG J 284 -82.49 3.43 20.41
C ARG J 284 -83.74 2.59 20.10
N LYS J 285 -84.57 2.35 21.12
CA LYS J 285 -85.86 1.69 20.93
C LYS J 285 -86.75 2.47 19.96
N ALA J 286 -86.98 3.75 20.28
CA ALA J 286 -87.80 4.63 19.46
C ALA J 286 -87.01 5.24 18.30
N MET J 287 -85.70 5.43 18.50
CA MET J 287 -84.82 6.01 17.49
C MET J 287 -84.69 5.09 16.28
N LEU J 288 -84.76 3.78 16.53
CA LEU J 288 -84.72 2.77 15.48
C LEU J 288 -86.05 2.69 14.73
N GLN J 289 -87.14 2.90 15.46
CA GLN J 289 -88.47 2.96 14.86
C GLN J 289 -88.59 4.15 13.89
N ASP J 290 -87.93 5.26 14.27
CA ASP J 290 -87.85 6.43 13.41
C ASP J 290 -87.34 6.05 12.02
N ILE J 291 -86.24 5.32 11.98
CA ILE J 291 -85.68 4.83 10.72
C ILE J 291 -86.67 3.90 10.00
N ALA J 292 -87.28 3.01 10.76
CA ALA J 292 -88.28 2.10 10.20
C ALA J 292 -89.38 2.86 9.45
N THR J 293 -89.89 3.91 10.09
CA THR J 293 -90.94 4.75 9.52
C THR J 293 -90.47 5.40 8.22
N LEU J 294 -89.28 5.96 8.26
CA LEU J 294 -88.71 6.67 7.12
C LEU J 294 -88.48 5.78 5.91
N THR J 295 -88.02 4.55 6.17
CA THR J 295 -87.64 3.61 5.13
C THR J 295 -88.77 2.68 4.73
N GLY J 296 -89.86 2.71 5.50
CA GLY J 296 -91.01 1.86 5.24
C GLY J 296 -90.70 0.41 5.55
N GLY J 297 -90.05 0.18 6.68
CA GLY J 297 -89.68 -1.16 7.10
C GLY J 297 -90.30 -1.51 8.44
N THR J 298 -89.99 -2.70 8.94
CA THR J 298 -90.45 -3.16 10.25
C THR J 298 -89.28 -3.41 11.17
N VAL J 299 -89.48 -3.09 12.45
CA VAL J 299 -88.49 -3.38 13.49
C VAL J 299 -88.69 -4.79 14.04
N ILE J 300 -87.63 -5.59 13.98
CA ILE J 300 -87.68 -6.95 14.51
C ILE J 300 -87.37 -6.88 16.00
N SER J 301 -88.44 -6.80 16.80
CA SER J 301 -88.32 -6.67 18.25
C SER J 301 -88.32 -8.02 18.92
N GLU J 302 -87.70 -8.09 20.09
CA GLU J 302 -87.70 -9.31 20.90
C GLU J 302 -88.93 -9.41 21.77
N GLU J 303 -89.43 -8.26 22.22
CA GLU J 303 -90.57 -8.18 23.14
C GLU J 303 -91.91 -8.48 22.46
N ILE J 304 -91.87 -8.68 21.14
CA ILE J 304 -93.04 -9.11 20.39
C ILE J 304 -92.88 -10.59 19.96
N GLY J 305 -91.65 -11.09 20.03
CA GLY J 305 -91.36 -12.49 19.70
C GLY J 305 -90.74 -12.68 18.33
N MET J 306 -90.96 -11.71 17.44
CA MET J 306 -90.41 -11.72 16.08
C MET J 306 -88.92 -12.07 16.11
N GLU J 307 -88.53 -13.04 15.31
CA GLU J 307 -87.12 -13.39 15.14
C GLU J 307 -86.69 -13.15 13.71
N LEU J 308 -85.39 -13.10 13.49
CA LEU J 308 -84.83 -12.81 12.17
C LEU J 308 -85.15 -13.89 11.14
N GLU J 309 -85.30 -15.12 11.61
CA GLU J 309 -85.65 -16.24 10.75
C GLU J 309 -87.04 -16.09 10.15
N LYS J 310 -87.95 -15.46 10.90
CA LYS J 310 -89.31 -15.21 10.45
C LYS J 310 -89.46 -13.79 9.90
N ALA J 311 -88.66 -13.46 8.88
CA ALA J 311 -88.68 -12.14 8.25
C ALA J 311 -88.49 -12.25 6.73
N THR J 312 -89.22 -11.42 5.98
CA THR J 312 -89.16 -11.42 4.52
C THR J 312 -88.63 -10.09 3.98
N LEU J 313 -88.55 -9.99 2.66
CA LEU J 313 -88.21 -8.75 1.97
C LEU J 313 -89.20 -7.66 2.32
N GLU J 314 -90.49 -8.01 2.35
CA GLU J 314 -91.56 -7.08 2.69
C GLU J 314 -91.35 -6.33 4.02
N ASP J 315 -90.70 -6.99 4.98
CA ASP J 315 -90.46 -6.42 6.31
C ASP J 315 -89.35 -5.38 6.30
N LEU J 316 -88.53 -5.40 5.25
CA LEU J 316 -87.36 -4.53 5.17
C LEU J 316 -87.71 -3.15 4.61
N GLY J 317 -86.87 -2.17 4.92
CA GLY J 317 -87.01 -0.82 4.43
C GLY J 317 -86.17 -0.60 3.18
N GLN J 318 -86.31 0.56 2.57
CA GLN J 318 -85.62 0.85 1.32
C GLN J 318 -85.30 2.33 1.15
N ALA J 319 -84.15 2.59 0.54
CA ALA J 319 -83.75 3.94 0.17
C ALA J 319 -83.08 3.92 -1.20
N LYS J 320 -83.01 5.07 -1.87
CA LYS J 320 -82.36 5.15 -3.18
C LYS J 320 -80.83 5.15 -3.09
N ARG J 321 -80.29 5.56 -1.93
CA ARG J 321 -78.85 5.55 -1.68
C ARG J 321 -78.52 5.59 -0.19
N VAL J 322 -77.29 5.27 0.16
CA VAL J 322 -76.80 5.38 1.55
C VAL J 322 -75.28 5.38 1.63
N VAL J 323 -74.71 6.31 2.39
CA VAL J 323 -73.26 6.36 2.58
C VAL J 323 -72.82 6.24 4.04
N ILE J 324 -71.91 5.31 4.30
CA ILE J 324 -71.36 5.08 5.64
C ILE J 324 -69.87 5.37 5.61
N ASN J 325 -69.38 6.05 6.63
CA ASN J 325 -67.94 6.23 6.78
C ASN J 325 -67.47 5.91 8.19
N LYS J 326 -66.24 6.31 8.51
CA LYS J 326 -65.60 6.02 9.80
C LYS J 326 -66.53 6.10 11.00
N ASP J 327 -67.41 7.11 11.03
CA ASP J 327 -68.29 7.36 12.18
C ASP J 327 -69.66 7.94 11.85
N THR J 328 -70.00 7.99 10.57
CA THR J 328 -71.26 8.59 10.12
C THR J 328 -72.01 7.67 9.17
N THR J 329 -73.30 7.51 9.42
CA THR J 329 -74.19 6.83 8.49
C THR J 329 -75.26 7.82 8.08
N THR J 330 -75.54 7.90 6.79
CA THR J 330 -76.58 8.78 6.27
C THR J 330 -77.37 8.08 5.15
N ILE J 331 -78.69 8.00 5.31
CA ILE J 331 -79.56 7.36 4.31
C ILE J 331 -80.32 8.40 3.49
N ILE J 332 -80.55 8.10 2.21
CA ILE J 332 -81.10 9.08 1.28
C ILE J 332 -82.33 8.56 0.52
N ASP J 333 -83.42 9.31 0.59
CA ASP J 333 -84.67 9.00 -0.11
C ASP J 333 -85.31 7.70 0.36
N GLY J 334 -85.99 7.75 1.49
CA GLY J 334 -86.69 6.59 2.04
C GLY J 334 -88.03 6.35 1.36
N VAL J 335 -88.35 5.08 1.15
CA VAL J 335 -89.60 4.69 0.48
C VAL J 335 -90.81 4.85 1.39
N GLY J 336 -90.55 5.23 2.65
CA GLY J 336 -91.60 5.41 3.63
C GLY J 336 -92.67 6.38 3.18
N GLU J 337 -93.93 6.00 3.42
CA GLU J 337 -95.09 6.80 3.05
C GLU J 337 -95.04 8.21 3.63
N GLU J 338 -95.58 9.17 2.89
CA GLU J 338 -95.70 10.54 3.38
C GLU J 338 -96.69 10.60 4.55
N ALA J 339 -97.70 9.73 4.50
CA ALA J 339 -98.68 9.59 5.59
C ALA J 339 -98.02 9.04 6.86
N ALA J 340 -97.24 7.97 6.71
CA ALA J 340 -96.57 7.30 7.83
C ALA J 340 -95.55 8.19 8.55
N ILE J 341 -94.76 8.94 7.79
CA ILE J 341 -93.75 9.85 8.36
C ILE J 341 -94.41 11.05 9.04
N GLN J 342 -95.41 11.63 8.40
CA GLN J 342 -96.14 12.76 8.96
C GLN J 342 -96.90 12.36 10.23
N GLY J 343 -97.37 11.12 10.26
CA GLY J 343 -98.02 10.56 11.42
C GLY J 343 -97.09 10.43 12.62
N ARG J 344 -95.87 9.99 12.37
CA ARG J 344 -94.84 9.87 13.41
C ARG J 344 -94.31 11.23 13.85
N VAL J 345 -94.37 12.22 12.96
CA VAL J 345 -93.99 13.59 13.30
C VAL J 345 -94.97 14.15 14.34
N ALA J 346 -96.27 14.04 14.04
CA ALA J 346 -97.32 14.48 14.95
C ALA J 346 -97.29 13.74 16.29
N GLN J 347 -96.82 12.50 16.26
CA GLN J 347 -96.67 11.67 17.45
C GLN J 347 -95.61 12.22 18.41
N ILE J 348 -94.47 12.63 17.86
CA ILE J 348 -93.39 13.19 18.68
C ILE J 348 -93.66 14.65 19.03
N ARG J 349 -94.19 15.40 18.07
CA ARG J 349 -94.53 16.80 18.28
C ARG J 349 -95.38 16.94 19.53
N GLN J 350 -96.34 16.03 19.65
CA GLN J 350 -97.15 15.89 20.86
C GLN J 350 -96.26 15.68 22.08
N GLN J 351 -95.49 14.59 22.09
CA GLN J 351 -94.62 14.21 23.21
C GLN J 351 -93.70 15.32 23.74
N ARG J 361 -87.20 17.25 26.43
CA ARG J 361 -87.76 18.13 25.41
C ARG J 361 -86.75 18.41 24.29
N GLU J 362 -85.46 18.37 24.64
CA GLU J 362 -84.39 18.59 23.68
C GLU J 362 -84.07 17.31 22.91
N LYS J 363 -84.11 16.16 23.58
CA LYS J 363 -83.78 14.87 22.98
C LYS J 363 -84.85 14.40 22.01
N LEU J 364 -86.10 14.75 22.28
CA LEU J 364 -87.20 14.47 21.36
C LEU J 364 -87.15 15.46 20.19
N GLN J 365 -86.65 16.66 20.48
CA GLN J 365 -86.48 17.72 19.47
C GLN J 365 -85.47 17.32 18.40
N GLU J 366 -84.44 16.60 18.82
CA GLU J 366 -83.40 16.13 17.90
C GLU J 366 -83.93 15.07 16.93
N ARG J 367 -84.86 14.24 17.41
CA ARG J 367 -85.47 13.18 16.61
C ARG J 367 -86.41 13.75 15.57
N VAL J 368 -87.07 14.85 15.92
CA VAL J 368 -87.95 15.57 15.00
C VAL J 368 -87.11 16.15 13.86
N ALA J 369 -86.06 16.88 14.23
CA ALA J 369 -85.15 17.50 13.27
C ALA J 369 -84.61 16.49 12.27
N LYS J 370 -84.12 15.36 12.75
CA LYS J 370 -83.59 14.31 11.88
C LYS J 370 -84.66 13.83 10.88
N LEU J 371 -85.86 13.58 11.38
CA LEU J 371 -86.93 12.96 10.60
C LEU J 371 -87.62 13.91 9.63
N ALA J 372 -88.16 15.00 10.14
CA ALA J 372 -88.91 15.95 9.32
C ALA J 372 -88.00 16.89 8.55
N GLY J 373 -88.03 16.20 7.51
CA GLY J 373 -86.92 17.10 7.27
C GLY J 373 -86.20 16.84 5.95
N GLY J 374 -86.12 15.57 5.58
CA GLY J 374 -85.47 15.22 4.33
C GLY J 374 -83.97 15.36 4.30
N VAL J 375 -83.37 14.86 3.22
CA VAL J 375 -81.94 14.91 3.04
C VAL J 375 -81.59 15.57 1.71
N ALA J 376 -80.73 16.58 1.79
CA ALA J 376 -80.30 17.31 0.60
C ALA J 376 -79.13 16.58 -0.05
N VAL J 377 -79.14 16.51 -1.38
CA VAL J 377 -78.09 15.84 -2.14
C VAL J 377 -77.39 16.77 -3.13
N ILE J 378 -76.16 16.43 -3.45
CA ILE J 378 -75.36 17.20 -4.39
C ILE J 378 -74.68 16.31 -5.41
N LYS J 379 -74.75 16.72 -6.66
CA LYS J 379 -74.11 15.96 -7.72
C LYS J 379 -73.01 16.83 -8.31
N VAL J 380 -71.77 16.46 -8.02
CA VAL J 380 -70.62 17.20 -8.52
C VAL J 380 -70.48 17.07 -10.01
N GLY J 381 -70.75 18.17 -10.73
CA GLY J 381 -70.64 18.17 -12.17
C GLY J 381 -69.20 18.38 -12.59
N ALA J 382 -68.85 17.87 -13.76
CA ALA J 382 -67.49 18.02 -14.24
C ALA J 382 -67.39 17.57 -15.68
N ALA J 383 -66.31 17.98 -16.34
CA ALA J 383 -66.08 17.63 -17.72
C ALA J 383 -65.55 16.22 -17.79
N THR J 384 -64.44 15.98 -17.10
CA THR J 384 -63.82 14.67 -17.09
C THR J 384 -64.22 13.89 -15.84
N GLU J 385 -64.16 12.57 -15.98
CA GLU J 385 -64.49 11.65 -14.90
C GLU J 385 -63.45 11.79 -13.80
N VAL J 386 -62.26 12.22 -14.19
CA VAL J 386 -61.17 12.44 -13.25
C VAL J 386 -61.57 13.62 -12.37
N GLU J 387 -61.51 14.81 -12.98
CA GLU J 387 -61.89 16.04 -12.32
C GLU J 387 -63.16 15.76 -11.53
N MET J 388 -64.15 15.21 -12.22
CA MET J 388 -65.44 14.88 -11.65
C MET J 388 -65.23 14.31 -10.26
N LYS J 389 -64.89 13.03 -10.19
CA LYS J 389 -64.67 12.40 -8.91
C LYS J 389 -63.65 13.15 -8.08
N GLU J 390 -62.72 13.86 -8.73
CA GLU J 390 -61.72 14.62 -7.99
C GLU J 390 -62.44 15.74 -7.26
N LYS J 391 -63.14 16.58 -8.03
CA LYS J 391 -63.89 17.71 -7.48
C LYS J 391 -64.78 17.22 -6.37
N LYS J 392 -65.52 16.15 -6.65
CA LYS J 392 -66.42 15.55 -5.67
C LYS J 392 -65.71 15.46 -4.33
N ALA J 393 -64.45 15.03 -4.37
CA ALA J 393 -63.65 14.90 -3.17
C ALA J 393 -63.57 16.22 -2.41
N ARG J 394 -62.91 17.20 -3.01
CA ARG J 394 -62.74 18.52 -2.39
C ARG J 394 -64.02 19.02 -1.75
N VAL J 395 -65.14 18.69 -2.38
CA VAL J 395 -66.46 19.10 -1.88
C VAL J 395 -66.67 18.57 -0.46
N GLU J 396 -66.74 17.25 -0.36
CA GLU J 396 -66.94 16.58 0.91
C GLU J 396 -66.01 17.18 1.94
N ASP J 397 -64.80 17.49 1.51
CA ASP J 397 -63.83 18.10 2.41
C ASP J 397 -64.47 19.36 2.97
N ALA J 398 -64.52 20.38 2.13
CA ALA J 398 -65.08 21.67 2.47
C ALA J 398 -66.30 21.53 3.37
N LEU J 399 -67.28 20.78 2.87
CA LEU J 399 -68.48 20.56 3.63
C LEU J 399 -68.09 20.38 5.10
N HIS J 400 -67.18 19.44 5.35
CA HIS J 400 -66.69 19.19 6.71
C HIS J 400 -66.44 20.50 7.42
N ALA J 401 -65.23 21.03 7.19
CA ALA J 401 -64.80 22.29 7.79
C ALA J 401 -65.96 23.21 8.04
N THR J 402 -66.83 23.33 7.04
CA THR J 402 -67.99 24.20 7.14
C THR J 402 -68.86 23.83 8.31
N ARG J 403 -69.29 22.59 8.35
CA ARG J 403 -70.10 22.17 9.48
C ARG J 403 -69.40 22.59 10.75
N ALA J 404 -68.11 22.25 10.83
CA ALA J 404 -67.29 22.60 11.97
C ALA J 404 -67.20 24.11 12.14
N ALA J 405 -66.90 24.80 11.04
CA ALA J 405 -66.80 26.25 11.06
C ALA J 405 -68.06 26.82 11.67
N VAL J 406 -69.20 26.29 11.27
CA VAL J 406 -70.50 26.74 11.77
C VAL J 406 -70.62 26.51 13.26
N GLU J 407 -70.34 25.30 13.67
CA GLU J 407 -70.41 24.93 15.07
C GLU J 407 -69.55 25.83 15.94
N GLU J 408 -68.31 26.09 15.54
CA GLU J 408 -67.42 26.88 16.39
C GLU J 408 -66.64 28.04 15.76
N GLY J 409 -67.25 29.67 11.93
CA GLY J 409 -66.85 31.00 11.53
C GLY J 409 -65.54 31.09 10.79
N VAL J 410 -65.14 32.31 10.43
CA VAL J 410 -63.93 32.58 9.64
C VAL J 410 -63.00 33.59 10.31
N VAL J 411 -61.77 33.61 9.85
CA VAL J 411 -60.76 34.54 10.35
C VAL J 411 -59.87 34.95 9.19
N ALA J 412 -59.08 35.99 9.38
CA ALA J 412 -58.23 36.52 8.30
C ALA J 412 -57.30 35.43 7.89
N GLY J 413 -57.29 35.10 6.59
CA GLY J 413 -56.33 34.17 6.00
C GLY J 413 -54.89 34.68 5.85
N GLY J 414 -54.07 33.98 5.05
CA GLY J 414 -52.70 34.41 4.84
C GLY J 414 -51.91 34.16 6.11
N GLY J 415 -52.54 33.37 6.98
CA GLY J 415 -52.03 33.15 8.33
C GLY J 415 -51.88 34.43 9.16
N VAL J 416 -52.71 35.45 8.90
CA VAL J 416 -52.59 36.64 9.72
C VAL J 416 -53.24 36.42 11.07
N ALA J 417 -54.39 35.73 11.07
CA ALA J 417 -55.04 35.36 12.32
C ALA J 417 -53.99 34.91 13.32
N LEU J 418 -53.21 33.90 12.95
CA LEU J 418 -52.17 33.39 13.84
C LEU J 418 -51.20 34.46 14.31
N ILE J 419 -50.70 35.28 13.39
CA ILE J 419 -49.77 36.35 13.74
C ILE J 419 -50.36 37.36 14.76
N ARG J 420 -51.69 37.49 14.68
CA ARG J 420 -52.45 38.42 15.48
C ARG J 420 -52.57 37.87 16.86
N VAL J 421 -52.88 36.57 16.98
CA VAL J 421 -52.94 36.01 18.31
C VAL J 421 -51.57 35.97 18.98
N ALA J 422 -50.51 35.75 18.21
CA ALA J 422 -49.16 35.87 18.80
C ALA J 422 -48.80 37.21 19.50
N SER J 423 -49.35 38.33 19.00
CA SER J 423 -49.06 39.59 19.69
C SER J 423 -50.00 39.77 20.87
N LYS J 424 -51.23 39.24 20.77
CA LYS J 424 -52.09 39.27 21.94
C LYS J 424 -51.49 38.51 23.12
N LEU J 425 -50.72 37.46 22.84
CA LEU J 425 -50.19 36.64 23.92
C LEU J 425 -48.75 37.02 24.28
N ALA J 426 -48.34 38.22 23.83
CA ALA J 426 -47.00 38.70 24.10
C ALA J 426 -46.70 38.75 25.58
N ASP J 427 -47.77 38.83 26.39
CA ASP J 427 -47.60 38.95 27.83
C ASP J 427 -47.93 37.71 28.65
N LEU J 428 -48.12 36.58 27.97
CA LEU J 428 -48.35 35.29 28.62
C LEU J 428 -47.11 34.75 29.28
N ARG J 429 -47.24 34.32 30.54
CA ARG J 429 -46.13 33.69 31.24
C ARG J 429 -46.53 32.37 31.90
N GLY J 430 -45.53 31.57 32.29
CA GLY J 430 -45.79 30.29 32.92
C GLY J 430 -45.39 30.24 34.39
N GLN J 431 -45.21 29.02 34.90
CA GLN J 431 -44.86 28.81 36.28
C GLN J 431 -43.36 29.01 36.50
N ASN J 432 -42.56 29.03 35.44
CA ASN J 432 -41.12 29.22 35.63
C ASN J 432 -40.47 29.60 34.32
N GLU J 433 -39.17 29.88 34.32
CA GLU J 433 -38.53 30.34 33.08
C GLU J 433 -38.59 29.34 31.91
N ASP J 434 -38.40 28.05 32.17
CA ASP J 434 -38.47 27.07 31.08
C ASP J 434 -39.85 27.12 30.45
N GLN J 435 -40.90 27.21 31.26
CA GLN J 435 -42.27 27.30 30.72
C GLN J 435 -42.42 28.55 29.83
N ASN J 436 -41.68 29.60 30.17
CA ASN J 436 -41.72 30.86 29.42
C ASN J 436 -41.15 30.68 28.04
N VAL J 437 -39.96 30.11 27.95
CA VAL J 437 -39.35 29.81 26.66
C VAL J 437 -40.29 28.93 25.85
N GLY J 438 -41.03 28.08 26.54
CA GLY J 438 -41.94 27.17 25.90
C GLY J 438 -43.07 27.95 25.27
N ILE J 439 -43.51 29.02 25.94
CA ILE J 439 -44.52 29.90 25.34
C ILE J 439 -43.95 30.63 24.13
N LYS J 440 -42.85 31.35 24.31
CA LYS J 440 -42.19 32.05 23.18
C LYS J 440 -41.93 31.12 21.98
N VAL J 441 -41.60 29.88 22.25
CA VAL J 441 -41.50 28.87 21.17
C VAL J 441 -42.83 28.72 20.38
N ALA J 442 -43.97 28.56 21.03
CA ALA J 442 -45.21 28.49 20.26
C ALA J 442 -45.50 29.81 19.55
N LEU J 443 -45.33 30.94 20.24
CA LEU J 443 -45.70 32.20 19.62
C LEU J 443 -44.93 32.39 18.30
N ARG J 444 -43.59 32.18 18.37
CA ARG J 444 -42.69 32.32 17.26
C ARG J 444 -43.08 31.38 16.11
N ALA J 445 -43.68 30.26 16.46
CA ALA J 445 -44.06 29.29 15.46
C ALA J 445 -45.28 29.78 14.75
N MET J 446 -46.06 30.59 15.43
CA MET J 446 -47.36 31.02 14.92
C MET J 446 -47.19 31.84 13.68
N GLU J 447 -46.01 32.42 13.54
CA GLU J 447 -45.61 33.16 12.35
C GLU J 447 -45.33 32.28 11.15
N ALA J 448 -45.17 30.97 11.31
CA ALA J 448 -44.60 30.19 10.19
C ALA J 448 -45.47 30.04 8.95
N PRO J 449 -46.75 29.77 9.08
CA PRO J 449 -47.56 29.72 7.86
C PRO J 449 -47.35 30.97 7.01
N LEU J 450 -47.48 32.17 7.58
CA LEU J 450 -47.30 33.40 6.80
C LEU J 450 -45.93 33.36 6.20
N ARG J 451 -44.94 33.00 7.00
CA ARG J 451 -43.58 32.97 6.52
C ARG J 451 -43.33 32.00 5.34
N GLN J 452 -44.01 30.84 5.32
CA GLN J 452 -43.85 29.86 4.22
C GLN J 452 -44.57 30.36 2.98
N ILE J 453 -45.80 30.88 3.18
CA ILE J 453 -46.59 31.42 2.07
C ILE J 453 -45.74 32.41 1.28
N VAL J 454 -45.11 33.31 1.99
CA VAL J 454 -44.26 34.27 1.35
C VAL J 454 -43.04 33.65 0.70
N LEU J 455 -42.57 32.55 1.25
CA LEU J 455 -41.31 32.01 0.81
C LEU J 455 -41.52 31.24 -0.47
N ASN J 456 -42.66 30.56 -0.55
CA ASN J 456 -43.13 29.98 -1.80
C ASN J 456 -43.39 31.01 -2.93
N CYS J 457 -43.45 32.31 -2.65
CA CYS J 457 -43.64 33.28 -3.72
C CYS J 457 -42.32 33.79 -4.14
N GLY J 458 -41.25 33.28 -3.57
CA GLY J 458 -39.94 33.77 -3.97
C GLY J 458 -39.61 35.13 -3.36
N GLU J 459 -40.36 35.50 -2.33
CA GLU J 459 -40.17 36.79 -1.68
C GLU J 459 -39.69 36.70 -0.23
N GLU J 460 -39.13 37.82 0.25
CA GLU J 460 -38.48 37.90 1.55
C GLU J 460 -39.46 37.72 2.73
N PRO J 461 -39.36 36.64 3.46
CA PRO J 461 -40.48 36.23 4.31
C PRO J 461 -40.48 37.12 5.58
N SER J 462 -39.29 37.41 6.09
CA SER J 462 -39.14 38.20 7.30
C SER J 462 -39.59 39.67 7.04
N VAL J 463 -39.29 40.19 5.84
CA VAL J 463 -39.72 41.54 5.45
C VAL J 463 -41.24 41.64 5.35
N VAL J 464 -41.89 40.66 4.73
CA VAL J 464 -43.35 40.66 4.76
C VAL J 464 -43.85 40.60 6.20
N ALA J 465 -43.35 39.65 6.98
CA ALA J 465 -43.80 39.47 8.37
C ALA J 465 -43.63 40.78 9.19
N ASN J 466 -42.45 41.39 9.13
CA ASN J 466 -42.25 42.63 9.81
C ASN J 466 -43.36 43.61 9.51
N THR J 467 -43.68 43.81 8.23
CA THR J 467 -44.73 44.77 7.88
C THR J 467 -46.18 44.30 8.17
N VAL J 468 -46.49 43.03 8.17
CA VAL J 468 -47.81 42.64 8.62
C VAL J 468 -47.94 42.89 10.15
N LYS J 469 -46.83 42.65 10.86
CA LYS J 469 -46.83 42.79 12.32
C LYS J 469 -46.82 44.26 12.69
N GLY J 470 -46.47 45.14 11.76
CA GLY J 470 -46.62 46.56 11.98
C GLY J 470 -48.06 47.05 11.95
N GLY J 471 -48.97 46.22 11.41
CA GLY J 471 -50.36 46.60 11.20
C GLY J 471 -51.26 46.17 12.33
N ASP J 472 -52.57 46.13 12.09
CA ASP J 472 -53.56 45.70 13.08
C ASP J 472 -54.74 44.97 12.49
N GLY J 473 -55.56 44.39 13.36
CA GLY J 473 -56.76 43.68 12.93
C GLY J 473 -56.52 42.75 11.76
N ASN J 474 -57.22 42.99 10.66
CA ASN J 474 -57.23 42.10 9.54
C ASN J 474 -56.30 42.51 8.42
N TYR J 475 -55.31 43.33 8.73
CA TYR J 475 -54.38 43.77 7.70
C TYR J 475 -53.43 42.64 7.42
N GLY J 476 -53.22 42.32 6.15
CA GLY J 476 -52.36 41.21 5.78
C GLY J 476 -51.72 41.36 4.43
N TYR J 477 -51.02 40.31 3.97
CA TYR J 477 -50.36 40.31 2.67
C TYR J 477 -51.21 39.49 1.81
N ASN J 478 -51.43 39.98 0.60
CA ASN J 478 -52.14 39.21 -0.43
C ASN J 478 -51.11 38.69 -1.41
N ALA J 479 -50.76 37.41 -1.22
CA ALA J 479 -49.68 36.75 -1.97
C ALA J 479 -49.99 36.66 -3.46
N ALA J 480 -51.27 36.45 -3.77
CA ALA J 480 -51.74 36.46 -5.16
C ALA J 480 -51.36 37.77 -5.86
N THR J 481 -51.76 38.89 -5.29
CA THR J 481 -51.62 40.16 -5.98
C THR J 481 -50.38 40.91 -5.56
N GLU J 482 -49.65 40.42 -4.56
CA GLU J 482 -48.40 41.06 -4.13
C GLU J 482 -48.59 42.45 -3.49
N GLU J 483 -49.75 42.70 -2.88
CA GLU J 483 -49.90 43.94 -2.13
C GLU J 483 -50.69 43.75 -0.84
N TYR J 484 -50.42 44.61 0.15
CA TYR J 484 -51.02 44.49 1.49
C TYR J 484 -52.44 45.09 1.50
N GLY J 485 -53.26 44.71 2.47
CA GLY J 485 -54.63 45.17 2.52
C GLY J 485 -55.41 44.48 3.62
N ASN J 486 -56.72 44.69 3.64
CA ASN J 486 -57.57 44.05 4.62
C ASN J 486 -57.98 42.67 4.08
N MET J 487 -57.52 41.59 4.74
CA MET J 487 -57.76 40.23 4.21
C MET J 487 -59.24 39.87 4.05
N ILE J 488 -60.09 40.31 4.96
CA ILE J 488 -61.50 39.96 4.84
C ILE J 488 -62.14 40.66 3.64
N ASP J 489 -61.67 41.88 3.38
CA ASP J 489 -62.16 42.68 2.26
C ASP J 489 -61.69 42.08 0.95
N MET J 490 -60.48 41.54 0.94
CA MET J 490 -59.98 40.91 -0.27
C MET J 490 -60.48 39.50 -0.44
N GLY J 491 -61.35 39.03 0.45
CA GLY J 491 -61.91 37.71 0.30
C GLY J 491 -61.01 36.54 0.71
N ILE J 492 -59.82 36.84 1.24
CA ILE J 492 -58.93 35.82 1.73
C ILE J 492 -59.25 35.37 3.16
N LEU J 493 -60.28 34.53 3.32
CA LEU J 493 -60.65 34.02 4.65
C LEU J 493 -60.35 32.53 4.85
N ASP J 494 -59.67 32.14 5.95
CA ASP J 494 -59.62 30.72 6.41
C ASP J 494 -60.71 30.41 7.43
N PRO J 495 -61.25 29.20 7.45
CA PRO J 495 -62.28 28.89 8.45
C PRO J 495 -61.62 28.69 9.80
N THR J 496 -62.32 29.12 10.86
CA THR J 496 -61.74 29.14 12.20
C THR J 496 -61.38 27.71 12.63
N LYS J 497 -62.38 26.83 12.56
CA LYS J 497 -62.18 25.42 12.86
C LYS J 497 -60.89 24.89 12.23
N VAL J 498 -60.64 25.15 10.95
CA VAL J 498 -59.38 24.71 10.44
C VAL J 498 -58.17 25.39 11.07
N THR J 499 -58.17 26.69 11.25
CA THR J 499 -56.93 27.28 11.80
C THR J 499 -56.63 26.77 13.21
N ARG J 500 -57.69 26.69 14.01
CA ARG J 500 -57.66 26.19 15.37
C ARG J 500 -57.07 24.79 15.34
N SER J 501 -57.71 23.92 14.54
CA SER J 501 -57.36 22.51 14.44
C SER J 501 -55.94 22.32 13.96
N ALA J 502 -55.52 23.05 12.94
CA ALA J 502 -54.10 22.99 12.59
C ALA J 502 -53.31 23.16 13.87
N LEU J 503 -53.52 24.26 14.58
CA LEU J 503 -52.71 24.56 15.77
C LEU J 503 -52.76 23.49 16.85
N GLN J 504 -53.95 23.07 17.22
CA GLN J 504 -54.06 22.14 18.31
C GLN J 504 -53.26 20.86 18.03
N TYR J 505 -53.40 20.33 16.82
CA TYR J 505 -52.76 19.07 16.45
C TYR J 505 -51.27 19.21 16.30
N ALA J 506 -50.80 20.22 15.60
CA ALA J 506 -49.36 20.34 15.53
C ALA J 506 -48.80 20.38 16.92
N ALA J 507 -49.43 21.19 17.81
CA ALA J 507 -48.92 21.41 19.19
C ALA J 507 -48.87 20.10 19.94
N SER J 508 -49.96 19.37 19.86
CA SER J 508 -50.05 18.08 20.46
C SER J 508 -48.87 17.18 20.07
N VAL J 509 -48.69 16.91 18.80
CA VAL J 509 -47.56 16.07 18.43
C VAL J 509 -46.24 16.73 18.78
N ALA J 510 -45.94 17.90 18.24
CA ALA J 510 -44.59 18.46 18.47
C ALA J 510 -44.22 18.64 19.96
N GLY J 511 -45.25 18.84 20.78
CA GLY J 511 -45.10 19.00 22.20
C GLY J 511 -44.45 17.76 22.75
N LEU J 512 -45.10 16.60 22.56
CA LEU J 512 -44.52 15.29 22.89
C LEU J 512 -43.14 15.06 22.29
N MET J 513 -43.02 15.40 21.02
CA MET J 513 -41.83 15.10 20.27
C MET J 513 -40.57 15.66 20.89
N ILE J 514 -40.67 16.87 21.42
CA ILE J 514 -39.47 17.51 21.93
C ILE J 514 -39.01 16.97 23.29
N THR J 515 -39.82 16.10 23.91
CA THR J 515 -39.48 15.54 25.20
C THR J 515 -38.74 14.21 25.08
N THR J 516 -38.21 13.92 23.90
CA THR J 516 -37.66 12.62 23.55
C THR J 516 -36.22 12.56 23.97
N GLU J 517 -35.86 11.55 24.78
CA GLU J 517 -34.49 11.43 25.22
C GLU J 517 -33.88 10.14 24.70
N CYS J 518 -34.72 9.20 24.31
CA CYS J 518 -34.24 7.95 23.82
C CYS J 518 -35.16 7.34 22.77
N MET J 519 -34.59 6.66 21.78
CA MET J 519 -35.37 6.09 20.69
C MET J 519 -35.00 4.63 20.49
N VAL J 520 -36.02 3.78 20.30
CA VAL J 520 -35.82 2.35 20.19
C VAL J 520 -36.47 1.81 18.93
N THR J 521 -35.64 1.28 18.02
CA THR J 521 -36.10 0.73 16.72
C THR J 521 -35.33 -0.53 16.32
N ASP J 522 -35.78 -1.17 15.23
CA ASP J 522 -35.10 -2.32 14.62
C ASP J 522 -33.78 -2.00 13.97
N LEU J 523 -32.93 -3.01 13.83
CA LEU J 523 -31.64 -2.85 13.22
C LEU J 523 -31.74 -2.71 11.70
N PRO J 524 -30.84 -1.93 11.10
CA PRO J 524 -30.80 -1.73 9.65
C PRO J 524 -30.54 -2.99 8.79
N ALA K 1 -26.13 -26.74 18.23
CA ALA K 1 -25.19 -25.81 17.55
C ALA K 1 -23.94 -25.63 18.42
N ALA K 2 -22.82 -25.37 17.77
CA ALA K 2 -21.65 -24.88 18.45
C ALA K 2 -22.02 -23.67 19.32
N LYS K 3 -21.48 -23.65 20.53
CA LYS K 3 -21.73 -22.63 21.53
C LYS K 3 -20.56 -21.69 21.69
N ASP K 4 -20.85 -20.46 22.08
CA ASP K 4 -19.84 -19.49 22.49
C ASP K 4 -19.82 -19.52 24.02
N VAL K 5 -18.62 -19.56 24.62
CA VAL K 5 -18.55 -19.50 26.06
C VAL K 5 -17.61 -18.42 26.54
N LYS K 6 -18.09 -17.61 27.49
CA LYS K 6 -17.35 -16.47 27.98
C LYS K 6 -17.22 -16.57 29.47
N PHE K 7 -16.08 -16.12 29.97
CA PHE K 7 -15.74 -16.28 31.37
C PHE K 7 -15.52 -14.97 32.12
N GLY K 8 -15.89 -14.99 33.39
CA GLY K 8 -15.47 -14.00 34.35
C GLY K 8 -15.92 -12.62 33.98
N ASN K 9 -14.96 -11.72 33.94
CA ASN K 9 -15.29 -10.34 33.69
C ASN K 9 -15.95 -10.13 32.33
N ASP K 10 -15.42 -10.75 31.28
CA ASP K 10 -16.01 -10.58 29.97
C ASP K 10 -17.44 -10.97 29.95
N ALA K 11 -17.74 -12.16 30.47
CA ALA K 11 -19.14 -12.58 30.52
C ALA K 11 -19.99 -11.50 31.17
N ARG K 12 -19.47 -10.95 32.27
CA ARG K 12 -20.22 -10.05 33.16
C ARG K 12 -20.43 -8.66 32.56
N VAL K 13 -19.40 -8.06 32.01
CA VAL K 13 -19.58 -6.82 31.29
C VAL K 13 -20.68 -6.96 30.23
N LYS K 14 -20.62 -7.98 29.40
CA LYS K 14 -21.71 -8.23 28.46
C LYS K 14 -23.05 -8.41 29.17
N MET K 15 -23.13 -9.23 30.19
CA MET K 15 -24.43 -9.43 30.86
C MET K 15 -25.05 -8.14 31.34
N LEU K 16 -24.18 -7.19 31.74
CA LEU K 16 -24.64 -5.98 32.36
C LEU K 16 -25.18 -5.08 31.25
N ARG K 17 -24.37 -4.91 30.21
CA ARG K 17 -24.83 -4.16 29.02
C ARG K 17 -26.25 -4.55 28.62
N GLY K 18 -26.54 -5.83 28.70
CA GLY K 18 -27.86 -6.34 28.37
C GLY K 18 -28.87 -5.73 29.31
N VAL K 19 -28.70 -6.01 30.62
CA VAL K 19 -29.53 -5.43 31.68
C VAL K 19 -29.76 -3.92 31.45
N ASN K 20 -28.69 -3.15 31.32
CA ASN K 20 -28.89 -1.75 31.06
C ASN K 20 -29.85 -1.38 29.91
N VAL K 21 -29.68 -1.96 28.75
CA VAL K 21 -30.55 -1.64 27.63
C VAL K 21 -32.01 -1.81 28.03
N LEU K 22 -32.35 -2.97 28.61
CA LEU K 22 -33.70 -3.18 29.08
C LEU K 22 -34.01 -2.20 30.20
N ALA K 23 -33.23 -2.16 31.28
CA ALA K 23 -33.44 -1.19 32.36
C ALA K 23 -33.63 0.22 31.85
N ASP K 24 -32.67 0.74 31.09
CA ASP K 24 -32.84 2.08 30.51
C ASP K 24 -34.13 2.33 29.72
N ALA K 25 -34.62 1.35 28.98
CA ALA K 25 -35.84 1.57 28.25
C ALA K 25 -37.00 1.56 29.22
N VAL K 26 -36.86 0.90 30.37
CA VAL K 26 -38.05 0.81 31.22
C VAL K 26 -38.11 2.03 32.16
N LYS K 27 -36.93 2.44 32.61
CA LYS K 27 -36.72 3.54 33.52
C LYS K 27 -37.38 4.82 33.08
N VAL K 28 -37.51 5.05 31.77
CA VAL K 28 -37.90 6.39 31.33
C VAL K 28 -39.35 6.66 31.67
N THR K 29 -40.05 5.61 32.08
CA THR K 29 -41.46 5.75 32.35
C THR K 29 -41.79 5.85 33.81
N LEU K 30 -40.80 5.75 34.68
CA LEU K 30 -41.08 5.75 36.13
C LEU K 30 -41.52 7.11 36.67
N GLY K 31 -42.64 7.10 37.37
CA GLY K 31 -43.06 8.31 38.07
C GLY K 31 -43.97 9.27 37.35
N PRO K 32 -44.47 10.26 38.07
CA PRO K 32 -45.41 11.21 37.47
C PRO K 32 -44.83 12.00 36.29
N LYS K 33 -43.55 12.36 36.28
CA LYS K 33 -42.91 12.97 35.11
C LYS K 33 -42.23 11.89 34.24
N GLY K 34 -42.78 10.69 34.31
CA GLY K 34 -42.44 9.63 33.39
C GLY K 34 -42.95 9.96 31.99
N ARG K 35 -42.18 9.54 30.98
CA ARG K 35 -42.51 9.70 29.57
C ARG K 35 -42.94 8.34 28.98
N ASN K 36 -43.35 8.33 27.73
CA ASN K 36 -43.78 7.08 27.14
C ASN K 36 -42.72 6.44 26.27
N VAL K 37 -42.92 5.15 26.02
CA VAL K 37 -42.11 4.40 25.06
C VAL K 37 -43.00 3.94 23.93
N VAL K 38 -42.50 4.03 22.71
CA VAL K 38 -43.21 3.52 21.54
C VAL K 38 -42.73 2.13 21.15
N LEU K 39 -43.68 1.19 21.07
CA LEU K 39 -43.38 -0.19 20.75
C LEU K 39 -43.92 -0.65 19.41
N ASP K 40 -43.03 -0.80 18.44
CA ASP K 40 -43.41 -1.30 17.14
C ASP K 40 -44.12 -2.64 17.14
N LYS K 41 -44.90 -2.88 16.10
CA LYS K 41 -45.69 -4.08 15.97
C LYS K 41 -46.04 -4.14 14.47
N SER K 42 -45.38 -5.03 13.71
CA SER K 42 -45.70 -5.13 12.27
C SER K 42 -47.24 -5.23 12.13
N PHE K 43 -47.79 -6.33 12.67
CA PHE K 43 -49.21 -6.53 13.00
C PHE K 43 -50.14 -5.32 12.79
N GLY K 44 -50.17 -4.39 13.75
CA GLY K 44 -51.04 -3.22 13.68
C GLY K 44 -50.26 -1.92 13.75
N ALA K 45 -50.88 -0.87 14.29
CA ALA K 45 -50.16 0.37 14.51
C ALA K 45 -49.26 0.15 15.70
N PRO K 46 -48.19 0.92 15.83
CA PRO K 46 -47.43 0.91 17.08
C PRO K 46 -48.27 1.20 18.29
N THR K 47 -47.67 0.95 19.44
CA THR K 47 -48.32 1.08 20.73
C THR K 47 -47.58 2.15 21.48
N ILE K 48 -48.30 3.09 22.08
CA ILE K 48 -47.64 3.97 23.02
C ILE K 48 -47.96 3.43 24.41
N THR K 49 -46.98 3.39 25.29
CA THR K 49 -47.22 2.81 26.62
C THR K 49 -46.26 3.31 27.69
N LYS K 50 -46.79 3.46 28.91
CA LYS K 50 -46.01 3.84 30.09
C LYS K 50 -45.64 2.59 30.93
N ASP K 51 -46.34 1.49 30.63
CA ASP K 51 -46.39 0.29 31.44
C ASP K 51 -45.14 -0.56 31.34
N GLY K 52 -44.38 -0.55 32.43
CA GLY K 52 -43.03 -1.10 32.47
C GLY K 52 -42.81 -2.51 31.95
N VAL K 53 -43.76 -3.40 32.25
CA VAL K 53 -43.65 -4.78 31.85
C VAL K 53 -43.80 -4.83 30.33
N SER K 54 -44.65 -3.97 29.78
CA SER K 54 -44.90 -3.97 28.35
C SER K 54 -43.66 -3.63 27.54
N VAL K 55 -42.91 -2.62 27.99
CA VAL K 55 -41.64 -2.32 27.36
C VAL K 55 -40.73 -3.53 27.52
N ALA K 56 -40.64 -4.08 28.73
CA ALA K 56 -39.71 -5.19 29.04
C ALA K 56 -39.87 -6.39 28.13
N ARG K 57 -41.07 -6.96 28.09
CA ARG K 57 -41.38 -8.07 27.19
C ARG K 57 -40.98 -7.89 25.69
N GLU K 58 -40.67 -6.68 25.26
CA GLU K 58 -40.26 -6.47 23.86
C GLU K 58 -38.75 -6.43 23.67
N ILE K 59 -37.98 -6.21 24.73
CA ILE K 59 -36.55 -6.14 24.50
C ILE K 59 -35.98 -7.52 24.25
N GLU K 60 -35.24 -7.63 23.14
CA GLU K 60 -34.45 -8.79 22.75
C GLU K 60 -33.24 -8.21 22.03
N LEU K 61 -32.04 -8.63 22.36
CA LEU K 61 -30.90 -7.95 21.77
C LEU K 61 -30.20 -8.84 20.73
N GLU K 62 -29.28 -8.24 19.96
CA GLU K 62 -28.66 -9.01 18.92
C GLU K 62 -27.46 -9.80 19.40
N ASP K 63 -26.59 -9.13 20.15
CA ASP K 63 -25.45 -9.75 20.82
C ASP K 63 -25.97 -10.75 21.83
N LYS K 64 -25.58 -12.00 21.65
CA LYS K 64 -26.31 -13.09 22.22
C LYS K 64 -26.18 -13.10 23.74
N PHE K 65 -25.09 -12.54 24.24
CA PHE K 65 -24.76 -12.50 25.66
C PHE K 65 -25.55 -11.38 26.31
N GLU K 66 -25.47 -10.19 25.72
CA GLU K 66 -26.28 -9.05 26.13
C GLU K 66 -27.69 -9.53 26.17
N ASN K 67 -28.15 -10.26 25.14
CA ASN K 67 -29.50 -10.75 25.18
C ASN K 67 -29.85 -11.46 26.47
N MET K 68 -28.93 -12.31 26.92
CA MET K 68 -29.13 -13.15 28.09
C MET K 68 -29.32 -12.30 29.34
N GLY K 69 -28.48 -11.29 29.51
CA GLY K 69 -28.71 -10.25 30.49
C GLY K 69 -30.17 -9.78 30.47
N ALA K 70 -30.59 -9.17 29.36
CA ALA K 70 -31.94 -8.64 29.27
C ALA K 70 -33.00 -9.70 29.47
N GLN K 71 -32.79 -10.91 29.00
CA GLN K 71 -33.83 -11.91 29.09
C GLN K 71 -34.09 -12.36 30.52
N MET K 72 -33.11 -12.09 31.39
CA MET K 72 -33.18 -12.51 32.78
C MET K 72 -33.87 -11.46 33.65
N VAL K 73 -33.37 -10.22 33.66
CA VAL K 73 -34.05 -9.13 34.35
C VAL K 73 -35.50 -8.99 33.86
N LYS K 74 -35.74 -9.29 32.60
CA LYS K 74 -37.09 -9.24 32.10
C LYS K 74 -38.06 -10.02 33.01
N GLU K 75 -37.51 -10.92 33.83
CA GLU K 75 -38.36 -11.76 34.64
C GLU K 75 -38.83 -11.06 35.90
N VAL K 76 -38.08 -10.09 36.38
CA VAL K 76 -38.51 -9.39 37.57
C VAL K 76 -39.79 -8.60 37.20
N ALA K 77 -39.68 -7.80 36.12
CA ALA K 77 -40.79 -6.97 35.66
C ALA K 77 -41.95 -7.89 35.31
N SER K 78 -41.63 -9.06 34.82
CA SER K 78 -42.69 -9.94 34.46
C SER K 78 -43.41 -10.53 35.66
N LYS K 79 -42.62 -10.96 36.65
CA LYS K 79 -43.14 -11.56 37.87
C LYS K 79 -43.94 -10.58 38.75
N ALA K 80 -43.32 -9.41 39.01
CA ALA K 80 -44.05 -8.28 39.60
C ALA K 80 -45.49 -8.20 39.05
N ASN K 81 -45.58 -8.07 37.73
CA ASN K 81 -46.84 -7.95 37.06
C ASN K 81 -47.84 -9.05 37.41
N ASP K 82 -47.39 -10.30 37.52
CA ASP K 82 -48.33 -11.44 37.67
C ASP K 82 -48.91 -11.53 39.06
N ALA K 83 -48.14 -10.97 39.99
CA ALA K 83 -48.45 -11.02 41.43
C ALA K 83 -49.20 -9.76 41.86
N ALA K 84 -48.46 -8.65 41.77
CA ALA K 84 -48.97 -7.31 42.09
C ALA K 84 -50.01 -6.78 41.09
N GLY K 85 -49.56 -6.49 39.86
CA GLY K 85 -50.37 -5.80 38.84
C GLY K 85 -49.77 -4.42 38.58
N ASP K 86 -48.75 -4.03 39.35
CA ASP K 86 -48.14 -2.71 39.22
C ASP K 86 -46.74 -2.79 39.80
N GLY K 87 -45.98 -1.70 39.76
CA GLY K 87 -44.64 -1.73 40.32
C GLY K 87 -43.55 -2.37 39.48
N THR K 88 -43.91 -2.81 38.25
CA THR K 88 -43.03 -3.52 37.33
C THR K 88 -41.84 -2.62 36.96
N THR K 89 -42.06 -1.32 36.79
CA THR K 89 -40.91 -0.47 36.56
C THR K 89 -40.04 -0.40 37.79
N THR K 90 -40.65 -0.26 38.97
CA THR K 90 -39.88 -0.09 40.21
C THR K 90 -39.01 -1.34 40.32
N ALA K 91 -39.72 -2.48 40.31
CA ALA K 91 -39.05 -3.77 40.33
C ALA K 91 -37.81 -3.68 39.41
N THR K 92 -38.00 -3.27 38.16
CA THR K 92 -36.91 -3.31 37.20
C THR K 92 -35.77 -2.42 37.66
N VAL K 93 -36.13 -1.28 38.20
CA VAL K 93 -35.11 -0.27 38.55
C VAL K 93 -34.26 -0.70 39.77
N LEU K 94 -34.91 -1.46 40.67
CA LEU K 94 -34.23 -1.97 41.83
C LEU K 94 -33.31 -3.02 41.33
N ALA K 95 -33.82 -3.92 40.49
CA ALA K 95 -33.01 -5.04 39.97
C ALA K 95 -31.78 -4.53 39.28
N GLN K 96 -31.90 -3.47 38.51
CA GLN K 96 -30.72 -2.99 37.80
C GLN K 96 -29.71 -2.43 38.77
N ALA K 97 -30.18 -2.07 39.95
CA ALA K 97 -29.39 -1.31 40.90
C ALA K 97 -28.58 -2.27 41.74
N ILE K 98 -29.27 -3.31 42.19
CA ILE K 98 -28.61 -4.36 42.92
C ILE K 98 -27.47 -4.92 42.03
N ILE K 99 -27.80 -5.24 40.76
CA ILE K 99 -26.83 -5.81 39.81
C ILE K 99 -25.64 -4.89 39.65
N THR K 100 -25.87 -3.62 39.39
CA THR K 100 -24.76 -2.73 39.12
C THR K 100 -23.83 -2.74 40.31
N GLU K 101 -24.44 -2.71 41.50
CA GLU K 101 -23.67 -2.50 42.73
C GLU K 101 -22.99 -3.80 43.11
N GLY K 102 -23.76 -4.89 43.05
CA GLY K 102 -23.24 -6.24 43.09
C GLY K 102 -21.96 -6.40 42.26
N LEU K 103 -22.09 -6.37 40.93
CA LEU K 103 -20.94 -6.67 40.08
C LEU K 103 -19.78 -5.78 40.41
N LYS K 104 -20.03 -4.59 40.93
CA LYS K 104 -18.92 -3.72 41.30
C LYS K 104 -18.14 -4.33 42.47
N ALA K 105 -18.88 -4.99 43.37
CA ALA K 105 -18.28 -5.62 44.53
C ALA K 105 -17.55 -6.89 44.10
N VAL K 106 -18.18 -7.65 43.18
CA VAL K 106 -17.56 -8.87 42.68
C VAL K 106 -16.22 -8.52 42.07
N ALA K 107 -16.15 -7.36 41.43
CA ALA K 107 -14.92 -6.92 40.84
C ALA K 107 -13.91 -6.44 41.89
N ALA K 108 -14.38 -6.31 43.13
CA ALA K 108 -13.52 -5.89 44.24
C ALA K 108 -12.83 -7.09 44.90
N GLY K 109 -13.16 -8.29 44.43
CA GLY K 109 -12.68 -9.51 45.04
C GLY K 109 -13.60 -10.16 46.06
N MET K 110 -14.74 -9.57 46.36
CA MET K 110 -15.76 -10.19 47.16
C MET K 110 -16.27 -11.51 46.60
N ASN K 111 -16.77 -12.36 47.48
CA ASN K 111 -17.29 -13.66 47.12
C ASN K 111 -18.76 -13.59 46.74
N PRO K 112 -19.11 -13.77 45.49
CA PRO K 112 -20.48 -13.51 45.04
C PRO K 112 -21.51 -14.23 45.86
N MET K 113 -21.28 -15.50 46.16
CA MET K 113 -22.31 -16.26 46.83
C MET K 113 -22.65 -15.71 48.21
N ASP K 114 -21.74 -14.90 48.79
CA ASP K 114 -21.92 -14.25 50.07
C ASP K 114 -22.69 -12.95 49.87
N LEU K 115 -22.30 -12.20 48.83
CA LEU K 115 -22.98 -10.95 48.49
C LEU K 115 -24.42 -11.30 48.33
N LYS K 116 -24.70 -12.40 47.65
CA LYS K 116 -26.07 -12.87 47.56
C LYS K 116 -26.75 -13.11 48.93
N ARG K 117 -26.11 -13.86 49.83
CA ARG K 117 -26.67 -14.12 51.16
C ARG K 117 -26.98 -12.82 51.92
N GLY K 118 -26.15 -11.80 51.72
CA GLY K 118 -26.34 -10.51 52.36
C GLY K 118 -27.59 -9.86 51.82
N ILE K 119 -27.60 -9.56 50.51
CA ILE K 119 -28.77 -9.08 49.78
C ILE K 119 -29.98 -9.82 50.28
N ASP K 120 -29.95 -11.15 50.31
CA ASP K 120 -31.19 -11.86 50.65
C ASP K 120 -31.65 -11.53 52.09
N LYS K 121 -30.70 -11.53 53.02
CA LYS K 121 -30.99 -11.23 54.40
C LYS K 121 -31.53 -9.81 54.53
N ALA K 122 -30.86 -8.86 53.85
CA ALA K 122 -31.32 -7.46 53.86
C ALA K 122 -32.76 -7.40 53.40
N VAL K 123 -33.08 -8.12 52.36
CA VAL K 123 -34.45 -8.16 51.87
C VAL K 123 -35.45 -8.79 52.85
N THR K 124 -35.10 -9.89 53.49
CA THR K 124 -36.05 -10.56 54.37
C THR K 124 -36.47 -9.63 55.49
N ALA K 125 -35.55 -8.70 55.78
CA ALA K 125 -35.69 -7.77 56.89
C ALA K 125 -36.53 -6.57 56.43
N ALA K 126 -36.20 -6.08 55.24
CA ALA K 126 -36.98 -5.02 54.61
C ALA K 126 -38.42 -5.48 54.46
N VAL K 127 -38.66 -6.72 54.11
CA VAL K 127 -40.06 -7.16 53.99
C VAL K 127 -40.81 -7.07 55.31
N GLU K 128 -40.16 -7.54 56.38
CA GLU K 128 -40.69 -7.44 57.74
C GLU K 128 -40.98 -5.98 58.10
N GLU K 129 -40.02 -5.10 57.81
CA GLU K 129 -40.14 -3.71 58.15
C GLU K 129 -41.30 -3.03 57.46
N LEU K 130 -41.44 -3.27 56.14
CA LEU K 130 -42.64 -2.89 55.41
C LEU K 130 -43.95 -3.41 55.97
N LYS K 131 -44.00 -4.66 56.46
CA LYS K 131 -45.25 -5.10 57.08
C LYS K 131 -45.61 -4.15 58.25
N ALA K 132 -44.59 -3.54 58.83
CA ALA K 132 -44.76 -2.78 60.06
C ALA K 132 -45.39 -1.44 59.71
N LEU K 133 -44.71 -0.72 58.81
CA LEU K 133 -45.14 0.54 58.19
C LEU K 133 -46.50 0.52 57.52
N SER K 134 -46.82 -0.57 56.85
CA SER K 134 -48.11 -0.66 56.22
C SER K 134 -49.24 -0.36 57.21
N VAL K 135 -50.12 0.52 56.80
CA VAL K 135 -51.31 0.72 57.55
C VAL K 135 -52.44 0.24 56.64
N PRO K 136 -50.91 -1.59 56.89
CA PRO K 136 -52.20 -2.20 56.62
C PRO K 136 -52.99 -1.46 55.56
N CYS K 137 -54.04 -2.13 55.10
CA CYS K 137 -54.91 -1.59 54.08
C CYS K 137 -56.26 -2.21 54.35
N SER K 138 -57.07 -1.53 55.15
CA SER K 138 -58.39 -2.08 55.48
C SER K 138 -59.61 -1.24 55.11
N ASP K 139 -59.71 -0.04 55.69
CA ASP K 139 -60.84 0.85 55.42
C ASP K 139 -60.99 1.16 53.94
N SER K 140 -62.23 1.40 53.51
CA SER K 140 -62.51 1.72 52.13
C SER K 140 -61.62 2.82 51.62
N LYS K 141 -61.01 3.58 52.53
CA LYS K 141 -60.11 4.66 52.15
C LYS K 141 -58.85 4.07 51.57
N ALA K 142 -58.12 3.34 52.41
CA ALA K 142 -56.87 2.71 52.01
C ALA K 142 -57.08 1.91 50.73
N ILE K 143 -58.29 1.34 50.60
CA ILE K 143 -58.66 0.54 49.44
C ILE K 143 -58.73 1.36 48.16
N ALA K 144 -59.65 2.31 48.10
CA ALA K 144 -59.74 3.14 46.91
C ALA K 144 -58.40 3.82 46.77
N GLN K 145 -57.72 3.98 47.91
CA GLN K 145 -56.41 4.58 47.97
C GLN K 145 -55.55 3.80 46.99
N VAL K 146 -54.97 2.70 47.48
CA VAL K 146 -54.13 1.83 46.67
C VAL K 146 -54.68 1.60 45.28
N GLY K 147 -55.98 1.36 45.20
CA GLY K 147 -56.60 1.13 43.91
C GLY K 147 -56.28 2.25 42.95
N THR K 148 -56.80 3.44 43.23
CA THR K 148 -56.56 4.60 42.38
C THR K 148 -55.08 4.75 42.01
N ILE K 149 -54.19 4.33 42.90
CA ILE K 149 -52.75 4.43 42.68
C ILE K 149 -52.31 3.43 41.61
N SER K 150 -52.55 2.16 41.89
CA SER K 150 -52.20 1.07 40.98
C SER K 150 -52.92 1.22 39.64
N ALA K 151 -53.97 2.03 39.65
CA ALA K 151 -54.76 2.31 38.46
C ALA K 151 -54.10 3.49 37.75
N ASN K 152 -53.02 3.99 38.36
CA ASN K 152 -52.28 5.12 37.81
C ASN K 152 -52.97 6.46 38.07
N SER K 153 -53.07 6.82 39.34
CA SER K 153 -53.66 8.10 39.72
C SER K 153 -55.17 8.17 39.54
N ASP K 154 -55.70 7.53 38.51
CA ASP K 154 -57.15 7.56 38.26
C ASP K 154 -57.95 7.21 39.50
N GLU K 155 -58.46 8.23 40.17
CA GLU K 155 -59.26 8.05 41.37
C GLU K 155 -60.56 7.29 41.13
N THR K 156 -61.21 7.57 40.01
CA THR K 156 -62.48 6.92 39.68
C THR K 156 -62.32 5.42 39.85
N VAL K 157 -61.15 4.93 39.51
CA VAL K 157 -60.87 3.51 39.60
C VAL K 157 -60.85 3.01 41.04
N GLY K 158 -59.83 3.42 41.79
CA GLY K 158 -59.73 3.00 43.18
C GLY K 158 -61.09 3.07 43.83
N LYS K 159 -61.92 3.98 43.33
CA LYS K 159 -63.27 4.18 43.82
C LYS K 159 -64.11 2.91 43.72
N LEU K 160 -64.55 2.58 42.50
CA LEU K 160 -65.37 1.39 42.24
C LEU K 160 -64.88 0.17 42.96
N ILE K 161 -63.57 0.01 42.99
CA ILE K 161 -62.96 -1.12 43.65
C ILE K 161 -63.38 -1.14 45.12
N ALA K 162 -63.22 0.00 45.80
CA ALA K 162 -63.59 0.10 47.19
C ALA K 162 -65.07 -0.20 47.31
N GLU K 163 -65.87 0.40 46.43
CA GLU K 163 -67.32 0.20 46.43
C GLU K 163 -67.61 -1.28 46.31
N ALA K 164 -67.01 -1.87 45.30
CA ALA K 164 -67.18 -3.28 45.05
C ALA K 164 -67.03 -4.04 46.34
N MET K 165 -65.80 -4.15 46.83
CA MET K 165 -65.56 -4.88 48.06
C MET K 165 -66.54 -4.46 49.13
N ASP K 166 -66.90 -3.19 49.11
CA ASP K 166 -67.83 -2.65 50.08
C ASP K 166 -69.21 -3.28 49.88
N LYS K 167 -69.38 -3.95 48.74
CA LYS K 167 -70.65 -4.62 48.40
C LYS K 167 -70.69 -6.11 48.76
N VAL K 168 -69.91 -6.91 48.05
CA VAL K 168 -69.87 -8.35 48.29
C VAL K 168 -68.74 -8.71 49.28
N GLY K 169 -68.11 -7.68 49.85
CA GLY K 169 -67.06 -7.90 50.82
C GLY K 169 -65.66 -7.90 50.26
N LYS K 170 -64.66 -7.97 51.13
CA LYS K 170 -63.28 -7.99 50.69
C LYS K 170 -63.01 -9.30 49.98
N GLU K 171 -63.66 -10.37 50.42
CA GLU K 171 -63.48 -11.68 49.82
C GLU K 171 -64.50 -11.95 48.74
N GLY K 172 -65.43 -11.00 48.56
CA GLY K 172 -66.47 -11.17 47.55
C GLY K 172 -65.84 -11.43 46.20
N VAL K 173 -66.64 -11.82 45.22
CA VAL K 173 -66.10 -12.08 43.89
C VAL K 173 -66.44 -10.95 42.94
N ILE K 174 -65.40 -10.29 42.46
CA ILE K 174 -65.59 -9.16 41.55
C ILE K 174 -65.08 -9.50 40.17
N THR K 175 -65.77 -9.02 39.14
CA THR K 175 -65.37 -9.28 37.77
C THR K 175 -65.40 -8.02 36.96
N VAL K 176 -64.99 -8.14 35.71
CA VAL K 176 -64.97 -6.99 34.83
C VAL K 176 -65.44 -7.35 33.44
N GLU K 177 -66.26 -6.47 32.89
CA GLU K 177 -66.80 -6.66 31.56
C GLU K 177 -66.71 -5.32 30.88
N ASP K 178 -66.61 -5.33 29.56
CA ASP K 178 -66.54 -4.08 28.82
C ASP K 178 -67.84 -3.31 29.04
N GLY K 179 -67.74 -2.00 29.11
CA GLY K 179 -68.93 -1.19 29.32
C GLY K 179 -69.73 -1.02 28.06
N THR K 180 -71.05 -1.03 28.19
CA THR K 180 -71.93 -0.86 27.05
C THR K 180 -71.89 0.58 26.55
N GLY K 181 -71.83 1.53 27.47
CA GLY K 181 -71.78 2.93 27.11
C GLY K 181 -70.53 3.66 27.59
N LEU K 182 -70.71 4.89 28.06
CA LEU K 182 -69.60 5.70 28.56
C LEU K 182 -69.53 5.67 30.08
N GLN K 183 -70.59 5.19 30.70
CA GLN K 183 -70.66 5.11 32.15
C GLN K 183 -70.18 3.80 32.72
N ASP K 184 -69.56 3.89 33.89
CA ASP K 184 -69.07 2.71 34.59
C ASP K 184 -70.31 2.15 35.26
N GLU K 185 -70.36 0.83 35.45
CA GLU K 185 -71.53 0.19 36.08
C GLU K 185 -71.12 -0.92 37.04
N LEU K 186 -71.62 -0.85 38.26
CA LEU K 186 -71.31 -1.87 39.26
C LEU K 186 -72.63 -2.54 39.60
N ASP K 187 -72.72 -3.84 39.35
CA ASP K 187 -73.94 -4.60 39.63
C ASP K 187 -73.65 -5.92 40.34
N VAL K 188 -74.52 -6.28 41.25
CA VAL K 188 -74.38 -7.53 41.98
C VAL K 188 -75.42 -8.48 41.41
N VAL K 189 -75.00 -9.70 41.06
CA VAL K 189 -75.95 -10.65 40.47
C VAL K 189 -75.68 -12.08 40.92
N GLU K 190 -76.71 -12.93 40.83
CA GLU K 190 -76.57 -14.32 41.21
C GLU K 190 -75.44 -14.91 40.37
N GLY K 191 -73.10 -15.90 42.11
CA GLY K 191 -71.93 -16.40 41.40
C GLY K 191 -70.84 -16.89 42.35
N MET K 192 -69.71 -17.30 41.78
CA MET K 192 -68.64 -17.93 42.55
C MET K 192 -67.28 -17.87 41.85
N GLN K 193 -66.20 -17.92 42.62
CA GLN K 193 -64.85 -17.98 42.06
C GLN K 193 -63.98 -18.98 42.81
N PHE K 194 -63.28 -19.84 42.07
CA PHE K 194 -62.39 -20.83 42.66
C PHE K 194 -61.02 -20.89 42.01
N ASP K 195 -60.05 -21.38 42.78
CA ASP K 195 -58.63 -21.35 42.38
C ASP K 195 -58.20 -22.41 41.36
N ARG K 196 -58.72 -22.31 40.15
CA ARG K 196 -58.36 -23.23 39.07
C ARG K 196 -58.19 -22.52 37.75
N GLY K 197 -57.07 -22.79 37.07
CA GLY K 197 -56.77 -22.17 35.80
C GLY K 197 -57.14 -23.03 34.63
N TYR K 198 -57.09 -22.46 33.44
CA TYR K 198 -57.39 -23.21 32.22
C TYR K 198 -56.46 -24.40 32.05
N LEU K 199 -56.92 -25.41 31.33
CA LEU K 199 -56.13 -26.61 31.11
C LEU K 199 -55.24 -26.51 29.86
N SER K 200 -55.30 -25.36 29.19
CA SER K 200 -54.45 -25.04 28.04
C SER K 200 -54.54 -23.56 27.65
N PRO K 201 -53.39 -22.90 27.45
CA PRO K 201 -53.36 -21.51 26.99
C PRO K 201 -54.05 -21.31 25.64
N TYR K 202 -54.49 -22.41 25.03
CA TYR K 202 -55.09 -22.38 23.70
C TYR K 202 -56.60 -22.11 23.72
N PHE K 203 -57.16 -21.97 24.91
CA PHE K 203 -58.58 -21.63 25.05
C PHE K 203 -58.80 -20.12 25.06
N ILE K 204 -57.71 -19.38 25.29
CA ILE K 204 -57.73 -17.92 25.35
C ILE K 204 -58.36 -17.32 24.10
N ASN K 205 -59.45 -16.59 24.30
CA ASN K 205 -60.09 -15.85 23.21
C ASN K 205 -59.85 -14.34 23.33
N LYS K 206 -59.47 -13.89 24.53
CA LYS K 206 -59.06 -12.50 24.75
C LYS K 206 -57.55 -12.46 24.98
N PRO K 207 -56.79 -12.26 23.90
CA PRO K 207 -55.32 -12.27 23.97
C PRO K 207 -54.80 -11.19 24.91
N GLU K 208 -55.53 -10.06 24.98
CA GLU K 208 -55.17 -8.92 25.80
C GLU K 208 -55.05 -9.28 27.28
N THR K 209 -56.19 -9.61 27.90
CA THR K 209 -56.22 -10.01 29.31
C THR K 209 -55.44 -11.31 29.54
N GLY K 210 -55.28 -12.10 28.49
CA GLY K 210 -54.70 -13.44 28.61
C GLY K 210 -55.69 -14.34 29.32
N ALA K 211 -56.97 -14.18 28.98
CA ALA K 211 -58.04 -14.85 29.68
C ALA K 211 -59.04 -15.50 28.73
N VAL K 212 -60.04 -16.17 29.29
CA VAL K 212 -61.08 -16.84 28.52
C VAL K 212 -62.44 -16.31 28.95
N GLU K 213 -63.01 -15.44 28.12
CA GLU K 213 -64.35 -14.89 28.38
C GLU K 213 -65.37 -15.67 27.54
N LEU K 214 -66.43 -16.16 28.19
CA LEU K 214 -67.44 -16.94 27.49
C LEU K 214 -68.85 -16.39 27.73
N GLU K 215 -69.61 -16.28 26.64
CA GLU K 215 -70.93 -15.65 26.68
C GLU K 215 -72.07 -16.65 26.88
N SER K 216 -72.87 -16.41 27.92
CA SER K 216 -73.96 -17.29 28.39
C SER K 216 -73.85 -18.78 28.02
N PRO K 217 -72.78 -19.44 28.50
CA PRO K 217 -72.52 -20.84 28.13
C PRO K 217 -73.16 -21.85 29.08
N PHE K 218 -73.20 -23.10 28.62
CA PHE K 218 -73.63 -24.22 29.43
C PHE K 218 -72.44 -24.72 30.25
N ILE K 219 -72.72 -25.34 31.38
CA ILE K 219 -71.68 -25.88 32.24
C ILE K 219 -71.85 -27.38 32.45
N LEU K 220 -70.79 -28.12 32.14
CA LEU K 220 -70.73 -29.57 32.32
C LEU K 220 -70.03 -29.91 33.61
N LEU K 221 -70.69 -30.70 34.46
CA LEU K 221 -70.12 -31.03 35.76
C LEU K 221 -69.88 -32.53 35.94
N ALA K 222 -68.65 -32.94 35.65
CA ALA K 222 -68.28 -34.36 35.66
C ALA K 222 -67.44 -34.75 36.87
N ASP K 223 -67.73 -35.92 37.41
CA ASP K 223 -67.06 -36.41 38.61
C ASP K 223 -65.77 -37.18 38.31
N LYS K 224 -65.64 -37.68 37.09
CA LYS K 224 -64.49 -38.52 36.72
C LYS K 224 -63.42 -37.77 35.92
N LYS K 225 -62.30 -38.43 35.68
CA LYS K 225 -61.27 -37.92 34.78
C LYS K 225 -61.75 -38.08 33.35
N ILE K 226 -61.42 -37.14 32.48
CA ILE K 226 -61.84 -37.20 31.08
C ILE K 226 -60.65 -37.44 30.15
N SER K 227 -60.48 -38.70 29.77
CA SER K 227 -59.39 -39.09 28.88
C SER K 227 -59.90 -39.27 27.45
N ASN K 228 -60.91 -40.12 27.29
CA ASN K 228 -61.49 -40.39 25.98
C ASN K 228 -62.49 -39.31 25.57
N ILE K 229 -62.64 -39.13 24.25
CA ILE K 229 -63.48 -38.08 23.68
C ILE K 229 -64.83 -38.61 23.18
N ARG K 230 -65.03 -39.92 23.28
CA ARG K 230 -66.22 -40.58 22.76
C ARG K 230 -67.49 -40.26 23.55
N GLU K 231 -67.37 -40.17 24.88
CA GLU K 231 -68.49 -39.84 25.75
C GLU K 231 -68.87 -38.35 25.66
N MET K 232 -68.13 -37.61 24.86
CA MET K 232 -68.37 -36.18 24.68
C MET K 232 -69.41 -35.86 23.60
N LEU K 233 -69.43 -36.65 22.53
CA LEU K 233 -70.25 -36.37 21.35
C LEU K 233 -71.78 -36.21 21.56
N PRO K 234 -72.40 -36.99 22.46
CA PRO K 234 -73.83 -36.81 22.75
C PRO K 234 -74.18 -35.41 23.27
N VAL K 235 -73.34 -34.85 24.13
CA VAL K 235 -73.55 -33.50 24.67
C VAL K 235 -72.90 -32.41 23.82
N LEU K 236 -71.67 -32.67 23.36
CA LEU K 236 -70.88 -31.71 22.59
C LEU K 236 -71.49 -31.40 21.21
N GLU K 237 -72.40 -32.24 20.76
CA GLU K 237 -73.13 -32.05 19.51
C GLU K 237 -74.50 -31.38 19.73
N ALA K 238 -75.02 -31.53 20.94
CA ALA K 238 -76.26 -30.86 21.34
C ALA K 238 -76.03 -29.37 21.64
N VAL K 239 -74.82 -29.05 22.10
CA VAL K 239 -74.42 -27.66 22.36
C VAL K 239 -73.72 -27.03 21.14
N ALA K 240 -73.45 -27.84 20.13
CA ALA K 240 -73.00 -27.36 18.83
C ALA K 240 -74.19 -26.70 18.11
N LYS K 241 -75.34 -27.36 18.17
CA LYS K 241 -76.56 -26.89 17.51
C LYS K 241 -77.38 -25.96 18.40
N ALA K 242 -76.85 -25.64 19.57
CA ALA K 242 -77.46 -24.64 20.44
C ALA K 242 -76.74 -23.30 20.29
N GLY K 243 -75.70 -23.28 19.46
CA GLY K 243 -74.96 -22.07 19.14
C GLY K 243 -74.02 -21.56 20.22
N LYS K 244 -74.27 -21.94 21.47
CA LYS K 244 -73.55 -21.39 22.62
C LYS K 244 -72.26 -22.19 22.95
N PRO K 245 -71.32 -21.55 23.64
CA PRO K 245 -70.11 -22.23 24.12
C PRO K 245 -70.41 -23.16 25.31
N LEU K 246 -69.38 -23.82 25.83
CA LEU K 246 -69.53 -24.83 26.87
C LEU K 246 -68.31 -24.91 27.77
N LEU K 247 -68.55 -24.92 29.08
CA LEU K 247 -67.50 -25.01 30.08
C LEU K 247 -67.46 -26.41 30.70
N ILE K 248 -66.26 -26.95 30.86
CA ILE K 248 -66.10 -28.29 31.44
C ILE K 248 -65.37 -28.25 32.77
N ILE K 249 -66.08 -28.66 33.82
CA ILE K 249 -65.45 -28.90 35.11
C ILE K 249 -65.50 -30.38 35.46
N ALA K 250 -64.32 -31.00 35.55
CA ALA K 250 -64.17 -32.41 35.89
C ALA K 250 -62.92 -32.63 36.75
N GLU K 251 -62.75 -33.85 37.24
CA GLU K 251 -61.56 -34.21 38.01
C GLU K 251 -60.31 -33.77 37.25
N ASP K 252 -60.30 -34.04 35.94
CA ASP K 252 -59.26 -33.56 35.03
C ASP K 252 -59.73 -33.74 33.58
N VAL K 253 -58.90 -33.31 32.63
CA VAL K 253 -59.09 -33.63 31.22
C VAL K 253 -57.73 -34.04 30.63
N GLU K 254 -57.60 -35.31 30.30
CA GLU K 254 -56.33 -35.92 29.87
C GLU K 254 -56.04 -35.66 28.39
N GLY K 255 -54.74 -35.62 28.06
CA GLY K 255 -54.25 -35.32 26.72
C GLY K 255 -55.13 -35.74 25.56
N GLU K 256 -55.68 -36.95 25.62
CA GLU K 256 -56.49 -37.52 24.55
C GLU K 256 -57.74 -36.71 24.19
N ALA K 257 -58.54 -36.36 25.19
CA ALA K 257 -59.73 -35.54 24.97
C ALA K 257 -59.38 -34.06 24.95
N LEU K 258 -58.32 -33.70 25.67
CA LEU K 258 -57.84 -32.31 25.76
C LEU K 258 -57.34 -31.82 24.40
N ALA K 259 -56.36 -32.52 23.83
CA ALA K 259 -55.74 -32.12 22.56
C ALA K 259 -56.74 -32.08 21.40
N THR K 260 -57.79 -32.89 21.49
CA THR K 260 -58.87 -32.84 20.48
C THR K 260 -59.72 -31.59 20.68
N LEU K 261 -60.01 -31.24 21.94
CA LEU K 261 -60.77 -30.05 22.27
C LEU K 261 -59.98 -28.78 21.97
N VAL K 262 -58.67 -28.84 22.21
CA VAL K 262 -57.76 -27.70 22.00
C VAL K 262 -57.79 -27.22 20.53
N VAL K 263 -57.59 -28.14 19.59
CA VAL K 263 -57.64 -27.80 18.16
C VAL K 263 -59.10 -27.66 17.68
N ASN K 264 -60.04 -28.13 18.49
CA ASN K 264 -61.47 -28.02 18.17
C ASN K 264 -62.06 -26.64 18.43
N THR K 265 -61.34 -25.78 19.14
CA THR K 265 -61.82 -24.41 19.38
C THR K 265 -61.16 -23.41 18.43
N MET K 266 -59.84 -23.26 18.57
CA MET K 266 -59.05 -22.45 17.64
C MET K 266 -58.94 -23.21 16.32
N ARG K 267 -59.54 -22.64 15.28
CA ARG K 267 -59.67 -23.29 13.97
C ARG K 267 -60.88 -24.23 13.88
N GLY K 268 -61.64 -24.35 14.97
CA GLY K 268 -62.67 -25.38 15.06
C GLY K 268 -64.10 -24.93 15.25
N ILE K 269 -65.01 -25.91 15.24
CA ILE K 269 -66.46 -25.68 15.32
C ILE K 269 -66.88 -25.06 16.67
N VAL K 270 -67.12 -25.89 17.68
CA VAL K 270 -67.61 -25.41 18.99
C VAL K 270 -66.47 -24.88 19.86
N LYS K 271 -66.59 -23.63 20.30
CA LYS K 271 -65.59 -23.00 21.16
C LYS K 271 -65.85 -23.31 22.63
N VAL K 272 -65.00 -24.16 23.21
CA VAL K 272 -65.14 -24.63 24.59
C VAL K 272 -63.84 -24.50 25.39
N ALA K 273 -63.96 -24.61 26.71
CA ALA K 273 -62.81 -24.59 27.62
C ALA K 273 -63.05 -25.52 28.81
N ALA K 274 -61.97 -25.94 29.47
CA ALA K 274 -62.08 -26.87 30.59
C ALA K 274 -61.11 -26.57 31.73
N VAL K 275 -61.58 -26.79 32.96
CA VAL K 275 -60.80 -26.55 34.16
C VAL K 275 -61.02 -27.64 35.19
N LYS K 276 -60.00 -27.95 35.98
CA LYS K 276 -60.10 -28.95 37.06
C LYS K 276 -61.11 -28.49 38.11
N ALA K 277 -61.87 -29.42 38.67
CA ALA K 277 -62.81 -29.11 39.77
C ALA K 277 -62.01 -28.69 41.01
N PRO K 278 -62.56 -27.76 41.79
CA PRO K 278 -61.84 -27.21 42.95
C PRO K 278 -61.63 -28.23 44.05
N GLY K 279 -60.56 -28.04 44.84
CA GLY K 279 -60.25 -28.93 45.95
C GLY K 279 -59.77 -30.31 45.55
N PHE K 280 -59.80 -31.23 46.50
CA PHE K 280 -59.41 -32.63 46.25
C PHE K 280 -60.12 -33.58 47.20
N GLY K 281 -60.29 -34.83 46.77
CA GLY K 281 -60.86 -35.88 47.59
C GLY K 281 -62.33 -35.71 47.95
N ASP K 282 -62.61 -35.58 49.24
CA ASP K 282 -63.98 -35.48 49.75
C ASP K 282 -64.56 -34.07 49.60
N ARG K 283 -63.70 -33.07 49.52
CA ARG K 283 -64.13 -31.69 49.32
C ARG K 283 -64.76 -31.53 47.93
N ARG K 284 -64.02 -31.88 46.88
CA ARG K 284 -64.49 -31.67 45.51
C ARG K 284 -65.81 -32.40 45.19
N LYS K 285 -66.12 -33.43 45.97
CA LYS K 285 -67.41 -34.13 45.89
C LYS K 285 -68.57 -33.17 46.14
N ALA K 286 -68.53 -32.50 47.29
CA ALA K 286 -69.57 -31.55 47.69
C ALA K 286 -69.33 -30.16 47.08
N MET K 287 -68.06 -29.82 46.86
CA MET K 287 -67.67 -28.52 46.30
C MET K 287 -68.15 -28.39 44.86
N LEU K 288 -68.20 -29.52 44.15
CA LEU K 288 -68.71 -29.56 42.78
C LEU K 288 -70.23 -29.49 42.73
N GLN K 289 -70.88 -30.07 43.75
CA GLN K 289 -72.33 -29.98 43.89
C GLN K 289 -72.76 -28.54 44.15
N ASP K 290 -71.93 -27.80 44.89
CA ASP K 290 -72.15 -26.38 45.13
C ASP K 290 -72.34 -25.65 43.83
N ILE K 291 -71.42 -25.86 42.88
CA ILE K 291 -71.52 -25.27 41.56
C ILE K 291 -72.79 -25.73 40.82
N ALA K 292 -73.07 -27.02 40.91
CA ALA K 292 -74.28 -27.57 40.31
C ALA K 292 -75.53 -26.83 40.77
N THR K 293 -75.62 -26.61 42.08
CA THR K 293 -76.76 -25.90 42.67
C THR K 293 -76.86 -24.48 42.14
N LEU K 294 -75.73 -23.80 42.10
CA LEU K 294 -75.67 -22.40 41.66
C LEU K 294 -76.07 -22.22 40.20
N THR K 295 -75.63 -23.16 39.36
CA THR K 295 -75.83 -23.07 37.91
C THR K 295 -77.09 -23.78 37.44
N GLY K 296 -77.72 -24.52 38.35
CA GLY K 296 -78.92 -25.28 38.03
C GLY K 296 -78.62 -26.44 37.11
N GLY K 297 -77.55 -27.17 37.43
CA GLY K 297 -77.14 -28.31 36.65
C GLY K 297 -77.12 -29.59 37.47
N THR K 298 -76.72 -30.69 36.84
CA THR K 298 -76.59 -31.97 37.54
C THR K 298 -75.15 -32.46 37.51
N VAL K 299 -74.74 -33.09 38.60
CA VAL K 299 -73.42 -33.70 38.71
C VAL K 299 -73.46 -35.13 38.14
N ILE K 300 -72.60 -35.40 37.17
CA ILE K 300 -72.51 -36.74 36.59
C ILE K 300 -71.56 -37.57 37.46
N SER K 301 -72.16 -38.29 38.41
CA SER K 301 -71.41 -39.09 39.37
C SER K 301 -71.21 -40.51 38.86
N GLU K 302 -70.15 -41.15 39.33
CA GLU K 302 -69.88 -42.54 38.99
C GLU K 302 -70.61 -43.49 39.93
N GLU K 303 -70.76 -43.07 41.18
CA GLU K 303 -71.37 -43.90 42.24
C GLU K 303 -72.89 -44.02 42.10
N ILE K 304 -73.45 -43.31 41.12
CA ILE K 304 -74.87 -43.44 40.76
C ILE K 304 -75.02 -44.20 39.44
N GLY K 305 -73.93 -44.28 38.68
CA GLY K 305 -73.92 -45.02 37.42
C GLY K 305 -73.99 -44.11 36.19
N MET K 306 -74.51 -42.90 36.38
CA MET K 306 -74.61 -41.91 35.32
C MET K 306 -73.29 -41.80 34.55
N GLU K 307 -73.38 -41.88 33.22
CA GLU K 307 -72.22 -41.66 32.37
C GLU K 307 -72.45 -40.46 31.47
N LEU K 308 -71.37 -39.95 30.90
CA LEU K 308 -71.44 -38.75 30.06
C LEU K 308 -72.26 -38.96 28.80
N GLU K 309 -72.28 -40.19 28.30
CA GLU K 309 -73.05 -40.55 27.12
C GLU K 309 -74.55 -40.40 27.35
N LYS K 310 -74.97 -40.66 28.59
CA LYS K 310 -76.38 -40.54 28.97
C LYS K 310 -76.65 -39.20 29.66
N ALA K 311 -76.36 -38.10 28.95
CA ALA K 311 -76.55 -36.75 29.46
C ALA K 311 -77.06 -35.81 28.36
N THR K 312 -77.98 -34.92 28.73
CA THR K 312 -78.58 -33.96 27.80
C THR K 312 -78.24 -32.51 28.18
N LEU K 313 -78.76 -31.57 27.38
CA LEU K 313 -78.66 -30.15 27.67
C LEU K 313 -79.30 -29.84 29.01
N GLU K 314 -80.47 -30.43 29.26
CA GLU K 314 -81.21 -30.26 30.51
C GLU K 314 -80.38 -30.51 31.78
N ASP K 315 -79.43 -31.44 31.69
CA ASP K 315 -78.58 -31.82 32.82
C ASP K 315 -77.51 -30.77 33.13
N LEU K 316 -77.24 -29.91 32.15
CA LEU K 316 -76.17 -28.93 32.27
C LEU K 316 -76.63 -27.65 32.98
N GLY K 317 -75.66 -26.93 33.54
CA GLY K 317 -75.90 -25.68 34.22
C GLY K 317 -75.68 -24.51 33.27
N GLN K 318 -76.00 -23.30 33.73
CA GLN K 318 -75.91 -22.12 32.88
C GLN K 318 -75.58 -20.86 33.67
N ALA K 319 -74.81 -19.98 33.06
CA ALA K 319 -74.51 -18.67 33.60
C ALA K 319 -74.53 -17.62 32.47
N LYS K 320 -74.67 -16.35 32.82
CA LYS K 320 -74.66 -15.29 31.81
C LYS K 320 -73.25 -14.95 31.31
N ARG K 321 -72.23 -15.26 32.11
CA ARG K 321 -70.83 -15.06 31.74
C ARG K 321 -69.88 -15.90 32.59
N VAL K 322 -68.64 -16.05 32.13
CA VAL K 322 -67.59 -16.72 32.90
C VAL K 322 -66.19 -16.39 32.39
N VAL K 323 -65.28 -16.06 33.29
CA VAL K 323 -63.89 -15.78 32.91
C VAL K 323 -62.86 -16.69 33.60
N ILE K 324 -62.00 -17.30 32.78
CA ILE K 324 -60.94 -18.18 33.26
C ILE K 324 -59.60 -17.56 32.90
N ASN K 325 -58.65 -17.60 33.83
CA ASN K 325 -57.29 -17.20 33.52
C ASN K 325 -56.28 -18.21 34.01
N LYS K 326 -55.00 -17.82 34.03
CA LYS K 326 -53.88 -18.68 34.40
C LYS K 326 -54.18 -19.63 35.56
N ASP K 327 -54.87 -19.14 36.59
CA ASP K 327 -55.13 -19.93 37.80
C ASP K 327 -56.46 -19.65 38.50
N THR K 328 -57.33 -18.88 37.85
CA THR K 328 -58.61 -18.48 38.45
C THR K 328 -59.76 -18.72 37.49
N THR K 329 -60.82 -19.34 38.02
CA THR K 329 -62.08 -19.45 37.30
C THR K 329 -63.14 -18.75 38.12
N THR K 330 -63.95 -17.94 37.45
CA THR K 330 -65.05 -17.24 38.12
C THR K 330 -66.30 -17.23 37.22
N ILE K 331 -67.41 -17.73 37.75
CA ILE K 331 -68.68 -17.76 37.01
C ILE K 331 -69.65 -16.68 37.48
N ILE K 332 -70.43 -16.14 36.56
CA ILE K 332 -71.27 -14.98 36.85
C ILE K 332 -72.74 -15.19 36.47
N ASP K 333 -73.63 -14.96 37.42
CA ASP K 333 -75.09 -15.05 37.23
C ASP K 333 -75.54 -16.46 36.87
N GLY K 334 -75.65 -17.33 37.88
CA GLY K 334 -76.12 -18.69 37.67
C GLY K 334 -77.64 -18.77 37.57
N VAL K 335 -78.11 -19.64 36.69
CA VAL K 335 -79.55 -19.81 36.46
C VAL K 335 -80.22 -20.60 37.59
N GLY K 336 -79.41 -21.06 38.54
CA GLY K 336 -79.89 -21.82 39.67
C GLY K 336 -80.98 -21.11 40.44
N GLU K 337 -82.02 -21.85 40.80
CA GLU K 337 -83.17 -21.34 41.54
C GLU K 337 -82.76 -20.68 42.86
N GLU K 338 -83.50 -19.64 43.24
CA GLU K 338 -83.28 -19.00 44.53
C GLU K 338 -83.65 -19.95 45.67
N ALA K 339 -84.64 -20.81 45.43
CA ALA K 339 -85.04 -21.86 46.37
C ALA K 339 -83.94 -22.90 46.55
N ALA K 340 -83.39 -23.38 45.43
CA ALA K 340 -82.34 -24.42 45.43
C ALA K 340 -81.04 -23.97 46.13
N ILE K 341 -80.62 -22.74 45.86
CA ILE K 341 -79.40 -22.19 46.47
C ILE K 341 -79.60 -21.92 47.97
N GLN K 342 -80.74 -21.34 48.33
CA GLN K 342 -81.05 -21.07 49.73
C GLN K 342 -81.19 -22.37 50.53
N GLY K 343 -81.70 -23.41 49.86
CA GLY K 343 -81.81 -24.73 50.46
C GLY K 343 -80.46 -25.35 50.78
N ARG K 344 -79.51 -25.19 49.87
CA ARG K 344 -78.14 -25.68 50.06
C ARG K 344 -77.37 -24.84 51.07
N VAL K 345 -77.75 -23.57 51.22
CA VAL K 345 -77.15 -22.70 52.23
C VAL K 345 -77.53 -23.21 53.62
N ALA K 346 -78.83 -23.43 53.84
CA ALA K 346 -79.34 -23.96 55.10
C ALA K 346 -78.77 -25.35 55.42
N GLN K 347 -78.46 -26.11 54.38
CA GLN K 347 -77.85 -27.44 54.51
C GLN K 347 -76.45 -27.38 55.10
N ILE K 348 -75.64 -26.44 54.61
CA ILE K 348 -74.27 -26.28 55.11
C ILE K 348 -74.24 -25.52 56.43
N ARG K 349 -75.09 -24.50 56.54
CA ARG K 349 -75.19 -23.70 57.76
C ARG K 349 -75.40 -24.61 58.95
N GLN K 350 -76.27 -25.60 58.77
CA GLN K 350 -76.47 -26.68 59.72
C GLN K 350 -75.15 -27.39 60.02
N GLN K 351 -74.54 -27.98 58.99
CA GLN K 351 -73.29 -28.75 59.12
C GLN K 351 -72.15 -28.05 59.88
N ARG K 361 -65.01 -26.71 60.49
CA ARG K 361 -65.90 -25.56 60.66
C ARG K 361 -65.46 -24.40 59.78
N GLU K 362 -64.16 -24.32 59.50
CA GLU K 362 -63.61 -23.28 58.65
C GLU K 362 -63.77 -23.62 57.17
N LYS K 363 -63.59 -24.90 56.83
CA LYS K 363 -63.66 -25.37 55.45
C LYS K 363 -65.07 -25.36 54.89
N LEU K 364 -66.04 -25.60 55.77
CA LEU K 364 -67.46 -25.49 55.40
C LEU K 364 -67.85 -24.01 55.33
N GLN K 365 -67.19 -23.19 56.15
CA GLN K 365 -67.41 -21.74 56.18
C GLN K 365 -67.00 -21.09 54.86
N GLU K 366 -65.95 -21.61 54.25
CA GLU K 366 -65.46 -21.10 52.97
C GLU K 366 -66.44 -21.39 51.83
N ARG K 367 -67.12 -22.53 51.91
CA ARG K 367 -68.10 -22.94 50.90
C ARG K 367 -69.36 -22.10 50.99
N VAL K 368 -69.71 -21.69 52.20
CA VAL K 368 -70.85 -20.81 52.42
C VAL K 368 -70.56 -19.44 51.81
N ALA K 369 -69.40 -18.89 52.15
CA ALA K 369 -68.97 -17.59 51.64
C ALA K 369 -69.00 -17.54 50.12
N LYS K 370 -68.43 -18.55 49.47
CA LYS K 370 -68.43 -18.60 48.01
C LYS K 370 -69.86 -18.59 47.44
N LEU K 371 -70.73 -19.39 48.03
CA LEU K 371 -72.08 -19.62 47.51
C LEU K 371 -73.05 -18.48 47.80
N ALA K 372 -73.23 -18.16 49.08
CA ALA K 372 -74.19 -17.14 49.47
C ALA K 372 -73.65 -15.74 49.31
N GLY K 373 -74.18 -15.58 48.20
CA GLY K 373 -73.23 -14.49 48.25
C GLY K 373 -73.19 -13.65 46.98
N GLY K 374 -73.37 -14.32 45.85
CA GLY K 374 -73.37 -13.61 44.58
C GLY K 374 -72.04 -13.08 44.11
N VAL K 375 -72.01 -12.61 42.87
CA VAL K 375 -70.81 -12.09 42.26
C VAL K 375 -71.04 -10.68 41.75
N ALA K 376 -70.16 -9.77 42.17
CA ALA K 376 -70.23 -8.38 41.76
C ALA K 376 -69.53 -8.19 40.42
N VAL K 377 -70.14 -7.38 39.55
CA VAL K 377 -69.58 -7.12 38.22
C VAL K 377 -69.32 -5.64 37.98
N ILE K 378 -68.38 -5.36 37.09
CA ILE K 378 -68.04 -4.00 36.74
C ILE K 378 -67.94 -3.81 35.24
N LYS K 379 -68.53 -2.73 34.75
CA LYS K 379 -68.48 -2.45 33.33
C LYS K 379 -67.69 -1.16 33.15
N VAL K 380 -66.49 -1.29 32.62
CA VAL K 380 -65.62 -0.14 32.40
C VAL K 380 -66.17 0.76 31.32
N GLY K 381 -66.63 1.94 31.73
CA GLY K 381 -67.17 2.89 30.78
C GLY K 381 -66.05 3.68 30.13
N ALA K 382 -66.30 4.16 28.92
CA ALA K 382 -65.28 4.92 28.20
C ALA K 382 -65.86 5.54 26.96
N ALA K 383 -65.15 6.53 26.44
CA ALA K 383 -65.59 7.22 25.25
C ALA K 383 -65.26 6.38 24.03
N THR K 384 -63.98 6.06 23.89
CA THR K 384 -63.51 5.25 22.78
C THR K 384 -63.38 3.79 23.17
N GLU K 385 -63.49 2.94 22.16
CA GLU K 385 -63.38 1.50 22.33
C GLU K 385 -61.95 1.16 22.74
N VAL K 386 -61.02 2.03 22.35
CA VAL K 386 -59.61 1.86 22.69
C VAL K 386 -59.49 2.05 24.19
N GLU K 387 -59.62 3.31 24.60
CA GLU K 387 -59.58 3.69 26.00
C GLU K 387 -60.39 2.65 26.77
N MET K 388 -61.62 2.45 26.33
CA MET K 388 -62.55 1.51 26.94
C MET K 388 -61.78 0.26 27.34
N LYS K 389 -61.55 -0.62 26.39
CA LYS K 389 -60.83 -1.84 26.68
C LYS K 389 -59.49 -1.57 27.34
N GLU K 390 -58.90 -0.40 27.07
CA GLU K 390 -57.62 -0.08 27.69
C GLU K 390 -57.86 0.09 29.18
N LYS K 391 -58.76 1.01 29.53
CA LYS K 391 -59.11 1.28 30.93
C LYS K 391 -59.45 -0.01 31.62
N LYS K 392 -60.32 -0.79 30.98
CA LYS K 392 -60.73 -2.09 31.52
C LYS K 392 -59.51 -2.83 32.03
N ALA K 393 -58.44 -2.79 31.26
CA ALA K 393 -57.20 -3.45 31.62
C ALA K 393 -56.69 -2.96 32.97
N ARG K 394 -56.29 -1.69 33.02
CA ARG K 394 -55.77 -1.09 34.25
C ARG K 394 -56.60 -1.47 35.47
N VAL K 395 -57.90 -1.59 35.27
CA VAL K 395 -58.82 -1.96 36.35
C VAL K 395 -58.43 -3.30 36.94
N GLU K 396 -58.54 -4.34 36.13
CA GLU K 396 -58.21 -5.69 36.54
C GLU K 396 -56.89 -5.67 37.26
N ASP K 397 -55.96 -4.86 36.76
CA ASP K 397 -54.66 -4.74 37.40
C ASP K 397 -54.89 -4.37 38.83
N ALA K 398 -55.23 -3.10 39.02
CA ALA K 398 -55.48 -2.52 40.33
C ALA K 398 -56.19 -3.51 41.25
N LEU K 399 -57.33 -3.98 40.79
CA LEU K 399 -58.09 -4.94 41.55
C LEU K 399 -57.10 -5.91 42.20
N HIS K 400 -56.24 -6.52 41.38
CA HIS K 400 -55.23 -7.44 41.89
C HIS K 400 -54.59 -6.89 43.14
N ALA K 401 -53.58 -6.05 42.92
CA ALA K 401 -52.83 -5.40 43.99
C ALA K 401 -53.69 -5.20 45.22
N THR K 402 -54.90 -4.69 44.99
CA THR K 402 -55.83 -4.42 46.08
C THR K 402 -56.13 -5.66 46.88
N ARG K 403 -56.58 -6.70 46.21
CA ARG K 403 -56.84 -7.92 46.92
C ARG K 403 -55.61 -8.26 47.75
N ALA K 404 -54.46 -8.23 47.10
CA ALA K 404 -53.19 -8.50 47.75
C ALA K 404 -52.92 -7.49 48.86
N ALA K 405 -53.09 -6.21 48.53
CA ALA K 405 -52.88 -5.14 49.49
C ALA K 405 -53.70 -5.44 50.74
N VAL K 406 -54.93 -5.86 50.54
CA VAL K 406 -55.84 -6.18 51.64
C VAL K 406 -55.31 -7.34 52.48
N GLU K 407 -54.96 -8.41 51.79
CA GLU K 407 -54.44 -9.59 52.46
C GLU K 407 -53.22 -9.29 53.29
N GLU K 408 -52.27 -8.51 52.76
CA GLU K 408 -51.04 -8.25 53.51
C GLU K 408 -50.54 -6.82 53.62
N GLY K 409 -52.64 -3.34 52.56
CA GLY K 409 -52.37 -2.01 53.07
C GLY K 409 -51.52 -1.14 52.19
N VAL K 410 -51.23 0.08 52.65
CA VAL K 410 -50.46 1.08 51.89
C VAL K 410 -49.27 1.62 52.67
N VAL K 411 -48.36 2.25 51.94
CA VAL K 411 -47.17 2.85 52.52
C VAL K 411 -46.86 4.12 51.75
N ALA K 412 -46.00 4.96 52.28
CA ALA K 412 -45.67 6.25 51.67
C ALA K 412 -45.10 5.96 50.31
N GLY K 413 -45.69 6.56 49.27
CA GLY K 413 -45.17 6.51 47.91
C GLY K 413 -43.90 7.35 47.62
N GLY K 414 -43.58 7.56 46.34
CA GLY K 414 -42.41 8.35 46.00
C GLY K 414 -41.17 7.56 46.34
N GLY K 415 -41.40 6.26 46.57
CA GLY K 415 -40.37 5.38 47.09
C GLY K 415 -39.78 5.81 48.43
N VAL K 416 -40.55 6.51 49.28
CA VAL K 416 -40.00 6.88 50.57
C VAL K 416 -40.00 5.68 51.49
N ALA K 417 -41.07 4.89 51.45
CA ALA K 417 -41.13 3.65 52.22
C ALA K 417 -39.79 2.96 52.14
N LEU K 418 -39.32 2.66 50.92
CA LEU K 418 -38.04 1.98 50.76
C LEU K 418 -36.88 2.70 51.44
N ILE K 419 -36.79 4.02 51.24
CA ILE K 419 -35.71 4.81 51.85
C ILE K 419 -35.72 4.73 53.41
N ARG K 420 -36.93 4.54 53.92
CA ARG K 420 -37.20 4.51 55.34
C ARG K 420 -36.72 3.19 55.87
N VAL K 421 -37.05 2.10 55.18
CA VAL K 421 -36.56 0.82 55.66
C VAL K 421 -35.04 0.72 55.54
N ALA K 422 -34.45 1.32 54.53
CA ALA K 422 -32.97 1.38 54.47
C ALA K 422 -32.25 2.00 55.70
N SER K 423 -32.87 2.98 56.36
CA SER K 423 -32.22 3.52 57.55
C SER K 423 -32.53 2.66 58.76
N LYS K 424 -33.70 2.03 58.79
CA LYS K 424 -33.95 1.08 59.86
C LYS K 424 -32.95 -0.07 59.85
N LEU K 425 -32.46 -0.46 58.68
CA LEU K 425 -31.58 -1.60 58.61
C LEU K 425 -30.10 -1.19 58.56
N ALA K 426 -29.85 0.07 58.96
CA ALA K 426 -28.49 0.59 58.96
C ALA K 426 -27.57 -0.25 59.81
N ASP K 427 -28.16 -0.98 60.75
CA ASP K 427 -27.36 -1.77 61.69
C ASP K 427 -27.39 -3.29 61.48
N LEU K 428 -27.94 -3.71 60.34
CA LEU K 428 -27.96 -5.12 59.94
C LEU K 428 -26.60 -5.62 59.54
N ARG K 429 -26.20 -6.77 60.08
CA ARG K 429 -24.94 -7.39 59.69
C ARG K 429 -25.10 -8.88 59.34
N GLY K 430 -24.10 -9.44 58.68
CA GLY K 430 -24.15 -10.85 58.29
C GLY K 430 -23.14 -11.71 59.03
N GLN K 431 -22.84 -12.88 58.44
CA GLN K 431 -21.93 -13.83 59.05
C GLN K 431 -20.49 -13.45 58.77
N ASN K 432 -20.24 -12.55 57.82
CA ASN K 432 -18.85 -12.17 57.54
C ASN K 432 -18.82 -10.88 56.74
N GLU K 433 -17.64 -10.34 56.45
CA GLU K 433 -17.58 -9.06 55.76
C GLU K 433 -18.23 -9.04 54.35
N ASP K 434 -18.04 -10.09 53.57
CA ASP K 434 -18.66 -10.12 52.24
C ASP K 434 -20.16 -10.05 52.38
N GLN K 435 -20.74 -10.77 53.33
CA GLN K 435 -22.19 -10.69 53.56
C GLN K 435 -22.63 -9.26 53.92
N ASN K 436 -21.74 -8.53 54.58
CA ASN K 436 -22.00 -7.16 54.99
C ASN K 436 -22.13 -6.25 53.78
N VAL K 437 -21.14 -6.30 52.89
CA VAL K 437 -21.18 -5.54 51.66
C VAL K 437 -22.46 -5.89 50.89
N GLY K 438 -22.87 -7.14 51.01
CA GLY K 438 -24.04 -7.62 50.32
C GLY K 438 -25.27 -6.95 50.88
N ILE K 439 -25.28 -6.72 52.19
CA ILE K 439 -26.38 -5.95 52.79
C ILE K 439 -26.36 -4.50 52.31
N LYS K 440 -25.23 -3.81 52.52
CA LYS K 440 -25.09 -2.42 52.05
C LYS K 440 -25.46 -2.25 50.56
N VAL K 441 -25.14 -3.24 49.75
CA VAL K 441 -25.60 -3.25 48.36
C VAL K 441 -27.15 -3.20 48.24
N ALA K 442 -27.89 -4.01 48.97
CA ALA K 442 -29.35 -3.89 48.87
C ALA K 442 -29.82 -2.56 49.45
N LEU K 443 -29.28 -2.14 50.58
CA LEU K 443 -29.80 -0.92 51.21
C LEU K 443 -29.67 0.26 50.22
N ARG K 444 -28.46 0.40 49.64
CA ARG K 444 -28.13 1.45 48.69
C ARG K 444 -29.06 1.40 47.47
N ALA K 445 -29.53 0.21 47.14
CA ALA K 445 -30.38 0.05 45.99
C ALA K 445 -31.75 0.55 46.33
N MET K 446 -32.08 0.51 47.60
CA MET K 446 -33.44 0.81 48.04
C MET K 446 -33.78 2.24 47.78
N GLU K 447 -32.74 3.05 47.65
CA GLU K 447 -32.85 4.45 47.27
C GLU K 447 -33.19 4.66 45.80
N ALA K 448 -33.08 3.65 44.95
CA ALA K 448 -33.12 3.93 43.49
C ALA K 448 -34.46 4.41 42.93
N PRO K 449 -35.57 3.80 43.30
CA PRO K 449 -36.83 4.34 42.80
C PRO K 449 -36.92 5.84 43.04
N LEU K 450 -36.70 6.31 44.28
CA LEU K 450 -36.79 7.74 44.56
C LEU K 450 -35.84 8.45 43.65
N ARG K 451 -34.62 7.93 43.55
CA ARG K 451 -33.62 8.56 42.72
C ARG K 451 -34.00 8.68 41.23
N GLN K 452 -34.70 7.68 40.66
CA GLN K 452 -35.11 7.72 39.25
C GLN K 452 -36.27 8.69 39.07
N ILE K 453 -37.24 8.63 40.00
CA ILE K 453 -38.39 9.52 39.97
C ILE K 453 -37.91 10.96 39.83
N VAL K 454 -36.97 11.31 40.66
CA VAL K 454 -36.42 12.65 40.61
C VAL K 454 -35.66 12.93 39.32
N LEU K 455 -35.07 11.89 38.74
CA LEU K 455 -34.18 12.11 37.63
C LEU K 455 -35.00 12.31 36.38
N ASN K 456 -36.11 11.58 36.28
CA ASN K 456 -37.12 11.84 35.28
C ASN K 456 -37.78 13.24 35.37
N CYS K 457 -37.60 13.99 36.46
CA CYS K 457 -38.17 15.33 36.53
C CYS K 457 -37.14 16.30 36.11
N GLY K 458 -35.97 15.85 35.72
CA GLY K 458 -34.94 16.80 35.33
C GLY K 458 -34.27 17.47 36.52
N GLU K 459 -34.46 16.89 37.71
CA GLU K 459 -33.91 17.45 38.93
C GLU K 459 -32.84 16.59 39.60
N GLU K 460 -32.05 17.23 40.46
CA GLU K 460 -30.89 16.62 41.11
C GLU K 460 -31.26 15.49 42.08
N PRO K 461 -30.93 14.26 41.75
CA PRO K 461 -31.59 13.14 42.44
C PRO K 461 -30.95 12.96 43.83
N SER K 462 -29.65 13.15 43.91
CA SER K 462 -28.92 12.99 45.16
C SER K 462 -29.33 14.11 46.18
N VAL K 463 -29.55 15.32 45.67
CA VAL K 463 -30.01 16.44 46.50
C VAL K 463 -31.40 16.19 47.06
N VAL K 464 -32.33 15.71 46.25
CA VAL K 464 -33.62 15.32 46.80
C VAL K 464 -33.44 14.23 47.85
N ALA K 465 -32.71 13.17 47.51
CA ALA K 465 -32.52 12.03 48.43
C ALA K 465 -31.90 12.50 49.78
N ASN K 466 -30.83 13.28 49.71
CA ASN K 466 -30.26 13.80 50.93
C ASN K 466 -31.31 14.42 51.81
N THR K 467 -32.15 15.30 51.26
CA THR K 467 -33.17 15.95 52.09
C THR K 467 -34.38 15.06 52.48
N VAL K 468 -34.74 14.05 51.72
CA VAL K 468 -35.75 13.14 52.23
C VAL K 468 -35.17 12.31 53.40
N LYS K 469 -33.89 11.96 53.27
CA LYS K 469 -33.23 11.13 54.29
C LYS K 469 -32.95 11.97 55.53
N GLY K 470 -32.99 13.29 55.41
CA GLY K 470 -32.91 14.13 56.59
C GLY K 470 -34.19 14.14 57.42
N GLY K 471 -35.29 13.65 56.85
CA GLY K 471 -36.60 13.72 57.49
C GLY K 471 -36.94 12.44 58.23
N ASP K 472 -38.22 12.24 58.54
CA ASP K 472 -38.69 11.04 59.24
C ASP K 472 -40.07 10.58 58.80
N GLY K 473 -40.47 9.40 59.25
CA GLY K 473 -41.77 8.85 58.93
C GLY K 473 -42.15 8.98 57.47
N ASN K 474 -43.24 9.68 57.20
CA ASN K 474 -43.81 9.75 55.89
C ASN K 474 -43.44 11.00 55.14
N TYR K 475 -42.36 11.65 55.52
CA TYR K 475 -41.96 12.88 54.83
C TYR K 475 -41.31 12.48 53.53
N GLY K 476 -41.71 13.11 52.44
CA GLY K 476 -41.17 12.76 51.13
C GLY K 476 -41.19 13.90 50.15
N TYR K 477 -40.85 13.62 48.89
CA TYR K 477 -40.83 14.61 47.83
C TYR K 477 -42.04 14.36 47.03
N ASN K 478 -42.73 15.43 46.69
CA ASN K 478 -43.88 15.35 45.78
C ASN K 478 -43.43 15.86 44.42
N ALA K 479 -43.13 14.90 43.53
CA ALA K 479 -42.55 15.19 42.22
C ALA K 479 -43.49 15.99 41.34
N ALA K 480 -44.79 15.72 41.47
CA ALA K 480 -45.81 16.49 40.77
C ALA K 480 -45.69 17.97 41.08
N THR K 481 -45.71 18.32 42.36
CA THR K 481 -45.79 19.73 42.74
C THR K 481 -44.44 20.32 43.07
N GLU K 482 -43.39 19.51 43.09
CA GLU K 482 -42.03 20.02 43.35
C GLU K 482 -41.81 20.56 44.77
N GLU K 483 -42.56 20.06 45.74
CA GLU K 483 -42.27 20.44 47.12
C GLU K 483 -42.42 19.27 48.10
N TYR K 484 -41.68 19.33 49.22
CA TYR K 484 -41.64 18.23 50.19
C TYR K 484 -42.85 18.29 51.13
N GLY K 485 -43.19 17.19 51.78
CA GLY K 485 -44.36 17.13 52.63
C GLY K 485 -44.62 15.74 53.13
N ASN K 486 -45.77 15.54 53.78
CA ASN K 486 -46.15 14.23 54.26
C ASN K 486 -46.85 13.47 53.13
N MET K 487 -46.24 12.39 52.63
CA MET K 487 -46.78 11.68 51.46
C MET K 487 -48.20 11.14 51.65
N ILE K 488 -48.52 10.65 52.85
CA ILE K 488 -49.86 10.12 53.04
C ILE K 488 -50.91 11.23 53.00
N ASP K 489 -50.51 12.40 53.50
CA ASP K 489 -51.39 13.59 53.53
C ASP K 489 -51.59 14.11 52.12
N MET K 490 -50.56 14.02 51.30
CA MET K 490 -50.69 14.47 49.93
C MET K 490 -51.33 13.43 49.03
N GLY K 491 -51.74 12.30 49.59
CA GLY K 491 -52.41 11.29 48.80
C GLY K 491 -51.51 10.42 47.93
N ILE K 492 -50.19 10.60 48.03
CA ILE K 492 -49.24 9.77 47.30
C ILE K 492 -48.93 8.45 48.01
N LEU K 493 -49.85 7.48 47.92
CA LEU K 493 -49.64 6.16 48.55
C LEU K 493 -49.39 5.03 47.53
N ASP K 494 -48.32 4.21 47.70
CA ASP K 494 -48.18 2.90 47.00
C ASP K 494 -48.73 1.75 47.83
N PRO K 495 -49.30 0.71 47.22
CA PRO K 495 -49.79 -0.40 48.01
C PRO K 495 -48.62 -1.25 48.48
N THR K 496 -48.75 -1.79 49.70
CA THR K 496 -47.63 -2.49 50.33
C THR K 496 -47.24 -3.70 49.50
N LYS K 497 -48.23 -4.56 49.22
CA LYS K 497 -48.02 -5.72 48.38
C LYS K 497 -47.19 -5.37 47.14
N VAL K 498 -47.51 -4.29 46.43
CA VAL K 498 -46.64 -3.97 45.32
C VAL K 498 -45.23 -3.57 45.75
N THR K 499 -45.05 -2.74 46.75
CA THR K 499 -43.65 -2.34 47.05
C THR K 499 -42.80 -3.55 47.47
N ARG K 500 -43.41 -4.38 48.31
CA ARG K 500 -42.81 -5.61 48.81
C ARG K 500 -42.40 -6.45 47.61
N SER K 501 -43.39 -6.73 46.76
CA SER K 501 -43.23 -7.61 45.59
C SER K 501 -42.18 -7.07 44.64
N ALA K 502 -42.20 -5.78 44.34
CA ALA K 502 -41.10 -5.23 43.57
C ALA K 502 -39.81 -5.73 44.19
N LEU K 503 -39.60 -5.44 45.46
CA LEU K 503 -38.33 -5.78 46.13
C LEU K 503 -37.98 -7.25 46.08
N GLN K 504 -38.91 -8.11 46.47
CA GLN K 504 -38.60 -9.51 46.57
C GLN K 504 -38.10 -10.05 45.22
N TYR K 505 -38.80 -9.70 44.14
CA TYR K 505 -38.49 -10.21 42.80
C TYR K 505 -37.21 -9.63 42.26
N ALA K 506 -37.02 -8.34 42.35
CA ALA K 506 -35.76 -7.83 41.85
C ALA K 506 -34.64 -8.55 42.55
N ALA K 507 -34.75 -8.69 43.89
CA ALA K 507 -33.67 -9.29 44.72
C ALA K 507 -33.39 -10.70 44.27
N SER K 508 -34.46 -11.45 44.13
CA SER K 508 -34.37 -12.80 43.66
C SER K 508 -33.55 -12.90 42.37
N VAL K 509 -33.97 -12.23 41.31
CA VAL K 509 -33.18 -12.33 40.08
C VAL K 509 -31.80 -11.73 40.27
N ALA K 510 -31.68 -10.46 40.63
CA ALA K 510 -30.33 -9.85 40.65
C ALA K 510 -29.33 -10.58 41.58
N GLY K 511 -29.88 -11.22 42.61
CA GLY K 511 -29.10 -11.97 43.56
C GLY K 511 -28.37 -13.07 42.81
N LEU K 512 -29.12 -13.94 42.13
CA LEU K 512 -28.56 -14.95 41.23
C LEU K 512 -27.61 -14.38 40.19
N MET K 513 -28.03 -13.31 39.59
CA MET K 513 -27.33 -12.73 38.46
C MET K 513 -25.88 -12.40 38.79
N ILE K 514 -25.64 -11.90 39.98
CA ILE K 514 -24.29 -11.46 40.30
C ILE K 514 -23.33 -12.60 40.62
N THR K 515 -23.85 -13.82 40.71
CA THR K 515 -23.01 -14.97 41.01
C THR K 515 -22.50 -15.67 39.74
N THR K 516 -22.57 -14.99 38.61
CA THR K 516 -22.33 -15.57 37.31
C THR K 516 -20.85 -15.52 36.98
N GLU K 517 -20.27 -16.67 36.69
CA GLU K 517 -18.85 -16.69 36.36
C GLU K 517 -18.63 -17.13 34.93
N CYS K 518 -19.63 -17.77 34.35
CA CYS K 518 -19.50 -18.25 33.01
C CYS K 518 -20.84 -18.26 32.27
N MET K 519 -20.82 -17.97 30.97
CA MET K 519 -22.03 -17.89 30.18
C MET K 519 -21.90 -18.72 28.91
N VAL K 520 -22.96 -19.47 28.60
CA VAL K 520 -22.93 -20.38 27.47
C VAL K 520 -24.11 -20.13 26.55
N THR K 521 -23.82 -19.72 25.31
CA THR K 521 -24.84 -19.41 24.28
C THR K 521 -24.43 -19.86 22.89
N ASP K 522 -25.36 -19.75 21.92
CA ASP K 522 -25.11 -20.02 20.50
C ASP K 522 -24.19 -19.03 19.82
N LEU K 523 -23.56 -19.46 18.74
CA LEU K 523 -22.67 -18.62 17.99
C LEU K 523 -23.42 -17.56 17.16
N PRO K 524 -22.82 -16.38 16.99
CA PRO K 524 -23.41 -15.30 16.21
C PRO K 524 -23.65 -15.60 14.71
N ALA L 1 -17.31 -37.72 2.73
CA ALA L 1 -16.70 -36.38 2.60
C ALA L 1 -15.19 -36.48 2.81
N ALA L 2 -14.46 -35.59 2.17
CA ALA L 2 -13.07 -35.36 2.51
C ALA L 2 -12.93 -35.14 4.01
N LYS L 3 -11.91 -35.77 4.60
CA LYS L 3 -11.62 -35.72 6.01
C LYS L 3 -10.43 -34.84 6.33
N ASP L 4 -10.43 -34.28 7.52
CA ASP L 4 -9.27 -33.59 8.07
C ASP L 4 -8.57 -34.59 9.01
N VAL L 5 -7.24 -34.69 8.92
CA VAL L 5 -6.53 -35.56 9.84
C VAL L 5 -5.40 -34.84 10.54
N LYS L 6 -5.36 -34.98 11.87
CA LYS L 6 -4.39 -34.28 12.68
C LYS L 6 -3.62 -35.28 13.50
N PHE L 7 -2.35 -34.97 13.69
CA PHE L 7 -1.44 -35.90 14.35
C PHE L 7 -0.82 -35.38 15.63
N GLY L 8 -0.59 -36.30 16.56
CA GLY L 8 0.29 -36.10 17.68
C GLY L 8 -0.18 -34.97 18.56
N ASN L 9 0.73 -34.04 18.80
CA ASN L 9 0.44 -32.97 19.71
C ASN L 9 -0.74 -32.12 19.25
N ASP L 10 -0.78 -31.75 17.96
CA ASP L 10 -1.87 -30.95 17.47
C ASP L 10 -3.19 -31.59 17.72
N ALA L 11 -3.32 -32.86 17.34
CA ALA L 11 -4.59 -33.55 17.60
C ALA L 11 -4.97 -33.39 19.06
N ARG L 12 -3.98 -33.57 19.94
CA ARG L 12 -4.18 -33.69 21.39
C ARG L 12 -4.54 -32.35 22.04
N VAL L 13 -3.81 -31.29 21.72
CA VAL L 13 -4.20 -29.98 22.18
C VAL L 13 -5.67 -29.69 21.83
N LYS L 14 -6.05 -29.88 20.59
CA LYS L 14 -7.46 -29.73 20.23
C LYS L 14 -8.36 -30.66 21.04
N MET L 15 -8.04 -31.94 21.15
CA MET L 15 -8.92 -32.84 21.91
C MET L 15 -9.17 -32.36 23.33
N LEU L 16 -8.15 -31.71 23.91
CA LEU L 16 -8.19 -31.35 25.30
C LEU L 16 -9.09 -30.13 25.42
N ARG L 17 -8.83 -29.13 24.58
CA ARG L 17 -9.69 -27.94 24.52
C ARG L 17 -11.18 -28.33 24.51
N GLY L 18 -11.50 -29.38 23.80
CA GLY L 18 -12.86 -29.88 23.74
C GLY L 18 -13.30 -30.30 25.11
N VAL L 19 -12.60 -31.29 25.68
CA VAL L 19 -12.82 -31.77 27.05
C VAL L 19 -13.01 -30.59 28.02
N ASN L 20 -12.06 -29.66 28.07
CA ASN L 20 -12.25 -28.53 28.94
C ASN L 20 -13.58 -27.79 28.84
N VAL L 21 -13.99 -27.42 27.63
CA VAL L 21 -15.24 -26.68 27.46
C VAL L 21 -16.38 -27.44 28.15
N LEU L 22 -16.51 -28.74 27.84
CA LEU L 22 -17.52 -29.55 28.49
C LEU L 22 -17.24 -29.63 29.99
N ALA L 23 -16.06 -30.08 30.39
CA ALA L 23 -15.70 -30.13 31.82
C ALA L 23 -15.99 -28.83 32.54
N ASP L 24 -15.43 -27.72 32.06
CA ASP L 24 -15.74 -26.43 32.68
C ASP L 24 -17.22 -26.07 32.83
N ALA L 25 -18.06 -26.44 31.87
CA ALA L 25 -19.46 -26.11 32.00
C ALA L 25 -20.06 -27.04 33.04
N VAL L 26 -19.48 -28.21 33.25
CA VAL L 26 -20.18 -29.13 34.16
C VAL L 26 -19.73 -28.86 35.62
N LYS L 27 -18.43 -28.56 35.75
CA LYS L 27 -17.77 -28.29 36.99
C LYS L 27 -18.45 -27.26 37.85
N VAL L 28 -19.13 -26.27 37.22
CA VAL L 28 -19.58 -25.12 38.01
C VAL L 28 -20.70 -25.51 38.93
N THR L 29 -21.23 -26.72 38.75
CA THR L 29 -22.36 -27.14 39.52
C THR L 29 -22.01 -28.09 40.62
N LEU L 30 -20.74 -28.47 40.74
CA LEU L 30 -20.35 -29.46 41.75
C LEU L 30 -20.41 -28.94 43.18
N GLY L 31 -21.09 -29.69 44.03
CA GLY L 31 -21.07 -29.37 45.46
C GLY L 31 -22.13 -28.44 46.00
N PRO L 32 -22.19 -28.31 47.31
CA PRO L 32 -23.23 -27.47 47.93
C PRO L 32 -23.17 -26.01 47.52
N LYS L 33 -22.00 -25.41 47.29
CA LYS L 33 -21.90 -24.06 46.74
C LYS L 33 -21.76 -24.10 45.19
N GLY L 34 -22.31 -25.16 44.63
CA GLY L 34 -22.48 -25.25 43.19
C GLY L 34 -23.54 -24.25 42.73
N ARG L 35 -23.33 -23.71 41.52
CA ARG L 35 -24.23 -22.78 40.86
C ARG L 35 -24.97 -23.49 39.73
N ASN L 36 -25.89 -22.80 39.07
CA ASN L 36 -26.63 -23.44 38.01
C ASN L 36 -26.12 -23.08 36.63
N VAL L 37 -26.50 -23.90 35.66
CA VAL L 37 -26.25 -23.63 34.26
C VAL L 37 -27.59 -23.46 33.55
N VAL L 38 -27.67 -22.49 32.66
CA VAL L 38 -28.86 -22.29 31.84
C VAL L 38 -28.71 -22.92 30.46
N LEU L 39 -29.67 -23.79 30.12
CA LEU L 39 -29.63 -24.52 28.86
C LEU L 39 -30.76 -24.12 27.90
N ASP L 40 -30.39 -23.39 26.85
CA ASP L 40 -31.34 -23.01 25.83
C ASP L 40 -32.08 -24.17 25.19
N LYS L 41 -33.25 -23.87 24.65
CA LYS L 41 -34.11 -24.86 24.04
C LYS L 41 -35.08 -24.04 23.19
N SER L 42 -34.90 -24.02 21.86
CA SER L 42 -35.83 -23.25 21.01
C SER L 42 -37.27 -23.63 21.41
N PHE L 43 -37.60 -24.91 21.20
CA PHE L 43 -38.75 -25.63 21.78
C PHE L 43 -39.58 -24.86 22.83
N GLY L 44 -39.12 -24.82 24.08
CA GLY L 44 -39.84 -24.14 25.16
C GLY L 44 -39.01 -23.04 25.81
N ALA L 45 -39.25 -22.79 27.09
CA ALA L 45 -38.42 -21.84 27.82
C ALA L 45 -37.10 -22.54 28.08
N PRO L 46 -36.03 -21.79 28.31
CA PRO L 46 -34.80 -22.40 28.79
C PRO L 46 -35.00 -23.19 30.06
N THR L 47 -33.97 -23.94 30.39
CA THR L 47 -33.97 -24.84 31.53
C THR L 47 -32.90 -24.36 32.46
N ILE L 48 -33.21 -24.25 33.75
CA ILE L 48 -32.14 -24.04 34.71
C ILE L 48 -31.85 -25.41 35.33
N THR L 49 -30.58 -25.76 35.49
CA THR L 49 -30.26 -27.08 36.01
C THR L 49 -28.89 -27.15 36.68
N LYS L 50 -28.81 -27.97 37.74
CA LYS L 50 -27.56 -28.26 38.46
C LYS L 50 -26.96 -29.59 38.00
N ASP L 51 -27.80 -30.38 37.31
CA ASP L 51 -27.58 -31.78 37.01
C ASP L 51 -26.56 -32.02 35.91
N GLY L 52 -25.41 -32.51 36.33
CA GLY L 52 -24.22 -32.58 35.47
C GLY L 52 -24.36 -33.22 34.09
N VAL L 53 -25.14 -34.30 34.03
CA VAL L 53 -25.33 -35.02 32.80
C VAL L 53 -26.13 -34.11 31.85
N SER L 54 -27.07 -33.35 32.41
CA SER L 54 -27.92 -32.51 31.61
C SER L 54 -27.15 -31.43 30.88
N VAL L 55 -26.21 -30.79 31.57
CA VAL L 55 -25.32 -29.85 30.91
C VAL L 55 -24.53 -30.58 29.85
N ALA L 56 -23.96 -31.74 30.20
CA ALA L 56 -23.07 -32.50 29.29
C ALA L 56 -23.71 -32.82 27.96
N ARG L 57 -24.84 -33.53 27.99
CA ARG L 57 -25.60 -33.83 26.77
C ARG L 57 -25.89 -32.64 25.82
N GLU L 58 -25.71 -31.40 26.25
CA GLU L 58 -25.94 -30.26 25.36
C GLU L 58 -24.68 -29.72 24.73
N ILE L 59 -23.51 -30.03 25.25
CA ILE L 59 -22.33 -29.47 24.63
C ILE L 59 -22.02 -30.18 23.31
N GLU L 60 -21.87 -29.35 22.28
CA GLU L 60 -21.41 -29.74 20.94
C GLU L 60 -20.61 -28.55 20.45
N LEU L 61 -19.42 -28.76 19.92
CA LEU L 61 -18.61 -27.60 19.58
C LEU L 61 -18.52 -27.39 18.08
N GLU L 62 -17.99 -26.23 17.66
CA GLU L 62 -17.94 -25.97 16.24
C GLU L 62 -16.73 -26.54 15.58
N ASP L 63 -15.55 -26.32 16.19
CA ASP L 63 -14.29 -26.89 15.76
C ASP L 63 -14.39 -28.39 15.89
N LYS L 64 -14.21 -29.09 14.79
CA LYS L 64 -14.69 -30.44 14.67
C LYS L 64 -13.91 -31.39 15.57
N PHE L 65 -12.67 -31.01 15.87
CA PHE L 65 -11.75 -31.81 16.66
C PHE L 65 -12.08 -31.62 18.13
N GLU L 66 -12.18 -30.36 18.56
CA GLU L 66 -12.64 -30.01 19.88
C GLU L 66 -13.92 -30.74 20.10
N ASN L 67 -14.83 -30.73 19.13
CA ASN L 67 -16.06 -31.46 19.30
C ASN L 67 -15.86 -32.88 19.76
N MET L 68 -14.90 -33.54 19.11
CA MET L 68 -14.62 -34.96 19.35
C MET L 68 -14.19 -35.19 20.79
N GLY L 69 -13.28 -34.35 21.28
CA GLY L 69 -12.98 -34.28 22.70
C GLY L 69 -14.25 -34.31 23.54
N ALA L 70 -15.08 -33.26 23.43
CA ALA L 70 -16.28 -33.16 24.21
C ALA L 70 -17.22 -34.34 24.01
N GLN L 71 -17.33 -34.85 22.81
CA GLN L 71 -18.30 -35.90 22.56
C GLN L 71 -17.93 -37.21 23.24
N MET L 72 -16.66 -37.32 23.60
CA MET L 72 -16.13 -38.53 24.22
C MET L 72 -16.28 -38.51 25.76
N VAL L 73 -15.75 -37.48 26.42
CA VAL L 73 -15.97 -37.31 27.85
C VAL L 73 -17.46 -37.28 28.17
N LYS L 74 -18.25 -36.74 27.26
CA LYS L 74 -19.68 -36.72 27.48
C LYS L 74 -20.20 -38.12 27.88
N GLU L 75 -19.43 -39.16 27.58
CA GLU L 75 -19.89 -40.50 27.82
C GLU L 75 -19.70 -40.92 29.28
N VAL L 76 -18.73 -40.34 29.95
CA VAL L 76 -18.55 -40.70 31.34
C VAL L 76 -19.80 -40.22 32.11
N ALA L 77 -20.11 -38.93 31.94
CA ALA L 77 -21.25 -38.31 32.64
C ALA L 77 -22.51 -39.05 32.21
N SER L 78 -22.53 -39.51 30.98
CA SER L 78 -23.70 -40.17 30.53
C SER L 78 -23.86 -41.57 31.17
N LYS L 79 -22.75 -42.29 31.19
CA LYS L 79 -22.72 -43.65 31.74
C LYS L 79 -22.97 -43.70 33.26
N ALA L 80 -22.21 -42.87 33.99
CA ALA L 80 -22.52 -42.62 35.41
C ALA L 80 -24.05 -42.57 35.64
N ASN L 81 -24.70 -41.66 34.93
CA ASN L 81 -26.12 -41.46 35.06
C ASN L 81 -26.94 -42.75 34.90
N ASP L 82 -26.58 -43.60 33.95
CA ASP L 82 -27.44 -44.76 33.61
C ASP L 82 -27.34 -45.87 34.63
N ALA L 83 -26.21 -45.85 35.33
CA ALA L 83 -25.86 -46.90 36.30
C ALA L 83 -26.23 -46.46 37.71
N ALA L 84 -25.53 -45.40 38.14
CA ALA L 84 -25.75 -44.76 39.44
C ALA L 84 -27.08 -44.00 39.56
N GLY L 85 -27.21 -42.89 38.83
CA GLY L 85 -28.32 -41.96 38.95
C GLY L 85 -27.80 -40.63 39.52
N ASP L 86 -26.52 -40.57 39.88
CA ASP L 86 -25.94 -39.37 40.49
C ASP L 86 -24.42 -39.45 40.28
N GLY L 87 -23.68 -38.44 40.73
CA GLY L 87 -22.24 -38.48 40.56
C GLY L 87 -21.69 -38.13 39.20
N THR L 88 -22.59 -37.76 38.27
CA THR L 88 -22.26 -37.44 36.87
C THR L 88 -21.29 -36.26 36.81
N THR L 89 -21.47 -35.27 37.68
CA THR L 89 -20.48 -34.21 37.70
C THR L 89 -19.15 -34.72 38.20
N THR L 90 -19.16 -35.54 39.26
CA THR L 90 -17.91 -36.01 39.88
C THR L 90 -17.18 -36.75 38.77
N ALA L 91 -17.90 -37.76 38.24
CA ALA L 91 -17.39 -38.54 37.12
C ALA L 91 -16.68 -37.57 36.15
N THR L 92 -17.37 -36.52 35.71
CA THR L 92 -16.82 -35.66 34.68
C THR L 92 -15.54 -35.01 35.17
N VAL L 93 -15.53 -34.62 36.42
CA VAL L 93 -14.40 -33.86 36.95
C VAL L 93 -13.13 -34.73 37.11
N LEU L 94 -13.37 -36.02 37.40
CA LEU L 94 -12.29 -36.96 37.53
C LEU L 94 -11.76 -37.17 36.14
N ALA L 95 -12.66 -37.41 35.20
CA ALA L 95 -12.25 -37.68 33.81
C ALA L 95 -11.41 -36.55 33.27
N GLN L 96 -11.79 -35.32 33.55
CA GLN L 96 -11.01 -34.22 33.01
C GLN L 96 -9.63 -34.17 33.63
N ALA L 97 -9.50 -34.80 34.78
CA ALA L 97 -8.32 -34.64 35.62
C ALA L 97 -7.29 -35.68 35.18
N ILE L 98 -7.79 -36.90 35.01
CA ILE L 98 -6.95 -37.95 34.51
C ILE L 98 -6.37 -37.50 33.15
N ILE L 99 -7.25 -37.00 32.25
CA ILE L 99 -6.86 -36.55 30.90
C ILE L 99 -5.78 -35.50 31.00
N THR L 100 -6.01 -34.45 31.79
CA THR L 100 -5.07 -33.36 31.82
C THR L 100 -3.72 -33.89 32.22
N GLU L 101 -3.73 -34.78 33.21
CA GLU L 101 -2.48 -35.23 33.84
C GLU L 101 -1.80 -36.24 32.95
N GLY L 102 -2.60 -37.17 32.45
CA GLY L 102 -2.22 -38.04 31.35
C GLY L 102 -1.46 -37.30 30.25
N LEU L 103 -2.16 -36.47 29.48
CA LEU L 103 -1.53 -35.85 28.33
C LEU L 103 -0.27 -35.12 28.71
N LYS L 104 -0.18 -34.66 29.95
CA LYS L 104 1.04 -33.99 30.36
C LYS L 104 2.20 -34.96 30.39
N ALA L 105 1.89 -36.21 30.79
CA ALA L 105 2.90 -37.26 30.85
C ALA L 105 3.26 -37.71 29.44
N VAL L 106 2.24 -37.84 28.58
CA VAL L 106 2.48 -38.24 27.20
C VAL L 106 3.44 -37.26 26.57
N ALA L 107 3.30 -35.99 26.93
CA ALA L 107 4.17 -34.97 26.41
C ALA L 107 5.57 -35.04 27.03
N ALA L 108 5.72 -35.86 28.07
CA ALA L 108 7.01 -36.05 28.74
C ALA L 108 7.82 -37.16 28.08
N GLY L 109 7.22 -37.81 27.08
CA GLY L 109 7.84 -38.97 26.45
C GLY L 109 7.42 -40.33 26.98
N MET L 110 6.57 -40.37 28.00
CA MET L 110 5.97 -41.61 28.46
C MET L 110 5.16 -42.33 27.39
N ASN L 111 5.05 -43.64 27.53
CA ASN L 111 4.32 -44.49 26.61
C ASN L 111 2.85 -44.57 26.97
N PRO L 112 1.97 -43.98 26.18
CA PRO L 112 0.57 -43.86 26.58
C PRO L 112 -0.05 -45.18 26.97
N MET L 113 0.19 -46.22 26.22
CA MET L 113 -0.49 -47.47 26.49
C MET L 113 -0.14 -48.04 27.87
N ASP L 114 0.99 -47.60 28.44
CA ASP L 114 1.44 -47.99 29.76
C ASP L 114 0.76 -47.11 30.81
N LEU L 115 0.70 -45.80 30.53
CA LEU L 115 0.04 -44.86 31.42
C LEU L 115 -1.34 -45.38 31.62
N LYS L 116 -1.98 -45.81 30.54
CA LYS L 116 -3.27 -46.44 30.66
C LYS L 116 -3.29 -47.66 31.61
N ARG L 117 -2.38 -48.62 31.42
CA ARG L 117 -2.31 -49.81 32.28
C ARG L 117 -2.16 -49.42 33.77
N GLY L 118 -1.43 -48.35 34.03
CA GLY L 118 -1.22 -47.87 35.39
C GLY L 118 -2.53 -47.38 35.96
N ILE L 119 -3.09 -46.32 35.34
CA ILE L 119 -4.42 -45.81 35.64
C ILE L 119 -5.34 -46.97 35.90
N ASP L 120 -5.40 -47.95 34.99
CA ASP L 120 -6.41 -49.00 35.18
C ASP L 120 -6.16 -49.79 36.47
N LYS L 121 -4.90 -50.15 36.71
CA LYS L 121 -4.53 -50.89 37.89
C LYS L 121 -4.85 -50.09 39.14
N ALA L 122 -4.48 -48.79 39.12
CA ALA L 122 -4.78 -47.90 40.26
C ALA L 122 -6.26 -47.93 40.54
N VAL L 123 -7.06 -47.87 39.51
CA VAL L 123 -8.51 -47.93 39.68
C VAL L 123 -9.02 -49.27 40.23
N THR L 124 -8.51 -50.39 39.75
CA THR L 124 -9.02 -51.68 40.19
C THR L 124 -8.83 -51.82 41.69
N ALA L 125 -7.81 -51.11 42.17
CA ALA L 125 -7.38 -51.18 43.56
C ALA L 125 -8.24 -50.23 44.39
N ALA L 126 -8.43 -49.03 43.86
CA ALA L 126 -9.33 -48.06 44.47
C ALA L 126 -10.72 -48.66 44.60
N VAL L 127 -11.19 -49.40 43.61
CA VAL L 127 -12.52 -50.00 43.76
C VAL L 127 -12.60 -50.96 44.91
N GLU L 128 -11.58 -51.84 45.04
CA GLU L 128 -11.45 -52.76 46.15
C GLU L 128 -11.44 -52.01 47.49
N GLU L 129 -10.65 -50.93 47.56
CA GLU L 129 -10.49 -50.18 48.77
C GLU L 129 -11.78 -49.53 49.21
N LEU L 130 -12.51 -48.91 48.28
CA LEU L 130 -13.89 -48.46 48.52
C LEU L 130 -14.84 -49.55 49.00
N LYS L 131 -14.76 -50.78 48.47
CA LYS L 131 -15.64 -51.81 49.03
C LYS L 131 -15.38 -51.96 50.53
N ALA L 132 -14.16 -51.64 50.95
CA ALA L 132 -13.71 -51.92 52.30
C ALA L 132 -14.33 -50.88 53.23
N LEU L 133 -14.06 -49.61 52.90
CA LEU L 133 -14.63 -48.41 53.54
C LEU L 133 -16.14 -48.34 53.60
N SER L 134 -16.80 -48.79 52.56
CA SER L 134 -18.24 -48.77 52.58
C SER L 134 -18.79 -49.48 53.82
N VAL L 135 -19.70 -48.80 54.48
CA VAL L 135 -20.42 -49.44 55.53
C VAL L 135 -21.86 -49.49 55.04
N PRO L 136 -20.51 -50.60 53.38
CA PRO L 136 -21.84 -51.19 53.28
C PRO L 136 -22.96 -50.18 53.40
N CYS L 137 -24.15 -50.63 53.04
CA CYS L 137 -25.34 -49.81 53.09
C CYS L 137 -26.47 -50.78 53.33
N SER L 138 -26.80 -51.01 54.60
CA SER L 138 -27.87 -51.95 54.90
C SER L 138 -29.06 -51.42 55.71
N ASP L 139 -28.81 -50.94 56.93
CA ASP L 139 -29.87 -50.43 57.79
C ASP L 139 -30.63 -49.29 57.12
N SER L 140 -31.91 -49.16 57.48
CA SER L 140 -32.75 -48.12 56.92
C SER L 140 -32.10 -46.76 57.03
N LYS L 141 -31.09 -46.65 57.90
CA LYS L 141 -30.37 -45.39 58.07
C LYS L 141 -29.54 -45.12 56.83
N ALA L 142 -28.57 -46.00 56.60
CA ALA L 142 -27.69 -45.88 55.45
C ALA L 142 -28.50 -45.69 54.18
N ILE L 143 -29.68 -46.33 54.16
CA ILE L 143 -30.58 -46.26 53.01
C ILE L 143 -31.15 -44.86 52.79
N ALA L 144 -31.92 -44.37 53.74
CA ALA L 144 -32.48 -43.03 53.61
C ALA L 144 -31.28 -42.10 53.49
N GLN L 145 -30.16 -42.55 54.06
CA GLN L 145 -28.91 -41.82 54.03
C GLN L 145 -28.63 -41.54 52.55
N VAL L 146 -27.98 -42.50 51.91
CA VAL L 146 -27.65 -42.40 50.49
C VAL L 146 -28.78 -41.81 49.66
N GLY L 147 -30.00 -42.26 49.92
CA GLY L 147 -31.13 -41.77 49.18
C GLY L 147 -31.19 -40.25 49.23
N THR L 148 -31.44 -39.71 50.41
CA THR L 148 -31.52 -38.25 50.59
C THR L 148 -30.35 -37.54 49.91
N ILE L 149 -29.19 -38.19 49.86
CA ILE L 149 -27.99 -37.60 49.25
C ILE L 149 -28.15 -37.53 47.73
N SER L 150 -28.33 -38.69 47.12
CA SER L 150 -28.50 -38.81 45.69
C SER L 150 -29.73 -38.03 45.21
N ALA L 151 -30.60 -37.71 46.15
CA ALA L 151 -31.81 -36.95 45.88
C ALA L 151 -31.44 -35.47 46.01
N ASN L 152 -30.17 -35.23 46.33
CA ASN L 152 -29.67 -33.87 46.50
C ASN L 152 -30.06 -33.25 47.83
N SER L 153 -29.57 -33.82 48.91
CA SER L 153 -29.85 -33.28 50.24
C SER L 153 -31.26 -33.50 50.75
N ASP L 154 -32.24 -33.44 49.84
CA ASP L 154 -33.64 -33.63 50.24
C ASP L 154 -33.84 -34.89 51.07
N GLU L 155 -33.93 -34.70 52.38
CA GLU L 155 -34.12 -35.81 53.30
C GLU L 155 -35.44 -36.54 53.12
N THR L 156 -36.50 -35.78 52.83
CA THR L 156 -37.83 -36.37 52.65
C THR L 156 -37.72 -37.53 51.68
N VAL L 157 -36.86 -37.36 50.68
CA VAL L 157 -36.68 -38.38 49.67
C VAL L 157 -36.06 -39.65 50.23
N GLY L 158 -34.79 -39.58 50.61
CA GLY L 158 -34.12 -40.74 51.16
C GLY L 158 -35.04 -41.46 52.11
N LYS L 159 -35.94 -40.69 52.73
CA LYS L 159 -36.92 -41.21 53.68
C LYS L 159 -37.81 -42.27 53.05
N LEU L 160 -38.76 -41.84 52.22
CA LEU L 160 -39.69 -42.75 51.54
C LEU L 160 -39.03 -43.97 50.97
N ILE L 161 -37.86 -43.76 50.40
CA ILE L 161 -37.11 -44.85 49.82
C ILE L 161 -36.83 -45.91 50.88
N ALA L 162 -36.31 -45.48 52.03
CA ALA L 162 -36.02 -46.40 53.11
C ALA L 162 -37.31 -47.08 53.53
N GLU L 163 -38.37 -46.28 53.68
CA GLU L 163 -39.68 -46.79 54.07
C GLU L 163 -40.10 -47.86 53.09
N ALA L 164 -40.06 -47.49 51.83
CA ALA L 164 -40.43 -48.38 50.76
C ALA L 164 -39.77 -49.74 51.00
N MET L 165 -38.47 -49.81 50.78
CA MET L 165 -37.77 -51.07 50.97
C MET L 165 -38.14 -51.70 52.29
N ASP L 166 -38.38 -50.86 53.28
CA ASP L 166 -38.73 -51.33 54.60
C ASP L 166 -40.11 -52.00 54.55
N LYS L 167 -40.81 -51.81 53.44
CA LYS L 167 -42.15 -52.40 53.24
C LYS L 167 -42.14 -53.71 52.46
N VAL L 168 -41.81 -53.64 51.16
CA VAL L 168 -41.77 -54.83 50.31
C VAL L 168 -40.36 -55.44 50.27
N GLY L 169 -39.46 -54.90 51.11
CA GLY L 169 -38.10 -55.41 51.19
C GLY L 169 -37.11 -54.69 50.32
N LYS L 170 -35.84 -55.04 50.45
CA LYS L 170 -34.80 -54.42 49.64
C LYS L 170 -34.97 -54.84 48.20
N GLU L 171 -35.44 -56.06 48.00
CA GLU L 171 -35.64 -56.59 46.65
C GLU L 171 -37.05 -56.34 46.17
N GLY L 172 -37.89 -55.79 47.04
CA GLY L 172 -39.27 -55.53 46.66
C GLY L 172 -39.32 -54.70 45.40
N VAL L 173 -40.50 -54.55 44.82
CA VAL L 173 -40.63 -53.75 43.60
C VAL L 173 -41.26 -52.42 43.91
N ILE L 174 -40.50 -51.36 43.69
CA ILE L 174 -40.98 -50.01 43.96
C ILE L 174 -41.16 -49.23 42.66
N THR L 175 -42.20 -48.41 42.60
CA THR L 175 -42.46 -47.62 41.42
C THR L 175 -42.76 -46.19 41.78
N VAL L 176 -42.96 -45.37 40.77
CA VAL L 176 -43.24 -43.97 40.99
C VAL L 176 -44.30 -43.46 40.04
N GLU L 177 -45.21 -42.68 40.60
CA GLU L 177 -46.29 -42.11 39.83
C GLU L 177 -46.42 -40.68 40.29
N ASP L 178 -46.91 -39.81 39.41
CA ASP L 178 -47.08 -38.42 39.78
C ASP L 178 -48.09 -38.33 40.92
N GLY L 179 -47.87 -37.40 41.83
CA GLY L 179 -48.77 -37.26 42.95
C GLY L 179 -50.04 -36.53 42.57
N THR L 180 -51.16 -36.96 43.14
CA THR L 180 -52.44 -36.33 42.86
C THR L 180 -52.51 -34.96 43.51
N GLY L 181 -51.98 -34.85 44.73
CA GLY L 181 -51.99 -33.58 45.43
C GLY L 181 -50.61 -33.05 45.78
N LEU L 182 -50.47 -32.50 46.99
CA LEU L 182 -49.19 -31.95 47.45
C LEU L 182 -48.46 -32.93 48.35
N GLN L 183 -49.18 -33.94 48.81
CA GLN L 183 -48.60 -34.94 49.68
C GLN L 183 -48.02 -36.14 48.98
N ASP L 184 -46.94 -36.66 49.55
CA ASP L 184 -46.28 -37.84 49.00
C ASP L 184 -47.14 -38.99 49.49
N GLU L 185 -47.20 -40.08 48.73
CA GLU L 185 -48.01 -41.25 49.11
C GLU L 185 -47.31 -42.57 48.79
N LEU L 186 -47.21 -43.42 49.80
CA LEU L 186 -46.56 -44.72 49.61
C LEU L 186 -47.65 -45.77 49.86
N ASP L 187 -47.93 -46.58 48.84
CA ASP L 187 -48.96 -47.61 48.95
C ASP L 187 -48.49 -48.94 48.38
N VAL L 188 -48.89 -50.02 49.03
CA VAL L 188 -48.53 -51.35 48.57
C VAL L 188 -49.79 -51.94 47.94
N VAL L 189 -49.67 -52.48 46.73
CA VAL L 189 -50.84 -53.04 46.07
C VAL L 189 -50.51 -54.30 45.28
N GLU L 190 -51.53 -55.11 45.00
CA GLU L 190 -51.34 -56.34 44.24
C GLU L 190 -50.74 -55.94 42.89
N GLY L 191 -47.95 -57.17 42.44
CA GLY L 191 -47.26 -56.78 41.23
C GLY L 191 -45.91 -57.46 41.09
N MET L 192 -45.18 -57.11 40.04
CA MET L 192 -43.93 -57.78 39.69
C MET L 192 -43.02 -56.94 38.78
N GLN L 193 -41.72 -57.19 38.84
CA GLN L 193 -40.76 -56.54 37.96
C GLN L 193 -39.72 -57.52 37.42
N PHE L 194 -39.49 -57.48 36.11
CA PHE L 194 -38.51 -58.36 35.49
C PHE L 194 -37.57 -57.63 34.52
N ASP L 195 -36.40 -58.23 34.31
CA ASP L 195 -35.30 -57.59 33.56
C ASP L 195 -35.45 -57.61 32.04
N ARG L 196 -36.45 -56.87 31.54
CA ARG L 196 -36.67 -56.76 30.09
C ARG L 196 -37.05 -55.35 29.69
N GLY L 197 -36.37 -54.83 28.66
CA GLY L 197 -36.62 -53.48 28.18
C GLY L 197 -37.52 -53.47 26.98
N TYR L 198 -37.97 -52.27 26.60
CA TYR L 198 -38.83 -52.11 25.44
C TYR L 198 -38.16 -52.63 24.17
N LEU L 199 -38.96 -53.01 23.20
CA LEU L 199 -38.44 -53.55 21.95
C LEU L 199 -38.19 -52.44 20.91
N SER L 200 -38.45 -51.20 21.31
CA SER L 200 -38.18 -50.01 20.48
C SER L 200 -38.32 -48.71 21.28
N PRO L 201 -37.33 -47.82 21.19
CA PRO L 201 -37.41 -46.50 21.84
C PRO L 201 -38.60 -45.67 21.38
N TYR L 202 -39.35 -46.19 20.41
CA TYR L 202 -40.46 -45.47 19.81
C TYR L 202 -41.78 -45.67 20.56
N PHE L 203 -41.76 -46.47 21.62
CA PHE L 203 -42.94 -46.67 22.46
C PHE L 203 -43.01 -45.64 23.58
N ILE L 204 -41.88 -44.98 23.84
CA ILE L 204 -41.76 -43.97 24.88
C ILE L 204 -42.83 -42.89 24.73
N ASN L 205 -43.67 -42.76 25.76
CA ASN L 205 -44.67 -41.70 25.82
C ASN L 205 -44.28 -40.63 26.84
N LYS L 206 -43.38 -40.97 27.76
CA LYS L 206 -42.81 -40.01 28.70
C LYS L 206 -41.36 -39.73 28.31
N PRO L 207 -41.15 -38.70 27.50
CA PRO L 207 -39.80 -38.38 27.00
C PRO L 207 -38.84 -38.06 28.14
N GLU L 208 -39.38 -37.48 29.22
CA GLU L 208 -38.60 -37.09 30.38
C GLU L 208 -37.87 -38.26 31.03
N THR L 209 -38.64 -39.19 31.61
CA THR L 209 -38.07 -40.39 32.24
C THR L 209 -37.37 -41.29 31.21
N GLY L 210 -37.75 -41.14 29.93
CA GLY L 210 -37.29 -42.03 28.89
C GLY L 210 -37.92 -43.39 29.08
N ALA L 211 -39.20 -43.38 29.44
CA ALA L 211 -39.90 -44.60 29.82
C ALA L 211 -41.26 -44.71 29.13
N VAL L 212 -41.96 -45.82 29.40
CA VAL L 212 -43.28 -46.07 28.84
C VAL L 212 -44.27 -46.31 29.97
N GLU L 213 -45.08 -45.30 30.27
CA GLU L 213 -46.12 -45.41 31.29
C GLU L 213 -47.46 -45.70 30.61
N LEU L 214 -48.15 -46.74 31.06
CA LEU L 214 -49.43 -47.11 30.47
C LEU L 214 -50.54 -47.22 31.50
N GLU L 215 -51.70 -46.65 31.19
CA GLU L 215 -52.81 -46.55 32.12
C GLU L 215 -53.82 -47.70 31.98
N SER L 216 -54.05 -48.40 33.09
CA SER L 216 -54.89 -49.61 33.18
C SER L 216 -55.07 -50.42 31.89
N PRO L 217 -53.95 -50.93 31.35
CA PRO L 217 -53.98 -51.65 30.07
C PRO L 217 -54.21 -53.15 30.19
N PHE L 218 -54.54 -53.77 29.07
CA PHE L 218 -54.65 -55.20 28.96
C PHE L 218 -53.27 -55.79 28.70
N ILE L 219 -53.06 -57.04 29.10
CA ILE L 219 -51.79 -57.71 28.88
C ILE L 219 -51.96 -58.98 28.05
N LEU L 220 -51.21 -59.04 26.95
CA LEU L 220 -51.19 -60.19 26.06
C LEU L 220 -50.01 -61.09 26.38
N LEU L 221 -50.28 -62.37 26.60
CA LEU L 221 -49.22 -63.30 26.98
C LEU L 221 -49.04 -64.44 25.99
N ALA L 222 -48.11 -64.23 25.06
CA ALA L 222 -47.88 -65.18 23.96
C ALA L 222 -46.62 -66.01 24.15
N ASP L 223 -46.72 -67.29 23.80
CA ASP L 223 -45.63 -68.24 23.97
C ASP L 223 -44.67 -68.27 22.78
N LYS L 224 -45.13 -67.83 21.61
CA LYS L 224 -44.33 -67.90 20.38
C LYS L 224 -43.67 -66.57 20.01
N LYS L 225 -42.82 -66.61 18.99
CA LYS L 225 -42.26 -65.39 18.40
C LYS L 225 -43.33 -64.72 17.56
N ILE L 226 -43.35 -63.40 17.54
CA ILE L 226 -44.35 -62.66 16.78
C ILE L 226 -43.72 -61.94 15.59
N SER L 227 -43.83 -62.56 14.42
CA SER L 227 -43.28 -61.98 13.19
C SER L 227 -44.38 -61.33 12.36
N ASN L 228 -45.41 -62.10 12.05
CA ASN L 228 -46.53 -61.61 11.26
C ASN L 228 -47.52 -60.81 12.10
N ILE L 229 -48.23 -59.88 11.45
CA ILE L 229 -49.15 -58.98 12.13
C ILE L 229 -50.62 -59.38 11.94
N ARG L 230 -50.85 -60.45 11.17
CA ARG L 230 -52.20 -60.90 10.84
C ARG L 230 -52.96 -61.50 12.02
N GLU L 231 -52.25 -62.24 12.87
CA GLU L 231 -52.85 -62.86 14.05
C GLU L 231 -53.11 -61.83 15.16
N MET L 232 -52.76 -60.58 14.89
CA MET L 232 -52.94 -59.48 15.85
C MET L 232 -54.31 -58.84 15.78
N LEU L 233 -54.87 -58.72 14.57
CA LEU L 233 -56.11 -57.97 14.32
C LEU L 233 -57.36 -58.39 15.12
N PRO L 234 -57.59 -59.68 15.38
CA PRO L 234 -58.72 -60.10 16.21
C PRO L 234 -58.70 -59.51 17.63
N VAL L 235 -57.52 -59.45 18.24
CA VAL L 235 -57.38 -58.86 19.58
C VAL L 235 -57.08 -57.37 19.56
N LEU L 236 -56.22 -56.94 18.64
CA LEU L 236 -55.78 -55.55 18.53
C LEU L 236 -56.90 -54.59 18.09
N GLU L 237 -57.98 -55.16 17.56
CA GLU L 237 -59.18 -54.39 17.18
C GLU L 237 -60.25 -54.41 18.28
N ALA L 238 -60.19 -55.43 19.14
CA ALA L 238 -61.08 -55.51 20.30
C ALA L 238 -60.63 -54.57 21.42
N VAL L 239 -59.31 -54.32 21.49
CA VAL L 239 -58.73 -53.38 22.45
C VAL L 239 -58.60 -51.97 21.86
N ALA L 240 -58.87 -51.83 20.58
CA ALA L 240 -59.00 -50.54 19.94
C ALA L 240 -60.33 -49.90 20.36
N LYS L 241 -61.39 -50.71 20.37
CA LYS L 241 -62.73 -50.27 20.72
C LYS L 241 -63.01 -50.36 22.22
N ALA L 242 -62.00 -50.74 22.98
CA ALA L 242 -62.08 -50.74 24.44
C ALA L 242 -61.40 -49.49 25.00
N GLY L 243 -60.84 -48.68 24.11
CA GLY L 243 -60.23 -47.40 24.47
C GLY L 243 -58.87 -47.48 25.15
N LYS L 244 -58.57 -48.62 25.76
CA LYS L 244 -57.38 -48.78 26.59
C LYS L 244 -56.14 -49.23 25.79
N PRO L 245 -54.94 -48.98 26.32
CA PRO L 245 -53.70 -49.47 25.71
C PRO L 245 -53.52 -50.97 25.93
N LEU L 246 -52.42 -51.52 25.41
CA LEU L 246 -52.17 -52.96 25.44
C LEU L 246 -50.68 -53.29 25.49
N LEU L 247 -50.32 -54.19 26.40
CA LEU L 247 -48.94 -54.63 26.58
C LEU L 247 -48.74 -56.03 26.00
N ILE L 248 -47.63 -56.22 25.29
CA ILE L 248 -47.34 -57.52 24.68
C ILE L 248 -46.09 -58.16 25.27
N ILE L 249 -46.29 -59.31 25.90
CA ILE L 249 -45.17 -60.15 26.33
C ILE L 249 -45.18 -61.45 25.54
N ALA L 250 -44.13 -61.66 24.74
CA ALA L 250 -43.95 -62.86 23.94
C ALA L 250 -42.48 -63.25 23.87
N GLU L 251 -42.20 -64.40 23.28
CA GLU L 251 -40.82 -64.85 23.08
C GLU L 251 -40.01 -63.73 22.44
N ASP L 252 -40.59 -63.08 21.43
CA ASP L 252 -40.03 -61.88 20.80
C ASP L 252 -41.10 -61.21 19.94
N VAL L 253 -40.75 -60.08 19.34
CA VAL L 253 -41.56 -59.46 18.30
C VAL L 253 -40.63 -59.03 17.16
N GLU L 254 -40.76 -59.70 16.01
CA GLU L 254 -39.87 -59.54 14.86
C GLU L 254 -40.24 -58.34 14.00
N GLY L 255 -39.22 -57.76 13.34
CA GLY L 255 -39.35 -56.56 12.53
C GLY L 255 -40.68 -56.35 11.84
N GLU L 256 -41.23 -57.40 11.26
CA GLU L 256 -42.48 -57.34 10.49
C GLU L 256 -43.69 -56.84 11.27
N ALA L 257 -43.93 -57.44 12.44
CA ALA L 257 -45.03 -57.00 13.29
C ALA L 257 -44.62 -55.82 14.17
N LEU L 258 -43.33 -55.76 14.48
CA LEU L 258 -42.76 -54.68 15.31
C LEU L 258 -42.88 -53.33 14.61
N ALA L 259 -42.30 -53.22 13.41
CA ALA L 259 -42.28 -51.96 12.66
C ALA L 259 -43.68 -51.45 12.33
N THR L 260 -44.65 -52.35 12.21
CA THR L 260 -46.05 -51.95 12.01
C THR L 260 -46.63 -51.40 13.30
N LEU L 261 -46.31 -52.02 14.44
CA LEU L 261 -46.75 -51.55 15.74
C LEU L 261 -46.08 -50.25 16.14
N VAL L 262 -44.80 -50.11 15.77
CA VAL L 262 -44.01 -48.91 16.08
C VAL L 262 -44.65 -47.64 15.50
N VAL L 263 -44.94 -47.65 14.20
CA VAL L 263 -45.59 -46.51 13.55
C VAL L 263 -47.10 -46.46 13.88
N ASN L 264 -47.62 -47.57 14.41
CA ASN L 264 -49.03 -47.65 14.81
C ASN L 264 -49.35 -46.96 16.14
N THR L 265 -48.32 -46.61 16.92
CA THR L 265 -48.54 -45.90 18.18
C THR L 265 -48.29 -44.39 18.03
N MET L 266 -47.04 -44.04 17.72
CA MET L 266 -46.69 -42.66 17.41
C MET L 266 -47.23 -42.33 16.02
N ARG L 267 -48.19 -41.40 15.98
CA ARG L 267 -48.93 -41.06 14.76
C ARG L 267 -50.12 -42.01 14.51
N GLY L 268 -50.33 -42.99 15.39
CA GLY L 268 -51.28 -44.04 15.11
C GLY L 268 -52.44 -44.21 16.06
N ILE L 269 -53.33 -45.15 15.72
CA ILE L 269 -54.58 -45.40 16.46
C ILE L 269 -54.31 -45.92 17.89
N VAL L 270 -54.15 -47.23 18.04
CA VAL L 270 -53.97 -47.84 19.37
C VAL L 270 -52.52 -47.73 19.86
N LYS L 271 -52.35 -47.14 21.05
CA LYS L 271 -51.02 -46.97 21.65
C LYS L 271 -50.63 -48.20 22.46
N VAL L 272 -49.67 -48.97 21.92
CA VAL L 272 -49.23 -50.25 22.51
C VAL L 272 -47.71 -50.33 22.64
N ALA L 273 -47.23 -51.28 23.44
CA ALA L 273 -45.80 -51.56 23.60
C ALA L 273 -45.57 -53.05 23.80
N ALA L 274 -44.34 -53.50 23.53
CA ALA L 274 -44.01 -54.92 23.63
C ALA L 274 -42.63 -55.18 24.21
N VAL L 275 -42.52 -56.25 25.00
CA VAL L 275 -41.26 -56.65 25.64
C VAL L 275 -41.09 -58.16 25.60
N LYS L 276 -39.85 -58.62 25.52
CA LYS L 276 -39.54 -60.06 25.55
C LYS L 276 -39.94 -60.66 26.90
N ALA L 277 -40.45 -61.90 26.88
CA ALA L 277 -40.78 -62.60 28.13
C ALA L 277 -39.49 -62.89 28.91
N PRO L 278 -39.56 -62.86 30.24
CA PRO L 278 -38.37 -63.01 31.08
C PRO L 278 -37.77 -64.40 31.00
N GLY L 279 -36.45 -64.51 31.23
CA GLY L 279 -35.74 -65.78 31.21
C GLY L 279 -35.60 -66.40 29.83
N PHE L 280 -35.27 -67.69 29.80
CA PHE L 280 -35.14 -68.44 28.55
C PHE L 280 -35.43 -69.92 28.75
N GLY L 281 -35.87 -70.58 27.69
CA GLY L 281 -36.09 -72.02 27.70
C GLY L 281 -37.24 -72.50 28.58
N ASP L 282 -36.90 -73.32 29.57
CA ASP L 282 -37.90 -73.91 30.48
C ASP L 282 -38.37 -72.95 31.56
N ARG L 283 -37.56 -71.95 31.88
CA ARG L 283 -37.93 -70.92 32.85
C ARG L 283 -39.09 -70.08 32.33
N ARG L 284 -38.93 -69.47 31.16
CA ARG L 284 -39.94 -68.56 30.61
C ARG L 284 -41.31 -69.23 30.39
N LYS L 285 -41.32 -70.56 30.29
CA LYS L 285 -42.57 -71.33 30.23
C LYS L 285 -43.42 -71.09 31.48
N ALA L 286 -42.82 -71.35 32.64
CA ALA L 286 -43.51 -71.17 33.92
C ALA L 286 -43.45 -69.72 34.41
N MET L 287 -42.39 -69.01 34.04
CA MET L 287 -42.20 -67.61 34.43
C MET L 287 -43.25 -66.71 33.79
N LEU L 288 -43.70 -67.08 32.59
CA LEU L 288 -44.76 -66.36 31.89
C LEU L 288 -46.13 -66.68 32.47
N GLN L 289 -46.30 -67.91 32.94
CA GLN L 289 -47.53 -68.31 33.63
C GLN L 289 -47.70 -67.54 34.94
N ASP L 290 -46.58 -67.27 35.61
CA ASP L 290 -46.55 -66.46 36.81
C ASP L 290 -47.25 -65.13 36.56
N ILE L 291 -46.86 -64.45 35.49
CA ILE L 291 -47.49 -63.19 35.10
C ILE L 291 -48.98 -63.39 34.79
N ALA L 292 -49.29 -64.45 34.07
CA ALA L 292 -50.68 -64.77 33.75
C ALA L 292 -51.54 -64.84 35.00
N THR L 293 -51.04 -65.54 36.01
CA THR L 293 -51.72 -65.70 37.29
C THR L 293 -51.96 -64.36 37.96
N LEU L 294 -50.91 -63.55 37.99
CA LEU L 294 -50.94 -62.25 38.66
C LEU L 294 -51.93 -61.28 38.00
N THR L 295 -51.97 -61.31 36.68
CA THR L 295 -52.79 -60.37 35.90
C THR L 295 -54.17 -60.90 35.58
N GLY L 296 -54.39 -62.18 35.87
CA GLY L 296 -55.66 -62.84 35.59
C GLY L 296 -55.89 -63.01 34.11
N GLY L 297 -54.85 -63.48 33.42
CA GLY L 297 -54.91 -63.69 31.99
C GLY L 297 -54.62 -65.14 31.63
N THR L 298 -54.62 -65.44 30.33
CA THR L 298 -54.31 -66.77 29.84
C THR L 298 -53.06 -66.74 28.97
N VAL L 299 -52.26 -67.79 29.07
CA VAL L 299 -51.08 -67.96 28.22
C VAL L 299 -51.47 -68.65 26.91
N ILE L 300 -51.15 -68.00 25.79
CA ILE L 300 -51.42 -68.58 24.48
C ILE L 300 -50.26 -69.50 24.12
N SER L 301 -50.43 -70.77 24.44
CA SER L 301 -49.39 -71.78 24.21
C SER L 301 -49.54 -72.43 22.85
N GLU L 302 -48.44 -72.93 22.31
CA GLU L 302 -48.45 -73.65 21.05
C GLU L 302 -48.76 -75.12 21.25
N GLU L 303 -48.31 -75.66 22.38
CA GLU L 303 -48.45 -77.09 22.70
C GLU L 303 -49.88 -77.47 23.09
N ILE L 304 -50.76 -76.47 23.16
CA ILE L 304 -52.19 -76.71 23.38
C ILE L 304 -52.97 -76.44 22.08
N GLY L 305 -52.33 -75.75 21.14
CA GLY L 305 -52.94 -75.46 19.84
C GLY L 305 -53.47 -74.04 19.71
N MET L 306 -53.76 -73.42 20.85
CA MET L 306 -54.26 -72.04 20.91
C MET L 306 -53.40 -71.13 20.02
N GLU L 307 -54.07 -70.37 19.15
CA GLU L 307 -53.39 -69.36 18.34
C GLU L 307 -53.91 -67.98 18.69
N LEU L 308 -53.16 -66.97 18.28
CA LEU L 308 -53.50 -65.58 18.59
C LEU L 308 -54.80 -65.13 17.96
N GLU L 309 -55.14 -65.70 16.81
CA GLU L 309 -56.38 -65.41 16.10
C GLU L 309 -57.60 -65.83 16.92
N LYS L 310 -57.45 -66.93 17.66
CA LYS L 310 -58.53 -67.44 18.51
C LYS L 310 -58.37 -66.98 19.96
N ALA L 311 -58.34 -65.66 20.16
CA ALA L 311 -58.19 -65.05 21.48
C ALA L 311 -59.06 -63.80 21.63
N THR L 312 -59.65 -63.62 22.80
CA THR L 312 -60.53 -62.48 23.09
C THR L 312 -59.95 -61.59 24.19
N LEU L 313 -60.69 -60.54 24.53
CA LEU L 313 -60.37 -59.66 25.64
C LEU L 313 -60.33 -60.46 26.94
N GLU L 314 -61.31 -61.35 27.11
CA GLU L 314 -61.40 -62.21 28.29
C GLU L 314 -60.12 -63.00 28.61
N ASP L 315 -59.38 -63.37 27.57
CA ASP L 315 -58.15 -64.16 27.72
C ASP L 315 -56.98 -63.31 28.23
N LEU L 316 -57.10 -61.99 28.11
CA LEU L 316 -56.02 -61.08 28.46
C LEU L 316 -56.02 -60.74 29.95
N GLY L 317 -54.85 -60.33 30.44
CA GLY L 317 -54.68 -59.91 31.82
C GLY L 317 -54.82 -58.40 31.94
N GLN L 318 -54.81 -57.90 33.18
CA GLN L 318 -55.01 -56.49 33.42
C GLN L 318 -54.27 -56.00 34.66
N ALA L 319 -53.79 -54.76 34.58
CA ALA L 319 -53.18 -54.08 35.73
C ALA L 319 -53.62 -52.61 35.73
N LYS L 320 -53.50 -51.94 36.87
CA LYS L 320 -53.86 -50.52 36.97
C LYS L 320 -52.79 -49.60 36.36
N ARG L 321 -51.54 -50.09 36.27
CA ARG L 321 -50.44 -49.34 35.67
C ARG L 321 -49.28 -50.24 35.28
N VAL L 322 -48.39 -49.74 34.43
CA VAL L 322 -47.16 -50.46 34.06
C VAL L 322 -46.11 -49.53 33.45
N VAL L 323 -44.87 -49.63 33.91
CA VAL L 323 -43.77 -48.83 33.36
C VAL L 323 -42.62 -49.66 32.78
N ILE L 324 -42.26 -49.36 31.54
CA ILE L 324 -41.16 -50.03 30.85
C ILE L 324 -40.07 -49.03 30.55
N ASN L 325 -38.83 -49.40 30.76
CA ASN L 325 -37.71 -48.56 30.34
C ASN L 325 -36.66 -49.36 29.58
N LYS L 326 -35.49 -48.75 29.40
CA LYS L 326 -34.38 -49.34 28.62
C LYS L 326 -34.21 -50.84 28.81
N ASP L 327 -34.33 -51.32 30.05
CA ASP L 327 -34.09 -52.74 30.38
C ASP L 327 -34.95 -53.32 31.49
N THR L 328 -35.96 -52.57 31.93
CA THR L 328 -36.81 -52.98 33.05
C THR L 328 -38.28 -52.85 32.70
N THR L 329 -39.04 -53.90 33.00
CA THR L 329 -40.49 -53.84 32.94
C THR L 329 -41.03 -54.12 34.32
N THR L 330 -41.99 -53.32 34.76
CA THR L 330 -42.62 -53.52 36.06
C THR L 330 -44.14 -53.26 35.96
N ILE L 331 -44.94 -54.25 36.37
CA ILE L 331 -46.40 -54.12 36.34
C ILE L 331 -46.98 -53.89 37.73
N ILE L 332 -48.05 -53.10 37.81
CA ILE L 332 -48.57 -52.67 39.09
C ILE L 332 -50.07 -52.94 39.26
N ASP L 333 -50.43 -53.63 40.34
CA ASP L 333 -51.82 -53.93 40.69
C ASP L 333 -52.50 -54.83 39.66
N GLY L 334 -52.22 -56.13 39.75
CA GLY L 334 -52.83 -57.12 38.86
C GLY L 334 -54.23 -57.51 39.29
N VAL L 335 -55.11 -57.69 38.32
CA VAL L 335 -56.52 -58.03 38.58
C VAL L 335 -56.67 -59.49 39.00
N GLY L 336 -55.56 -60.23 38.99
CA GLY L 336 -55.55 -61.63 39.35
C GLY L 336 -56.13 -61.88 40.72
N GLU L 337 -56.96 -62.92 40.82
CA GLU L 337 -57.62 -63.31 42.06
C GLU L 337 -56.63 -63.57 43.19
N GLU L 338 -57.04 -63.25 44.42
CA GLU L 338 -56.22 -63.57 45.59
C GLU L 338 -56.12 -65.08 45.78
N ALA L 339 -57.18 -65.80 45.41
CA ALA L 339 -57.20 -67.26 45.42
C ALA L 339 -56.21 -67.85 44.42
N ALA L 340 -56.25 -67.34 43.19
CA ALA L 340 -55.39 -67.83 42.10
C ALA L 340 -53.89 -67.61 42.35
N ILE L 341 -53.53 -66.45 42.88
CA ILE L 341 -52.13 -66.13 43.19
C ILE L 341 -51.63 -66.95 44.39
N GLN L 342 -52.45 -67.04 45.43
CA GLN L 342 -52.09 -67.83 46.62
C GLN L 342 -51.96 -69.31 46.28
N GLY L 343 -52.79 -69.76 45.34
CA GLY L 343 -52.72 -71.13 44.85
C GLY L 343 -51.42 -71.45 44.13
N ARG L 344 -50.96 -70.51 43.32
CA ARG L 344 -49.69 -70.63 42.59
C ARG L 344 -48.49 -70.47 43.52
N VAL L 345 -48.67 -69.74 44.62
CA VAL L 345 -47.63 -69.61 45.64
C VAL L 345 -47.38 -70.97 46.30
N ALA L 346 -48.46 -71.60 46.76
CA ALA L 346 -48.40 -72.93 47.38
C ALA L 346 -47.86 -73.99 46.43
N GLN L 347 -48.10 -73.79 45.13
CA GLN L 347 -47.60 -74.68 44.08
C GLN L 347 -46.07 -74.66 43.97
N ILE L 348 -45.49 -73.46 44.01
CA ILE L 348 -44.04 -73.31 43.93
C ILE L 348 -43.37 -73.59 45.27
N ARG L 349 -44.01 -73.15 46.36
CA ARG L 349 -43.50 -73.37 47.71
C ARG L 349 -43.22 -74.86 47.90
N GLN L 350 -44.16 -75.67 47.43
CA GLN L 350 -44.00 -77.11 47.36
C GLN L 350 -42.74 -77.48 46.58
N GLN L 351 -42.69 -77.09 45.30
CA GLN L 351 -41.58 -77.41 44.39
C GLN L 351 -40.17 -77.10 44.93
N ARG L 361 -33.41 -74.71 43.62
CA ARG L 361 -34.05 -74.21 44.83
C ARG L 361 -33.96 -72.69 44.92
N GLU L 362 -32.92 -72.11 44.32
CA GLU L 362 -32.72 -70.68 44.30
C GLU L 362 -33.54 -70.02 43.19
N LYS L 363 -33.62 -70.68 42.03
CA LYS L 363 -34.33 -70.15 40.87
C LYS L 363 -35.84 -70.15 41.05
N LEU L 364 -36.34 -71.14 41.79
CA LEU L 364 -37.76 -71.18 42.15
C LEU L 364 -38.04 -70.16 43.27
N GLN L 365 -37.02 -69.93 44.10
CA GLN L 365 -37.09 -68.95 45.19
C GLN L 365 -37.26 -67.53 44.66
N GLU L 366 -36.63 -67.25 43.53
CA GLU L 366 -36.73 -65.93 42.89
C GLU L 366 -38.12 -65.66 42.35
N ARG L 367 -38.78 -66.72 41.87
CA ARG L 367 -40.14 -66.61 41.30
C ARG L 367 -41.16 -66.38 42.40
N VAL L 368 -40.90 -66.96 43.57
CA VAL L 368 -41.76 -66.75 44.74
C VAL L 368 -41.67 -65.29 45.18
N ALA L 369 -40.44 -64.82 45.35
CA ALA L 369 -40.18 -63.44 45.76
C ALA L 369 -40.88 -62.43 44.85
N LYS L 370 -40.73 -62.60 43.54
CA LYS L 370 -41.38 -61.71 42.58
C LYS L 370 -42.91 -61.70 42.76
N LEU L 371 -43.49 -62.88 42.90
CA LEU L 371 -44.94 -63.05 42.91
C LEU L 371 -45.60 -62.67 44.23
N ALA L 372 -45.17 -63.30 45.31
CA ALA L 372 -45.77 -63.07 46.62
C ALA L 372 -45.26 -61.80 47.28
N GLY L 373 -46.22 -61.11 46.89
CA GLY L 373 -45.26 -60.11 47.32
C GLY L 373 -45.72 -58.68 47.08
N GLY L 374 -46.44 -58.47 45.98
CA GLY L 374 -46.94 -57.15 45.67
C GLY L 374 -45.92 -56.13 45.24
N VAL L 375 -46.41 -54.98 44.78
CA VAL L 375 -45.56 -53.91 44.31
C VAL L 375 -45.88 -52.62 45.03
N ALA L 376 -44.84 -52.01 45.60
CA ALA L 376 -44.99 -50.77 46.33
C ALA L 376 -44.94 -49.59 45.36
N VAL L 377 -45.80 -48.60 45.59
CA VAL L 377 -45.87 -47.42 44.73
C VAL L 377 -45.64 -46.13 45.50
N ILE L 378 -45.17 -45.12 44.78
CA ILE L 378 -44.91 -43.81 45.37
C ILE L 378 -45.47 -42.70 44.51
N LYS L 379 -46.13 -41.74 45.17
CA LYS L 379 -46.70 -40.62 44.45
C LYS L 379 -45.97 -39.37 44.94
N VAL L 380 -45.14 -38.82 44.07
CA VAL L 380 -44.38 -37.62 44.39
C VAL L 380 -45.28 -36.41 44.53
N GLY L 381 -45.43 -35.94 45.77
CA GLY L 381 -46.25 -34.78 46.02
C GLY L 381 -45.48 -33.51 45.75
N ALA L 382 -46.20 -32.45 45.40
CA ALA L 382 -45.55 -31.19 45.11
C ALA L 382 -46.57 -30.08 44.96
N ALA L 383 -46.10 -28.85 45.05
CA ALA L 383 -46.96 -27.70 44.93
C ALA L 383 -47.26 -27.45 43.47
N THR L 384 -46.20 -27.27 42.69
CA THR L 384 -46.34 -27.02 41.27
C THR L 384 -46.15 -28.29 40.46
N GLU L 385 -46.76 -28.29 39.28
CA GLU L 385 -46.69 -29.41 38.36
C GLU L 385 -45.26 -29.56 37.87
N VAL L 386 -44.54 -28.45 37.86
CA VAL L 386 -43.14 -28.42 37.45
C VAL L 386 -42.36 -29.21 38.49
N GLU L 387 -42.20 -28.59 39.65
CA GLU L 387 -41.52 -29.21 40.78
C GLU L 387 -41.98 -30.67 40.85
N MET L 388 -43.29 -30.83 40.88
CA MET L 388 -43.92 -32.15 40.96
C MET L 388 -43.15 -33.11 40.08
N LYS L 389 -43.43 -33.08 38.78
CA LYS L 389 -42.75 -33.97 37.86
C LYS L 389 -41.24 -33.86 37.98
N GLU L 390 -40.74 -32.69 38.40
CA GLU L 390 -39.30 -32.51 38.53
C GLU L 390 -38.84 -33.41 39.68
N LYS L 391 -39.43 -33.20 40.86
CA LYS L 391 -39.10 -33.98 42.05
C LYS L 391 -39.20 -35.45 41.72
N LYS L 392 -40.31 -35.83 41.10
CA LYS L 392 -40.54 -37.21 40.71
C LYS L 392 -39.28 -37.77 40.08
N ALA L 393 -38.66 -36.97 39.22
CA ALA L 393 -37.44 -37.37 38.54
C ALA L 393 -36.35 -37.75 39.54
N ARG L 394 -35.88 -36.76 40.29
CA ARG L 394 -34.82 -36.98 41.28
C ARG L 394 -35.05 -38.25 42.09
N VAL L 395 -36.31 -38.54 42.36
CA VAL L 395 -36.70 -39.72 43.13
C VAL L 395 -36.18 -40.98 42.44
N GLU L 396 -36.72 -41.25 41.26
CA GLU L 396 -36.35 -42.40 40.47
C GLU L 396 -34.84 -42.51 40.46
N ASP L 397 -34.17 -41.37 40.35
CA ASP L 397 -32.72 -41.36 40.35
C ASP L 397 -32.26 -42.06 41.60
N ALA L 398 -32.38 -41.35 42.71
CA ALA L 398 -31.98 -41.84 44.02
C ALA L 398 -32.29 -43.32 44.18
N LEU L 399 -33.55 -43.66 43.99
CA LEU L 399 -33.97 -45.03 44.09
C LEU L 399 -32.87 -45.91 43.46
N HIS L 400 -32.51 -45.60 42.22
CA HIS L 400 -31.44 -46.34 41.54
C HIS L 400 -30.28 -46.57 42.46
N ALA L 401 -29.41 -45.56 42.53
CA ALA L 401 -28.22 -45.59 43.37
C ALA L 401 -28.43 -46.44 44.60
N THR L 402 -29.58 -46.24 45.25
CA THR L 402 -29.90 -46.98 46.45
C THR L 402 -29.91 -48.47 46.22
N ARG L 403 -30.69 -48.90 45.26
CA ARG L 403 -30.70 -50.31 44.96
C ARG L 403 -29.26 -50.78 44.80
N ALA L 404 -28.52 -50.04 43.99
CA ALA L 404 -27.11 -50.33 43.75
C ALA L 404 -26.31 -50.23 45.04
N ALA L 405 -26.51 -49.14 45.77
CA ALA L 405 -25.82 -48.94 47.03
C ALA L 405 -26.02 -50.16 47.91
N VAL L 406 -27.24 -50.65 47.95
CA VAL L 406 -27.59 -51.82 48.75
C VAL L 406 -26.84 -53.06 48.29
N GLU L 407 -26.91 -53.31 46.99
CA GLU L 407 -26.24 -54.45 46.42
C GLU L 407 -24.75 -54.45 46.70
N GLU L 408 -24.08 -53.31 46.54
CA GLU L 408 -22.62 -53.29 46.74
C GLU L 408 -22.02 -52.20 47.61
N GLY L 409 -24.11 -49.54 50.11
CA GLY L 409 -23.54 -48.83 51.23
C GLY L 409 -23.11 -47.41 50.96
N VAL L 410 -22.55 -46.75 51.98
CA VAL L 410 -22.13 -45.34 51.92
C VAL L 410 -20.68 -45.14 52.33
N VAL L 411 -20.15 -43.99 51.97
CA VAL L 411 -18.78 -43.62 52.31
C VAL L 411 -18.74 -42.13 52.58
N ALA L 412 -17.67 -41.64 53.17
CA ALA L 412 -17.56 -40.23 53.55
C ALA L 412 -17.67 -39.43 52.29
N GLY L 413 -18.61 -38.48 52.26
CA GLY L 413 -18.74 -37.51 51.18
C GLY L 413 -17.68 -36.40 51.10
N GLY L 414 -17.94 -35.34 50.34
CA GLY L 414 -16.99 -34.25 50.23
C GLY L 414 -15.79 -34.72 49.44
N GLY L 415 -15.98 -35.87 48.78
CA GLY L 415 -14.90 -36.57 48.12
C GLY L 415 -13.75 -36.97 49.05
N VAL L 416 -14.01 -37.21 50.34
CA VAL L 416 -12.92 -37.62 51.20
C VAL L 416 -12.60 -39.08 50.96
N ALA L 417 -13.65 -39.90 50.79
CA ALA L 417 -13.45 -41.31 50.45
C ALA L 417 -12.33 -41.42 49.43
N LEU L 418 -12.48 -40.73 48.29
CA LEU L 418 -11.45 -40.80 47.25
C LEU L 418 -10.07 -40.41 47.75
N ILE L 419 -9.97 -39.30 48.48
CA ILE L 419 -8.68 -38.85 49.02
C ILE L 419 -8.00 -39.90 49.94
N ARG L 420 -8.88 -40.67 50.59
CA ARG L 420 -8.49 -41.68 51.56
C ARG L 420 -7.93 -42.85 50.81
N VAL L 421 -8.61 -43.28 49.74
CA VAL L 421 -8.05 -44.39 48.98
C VAL L 421 -6.75 -44.00 48.28
N ALA L 422 -6.63 -42.76 47.84
CA ALA L 422 -5.33 -42.31 47.30
C ALA L 422 -4.09 -42.47 48.24
N SER L 423 -4.29 -42.33 49.55
CA SER L 423 -3.14 -42.53 50.43
C SER L 423 -2.94 -44.01 50.71
N LYS L 424 -4.02 -44.79 50.73
CA LYS L 424 -3.85 -46.22 50.85
C LYS L 424 -3.04 -46.81 49.69
N LEU L 425 -3.15 -46.20 48.50
CA LEU L 425 -2.48 -46.76 47.34
C LEU L 425 -1.15 -46.06 47.06
N ALA L 426 -0.66 -45.33 48.07
CA ALA L 426 0.60 -44.60 47.93
C ALA L 426 1.74 -45.53 47.56
N ASP L 427 1.58 -46.82 47.87
CA ASP L 427 2.64 -47.78 47.61
C ASP L 427 2.41 -48.75 46.46
N LEU L 428 1.38 -48.47 45.66
CA LEU L 428 1.08 -49.24 44.46
C LEU L 428 2.09 -49.00 43.34
N ARG L 429 2.60 -50.08 42.76
CA ARG L 429 3.50 -49.95 41.62
C ARG L 429 3.09 -50.84 40.44
N GLY L 430 3.65 -50.58 39.26
CA GLY L 430 3.33 -51.35 38.08
C GLY L 430 4.49 -52.19 37.58
N GLN L 431 4.42 -52.59 36.31
CA GLN L 431 5.42 -53.43 35.70
C GLN L 431 6.62 -52.61 35.26
N ASN L 432 6.50 -51.29 35.18
CA ASN L 432 7.64 -50.47 34.76
C ASN L 432 7.41 -49.02 35.12
N GLU L 433 8.37 -48.14 34.87
CA GLU L 433 8.23 -46.76 35.30
C GLU L 433 7.03 -46.02 34.67
N ASP L 434 6.76 -46.22 33.39
CA ASP L 434 5.63 -45.56 32.75
C ASP L 434 4.35 -45.97 33.45
N GLN L 435 4.20 -47.25 33.77
CA GLN L 435 3.01 -47.72 34.49
C GLN L 435 2.88 -47.02 35.86
N ASN L 436 4.02 -46.69 36.46
CA ASN L 436 4.06 -46.02 37.74
C ASN L 436 3.49 -44.61 37.65
N VAL L 437 3.99 -43.84 36.69
CA VAL L 437 3.45 -42.50 36.46
C VAL L 437 1.95 -42.60 36.20
N GLY L 438 1.54 -43.68 35.58
CA GLY L 438 0.16 -43.89 35.25
C GLY L 438 -0.64 -44.08 36.50
N ILE L 439 -0.07 -44.74 37.50
CA ILE L 439 -0.73 -44.85 38.80
C ILE L 439 -0.81 -43.49 39.49
N LYS L 440 0.34 -42.84 39.67
CA LYS L 440 0.37 -41.50 40.28
C LYS L 440 -0.61 -40.52 39.60
N VAL L 441 -0.75 -40.63 38.29
CA VAL L 441 -1.78 -39.86 37.58
C VAL L 441 -3.21 -40.14 38.10
N ALA L 442 -3.63 -41.39 38.29
CA ALA L 442 -4.95 -41.62 38.84
C ALA L 442 -5.03 -41.15 40.29
N LEU L 443 -4.01 -41.42 41.10
CA LEU L 443 -4.10 -41.07 42.51
C LEU L 443 -4.34 -39.55 42.66
N ARG L 444 -3.51 -38.76 41.93
CA ARG L 444 -3.55 -37.32 41.94
C ARG L 444 -4.92 -36.81 41.48
N ALA L 445 -5.57 -37.58 40.63
CA ALA L 445 -6.85 -37.18 40.12
C ALA L 445 -7.89 -37.38 41.17
N MET L 446 -7.63 -38.32 42.06
CA MET L 446 -8.62 -38.73 43.05
C MET L 446 -8.94 -37.60 43.99
N GLU L 447 -8.00 -36.67 44.07
CA GLU L 447 -8.17 -35.44 44.84
C GLU L 447 -9.11 -34.44 44.18
N ALA L 448 -9.46 -34.59 42.91
CA ALA L 448 -10.12 -33.46 42.21
C ALA L 448 -11.53 -33.11 42.68
N PRO L 449 -12.40 -34.07 42.90
CA PRO L 449 -13.71 -33.68 43.41
C PRO L 449 -13.57 -32.77 44.62
N LEU L 450 -12.80 -33.16 45.65
CA LEU L 450 -12.65 -32.33 46.84
C LEU L 450 -12.13 -31.00 46.40
N ARG L 451 -11.14 -30.99 45.54
CA ARG L 451 -10.57 -29.74 45.08
C ARG L 451 -11.54 -28.81 44.36
N GLN L 452 -12.50 -29.34 43.58
CA GLN L 452 -13.49 -28.51 42.87
C GLN L 452 -14.53 -27.99 43.84
N ILE L 453 -14.99 -28.89 44.74
CA ILE L 453 -15.97 -28.51 45.77
C ILE L 453 -15.49 -27.26 46.49
N VAL L 454 -14.25 -27.30 46.91
CA VAL L 454 -13.69 -26.15 47.59
C VAL L 454 -13.55 -24.93 46.69
N LEU L 455 -13.36 -25.17 45.40
CA LEU L 455 -13.04 -24.07 44.52
C LEU L 455 -14.31 -23.32 44.17
N ASN L 456 -15.40 -24.07 44.02
CA ASN L 456 -16.73 -23.50 43.94
C ASN L 456 -17.17 -22.71 45.19
N CYS L 457 -16.48 -22.82 46.33
CA CYS L 457 -16.85 -22.04 47.50
C CYS L 457 -16.05 -20.80 47.52
N GLY L 458 -15.20 -20.59 46.55
CA GLY L 458 -14.38 -19.39 46.57
C GLY L 458 -13.22 -19.49 47.53
N GLU L 459 -12.90 -20.72 47.94
CA GLU L 459 -11.82 -20.96 48.90
C GLU L 459 -10.64 -21.74 48.33
N GLU L 460 -9.50 -21.62 49.02
CA GLU L 460 -8.23 -22.18 48.58
C GLU L 460 -8.21 -23.72 48.56
N PRO L 461 -8.15 -24.32 47.38
CA PRO L 461 -8.52 -25.73 47.29
C PRO L 461 -7.36 -26.58 47.82
N SER L 462 -6.14 -26.17 47.51
CA SER L 462 -4.95 -26.90 47.92
C SER L 462 -4.78 -26.84 49.48
N VAL L 463 -5.12 -25.70 50.07
CA VAL L 463 -5.07 -25.54 51.53
C VAL L 463 -6.09 -26.44 52.22
N VAL L 464 -7.32 -26.50 51.72
CA VAL L 464 -8.25 -27.46 52.28
C VAL L 464 -7.71 -28.88 52.12
N ALA L 465 -7.29 -29.24 50.91
CA ALA L 465 -6.80 -30.61 50.65
C ALA L 465 -5.62 -30.97 51.58
N ASN L 466 -4.62 -30.09 51.68
CA ASN L 466 -3.54 -30.35 52.59
C ASN L 466 -4.04 -30.74 53.96
N THR L 467 -4.97 -29.96 54.52
CA THR L 467 -5.47 -30.28 55.87
C THR L 467 -6.44 -31.49 55.94
N VAL L 468 -7.18 -31.81 54.91
CA VAL L 468 -7.93 -33.07 54.98
C VAL L 468 -6.95 -34.26 54.93
N LYS L 469 -5.89 -34.11 54.15
CA LYS L 469 -4.91 -35.19 53.97
C LYS L 469 -4.05 -35.31 55.23
N GLY L 470 -4.04 -34.29 56.06
CA GLY L 470 -3.38 -34.41 57.35
C GLY L 470 -4.16 -35.27 58.36
N GLY L 471 -5.43 -35.54 58.06
CA GLY L 471 -6.31 -36.24 59.00
C GLY L 471 -6.39 -37.72 58.71
N ASP L 472 -7.41 -38.39 59.24
CA ASP L 472 -7.62 -39.83 59.03
C ASP L 472 -9.07 -40.23 58.93
N GLY L 473 -9.32 -41.47 58.56
CA GLY L 473 -10.67 -42.01 58.46
C GLY L 473 -11.65 -41.07 57.77
N ASN L 474 -12.68 -40.67 58.48
CA ASN L 474 -13.77 -39.92 57.92
C ASN L 474 -13.68 -38.45 58.17
N TYR L 475 -12.49 -37.94 58.46
CA TYR L 475 -12.34 -36.50 58.71
C TYR L 475 -12.37 -35.80 57.38
N GLY L 476 -13.16 -34.74 57.28
CA GLY L 476 -13.29 -34.02 56.03
C GLY L 476 -13.65 -32.57 56.19
N TYR L 477 -13.92 -31.88 55.08
CA TYR L 477 -14.30 -30.47 55.09
C TYR L 477 -15.75 -30.46 54.86
N ASN L 478 -16.44 -29.65 55.64
CA ASN L 478 -17.87 -29.41 55.42
C ASN L 478 -18.03 -28.06 54.76
N ALA L 479 -18.23 -28.11 53.44
CA ALA L 479 -18.27 -26.91 52.59
C ALA L 479 -19.43 -26.01 52.92
N ALA L 480 -20.56 -26.62 53.30
CA ALA L 480 -21.73 -25.87 53.77
C ALA L 480 -21.37 -24.97 54.94
N THR L 481 -20.80 -25.54 55.99
CA THR L 481 -20.60 -24.79 57.22
C THR L 481 -19.20 -24.23 57.34
N GLU L 482 -18.31 -24.55 56.41
CA GLU L 482 -16.95 -24.00 56.42
C GLU L 482 -16.09 -24.46 57.60
N GLU L 483 -16.36 -25.64 58.15
CA GLU L 483 -15.46 -26.18 59.16
C GLU L 483 -15.25 -27.69 59.03
N TYR L 484 -14.10 -28.17 59.51
CA TYR L 484 -13.71 -29.58 59.35
C TYR L 484 -14.38 -30.44 60.42
N GLY L 485 -14.47 -31.75 60.20
CA GLY L 485 -15.14 -32.63 61.14
C GLY L 485 -15.26 -34.04 60.59
N ASN L 486 -16.02 -34.88 61.28
CA ASN L 486 -16.24 -36.23 60.82
C ASN L 486 -17.42 -36.25 59.85
N MET L 487 -17.18 -36.55 58.56
CA MET L 487 -18.23 -36.45 57.54
C MET L 487 -19.46 -37.33 57.82
N ILE L 488 -19.26 -38.52 58.35
CA ILE L 488 -20.41 -39.38 58.61
C ILE L 488 -21.28 -38.82 59.73
N ASP L 489 -20.62 -38.18 60.70
CA ASP L 489 -21.30 -37.58 61.85
C ASP L 489 -22.06 -36.35 61.40
N MET L 490 -21.50 -35.62 60.44
CA MET L 490 -22.20 -34.45 59.94
C MET L 490 -23.24 -34.79 58.89
N GLY L 491 -23.45 -36.06 58.62
CA GLY L 491 -24.47 -36.46 57.68
C GLY L 491 -24.12 -36.30 56.20
N ILE L 492 -22.88 -35.91 55.91
CA ILE L 492 -22.42 -35.80 54.54
C ILE L 492 -21.93 -37.13 53.96
N LEU L 493 -22.86 -38.01 53.57
CA LEU L 493 -22.49 -39.31 52.98
C LEU L 493 -22.80 -39.42 51.49
N ASP L 494 -21.83 -39.85 50.63
CA ASP L 494 -22.11 -40.31 49.24
C ASP L 494 -22.32 -41.81 49.17
N PRO L 495 -23.18 -42.32 48.29
CA PRO L 495 -23.35 -43.76 48.20
C PRO L 495 -22.16 -44.37 47.49
N THR L 496 -21.78 -45.59 47.93
CA THR L 496 -20.55 -46.21 47.45
C THR L 496 -20.66 -46.46 45.94
N LYS L 497 -21.73 -47.15 45.55
CA LYS L 497 -22.00 -47.39 44.14
C LYS L 497 -21.78 -46.13 43.29
N VAL L 498 -22.30 -44.98 43.71
CA VAL L 498 -21.99 -43.82 42.91
C VAL L 498 -20.51 -43.45 42.94
N THR L 499 -19.84 -43.43 44.07
CA THR L 499 -18.43 -42.99 44.01
C THR L 499 -17.57 -43.92 43.14
N ARG L 500 -17.81 -45.20 43.32
CA ARG L 500 -17.15 -46.26 42.57
C ARG L 500 -17.37 -46.00 41.10
N SER L 501 -18.66 -45.90 40.72
CA SER L 501 -19.09 -45.75 39.33
C SER L 501 -18.54 -44.49 38.72
N ALA L 502 -18.59 -43.37 39.43
CA ALA L 502 -17.90 -42.20 38.90
C ALA L 502 -16.52 -42.63 38.48
N LEU L 503 -15.74 -43.18 39.41
CA LEU L 503 -14.34 -43.52 39.13
C LEU L 503 -14.15 -44.47 37.95
N GLN L 504 -14.88 -45.57 37.96
CA GLN L 504 -14.67 -46.57 36.94
C GLN L 504 -14.86 -45.97 35.54
N TYR L 505 -15.93 -45.21 35.37
CA TYR L 505 -16.28 -44.64 34.06
C TYR L 505 -15.33 -43.55 33.65
N ALA L 506 -15.03 -42.61 34.52
CA ALA L 506 -14.09 -41.61 34.08
C ALA L 506 -12.83 -42.29 33.62
N ALA L 507 -12.34 -43.28 34.40
CA ALA L 507 -11.06 -43.97 34.12
C ALA L 507 -11.10 -44.64 32.76
N SER L 508 -12.19 -45.36 32.55
CA SER L 508 -12.41 -46.02 31.30
C SER L 508 -12.26 -45.05 30.12
N VAL L 509 -13.05 -43.99 30.07
CA VAL L 509 -12.89 -43.07 28.95
C VAL L 509 -11.53 -42.41 28.96
N ALA L 510 -11.17 -41.69 30.01
CA ALA L 510 -9.91 -40.92 29.95
C ALA L 510 -8.66 -41.78 29.66
N GLY L 511 -8.74 -43.06 30.08
CA GLY L 511 -7.69 -44.00 29.86
C GLY L 511 -7.44 -44.13 28.38
N LEU L 512 -8.48 -44.53 27.64
CA LEU L 512 -8.45 -44.54 26.16
C LEU L 512 -8.02 -43.21 25.55
N MET L 513 -8.58 -42.15 26.07
CA MET L 513 -8.41 -40.84 25.49
C MET L 513 -6.94 -40.43 25.39
N ILE L 514 -6.16 -40.77 26.40
CA ILE L 514 -4.78 -40.31 26.41
C ILE L 514 -3.87 -41.09 25.48
N THR L 515 -4.38 -42.17 24.88
CA THR L 515 -3.59 -42.98 23.98
C THR L 515 -3.75 -42.55 22.51
N THR L 516 -4.25 -41.34 22.30
CA THR L 516 -4.66 -40.87 20.99
C THR L 516 -3.47 -40.26 20.28
N GLU L 517 -3.17 -40.74 19.08
CA GLU L 517 -2.05 -40.19 18.35
C GLU L 517 -2.52 -39.54 17.06
N CYS L 518 -3.71 -39.88 16.63
CA CYS L 518 -4.23 -39.34 15.41
C CYS L 518 -5.75 -39.21 15.43
N MET L 519 -6.28 -38.16 14.81
CA MET L 519 -7.71 -37.91 14.81
C MET L 519 -8.22 -37.68 13.40
N VAL L 520 -9.36 -38.28 13.07
CA VAL L 520 -9.90 -38.21 11.73
C VAL L 520 -11.35 -37.74 11.75
N THR L 521 -11.59 -36.58 11.15
CA THR L 521 -12.93 -35.96 11.09
C THR L 521 -13.22 -35.28 9.75
N ASP L 522 -14.47 -34.82 9.57
CA ASP L 522 -14.89 -34.05 8.40
C ASP L 522 -14.30 -32.66 8.31
N LEU L 523 -14.25 -32.12 7.10
CA LEU L 523 -13.72 -30.80 6.88
C LEU L 523 -14.68 -29.70 7.36
N PRO L 524 -14.13 -28.58 7.83
CA PRO L 524 -14.92 -27.44 8.31
C PRO L 524 -15.82 -26.76 7.24
N ALA M 1 -17.09 -33.49 -17.77
CA ALA M 1 -16.50 -32.28 -17.15
C ALA M 1 -15.07 -32.11 -17.65
N ALA M 2 -14.63 -30.87 -17.71
CA ALA M 2 -13.22 -30.56 -17.86
C ALA M 2 -12.42 -31.33 -16.80
N LYS M 3 -11.29 -31.89 -17.24
CA LYS M 3 -10.40 -32.70 -16.44
C LYS M 3 -9.14 -31.96 -16.07
N ASP M 4 -8.56 -32.32 -14.94
CA ASP M 4 -7.23 -31.87 -14.54
C ASP M 4 -6.28 -33.00 -14.90
N VAL M 5 -5.13 -32.69 -15.51
CA VAL M 5 -4.16 -33.72 -15.78
C VAL M 5 -2.79 -33.36 -15.26
N LYS M 6 -2.17 -34.31 -14.55
CA LYS M 6 -0.89 -34.07 -13.92
C LYS M 6 0.08 -35.11 -14.37
N PHE M 7 1.33 -34.70 -14.50
CA PHE M 7 2.36 -35.56 -15.06
C PHE M 7 3.53 -35.85 -14.12
N GLY M 8 4.07 -37.05 -14.26
CA GLY M 8 5.36 -37.40 -13.73
C GLY M 8 5.41 -37.25 -12.24
N ASN M 9 6.41 -36.51 -11.78
CA ASN M 9 6.63 -36.39 -10.36
C ASN M 9 5.43 -35.77 -9.64
N ASP M 10 4.86 -34.70 -10.19
CA ASP M 10 3.72 -34.08 -9.54
C ASP M 10 2.61 -35.04 -9.34
N ALA M 11 2.23 -35.75 -10.40
CA ALA M 11 1.16 -36.74 -10.26
C ALA M 11 1.47 -37.66 -9.08
N ARG M 12 2.73 -38.10 -9.01
CA ARG M 12 3.19 -39.17 -8.10
C ARG M 12 3.25 -38.70 -6.65
N VAL M 13 3.84 -37.55 -6.39
CA VAL M 13 3.79 -36.99 -5.06
C VAL M 13 2.35 -36.93 -4.53
N LYS M 14 1.44 -36.37 -5.31
CA LYS M 14 0.04 -36.39 -4.93
C LYS M 14 -0.48 -37.82 -4.71
N MET M 15 -0.23 -38.73 -5.64
CA MET M 15 -0.75 -40.10 -5.46
C MET M 15 -0.32 -40.72 -4.15
N LEU M 16 0.90 -40.36 -3.72
CA LEU M 16 1.50 -41.00 -2.58
C LEU M 16 0.84 -40.43 -1.34
N ARG M 17 0.79 -39.10 -1.27
CA ARG M 17 0.07 -38.42 -0.18
C ARG M 17 -1.29 -39.07 0.10
N GLY M 18 -1.97 -39.46 -0.95
CA GLY M 18 -3.25 -40.14 -0.83
C GLY M 18 -3.07 -41.43 -0.09
N VAL M 19 -2.26 -42.33 -0.68
CA VAL M 19 -1.90 -43.61 -0.05
C VAL M 19 -1.55 -43.42 1.43
N ASN M 20 -0.61 -42.54 1.74
CA ASN M 20 -0.30 -42.34 3.14
C ASN M 20 -1.50 -42.06 4.08
N VAL M 21 -2.35 -41.13 3.72
CA VAL M 21 -3.50 -40.81 4.58
C VAL M 21 -4.27 -42.08 4.90
N LEU M 22 -4.62 -42.87 3.88
CA LEU M 22 -5.30 -44.12 4.10
C LEU M 22 -4.39 -45.07 4.87
N ALA M 23 -3.19 -45.36 4.39
CA ALA M 23 -2.24 -46.22 5.11
C ALA M 23 -2.09 -45.80 6.57
N ASP M 24 -1.72 -44.55 6.82
CA ASP M 24 -1.62 -44.09 8.21
C ASP M 24 -2.85 -44.30 9.10
N ALA M 25 -4.05 -44.17 8.55
CA ALA M 25 -5.22 -44.38 9.37
C ALA M 25 -5.38 -45.87 9.61
N VAL M 26 -4.85 -46.70 8.72
CA VAL M 26 -5.14 -48.13 8.92
C VAL M 26 -4.07 -48.75 9.86
N LYS M 27 -2.84 -48.28 9.67
CA LYS M 27 -1.67 -48.72 10.40
C LYS M 27 -1.83 -48.69 11.89
N VAL M 28 -2.64 -47.75 12.41
CA VAL M 28 -2.60 -47.55 13.87
C VAL M 28 -3.23 -48.70 14.60
N THR M 29 -3.88 -49.58 13.85
CA THR M 29 -4.58 -50.67 14.45
C THR M 29 -3.84 -51.98 14.37
N LEU M 30 -2.68 -52.01 13.71
CA LEU M 30 -1.97 -53.28 13.53
C LEU M 30 -1.34 -53.83 14.81
N GLY M 31 -1.63 -55.10 15.09
CA GLY M 31 -0.97 -55.76 16.19
C GLY M 31 -1.60 -55.72 17.55
N PRO M 32 -1.07 -56.48 18.50
CA PRO M 32 -1.66 -56.53 19.84
C PRO M 32 -1.68 -55.19 20.56
N LYS M 33 -0.69 -54.31 20.39
CA LYS M 33 -0.75 -52.95 20.93
C LYS M 33 -1.30 -51.96 19.88
N GLY M 34 -2.13 -52.50 19.00
CA GLY M 34 -2.92 -51.69 18.10
C GLY M 34 -3.99 -50.94 18.89
N ARG M 35 -4.30 -49.72 18.42
CA ARG M 35 -5.32 -48.86 18.98
C ARG M 35 -6.55 -48.83 18.05
N ASN M 36 -7.60 -48.16 18.45
CA ASN M 36 -8.79 -48.12 17.61
C ASN M 36 -8.91 -46.85 16.81
N VAL M 37 -9.74 -46.92 15.77
CA VAL M 37 -10.11 -45.76 14.99
C VAL M 37 -11.61 -45.53 15.16
N VAL M 38 -12.01 -44.28 15.29
CA VAL M 38 -13.42 -43.90 15.34
C VAL M 38 -13.94 -43.45 13.98
N LEU M 39 -15.01 -44.10 13.53
CA LEU M 39 -15.59 -43.81 12.23
C LEU M 39 -16.99 -43.20 12.31
N ASP M 40 -17.06 -41.91 12.02
CA ASP M 40 -18.33 -41.23 11.99
C ASP M 40 -19.37 -41.84 11.06
N LYS M 41 -20.63 -41.57 11.36
CA LYS M 41 -21.74 -42.12 10.61
C LYS M 41 -22.93 -41.23 11.00
N SER M 42 -23.35 -40.32 10.10
CA SER M 42 -24.50 -39.45 10.43
C SER M 42 -25.64 -40.35 10.96
N PHE M 43 -26.13 -41.23 10.08
CA PHE M 43 -26.95 -42.43 10.37
C PHE M 43 -27.17 -42.74 11.86
N GLY M 44 -26.20 -43.40 12.51
CA GLY M 44 -26.32 -43.78 13.92
C GLY M 44 -25.21 -43.19 14.77
N ALA M 45 -24.83 -43.88 15.84
CA ALA M 45 -23.70 -43.45 16.64
C ALA M 45 -22.46 -43.79 15.84
N PRO M 46 -21.35 -43.12 16.11
CA PRO M 46 -20.08 -43.55 15.54
C PRO M 46 -19.75 -45.00 15.87
N THR M 47 -18.74 -45.49 15.18
CA THR M 47 -18.31 -46.87 15.28
C THR M 47 -16.90 -46.84 15.80
N ILE M 48 -16.61 -47.67 16.81
CA ILE M 48 -15.21 -47.85 17.15
C ILE M 48 -14.78 -49.16 16.49
N THR M 49 -13.60 -49.20 15.90
CA THR M 49 -13.18 -50.41 15.20
C THR M 49 -11.67 -50.54 15.06
N LYS M 50 -11.19 -51.79 15.15
CA LYS M 50 -9.78 -52.14 14.94
C LYS M 50 -9.53 -52.66 13.51
N ASP M 51 -10.65 -53.01 12.85
CA ASP M 51 -10.69 -53.77 11.62
C ASP M 51 -10.28 -52.98 10.40
N GLY M 52 -9.11 -53.30 9.89
CA GLY M 52 -8.43 -52.51 8.87
C GLY M 52 -9.22 -52.12 7.62
N VAL M 53 -10.02 -53.06 7.13
CA VAL M 53 -10.79 -52.84 5.93
C VAL M 53 -11.85 -51.78 6.24
N SER M 54 -12.39 -51.83 7.47
CA SER M 54 -13.45 -50.92 7.85
C SER M 54 -13.00 -49.48 7.86
N VAL M 55 -11.80 -49.22 8.38
CA VAL M 55 -11.23 -47.89 8.29
C VAL M 55 -11.04 -47.54 6.82
N ALA M 56 -10.46 -48.45 6.04
CA ALA M 56 -10.13 -48.20 4.61
C ALA M 56 -11.31 -47.74 3.79
N ARG M 57 -12.36 -48.55 3.74
CA ARG M 57 -13.60 -48.19 3.05
C ARG M 57 -14.19 -46.79 3.37
N GLU M 58 -13.75 -46.13 4.42
CA GLU M 58 -14.26 -44.79 4.74
C GLU M 58 -13.37 -43.67 4.24
N ILE M 59 -12.11 -43.93 3.92
CA ILE M 59 -11.29 -42.82 3.49
C ILE M 59 -11.66 -42.41 2.07
N GLU M 60 -11.91 -41.11 1.92
CA GLU M 60 -12.12 -40.43 0.65
C GLU M 60 -11.53 -39.04 0.86
N LEU M 61 -10.72 -38.54 -0.05
CA LEU M 61 -10.05 -37.29 0.24
C LEU M 61 -10.62 -36.15 -0.60
N GLU M 62 -10.25 -34.91 -0.26
CA GLU M 62 -10.81 -33.80 -0.99
C GLU M 62 -10.06 -33.47 -2.25
N ASP M 63 -8.73 -33.41 -2.14
CA ASP M 63 -7.83 -33.23 -3.28
C ASP M 63 -7.97 -34.42 -4.19
N LYS M 64 -8.35 -34.17 -5.42
CA LYS M 64 -8.93 -35.20 -6.25
C LYS M 64 -7.91 -36.26 -6.61
N PHE M 65 -6.64 -35.86 -6.62
CA PHE M 65 -5.52 -36.72 -7.01
C PHE M 65 -5.16 -37.60 -5.84
N GLU M 66 -4.97 -36.98 -4.67
CA GLU M 66 -4.76 -37.70 -3.43
C GLU M 66 -5.87 -38.69 -3.32
N ASN M 67 -7.11 -38.29 -3.58
CA ASN M 67 -8.19 -39.25 -3.52
C ASN M 67 -7.92 -40.51 -4.28
N MET M 68 -7.39 -40.35 -5.50
CA MET M 68 -7.15 -41.44 -6.42
C MET M 68 -6.13 -42.43 -5.84
N GLY M 69 -5.05 -41.90 -5.29
CA GLY M 69 -4.15 -42.68 -4.46
C GLY M 69 -4.91 -43.57 -3.48
N ALA M 70 -5.62 -42.94 -2.53
CA ALA M 70 -6.34 -43.69 -1.52
C ALA M 70 -7.36 -44.65 -2.10
N GLN M 71 -8.03 -44.28 -3.18
CA GLN M 71 -9.08 -45.13 -3.70
C GLN M 71 -8.56 -46.42 -4.31
N MET M 72 -7.26 -46.41 -4.62
CA MET M 72 -6.61 -47.55 -5.25
C MET M 72 -6.07 -48.54 -4.22
N VAL M 73 -5.22 -48.10 -3.30
CA VAL M 73 -4.77 -48.93 -2.20
C VAL M 73 -5.96 -49.50 -1.43
N LYS M 74 -7.03 -48.73 -1.33
CA LYS M 74 -8.21 -49.22 -0.66
C LYS M 74 -8.60 -50.63 -1.18
N GLU M 75 -8.12 -50.98 -2.36
CA GLU M 75 -8.53 -52.23 -2.97
C GLU M 75 -7.75 -53.42 -2.41
N VAL M 76 -6.54 -53.19 -1.93
CA VAL M 76 -5.79 -54.29 -1.38
C VAL M 76 -6.53 -54.76 -0.11
N ALA M 77 -6.79 -53.79 0.79
CA ALA M 77 -7.45 -54.08 2.07
C ALA M 77 -8.82 -54.66 1.76
N SER M 78 -9.42 -54.21 0.67
CA SER M 78 -10.71 -54.71 0.37
C SER M 78 -10.68 -56.16 -0.13
N LYS M 79 -9.73 -56.42 -1.02
CA LYS M 79 -9.57 -57.75 -1.62
C LYS M 79 -9.12 -58.82 -0.61
N ALA M 80 -8.05 -58.49 0.15
CA ALA M 80 -7.69 -59.30 1.32
C ALA M 80 -8.94 -59.81 2.06
N ASN M 81 -9.78 -58.86 2.48
CA ASN M 81 -10.96 -59.17 3.22
C ASN M 81 -11.87 -60.20 2.54
N ASP M 82 -12.04 -60.11 1.22
CA ASP M 82 -13.04 -60.95 0.52
C ASP M 82 -12.59 -62.38 0.38
N ALA M 83 -11.26 -62.53 0.41
CA ALA M 83 -10.60 -63.82 0.18
C ALA M 83 -10.28 -64.51 1.50
N ALA M 84 -9.39 -63.83 2.25
CA ALA M 84 -8.96 -64.26 3.57
C ALA M 84 -10.03 -64.13 4.66
N GLY M 85 -10.39 -62.88 5.00
CA GLY M 85 -11.26 -62.57 6.14
C GLY M 85 -10.45 -61.84 7.22
N ASP M 86 -9.13 -61.71 7.01
CA ASP M 86 -8.25 -61.08 8.00
C ASP M 86 -7.00 -60.61 7.26
N GLY M 87 -6.07 -59.98 7.96
CA GLY M 87 -4.86 -59.54 7.30
C GLY M 87 -4.93 -58.26 6.48
N THR M 88 -6.12 -57.62 6.48
CA THR M 88 -6.42 -56.42 5.69
C THR M 88 -5.49 -55.28 6.11
N THR M 89 -5.19 -55.16 7.40
CA THR M 89 -4.22 -54.16 7.78
C THR M 89 -2.85 -54.50 7.24
N THR M 90 -2.46 -55.77 7.36
CA THR M 90 -1.10 -56.19 6.96
C THR M 90 -0.99 -55.84 5.49
N ALA M 91 -1.94 -56.41 4.73
CA ALA M 91 -2.04 -56.13 3.31
C ALA M 91 -1.77 -54.61 3.10
N THR M 92 -2.50 -53.75 3.81
CA THR M 92 -2.40 -52.33 3.55
C THR M 92 -0.99 -51.84 3.81
N VAL M 93 -0.40 -52.37 4.87
CA VAL M 93 0.91 -51.86 5.31
C VAL M 93 2.05 -52.28 4.35
N LEU M 94 1.86 -53.45 3.72
CA LEU M 94 2.82 -53.95 2.76
C LEU M 94 2.66 -53.07 1.56
N ALA M 95 1.42 -52.87 1.13
CA ALA M 95 1.16 -52.07 -0.08
C ALA M 95 1.75 -50.69 0.05
N GLN M 96 1.63 -50.08 1.21
CA GLN M 96 2.17 -48.73 1.34
C GLN M 96 3.68 -48.75 1.25
N ALA M 97 4.25 -49.90 1.51
CA ALA M 97 5.69 -50.02 1.70
C ALA M 97 6.35 -50.23 0.34
N ILE M 98 5.73 -51.14 -0.42
CA ILE M 98 6.18 -51.37 -1.76
C ILE M 98 6.13 -50.01 -2.53
N ILE M 99 4.99 -49.30 -2.43
CA ILE M 99 4.79 -48.02 -3.11
C ILE M 99 5.86 -47.03 -2.72
N THR M 100 6.08 -46.85 -1.42
CA THR M 100 7.01 -45.82 -0.99
C THR M 100 8.37 -46.13 -1.61
N GLU M 101 8.73 -47.41 -1.60
CA GLU M 101 10.08 -47.81 -1.96
C GLU M 101 10.22 -47.80 -3.47
N GLY M 102 9.21 -48.36 -4.12
CA GLY M 102 9.01 -48.19 -5.55
C GLY M 102 9.26 -46.76 -6.02
N LEU M 103 8.36 -45.85 -5.67
CA LEU M 103 8.45 -44.49 -6.20
C LEU M 103 9.81 -43.89 -5.92
N LYS M 104 10.47 -44.33 -4.86
CA LYS M 104 11.79 -43.79 -4.59
C LYS M 104 12.77 -44.22 -5.68
N ALA M 105 12.58 -45.46 -6.17
CA ALA M 105 13.43 -46.00 -7.21
C ALA M 105 13.10 -45.34 -8.54
N VAL M 106 11.79 -45.13 -8.80
CA VAL M 106 11.37 -44.49 -10.02
C VAL M 106 12.02 -43.12 -10.11
N ALA M 107 12.15 -42.47 -8.95
CA ALA M 107 12.78 -41.17 -8.90
C ALA M 107 14.30 -41.27 -9.08
N ALA M 108 14.83 -42.49 -9.04
CA ALA M 108 16.26 -42.72 -9.22
C ALA M 108 16.61 -42.90 -10.70
N GLY M 109 15.59 -42.88 -11.55
CA GLY M 109 15.77 -43.16 -12.96
C GLY M 109 15.54 -44.60 -13.41
N MET M 110 15.22 -45.49 -12.49
CA MET M 110 14.79 -46.83 -12.83
C MET M 110 13.54 -46.87 -13.70
N ASN M 111 13.41 -47.96 -14.46
CA ASN M 111 12.29 -48.16 -15.36
C ASN M 111 11.12 -48.83 -14.65
N PRO M 112 10.04 -48.12 -14.42
CA PRO M 112 8.96 -48.65 -13.56
C PRO M 112 8.48 -50.00 -13.98
N MET M 113 8.29 -50.21 -15.27
CA MET M 113 7.71 -51.46 -15.70
C MET M 113 8.59 -52.68 -15.36
N ASP M 114 9.88 -52.44 -15.10
CA ASP M 114 10.84 -53.46 -14.71
C ASP M 114 10.76 -53.66 -13.21
N LEU M 115 10.69 -52.54 -12.46
CA LEU M 115 10.56 -52.60 -11.02
C LEU M 115 9.37 -53.45 -10.75
N LYS M 116 8.29 -53.25 -11.48
CA LYS M 116 7.14 -54.11 -11.36
C LYS M 116 7.44 -55.60 -11.59
N ARG M 117 8.11 -55.94 -12.70
CA ARG M 117 8.46 -57.34 -13.00
C ARG M 117 9.28 -57.97 -11.86
N GLY M 118 10.14 -57.18 -11.22
CA GLY M 118 10.96 -57.65 -10.12
C GLY M 118 10.07 -57.98 -8.94
N ILE M 119 9.38 -56.97 -8.40
CA ILE M 119 8.36 -57.13 -7.37
C ILE M 119 7.56 -58.37 -7.67
N ASP M 120 7.04 -58.52 -8.88
CA ASP M 120 6.13 -59.65 -9.11
C ASP M 120 6.87 -61.00 -8.94
N LYS M 121 8.07 -61.08 -9.50
CA LYS M 121 8.87 -62.28 -9.40
C LYS M 121 9.20 -62.58 -7.95
N ALA M 122 9.62 -61.53 -7.22
CA ALA M 122 9.92 -61.70 -5.78
C ALA M 122 8.72 -62.27 -5.07
N VAL M 123 7.55 -61.78 -5.39
CA VAL M 123 6.32 -62.30 -4.77
C VAL M 123 6.01 -63.74 -5.16
N THR M 124 6.18 -64.13 -6.43
CA THR M 124 5.82 -65.48 -6.85
C THR M 124 6.64 -66.49 -6.07
N ALA M 125 7.82 -66.02 -5.66
CA ALA M 125 8.81 -66.85 -4.99
C ALA M 125 8.48 -66.91 -3.50
N ALA M 126 8.17 -65.75 -2.93
CA ALA M 126 7.70 -65.67 -1.56
C ALA M 126 6.47 -66.54 -1.37
N VAL M 127 5.56 -66.56 -2.33
CA VAL M 127 4.39 -67.43 -2.16
C VAL M 127 4.76 -68.90 -2.07
N GLU M 128 5.65 -69.34 -2.96
CA GLU M 128 6.19 -70.69 -2.94
C GLU M 128 6.85 -71.00 -1.60
N GLU M 129 7.67 -70.06 -1.11
CA GLU M 129 8.40 -70.25 0.12
C GLU M 129 7.49 -70.40 1.31
N LEU M 130 6.47 -69.54 1.42
CA LEU M 130 5.38 -69.73 2.38
C LEU M 130 4.67 -71.06 2.29
N LYS M 131 4.41 -71.59 1.09
CA LYS M 131 3.79 -72.92 1.05
C LYS M 131 4.68 -73.93 1.80
N ALA M 132 5.97 -73.64 1.83
CA ALA M 132 6.95 -74.61 2.33
C ALA M 132 6.89 -74.61 3.85
N LEU M 133 7.07 -73.39 4.42
CA LEU M 133 6.93 -73.08 5.85
C LEU M 133 5.62 -73.47 6.49
N SER M 134 4.54 -73.29 5.78
CA SER M 134 3.26 -73.65 6.32
C SER M 134 3.26 -75.11 6.83
N VAL M 135 2.79 -75.26 8.03
CA VAL M 135 2.57 -76.59 8.53
C VAL M 135 1.05 -76.69 8.71
N PRO M 136 1.44 -76.08 6.42
CA PRO M 136 0.17 -76.78 6.43
C PRO M 136 -0.70 -76.41 7.61
N CYS M 137 -1.96 -76.81 7.52
CA CYS M 137 -2.94 -76.56 8.54
C CYS M 137 -3.92 -77.70 8.44
N SER M 138 -3.67 -78.76 9.21
CA SER M 138 -4.56 -79.91 9.14
C SER M 138 -5.23 -80.34 10.45
N ASP M 139 -4.43 -80.71 11.45
CA ASP M 139 -4.96 -81.16 12.73
C ASP M 139 -5.85 -80.11 13.38
N SER M 140 -6.82 -80.57 14.16
CA SER M 140 -7.75 -79.68 14.84
C SER M 140 -7.01 -78.59 15.59
N LYS M 141 -5.72 -78.81 15.86
CA LYS M 141 -4.91 -77.82 16.56
C LYS M 141 -4.70 -76.62 15.66
N ALA M 142 -4.00 -76.87 14.55
CA ALA M 142 -3.70 -75.82 13.58
C ALA M 142 -4.98 -75.07 13.21
N ILE M 143 -6.09 -75.82 13.20
CA ILE M 143 -7.39 -75.27 12.86
C ILE M 143 -7.90 -74.26 13.88
N ALA M 144 -8.13 -74.71 15.10
CA ALA M 144 -8.59 -73.80 16.14
C ALA M 144 -7.50 -72.74 16.26
N GLN M 145 -6.28 -73.14 15.91
CA GLN M 145 -5.12 -72.28 15.92
C GLN M 145 -5.50 -71.06 15.10
N VAL M 146 -5.28 -71.17 13.79
CA VAL M 146 -5.60 -70.11 12.85
C VAL M 146 -6.93 -69.44 13.13
N GLY M 147 -7.94 -70.25 13.44
CA GLY M 147 -9.25 -69.70 13.73
C GLY M 147 -9.17 -68.65 14.82
N THR M 148 -8.82 -69.07 16.03
CA THR M 148 -8.71 -68.16 17.16
C THR M 148 -7.91 -66.90 16.80
N ILE M 149 -6.94 -67.05 15.89
CA ILE M 149 -6.09 -65.93 15.47
C ILE M 149 -6.90 -64.94 14.63
N SER M 150 -7.42 -65.44 13.51
CA SER M 150 -8.22 -64.65 12.60
C SER M 150 -9.46 -64.09 13.28
N ALA M 151 -9.81 -64.69 14.42
CA ALA M 151 -10.95 -64.28 15.21
C ALA M 151 -10.45 -63.20 16.17
N ASN M 152 -9.16 -62.89 16.07
CA ASN M 152 -8.53 -61.89 16.92
C ASN M 152 -8.25 -62.39 18.33
N SER M 153 -7.37 -63.37 18.44
CA SER M 153 -6.99 -63.90 19.74
C SER M 153 -8.05 -64.75 20.42
N ASP M 154 -9.32 -64.38 20.26
CA ASP M 154 -10.41 -65.13 20.89
C ASP M 154 -10.31 -66.62 20.63
N GLU M 155 -9.80 -67.35 21.62
CA GLU M 155 -9.65 -68.79 21.50
C GLU M 155 -10.97 -69.54 21.38
N THR M 156 -11.98 -69.08 22.10
CA THR M 156 -13.30 -69.72 22.07
C THR M 156 -13.72 -69.91 20.63
N VAL M 157 -13.37 -68.94 19.80
CA VAL M 157 -13.73 -68.99 18.40
C VAL M 157 -13.03 -70.10 17.65
N GLY M 158 -11.72 -69.97 17.48
CA GLY M 158 -10.97 -70.98 16.77
C GLY M 158 -11.42 -72.35 17.22
N LYS M 159 -11.89 -72.42 18.47
CA LYS M 159 -12.39 -73.65 19.07
C LYS M 159 -13.54 -74.25 18.26
N LEU M 160 -14.73 -73.65 18.39
CA LEU M 160 -15.93 -74.11 17.69
C LEU M 160 -15.69 -74.46 16.25
N ILE M 161 -14.87 -73.65 15.60
CA ILE M 161 -14.54 -73.88 14.21
C ILE M 161 -13.90 -75.25 14.06
N ALA M 162 -12.90 -75.54 14.88
CA ALA M 162 -12.22 -76.83 14.82
C ALA M 162 -13.25 -77.91 15.09
N GLU M 163 -14.07 -77.70 16.12
CA GLU M 163 -15.10 -78.66 16.51
C GLU M 163 -15.99 -78.91 15.31
N ALA M 164 -16.49 -77.82 14.75
CA ALA M 164 -17.35 -77.89 13.60
C ALA M 164 -16.77 -78.85 12.59
N MET M 165 -15.70 -78.43 11.92
CA MET M 165 -15.08 -79.28 10.91
C MET M 165 -14.88 -80.68 11.46
N ASP M 166 -14.59 -80.76 12.74
CA ASP M 166 -14.36 -82.04 13.38
C ASP M 166 -15.66 -82.85 13.38
N LYS M 167 -16.77 -82.17 13.08
CA LYS M 167 -18.10 -82.82 13.04
C LYS M 167 -18.53 -83.26 11.65
N VAL M 168 -18.81 -82.31 10.77
CA VAL M 168 -19.23 -82.62 9.40
C VAL M 168 -18.03 -82.67 8.44
N GLY M 169 -16.82 -82.58 9.00
CA GLY M 169 -15.61 -82.65 8.20
C GLY M 169 -15.05 -81.32 7.79
N LYS M 170 -13.88 -81.34 7.17
CA LYS M 170 -13.26 -80.10 6.69
C LYS M 170 -14.08 -79.53 5.55
N GLU M 171 -14.68 -80.39 4.77
CA GLU M 171 -15.50 -79.96 3.63
C GLU M 171 -16.96 -79.84 4.02
N GLY M 172 -17.28 -80.21 5.25
CA GLY M 172 -18.66 -80.14 5.71
C GLY M 172 -19.20 -78.75 5.50
N VAL M 173 -20.50 -78.56 5.68
CA VAL M 173 -21.10 -77.24 5.50
C VAL M 173 -21.43 -76.63 6.84
N ILE M 174 -20.77 -75.52 7.15
CA ILE M 174 -20.98 -74.84 8.42
C ILE M 174 -21.65 -73.50 8.20
N THR M 175 -22.54 -73.13 9.11
CA THR M 175 -23.24 -71.87 9.00
C THR M 175 -23.24 -71.14 10.32
N VAL M 176 -23.80 -69.95 10.32
CA VAL M 176 -23.85 -69.15 11.52
C VAL M 176 -25.18 -68.45 11.66
N GLU M 177 -25.69 -68.47 12.88
CA GLU M 177 -26.95 -67.84 13.20
C GLU M 177 -26.76 -67.12 14.51
N ASP M 178 -27.52 -66.07 14.73
CA ASP M 178 -27.40 -65.34 15.98
C ASP M 178 -27.79 -66.26 17.12
N GLY M 179 -27.13 -66.12 18.25
CA GLY M 179 -27.43 -66.96 19.39
C GLY M 179 -28.67 -66.51 20.12
N THR M 180 -29.46 -67.47 20.59
CA THR M 180 -30.68 -67.16 21.31
C THR M 180 -30.36 -66.61 22.70
N GLY M 181 -29.33 -67.18 23.34
CA GLY M 181 -28.93 -66.71 24.66
C GLY M 181 -27.51 -66.19 24.73
N LEU M 182 -26.81 -66.53 25.82
CA LEU M 182 -25.43 -66.10 26.01
C LEU M 182 -24.44 -67.20 25.64
N GLN M 183 -24.96 -68.40 25.49
CA GLN M 183 -24.14 -69.54 25.15
C GLN M 183 -24.01 -69.82 23.67
N ASP M 184 -22.84 -70.28 23.27
CA ASP M 184 -22.58 -70.61 21.88
C ASP M 184 -23.21 -71.99 21.71
N GLU M 185 -23.68 -72.30 20.50
CA GLU M 185 -24.33 -73.60 20.24
C GLU M 185 -23.94 -74.17 18.89
N LEU M 186 -23.46 -75.41 18.90
CA LEU M 186 -23.07 -76.06 17.66
C LEU M 186 -24.01 -77.26 17.49
N ASP M 187 -24.77 -77.26 16.39
CA ASP M 187 -25.73 -78.33 16.13
C ASP M 187 -25.66 -78.82 14.69
N VAL M 188 -25.81 -80.12 14.51
CA VAL M 188 -25.79 -80.69 13.18
C VAL M 188 -27.23 -81.05 12.83
N VAL M 189 -27.70 -80.64 11.66
CA VAL M 189 -29.08 -80.91 11.28
C VAL M 189 -29.23 -81.23 9.81
N GLU M 190 -30.32 -81.91 9.45
CA GLU M 190 -30.59 -82.25 8.07
C GLU M 190 -30.61 -80.95 7.28
N GLY M 191 -28.41 -80.85 5.12
CA GLY M 191 -28.30 -79.61 4.38
C GLY M 191 -27.20 -79.67 3.32
N MET M 192 -26.98 -78.55 2.64
CA MET M 192 -26.07 -78.50 1.49
C MET M 192 -25.60 -77.08 1.17
N GLN M 193 -24.42 -76.96 0.55
CA GLN M 193 -23.91 -75.68 0.09
C GLN M 193 -23.29 -75.78 -1.30
N PHE M 194 -23.66 -74.86 -2.19
CA PHE M 194 -23.12 -74.84 -3.54
C PHE M 194 -22.66 -73.45 -3.99
N ASP M 195 -21.75 -73.45 -4.97
CA ASP M 195 -21.05 -72.23 -5.39
C ASP M 195 -21.86 -71.30 -6.30
N ARG M 196 -22.92 -70.70 -5.76
CA ARG M 196 -23.74 -69.76 -6.51
C ARG M 196 -24.16 -68.57 -5.66
N GLY M 197 -23.96 -67.37 -6.19
CA GLY M 197 -24.30 -66.15 -5.48
C GLY M 197 -25.64 -65.60 -5.89
N TYR M 198 -26.11 -64.60 -5.14
CA TYR M 198 -27.38 -63.96 -5.45
C TYR M 198 -27.38 -63.36 -6.85
N LEU M 199 -28.56 -63.22 -7.42
CA LEU M 199 -28.69 -62.66 -8.77
C LEU M 199 -28.84 -61.14 -8.76
N SER M 200 -28.80 -60.56 -7.56
CA SER M 200 -28.84 -59.10 -7.37
C SER M 200 -28.51 -58.71 -5.92
N PRO M 201 -27.60 -57.74 -5.73
CA PRO M 201 -27.28 -57.24 -4.39
C PRO M 201 -28.49 -56.64 -3.67
N TYR M 202 -29.63 -56.58 -4.36
CA TYR M 202 -30.83 -55.97 -3.83
C TYR M 202 -31.70 -56.93 -3.02
N PHE M 203 -31.27 -58.18 -2.92
CA PHE M 203 -31.97 -59.16 -2.09
C PHE M 203 -31.46 -59.16 -0.65
N ILE M 204 -30.29 -58.55 -0.45
CA ILE M 204 -29.64 -58.45 0.86
C ILE M 204 -30.58 -57.86 1.89
N ASN M 205 -30.86 -58.64 2.93
CA ASN M 205 -31.65 -58.16 4.06
C ASN M 205 -30.78 -57.94 5.31
N LYS M 206 -29.59 -58.54 5.31
CA LYS M 206 -28.60 -58.30 6.36
C LYS M 206 -27.45 -57.48 5.77
N PRO M 207 -27.54 -56.16 5.88
CA PRO M 207 -26.53 -55.26 5.29
C PRO M 207 -25.15 -55.51 5.88
N GLU M 208 -25.11 -55.92 7.15
CA GLU M 208 -23.87 -56.18 7.87
C GLU M 208 -23.03 -57.27 7.21
N THR M 209 -23.52 -58.51 7.21
CA THR M 209 -22.83 -59.63 6.57
C THR M 209 -22.73 -59.44 5.06
N GLY M 210 -23.61 -58.61 4.50
CA GLY M 210 -23.73 -58.47 3.06
C GLY M 210 -24.31 -59.75 2.48
N ALA M 211 -25.29 -60.30 3.19
CA ALA M 211 -25.85 -61.60 2.85
C ALA M 211 -27.37 -61.59 2.84
N VAL M 212 -27.96 -62.74 2.51
CA VAL M 212 -29.41 -62.90 2.45
C VAL M 212 -29.81 -64.05 3.37
N GLU M 213 -30.33 -63.71 4.55
CA GLU M 213 -30.82 -64.72 5.50
C GLU M 213 -32.34 -64.82 5.37
N LEU M 214 -32.84 -66.05 5.19
CA LEU M 214 -34.27 -66.27 5.04
C LEU M 214 -34.81 -67.30 6.02
N GLU M 215 -35.94 -66.97 6.64
CA GLU M 215 -36.52 -67.78 7.70
C GLU M 215 -37.56 -68.79 7.20
N SER M 216 -37.33 -70.06 7.49
CA SER M 216 -38.14 -71.21 7.04
C SER M 216 -38.93 -71.02 5.72
N PRO M 217 -38.21 -70.75 4.63
CA PRO M 217 -38.85 -70.46 3.34
C PRO M 217 -39.11 -71.69 2.48
N PHE M 218 -39.96 -71.50 1.48
CA PHE M 218 -40.20 -72.51 0.46
C PHE M 218 -39.13 -72.40 -0.61
N ILE M 219 -38.87 -73.51 -1.30
CA ILE M 219 -37.87 -73.53 -2.36
C ILE M 219 -38.48 -73.97 -3.69
N LEU M 220 -38.30 -73.12 -4.71
CA LEU M 220 -38.76 -73.36 -6.06
C LEU M 220 -37.64 -73.92 -6.90
N LEU M 221 -37.88 -75.06 -7.54
CA LEU M 221 -36.83 -75.71 -8.33
C LEU M 221 -37.19 -75.86 -9.80
N ALA M 222 -36.75 -74.88 -10.59
CA ALA M 222 -37.11 -74.79 -12.00
C ALA M 222 -35.95 -75.20 -12.93
N ASP M 223 -36.30 -75.92 -13.99
CA ASP M 223 -35.33 -76.44 -14.93
C ASP M 223 -34.99 -75.46 -16.05
N LYS M 224 -35.88 -74.50 -16.31
CA LYS M 224 -35.71 -73.56 -17.43
C LYS M 224 -35.19 -72.20 -16.99
N LYS M 225 -34.89 -71.35 -17.98
CA LYS M 225 -34.55 -69.96 -17.72
C LYS M 225 -35.83 -69.20 -17.40
N ILE M 226 -35.75 -68.24 -16.49
CA ILE M 226 -36.93 -67.46 -16.09
C ILE M 226 -36.84 -66.02 -16.58
N SER M 227 -37.50 -65.75 -17.70
CA SER M 227 -37.51 -64.40 -18.28
C SER M 227 -38.80 -63.68 -17.95
N ASN M 228 -39.92 -64.31 -18.30
CA ASN M 228 -41.24 -63.73 -18.05
C ASN M 228 -41.70 -63.94 -16.60
N ILE M 229 -42.54 -63.04 -16.12
CA ILE M 229 -43.01 -63.05 -14.73
C ILE M 229 -44.43 -63.59 -14.59
N ARG M 230 -45.05 -63.94 -15.71
CA ARG M 230 -46.44 -64.39 -15.74
C ARG M 230 -46.64 -65.78 -15.12
N GLU M 231 -45.69 -66.68 -15.36
CA GLU M 231 -45.75 -68.04 -14.82
C GLU M 231 -45.42 -68.07 -13.31
N MET M 232 -45.12 -66.90 -12.76
CA MET M 232 -44.78 -66.77 -11.35
C MET M 232 -46.00 -66.61 -10.44
N LEU M 233 -47.02 -65.89 -10.93
CA LEU M 233 -48.18 -65.50 -10.10
C LEU M 233 -48.99 -66.63 -9.42
N PRO M 234 -49.16 -67.80 -10.07
CA PRO M 234 -49.84 -68.93 -9.41
C PRO M 234 -49.15 -69.40 -8.13
N VAL M 235 -47.83 -69.44 -8.13
CA VAL M 235 -47.06 -69.85 -6.93
C VAL M 235 -46.70 -68.66 -6.04
N LEU M 236 -46.29 -67.54 -6.65
CA LEU M 236 -45.85 -66.36 -5.92
C LEU M 236 -46.97 -65.67 -5.12
N GLU M 237 -48.21 -66.02 -5.44
CA GLU M 237 -49.39 -65.52 -4.72
C GLU M 237 -49.87 -66.52 -3.66
N ALA M 238 -49.51 -67.79 -3.84
CA ALA M 238 -49.80 -68.82 -2.83
C ALA M 238 -48.83 -68.75 -1.65
N VAL M 239 -47.61 -68.27 -1.91
CA VAL M 239 -46.60 -68.05 -0.88
C VAL M 239 -46.62 -66.62 -0.33
N ALA M 240 -47.43 -65.77 -0.95
CA ALA M 240 -47.74 -64.45 -0.41
C ALA M 240 -48.69 -64.60 0.77
N LYS M 241 -49.69 -65.47 0.62
CA LYS M 241 -50.70 -65.71 1.64
C LYS M 241 -50.30 -66.81 2.62
N ALA M 242 -49.07 -67.33 2.45
CA ALA M 242 -48.51 -68.27 3.41
C ALA M 242 -47.56 -67.55 4.37
N GLY M 243 -47.39 -66.25 4.15
CA GLY M 243 -46.59 -65.40 5.02
C GLY M 243 -45.08 -65.54 4.91
N LYS M 244 -44.63 -66.69 4.40
CA LYS M 244 -43.21 -67.03 4.38
C LYS M 244 -42.49 -66.53 3.11
N PRO M 245 -41.17 -66.37 3.17
CA PRO M 245 -40.37 -66.01 2.00
C PRO M 245 -40.21 -67.20 1.04
N LEU M 246 -39.50 -66.99 -0.07
CA LEU M 246 -39.37 -67.99 -1.13
C LEU M 246 -38.04 -67.88 -1.87
N LEU M 247 -37.39 -69.02 -2.05
CA LEU M 247 -36.11 -69.10 -2.74
C LEU M 247 -36.29 -69.70 -4.14
N ILE M 248 -35.63 -69.09 -5.12
CA ILE M 248 -35.73 -69.56 -6.51
C ILE M 248 -34.40 -70.09 -7.03
N ILE M 249 -34.39 -71.38 -7.35
CA ILE M 249 -33.27 -71.97 -8.07
C ILE M 249 -33.72 -72.41 -9.45
N ALA M 250 -33.15 -71.78 -10.48
CA ALA M 250 -33.43 -72.09 -11.88
C ALA M 250 -32.17 -71.95 -12.73
N GLU M 251 -32.26 -72.35 -14.00
CA GLU M 251 -31.16 -72.19 -14.94
C GLU M 251 -30.63 -70.76 -14.87
N ASP M 252 -31.55 -69.79 -14.84
CA ASP M 252 -31.23 -68.37 -14.62
C ASP M 252 -32.52 -67.61 -14.31
N VAL M 253 -32.39 -66.32 -14.03
CA VAL M 253 -33.53 -65.40 -13.97
C VAL M 253 -33.17 -64.12 -14.73
N GLU M 254 -33.84 -63.92 -15.87
CA GLU M 254 -33.53 -62.84 -16.81
C GLU M 254 -34.15 -61.51 -16.39
N GLY M 255 -33.50 -60.41 -16.79
CA GLY M 255 -33.88 -59.06 -16.42
C GLY M 255 -35.37 -58.79 -16.22
N GLU M 256 -36.19 -59.33 -17.11
CA GLU M 256 -37.64 -59.10 -17.10
C GLU M 256 -38.34 -59.55 -15.81
N ALA M 257 -38.09 -60.79 -15.40
CA ALA M 257 -38.66 -61.31 -14.15
C ALA M 257 -37.82 -60.91 -12.95
N LEU M 258 -36.52 -60.73 -13.18
CA LEU M 258 -35.56 -60.34 -12.14
C LEU M 258 -35.88 -58.94 -11.61
N ALA M 259 -35.88 -57.95 -12.49
CA ALA M 259 -36.10 -56.55 -12.11
C ALA M 259 -37.46 -56.33 -11.44
N THR M 260 -38.44 -57.15 -11.79
CA THR M 260 -39.75 -57.10 -11.12
C THR M 260 -39.67 -57.66 -9.71
N LEU M 261 -38.92 -58.76 -9.55
CA LEU M 261 -38.70 -59.38 -8.25
C LEU M 261 -37.83 -58.50 -7.35
N VAL M 262 -36.84 -57.85 -7.96
CA VAL M 262 -35.91 -56.97 -7.24
C VAL M 262 -36.64 -55.84 -6.49
N VAL M 263 -37.48 -55.09 -7.21
CA VAL M 263 -38.26 -54.01 -6.59
C VAL M 263 -39.46 -54.58 -5.80
N ASN M 264 -39.77 -55.86 -6.03
CA ASN M 264 -40.86 -56.53 -5.32
C ASN M 264 -40.51 -56.96 -3.90
N THR M 265 -39.22 -56.95 -3.55
CA THR M 265 -38.81 -57.29 -2.18
C THR M 265 -38.54 -56.04 -1.34
N MET M 266 -37.53 -55.27 -1.75
CA MET M 266 -37.25 -53.98 -1.12
C MET M 266 -38.32 -52.99 -1.57
N ARG M 267 -39.13 -52.54 -0.62
CA ARG M 267 -40.30 -51.70 -0.88
C ARG M 267 -41.55 -52.52 -1.24
N GLY M 268 -41.42 -53.85 -1.29
CA GLY M 268 -42.48 -54.68 -1.84
C GLY M 268 -43.10 -55.71 -0.92
N ILE M 269 -44.12 -56.40 -1.45
CA ILE M 269 -44.93 -57.37 -0.70
C ILE M 269 -44.10 -58.59 -0.26
N VAL M 270 -43.98 -59.61 -1.12
CA VAL M 270 -43.28 -60.86 -0.77
C VAL M 270 -41.76 -60.72 -0.91
N LYS M 271 -41.04 -61.01 0.17
CA LYS M 271 -39.57 -60.93 0.17
C LYS M 271 -38.96 -62.24 -0.31
N VAL M 272 -38.40 -62.21 -1.53
CA VAL M 272 -37.83 -63.40 -2.18
C VAL M 272 -36.42 -63.14 -2.73
N ALA M 273 -35.72 -64.23 -3.05
CA ALA M 273 -34.39 -64.16 -3.66
C ALA M 273 -34.20 -65.32 -4.65
N ALA M 274 -33.25 -65.15 -5.58
CA ALA M 274 -33.03 -66.16 -6.61
C ALA M 274 -31.55 -66.37 -6.93
N VAL M 275 -31.18 -67.62 -7.21
CA VAL M 275 -29.81 -67.99 -7.55
C VAL M 275 -29.78 -69.02 -8.66
N LYS M 276 -28.75 -68.99 -9.49
CA LYS M 276 -28.57 -69.97 -10.57
C LYS M 276 -28.37 -71.37 -9.98
N ALA M 277 -28.92 -72.39 -10.65
CA ALA M 277 -28.72 -73.78 -10.24
C ALA M 277 -27.25 -74.16 -10.41
N PRO M 278 -26.72 -75.01 -9.53
CA PRO M 278 -25.29 -75.35 -9.55
C PRO M 278 -24.90 -76.15 -10.78
N GLY M 279 -23.63 -76.03 -11.18
CA GLY M 279 -23.10 -76.76 -12.33
C GLY M 279 -23.62 -76.29 -13.68
N PHE M 280 -23.44 -77.13 -14.70
CA PHE M 280 -23.93 -76.83 -16.04
C PHE M 280 -24.21 -78.11 -16.83
N GLY M 281 -25.12 -78.02 -17.79
CA GLY M 281 -25.42 -79.13 -18.69
C GLY M 281 -26.10 -80.33 -18.05
N ASP M 282 -25.42 -81.47 -18.09
CA ASP M 282 -25.96 -82.73 -17.56
C ASP M 282 -25.83 -82.85 -16.04
N ARG M 283 -24.89 -82.13 -15.46
CA ARG M 283 -24.71 -82.11 -14.02
C ARG M 283 -25.92 -81.45 -13.34
N ARG M 284 -26.25 -80.22 -13.73
CA ARG M 284 -27.32 -79.47 -13.07
C ARG M 284 -28.69 -80.16 -13.16
N LYS M 285 -28.85 -81.06 -14.13
CA LYS M 285 -30.04 -81.90 -14.24
C LYS M 285 -30.24 -82.75 -12.99
N ALA M 286 -29.21 -83.53 -12.64
CA ALA M 286 -29.24 -84.39 -11.47
C ALA M 286 -28.87 -83.64 -10.19
N MET M 287 -28.04 -82.61 -10.32
CA MET M 287 -27.59 -81.80 -9.18
C MET M 287 -28.74 -81.01 -8.58
N LEU M 288 -29.70 -80.63 -9.43
CA LEU M 288 -30.90 -79.93 -8.99
C LEU M 288 -31.89 -80.88 -8.34
N GLN M 289 -31.94 -82.12 -8.82
CA GLN M 289 -32.76 -83.17 -8.20
C GLN M 289 -32.27 -83.49 -6.79
N ASP M 290 -30.95 -83.44 -6.61
CA ASP M 290 -30.34 -83.61 -5.30
C ASP M 290 -30.97 -82.66 -4.29
N ILE M 291 -31.05 -81.38 -4.64
CA ILE M 291 -31.69 -80.38 -3.79
C ILE M 291 -33.17 -80.71 -3.57
N ALA M 292 -33.85 -81.09 -4.64
CA ALA M 292 -35.26 -81.48 -4.55
C ALA M 292 -35.47 -82.56 -3.49
N THR M 293 -34.63 -83.59 -3.53
CA THR M 293 -34.70 -84.69 -2.58
C THR M 293 -34.51 -84.20 -1.15
N LEU M 294 -33.50 -83.37 -0.96
CA LEU M 294 -33.13 -82.87 0.36
C LEU M 294 -34.23 -81.99 0.97
N THR M 295 -34.86 -81.18 0.14
CA THR M 295 -35.86 -80.21 0.59
C THR M 295 -37.28 -80.75 0.53
N GLY M 296 -37.44 -81.92 -0.08
CA GLY M 296 -38.75 -82.54 -0.23
C GLY M 296 -39.62 -81.76 -1.20
N GLY M 297 -39.03 -81.40 -2.34
CA GLY M 297 -39.73 -80.65 -3.36
C GLY M 297 -39.75 -81.40 -4.68
N THR M 298 -40.33 -80.78 -5.71
CA THR M 298 -40.37 -81.35 -7.05
C THR M 298 -39.65 -80.45 -8.03
N VAL M 299 -38.96 -81.07 -8.98
CA VAL M 299 -38.29 -80.36 -10.07
C VAL M 299 -39.27 -80.11 -11.21
N ILE M 300 -39.43 -78.84 -11.59
CA ILE M 300 -40.30 -78.49 -12.71
C ILE M 300 -39.49 -78.62 -14.00
N SER M 301 -39.59 -79.80 -14.61
CA SER M 301 -38.84 -80.12 -15.82
C SER M 301 -39.63 -79.75 -17.07
N GLU M 302 -38.91 -79.49 -18.15
CA GLU M 302 -39.53 -79.20 -19.44
C GLU M 302 -39.83 -80.48 -20.20
N GLU M 303 -38.97 -81.49 -20.03
CA GLU M 303 -39.06 -82.76 -20.76
C GLU M 303 -40.19 -83.66 -20.25
N ILE M 304 -40.88 -83.20 -19.19
CA ILE M 304 -42.08 -83.88 -18.69
C ILE M 304 -43.32 -83.05 -19.04
N GLY M 305 -43.12 -81.78 -19.39
CA GLY M 305 -44.22 -80.90 -19.78
C GLY M 305 -44.65 -79.92 -18.70
N MET M 306 -44.35 -80.27 -17.45
CA MET M 306 -44.67 -79.44 -16.28
C MET M 306 -44.23 -77.99 -16.54
N GLU M 307 -45.15 -77.05 -16.31
CA GLU M 307 -44.83 -75.64 -16.39
C GLU M 307 -45.03 -74.98 -15.03
N LEU M 308 -44.47 -73.80 -14.87
CA LEU M 308 -44.53 -73.08 -13.59
C LEU M 308 -45.94 -72.69 -13.20
N GLU M 309 -46.79 -72.45 -14.20
CA GLU M 309 -48.19 -72.10 -13.97
C GLU M 309 -48.95 -73.24 -13.31
N LYS M 310 -48.57 -74.48 -13.64
CA LYS M 310 -49.20 -75.66 -13.07
C LYS M 310 -48.39 -76.22 -11.91
N ALA M 311 -48.18 -75.38 -10.88
CA ALA M 311 -47.41 -75.74 -9.69
C ALA M 311 -48.03 -75.15 -8.42
N THR M 312 -48.03 -75.93 -7.35
CA THR M 312 -48.60 -75.51 -6.06
C THR M 312 -47.53 -75.42 -4.97
N LEU M 313 -47.96 -75.07 -3.76
CA LEU M 313 -47.12 -75.06 -2.57
C LEU M 313 -46.57 -76.47 -2.32
N GLU M 314 -47.43 -77.48 -2.47
CA GLU M 314 -47.06 -78.88 -2.28
C GLU M 314 -45.83 -79.32 -3.09
N ASP M 315 -45.65 -78.73 -4.27
CA ASP M 315 -44.55 -79.08 -5.17
C ASP M 315 -43.22 -78.51 -4.70
N LEU M 316 -43.28 -77.50 -3.84
CA LEU M 316 -42.09 -76.79 -3.38
C LEU M 316 -41.40 -77.49 -2.22
N GLY M 317 -40.11 -77.21 -2.05
CA GLY M 317 -39.32 -77.74 -0.96
C GLY M 317 -39.28 -76.77 0.20
N GLN M 318 -38.68 -77.20 1.31
CA GLN M 318 -38.65 -76.38 2.51
C GLN M 318 -37.41 -76.62 3.36
N ALA M 319 -36.92 -75.56 3.98
CA ALA M 319 -35.82 -75.64 4.94
C ALA M 319 -36.10 -74.69 6.11
N LYS M 320 -35.43 -74.91 7.24
CA LYS M 320 -35.61 -74.03 8.41
C LYS M 320 -34.86 -72.71 8.27
N ARG M 321 -33.81 -72.68 7.43
CA ARG M 321 -33.04 -71.47 7.16
C ARG M 321 -32.24 -71.58 5.85
N VAL M 322 -31.78 -70.45 5.34
CA VAL M 322 -30.89 -70.42 4.17
C VAL M 322 -30.16 -69.08 4.04
N VAL M 323 -28.86 -69.13 3.79
CA VAL M 323 -28.06 -67.92 3.59
C VAL M 323 -27.34 -67.86 2.24
N ILE M 324 -27.55 -66.76 1.52
CA ILE M 324 -26.92 -66.52 0.22
C ILE M 324 -26.01 -65.31 0.34
N ASN M 325 -24.82 -65.40 -0.25
CA ASN M 325 -23.96 -64.24 -0.34
C ASN M 325 -23.41 -64.06 -1.75
N LYS M 326 -22.39 -63.20 -1.89
CA LYS M 326 -21.80 -62.85 -3.18
C LYS M 326 -21.67 -64.02 -4.16
N ASP M 327 -21.27 -65.19 -3.66
CA ASP M 327 -21.01 -66.36 -4.52
C ASP M 327 -21.33 -67.73 -3.90
N THR M 328 -21.98 -67.71 -2.73
CA THR M 328 -22.28 -68.94 -2.01
C THR M 328 -23.74 -69.01 -1.60
N THR M 329 -24.37 -70.15 -1.84
CA THR M 329 -25.69 -70.44 -1.31
C THR M 329 -25.58 -71.66 -0.44
N THR M 330 -26.18 -71.61 0.74
CA THR M 330 -26.19 -72.75 1.66
C THR M 330 -27.57 -72.89 2.33
N ILE M 331 -28.17 -74.07 2.20
CA ILE M 331 -29.49 -74.33 2.80
C ILE M 331 -29.37 -75.20 4.05
N ILE M 332 -30.24 -74.96 5.03
CA ILE M 332 -30.11 -75.59 6.34
C ILE M 332 -31.40 -76.29 6.80
N ASP M 333 -31.29 -77.57 7.14
CA ASP M 333 -32.41 -78.36 7.66
C ASP M 333 -33.53 -78.54 6.65
N GLY M 334 -33.34 -79.46 5.70
CA GLY M 334 -34.35 -79.76 4.70
C GLY M 334 -35.44 -80.67 5.22
N VAL M 335 -36.67 -80.41 4.80
CA VAL M 335 -37.84 -81.18 5.25
C VAL M 335 -37.90 -82.55 4.57
N GLY M 336 -36.96 -82.79 3.65
CA GLY M 336 -36.90 -84.04 2.92
C GLY M 336 -36.83 -85.25 3.81
N GLU M 337 -37.61 -86.28 3.47
CA GLU M 337 -37.68 -87.52 4.23
C GLU M 337 -36.31 -88.18 4.39
N GLU M 338 -36.11 -88.84 5.53
CA GLU M 338 -34.90 -89.61 5.76
C GLU M 338 -34.83 -90.80 4.80
N ALA M 339 -36.00 -91.34 4.46
CA ALA M 339 -36.12 -92.43 3.48
C ALA M 339 -35.72 -91.96 2.08
N ALA M 340 -36.26 -90.81 1.66
CA ALA M 340 -36.01 -90.24 0.34
C ALA M 340 -34.54 -89.88 0.09
N ILE M 341 -33.90 -89.27 1.09
CA ILE M 341 -32.48 -88.88 0.99
C ILE M 341 -31.57 -90.11 1.00
N GLN M 342 -31.84 -91.06 1.89
CA GLN M 342 -31.07 -92.29 1.96
C GLN M 342 -31.21 -93.12 0.68
N GLY M 343 -32.40 -93.05 0.08
CA GLY M 343 -32.66 -93.71 -1.19
C GLY M 343 -31.83 -93.15 -2.33
N ARG M 344 -31.72 -91.83 -2.36
CA ARG M 344 -30.90 -91.13 -3.37
C ARG M 344 -29.41 -91.31 -3.13
N VAL M 345 -29.03 -91.53 -1.86
CA VAL M 345 -27.64 -91.81 -1.52
C VAL M 345 -27.23 -93.16 -2.11
N ALA M 346 -28.04 -94.20 -1.87
CA ALA M 346 -27.81 -95.53 -2.41
C ALA M 346 -27.82 -95.55 -3.94
N GLN M 347 -28.59 -94.64 -4.52
CA GLN M 347 -28.68 -94.48 -5.98
C GLN M 347 -27.37 -94.01 -6.60
N ILE M 348 -26.73 -93.02 -5.96
CA ILE M 348 -25.46 -92.49 -6.44
C ILE M 348 -24.29 -93.39 -6.04
N ARG M 349 -24.35 -93.91 -4.81
CA ARG M 349 -23.32 -94.82 -4.31
C ARG M 349 -23.10 -95.94 -5.31
N GLN M 350 -24.20 -96.47 -5.81
CA GLN M 350 -24.20 -97.43 -6.90
C GLN M 350 -23.44 -96.87 -8.11
N GLN M 351 -23.93 -95.77 -8.67
CA GLN M 351 -23.37 -95.13 -9.87
C GLN M 351 -21.84 -94.89 -9.83
N ARG M 361 -16.21 -90.57 -11.50
CA ARG M 361 -16.20 -91.16 -10.16
C ARG M 361 -15.97 -90.10 -9.10
N GLU M 362 -15.25 -89.03 -9.47
CA GLU M 362 -14.98 -87.93 -8.57
C GLU M 362 -16.15 -86.95 -8.51
N LYS M 363 -16.79 -86.70 -9.66
CA LYS M 363 -17.90 -85.75 -9.77
C LYS M 363 -19.17 -86.26 -9.10
N LEU M 364 -19.37 -87.57 -9.12
CA LEU M 364 -20.48 -88.19 -8.41
C LEU M 364 -20.15 -88.25 -6.91
N GLN M 365 -18.86 -88.35 -6.60
CA GLN M 365 -18.37 -88.36 -5.22
C GLN M 365 -18.65 -87.03 -4.51
N GLU M 366 -18.56 -85.95 -5.27
CA GLU M 366 -18.83 -84.61 -4.72
C GLU M 366 -20.30 -84.42 -4.38
N ARG M 367 -21.18 -85.04 -5.15
CA ARG M 367 -22.63 -84.96 -4.94
C ARG M 367 -23.04 -85.76 -3.72
N VAL M 368 -22.34 -86.86 -3.47
CA VAL M 368 -22.57 -87.67 -2.28
C VAL M 368 -22.19 -86.87 -1.03
N ALA M 369 -20.98 -86.32 -1.06
CA ALA M 369 -20.46 -85.53 0.05
C ALA M 369 -21.42 -84.40 0.43
N LYS M 370 -21.88 -83.63 -0.57
CA LYS M 370 -22.81 -82.54 -0.31
C LYS M 370 -24.10 -83.04 0.36
N LEU M 371 -24.65 -84.14 -0.15
CA LEU M 371 -25.95 -84.64 0.28
C LEU M 371 -25.93 -85.37 1.61
N ALA M 372 -25.11 -86.42 1.71
CA ALA M 372 -25.06 -87.24 2.90
C ALA M 372 -24.21 -86.61 4.00
N GLY M 373 -25.19 -86.10 4.59
CA GLY M 373 -24.07 -85.40 5.19
C GLY M 373 -24.48 -84.33 6.18
N GLY M 374 -25.59 -83.67 5.89
CA GLY M 374 -26.08 -82.64 6.79
C GLY M 374 -25.28 -81.36 6.84
N VAL M 375 -25.84 -80.37 7.52
CA VAL M 375 -25.20 -79.07 7.64
C VAL M 375 -25.07 -78.68 9.10
N ALA M 376 -23.85 -78.34 9.50
CA ALA M 376 -23.57 -77.93 10.86
C ALA M 376 -23.86 -76.45 11.05
N VAL M 377 -24.46 -76.10 12.18
CA VAL M 377 -24.81 -74.71 12.47
C VAL M 377 -24.17 -74.21 13.76
N ILE M 378 -23.99 -72.90 13.84
CA ILE M 378 -23.40 -72.27 15.00
C ILE M 378 -24.20 -71.06 15.43
N LYS M 379 -24.43 -70.95 16.73
CA LYS M 379 -25.17 -69.82 17.27
C LYS M 379 -24.21 -69.04 18.16
N VAL M 380 -23.81 -67.88 17.69
CA VAL M 380 -22.89 -67.03 18.43
C VAL M 380 -23.55 -66.47 19.68
N GLY M 381 -23.10 -66.95 20.83
CA GLY M 381 -23.64 -66.49 22.09
C GLY M 381 -22.98 -65.19 22.50
N ALA M 382 -23.69 -64.38 23.28
CA ALA M 382 -23.15 -63.12 23.73
C ALA M 382 -24.04 -62.48 24.76
N ALA M 383 -23.48 -61.53 25.49
CA ALA M 383 -24.22 -60.84 26.52
C ALA M 383 -25.11 -59.80 25.88
N THR M 384 -24.50 -58.90 25.13
CA THR M 384 -25.23 -57.84 24.45
C THR M 384 -25.52 -58.20 23.01
N GLU M 385 -26.58 -57.60 22.49
CA GLU M 385 -27.01 -57.81 21.12
C GLU M 385 -25.96 -57.23 20.18
N VAL M 386 -25.23 -56.23 20.68
CA VAL M 386 -24.16 -55.60 19.93
C VAL M 386 -23.07 -56.63 19.74
N GLU M 387 -22.36 -56.89 20.84
CA GLU M 387 -21.30 -57.89 20.87
C GLU M 387 -21.79 -59.10 20.09
N MET M 388 -22.97 -59.58 20.48
CA MET M 388 -23.59 -60.74 19.86
C MET M 388 -23.36 -60.68 18.36
N LYS M 389 -24.18 -59.90 17.67
CA LYS M 389 -24.04 -59.78 16.23
C LYS M 389 -22.64 -59.38 15.83
N GLU M 390 -21.92 -58.67 16.71
CA GLU M 390 -20.56 -58.27 16.38
C GLU M 390 -19.71 -59.54 16.31
N LYS M 391 -19.70 -60.28 17.42
CA LYS M 391 -18.94 -61.54 17.51
C LYS M 391 -19.27 -62.42 16.34
N LYS M 392 -20.58 -62.57 16.10
CA LYS M 392 -21.06 -63.38 14.99
C LYS M 392 -20.25 -63.06 13.74
N ALA M 393 -20.01 -61.78 13.53
CA ALA M 393 -19.25 -61.31 12.37
C ALA M 393 -17.87 -61.95 12.35
N ARG M 394 -17.04 -61.60 13.32
CA ARG M 394 -15.67 -62.12 13.41
C ARG M 394 -15.61 -63.62 13.12
N VAL M 395 -16.65 -64.33 13.57
CA VAL M 395 -16.74 -65.77 13.37
C VAL M 395 -16.68 -66.10 11.88
N GLU M 396 -17.70 -65.68 11.17
CA GLU M 396 -17.80 -65.92 9.74
C GLU M 396 -16.46 -65.60 9.10
N ASP M 397 -15.83 -64.54 9.57
CA ASP M 397 -14.53 -64.15 9.05
C ASP M 397 -13.62 -65.35 9.17
N ALA M 398 -13.19 -65.58 10.41
CA ALA M 398 -12.29 -66.67 10.75
C ALA M 398 -12.60 -67.92 9.94
N LEU M 399 -13.84 -68.37 10.05
CA LEU M 399 -14.27 -69.53 9.33
C LEU M 399 -13.63 -69.49 7.94
N HIS M 400 -13.83 -68.38 7.24
CA HIS M 400 -13.24 -68.20 5.91
C HIS M 400 -11.81 -68.66 5.90
N ALA M 401 -10.92 -67.75 6.32
CA ALA M 401 -9.49 -68.00 6.39
C ALA M 401 -9.21 -69.47 6.65
N THR M 402 -9.93 -70.03 7.62
CA THR M 402 -9.74 -71.42 7.99
C THR M 402 -9.96 -72.34 6.83
N ARG M 403 -11.12 -72.24 6.21
CA ARG M 403 -11.36 -73.08 5.05
C ARG M 403 -10.18 -72.94 4.11
N ALA M 404 -9.81 -71.70 3.84
CA ALA M 404 -8.69 -71.40 2.96
C ALA M 404 -7.39 -71.95 3.54
N ALA M 405 -7.17 -71.68 4.83
CA ALA M 405 -5.98 -72.16 5.51
C ALA M 405 -5.86 -73.66 5.29
N VAL M 406 -6.98 -74.35 5.43
CA VAL M 406 -7.02 -75.80 5.27
C VAL M 406 -6.64 -76.20 3.85
N GLU M 407 -7.29 -75.58 2.89
CA GLU M 407 -7.04 -75.86 1.50
C GLU M 407 -5.58 -75.67 1.12
N GLU M 408 -4.97 -74.57 1.56
CA GLU M 408 -3.57 -74.31 1.17
C GLU M 408 -2.57 -73.92 2.24
N GLY M 409 -3.14 -74.13 6.40
CA GLY M 409 -2.08 -74.19 7.39
C GLY M 409 -1.71 -72.88 8.03
N VAL M 410 -0.71 -72.92 8.92
CA VAL M 410 -0.25 -71.75 9.69
C VAL M 410 1.24 -71.49 9.55
N VAL M 411 1.65 -70.29 9.92
CA VAL M 411 3.04 -69.89 9.88
C VAL M 411 3.31 -68.98 11.07
N ALA M 412 4.56 -68.72 11.38
CA ALA M 412 4.94 -67.92 12.53
C ALA M 412 4.34 -66.55 12.34
N GLY M 413 3.56 -66.09 13.32
CA GLY M 413 3.03 -64.73 13.35
C GLY M 413 4.04 -63.61 13.67
N GLY M 414 3.54 -62.41 14.01
CA GLY M 414 4.43 -61.31 14.34
C GLY M 414 5.12 -60.84 13.08
N GLY M 415 4.57 -61.31 11.95
CA GLY M 415 5.19 -61.12 10.66
C GLY M 415 6.60 -61.70 10.54
N VAL M 416 6.91 -62.76 11.29
CA VAL M 416 8.24 -63.34 11.16
C VAL M 416 8.31 -64.16 9.89
N ALA M 417 7.24 -64.92 9.59
CA ALA M 417 7.17 -65.67 8.34
C ALA M 417 7.70 -64.80 7.21
N LEU M 418 7.12 -63.62 7.02
CA LEU M 418 7.58 -62.73 5.95
C LEU M 418 9.06 -62.41 6.02
N ILE M 419 9.56 -62.06 7.20
CA ILE M 419 10.97 -61.74 7.37
C ILE M 419 11.91 -62.92 6.98
N ARG M 420 11.36 -64.12 7.18
CA ARG M 420 12.06 -65.38 6.96
C ARG M 420 12.14 -65.60 5.47
N VAL M 421 11.03 -65.40 4.76
CA VAL M 421 11.11 -65.57 3.32
C VAL M 421 11.99 -64.51 2.67
N ALA M 422 12.00 -63.30 3.20
CA ALA M 422 12.96 -62.30 2.69
C ALA M 422 14.47 -62.69 2.72
N SER M 423 14.88 -63.49 3.70
CA SER M 423 16.29 -63.90 3.70
C SER M 423 16.47 -65.10 2.79
N LYS M 424 15.45 -65.96 2.67
CA LYS M 424 15.55 -67.02 1.69
C LYS M 424 15.72 -66.50 0.26
N LEU M 425 15.14 -65.33 -0.02
CA LEU M 425 15.19 -64.81 -1.38
C LEU M 425 16.31 -63.79 -1.57
N ALA M 426 17.25 -63.78 -0.62
CA ALA M 426 18.36 -62.85 -0.67
C ALA M 426 19.15 -62.98 -1.95
N ASP M 427 19.04 -64.16 -2.59
CA ASP M 427 19.81 -64.42 -3.79
C ASP M 427 19.02 -64.45 -5.10
N LEU M 428 17.77 -64.00 -5.04
CA LEU M 428 16.92 -63.86 -6.21
C LEU M 428 17.34 -62.72 -7.11
N ARG M 429 17.46 -62.98 -8.41
CA ARG M 429 17.77 -61.93 -9.36
C ARG M 429 16.82 -61.94 -10.56
N GLY M 430 16.82 -60.84 -11.32
CA GLY M 430 15.96 -60.73 -12.49
C GLY M 430 16.71 -60.72 -13.80
N GLN M 431 16.05 -60.21 -14.84
CA GLN M 431 16.62 -60.17 -16.18
C GLN M 431 17.55 -58.98 -16.33
N ASN M 432 17.51 -58.02 -15.43
CA ASN M 432 18.40 -56.86 -15.55
C ASN M 432 18.47 -56.10 -14.25
N GLU M 433 19.28 -55.06 -14.16
CA GLU M 433 19.44 -54.37 -12.89
C GLU M 433 18.15 -53.73 -12.33
N ASP M 434 17.33 -53.12 -13.19
CA ASP M 434 16.08 -52.52 -12.70
C ASP M 434 15.22 -53.60 -12.08
N GLN M 435 15.13 -54.77 -12.71
CA GLN M 435 14.35 -55.88 -12.13
C GLN M 435 14.89 -56.27 -10.75
N ASN M 436 16.20 -56.13 -10.57
CA ASN M 436 16.86 -56.46 -9.31
C ASN M 436 16.41 -55.53 -8.20
N VAL M 437 16.49 -54.23 -8.45
CA VAL M 437 16.00 -53.25 -7.49
C VAL M 437 14.54 -53.53 -7.16
N GLY M 438 13.82 -54.03 -8.14
CA GLY M 438 12.42 -54.32 -7.98
C GLY M 438 12.25 -55.47 -7.03
N ILE M 439 13.15 -56.43 -7.08
CA ILE M 439 13.13 -57.52 -6.09
C ILE M 439 13.47 -57.00 -4.69
N LYS M 440 14.62 -56.35 -4.55
CA LYS M 440 15.01 -55.76 -3.26
C LYS M 440 13.91 -54.86 -2.65
N VAL M 441 13.20 -54.14 -3.50
CA VAL M 441 12.02 -53.39 -3.05
C VAL M 441 10.95 -54.29 -2.38
N ALA M 442 10.57 -55.41 -2.97
CA ALA M 442 9.61 -56.28 -2.29
C ALA M 442 10.22 -56.89 -1.02
N LEU M 443 11.46 -57.35 -1.09
CA LEU M 443 12.03 -58.02 0.08
C LEU M 443 12.00 -57.07 1.29
N ARG M 444 12.48 -55.82 1.08
CA ARG M 444 12.55 -54.79 2.09
C ARG M 444 11.16 -54.48 2.65
N ALA M 445 10.15 -54.66 1.82
CA ALA M 445 8.80 -54.36 2.25
C ALA M 445 8.33 -55.46 3.16
N MET M 446 8.88 -56.64 2.98
CA MET M 446 8.40 -57.82 3.69
C MET M 446 8.61 -57.69 5.16
N GLU M 447 9.56 -56.83 5.51
CA GLU M 447 9.84 -56.48 6.89
C GLU M 447 8.79 -55.56 7.52
N ALA M 448 7.90 -54.95 6.74
CA ALA M 448 7.09 -53.86 7.32
C ALA M 448 6.06 -54.25 8.37
N PRO M 449 5.31 -55.32 8.18
CA PRO M 449 4.39 -55.70 9.25
C PRO M 449 5.12 -55.78 10.58
N LEU M 450 6.23 -56.53 10.67
CA LEU M 450 6.96 -56.65 11.94
C LEU M 450 7.32 -55.26 12.38
N ARG M 451 7.83 -54.46 11.47
CA ARG M 451 8.24 -53.11 11.83
C ARG M 451 7.11 -52.22 12.38
N GLN M 452 5.87 -52.35 11.87
CA GLN M 452 4.74 -51.55 12.36
C GLN M 452 4.28 -52.07 13.71
N ILE M 453 4.19 -53.41 13.84
CA ILE M 453 3.79 -54.04 15.09
C ILE M 453 4.64 -53.47 16.23
N VAL M 454 5.93 -53.45 16.02
CA VAL M 454 6.82 -52.91 17.01
C VAL M 454 6.63 -51.42 17.24
N LEU M 455 6.21 -50.71 16.20
CA LEU M 455 6.20 -49.28 16.29
C LEU M 455 4.96 -48.84 17.04
N ASN M 456 3.87 -49.56 16.83
CA ASN M 456 2.69 -49.43 17.65
C ASN M 456 2.91 -49.78 19.15
N CYS M 457 4.01 -50.41 19.54
CA CYS M 457 4.25 -50.68 20.95
C CYS M 457 5.08 -49.60 21.52
N GLY M 458 5.42 -48.61 20.73
CA GLY M 458 6.25 -47.55 21.27
C GLY M 458 7.71 -47.93 21.38
N GLU M 459 8.08 -49.00 20.68
CA GLU M 459 9.45 -49.51 20.72
C GLU M 459 10.20 -49.41 19.40
N GLU M 460 11.53 -49.47 19.49
CA GLU M 460 12.44 -49.28 18.36
C GLU M 460 12.32 -50.37 17.29
N PRO M 461 11.82 -50.04 16.11
CA PRO M 461 11.33 -51.09 15.22
C PRO M 461 12.55 -51.76 14.54
N SER M 462 13.53 -50.95 14.18
CA SER M 462 14.72 -51.43 13.49
C SER M 462 15.56 -52.35 14.46
N VAL M 463 15.61 -51.98 15.74
CA VAL M 463 16.31 -52.79 16.74
C VAL M 463 15.64 -54.14 16.94
N VAL M 464 14.31 -54.18 17.04
CA VAL M 464 13.65 -55.48 17.06
C VAL M 464 13.96 -56.27 15.80
N ALA M 465 13.78 -55.64 14.63
CA ALA M 465 14.00 -56.34 13.35
C ALA M 465 15.44 -56.90 13.26
N ASN M 466 16.44 -56.07 13.56
CA ASN M 466 17.79 -56.57 13.55
C ASN M 466 17.91 -57.85 14.34
N THR M 467 17.38 -57.88 15.56
CA THR M 467 17.52 -59.10 16.36
C THR M 467 16.59 -60.28 15.95
N VAL M 468 15.44 -60.04 15.35
CA VAL M 468 14.71 -61.18 14.81
C VAL M 468 15.47 -61.77 13.60
N LYS M 469 16.09 -60.88 12.81
CA LYS M 469 16.81 -61.31 11.61
C LYS M 469 18.12 -61.97 11.99
N GLY M 470 18.58 -61.77 13.21
CA GLY M 470 19.72 -62.52 13.71
C GLY M 470 19.41 -63.97 14.03
N GLY M 471 18.12 -64.32 14.13
CA GLY M 471 17.69 -65.64 14.56
C GLY M 471 17.39 -66.55 13.39
N ASP M 472 16.65 -67.63 13.64
CA ASP M 472 16.27 -68.60 12.61
C ASP M 472 14.90 -69.20 12.81
N GLY M 473 14.42 -69.92 11.81
CA GLY M 473 13.13 -70.58 11.88
C GLY M 473 12.03 -69.72 12.44
N ASN M 474 11.45 -70.15 13.54
CA ASN M 474 10.28 -69.52 14.10
C ASN M 474 10.58 -68.59 15.25
N TYR M 475 11.81 -68.11 15.33
CA TYR M 475 12.16 -67.19 16.42
C TYR M 475 11.61 -65.84 16.07
N GLY M 476 10.93 -65.21 17.02
CA GLY M 476 10.31 -63.91 16.78
C GLY M 476 10.17 -63.06 18.01
N TYR M 477 9.49 -61.92 17.89
CA TYR M 477 9.26 -61.01 18.99
C TYR M 477 7.86 -61.22 19.39
N ASN M 478 7.65 -61.29 20.70
CA ASN M 478 6.29 -61.36 21.25
C ASN M 478 5.96 -59.99 21.81
N ALA M 479 5.19 -59.23 21.03
CA ALA M 479 4.87 -57.83 21.33
C ALA M 479 4.05 -57.70 22.58
N ALA M 480 3.16 -58.66 22.81
CA ALA M 480 2.38 -58.72 24.05
C ALA M 480 3.28 -58.73 25.27
N THR M 481 4.21 -59.66 25.34
CA THR M 481 4.99 -59.86 26.55
C THR M 481 6.34 -59.17 26.50
N GLU M 482 6.70 -58.59 25.36
CA GLU M 482 7.96 -57.85 25.24
C GLU M 482 9.22 -58.71 25.35
N GLU M 483 9.13 -59.99 24.99
CA GLU M 483 10.34 -60.81 24.93
C GLU M 483 10.35 -61.75 23.73
N TYR M 484 11.56 -62.11 23.28
CA TYR M 484 11.74 -62.93 22.07
C TYR M 484 11.55 -64.42 22.39
N GLY M 485 11.27 -65.24 21.40
CA GLY M 485 11.01 -66.65 21.63
C GLY M 485 10.56 -67.35 20.36
N ASN M 486 10.12 -68.59 20.50
CA ASN M 486 9.63 -69.34 19.36
C ASN M 486 8.14 -69.03 19.19
N MET M 487 7.77 -68.37 18.08
CA MET M 487 6.38 -67.91 17.89
C MET M 487 5.34 -69.03 17.91
N ILE M 488 5.66 -70.19 17.35
CA ILE M 488 4.68 -71.27 17.36
C ILE M 488 4.44 -71.80 18.76
N ASP M 489 5.51 -71.80 19.56
CA ASP M 489 5.45 -72.26 20.95
C ASP M 489 4.66 -71.28 21.79
N MET M 490 4.80 -70.00 21.48
CA MET M 490 4.04 -69.01 22.23
C MET M 490 2.62 -68.84 21.71
N GLY M 491 2.22 -69.65 20.75
CA GLY M 491 0.86 -69.60 20.26
C GLY M 491 0.54 -68.45 19.31
N ILE M 492 1.54 -67.65 18.94
CA ILE M 492 1.36 -66.58 17.99
C ILE M 492 1.44 -67.05 16.53
N LEU M 493 0.38 -67.68 16.02
CA LEU M 493 0.34 -68.15 14.63
C LEU M 493 -0.60 -67.35 13.72
N ASP M 494 -0.14 -66.87 12.55
CA ASP M 494 -1.04 -66.39 11.45
C ASP M 494 -1.37 -67.48 10.46
N PRO M 495 -2.56 -67.50 9.86
CA PRO M 495 -2.87 -68.53 8.89
C PRO M 495 -2.17 -68.22 7.58
N THR M 496 -1.72 -69.28 6.89
CA THR M 496 -0.89 -69.10 5.71
C THR M 496 -1.66 -68.34 4.63
N LYS M 497 -2.84 -68.87 4.30
CA LYS M 497 -3.73 -68.21 3.35
C LYS M 497 -3.81 -66.70 3.60
N VAL M 498 -4.01 -66.26 4.84
CA VAL M 498 -3.99 -64.84 5.03
C VAL M 498 -2.63 -64.20 4.75
N THR M 499 -1.53 -64.75 5.22
CA THR M 499 -0.26 -64.04 4.98
C THR M 499 0.06 -63.93 3.48
N ARG M 500 -0.18 -65.03 2.79
CA ARG M 500 0.01 -65.15 1.35
C ARG M 500 -0.83 -64.08 0.68
N SER M 501 -2.13 -64.10 0.99
CA SER M 501 -3.12 -63.21 0.39
C SER M 501 -2.81 -61.75 0.65
N ALA M 502 -2.46 -61.41 1.89
CA ALA M 502 -1.98 -60.05 2.11
C ALA M 502 -0.97 -59.73 1.04
N LEU M 503 0.09 -60.53 0.96
CA LEU M 503 1.20 -60.24 0.03
C LEU M 503 0.78 -60.13 -1.42
N GLN M 504 0.05 -61.12 -1.91
CA GLN M 504 -0.28 -61.14 -3.31
C GLN M 504 -1.03 -59.85 -3.70
N TYR M 505 -2.01 -59.46 -2.91
CA TYR M 505 -2.85 -58.31 -3.20
C TYR M 505 -2.11 -57.01 -3.06
N ALA M 506 -1.38 -56.81 -1.98
CA ALA M 506 -0.66 -55.56 -1.91
C ALA M 506 0.21 -55.44 -3.15
N ALA M 507 0.91 -56.52 -3.51
CA ALA M 507 1.89 -56.52 -4.63
C ALA M 507 1.21 -56.16 -5.92
N SER M 508 0.08 -56.81 -6.15
CA SER M 508 -0.72 -56.54 -7.30
C SER M 508 -1.03 -55.05 -7.44
N VAL M 509 -1.68 -54.45 -6.46
CA VAL M 509 -1.97 -53.03 -6.59
C VAL M 509 -0.69 -52.21 -6.63
N ALA M 510 0.15 -52.27 -5.60
CA ALA M 510 1.31 -51.36 -5.57
C ALA M 510 2.23 -51.47 -6.81
N GLY M 511 2.25 -52.68 -7.39
CA GLY M 511 3.03 -52.96 -8.57
C GLY M 511 2.58 -52.04 -9.68
N LEU M 512 1.29 -52.12 -10.03
CA LEU M 512 0.67 -51.17 -10.97
C LEU M 512 0.88 -49.71 -10.62
N MET M 513 0.69 -49.42 -9.35
CA MET M 513 0.68 -48.05 -8.88
C MET M 513 1.98 -47.32 -9.20
N ILE M 514 3.09 -48.01 -9.09
CA ILE M 514 4.37 -47.33 -9.27
C ILE M 514 4.71 -47.06 -10.74
N THR M 515 3.91 -47.60 -11.66
CA THR M 515 4.17 -47.41 -13.07
C THR M 515 3.41 -46.19 -13.63
N THR M 516 2.95 -45.31 -12.76
CA THR M 516 2.04 -44.23 -13.11
C THR M 516 2.84 -43.03 -13.56
N GLU M 517 2.55 -42.54 -14.77
CA GLU M 517 3.27 -41.39 -15.26
C GLU M 517 2.33 -40.21 -15.45
N CYS M 518 1.04 -40.48 -15.52
CA CYS M 518 0.08 -39.44 -15.73
C CYS M 518 -1.26 -39.75 -15.06
N MET M 519 -1.93 -38.73 -14.54
CA MET M 519 -3.19 -38.91 -13.84
C MET M 519 -4.25 -37.97 -14.38
N VAL M 520 -5.46 -38.49 -14.58
CA VAL M 520 -6.53 -37.72 -15.18
C VAL M 520 -7.78 -37.77 -14.31
N THR M 521 -8.18 -36.60 -13.81
CA THR M 521 -9.36 -36.46 -12.92
C THR M 521 -10.16 -35.18 -13.19
N ASP M 522 -11.32 -35.05 -12.53
CA ASP M 522 -12.15 -33.85 -12.58
C ASP M 522 -11.55 -32.64 -11.91
N LEU M 523 -12.01 -31.46 -12.31
CA LEU M 523 -11.53 -30.22 -11.74
C LEU M 523 -12.09 -29.98 -10.34
N PRO M 524 -11.31 -29.33 -9.47
CA PRO M 524 -11.73 -29.01 -8.10
C PRO M 524 -12.95 -28.07 -7.97
N ALA N 1 -25.64 -17.25 -27.84
CA ALA N 1 -24.74 -16.62 -26.84
C ALA N 1 -23.67 -15.80 -27.56
N ALA N 2 -23.20 -14.76 -26.91
CA ALA N 2 -21.99 -14.08 -27.31
C ALA N 2 -20.86 -15.10 -27.48
N LYS N 3 -20.10 -14.94 -28.54
CA LYS N 3 -19.00 -15.82 -28.92
C LYS N 3 -17.65 -15.19 -28.64
N ASP N 4 -16.67 -16.03 -28.39
CA ASP N 4 -15.27 -15.62 -28.32
C ASP N 4 -14.66 -15.97 -29.67
N VAL N 5 -13.88 -15.06 -30.27
CA VAL N 5 -13.21 -15.38 -31.51
C VAL N 5 -11.72 -15.10 -31.44
N LYS N 6 -10.92 -16.09 -31.86
CA LYS N 6 -9.48 -15.99 -31.77
C LYS N 6 -8.89 -16.22 -33.13
N PHE N 7 -7.80 -15.51 -33.39
CA PHE N 7 -7.20 -15.51 -34.71
C PHE N 7 -5.76 -16.01 -34.75
N GLY N 8 -5.43 -16.66 -35.86
CA GLY N 8 -4.06 -16.92 -36.23
C GLY N 8 -3.35 -17.76 -35.21
N ASN N 9 -2.20 -17.26 -34.79
CA ASN N 9 -1.38 -18.02 -33.89
C ASN N 9 -2.08 -18.35 -32.57
N ASP N 10 -2.74 -17.37 -31.97
CA ASP N 10 -3.43 -17.62 -30.72
C ASP N 10 -4.41 -18.74 -30.85
N ALA N 11 -5.27 -18.67 -31.86
CA ALA N 11 -6.23 -19.75 -32.05
C ALA N 11 -5.51 -21.09 -32.07
N ARG N 12 -4.38 -21.13 -32.79
CA ARG N 12 -3.66 -22.36 -33.10
C ARG N 12 -2.92 -22.95 -31.90
N VAL N 13 -2.19 -22.13 -31.17
CA VAL N 13 -1.60 -22.59 -29.93
C VAL N 13 -2.66 -23.25 -29.03
N LYS N 14 -3.77 -22.57 -28.80
CA LYS N 14 -4.86 -23.20 -28.06
C LYS N 14 -5.34 -24.50 -28.71
N MET N 15 -5.59 -24.51 -30.00
CA MET N 15 -6.08 -25.74 -30.64
C MET N 15 -5.16 -26.92 -30.40
N LEU N 16 -3.85 -26.63 -30.33
CA LEU N 16 -2.86 -27.67 -30.27
C LEU N 16 -2.86 -28.21 -28.86
N ARG N 17 -2.78 -27.30 -27.88
CA ARG N 17 -2.89 -27.69 -26.48
C ARG N 17 -4.03 -28.70 -26.25
N GLY N 18 -5.13 -28.48 -26.92
CA GLY N 18 -6.28 -29.37 -26.84
C GLY N 18 -5.88 -30.73 -27.33
N VAL N 19 -5.49 -30.80 -28.60
CA VAL N 19 -4.98 -32.04 -29.23
C VAL N 19 -4.00 -32.76 -28.29
N ASN N 20 -2.95 -32.09 -27.83
CA ASN N 20 -2.05 -32.75 -26.93
C ASN N 20 -2.68 -33.46 -25.72
N VAL N 21 -3.54 -32.78 -24.98
CA VAL N 21 -4.16 -33.38 -23.81
C VAL N 21 -4.80 -34.72 -24.19
N LEU N 22 -5.63 -34.71 -25.25
CA LEU N 22 -6.23 -35.94 -25.72
C LEU N 22 -5.15 -36.89 -26.20
N ALA N 23 -4.31 -36.48 -27.16
CA ALA N 23 -3.19 -37.33 -27.64
C ALA N 23 -2.39 -37.91 -26.50
N ASP N 24 -1.85 -37.08 -25.62
CA ASP N 24 -1.12 -37.61 -24.46
C ASP N 24 -1.85 -38.64 -23.60
N ALA N 25 -3.15 -38.50 -23.40
CA ALA N 25 -3.85 -39.49 -22.61
C ALA N 25 -3.99 -40.75 -23.43
N VAL N 26 -3.98 -40.65 -24.75
CA VAL N 26 -4.25 -41.89 -25.50
C VAL N 26 -2.93 -42.67 -25.72
N LYS N 27 -1.87 -41.89 -25.97
CA LYS N 27 -0.54 -42.37 -26.25
C LYS N 27 -0.03 -43.35 -25.22
N VAL N 28 -0.45 -43.21 -23.95
CA VAL N 28 0.24 -43.98 -22.91
C VAL N 28 -0.08 -45.45 -23.02
N THR N 29 -1.06 -45.77 -23.86
CA THR N 29 -1.50 -47.13 -23.97
C THR N 29 -0.97 -47.83 -25.18
N LEU N 30 -0.23 -47.15 -26.04
CA LEU N 30 0.23 -47.76 -27.28
C LEU N 30 1.31 -48.82 -27.09
N GLY N 31 1.08 -49.99 -27.68
CA GLY N 31 2.12 -51.00 -27.69
C GLY N 31 2.15 -52.00 -26.56
N PRO N 32 2.99 -53.02 -26.69
CA PRO N 32 3.05 -54.07 -25.67
C PRO N 32 3.45 -53.57 -24.29
N LYS N 33 4.33 -52.58 -24.16
CA LYS N 33 4.62 -51.95 -22.86
C LYS N 33 3.73 -50.70 -22.64
N GLY N 34 2.57 -50.74 -23.26
CA GLY N 34 1.52 -49.78 -22.98
C GLY N 34 0.96 -50.01 -21.58
N ARG N 35 0.57 -48.91 -20.92
CA ARG N 35 -0.03 -48.91 -19.60
C ARG N 35 -1.53 -48.61 -19.72
N ASN N 36 -2.25 -48.64 -18.62
CA ASN N 36 -3.67 -48.38 -18.68
C ASN N 36 -4.05 -46.97 -18.27
N VAL N 37 -5.25 -46.58 -18.66
CA VAL N 37 -5.85 -45.33 -18.22
C VAL N 37 -7.09 -45.65 -17.42
N VAL N 38 -7.30 -44.92 -16.32
CA VAL N 38 -8.51 -45.06 -15.52
C VAL N 38 -9.53 -44.00 -15.87
N LEU N 39 -10.74 -44.44 -16.21
CA LEU N 39 -11.81 -43.55 -16.62
C LEU N 39 -12.98 -43.52 -15.62
N ASP N 40 -13.08 -42.41 -14.90
CA ASP N 40 -14.19 -42.22 -13.97
C ASP N 40 -15.56 -42.34 -14.60
N LYS N 41 -16.54 -42.66 -13.78
CA LYS N 41 -17.90 -42.86 -14.21
C LYS N 41 -18.73 -42.76 -12.92
N SER N 42 -19.43 -41.64 -12.70
CA SER N 42 -20.25 -41.52 -11.47
C SER N 42 -21.10 -42.80 -11.33
N PHE N 43 -22.00 -42.99 -12.32
CA PHE N 43 -22.69 -44.26 -12.66
C PHE N 43 -22.25 -45.50 -11.85
N GLY N 44 -21.15 -46.14 -12.25
CA GLY N 44 -20.66 -47.35 -11.58
C GLY N 44 -19.25 -47.18 -11.06
N ALA N 45 -18.49 -48.28 -10.99
CA ALA N 45 -17.09 -48.19 -10.61
C ALA N 45 -16.36 -47.61 -11.80
N PRO N 46 -15.20 -47.00 -11.58
CA PRO N 46 -14.35 -46.62 -12.70
C PRO N 46 -14.02 -47.80 -13.60
N THR N 47 -13.45 -47.46 -14.75
CA THR N 47 -13.13 -48.42 -15.79
C THR N 47 -11.64 -48.37 -15.96
N ILE N 48 -10.99 -49.53 -16.00
CA ILE N 48 -9.60 -49.53 -16.42
C ILE N 48 -9.61 -49.95 -17.89
N THR N 49 -8.82 -49.29 -18.72
CA THR N 49 -8.84 -49.62 -20.16
C THR N 49 -7.56 -49.23 -20.89
N LYS N 50 -7.19 -50.07 -21.86
CA LYS N 50 -6.04 -49.83 -22.76
C LYS N 50 -6.50 -49.23 -24.10
N ASP N 51 -7.82 -49.34 -24.34
CA ASP N 51 -8.44 -49.12 -25.62
C ASP N 51 -8.57 -47.66 -25.99
N GLY N 52 -7.76 -47.28 -26.97
CA GLY N 52 -7.55 -45.86 -27.31
C GLY N 52 -8.77 -44.98 -27.54
N VAL N 53 -9.78 -45.56 -28.21
CA VAL N 53 -10.98 -44.82 -28.52
C VAL N 53 -11.71 -44.54 -27.22
N SER N 54 -11.66 -45.49 -26.27
CA SER N 54 -12.37 -45.34 -25.02
C SER N 54 -11.85 -44.19 -24.20
N VAL N 55 -10.53 -44.03 -24.12
CA VAL N 55 -9.96 -42.86 -23.49
C VAL N 55 -10.41 -41.63 -24.23
N ALA N 56 -10.31 -41.64 -25.57
CA ALA N 56 -10.62 -40.46 -26.41
C ALA N 56 -12.01 -39.89 -26.18
N ARG N 57 -13.03 -40.72 -26.38
CA ARG N 57 -14.41 -40.34 -26.11
C ARG N 57 -14.70 -39.67 -24.73
N GLU N 58 -13.78 -39.76 -23.78
CA GLU N 58 -14.01 -39.12 -22.48
C GLU N 58 -13.35 -37.76 -22.35
N ILE N 59 -12.38 -37.43 -23.19
CA ILE N 59 -11.76 -36.14 -23.00
C ILE N 59 -12.68 -35.03 -23.49
N GLU N 60 -12.88 -34.05 -22.58
CA GLU N 60 -13.57 -32.80 -22.84
C GLU N 60 -12.85 -31.78 -21.97
N LEU N 61 -12.49 -30.63 -22.51
CA LEU N 61 -11.67 -29.73 -21.71
C LEU N 61 -12.47 -28.51 -21.25
N GLU N 62 -11.89 -27.74 -20.32
CA GLU N 62 -12.63 -26.61 -19.82
C GLU N 62 -12.50 -25.37 -20.66
N ASP N 63 -11.25 -25.05 -21.03
CA ASP N 63 -10.93 -23.97 -21.96
C ASP N 63 -11.55 -24.29 -23.30
N LYS N 64 -12.41 -23.42 -23.75
CA LYS N 64 -13.38 -23.78 -24.76
C LYS N 64 -12.70 -24.05 -26.11
N PHE N 65 -11.54 -23.44 -26.30
CA PHE N 65 -10.78 -23.52 -27.54
C PHE N 65 -10.01 -24.82 -27.54
N GLU N 66 -9.27 -25.07 -26.46
CA GLU N 66 -8.59 -26.33 -26.24
C GLU N 66 -9.61 -27.40 -26.45
N ASN N 67 -10.81 -27.26 -25.89
CA ASN N 67 -11.81 -28.27 -26.10
C ASN N 67 -12.00 -28.63 -27.55
N MET N 68 -12.05 -27.60 -28.39
CA MET N 68 -12.33 -27.73 -29.82
C MET N 68 -11.23 -28.57 -30.49
N GLY N 69 -9.98 -28.25 -30.19
CA GLY N 69 -8.87 -29.12 -30.53
C GLY N 69 -9.19 -30.58 -30.24
N ALA N 70 -9.35 -30.92 -28.96
CA ALA N 70 -9.61 -32.29 -28.57
C ALA N 70 -10.85 -32.88 -29.23
N GLN N 71 -11.90 -32.09 -29.39
CA GLN N 71 -13.13 -32.64 -29.91
C GLN N 71 -13.02 -33.05 -31.38
N MET N 72 -12.00 -32.51 -32.04
CA MET N 72 -11.78 -32.76 -33.46
C MET N 72 -10.92 -34.01 -33.70
N VAL N 73 -9.72 -34.06 -33.12
CA VAL N 73 -8.89 -35.26 -33.16
C VAL N 73 -9.66 -36.46 -32.63
N LYS N 74 -10.52 -36.24 -31.66
CA LYS N 74 -11.32 -37.33 -31.14
C LYS N 74 -12.00 -38.11 -32.29
N GLU N 75 -12.12 -37.49 -33.44
CA GLU N 75 -12.84 -38.11 -34.52
C GLU N 75 -11.98 -39.13 -35.28
N VAL N 76 -10.68 -38.96 -35.26
CA VAL N 76 -9.84 -39.92 -35.95
C VAL N 76 -9.98 -41.26 -35.20
N ALA N 77 -9.75 -41.20 -33.87
CA ALA N 77 -9.79 -42.40 -33.02
C ALA N 77 -11.20 -42.98 -33.12
N SER N 78 -12.17 -42.11 -33.27
CA SER N 78 -13.51 -42.60 -33.33
C SER N 78 -13.81 -43.32 -34.64
N LYS N 79 -13.37 -42.70 -35.73
CA LYS N 79 -13.59 -43.23 -37.08
C LYS N 79 -12.82 -44.55 -37.35
N ALA N 80 -11.51 -44.53 -37.04
CA ALA N 80 -10.72 -45.76 -36.99
C ALA N 80 -11.56 -46.93 -36.41
N ASN N 81 -12.05 -46.73 -35.18
CA ASN N 81 -12.81 -47.72 -34.49
C ASN N 81 -13.99 -48.26 -35.29
N ASP N 82 -14.71 -47.41 -36.01
CA ASP N 82 -15.99 -47.83 -36.65
C ASP N 82 -15.75 -48.65 -37.89
N ALA N 83 -14.57 -48.43 -38.46
CA ALA N 83 -14.17 -49.05 -39.73
C ALA N 83 -13.35 -50.31 -39.49
N ALA N 84 -12.17 -50.08 -38.89
CA ALA N 84 -11.23 -51.12 -38.51
C ALA N 84 -11.71 -51.99 -37.34
N GLY N 85 -11.78 -51.40 -36.13
CA GLY N 85 -12.03 -52.13 -34.88
C GLY N 85 -10.78 -52.08 -34.01
N ASP N 86 -9.68 -51.52 -34.53
CA ASP N 86 -8.42 -51.47 -33.80
C ASP N 86 -7.58 -50.34 -34.40
N GLY N 87 -6.40 -50.09 -33.88
CA GLY N 87 -5.57 -49.04 -34.43
C GLY N 87 -5.91 -47.61 -34.05
N THR N 88 -6.92 -47.45 -33.18
CA THR N 88 -7.44 -46.15 -32.73
C THR N 88 -6.34 -45.36 -32.03
N THR N 89 -5.50 -46.02 -31.25
CA THR N 89 -4.38 -45.29 -30.67
C THR N 89 -3.42 -44.84 -31.75
N THR N 90 -3.11 -45.75 -32.70
CA THR N 90 -2.11 -45.44 -33.73
C THR N 90 -2.64 -44.21 -34.45
N ALA N 91 -3.87 -44.39 -34.97
CA ALA N 91 -4.56 -43.29 -35.64
C ALA N 91 -4.29 -42.00 -34.84
N THR N 92 -4.57 -42.01 -33.53
CA THR N 92 -4.49 -40.79 -32.76
C THR N 92 -3.07 -40.25 -32.77
N VAL N 93 -2.12 -41.16 -32.68
CA VAL N 93 -0.72 -40.73 -32.54
C VAL N 93 -0.15 -40.13 -33.85
N LEU N 94 -0.69 -40.63 -34.98
CA LEU N 94 -0.28 -40.13 -36.27
C LEU N 94 -0.89 -38.76 -36.37
N ALA N 95 -2.18 -38.66 -36.04
CA ALA N 95 -2.89 -37.37 -36.16
C ALA N 95 -2.20 -36.31 -35.35
N GLN N 96 -1.75 -36.64 -34.17
CA GLN N 96 -1.11 -35.60 -33.36
C GLN N 96 0.20 -35.17 -33.97
N ALA N 97 0.74 -36.02 -34.83
CA ALA N 97 2.11 -35.87 -35.32
C ALA N 97 2.07 -34.98 -36.55
N ILE N 98 1.12 -35.31 -37.42
CA ILE N 98 0.91 -34.50 -38.59
C ILE N 98 0.63 -33.04 -38.12
N ILE N 99 -0.30 -32.88 -37.15
CA ILE N 99 -0.68 -31.57 -36.62
C ILE N 99 0.53 -30.83 -36.10
N THR N 100 1.31 -31.47 -35.24
CA THR N 100 2.40 -30.76 -34.61
C THR N 100 3.32 -30.24 -35.70
N GLU N 101 3.55 -31.09 -36.71
CA GLU N 101 4.57 -30.80 -37.71
C GLU N 101 4.04 -29.79 -38.70
N GLY N 102 2.80 -30.03 -39.14
CA GLY N 102 2.00 -29.05 -39.84
C GLY N 102 2.13 -27.65 -39.24
N LEU N 103 1.54 -27.44 -38.06
CA LEU N 103 1.49 -26.09 -37.50
C LEU N 103 2.87 -25.49 -37.42
N LYS N 104 3.90 -26.32 -37.29
CA LYS N 104 5.25 -25.76 -37.23
C LYS N 104 5.61 -25.13 -38.58
N ALA N 105 5.13 -25.76 -39.66
CA ALA N 105 5.39 -25.28 -41.00
C ALA N 105 4.55 -24.02 -41.26
N VAL N 106 3.29 -24.04 -40.80
CA VAL N 106 2.42 -22.90 -40.97
C VAL N 106 3.06 -21.69 -40.33
N ALA N 107 3.73 -21.92 -39.21
CA ALA N 107 4.42 -20.86 -38.52
C ALA N 107 5.69 -20.42 -39.25
N ALA N 108 6.09 -21.20 -40.26
CA ALA N 108 7.27 -20.88 -41.05
C ALA N 108 6.92 -19.97 -42.23
N GLY N 109 5.63 -19.68 -42.38
CA GLY N 109 5.15 -18.93 -43.53
C GLY N 109 4.63 -19.75 -44.71
N MET N 110 4.69 -21.06 -44.63
CA MET N 110 4.05 -21.92 -45.60
C MET N 110 2.55 -21.72 -45.72
N ASN N 111 2.02 -22.05 -46.89
CA ASN N 111 0.61 -21.91 -47.18
C ASN N 111 -0.18 -23.14 -46.76
N PRO N 112 -0.99 -23.06 -45.73
CA PRO N 112 -1.61 -24.25 -45.16
C PRO N 112 -2.33 -25.09 -46.18
N MET N 113 -3.08 -24.47 -47.06
CA MET N 113 -3.88 -25.26 -47.98
C MET N 113 -3.04 -26.12 -48.92
N ASP N 114 -1.75 -25.78 -49.07
CA ASP N 114 -0.80 -26.52 -49.87
C ASP N 114 -0.22 -27.66 -49.03
N LEU N 115 0.12 -27.35 -47.78
CA LEU N 115 0.65 -28.35 -46.86
C LEU N 115 -0.36 -29.44 -46.84
N LYS N 116 -1.64 -29.09 -46.76
CA LYS N 116 -2.68 -30.10 -46.85
C LYS N 116 -2.62 -30.95 -48.13
N ARG N 117 -2.54 -30.31 -49.30
CA ARG N 117 -2.46 -31.04 -50.58
C ARG N 117 -1.27 -32.03 -50.60
N GLY N 118 -0.16 -31.64 -49.97
CA GLY N 118 1.02 -32.47 -49.90
C GLY N 118 0.72 -33.70 -49.07
N ILE N 119 0.42 -33.49 -47.77
CA ILE N 119 -0.05 -34.52 -46.87
C ILE N 119 -0.99 -35.44 -47.61
N ASP N 120 -2.01 -34.90 -48.28
CA ASP N 120 -3.00 -35.80 -48.88
C ASP N 120 -2.36 -36.70 -49.95
N LYS N 121 -1.54 -36.10 -50.81
CA LYS N 121 -0.87 -36.82 -51.86
C LYS N 121 0.04 -37.88 -51.27
N ALA N 122 0.82 -37.50 -50.25
CA ALA N 122 1.71 -38.45 -49.57
C ALA N 122 0.90 -39.63 -49.07
N VAL N 123 -0.25 -39.37 -48.49
CA VAL N 123 -1.12 -40.45 -48.02
C VAL N 123 -1.67 -41.34 -49.14
N THR N 124 -2.11 -40.75 -50.27
CA THR N 124 -2.72 -41.55 -51.32
C THR N 124 -1.72 -42.57 -51.84
N ALA N 125 -0.44 -42.21 -51.68
CA ALA N 125 0.67 -42.97 -52.20
C ALA N 125 1.03 -44.05 -51.18
N ALA N 126 1.09 -43.66 -49.91
CA ALA N 126 1.30 -44.61 -48.82
C ALA N 126 0.20 -45.66 -48.85
N VAL N 127 -1.03 -45.31 -49.14
CA VAL N 127 -2.07 -46.34 -49.19
C VAL N 127 -1.81 -47.36 -50.28
N GLU N 128 -1.44 -46.88 -51.47
CA GLU N 128 -1.04 -47.74 -52.59
C GLU N 128 0.11 -48.65 -52.18
N GLU N 129 1.13 -48.08 -51.54
CA GLU N 129 2.31 -48.81 -51.17
C GLU N 129 2.01 -49.92 -50.18
N LEU N 130 1.21 -49.62 -49.15
CA LEU N 130 0.65 -50.65 -48.27
C LEU N 130 -0.13 -51.74 -48.98
N LYS N 131 -0.93 -51.42 -50.00
CA LYS N 131 -1.60 -52.53 -50.71
C LYS N 131 -0.55 -53.50 -51.26
N ALA N 132 0.64 -52.99 -51.52
CA ALA N 132 1.67 -53.75 -52.23
C ALA N 132 2.28 -54.74 -51.25
N LEU N 133 2.79 -54.19 -50.12
CA LEU N 133 3.32 -54.91 -48.96
C LEU N 133 2.40 -55.93 -48.35
N SER N 134 1.13 -55.62 -48.27
CA SER N 134 0.20 -56.57 -47.71
C SER N 134 0.32 -57.94 -48.39
N VAL N 135 0.41 -58.94 -47.57
CA VAL N 135 0.33 -60.28 -48.08
C VAL N 135 -0.94 -60.86 -47.47
N PRO N 136 -1.56 -58.84 -48.64
CA PRO N 136 -2.75 -59.68 -48.64
C PRO N 136 -2.98 -60.39 -47.33
N CYS N 137 -4.18 -60.95 -47.20
CA CYS N 137 -4.58 -61.67 -46.03
C CYS N 137 -5.58 -62.69 -46.51
N SER N 138 -5.10 -63.88 -46.85
CA SER N 138 -6.01 -64.91 -47.34
C SER N 138 -6.07 -66.22 -46.57
N ASP N 139 -4.94 -66.93 -46.50
CA ASP N 139 -4.88 -68.21 -45.80
C ASP N 139 -5.32 -68.09 -44.35
N SER N 140 -5.87 -69.17 -43.82
CA SER N 140 -6.34 -69.18 -42.43
C SER N 140 -5.26 -68.70 -41.49
N LYS N 141 -4.01 -68.70 -41.95
CA LYS N 141 -2.90 -68.23 -41.12
C LYS N 141 -3.01 -66.73 -40.95
N ALA N 142 -2.89 -66.02 -42.07
CA ALA N 142 -2.98 -64.56 -42.07
C ALA N 142 -4.23 -64.11 -41.32
N ILE N 143 -5.29 -64.92 -41.44
CA ILE N 143 -6.56 -64.64 -40.79
C ILE N 143 -6.49 -64.70 -39.27
N ALA N 144 -6.19 -65.86 -38.73
CA ALA N 144 -6.07 -65.98 -37.28
C ALA N 144 -4.97 -65.02 -36.88
N GLN N 145 -4.06 -64.77 -37.82
CA GLN N 145 -2.95 -63.85 -37.65
C GLN N 145 -3.57 -62.54 -37.19
N VAL N 146 -3.96 -61.72 -38.17
CA VAL N 146 -4.58 -60.44 -37.92
C VAL N 146 -5.59 -60.47 -36.79
N GLY N 147 -6.42 -61.52 -36.78
CA GLY N 147 -7.42 -61.64 -35.75
C GLY N 147 -6.78 -61.56 -34.37
N THR N 148 -5.97 -62.56 -34.02
CA THR N 148 -5.31 -62.59 -32.73
C THR N 148 -4.65 -61.25 -32.39
N ILE N 149 -4.20 -60.52 -33.42
CA ILE N 149 -3.54 -59.22 -33.23
C ILE N 149 -4.56 -58.17 -32.78
N SER N 150 -5.56 -57.95 -33.64
CA SER N 150 -6.62 -56.99 -33.37
C SER N 150 -7.38 -57.35 -32.10
N ALA N 151 -7.24 -58.59 -31.68
CA ALA N 151 -7.88 -59.09 -30.48
C ALA N 151 -6.93 -58.80 -29.32
N ASN N 152 -5.79 -58.19 -29.64
CA ASN N 152 -4.78 -57.84 -28.65
C ASN N 152 -3.95 -59.03 -28.21
N SER N 153 -3.19 -59.59 -29.14
CA SER N 153 -2.31 -60.71 -28.83
C SER N 153 -3.02 -62.04 -28.57
N ASP N 154 -4.20 -61.98 -27.97
CA ASP N 154 -4.96 -63.21 -27.68
C ASP N 154 -5.09 -64.10 -28.90
N GLU N 155 -4.26 -65.12 -28.97
CA GLU N 155 -4.28 -66.06 -30.09
C GLU N 155 -5.57 -66.86 -30.20
N THR N 156 -6.12 -67.25 -29.05
CA THR N 156 -7.36 -68.04 -29.03
C THR N 156 -8.39 -67.35 -29.90
N VAL N 157 -8.37 -66.03 -29.88
CA VAL N 157 -9.31 -65.26 -30.67
C VAL N 157 -9.10 -65.41 -32.16
N GLY N 158 -7.99 -64.86 -32.67
CA GLY N 158 -7.70 -64.97 -34.08
C GLY N 158 -8.02 -66.35 -34.57
N LYS N 159 -7.89 -67.32 -33.66
CA LYS N 159 -8.16 -68.73 -33.94
C LYS N 159 -9.59 -68.94 -34.44
N LEU N 160 -10.56 -68.88 -33.51
CA LEU N 160 -11.97 -69.08 -33.82
C LEU N 160 -12.42 -68.35 -35.06
N ILE N 161 -11.91 -67.14 -35.20
CA ILE N 161 -12.25 -66.32 -36.35
C ILE N 161 -11.85 -67.06 -37.64
N ALA N 162 -10.61 -67.54 -37.68
CA ALA N 162 -10.13 -68.26 -38.85
C ALA N 162 -11.01 -69.48 -39.04
N GLU N 163 -11.27 -70.20 -37.96
CA GLU N 163 -12.10 -71.41 -37.99
C GLU N 163 -13.44 -71.05 -38.59
N ALA N 164 -14.04 -70.03 -38.00
CA ALA N 164 -15.33 -69.56 -38.46
C ALA N 164 -15.33 -69.45 -39.97
N MET N 165 -14.64 -68.45 -40.49
CA MET N 165 -14.59 -68.27 -41.94
C MET N 165 -14.28 -69.58 -42.63
N ASP N 166 -13.46 -70.39 -41.98
CA ASP N 166 -13.07 -71.66 -42.54
C ASP N 166 -14.29 -72.58 -42.61
N LYS N 167 -15.37 -72.18 -41.94
CA LYS N 167 -16.61 -72.97 -41.91
C LYS N 167 -17.65 -72.50 -42.94
N VAL N 168 -18.21 -71.32 -42.73
CA VAL N 168 -19.22 -70.77 -43.65
C VAL N 168 -18.58 -69.89 -44.72
N GLY N 169 -17.24 -69.88 -44.75
CA GLY N 169 -16.52 -69.11 -45.76
C GLY N 169 -16.10 -67.73 -45.31
N LYS N 170 -15.33 -67.05 -46.14
CA LYS N 170 -14.89 -65.70 -45.82
C LYS N 170 -16.09 -64.76 -45.84
N GLU N 171 -17.04 -65.04 -46.71
CA GLU N 171 -18.23 -64.21 -46.82
C GLU N 171 -19.36 -64.74 -45.96
N GLY N 172 -19.13 -65.88 -45.32
CA GLY N 172 -20.16 -66.47 -44.48
C GLY N 172 -20.62 -65.47 -43.45
N VAL N 173 -21.70 -65.78 -42.74
CA VAL N 173 -22.21 -64.87 -41.73
C VAL N 173 -21.86 -65.37 -40.34
N ILE N 174 -21.06 -64.59 -39.64
CA ILE N 174 -20.63 -64.97 -38.30
C ILE N 174 -21.23 -64.02 -37.26
N THR N 175 -21.60 -64.57 -36.11
CA THR N 175 -22.18 -63.76 -35.05
C THR N 175 -21.54 -64.08 -33.73
N VAL N 176 -21.96 -63.35 -32.70
CA VAL N 176 -21.40 -63.57 -31.38
C VAL N 176 -22.48 -63.48 -30.33
N GLU N 177 -22.40 -64.41 -29.39
CA GLU N 177 -23.35 -64.48 -28.29
C GLU N 177 -22.53 -64.75 -27.05
N ASP N 178 -23.04 -64.32 -25.91
CA ASP N 178 -22.33 -64.56 -24.66
C ASP N 178 -22.25 -66.06 -24.44
N GLY N 179 -21.14 -66.51 -23.87
CA GLY N 179 -20.97 -67.93 -23.62
C GLY N 179 -21.73 -68.38 -22.40
N THR N 180 -22.30 -69.59 -22.47
CA THR N 180 -23.04 -70.14 -21.36
C THR N 180 -22.10 -70.54 -20.23
N GLY N 181 -20.95 -71.10 -20.59
CA GLY N 181 -19.97 -71.51 -19.58
C GLY N 181 -18.62 -70.81 -19.71
N LEU N 182 -17.55 -71.57 -19.52
CA LEU N 182 -16.19 -71.03 -19.60
C LEU N 182 -15.56 -71.34 -20.96
N GLN N 183 -16.18 -72.25 -21.68
CA GLN N 183 -15.67 -72.65 -22.99
C GLN N 183 -16.24 -71.86 -24.15
N ASP N 184 -15.40 -71.64 -25.15
CA ASP N 184 -15.81 -70.92 -26.35
C ASP N 184 -16.55 -71.97 -27.16
N GLU N 185 -17.53 -71.55 -27.96
CA GLU N 185 -18.32 -72.49 -28.77
C GLU N 185 -18.61 -71.94 -30.16
N LEU N 186 -18.27 -72.72 -31.18
CA LEU N 186 -18.52 -72.30 -32.55
C LEU N 186 -19.52 -73.29 -33.13
N ASP N 187 -20.69 -72.79 -33.54
CA ASP N 187 -21.74 -73.64 -34.10
C ASP N 187 -22.35 -73.05 -35.36
N VAL N 188 -22.66 -73.92 -36.31
CA VAL N 188 -23.27 -73.48 -37.55
C VAL N 188 -24.74 -73.88 -37.47
N VAL N 189 -25.65 -72.95 -37.76
CA VAL N 189 -27.07 -73.27 -37.67
C VAL N 189 -27.88 -72.59 -38.76
N GLU N 190 -29.06 -73.13 -39.06
CA GLU N 190 -29.94 -72.56 -40.06
C GLU N 190 -30.21 -71.12 -39.66
N GLY N 191 -29.19 -69.10 -41.75
CA GLY N 191 -29.32 -67.70 -41.41
C GLY N 191 -28.81 -66.78 -42.51
N MET N 192 -28.84 -65.48 -42.26
CA MET N 192 -28.52 -64.48 -43.28
C MET N 192 -28.13 -63.12 -42.69
N GLN N 193 -27.35 -62.34 -43.42
CA GLN N 193 -27.00 -60.98 -43.03
C GLN N 193 -27.06 -60.01 -44.19
N PHE N 194 -27.72 -58.87 -43.98
CA PHE N 194 -27.83 -57.85 -45.01
C PHE N 194 -27.51 -56.44 -44.52
N ASP N 195 -27.13 -55.58 -45.47
CA ASP N 195 -26.61 -54.25 -45.16
C ASP N 195 -27.66 -53.19 -44.79
N ARG N 196 -28.32 -53.38 -43.65
CA ARG N 196 -29.32 -52.43 -43.17
C ARG N 196 -29.23 -52.21 -41.67
N GLY N 197 -29.19 -50.96 -41.26
CA GLY N 197 -29.09 -50.61 -39.85
C GLY N 197 -30.43 -50.29 -39.24
N TYR N 198 -30.45 -50.17 -37.92
CA TYR N 198 -31.67 -49.83 -37.20
C TYR N 198 -32.24 -48.50 -37.67
N LEU N 199 -33.54 -48.33 -37.50
CA LEU N 199 -34.20 -47.11 -37.92
C LEU N 199 -34.22 -46.05 -36.81
N SER N 200 -33.62 -46.38 -35.67
CA SER N 200 -33.45 -45.46 -34.53
C SER N 200 -32.49 -46.02 -33.47
N PRO N 201 -31.52 -45.21 -33.04
CA PRO N 201 -30.61 -45.61 -31.95
C PRO N 201 -31.33 -45.96 -30.66
N TYR N 202 -32.64 -45.77 -30.64
CA TYR N 202 -33.44 -45.97 -29.44
C TYR N 202 -33.93 -47.41 -29.26
N PHE N 203 -33.59 -48.27 -30.21
CA PHE N 203 -33.93 -49.69 -30.11
C PHE N 203 -32.84 -50.47 -29.39
N ILE N 204 -31.66 -49.86 -29.28
CA ILE N 204 -30.50 -50.47 -28.63
C ILE N 204 -30.84 -50.94 -27.22
N ASN N 205 -30.69 -52.24 -26.99
CA ASN N 205 -30.86 -52.82 -25.66
C ASN N 205 -29.51 -53.23 -25.05
N LYS N 206 -28.49 -53.37 -25.90
CA LYS N 206 -27.13 -53.61 -25.44
C LYS N 206 -26.29 -52.35 -25.68
N PRO N 207 -26.23 -51.49 -24.66
CA PRO N 207 -25.52 -50.20 -24.79
C PRO N 207 -24.04 -50.40 -25.10
N GLU N 208 -23.48 -51.51 -24.60
CA GLU N 208 -22.07 -51.84 -24.78
C GLU N 208 -21.69 -51.98 -26.26
N THR N 209 -22.22 -53.01 -26.92
CA THR N 209 -21.97 -53.24 -28.35
C THR N 209 -22.53 -52.10 -29.21
N GLY N 210 -23.51 -51.37 -28.67
CA GLY N 210 -24.24 -50.38 -29.43
C GLY N 210 -25.11 -51.08 -30.46
N ALA N 211 -25.72 -52.19 -30.03
CA ALA N 211 -26.46 -53.05 -30.93
C ALA N 211 -27.83 -53.42 -30.37
N VAL N 212 -28.59 -54.19 -31.15
CA VAL N 212 -29.91 -54.66 -30.76
C VAL N 212 -29.96 -56.17 -30.82
N GLU N 213 -29.88 -56.82 -29.66
CA GLU N 213 -29.97 -58.27 -29.57
C GLU N 213 -31.39 -58.66 -29.17
N LEU N 214 -32.01 -59.56 -29.94
CA LEU N 214 -33.37 -59.98 -29.66
C LEU N 214 -33.50 -61.50 -29.54
N GLU N 215 -34.21 -61.94 -28.52
CA GLU N 215 -34.32 -63.37 -28.19
C GLU N 215 -35.55 -64.04 -28.81
N SER N 216 -35.31 -65.09 -29.58
CA SER N 216 -36.32 -65.83 -30.36
C SER N 216 -37.58 -65.06 -30.76
N PRO N 217 -37.41 -63.98 -31.54
CA PRO N 217 -38.53 -63.10 -31.91
C PRO N 217 -39.23 -63.51 -33.20
N PHE N 218 -40.42 -62.94 -33.39
CA PHE N 218 -41.16 -63.09 -34.62
C PHE N 218 -40.67 -62.05 -35.63
N ILE N 219 -40.82 -62.35 -36.91
CA ILE N 219 -40.40 -61.43 -37.96
C ILE N 219 -41.57 -61.05 -38.86
N LEU N 220 -41.79 -59.74 -39.00
CA LEU N 220 -42.82 -59.16 -39.84
C LEU N 220 -42.23 -58.74 -41.17
N LEU N 221 -42.81 -59.22 -42.26
CA LEU N 221 -42.27 -58.93 -43.58
C LEU N 221 -43.25 -58.18 -44.47
N ALA N 222 -43.13 -56.86 -44.46
CA ALA N 222 -44.07 -55.97 -45.17
C ALA N 222 -43.48 -55.38 -46.45
N ASP N 223 -44.31 -55.31 -47.48
CA ASP N 223 -43.89 -54.83 -48.79
C ASP N 223 -44.02 -53.31 -48.94
N LYS N 224 -44.85 -52.69 -48.12
CA LYS N 224 -45.12 -51.26 -48.25
C LYS N 224 -44.36 -50.41 -47.23
N LYS N 225 -44.46 -49.09 -47.38
CA LYS N 225 -43.94 -48.16 -46.38
C LYS N 225 -44.89 -48.14 -45.19
N ILE N 226 -44.35 -48.01 -43.99
CA ILE N 226 -45.17 -48.01 -42.77
C ILE N 226 -45.19 -46.62 -42.12
N SER N 227 -46.26 -45.88 -42.40
CA SER N 227 -46.42 -44.54 -41.85
C SER N 227 -47.38 -44.56 -40.67
N ASN N 228 -48.58 -45.07 -40.89
CA ASN N 228 -49.61 -45.15 -39.85
C ASN N 228 -49.40 -46.34 -38.93
N ILE N 229 -49.86 -46.22 -37.70
CA ILE N 229 -49.67 -47.23 -36.66
C ILE N 229 -50.92 -48.08 -36.42
N ARG N 230 -52.00 -47.77 -37.14
CA ARG N 230 -53.28 -48.43 -36.95
C ARG N 230 -53.30 -49.89 -37.44
N GLU N 231 -52.62 -50.14 -38.56
CA GLU N 231 -52.53 -51.49 -39.13
C GLU N 231 -51.58 -52.39 -38.32
N MET N 232 -50.98 -51.82 -37.28
CA MET N 232 -50.04 -52.55 -36.43
C MET N 232 -50.72 -53.31 -35.30
N LEU N 233 -51.79 -52.75 -34.74
CA LEU N 233 -52.43 -53.29 -33.54
C LEU N 233 -52.94 -54.75 -33.59
N PRO N 234 -53.47 -55.23 -34.72
CA PRO N 234 -53.87 -56.63 -34.84
C PRO N 234 -52.72 -57.63 -34.61
N VAL N 235 -51.54 -57.32 -35.12
CA VAL N 235 -50.36 -58.18 -34.93
C VAL N 235 -49.55 -57.81 -33.69
N LEU N 236 -49.38 -56.50 -33.46
CA LEU N 236 -48.56 -55.99 -32.35
C LEU N 236 -49.17 -56.30 -30.96
N GLU N 237 -50.45 -56.66 -30.94
CA GLU N 237 -51.15 -57.06 -29.72
C GLU N 237 -51.17 -58.59 -29.55
N ALA N 238 -51.03 -59.30 -30.66
CA ALA N 238 -50.93 -60.76 -30.65
C ALA N 238 -49.53 -61.21 -30.20
N VAL N 239 -48.52 -60.38 -30.49
CA VAL N 239 -47.14 -60.64 -30.07
C VAL N 239 -46.81 -59.96 -28.72
N ALA N 240 -47.74 -59.15 -28.24
CA ALA N 240 -47.68 -58.62 -26.88
C ALA N 240 -48.02 -59.74 -25.89
N LYS N 241 -49.05 -60.51 -26.21
CA LYS N 241 -49.53 -61.60 -25.37
C LYS N 241 -48.81 -62.93 -25.66
N ALA N 242 -47.83 -62.88 -26.56
CA ALA N 242 -46.97 -64.03 -26.82
C ALA N 242 -45.65 -63.88 -26.06
N GLY N 243 -45.49 -62.76 -25.37
CA GLY N 243 -44.33 -62.50 -24.54
C GLY N 243 -43.04 -62.14 -25.27
N LYS N 244 -42.95 -62.53 -26.54
CA LYS N 244 -41.71 -62.39 -27.31
C LYS N 244 -41.59 -61.04 -28.03
N PRO N 245 -40.37 -60.63 -28.36
CA PRO N 245 -40.15 -59.41 -29.15
C PRO N 245 -40.53 -59.61 -30.63
N LEU N 246 -40.35 -58.58 -31.44
CA LEU N 246 -40.78 -58.58 -32.84
C LEU N 246 -39.91 -57.69 -33.72
N LEU N 247 -39.50 -58.23 -34.85
CA LEU N 247 -38.66 -57.53 -35.82
C LEU N 247 -39.48 -57.11 -37.02
N ILE N 248 -39.29 -55.87 -37.47
CA ILE N 248 -40.02 -55.35 -38.63
C ILE N 248 -39.10 -55.06 -39.81
N ILE N 249 -39.33 -55.78 -40.91
CA ILE N 249 -38.69 -55.47 -42.17
C ILE N 249 -39.73 -55.02 -43.18
N ALA N 250 -39.63 -53.76 -43.61
CA ALA N 250 -40.53 -53.15 -44.59
C ALA N 250 -39.76 -52.19 -45.49
N GLU N 251 -40.44 -51.69 -46.52
CA GLU N 251 -39.85 -50.69 -47.41
C GLU N 251 -39.24 -49.56 -46.58
N ASP N 252 -39.98 -49.11 -45.56
CA ASP N 252 -39.49 -48.15 -44.57
C ASP N 252 -40.45 -48.12 -43.38
N VAL N 253 -40.11 -47.33 -42.36
CA VAL N 253 -41.04 -47.00 -41.28
C VAL N 253 -40.96 -45.50 -41.01
N GLU N 254 -42.04 -44.78 -41.34
CA GLU N 254 -42.11 -43.32 -41.30
C GLU N 254 -42.37 -42.79 -39.90
N GLY N 255 -41.87 -41.58 -39.63
CA GLY N 255 -41.96 -40.92 -38.34
C GLY N 255 -43.18 -41.24 -37.49
N GLU N 256 -44.35 -41.26 -38.11
CA GLU N 256 -45.62 -41.48 -37.42
C GLU N 256 -45.71 -42.82 -36.67
N ALA N 257 -45.40 -43.91 -37.34
CA ALA N 257 -45.40 -45.22 -36.70
C ALA N 257 -44.09 -45.49 -35.99
N LEU N 258 -43.01 -44.89 -36.48
CA LEU N 258 -41.67 -45.02 -35.91
C LEU N 258 -41.61 -44.43 -34.50
N ALA N 259 -41.93 -43.14 -34.38
CA ALA N 259 -41.86 -42.43 -33.10
C ALA N 259 -42.76 -43.05 -32.03
N THR N 260 -43.85 -43.67 -32.45
CA THR N 260 -44.73 -44.40 -31.52
C THR N 260 -44.07 -45.68 -31.05
N LEU N 261 -43.41 -46.39 -31.97
CA LEU N 261 -42.68 -47.62 -31.65
C LEU N 261 -41.45 -47.34 -30.81
N VAL N 262 -40.78 -46.22 -31.10
CA VAL N 262 -39.56 -45.81 -30.40
C VAL N 262 -39.80 -45.66 -28.89
N VAL N 263 -40.82 -44.87 -28.51
CA VAL N 263 -41.16 -44.68 -27.10
C VAL N 263 -41.92 -45.91 -26.55
N ASN N 264 -42.40 -46.76 -27.45
CA ASN N 264 -43.11 -47.99 -27.06
C ASN N 264 -42.20 -49.12 -26.60
N THR N 265 -40.90 -49.00 -26.84
CA THR N 265 -39.95 -50.02 -26.37
C THR N 265 -39.24 -49.59 -25.08
N MET N 266 -38.46 -48.51 -25.18
CA MET N 266 -37.83 -47.91 -24.01
C MET N 266 -38.92 -47.17 -23.23
N ARG N 267 -39.19 -47.66 -22.02
CA ARG N 267 -40.28 -47.19 -21.17
C ARG N 267 -41.63 -47.87 -21.50
N GLY N 268 -41.63 -48.77 -22.49
CA GLY N 268 -42.88 -49.28 -23.02
C GLY N 268 -43.11 -50.78 -22.92
N ILE N 269 -44.31 -51.20 -23.34
CA ILE N 269 -44.77 -52.59 -23.25
C ILE N 269 -43.93 -53.55 -24.10
N VAL N 270 -44.27 -53.70 -25.40
CA VAL N 270 -43.58 -54.65 -26.28
C VAL N 270 -42.28 -54.07 -26.84
N LYS N 271 -41.18 -54.78 -26.62
CA LYS N 271 -39.86 -54.36 -27.11
C LYS N 271 -39.62 -54.84 -28.53
N VAL N 272 -39.65 -53.90 -29.48
CA VAL N 272 -39.53 -54.19 -30.92
C VAL N 272 -38.49 -53.30 -31.59
N ALA N 273 -38.08 -53.70 -32.81
CA ALA N 273 -37.16 -52.92 -33.64
C ALA N 273 -37.51 -53.07 -35.12
N ALA N 274 -37.06 -52.12 -35.93
CA ALA N 274 -37.39 -52.13 -37.36
C ALA N 274 -36.23 -51.69 -38.25
N VAL N 275 -36.12 -52.33 -39.42
CA VAL N 275 -35.07 -52.04 -40.39
C VAL N 275 -35.61 -52.07 -41.80
N LYS N 276 -35.05 -51.24 -42.68
CA LYS N 276 -35.44 -51.21 -44.10
C LYS N 276 -35.11 -52.55 -44.76
N ALA N 277 -35.97 -53.01 -45.67
CA ALA N 277 -35.71 -54.22 -46.45
C ALA N 277 -34.50 -54.01 -47.35
N PRO N 278 -33.71 -55.06 -47.58
CA PRO N 278 -32.47 -54.93 -48.35
C PRO N 278 -32.71 -54.62 -49.82
N GLY N 279 -31.75 -53.95 -50.45
CA GLY N 279 -31.83 -53.61 -51.87
C GLY N 279 -32.86 -52.55 -52.20
N PHE N 280 -33.21 -52.45 -53.48
CA PHE N 280 -34.22 -51.49 -53.95
C PHE N 280 -34.91 -51.99 -55.21
N GLY N 281 -36.15 -51.55 -55.41
CA GLY N 281 -36.90 -51.85 -56.63
C GLY N 281 -37.30 -53.30 -56.81
N ASP N 282 -36.80 -53.92 -57.88
CA ASP N 282 -37.15 -55.31 -58.21
C ASP N 282 -36.37 -56.34 -57.38
N ARG N 283 -35.22 -55.95 -56.86
CA ARG N 283 -34.43 -56.81 -56.00
C ARG N 283 -35.16 -57.08 -54.69
N ARG N 284 -35.53 -56.02 -53.96
CA ARG N 284 -36.14 -56.17 -52.64
C ARG N 284 -37.46 -56.97 -52.67
N LYS N 285 -38.09 -57.04 -53.84
CA LYS N 285 -39.27 -57.88 -54.04
C LYS N 285 -38.96 -59.35 -53.76
N ALA N 286 -37.94 -59.88 -54.45
CA ALA N 286 -37.52 -61.26 -54.30
C ALA N 286 -36.57 -61.45 -53.11
N MET N 287 -35.80 -60.40 -52.79
CA MET N 287 -34.84 -60.42 -51.69
C MET N 287 -35.54 -60.53 -50.35
N LEU N 288 -36.74 -59.96 -50.27
CA LEU N 288 -37.58 -60.04 -49.07
C LEU N 288 -38.25 -61.40 -48.95
N GLN N 289 -38.59 -62.00 -50.09
CA GLN N 289 -39.13 -63.36 -50.12
C GLN N 289 -38.10 -64.37 -49.63
N ASP N 290 -36.83 -64.11 -49.96
CA ASP N 290 -35.72 -64.92 -49.48
C ASP N 290 -35.77 -65.04 -47.97
N ILE N 291 -35.89 -63.91 -47.29
CA ILE N 291 -36.02 -63.89 -45.83
C ILE N 291 -37.27 -64.65 -45.37
N ALA N 292 -38.38 -64.42 -46.05
CA ALA N 292 -39.62 -65.12 -45.75
C ALA N 292 -39.43 -66.63 -45.74
N THR N 293 -38.77 -67.14 -46.77
CA THR N 293 -38.49 -68.56 -46.91
C THR N 293 -37.65 -69.07 -45.75
N LEU N 294 -36.60 -68.34 -45.43
CA LEU N 294 -35.66 -68.72 -44.38
C LEU N 294 -36.31 -68.77 -43.00
N THR N 295 -37.18 -67.80 -42.73
CA THR N 295 -37.80 -67.64 -41.42
C THR N 295 -39.14 -68.36 -41.30
N GLY N 296 -39.64 -68.85 -42.43
CA GLY N 296 -40.92 -69.54 -42.47
C GLY N 296 -42.07 -68.58 -42.23
N GLY N 297 -42.01 -67.44 -42.91
CA GLY N 297 -43.04 -66.42 -42.79
C GLY N 297 -43.69 -66.12 -44.12
N THR N 298 -44.63 -65.17 -44.12
CA THR N 298 -45.29 -64.73 -45.34
C THR N 298 -45.00 -63.27 -45.62
N VAL N 299 -44.86 -62.93 -46.89
CA VAL N 299 -44.69 -61.55 -47.32
C VAL N 299 -46.06 -60.89 -47.52
N ILE N 300 -46.27 -59.76 -46.83
CA ILE N 300 -47.51 -59.01 -46.97
C ILE N 300 -47.36 -58.08 -48.17
N SER N 301 -47.82 -58.56 -49.32
CA SER N 301 -47.70 -57.83 -50.58
C SER N 301 -48.93 -56.97 -50.82
N GLU N 302 -48.75 -55.90 -51.58
CA GLU N 302 -49.85 -55.03 -51.97
C GLU N 302 -50.55 -55.54 -53.22
N GLU N 303 -49.78 -56.16 -54.11
CA GLU N 303 -50.27 -56.64 -55.40
C GLU N 303 -51.13 -57.91 -55.28
N ILE N 304 -51.24 -58.42 -54.07
CA ILE N 304 -52.15 -59.54 -53.76
C ILE N 304 -53.35 -59.04 -52.96
N GLY N 305 -53.23 -57.84 -52.39
CA GLY N 305 -54.32 -57.23 -51.63
C GLY N 305 -54.15 -57.33 -50.12
N MET N 306 -53.36 -58.31 -49.68
CA MET N 306 -53.07 -58.53 -48.26
C MET N 306 -52.68 -57.21 -47.58
N GLU N 307 -53.33 -56.91 -46.47
CA GLU N 307 -52.97 -55.75 -45.66
C GLU N 307 -52.51 -56.20 -44.29
N LEU N 308 -51.84 -55.30 -43.57
CA LEU N 308 -51.28 -55.62 -42.26
C LEU N 308 -52.34 -55.95 -41.23
N GLU N 309 -53.52 -55.34 -41.38
CA GLU N 309 -54.65 -55.59 -40.48
C GLU N 309 -55.12 -57.04 -40.57
N LYS N 310 -55.03 -57.62 -41.76
CA LYS N 310 -55.42 -59.01 -41.98
C LYS N 310 -54.22 -59.95 -41.93
N ALA N 311 -53.52 -59.94 -40.79
CA ALA N 311 -52.33 -60.78 -40.58
C ALA N 311 -52.28 -61.32 -39.15
N THR N 312 -51.86 -62.57 -39.00
CA THR N 312 -51.77 -63.24 -37.70
C THR N 312 -50.33 -63.60 -37.34
N LEU N 313 -50.16 -64.22 -36.18
CA LEU N 313 -48.88 -64.77 -35.74
C LEU N 313 -48.38 -65.80 -36.75
N GLU N 314 -49.29 -66.66 -37.21
CA GLU N 314 -48.98 -67.70 -38.19
C GLU N 314 -48.27 -67.19 -39.46
N ASP N 315 -48.60 -65.96 -39.86
CA ASP N 315 -48.03 -65.36 -41.06
C ASP N 315 -46.59 -64.89 -40.87
N LEU N 316 -46.18 -64.75 -39.62
CA LEU N 316 -44.87 -64.21 -39.28
C LEU N 316 -43.79 -65.29 -39.28
N GLY N 317 -42.55 -64.86 -39.46
CA GLY N 317 -41.40 -65.74 -39.43
C GLY N 317 -40.77 -65.77 -38.05
N GLN N 318 -39.78 -66.64 -37.86
CA GLN N 318 -39.16 -66.81 -36.56
C GLN N 318 -37.70 -67.21 -36.65
N ALA N 319 -36.90 -66.71 -35.72
CA ALA N 319 -35.50 -67.11 -35.57
C ALA N 319 -35.16 -67.24 -34.08
N LYS N 320 -34.09 -67.96 -33.76
CA LYS N 320 -33.67 -68.10 -32.37
C LYS N 320 -32.95 -66.87 -31.82
N ARG N 321 -32.39 -66.04 -32.72
CA ARG N 321 -31.73 -64.80 -32.35
C ARG N 321 -31.60 -63.83 -33.53
N VAL N 322 -31.33 -62.56 -33.24
CA VAL N 322 -31.05 -61.57 -34.29
C VAL N 322 -30.35 -60.33 -33.73
N VAL N 323 -29.29 -59.88 -34.39
CA VAL N 323 -28.58 -58.67 -33.98
C VAL N 323 -28.53 -57.58 -35.05
N ILE N 324 -28.95 -56.37 -34.67
CA ILE N 324 -28.94 -55.21 -35.55
C ILE N 324 -27.99 -54.17 -34.99
N ASN N 325 -27.20 -53.56 -35.86
CA ASN N 325 -26.37 -52.44 -35.44
C ASN N 325 -26.50 -51.26 -36.40
N LYS N 326 -25.59 -50.29 -36.28
CA LYS N 326 -25.59 -49.06 -37.07
C LYS N 326 -26.00 -49.25 -38.53
N ASP N 327 -25.50 -50.32 -39.17
CA ASP N 327 -25.75 -50.55 -40.60
C ASP N 327 -25.86 -52.01 -41.02
N THR N 328 -25.92 -52.91 -40.05
CA THR N 328 -25.96 -54.35 -40.32
C THR N 328 -27.09 -55.03 -39.57
N THR N 329 -27.85 -55.85 -40.29
CA THR N 329 -28.81 -56.75 -39.65
C THR N 329 -28.42 -58.17 -39.99
N THR N 330 -28.44 -59.04 -39.00
CA THR N 330 -28.13 -60.45 -39.19
C THR N 330 -29.07 -61.33 -38.35
N ILE N 331 -29.76 -62.26 -39.02
CA ILE N 331 -30.68 -63.17 -38.34
C ILE N 331 -30.10 -64.57 -38.20
N ILE N 332 -30.42 -65.25 -37.10
CA ILE N 332 -29.77 -66.51 -36.77
C ILE N 332 -30.78 -67.63 -36.47
N ASP N 333 -30.62 -68.75 -37.17
CA ASP N 333 -31.45 -69.95 -36.98
C ASP N 333 -32.92 -69.71 -37.33
N GLY N 334 -33.23 -69.72 -38.62
CA GLY N 334 -34.60 -69.56 -39.08
C GLY N 334 -35.41 -70.84 -38.98
N VAL N 335 -36.68 -70.69 -38.60
CA VAL N 335 -37.58 -71.84 -38.43
C VAL N 335 -38.04 -72.41 -39.78
N GLY N 336 -37.63 -71.75 -40.86
CA GLY N 336 -38.00 -72.17 -42.20
C GLY N 336 -37.62 -73.60 -42.49
N GLU N 337 -38.54 -74.33 -43.12
CA GLU N 337 -38.37 -75.74 -43.47
C GLU N 337 -37.12 -75.96 -44.32
N GLU N 338 -36.49 -77.12 -44.14
CA GLU N 338 -35.36 -77.52 -44.97
C GLU N 338 -35.81 -77.75 -46.41
N ALA N 339 -37.05 -78.22 -46.57
CA ALA N 339 -37.67 -78.41 -47.88
C ALA N 339 -37.89 -77.07 -48.59
N ALA N 340 -38.48 -76.11 -47.86
CA ALA N 340 -38.80 -74.78 -48.40
C ALA N 340 -37.56 -73.99 -48.84
N ILE N 341 -36.51 -74.02 -48.04
CA ILE N 341 -35.25 -73.32 -48.36
C ILE N 341 -34.52 -73.98 -49.53
N GLN N 342 -34.45 -75.31 -49.51
CA GLN N 342 -33.81 -76.05 -50.60
C GLN N 342 -34.57 -75.87 -51.92
N GLY N 343 -35.89 -75.73 -51.82
CA GLY N 343 -36.73 -75.47 -52.97
C GLY N 343 -36.46 -74.11 -53.61
N ARG N 344 -36.26 -73.11 -52.76
CA ARG N 344 -35.93 -71.75 -53.22
C ARG N 344 -34.50 -71.65 -53.73
N VAL N 345 -33.62 -72.52 -53.24
CA VAL N 345 -32.25 -72.60 -53.72
C VAL N 345 -32.25 -73.09 -55.17
N ALA N 346 -32.93 -74.20 -55.43
CA ALA N 346 -33.07 -74.76 -56.77
C ALA N 346 -33.76 -73.80 -57.73
N GLN N 347 -34.64 -72.96 -57.20
CA GLN N 347 -35.35 -71.94 -57.97
C GLN N 347 -34.40 -70.87 -58.51
N ILE N 348 -33.49 -70.39 -57.67
CA ILE N 348 -32.53 -69.37 -58.08
C ILE N 348 -31.37 -69.98 -58.87
N ARG N 349 -30.92 -71.17 -58.44
CA ARG N 349 -29.84 -71.88 -59.12
C ARG N 349 -30.16 -72.00 -60.60
N GLN N 350 -31.42 -72.33 -60.88
CA GLN N 350 -31.97 -72.33 -62.22
C GLN N 350 -31.78 -70.97 -62.88
N GLN N 351 -32.39 -69.93 -62.28
CA GLN N 351 -32.37 -68.55 -62.81
C GLN N 351 -30.97 -68.01 -63.19
N ARG N 361 -26.34 -62.38 -63.35
CA ARG N 361 -25.79 -63.66 -62.91
C ARG N 361 -25.03 -63.51 -61.59
N GLU N 362 -24.48 -62.32 -61.37
CA GLU N 362 -23.75 -62.03 -60.14
C GLU N 362 -24.70 -61.65 -59.01
N LYS N 363 -25.76 -60.91 -59.33
CA LYS N 363 -26.73 -60.43 -58.33
C LYS N 363 -27.61 -61.55 -57.80
N LEU N 364 -27.89 -62.54 -58.64
CA LEU N 364 -28.62 -63.73 -58.21
C LEU N 364 -27.67 -64.65 -57.43
N GLN N 365 -26.38 -64.59 -57.77
CA GLN N 365 -25.33 -65.36 -57.09
C GLN N 365 -25.17 -64.92 -55.64
N GLU N 366 -25.35 -63.63 -55.39
CA GLU N 366 -25.25 -63.07 -54.04
C GLU N 366 -26.39 -63.53 -53.15
N ARG N 367 -27.57 -63.71 -53.74
CA ARG N 367 -28.77 -64.15 -53.02
C ARG N 367 -28.65 -65.62 -52.64
N VAL N 368 -28.00 -66.40 -53.50
CA VAL N 368 -27.74 -67.81 -53.23
C VAL N 368 -26.80 -67.93 -52.04
N ALA N 369 -25.68 -67.21 -52.11
CA ALA N 369 -24.67 -67.21 -51.06
C ALA N 369 -25.27 -66.88 -49.70
N LYS N 370 -26.06 -65.81 -49.64
CA LYS N 370 -26.71 -65.41 -48.38
C LYS N 370 -27.60 -66.53 -47.83
N LEU N 371 -28.39 -67.15 -48.71
CA LEU N 371 -29.41 -68.11 -48.30
C LEU N 371 -28.85 -69.49 -47.97
N ALA N 372 -28.16 -70.10 -48.93
CA ALA N 372 -27.64 -71.45 -48.75
C ALA N 372 -26.36 -71.48 -47.94
N GLY N 373 -26.94 -71.74 -46.87
CA GLY N 373 -25.61 -71.34 -46.42
C GLY N 373 -25.46 -71.31 -44.92
N GLY N 374 -26.54 -70.92 -44.24
CA GLY N 374 -26.50 -70.87 -42.79
C GLY N 374 -25.67 -69.77 -42.17
N VAL N 375 -25.79 -69.63 -40.86
CA VAL N 375 -25.07 -68.61 -40.12
C VAL N 375 -24.28 -69.23 -38.99
N ALA N 376 -22.99 -68.92 -38.95
CA ALA N 376 -22.10 -69.44 -37.92
C ALA N 376 -22.17 -68.54 -36.68
N VAL N 377 -22.18 -69.17 -35.51
CA VAL N 377 -22.26 -68.45 -34.24
C VAL N 377 -21.08 -68.74 -33.33
N ILE N 378 -20.79 -67.80 -32.45
CA ILE N 378 -19.70 -67.93 -31.50
C ILE N 378 -20.14 -67.53 -30.10
N LYS N 379 -19.76 -68.35 -29.13
CA LYS N 379 -20.10 -68.07 -27.75
C LYS N 379 -18.79 -67.83 -27.01
N VAL N 380 -18.56 -66.57 -26.65
CA VAL N 380 -17.34 -66.20 -25.94
C VAL N 380 -17.33 -66.76 -24.53
N GLY N 381 -16.46 -67.74 -24.30
CA GLY N 381 -16.35 -68.35 -22.99
C GLY N 381 -15.48 -67.50 -22.09
N ALA N 382 -15.72 -67.60 -20.78
CA ALA N 382 -14.94 -66.83 -19.84
C ALA N 382 -15.23 -67.26 -18.42
N ALA N 383 -14.34 -66.89 -17.51
CA ALA N 383 -14.50 -67.24 -16.12
C ALA N 383 -15.50 -66.31 -15.48
N THR N 384 -15.21 -65.01 -15.57
CA THR N 384 -16.08 -64.00 -15.00
C THR N 384 -17.01 -63.41 -16.05
N GLU N 385 -18.14 -62.92 -15.56
CA GLU N 385 -19.15 -62.30 -16.42
C GLU N 385 -18.58 -61.01 -16.99
N VAL N 386 -17.63 -60.43 -16.27
CA VAL N 386 -16.97 -59.20 -16.70
C VAL N 386 -16.14 -59.56 -17.92
N GLU N 387 -15.05 -60.27 -17.67
CA GLU N 387 -14.16 -60.74 -18.73
C GLU N 387 -15.03 -61.24 -19.87
N MET N 388 -15.95 -62.14 -19.52
CA MET N 388 -16.86 -62.74 -20.47
C MET N 388 -17.32 -61.68 -21.46
N LYS N 389 -18.29 -60.88 -21.06
CA LYS N 389 -18.80 -59.84 -21.93
C LYS N 389 -17.69 -58.94 -22.43
N GLU N 390 -16.61 -58.80 -21.65
CA GLU N 390 -15.51 -57.96 -22.08
C GLU N 390 -14.87 -58.61 -23.31
N LYS N 391 -14.43 -59.85 -23.13
CA LYS N 391 -13.80 -60.63 -24.20
C LYS N 391 -14.69 -60.60 -25.42
N LYS N 392 -15.97 -60.89 -25.20
CA LYS N 392 -16.95 -60.89 -26.28
C LYS N 392 -16.75 -59.65 -27.14
N ALA N 393 -16.54 -58.52 -26.48
CA ALA N 393 -16.34 -57.25 -27.16
C ALA N 393 -15.16 -57.34 -28.13
N ARG N 394 -13.96 -57.50 -27.59
CA ARG N 394 -12.73 -57.59 -28.39
C ARG N 394 -12.92 -58.48 -29.61
N VAL N 395 -13.70 -59.54 -29.45
CA VAL N 395 -13.98 -60.48 -30.52
C VAL N 395 -14.60 -59.75 -31.71
N GLU N 396 -15.81 -59.24 -31.49
CA GLU N 396 -16.54 -58.54 -32.51
C GLU N 396 -15.61 -57.55 -33.19
N ASP N 397 -14.75 -56.92 -32.40
CA ASP N 397 -13.79 -55.98 -32.94
C ASP N 397 -13.01 -56.69 -34.02
N ALA N 398 -12.10 -57.54 -33.56
CA ALA N 398 -11.22 -58.31 -34.42
C ALA N 398 -11.95 -58.79 -35.67
N LEU N 399 -13.05 -59.49 -35.45
CA LEU N 399 -13.84 -59.98 -36.55
C LEU N 399 -13.87 -58.89 -37.63
N HIS N 400 -14.28 -57.70 -37.23
CA HIS N 400 -14.33 -56.57 -38.15
C HIS N 400 -13.08 -56.54 -39.01
N ALA N 401 -12.04 -55.91 -38.45
CA ALA N 401 -10.75 -55.77 -39.11
C ALA N 401 -10.49 -56.93 -40.05
N THR N 402 -10.74 -58.14 -39.56
CA THR N 402 -10.52 -59.34 -40.34
C THR N 402 -11.30 -59.32 -41.63
N ARG N 403 -12.60 -59.15 -41.53
CA ARG N 403 -13.39 -59.07 -42.73
C ARG N 403 -12.74 -58.07 -43.67
N ALA N 404 -12.44 -56.90 -43.13
CA ALA N 404 -11.80 -55.83 -43.88
C ALA N 404 -10.42 -56.28 -44.37
N ALA N 405 -9.63 -56.85 -43.46
CA ALA N 405 -8.30 -57.32 -43.80
C ALA N 405 -8.40 -58.25 -45.00
N VAL N 406 -9.40 -59.11 -44.98
CA VAL N 406 -9.62 -60.08 -46.07
C VAL N 406 -9.94 -59.36 -47.37
N GLU N 407 -10.90 -58.46 -47.30
CA GLU N 407 -11.30 -57.71 -48.46
C GLU N 407 -10.15 -56.96 -49.11
N GLU N 408 -9.32 -56.29 -48.30
CA GLU N 408 -8.24 -55.49 -48.89
C GLU N 408 -6.83 -55.63 -48.32
N GLY N 409 -5.52 -58.59 -45.62
CA GLY N 409 -4.14 -59.00 -45.45
C GLY N 409 -3.43 -58.37 -44.28
N VAL N 410 -2.15 -58.70 -44.11
CA VAL N 410 -1.32 -58.23 -42.99
C VAL N 410 -0.02 -57.58 -43.45
N VAL N 411 0.59 -56.84 -42.55
CA VAL N 411 1.86 -56.17 -42.81
C VAL N 411 2.68 -56.20 -41.54
N ALA N 412 3.96 -55.90 -41.63
CA ALA N 412 4.87 -55.96 -40.49
C ALA N 412 4.36 -55.00 -39.46
N GLY N 413 4.12 -55.49 -38.24
CA GLY N 413 3.77 -54.67 -37.09
C GLY N 413 4.89 -53.80 -36.48
N GLY N 414 4.69 -53.27 -35.27
CA GLY N 414 5.71 -52.46 -34.64
C GLY N 414 5.80 -51.13 -35.36
N GLY N 415 4.78 -50.90 -36.18
CA GLY N 415 4.78 -49.77 -37.09
C GLY N 415 5.95 -49.75 -38.09
N VAL N 416 6.48 -50.92 -38.47
CA VAL N 416 7.55 -50.91 -39.43
C VAL N 416 7.00 -50.67 -40.82
N ALA N 417 5.85 -51.30 -41.12
CA ALA N 417 5.18 -51.07 -42.40
C ALA N 417 5.22 -49.59 -42.71
N LEU N 418 4.71 -48.76 -41.81
CA LEU N 418 4.71 -47.31 -42.04
C LEU N 418 6.09 -46.74 -42.33
N ILE N 419 7.08 -47.12 -41.53
CA ILE N 419 8.45 -46.64 -41.72
C ILE N 419 9.04 -47.01 -43.12
N ARG N 420 8.53 -48.14 -43.61
CA ARG N 420 8.97 -48.73 -44.86
C ARG N 420 8.37 -47.92 -45.99
N VAL N 421 7.08 -47.61 -45.89
CA VAL N 421 6.50 -46.79 -46.95
C VAL N 421 7.07 -45.37 -46.94
N ALA N 422 7.41 -44.83 -45.79
CA ALA N 422 8.12 -43.53 -45.78
C ALA N 422 9.45 -43.45 -46.58
N SER N 423 10.19 -44.55 -46.66
CA SER N 423 11.42 -44.49 -47.46
C SER N 423 11.09 -44.73 -48.92
N LYS N 424 10.06 -45.53 -49.21
CA LYS N 424 9.64 -45.65 -50.59
C LYS N 424 9.20 -44.31 -51.19
N LEU N 425 8.64 -43.43 -50.36
CA LEU N 425 8.13 -42.18 -50.88
C LEU N 425 9.12 -41.03 -50.70
N ALA N 426 10.38 -41.39 -50.45
CA ALA N 426 11.43 -40.40 -50.25
C ALA N 426 11.55 -39.48 -51.43
N ASP N 427 11.09 -39.94 -52.59
CA ASP N 427 11.22 -39.17 -53.83
C ASP N 427 9.94 -38.55 -54.37
N LEU N 428 8.88 -38.59 -53.56
CA LEU N 428 7.61 -37.95 -53.89
C LEU N 428 7.68 -36.44 -53.83
N ARG N 429 7.19 -35.78 -54.87
CA ARG N 429 7.13 -34.32 -54.87
C ARG N 429 5.75 -33.80 -55.28
N GLY N 430 5.49 -32.51 -55.00
CA GLY N 430 4.22 -31.92 -55.34
C GLY N 430 4.30 -30.87 -56.44
N GLN N 431 3.29 -30.01 -56.51
CA GLN N 431 3.21 -28.97 -57.52
C GLN N 431 4.07 -27.78 -57.14
N ASN N 432 4.51 -27.67 -55.90
CA ASN N 432 5.34 -26.53 -55.51
C ASN N 432 6.03 -26.80 -54.20
N GLU N 433 6.88 -25.89 -53.73
CA GLU N 433 7.63 -26.16 -52.51
C GLU N 433 6.77 -26.38 -51.25
N ASP N 434 5.71 -25.61 -51.07
CA ASP N 434 4.85 -25.80 -49.91
C ASP N 434 4.27 -27.20 -49.93
N GLN N 435 3.83 -27.66 -51.09
CA GLN N 435 3.30 -29.04 -51.20
C GLN N 435 4.36 -30.07 -50.80
N ASN N 436 5.62 -29.74 -51.07
CA ASN N 436 6.74 -30.62 -50.75
C ASN N 436 6.90 -30.78 -49.26
N VAL N 437 6.96 -29.66 -48.54
CA VAL N 437 7.03 -29.69 -47.09
C VAL N 437 5.84 -30.47 -46.54
N GLY N 438 4.72 -30.38 -47.23
CA GLY N 438 3.52 -31.06 -46.82
C GLY N 438 3.70 -32.54 -46.93
N ILE N 439 4.42 -32.98 -47.97
CA ILE N 439 4.75 -34.41 -48.08
C ILE N 439 5.71 -34.84 -46.96
N LYS N 440 6.85 -34.16 -46.86
CA LYS N 440 7.81 -34.46 -45.78
C LYS N 440 7.16 -34.48 -44.38
N VAL N 441 6.21 -33.60 -44.17
CA VAL N 441 5.41 -33.65 -42.93
C VAL N 441 4.68 -35.01 -42.74
N ALA N 442 3.99 -35.54 -43.73
CA ALA N 442 3.37 -36.84 -43.55
C ALA N 442 4.43 -37.94 -43.40
N LEU N 443 5.48 -37.91 -44.20
CA LEU N 443 6.45 -39.00 -44.13
C LEU N 443 7.03 -39.10 -42.71
N ARG N 444 7.46 -37.93 -42.18
CA ARG N 444 8.05 -37.81 -40.86
C ARG N 444 7.08 -38.30 -39.78
N ALA N 445 5.79 -38.16 -40.04
CA ALA N 445 4.80 -38.57 -39.08
C ALA N 445 4.70 -40.06 -39.09
N MET N 446 5.03 -40.66 -40.21
CA MET N 446 4.81 -42.09 -40.40
C MET N 446 5.66 -42.88 -39.47
N GLU N 447 6.73 -42.24 -39.00
CA GLU N 447 7.62 -42.80 -37.98
C GLU N 447 7.03 -42.82 -36.59
N ALA N 448 5.93 -42.10 -36.33
CA ALA N 448 5.54 -41.88 -34.92
C ALA N 448 5.06 -43.11 -34.15
N PRO N 449 4.22 -43.95 -34.72
CA PRO N 449 3.84 -45.14 -33.98
C PRO N 449 5.08 -45.87 -33.47
N LEU N 450 6.06 -46.18 -34.33
CA LEU N 450 7.26 -46.89 -33.88
C LEU N 450 7.88 -46.08 -32.78
N ARG N 451 8.00 -44.79 -32.98
CA ARG N 451 8.62 -43.94 -31.99
C ARG N 451 7.92 -43.93 -30.62
N GLN N 452 6.58 -44.03 -30.58
CA GLN N 452 5.84 -44.04 -29.30
C GLN N 452 5.99 -45.40 -28.64
N ILE N 453 5.87 -46.47 -29.45
CA ILE N 453 6.02 -47.84 -28.94
C ILE N 453 7.31 -47.94 -28.15
N VAL N 454 8.37 -47.45 -28.75
CA VAL N 454 9.65 -47.47 -28.08
C VAL N 454 9.70 -46.59 -26.85
N LEU N 455 8.92 -45.52 -26.86
CA LEU N 455 9.05 -44.53 -25.81
C LEU N 455 8.32 -45.02 -24.59
N ASN N 456 7.18 -45.69 -24.81
CA ASN N 456 6.50 -46.42 -23.77
C ASN N 456 7.33 -47.58 -23.15
N CYS N 457 8.45 -47.99 -23.75
CA CYS N 457 9.26 -49.04 -23.14
C CYS N 457 10.33 -48.40 -22.35
N GLY N 458 10.36 -47.09 -22.27
CA GLY N 458 11.43 -46.46 -21.51
C GLY N 458 12.75 -46.43 -22.25
N GLU N 459 12.69 -46.66 -23.56
CA GLU N 459 13.90 -46.71 -24.39
C GLU N 459 13.99 -45.61 -25.43
N GLU N 460 15.21 -45.36 -25.90
CA GLU N 460 15.54 -44.27 -26.81
C GLU N 460 14.88 -44.41 -28.20
N PRO N 461 13.94 -43.54 -28.52
CA PRO N 461 13.03 -43.86 -29.62
C PRO N 461 13.77 -43.58 -30.95
N SER N 462 14.55 -42.52 -30.98
CA SER N 462 15.28 -42.13 -32.18
C SER N 462 16.38 -43.19 -32.52
N VAL N 463 17.02 -43.74 -31.48
CA VAL N 463 18.03 -44.79 -31.65
C VAL N 463 17.41 -46.07 -32.21
N VAL N 464 16.27 -46.50 -31.69
CA VAL N 464 15.59 -47.62 -32.32
C VAL N 464 15.25 -47.30 -33.76
N ALA N 465 14.62 -46.15 -34.01
CA ALA N 465 14.20 -45.78 -35.36
C ALA N 465 15.40 -45.75 -36.34
N ASN N 466 16.49 -45.10 -35.95
CA ASN N 466 17.66 -45.10 -36.79
C ASN N 466 18.02 -46.51 -37.23
N THR N 467 18.09 -47.45 -36.29
CA THR N 467 18.46 -48.81 -36.66
C THR N 467 17.37 -49.63 -37.39
N VAL N 468 16.10 -49.37 -37.19
CA VAL N 468 15.12 -50.04 -38.04
C VAL N 468 15.22 -49.49 -39.49
N LYS N 469 15.49 -48.19 -39.59
CA LYS N 469 15.57 -47.54 -40.90
C LYS N 469 16.86 -47.94 -41.60
N GLY N 470 17.83 -48.45 -40.86
CA GLY N 470 19.02 -49.02 -41.48
C GLY N 470 18.77 -50.36 -42.16
N GLY N 471 17.64 -51.00 -41.86
CA GLY N 471 17.34 -52.35 -42.34
C GLY N 471 16.49 -52.34 -43.59
N ASP N 472 15.86 -53.47 -43.90
CA ASP N 472 14.99 -53.59 -45.08
C ASP N 472 13.81 -54.51 -44.86
N GLY N 473 12.88 -54.52 -45.80
CA GLY N 473 11.71 -55.37 -45.75
C GLY N 473 11.04 -55.39 -44.39
N ASN N 474 10.97 -56.56 -43.78
CA ASN N 474 10.22 -56.76 -42.57
C ASN N 474 11.06 -56.74 -41.32
N TYR N 475 12.23 -56.13 -41.38
CA TYR N 475 13.10 -56.07 -40.20
C TYR N 475 12.55 -55.02 -39.29
N GLY N 476 12.41 -55.34 -38.01
CA GLY N 476 11.85 -54.41 -37.05
C GLY N 476 12.33 -54.62 -35.64
N TYR N 477 11.75 -53.88 -34.68
CA TYR N 477 12.11 -53.99 -33.27
C TYR N 477 11.01 -54.75 -32.66
N ASN N 478 11.39 -55.69 -31.82
CA ASN N 478 10.42 -56.45 -31.01
C ASN N 478 10.47 -55.90 -29.60
N ALA N 479 9.49 -55.04 -29.29
CA ALA N 479 9.45 -54.30 -28.03
C ALA N 479 9.28 -55.22 -26.84
N ALA N 480 8.51 -56.29 -27.03
CA ALA N 480 8.36 -57.33 -26.00
C ALA N 480 9.70 -57.88 -25.58
N THR N 481 10.49 -58.36 -26.52
CA THR N 481 11.71 -59.09 -26.17
C THR N 481 12.94 -58.20 -26.23
N GLU N 482 12.81 -56.96 -26.68
CA GLU N 482 13.94 -56.02 -26.71
C GLU N 482 15.05 -56.40 -27.70
N GLU N 483 14.71 -57.12 -28.76
CA GLU N 483 15.71 -57.36 -29.80
C GLU N 483 15.12 -57.28 -31.22
N TYR N 484 15.97 -56.93 -32.19
CA TYR N 484 15.53 -56.71 -33.58
C TYR N 484 15.40 -58.05 -34.32
N GLY N 485 14.65 -58.08 -35.41
CA GLY N 485 14.41 -59.31 -36.13
C GLY N 485 13.40 -59.12 -37.24
N ASN N 486 12.98 -60.23 -37.85
CA ASN N 486 11.97 -60.17 -38.89
C ASN N 486 10.59 -60.20 -38.25
N MET N 487 9.81 -59.11 -38.35
CA MET N 487 8.52 -59.01 -37.65
C MET N 487 7.53 -60.11 -38.03
N ILE N 488 7.48 -60.51 -39.28
CA ILE N 488 6.52 -61.54 -39.66
C ILE N 488 6.89 -62.89 -39.06
N ASP N 489 8.19 -63.12 -38.95
CA ASP N 489 8.72 -64.36 -38.37
C ASP N 489 8.47 -64.40 -36.88
N MET N 490 8.54 -63.23 -36.24
CA MET N 490 8.27 -63.18 -34.81
C MET N 490 6.79 -63.10 -34.50
N GLY N 491 5.94 -63.17 -35.52
CA GLY N 491 4.51 -63.17 -35.29
C GLY N 491 3.89 -61.80 -34.98
N ILE N 492 4.68 -60.73 -35.03
CA ILE N 492 4.18 -59.40 -34.83
C ILE N 492 3.58 -58.79 -36.10
N LEU N 493 2.35 -59.19 -36.45
CA LEU N 493 1.67 -58.64 -37.64
C LEU N 493 0.49 -57.72 -37.31
N ASP N 494 0.41 -56.50 -37.90
CA ASP N 494 -0.83 -55.69 -37.92
C ASP N 494 -1.65 -55.92 -39.18
N PRO N 495 -2.98 -55.86 -39.12
CA PRO N 495 -3.77 -56.07 -40.32
C PRO N 495 -3.69 -54.82 -41.20
N THR N 496 -3.68 -55.03 -42.52
CA THR N 496 -3.44 -53.94 -43.46
C THR N 496 -4.55 -52.89 -43.33
N LYS N 497 -5.79 -53.37 -43.45
CA LYS N 497 -6.95 -52.51 -43.28
C LYS N 497 -6.81 -51.59 -42.06
N VAL N 498 -6.41 -52.12 -40.90
CA VAL N 498 -6.19 -51.20 -39.81
C VAL N 498 -5.05 -50.22 -40.05
N THR N 499 -3.90 -50.64 -40.54
CA THR N 499 -2.82 -49.63 -40.67
C THR N 499 -3.19 -48.52 -41.65
N ARG N 500 -3.79 -48.94 -42.76
CA ARG N 500 -4.27 -48.05 -43.80
C ARG N 500 -5.23 -47.06 -43.18
N SER N 501 -6.26 -47.60 -42.52
CA SER N 501 -7.35 -46.83 -41.93
C SER N 501 -6.84 -45.87 -40.88
N ALA N 502 -5.96 -46.31 -40.00
CA ALA N 502 -5.33 -45.35 -39.10
C ALA N 502 -4.87 -44.18 -39.94
N LEU N 503 -4.02 -44.44 -40.92
CA LEU N 503 -3.42 -43.35 -41.71
C LEU N 503 -4.43 -42.45 -42.39
N GLN N 504 -5.37 -43.04 -43.11
CA GLN N 504 -6.29 -42.23 -43.88
C GLN N 504 -7.03 -41.24 -42.97
N TYR N 505 -7.53 -41.73 -41.84
CA TYR N 505 -8.33 -40.91 -40.93
C TYR N 505 -7.50 -39.86 -40.22
N ALA N 506 -6.36 -40.23 -39.67
CA ALA N 506 -5.59 -39.18 -39.05
C ALA N 506 -5.34 -38.09 -40.05
N ALA N 507 -4.96 -38.46 -41.28
CA ALA N 507 -4.58 -37.49 -42.34
C ALA N 507 -5.73 -36.58 -42.65
N SER N 508 -6.89 -37.20 -42.84
CA SER N 508 -8.09 -36.46 -43.08
C SER N 508 -8.32 -35.38 -42.03
N VAL N 509 -8.43 -35.73 -40.76
CA VAL N 509 -8.63 -34.69 -39.76
C VAL N 509 -7.45 -33.75 -39.70
N ALA N 510 -6.25 -34.24 -39.41
CA ALA N 510 -5.13 -33.29 -39.19
C ALA N 510 -4.86 -32.35 -40.38
N GLY N 511 -5.20 -32.85 -41.57
CA GLY N 511 -5.04 -32.10 -42.80
C GLY N 511 -5.86 -30.84 -42.69
N LEU N 512 -7.17 -30.99 -42.49
CA LEU N 512 -8.07 -29.87 -42.21
C LEU N 512 -7.61 -28.99 -41.07
N MET N 513 -7.21 -29.63 -40.01
CA MET N 513 -6.90 -28.94 -38.77
C MET N 513 -5.82 -27.88 -38.95
N ILE N 514 -4.83 -28.16 -39.76
CA ILE N 514 -3.72 -27.23 -39.88
C ILE N 514 -4.04 -26.02 -40.74
N THR N 515 -5.21 -26.01 -41.39
CA THR N 515 -5.59 -24.90 -42.24
C THR N 515 -6.43 -23.86 -41.49
N THR N 516 -6.38 -23.90 -40.16
CA THR N 516 -7.27 -23.12 -39.30
C THR N 516 -6.67 -21.76 -39.07
N GLU N 517 -7.43 -20.70 -39.38
CA GLU N 517 -6.91 -19.37 -39.16
C GLU N 517 -7.75 -18.63 -38.13
N CYS N 518 -8.95 -19.12 -37.89
CA CYS N 518 -9.82 -18.48 -36.95
C CYS N 518 -10.75 -19.47 -36.25
N MET N 519 -11.04 -19.24 -34.97
CA MET N 519 -11.88 -20.13 -34.20
C MET N 519 -12.99 -19.38 -33.50
N VAL N 520 -14.19 -19.94 -33.54
CA VAL N 520 -15.36 -19.27 -32.99
C VAL N 520 -16.09 -20.18 -32.02
N THR N 521 -16.15 -19.76 -30.75
CA THR N 521 -16.79 -20.53 -29.67
C THR N 521 -17.53 -19.63 -28.67
N ASP N 522 -18.27 -20.25 -27.74
CA ASP N 522 -18.95 -19.57 -26.63
C ASP N 522 -18.03 -18.97 -25.61
N LEU N 523 -18.52 -17.97 -24.88
CA LEU N 523 -17.76 -17.31 -23.85
C LEU N 523 -17.62 -18.19 -22.59
N PRO N 524 -16.48 -18.08 -21.90
CA PRO N 524 -16.23 -18.82 -20.66
C PRO N 524 -17.20 -18.53 -19.49
N GLN O 5 92.16 53.10 -26.89
CA GLN O 5 91.26 52.79 -25.74
C GLN O 5 90.76 54.06 -25.05
N GLN O 6 91.52 55.15 -25.20
CA GLN O 6 91.15 56.41 -24.55
C GLN O 6 89.94 57.15 -25.11
N LEU O 7 88.96 57.23 -24.22
CA LEU O 7 87.69 57.89 -24.41
C LEU O 7 87.69 58.95 -23.34
N PRO O 8 86.65 59.79 -23.29
CA PRO O 8 86.58 60.84 -22.27
C PRO O 8 86.05 60.36 -20.91
N ILE O 9 86.87 59.60 -20.20
CA ILE O 9 86.50 59.13 -18.86
C ILE O 9 87.76 58.85 -18.07
N ARG O 10 87.89 59.50 -16.92
CA ARG O 10 89.05 59.32 -16.08
C ARG O 10 88.66 58.98 -14.66
N ALA O 11 89.51 58.20 -14.00
CA ALA O 11 89.29 57.79 -12.64
C ALA O 11 89.84 58.89 -11.73
N VAL O 12 89.17 59.16 -10.60
CA VAL O 12 89.64 60.17 -9.65
C VAL O 12 89.91 59.50 -8.32
N GLY O 13 90.62 60.22 -7.47
CA GLY O 13 90.94 59.72 -6.15
C GLY O 13 91.63 58.37 -6.16
N GLU O 14 91.16 57.48 -5.27
CA GLU O 14 91.72 56.15 -5.15
C GLU O 14 91.00 55.09 -5.97
N TYR O 15 90.19 55.53 -6.92
CA TYR O 15 89.46 54.60 -7.75
C TYR O 15 90.25 54.19 -8.99
N VAL O 16 89.73 53.15 -9.63
CA VAL O 16 90.33 52.62 -10.82
C VAL O 16 89.18 52.25 -11.74
N ILE O 17 89.30 52.60 -13.01
CA ILE O 17 88.27 52.30 -13.99
C ILE O 17 88.80 51.22 -14.89
N LEU O 18 88.03 50.17 -15.04
CA LEU O 18 88.42 49.04 -15.87
C LEU O 18 87.39 48.86 -16.95
N VAL O 19 87.71 47.99 -17.89
CA VAL O 19 86.78 47.66 -18.97
C VAL O 19 86.64 46.14 -18.98
N SER O 20 85.40 45.68 -18.85
CA SER O 20 85.10 44.26 -18.83
C SER O 20 85.43 43.57 -20.12
N GLU O 21 85.92 42.35 -19.99
CA GLU O 21 86.29 41.50 -21.12
C GLU O 21 85.07 40.84 -21.75
N PRO O 22 85.10 40.70 -23.08
CA PRO O 22 84.04 40.09 -23.88
C PRO O 22 83.67 38.68 -23.39
N GLU O 47 85.10 38.67 -12.54
CA GLU O 47 84.93 39.44 -13.74
C GLU O 47 86.35 39.79 -14.21
N LEU O 48 86.64 39.42 -15.45
CA LEU O 48 87.93 39.72 -16.04
C LEU O 48 87.84 41.12 -16.61
N CYS O 49 88.79 41.98 -16.22
CA CYS O 49 88.77 43.36 -16.66
C CYS O 49 90.14 43.88 -16.97
N VAL O 50 90.15 44.97 -17.74
CA VAL O 50 91.38 45.58 -18.13
C VAL O 50 91.40 47.00 -17.61
N VAL O 51 92.49 47.36 -16.96
CA VAL O 51 92.66 48.68 -16.42
C VAL O 51 92.64 49.68 -17.54
N HIS O 52 91.78 50.67 -17.41
CA HIS O 52 91.62 51.70 -18.41
C HIS O 52 92.15 53.00 -17.87
N SER O 53 91.94 53.24 -16.57
CA SER O 53 92.38 54.50 -15.97
C SER O 53 92.59 54.33 -14.47
N VAL O 54 93.66 54.91 -13.94
CA VAL O 54 94.00 54.80 -12.52
C VAL O 54 93.92 56.16 -11.84
N GLY O 55 93.10 56.26 -10.80
CA GLY O 55 92.98 57.51 -10.07
C GLY O 55 94.32 58.04 -9.58
N PRO O 56 94.47 59.37 -9.56
CA PRO O 56 95.71 60.04 -9.13
C PRO O 56 96.12 59.75 -7.70
N ASP O 57 95.22 59.17 -6.91
CA ASP O 57 95.56 58.87 -5.52
C ASP O 57 95.91 57.42 -5.31
N VAL O 58 95.80 56.62 -6.36
CA VAL O 58 96.16 55.24 -6.24
C VAL O 58 97.69 55.33 -6.13
N PRO O 59 98.29 54.63 -5.14
CA PRO O 59 99.74 54.66 -4.96
C PRO O 59 100.47 54.35 -6.26
N GLU O 60 101.52 55.13 -6.51
CA GLU O 60 102.34 55.00 -7.70
C GLU O 60 102.89 53.59 -7.84
N GLY O 61 102.84 53.05 -9.05
CA GLY O 61 103.35 51.71 -9.28
C GLY O 61 102.42 50.62 -8.80
N PHE O 62 101.15 50.94 -8.60
CA PHE O 62 100.20 49.94 -8.18
C PHE O 62 99.86 49.05 -9.38
N CYS O 63 99.49 49.65 -10.49
CA CYS O 63 99.17 48.90 -11.71
C CYS O 63 99.33 49.81 -12.92
N GLU O 64 99.10 49.28 -14.12
CA GLU O 64 99.21 50.08 -15.32
C GLU O 64 98.05 49.85 -16.25
N VAL O 65 97.77 50.87 -17.04
CA VAL O 65 96.68 50.78 -18.00
C VAL O 65 97.01 49.60 -18.92
N GLY O 66 96.00 48.83 -19.28
CA GLY O 66 96.22 47.69 -20.15
C GLY O 66 96.33 46.40 -19.34
N ASP O 67 96.63 46.53 -18.05
CA ASP O 67 96.74 45.35 -17.20
C ASP O 67 95.41 44.65 -17.00
N LEU O 68 95.47 43.33 -17.09
CA LEU O 68 94.29 42.49 -16.92
C LEU O 68 94.24 42.01 -15.48
N THR O 69 93.03 41.97 -14.93
CA THR O 69 92.83 41.53 -13.55
C THR O 69 91.47 40.86 -13.40
N SER O 70 91.19 40.40 -12.20
CA SER O 70 89.92 39.75 -11.93
C SER O 70 89.33 40.31 -10.64
N LEU O 71 88.05 40.68 -10.71
CA LEU O 71 87.34 41.23 -9.58
C LEU O 71 85.99 40.57 -9.43
N PRO O 72 85.55 40.34 -8.18
CA PRO O 72 84.23 39.72 -7.97
C PRO O 72 83.19 40.76 -8.38
N VAL O 73 82.13 40.31 -9.02
CA VAL O 73 81.05 41.18 -9.44
C VAL O 73 80.61 42.10 -8.30
N GLY O 74 80.60 41.57 -7.08
CA GLY O 74 80.16 42.37 -5.96
C GLY O 74 81.11 43.48 -5.55
N GLN O 75 82.33 43.49 -6.05
CA GLN O 75 83.30 44.50 -5.66
C GLN O 75 83.34 45.68 -6.59
N ILE O 76 82.80 45.50 -7.77
CA ILE O 76 82.84 46.55 -8.77
C ILE O 76 81.47 47.13 -9.02
N ARG O 77 81.49 48.33 -9.57
CA ARG O 77 80.28 49.02 -9.86
C ARG O 77 80.31 49.45 -11.33
N ASN O 78 79.21 49.23 -12.03
CA ASN O 78 79.07 49.63 -13.43
C ASN O 78 79.10 51.15 -13.53
N VAL O 79 79.76 51.66 -14.56
CA VAL O 79 79.85 53.09 -14.81
C VAL O 79 79.24 53.32 -16.19
N PRO O 80 78.38 54.34 -16.33
CA PRO O 80 77.75 54.65 -17.63
C PRO O 80 78.82 54.90 -18.69
N HIS O 81 78.63 54.35 -19.88
CA HIS O 81 79.58 54.56 -20.94
C HIS O 81 79.68 56.06 -21.25
N PRO O 82 80.90 56.61 -21.43
CA PRO O 82 81.01 58.05 -21.72
C PRO O 82 80.06 58.56 -22.83
N PHE O 83 79.70 57.77 -23.83
CA PHE O 83 78.78 58.28 -24.87
C PHE O 83 77.40 58.42 -24.33
N VAL O 84 77.01 57.49 -23.48
CA VAL O 84 75.70 57.61 -22.93
C VAL O 84 75.70 58.83 -22.02
N ALA O 85 76.77 58.95 -21.25
CA ALA O 85 76.93 60.08 -20.35
C ALA O 85 76.95 61.40 -21.11
N LEU O 86 77.69 61.44 -22.23
CA LEU O 86 77.79 62.65 -23.02
C LEU O 86 76.60 62.76 -23.96
N GLY O 87 75.54 61.99 -23.68
CA GLY O 87 74.32 61.98 -24.47
C GLY O 87 74.45 61.87 -25.98
N LEU O 88 75.14 60.85 -26.42
CA LEU O 88 75.32 60.72 -27.84
C LEU O 88 74.59 59.47 -28.22
N LYS O 89 74.81 58.41 -27.46
CA LYS O 89 74.19 57.15 -27.79
C LYS O 89 73.28 56.61 -26.71
N GLN O 90 72.69 55.46 -27.02
CA GLN O 90 71.76 54.79 -26.14
C GLN O 90 72.52 53.60 -25.59
N PRO O 91 72.28 53.25 -24.32
CA PRO O 91 72.93 52.15 -23.61
C PRO O 91 72.97 50.85 -24.41
N LYS O 92 71.84 50.51 -25.02
CA LYS O 92 71.68 49.31 -25.81
C LYS O 92 72.70 49.15 -26.94
N GLU O 93 73.06 50.26 -27.59
CA GLU O 93 74.00 50.22 -28.69
C GLU O 93 75.44 50.40 -28.24
N ILE O 94 75.69 50.15 -26.96
CA ILE O 94 77.05 50.25 -26.46
C ILE O 94 77.44 48.82 -26.11
N LYS O 95 78.59 48.39 -26.59
CA LYS O 95 79.06 47.03 -26.30
C LYS O 95 80.08 47.03 -25.13
N GLN O 96 81.03 47.98 -25.16
CA GLN O 96 82.06 48.13 -24.13
C GLN O 96 81.44 48.44 -22.75
N LYS O 97 81.87 47.72 -21.71
CA LYS O 97 81.30 47.93 -20.38
C LYS O 97 82.38 48.45 -19.44
N PHE O 98 82.15 49.63 -18.87
CA PHE O 98 83.11 50.20 -17.94
C PHE O 98 82.62 49.96 -16.53
N VAL O 99 83.56 49.65 -15.64
CA VAL O 99 83.25 49.41 -14.24
C VAL O 99 84.31 50.11 -13.41
N THR O 100 84.01 50.29 -12.14
CA THR O 100 84.94 50.94 -11.27
C THR O 100 85.00 50.22 -9.94
N CYS O 101 86.09 50.46 -9.23
CA CYS O 101 86.27 49.91 -7.92
C CYS O 101 87.45 50.62 -7.25
N HIS O 102 87.50 50.53 -5.92
CA HIS O 102 88.55 51.14 -5.17
C HIS O 102 89.81 50.30 -5.40
N TYR O 103 90.99 50.92 -5.42
CA TYR O 103 92.20 50.14 -5.72
C TYR O 103 92.50 49.02 -4.72
N LYS O 104 92.09 49.20 -3.47
CA LYS O 104 92.31 48.19 -2.46
C LYS O 104 91.51 46.92 -2.69
N ALA O 105 90.59 46.93 -3.64
CA ALA O 105 89.82 45.74 -3.91
C ALA O 105 90.51 44.87 -4.95
N ILE O 106 91.60 45.39 -5.54
CA ILE O 106 92.36 44.66 -6.56
C ILE O 106 93.45 43.83 -5.92
N PRO O 107 93.34 42.50 -6.03
CA PRO O 107 94.33 41.61 -5.43
C PRO O 107 95.48 41.15 -6.35
N CYS O 108 95.24 41.11 -7.67
CA CYS O 108 96.26 40.64 -8.61
C CYS O 108 96.18 41.21 -10.03
N LEU O 109 97.23 40.91 -10.80
CA LEU O 109 97.33 41.32 -12.20
C LEU O 109 97.84 40.08 -12.94
N TYR O 110 97.29 39.81 -14.11
CA TYR O 110 97.76 38.69 -14.90
C TYR O 110 98.87 39.21 -15.79
N LYS O 111 99.89 39.69 -15.09
CA LYS O 111 101.06 40.33 -15.64
C LYS O 111 102.30 39.57 -15.07
N GLN P 5 74.51 79.23 -14.39
CA GLN P 5 74.19 78.05 -13.55
C GLN P 5 74.13 78.41 -12.06
N GLN P 6 74.83 79.47 -11.68
CA GLN P 6 74.87 79.88 -10.28
C GLN P 6 73.60 80.47 -9.68
N LEU P 7 73.12 79.70 -8.70
CA LEU P 7 71.96 79.97 -7.91
C LEU P 7 72.51 80.06 -6.51
N PRO P 8 71.67 80.37 -5.52
CA PRO P 8 72.13 80.46 -4.13
C PRO P 8 72.22 79.11 -3.41
N ILE P 9 73.21 78.31 -3.78
CA ILE P 9 73.43 77.03 -3.13
C ILE P 9 74.89 76.63 -3.28
N ARG P 10 75.56 76.39 -2.17
CA ARG P 10 76.96 76.03 -2.20
C ARG P 10 77.21 74.77 -1.38
N ALA P 11 78.20 74.00 -1.82
CA ALA P 11 78.58 72.77 -1.17
C ALA P 11 79.55 73.13 -0.04
N VAL P 12 79.47 72.43 1.09
CA VAL P 12 80.38 72.68 2.21
C VAL P 12 81.16 71.41 2.50
N GLY P 13 82.23 71.56 3.27
CA GLY P 13 83.07 70.44 3.63
C GLY P 13 83.58 69.63 2.44
N GLU P 14 83.48 68.32 2.57
CA GLU P 14 83.94 67.41 1.52
C GLU P 14 82.85 66.98 0.56
N TYR P 15 81.74 67.71 0.55
CA TYR P 15 80.65 67.39 -0.35
C TYR P 15 80.78 68.07 -1.69
N VAL P 16 79.96 67.60 -2.61
CA VAL P 16 79.92 68.14 -3.95
C VAL P 16 78.46 68.16 -4.36
N ILE P 17 78.04 69.26 -4.96
CA ILE P 17 76.67 69.40 -5.41
C ILE P 17 76.66 69.34 -6.89
N LEU P 18 75.82 68.48 -7.43
CA LEU P 18 75.72 68.29 -8.87
C LEU P 18 74.31 68.58 -9.29
N VAL P 19 74.11 68.63 -10.60
CA VAL P 19 72.78 68.86 -11.17
C VAL P 19 72.54 67.72 -12.16
N SER P 20 71.46 66.99 -11.93
CA SER P 20 71.08 65.88 -12.79
C SER P 20 70.75 66.28 -14.20
N GLU P 21 71.16 65.44 -15.13
CA GLU P 21 70.92 65.65 -16.56
C GLU P 21 69.52 65.26 -16.96
N PRO P 22 68.95 66.02 -17.90
CA PRO P 22 67.60 65.81 -18.44
C PRO P 22 67.38 64.38 -18.94
N GLU P 47 73.44 57.79 -12.66
CA GLU P 47 72.82 59.08 -12.83
C GLU P 47 73.91 59.99 -13.41
N LEU P 48 73.60 60.59 -14.54
CA LEU P 48 74.51 61.52 -15.18
C LEU P 48 74.28 62.88 -14.55
N CYS P 49 75.37 63.49 -14.07
CA CYS P 49 75.26 64.77 -13.39
C CYS P 49 76.38 65.70 -13.73
N VAL P 50 76.13 66.98 -13.47
CA VAL P 50 77.11 67.98 -13.76
C VAL P 50 77.47 68.67 -12.46
N VAL P 51 78.76 68.81 -12.21
CA VAL P 51 79.24 69.46 -11.03
C VAL P 51 78.80 70.90 -11.03
N HIS P 52 78.16 71.31 -9.96
CA HIS P 52 77.66 72.65 -9.82
C HIS P 52 78.47 73.38 -8.78
N SER P 53 78.87 72.68 -7.73
CA SER P 53 79.62 73.31 -6.65
C SER P 53 80.47 72.29 -5.90
N VAL P 54 81.70 72.64 -5.56
CA VAL P 54 82.62 71.74 -4.87
C VAL P 54 82.95 72.28 -3.48
N GLY P 55 82.68 71.47 -2.46
CA GLY P 55 82.99 71.87 -1.10
C GLY P 55 84.45 72.29 -0.92
N PRO P 56 84.69 73.28 -0.05
CA PRO P 56 86.03 73.80 0.22
C PRO P 56 87.01 72.79 0.78
N ASP P 57 86.52 71.63 1.20
CA ASP P 57 87.41 70.61 1.74
C ASP P 57 87.71 69.50 0.75
N VAL P 58 87.08 69.58 -0.40
CA VAL P 58 87.36 68.59 -1.41
C VAL P 58 88.78 68.97 -1.84
N PRO P 59 89.70 67.99 -1.93
CA PRO P 59 91.08 68.27 -2.33
C PRO P 59 91.14 69.06 -3.62
N GLU P 60 92.02 70.05 -3.62
CA GLU P 60 92.22 70.93 -4.77
C GLU P 60 92.54 70.13 -6.03
N GLY P 61 91.92 70.51 -7.14
CA GLY P 61 92.18 69.81 -8.39
C GLY P 61 91.47 68.48 -8.49
N PHE P 62 90.45 68.26 -7.67
CA PHE P 62 89.71 67.02 -7.76
C PHE P 62 88.81 67.06 -8.99
N CYS P 63 88.03 68.11 -9.15
CA CYS P 63 87.15 68.27 -10.31
C CYS P 63 86.83 69.76 -10.50
N GLU P 64 86.06 70.07 -11.53
CA GLU P 64 85.69 71.44 -11.78
C GLU P 64 84.22 71.58 -12.10
N VAL P 65 83.70 72.75 -11.79
CA VAL P 65 82.30 73.02 -12.06
C VAL P 65 82.10 72.84 -13.56
N GLY P 66 80.97 72.25 -13.95
CA GLY P 66 80.71 72.04 -15.36
C GLY P 66 81.06 70.62 -15.77
N ASP P 67 81.91 69.96 -14.98
CA ASP P 67 82.29 68.59 -15.29
C ASP P 67 81.14 67.61 -15.16
N LEU P 68 81.06 66.72 -16.14
CA LEU P 68 80.02 65.71 -16.18
C LEU P 68 80.57 64.43 -15.58
N THR P 69 79.73 63.74 -14.82
CA THR P 69 80.12 62.49 -14.19
C THR P 69 78.93 61.56 -14.05
N SER P 70 79.17 60.38 -13.50
CA SER P 70 78.10 59.42 -13.30
C SER P 70 78.19 58.85 -11.90
N LEU P 71 77.04 58.84 -11.22
CA LEU P 71 76.95 58.32 -9.87
C LEU P 71 75.76 57.40 -9.73
N PRO P 72 75.89 56.33 -8.95
CA PRO P 72 74.77 55.40 -8.75
C PRO P 72 73.73 56.16 -7.91
N VAL P 73 72.47 55.96 -8.23
CA VAL P 73 71.38 56.59 -7.51
C VAL P 73 71.56 56.41 -6.00
N GLY P 74 72.04 55.25 -5.59
CA GLY P 74 72.20 55.01 -4.17
C GLY P 74 73.33 55.78 -3.51
N GLN P 75 74.19 56.42 -4.26
CA GLN P 75 75.31 57.15 -3.67
C GLN P 75 75.02 58.62 -3.47
N ILE P 76 74.00 59.11 -4.14
CA ILE P 76 73.67 60.51 -4.06
C ILE P 76 72.38 60.74 -3.32
N ARG P 77 72.26 61.97 -2.85
CA ARG P 77 71.09 62.34 -2.11
C ARG P 77 70.50 63.60 -2.75
N ASN P 78 69.18 63.62 -2.94
CA ASN P 78 68.48 64.77 -3.50
C ASN P 78 68.57 65.93 -2.52
N VAL P 79 68.74 67.13 -3.07
CA VAL P 79 68.83 68.35 -2.29
C VAL P 79 67.68 69.25 -2.76
N PRO P 80 66.93 69.86 -1.84
CA PRO P 80 65.82 70.74 -2.21
C PRO P 80 66.33 71.88 -3.09
N HIS P 81 65.59 72.19 -4.16
CA HIS P 81 66.00 73.27 -5.03
C HIS P 81 66.05 74.59 -4.23
N PRO P 82 67.11 75.40 -4.41
CA PRO P 82 67.19 76.65 -3.65
C PRO P 82 65.89 77.50 -3.64
N PHE P 83 65.06 77.47 -4.68
CA PHE P 83 63.82 78.28 -4.65
C PHE P 83 62.83 77.67 -3.71
N VAL P 84 62.79 76.36 -3.67
CA VAL P 84 61.86 75.76 -2.75
C VAL P 84 62.36 76.06 -1.34
N ALA P 85 63.67 75.93 -1.18
CA ALA P 85 64.30 76.21 0.10
C ALA P 85 64.08 77.67 0.51
N LEU P 86 64.24 78.59 -0.43
CA LEU P 86 64.07 80.01 -0.13
C LEU P 86 62.60 80.38 -0.21
N GLY P 87 61.73 79.37 -0.18
CA GLY P 87 60.28 79.57 -0.22
C GLY P 87 59.73 80.48 -1.30
N LEU P 88 60.07 80.20 -2.52
CA LEU P 88 59.59 81.05 -3.57
C LEU P 88 58.67 80.22 -4.41
N LYS P 89 59.13 79.01 -4.74
CA LYS P 89 58.34 78.15 -5.57
C LYS P 89 57.96 76.84 -4.93
N GLN P 90 57.21 76.06 -5.70
CA GLN P 90 56.71 74.77 -5.27
C GLN P 90 57.56 73.75 -6.01
N PRO P 91 57.87 72.62 -5.36
CA PRO P 91 58.68 71.53 -5.91
C PRO P 91 58.27 71.11 -7.33
N LYS P 92 56.97 70.97 -7.52
CA LYS P 92 56.38 70.57 -8.79
C LYS P 92 56.79 71.43 -9.97
N GLU P 93 56.90 72.74 -9.76
CA GLU P 93 57.25 73.66 -10.82
C GLU P 93 58.76 73.87 -10.95
N ILE P 94 59.52 72.94 -10.41
CA ILE P 94 60.97 73.04 -10.52
C ILE P 94 61.36 71.87 -11.42
N LYS P 95 62.15 72.16 -12.45
CA LYS P 95 62.60 71.11 -13.36
C LYS P 95 64.02 70.63 -13.01
N GLN P 96 64.93 71.58 -12.71
CA GLN P 96 66.32 71.28 -12.34
C GLN P 96 66.39 70.46 -11.04
N LYS P 97 67.18 69.40 -11.04
CA LYS P 97 67.28 68.55 -9.85
C LYS P 97 68.69 68.61 -9.31
N PHE P 98 68.83 69.03 -8.05
CA PHE P 98 70.14 69.10 -7.43
C PHE P 98 70.31 67.89 -6.53
N VAL P 99 71.52 67.34 -6.53
CA VAL P 99 71.85 66.19 -5.69
C VAL P 99 73.21 66.43 -5.08
N THR P 100 73.52 65.67 -4.05
CA THR P 100 74.79 65.82 -3.39
C THR P 100 75.37 64.47 -3.08
N CYS P 101 76.67 64.47 -2.86
CA CYS P 101 77.37 63.27 -2.48
C CYS P 101 78.78 63.65 -2.02
N HIS P 102 79.40 62.76 -1.26
CA HIS P 102 80.72 62.99 -0.76
C HIS P 102 81.67 62.85 -1.94
N TYR P 103 82.76 63.62 -1.96
CA TYR P 103 83.66 63.55 -3.12
C TYR P 103 84.29 62.17 -3.37
N LYS P 104 84.49 61.40 -2.31
CA LYS P 104 85.06 60.07 -2.46
C LYS P 104 84.15 59.10 -3.18
N ALA P 105 82.90 59.48 -3.42
CA ALA P 105 82.00 58.59 -4.13
C ALA P 105 82.10 58.80 -5.64
N ILE P 106 82.85 59.84 -6.05
CA ILE P 106 83.03 60.15 -7.47
C ILE P 106 84.22 59.43 -8.04
N PRO P 107 83.98 58.51 -8.97
CA PRO P 107 85.05 57.73 -9.58
C PRO P 107 85.64 58.28 -10.90
N CYS P 108 84.84 59.04 -11.66
CA CYS P 108 85.31 59.55 -12.94
C CYS P 108 84.65 60.85 -13.42
N LEU P 109 85.23 61.41 -14.49
CA LEU P 109 84.73 62.62 -15.14
C LEU P 109 84.77 62.32 -16.63
N TYR P 110 83.73 62.75 -17.35
CA TYR P 110 83.72 62.55 -18.80
C TYR P 110 84.36 63.79 -19.41
N LYS P 111 85.62 63.95 -19.01
CA LYS P 111 86.48 65.06 -19.34
C LYS P 111 87.77 64.47 -19.97
N GLN Q 5 66.19 85.65 17.87
CA GLN Q 5 66.18 84.17 17.70
C GLN Q 5 66.82 83.46 18.90
N GLN Q 6 67.69 84.17 19.63
CA GLN Q 6 68.38 83.58 20.75
C GLN Q 6 67.56 83.30 22.02
N LEU Q 7 67.50 82.00 22.28
CA LEU Q 7 66.82 81.39 23.39
C LEU Q 7 67.95 80.69 24.12
N PRO Q 8 67.65 80.07 25.27
CA PRO Q 8 68.69 79.37 26.03
C PRO Q 8 68.99 77.95 25.53
N ILE Q 9 69.64 77.86 24.37
CA ILE Q 9 70.04 76.57 23.83
C ILE Q 9 71.24 76.75 22.92
N ARG Q 10 72.31 76.04 23.22
CA ARG Q 10 73.53 76.15 22.43
C ARG Q 10 74.02 74.78 21.99
N ALA Q 11 74.65 74.76 20.83
CA ALA Q 11 75.19 73.54 20.26
C ALA Q 11 76.58 73.33 20.85
N VAL Q 12 76.95 72.08 21.11
CA VAL Q 12 78.28 71.78 21.65
C VAL Q 12 79.01 70.87 20.67
N GLY Q 13 80.32 70.76 20.87
CA GLY Q 13 81.14 69.93 20.02
C GLY Q 13 81.01 70.24 18.54
N GLU Q 14 80.88 69.18 17.75
CA GLU Q 14 80.76 69.31 16.30
C GLU Q 14 79.33 69.34 15.80
N TYR Q 15 78.39 69.59 16.70
CA TYR Q 15 77.00 69.65 16.32
C TYR Q 15 76.57 71.03 15.90
N VAL Q 16 75.39 71.08 15.30
CA VAL Q 16 74.82 72.31 14.84
C VAL Q 16 73.33 72.21 15.14
N ILE Q 17 72.76 73.29 15.66
CA ILE Q 17 71.35 73.33 15.98
C ILE Q 17 70.68 74.24 15.00
N LEU Q 18 69.63 73.74 14.39
CA LEU Q 18 68.90 74.49 13.39
C LEU Q 18 67.47 74.62 13.84
N VAL Q 19 66.72 75.45 13.13
CA VAL Q 19 65.30 75.63 13.41
C VAL Q 19 64.55 75.38 12.10
N SER Q 20 63.63 74.43 12.14
CA SER Q 20 62.83 74.08 10.98
C SER Q 20 61.95 75.19 10.49
N GLU Q 21 61.84 75.28 9.17
CA GLU Q 21 61.01 76.28 8.51
C GLU Q 21 59.55 75.90 8.52
N PRO Q 22 58.68 76.91 8.65
CA PRO Q 22 57.22 76.75 8.67
C PRO Q 22 56.69 75.99 7.45
N GLU Q 47 64.39 68.74 4.65
CA GLU Q 47 63.86 69.63 5.65
C GLU Q 47 64.65 70.93 5.52
N LEU Q 48 63.91 72.01 5.32
CA LEU Q 48 64.51 73.33 5.22
C LEU Q 48 64.70 73.85 6.64
N CYS Q 49 65.92 74.26 6.97
CA CYS Q 49 66.22 74.73 8.31
C CYS Q 49 67.14 75.90 8.31
N VAL Q 50 67.13 76.59 9.44
CA VAL Q 50 67.96 77.76 9.59
C VAL Q 50 68.90 77.53 10.76
N VAL Q 51 70.17 77.79 10.54
CA VAL Q 51 71.18 77.63 11.55
C VAL Q 51 70.89 78.56 12.68
N HIS Q 52 70.82 78.00 13.88
CA HIS Q 52 70.54 78.77 15.07
C HIS Q 52 71.77 78.83 15.93
N SER Q 53 72.54 77.75 15.96
CA SER Q 53 73.74 77.72 16.80
C SER Q 53 74.75 76.70 16.25
N VAL Q 54 76.03 77.07 16.25
CA VAL Q 54 77.09 76.20 15.73
C VAL Q 54 78.03 75.79 16.85
N GLY Q 55 78.18 74.48 17.04
CA GLY Q 55 79.09 73.97 18.06
C GLY Q 55 80.50 74.53 17.93
N PRO Q 56 81.18 74.76 19.06
CA PRO Q 56 82.54 75.30 19.09
C PRO Q 56 83.59 74.46 18.39
N ASP Q 57 83.24 73.23 18.04
CA ASP Q 57 84.20 72.37 17.36
C ASP Q 57 83.95 72.28 15.87
N VAL Q 58 82.88 72.92 15.41
CA VAL Q 58 82.62 72.92 14.00
C VAL Q 58 83.72 73.83 13.47
N PRO Q 59 84.43 73.41 12.41
CA PRO Q 59 85.51 74.22 11.84
C PRO Q 59 85.05 75.64 11.55
N GLU Q 60 85.91 76.58 11.90
CA GLU Q 60 85.65 78.00 11.72
C GLU Q 60 85.33 78.31 10.25
N GLY Q 61 84.31 79.14 10.04
CA GLY Q 61 83.93 79.50 8.68
C GLY Q 61 83.15 78.43 7.96
N PHE Q 62 82.59 77.48 8.71
CA PHE Q 62 81.80 76.44 8.08
C PHE Q 62 80.45 77.03 7.65
N CYS Q 63 79.77 77.69 8.57
CA CYS Q 63 78.48 78.33 8.27
C CYS Q 63 78.21 79.44 9.29
N GLU Q 64 77.09 80.13 9.14
CA GLU Q 64 76.75 81.20 10.06
C GLU Q 64 75.32 81.12 10.49
N VAL Q 65 75.07 81.64 11.68
CA VAL Q 65 73.72 81.65 12.21
C VAL Q 65 72.86 82.43 11.21
N GLY Q 66 71.64 81.96 10.99
CA GLY Q 66 70.77 82.64 10.06
C GLY Q 66 70.80 81.97 8.69
N ASP Q 67 71.85 81.21 8.41
CA ASP Q 67 71.96 80.51 7.15
C ASP Q 67 70.91 79.43 6.98
N LEU Q 68 70.34 79.39 5.78
CA LEU Q 68 69.32 78.41 5.45
C LEU Q 68 69.98 77.24 4.75
N THR Q 69 69.51 76.04 5.05
CA THR Q 69 70.05 74.83 4.45
C THR Q 69 68.97 73.77 4.34
N SER Q 70 69.34 72.62 3.80
CA SER Q 70 68.41 71.52 3.65
C SER Q 70 69.06 70.23 4.11
N LEU Q 71 68.33 69.50 4.94
CA LEU Q 71 68.80 68.24 5.47
C LEU Q 71 67.73 67.17 5.37
N PRO Q 72 68.12 65.92 5.08
CA PRO Q 72 67.12 64.85 4.99
C PRO Q 72 66.63 64.59 6.41
N VAL Q 73 65.34 64.33 6.54
CA VAL Q 73 64.74 64.05 7.82
C VAL Q 73 65.55 63.00 8.58
N GLY Q 74 66.08 62.02 7.86
CA GLY Q 74 66.83 60.98 8.52
C GLY Q 74 68.19 61.39 9.07
N GLN Q 75 68.67 62.57 8.70
CA GLN Q 75 69.99 63.00 9.17
C GLN Q 75 69.93 63.86 10.41
N ILE Q 76 68.75 64.38 10.70
CA ILE Q 76 68.61 65.26 11.83
C ILE Q 76 67.79 64.62 12.94
N ARG Q 77 67.98 65.19 14.12
CA ARG Q 77 67.29 64.68 15.26
C ARG Q 77 66.58 65.85 15.95
N ASN Q 78 65.32 65.65 16.31
CA ASN Q 78 64.53 66.65 17.01
C ASN Q 78 65.13 66.90 18.40
N VAL Q 79 65.13 68.15 18.81
CA VAL Q 79 65.64 68.57 20.10
C VAL Q 79 64.47 69.23 20.84
N PRO Q 80 64.26 68.88 22.11
CA PRO Q 80 63.17 69.48 22.89
C PRO Q 80 63.32 71.00 22.94
N HIS Q 81 62.21 71.72 22.75
CA HIS Q 81 62.26 73.16 22.79
C HIS Q 81 62.77 73.62 24.18
N PRO Q 82 63.69 74.60 24.24
CA PRO Q 82 64.19 75.04 25.55
C PRO Q 82 63.10 75.31 26.61
N PHE Q 83 61.89 75.74 26.24
CA PHE Q 83 60.86 75.99 27.26
C PHE Q 83 60.35 74.70 27.80
N VAL Q 84 60.23 73.71 26.95
CA VAL Q 84 59.76 72.45 27.46
C VAL Q 84 60.85 71.89 28.35
N ALA Q 85 62.08 72.03 27.90
CA ALA Q 85 63.24 71.57 28.67
C ALA Q 85 63.33 72.30 30.00
N LEU Q 86 63.13 73.62 29.98
CA LEU Q 86 63.21 74.41 31.20
C LEU Q 86 61.89 74.36 31.94
N GLY Q 87 61.04 73.39 31.60
CA GLY Q 87 59.75 73.18 32.24
C GLY Q 87 58.85 74.39 32.39
N LEU Q 88 58.59 75.06 31.30
CA LEU Q 88 57.77 76.23 31.40
C LEU Q 88 56.52 75.92 30.63
N LYS Q 89 56.69 75.38 29.44
CA LYS Q 89 55.55 75.08 28.61
C LYS Q 89 55.39 73.63 28.25
N GLN Q 90 54.32 73.37 27.52
CA GLN Q 90 53.97 72.03 27.08
C GLN Q 90 54.32 71.98 25.61
N PRO Q 91 54.81 70.83 25.13
CA PRO Q 91 55.21 70.60 23.74
C PRO Q 91 54.19 71.09 22.71
N LYS Q 92 52.93 70.78 22.97
CA LYS Q 92 51.81 71.15 22.11
C LYS Q 92 51.71 72.64 21.81
N GLU Q 93 52.01 73.47 22.80
CA GLU Q 93 51.92 74.92 22.63
C GLU Q 93 53.23 75.53 22.15
N ILE Q 94 54.08 74.71 21.56
CA ILE Q 94 55.33 75.22 21.04
C ILE Q 94 55.20 75.05 19.52
N LYS Q 95 55.47 76.13 18.79
CA LYS Q 95 55.39 76.07 17.33
C LYS Q 95 56.78 75.85 16.71
N GLN Q 96 57.79 76.58 17.20
CA GLN Q 96 59.18 76.48 16.72
C GLN Q 96 59.75 75.08 16.95
N LYS Q 97 60.38 74.51 15.93
CA LYS Q 97 60.93 73.16 16.06
C LYS Q 97 62.44 73.21 15.92
N PHE Q 98 63.15 72.75 16.95
CA PHE Q 98 64.61 72.73 16.90
C PHE Q 98 65.06 71.33 16.58
N VAL Q 99 66.10 71.24 15.76
CA VAL Q 99 66.67 69.96 15.37
C VAL Q 99 68.18 70.08 15.43
N THR Q 100 68.86 68.95 15.44
CA THR Q 100 70.29 68.97 15.48
C THR Q 100 70.85 67.94 14.54
N CYS Q 101 72.11 68.14 14.19
CA CYS Q 101 72.82 67.20 13.36
C CYS Q 101 74.30 67.54 13.40
N HIS Q 102 75.13 66.56 13.03
CA HIS Q 102 76.55 66.74 13.02
C HIS Q 102 76.87 67.65 11.84
N TYR Q 103 77.90 68.49 11.94
CA TYR Q 103 78.17 69.42 10.84
C TYR Q 103 78.52 68.74 9.50
N LYS Q 104 79.11 67.55 9.57
CA LYS Q 104 79.46 66.82 8.36
C LYS Q 104 78.26 66.35 7.57
N ALA Q 105 77.06 66.47 8.14
CA ALA Q 105 75.88 66.05 7.41
C ALA Q 105 75.32 67.19 6.57
N ILE Q 106 75.88 68.40 6.75
CA ILE Q 106 75.43 69.58 6.01
C ILE Q 106 76.20 69.72 4.71
N PRO Q 107 75.50 69.59 3.58
CA PRO Q 107 76.13 69.69 2.28
C PRO Q 107 76.12 71.08 1.61
N CYS Q 108 75.13 71.91 1.94
CA CYS Q 108 75.02 73.22 1.32
C CYS Q 108 74.31 74.31 2.15
N LEU Q 109 74.40 75.54 1.65
CA LEU Q 109 73.75 76.71 2.26
C LEU Q 109 73.11 77.46 1.10
N TYR Q 110 71.90 77.96 1.32
CA TYR Q 110 71.24 78.74 0.28
C TYR Q 110 71.63 80.19 0.50
N LYS Q 111 72.95 80.38 0.40
CA LYS Q 111 73.64 81.62 0.63
C LYS Q 111 74.48 81.92 -0.64
N GLN R 5 73.47 67.52 45.60
CA GLN R 5 73.29 66.54 44.48
C GLN R 5 74.33 65.43 44.52
N GLN R 6 75.48 65.71 45.14
CA GLN R 6 76.55 64.73 45.20
C GLN R 6 76.35 63.50 46.09
N LEU R 7 76.32 62.38 45.39
CA LEU R 7 76.16 61.06 45.91
C LEU R 7 77.44 60.37 45.48
N PRO R 8 77.64 59.11 45.88
CA PRO R 8 78.84 58.37 45.51
C PRO R 8 78.78 57.74 44.10
N ILE R 9 78.85 58.59 43.07
CA ILE R 9 78.87 58.10 41.70
C ILE R 9 79.56 59.12 40.82
N ARG R 10 80.59 58.70 40.12
CA ARG R 10 81.34 59.59 39.26
C ARG R 10 81.48 59.00 37.87
N ALA R 11 81.53 59.89 36.88
CA ALA R 11 81.67 59.52 35.49
C ALA R 11 83.16 59.34 35.21
N VAL R 12 83.52 58.36 34.38
CA VAL R 12 84.92 58.13 34.02
C VAL R 12 85.07 58.30 32.52
N GLY R 13 86.32 58.42 32.09
CA GLY R 13 86.62 58.57 30.69
C GLY R 13 85.87 59.72 30.00
N GLU R 14 85.33 59.42 28.83
CA GLU R 14 84.59 60.41 28.06
C GLU R 14 83.09 60.38 28.29
N TYR R 15 82.67 59.75 29.37
CA TYR R 15 81.26 59.68 29.68
C TYR R 15 80.79 60.85 30.53
N VAL R 16 79.48 60.96 30.60
CA VAL R 16 78.85 62.00 31.38
C VAL R 16 77.64 61.36 32.04
N ILE R 17 77.45 61.65 33.32
CA ILE R 17 76.33 61.12 34.07
C ILE R 17 75.37 62.23 34.33
N LEU R 18 74.12 62.00 33.98
CA LEU R 18 73.08 62.99 34.14
C LEU R 18 72.02 62.43 35.04
N VAL R 19 71.09 63.29 35.44
CA VAL R 19 69.96 62.88 36.26
C VAL R 19 68.70 63.35 35.54
N SER R 20 67.81 62.41 35.25
CA SER R 20 66.56 62.70 34.57
C SER R 20 65.65 63.58 35.35
N GLU R 21 64.97 64.46 34.63
CA GLU R 21 64.02 65.39 35.20
C GLU R 21 62.67 64.75 35.48
N PRO R 22 62.03 65.17 36.57
CA PRO R 22 60.73 64.67 37.01
C PRO R 22 59.66 64.76 35.92
N GLU R 47 64.77 63.28 26.35
CA GLU R 47 64.80 63.14 27.79
C GLU R 47 65.55 64.37 28.31
N LEU R 48 64.88 65.08 29.21
CA LEU R 48 65.47 66.26 29.82
C LEU R 48 66.30 65.78 31.01
N CYS R 49 67.57 66.18 31.04
CA CYS R 49 68.46 65.74 32.10
C CYS R 49 69.38 66.82 32.56
N VAL R 50 69.92 66.59 33.76
CA VAL R 50 70.82 67.54 34.35
C VAL R 50 72.15 66.87 34.57
N VAL R 51 73.21 67.54 34.14
CA VAL R 51 74.55 67.03 34.29
C VAL R 51 74.86 66.90 35.75
N HIS R 52 75.29 65.71 36.15
CA HIS R 52 75.61 65.43 37.53
C HIS R 52 77.10 65.25 37.66
N SER R 53 77.72 64.64 36.65
CA SER R 53 79.16 64.38 36.71
C SER R 53 79.74 64.26 35.30
N VAL R 54 80.92 64.84 35.08
CA VAL R 54 81.57 64.82 33.78
C VAL R 54 82.88 64.05 33.84
N GLY R 55 83.00 63.02 33.01
CA GLY R 55 84.22 62.23 32.97
C GLY R 55 85.47 63.09 32.75
N PRO R 56 86.59 62.70 33.38
CA PRO R 56 87.86 63.42 33.27
C PRO R 56 88.42 63.53 31.86
N ASP R 57 87.87 62.77 30.92
CA ASP R 57 88.36 62.83 29.55
C ASP R 57 87.48 63.65 28.65
N VAL R 58 86.36 64.13 29.19
CA VAL R 58 85.50 64.97 28.41
C VAL R 58 86.32 66.26 28.30
N PRO R 59 86.46 66.81 27.07
CA PRO R 59 87.24 68.03 26.88
C PRO R 59 86.80 69.13 27.84
N GLU R 60 87.80 69.81 28.38
CA GLU R 60 87.58 70.90 29.34
C GLU R 60 86.68 71.97 28.75
N GLY R 61 85.73 72.45 29.55
CA GLY R 61 84.83 73.48 29.09
C GLY R 61 83.73 72.96 28.19
N PHE R 62 83.48 71.66 28.22
CA PHE R 62 82.43 71.10 27.40
C PHE R 62 81.08 71.46 28.02
N CYS R 63 80.92 71.18 29.31
CA CYS R 63 79.68 71.50 30.03
C CYS R 63 79.97 71.59 31.52
N GLU R 64 78.96 71.90 32.32
CA GLU R 64 79.14 71.99 33.75
C GLU R 64 78.04 71.29 34.51
N VAL R 65 78.38 70.85 35.70
CA VAL R 65 77.41 70.16 36.53
C VAL R 65 76.26 71.15 36.76
N GLY R 66 75.04 70.65 36.74
CA GLY R 66 73.89 71.52 36.94
C GLY R 66 73.26 71.91 35.61
N ASP R 67 74.04 71.79 34.53
CA ASP R 67 73.51 72.14 33.22
C ASP R 67 72.42 71.18 32.75
N LEU R 68 71.38 71.78 32.19
CA LEU R 68 70.24 71.03 31.68
C LEU R 68 70.44 70.79 30.20
N THR R 69 70.07 69.61 29.74
CA THR R 69 70.19 69.25 28.34
C THR R 69 69.10 68.28 27.93
N SER R 70 69.11 67.89 26.67
CA SER R 70 68.12 66.95 26.16
C SER R 70 68.81 65.89 25.33
N LEU R 71 68.47 64.64 25.63
CA LEU R 71 69.03 63.51 24.92
C LEU R 71 67.96 62.52 24.52
N PRO R 72 68.08 61.91 23.34
CA PRO R 72 67.07 60.94 22.90
C PRO R 72 67.23 59.72 23.81
N VAL R 73 66.12 59.12 24.18
CA VAL R 73 66.13 57.93 25.01
C VAL R 73 67.11 56.89 24.47
N GLY R 74 67.19 56.78 23.15
CA GLY R 74 68.07 55.79 22.58
C GLY R 74 69.56 56.09 22.71
N GLN R 75 69.93 57.29 23.10
CA GLN R 75 71.33 57.65 23.21
C GLN R 75 71.89 57.47 24.60
N ILE R 76 71.01 57.36 25.57
CA ILE R 76 71.45 57.23 26.94
C ILE R 76 71.15 55.86 27.50
N ARG R 77 71.88 55.56 28.55
CA ARG R 77 71.74 54.28 29.19
C ARG R 77 71.49 54.51 30.68
N ASN R 78 70.51 53.80 31.23
CA ASN R 78 70.19 53.88 32.66
C ASN R 78 71.36 53.32 33.47
N VAL R 79 71.63 53.98 34.59
CA VAL R 79 72.69 53.57 35.50
C VAL R 79 72.02 53.28 36.84
N PRO R 80 72.37 52.16 37.49
CA PRO R 80 71.78 51.81 38.79
C PRO R 80 72.05 52.93 39.80
N HIS R 81 71.03 53.28 40.58
CA HIS R 81 71.21 54.31 41.58
C HIS R 81 72.30 53.88 42.57
N PRO R 82 73.23 54.79 42.94
CA PRO R 82 74.28 54.40 43.89
C PRO R 82 73.80 53.64 45.14
N PHE R 83 72.59 53.88 45.66
CA PHE R 83 72.13 53.14 46.85
C PHE R 83 71.82 51.72 46.48
N VAL R 84 71.26 51.54 45.31
CA VAL R 84 70.97 50.18 44.94
C VAL R 84 72.30 49.48 44.72
N ALA R 85 73.21 50.18 44.08
CA ALA R 85 74.55 49.65 43.83
C ALA R 85 75.27 49.36 45.13
N LEU R 86 75.18 50.27 46.09
CA LEU R 86 75.86 50.08 47.36
C LEU R 86 75.00 49.23 48.29
N GLY R 87 74.02 48.52 47.71
CA GLY R 87 73.13 47.64 48.45
C GLY R 87 72.48 48.19 49.70
N LEU R 88 71.82 49.30 49.58
CA LEU R 88 71.22 49.87 50.74
C LEU R 88 69.73 49.82 50.52
N LYS R 89 69.32 50.24 49.32
CA LYS R 89 67.91 50.26 49.02
C LYS R 89 67.51 49.40 47.85
N GLN R 90 66.21 49.41 47.61
CA GLN R 90 65.60 48.63 46.54
C GLN R 90 65.26 49.62 45.45
N PRO R 91 65.39 49.22 44.19
CA PRO R 91 65.12 50.05 43.01
C PRO R 91 63.79 50.81 43.08
N LYS R 92 62.76 50.08 43.49
CA LYS R 92 61.41 50.62 43.61
C LYS R 92 61.30 51.87 44.49
N GLU R 93 62.07 51.91 45.57
CA GLU R 93 62.02 53.04 46.49
C GLU R 93 63.02 54.14 46.12
N ILE R 94 63.46 54.13 44.87
CA ILE R 94 64.38 55.15 44.43
C ILE R 94 63.59 55.97 43.42
N LYS R 95 63.58 57.29 43.59
CA LYS R 95 62.86 58.16 42.67
C LYS R 95 63.82 58.76 41.61
N GLN R 96 64.99 59.23 42.05
CA GLN R 96 66.01 59.82 41.18
C GLN R 96 66.53 58.80 40.15
N LYS R 97 66.60 59.20 38.88
CA LYS R 97 67.04 58.28 37.84
C LYS R 97 68.33 58.80 37.23
N PHE R 98 69.38 57.98 37.30
CA PHE R 98 70.66 58.37 36.73
C PHE R 98 70.82 57.68 35.39
N VAL R 99 71.38 58.41 34.43
CA VAL R 99 71.63 57.87 33.10
C VAL R 99 73.01 58.32 32.66
N THR R 100 73.54 57.66 31.64
CA THR R 100 74.84 58.01 31.16
C THR R 100 74.85 58.01 29.65
N CYS R 101 75.84 58.69 29.10
CA CYS R 101 76.03 58.74 27.68
C CYS R 101 77.40 59.33 27.39
N HIS R 102 77.90 59.08 26.19
CA HIS R 102 79.18 59.58 25.78
C HIS R 102 79.01 61.07 25.54
N TYR R 103 80.04 61.88 25.81
CA TYR R 103 79.87 63.33 25.65
C TYR R 103 79.55 63.78 24.22
N LYS R 104 80.01 63.03 23.23
CA LYS R 104 79.73 63.36 21.84
C LYS R 104 78.27 63.22 21.46
N ALA R 105 77.46 62.63 22.33
CA ALA R 105 76.05 62.49 22.04
C ALA R 105 75.27 63.72 22.49
N ILE R 106 75.94 64.61 23.23
CA ILE R 106 75.30 65.83 23.73
C ILE R 106 75.43 66.96 22.74
N PRO R 107 74.29 67.40 22.20
CA PRO R 107 74.29 68.48 21.20
C PRO R 107 74.08 69.92 21.75
N CYS R 108 73.41 70.05 22.89
CA CYS R 108 73.13 71.37 23.44
C CYS R 108 72.95 71.44 24.96
N LEU R 109 72.89 72.68 25.45
CA LEU R 109 72.68 72.97 26.87
C LEU R 109 71.65 74.09 26.90
N TYR R 110 70.70 74.01 27.82
CA TYR R 110 69.70 75.07 27.96
C TYR R 110 70.26 76.08 28.94
N LYS R 111 71.41 76.61 28.53
CA LYS R 111 72.23 77.53 29.27
C LYS R 111 72.44 78.78 28.36
N GLN S 5 90.88 38.49 47.92
CA GLN S 5 90.14 38.45 46.63
C GLN S 5 91.01 37.89 45.50
N GLN S 6 92.33 37.98 45.66
CA GLN S 6 93.24 37.52 44.63
C GLN S 6 93.36 36.00 44.43
N LEU S 7 92.94 35.63 43.23
CA LEU S 7 92.93 34.30 42.70
C LEU S 7 93.84 34.40 41.49
N PRO S 8 94.09 33.28 40.81
CA PRO S 8 94.95 33.30 39.62
C PRO S 8 94.23 33.72 38.34
N ILE S 9 93.91 35.01 38.24
CA ILE S 9 93.28 35.54 37.03
C ILE S 9 93.58 37.02 36.93
N ARG S 10 94.16 37.43 35.81
CA ARG S 10 94.52 38.81 35.61
C ARG S 10 93.98 39.33 34.28
N ALA S 11 93.66 40.61 34.26
CA ALA S 11 93.14 41.26 33.07
C ALA S 11 94.34 41.69 32.23
N VAL S 12 94.22 41.61 30.90
CA VAL S 12 95.29 42.04 30.00
C VAL S 12 94.78 43.15 29.11
N GLY S 13 95.71 43.83 28.48
CA GLY S 13 95.37 44.92 27.59
C GLY S 13 94.49 45.99 28.22
N GLU S 14 93.47 46.39 27.48
CA GLU S 14 92.54 47.41 27.94
C GLU S 14 91.30 46.86 28.62
N TYR S 15 91.35 45.60 29.02
CA TYR S 15 90.22 44.99 29.69
C TYR S 15 90.27 45.17 31.18
N VAL S 16 89.13 44.87 31.79
CA VAL S 16 89.00 44.97 33.23
C VAL S 16 88.16 43.77 33.65
N ILE S 17 88.58 43.12 34.73
CA ILE S 17 87.87 41.96 35.24
C ILE S 17 87.20 42.36 36.51
N LEU S 18 85.91 42.10 36.60
CA LEU S 18 85.13 42.44 37.76
C LEU S 18 84.53 41.19 38.33
N VAL S 19 83.94 41.33 39.51
CA VAL S 19 83.26 40.21 40.17
C VAL S 19 81.85 40.69 40.50
N SER S 20 80.86 39.97 40.00
CA SER S 20 79.47 40.29 40.22
C SER S 20 79.06 40.20 41.66
N GLU S 21 78.20 41.13 42.06
CA GLU S 21 77.66 41.20 43.41
C GLU S 21 76.54 40.20 43.64
N PRO S 22 76.48 39.64 44.84
CA PRO S 22 75.48 38.67 45.26
C PRO S 22 74.04 39.16 45.03
N GLU S 47 74.28 45.52 36.13
CA GLU S 47 74.93 44.50 36.92
C GLU S 47 75.92 45.25 37.81
N LEU S 48 75.77 45.03 39.11
CA LEU S 48 76.66 45.64 40.09
C LEU S 48 77.89 44.74 40.19
N CYS S 49 79.07 45.33 40.03
CA CYS S 49 80.30 44.56 40.06
C CYS S 49 81.41 45.28 40.76
N VAL S 50 82.40 44.50 41.15
CA VAL S 50 83.53 45.04 41.85
C VAL S 50 84.77 44.75 41.03
N VAL S 51 85.58 45.78 40.83
CA VAL S 51 86.81 45.65 40.09
C VAL S 51 87.72 44.70 40.81
N HIS S 52 88.19 43.70 40.08
CA HIS S 52 89.07 42.69 40.64
C HIS S 52 90.44 42.86 40.05
N SER S 53 90.51 43.22 38.77
CA SER S 53 91.80 43.36 38.09
C SER S 53 91.69 44.32 36.91
N VAL S 54 92.69 45.19 36.74
CA VAL S 54 92.69 46.17 35.67
C VAL S 54 93.83 45.91 34.69
N GLY S 55 93.49 45.73 33.43
CA GLY S 55 94.51 45.50 32.41
C GLY S 55 95.60 46.57 32.40
N PRO S 56 96.84 46.18 32.12
CA PRO S 56 97.99 47.09 32.07
C PRO S 56 97.87 48.22 31.06
N ASP S 57 96.91 48.13 30.15
CA ASP S 57 96.75 49.17 29.15
C ASP S 57 95.62 50.12 29.47
N VAL S 58 94.90 49.84 30.54
CA VAL S 58 93.85 50.73 30.94
C VAL S 58 94.63 51.94 31.46
N PRO S 59 94.26 53.16 31.01
CA PRO S 59 94.95 54.37 31.45
C PRO S 59 95.07 54.44 32.96
N GLU S 60 96.25 54.84 33.41
CA GLU S 60 96.56 54.96 34.83
C GLU S 60 95.57 55.88 35.53
N GLY S 61 95.12 55.46 36.71
CA GLY S 61 94.18 56.28 37.46
C GLY S 61 92.76 56.21 36.94
N PHE S 62 92.46 55.18 36.15
CA PHE S 62 91.11 55.03 35.65
C PHE S 62 90.21 54.54 36.78
N CYS S 63 90.61 53.47 37.45
CA CYS S 63 89.85 52.93 38.59
C CYS S 63 90.78 52.11 39.48
N GLU S 64 90.24 51.57 40.56
CA GLU S 64 91.05 50.76 41.47
C GLU S 64 90.34 49.50 41.86
N VAL S 65 91.14 48.50 42.18
CA VAL S 65 90.59 47.22 42.59
C VAL S 65 89.74 47.49 43.83
N GLY S 66 88.60 46.82 43.92
CA GLY S 66 87.72 47.03 45.07
C GLY S 66 86.61 48.01 44.73
N ASP S 67 86.81 48.83 43.69
CA ASP S 67 85.79 49.77 43.29
C ASP S 67 84.54 49.10 42.74
N LEU S 68 83.40 49.63 43.18
CA LEU S 68 82.11 49.11 42.77
C LEU S 68 81.61 49.95 41.60
N THR S 69 80.99 49.28 40.64
CA THR S 69 80.45 49.96 39.47
C THR S 69 79.22 49.23 38.94
N SER S 70 78.64 49.77 37.89
CA SER S 70 77.46 49.16 37.29
C SER S 70 77.64 49.09 35.79
N LEU S 71 77.37 47.92 35.23
CA LEU S 71 77.47 47.70 33.81
C LEU S 71 76.26 46.97 33.28
N PRO S 72 75.80 47.31 32.07
CA PRO S 72 74.63 46.62 31.50
C PRO S 72 75.09 45.20 31.17
N VAL S 73 74.22 44.24 31.41
CA VAL S 73 74.50 42.85 31.11
C VAL S 73 75.06 42.69 29.70
N GLY S 74 74.54 43.48 28.77
CA GLY S 74 75.01 43.35 27.40
C GLY S 74 76.41 43.87 27.14
N GLN S 75 77.01 44.58 28.09
CA GLN S 75 78.34 45.13 27.88
C GLN S 75 79.44 44.25 28.41
N ILE S 76 79.07 43.33 29.28
CA ILE S 76 80.06 42.46 29.89
C ILE S 76 79.94 41.04 29.40
N ARG S 77 81.03 40.33 29.59
CA ARG S 77 81.09 38.96 29.17
C ARG S 77 81.55 38.11 30.36
N ASN S 78 80.86 37.00 30.57
CA ASN S 78 81.21 36.05 31.65
C ASN S 78 82.57 35.43 31.35
N VAL S 79 83.36 35.26 32.40
CA VAL S 79 84.67 34.65 32.30
C VAL S 79 84.65 33.42 33.19
N PRO S 80 85.16 32.28 32.71
CA PRO S 80 85.18 31.04 33.50
C PRO S 80 85.95 31.27 34.81
N HIS S 81 85.41 30.76 35.91
CA HIS S 81 86.09 30.92 37.18
C HIS S 81 87.47 30.25 37.11
N PRO S 82 88.53 30.91 37.62
CA PRO S 82 89.86 30.29 37.56
C PRO S 82 89.92 28.82 38.01
N PHE S 83 89.09 28.35 38.93
CA PHE S 83 89.16 26.93 39.35
C PHE S 83 88.61 26.06 38.27
N VAL S 84 87.58 26.53 37.61
CA VAL S 84 87.05 25.71 36.55
C VAL S 84 88.10 25.67 35.44
N ALA S 85 88.68 26.83 35.18
CA ALA S 85 89.72 26.96 34.17
C ALA S 85 90.92 26.09 34.52
N LEU S 86 91.33 26.11 35.78
CA LEU S 86 92.48 25.34 36.21
C LEU S 86 92.06 23.90 36.52
N GLY S 87 90.88 23.52 36.03
CA GLY S 87 90.34 22.17 36.22
C GLY S 87 90.35 21.61 37.62
N LEU S 88 89.79 22.32 38.55
CA LEU S 88 89.81 21.84 39.89
C LEU S 88 88.38 21.56 40.25
N LYS S 89 87.52 22.53 39.95
CA LYS S 89 86.12 22.38 40.29
C LYS S 89 85.19 22.40 39.12
N GLN S 90 83.91 22.22 39.44
CA GLN S 90 82.84 22.19 38.46
C GLN S 90 82.13 23.52 38.59
N PRO S 91 81.66 24.07 37.46
CA PRO S 91 80.96 25.36 37.39
C PRO S 91 79.86 25.52 38.44
N LYS S 92 79.06 24.47 38.60
CA LYS S 92 77.95 24.44 39.54
C LYS S 92 78.33 24.75 40.98
N GLU S 93 79.50 24.29 41.41
CA GLU S 93 79.94 24.51 42.78
C GLU S 93 80.75 25.79 42.93
N ILE S 94 80.60 26.69 41.97
CA ILE S 94 81.31 27.96 42.07
C ILE S 94 80.21 29.00 42.27
N LYS S 95 80.38 29.83 43.29
CA LYS S 95 79.40 30.87 43.56
C LYS S 95 79.83 32.23 42.97
N GLN S 96 81.11 32.59 43.13
CA GLN S 96 81.67 33.84 42.61
C GLN S 96 81.60 33.90 41.08
N LYS S 97 81.14 35.01 40.53
CA LYS S 97 81.01 35.13 39.07
C LYS S 97 81.93 36.22 38.57
N PHE S 98 82.84 35.85 37.68
CA PHE S 98 83.76 36.83 37.11
C PHE S 98 83.26 37.23 35.73
N VAL S 99 83.39 38.51 35.42
CA VAL S 99 82.99 39.04 34.13
C VAL S 99 84.06 39.99 33.66
N THR S 100 84.03 40.30 32.37
CA THR S 100 85.01 41.20 31.83
C THR S 100 84.35 42.16 30.88
N CYS S 101 85.05 43.26 30.64
CA CYS S 101 84.59 44.25 29.71
C CYS S 101 85.74 45.22 29.43
N HIS S 102 85.63 45.93 28.31
CA HIS S 102 86.64 46.88 27.92
C HIS S 102 86.49 48.08 28.86
N TYR S 103 87.59 48.75 29.20
CA TYR S 103 87.47 49.87 30.17
C TYR S 103 86.59 51.02 29.69
N LYS S 104 86.50 51.24 28.38
CA LYS S 104 85.67 52.30 27.84
C LYS S 104 84.18 52.06 28.04
N ALA S 105 83.80 50.87 28.49
CA ALA S 105 82.40 50.60 28.71
C ALA S 105 82.00 50.98 30.13
N ILE S 106 82.98 51.34 30.96
CA ILE S 106 82.73 51.74 32.35
C ILE S 106 82.48 53.22 32.45
N PRO S 107 81.26 53.61 32.83
CA PRO S 107 80.91 55.02 32.95
C PRO S 107 81.07 55.65 34.35
N CYS S 108 80.98 54.85 35.41
CA CYS S 108 81.07 55.38 36.76
C CYS S 108 81.59 54.41 37.83
N LEU S 109 81.85 54.97 39.02
CA LEU S 109 82.31 54.22 40.18
C LEU S 109 81.48 54.76 41.35
N TYR S 110 81.03 53.86 42.22
CA TYR S 110 80.28 54.29 43.40
C TYR S 110 81.29 54.53 44.49
N LYS S 111 82.17 55.48 44.18
CA LYS S 111 83.30 55.88 44.98
C LYS S 111 83.19 57.41 45.18
N GLN T 5 105.29 20.42 23.09
CA GLN T 5 104.06 21.04 22.51
C GLN T 5 104.29 21.57 21.10
N GLN T 6 105.55 21.88 20.79
CA GLN T 6 105.88 22.43 19.47
C GLN T 6 105.79 21.49 18.27
N LEU T 7 104.85 21.89 17.42
CA LEU T 7 104.51 21.26 16.18
C LEU T 7 104.79 22.33 15.15
N PRO T 8 104.64 22.03 13.87
CA PRO T 8 104.88 23.02 12.82
C PRO T 8 103.70 23.96 12.56
N ILE T 9 103.46 24.88 13.51
CA ILE T 9 102.41 25.87 13.35
C ILE T 9 102.74 27.09 14.19
N ARG T 10 102.81 28.24 13.54
CA ARG T 10 103.13 29.47 14.23
C ARG T 10 102.11 30.55 13.95
N ALA T 11 101.91 31.42 14.93
CA ALA T 11 100.97 32.51 14.82
C ALA T 11 101.69 33.68 14.14
N VAL T 12 101.00 34.43 13.30
CA VAL T 12 101.60 35.60 12.63
C VAL T 12 100.83 36.84 13.02
N GLY T 13 101.43 37.98 12.75
CA GLY T 13 100.81 39.25 13.06
C GLY T 13 100.39 39.40 14.52
N GLU T 14 99.17 39.90 14.70
CA GLU T 14 98.63 40.11 16.02
C GLU T 14 97.77 38.96 16.54
N TYR T 15 97.90 37.80 15.90
CA TYR T 15 97.14 36.65 16.32
C TYR T 15 97.86 35.83 17.38
N VAL T 16 97.09 34.92 17.96
CA VAL T 16 97.60 34.05 18.99
C VAL T 16 96.96 32.69 18.74
N ILE T 17 97.76 31.63 18.81
CA ILE T 17 97.26 30.29 18.60
C ILE T 17 97.26 29.60 19.92
N LEU T 18 96.12 29.02 20.26
CA LEU T 18 95.96 28.33 21.53
C LEU T 18 95.59 26.90 21.24
N VAL T 19 95.59 26.09 22.30
CA VAL T 19 95.19 24.69 22.20
C VAL T 19 94.11 24.47 23.25
N SER T 20 92.95 24.01 22.80
CA SER T 20 91.82 23.75 23.68
C SER T 20 92.09 22.65 24.67
N GLU T 21 91.57 22.85 25.87
CA GLU T 21 91.69 21.89 26.96
C GLU T 21 90.71 20.74 26.83
N PRO T 22 91.15 19.55 27.23
CA PRO T 22 90.36 18.32 27.20
C PRO T 22 89.01 18.45 27.92
N GLU T 47 85.77 28.82 26.59
CA GLU T 47 86.62 27.75 26.15
C GLU T 47 87.96 27.96 26.87
N LEU T 48 88.39 26.94 27.59
CA LEU T 48 89.65 26.98 28.29
C LEU T 48 90.73 26.58 27.29
N CYS T 49 91.76 27.42 27.16
CA CYS T 49 92.82 27.16 26.19
C CYS T 49 94.17 27.51 26.72
N VAL T 50 95.17 26.95 26.07
CA VAL T 50 96.53 27.18 26.46
C VAL T 50 97.26 27.80 25.29
N VAL T 51 97.97 28.88 25.57
CA VAL T 51 98.73 29.59 24.57
C VAL T 51 99.79 28.68 24.03
N HIS T 52 99.81 28.53 22.72
CA HIS T 52 100.77 27.67 22.06
C HIS T 52 101.75 28.52 21.29
N SER T 53 101.27 29.62 20.71
CA SER T 53 102.14 30.48 19.91
C SER T 53 101.60 31.90 19.86
N VAL T 54 102.48 32.89 19.99
CA VAL T 54 102.08 34.30 19.99
C VAL T 54 102.65 35.02 18.77
N GLY T 55 101.77 35.62 17.98
CA GLY T 55 102.22 36.36 16.81
C GLY T 55 103.26 37.42 17.14
N PRO T 56 104.22 37.64 16.23
CA PRO T 56 105.29 38.63 16.41
C PRO T 56 104.83 40.06 16.58
N ASP T 57 103.56 40.33 16.31
CA ASP T 57 103.06 41.68 16.45
C ASP T 57 102.25 41.88 17.72
N VAL T 58 102.07 40.80 18.46
CA VAL T 58 101.37 40.91 19.72
C VAL T 58 102.38 41.67 20.57
N PRO T 59 101.95 42.73 21.28
CA PRO T 59 102.85 43.52 22.13
C PRO T 59 103.63 42.63 23.07
N GLU T 60 104.91 42.93 23.19
CA GLU T 60 105.83 42.19 24.05
C GLU T 60 105.32 42.16 25.50
N GLY T 61 105.41 40.99 26.11
CA GLY T 61 104.96 40.85 27.49
C GLY T 61 103.45 40.77 27.64
N PHE T 62 102.76 40.44 26.54
CA PHE T 62 101.32 40.32 26.63
C PHE T 62 100.97 39.01 27.33
N CYS T 63 101.55 37.91 26.88
CA CYS T 63 101.33 36.59 27.50
C CYS T 63 102.49 35.67 27.16
N GLU T 64 102.45 34.44 27.66
CA GLU T 64 103.51 33.49 27.38
C GLU T 64 102.96 32.14 27.02
N VAL T 65 103.74 31.42 26.24
CA VAL T 65 103.33 30.09 25.82
C VAL T 65 103.14 29.27 27.10
N GLY T 66 102.11 28.43 27.13
CA GLY T 66 101.85 27.63 28.31
C GLY T 66 100.78 28.27 29.17
N ASP T 67 100.56 29.58 29.01
CA ASP T 67 99.54 30.27 29.78
C ASP T 67 98.13 29.80 29.44
N LEU T 68 97.35 29.61 30.50
CA LEU T 68 95.97 29.18 30.36
C LEU T 68 95.07 30.40 30.38
N THR T 69 94.04 30.38 29.55
CA THR T 69 93.09 31.48 29.47
C THR T 69 91.71 30.97 29.10
N SER T 70 90.76 31.89 29.01
CA SER T 70 89.40 31.53 28.65
C SER T 70 88.89 32.49 27.60
N LEU T 71 88.32 31.92 26.54
CA LEU T 71 87.76 32.70 25.45
C LEU T 71 86.39 32.20 25.07
N PRO T 72 85.47 33.11 24.71
CA PRO T 72 84.13 32.68 24.31
C PRO T 72 84.28 31.98 22.96
N VAL T 73 83.53 30.90 22.77
CA VAL T 73 83.55 30.16 21.53
C VAL T 73 83.42 31.09 20.33
N GLY T 74 82.60 32.13 20.47
CA GLY T 74 82.41 33.02 19.36
C GLY T 74 83.59 33.93 19.03
N GLN T 75 84.58 34.00 19.89
CA GLN T 75 85.73 34.86 19.65
C GLN T 75 86.88 34.16 18.99
N ILE T 76 86.87 32.85 19.02
CA ILE T 76 87.96 32.08 18.45
C ILE T 76 87.53 31.33 17.23
N ARG T 77 88.54 30.98 16.45
CA ARG T 77 88.30 30.27 15.23
C ARG T 77 89.16 29.01 15.22
N ASN T 78 88.56 27.89 14.85
CA ASN T 78 89.27 26.61 14.75
C ASN T 78 90.32 26.70 13.63
N VAL T 79 91.47 26.11 13.88
CA VAL T 79 92.56 26.06 12.91
C VAL T 79 92.84 24.59 12.64
N PRO T 80 93.00 24.21 11.37
CA PRO T 80 93.27 22.81 11.01
C PRO T 80 94.55 22.34 11.70
N HIS T 81 94.52 21.12 12.25
CA HIS T 81 95.70 20.60 12.91
C HIS T 81 96.85 20.51 11.90
N PRO T 82 98.08 20.93 12.28
CA PRO T 82 99.20 20.86 11.32
C PRO T 82 99.34 19.52 10.57
N PHE T 83 98.97 18.38 11.15
CA PHE T 83 99.10 17.10 10.41
C PHE T 83 98.07 17.02 9.33
N VAL T 84 96.89 17.52 9.62
CA VAL T 84 95.89 17.47 8.58
C VAL T 84 96.34 18.42 7.49
N ALA T 85 96.83 19.57 7.90
CA ALA T 85 97.32 20.58 6.96
C ALA T 85 98.48 20.04 6.15
N LEU T 86 99.41 19.35 6.81
CA LEU T 86 100.57 18.80 6.12
C LEU T 86 100.23 17.46 5.49
N GLY T 87 98.92 17.19 5.36
CA GLY T 87 98.43 15.96 4.75
C GLY T 87 99.01 14.66 5.23
N LEU T 88 98.97 14.44 6.52
CA LEU T 88 99.54 13.23 7.03
C LEU T 88 98.41 12.44 7.59
N LYS T 89 97.57 13.11 8.37
CA LYS T 89 96.47 12.42 9.00
C LYS T 89 95.11 12.95 8.62
N GLN T 90 94.10 12.29 9.18
CA GLN T 90 92.71 12.62 8.93
C GLN T 90 92.23 13.33 10.17
N PRO T 91 91.36 14.32 10.02
CA PRO T 91 90.79 15.12 11.12
C PRO T 91 90.28 14.28 12.30
N LYS T 92 89.56 13.23 11.96
CA LYS T 92 88.98 12.31 12.94
C LYS T 92 89.98 11.71 13.92
N GLU T 93 91.18 11.40 13.45
CA GLU T 93 92.20 10.79 14.28
C GLU T 93 93.08 11.84 14.96
N ILE T 94 92.60 13.07 15.04
CA ILE T 94 93.36 14.10 15.71
C ILE T 94 92.55 14.43 16.96
N LYS T 95 93.22 14.44 18.10
CA LYS T 95 92.53 14.76 19.35
C LYS T 95 92.75 16.24 19.75
N GLN T 96 94.00 16.72 19.63
CA GLN T 96 94.37 18.10 19.95
C GLN T 96 93.63 19.11 19.04
N LYS T 97 93.06 20.15 19.64
CA LYS T 97 92.31 21.13 18.85
C LYS T 97 93.00 22.48 18.94
N PHE T 98 93.39 23.02 17.80
CA PHE T 98 94.03 24.33 17.77
C PHE T 98 93.00 25.37 17.36
N VAL T 99 93.08 26.53 18.00
CA VAL T 99 92.19 27.63 17.69
C VAL T 99 93.01 28.90 17.66
N THR T 100 92.44 29.95 17.07
CA THR T 100 93.15 31.19 16.99
C THR T 100 92.21 32.33 17.30
N CYS T 101 92.81 33.46 17.64
CA CYS T 101 92.06 34.66 17.90
C CYS T 101 93.04 35.83 17.96
N HIS T 102 92.50 37.04 17.79
CA HIS T 102 93.30 38.22 17.83
C HIS T 102 93.67 38.45 19.29
N TYR T 103 94.86 39.00 19.57
CA TYR T 103 95.26 39.17 20.97
C TYR T 103 94.34 40.08 21.80
N LYS T 104 93.71 41.05 21.15
CA LYS T 104 92.80 41.95 21.84
C LYS T 104 91.54 41.27 22.35
N ALA T 105 91.31 40.02 21.95
CA ALA T 105 90.14 39.32 22.43
C ALA T 105 90.43 38.60 23.74
N ILE T 106 91.71 38.58 24.14
CA ILE T 106 92.12 37.91 25.38
C ILE T 106 92.05 38.86 26.54
N PRO T 107 91.17 38.57 27.50
CA PRO T 107 91.00 39.44 28.67
C PRO T 107 91.81 39.04 29.92
N CYS T 108 92.14 37.75 30.07
CA CYS T 108 92.86 37.29 31.26
C CYS T 108 93.72 36.04 31.08
N LEU T 109 94.52 35.76 32.11
CA LEU T 109 95.38 34.59 32.16
C LEU T 109 95.20 34.01 33.56
N TYR T 110 95.12 32.69 33.66
CA TYR T 110 95.00 32.06 34.96
C TYR T 110 96.41 31.79 35.45
N LYS T 111 97.13 32.90 35.59
CA LYS T 111 98.52 32.97 35.95
C LYS T 111 98.62 33.92 37.17
N GLN U 5 105.86 26.92 -10.20
CA GLN U 5 104.56 27.42 -9.69
C GLN U 5 104.18 28.77 -10.29
N GLN U 6 105.19 29.53 -10.74
CA GLN U 6 104.94 30.84 -11.31
C GLN U 6 104.26 30.91 -12.67
N LEU U 7 103.07 31.51 -12.60
CA LEU U 7 102.17 31.76 -13.69
C LEU U 7 102.06 33.26 -13.70
N PRO U 8 101.33 33.82 -14.66
CA PRO U 8 101.16 35.28 -14.73
C PRO U 8 100.06 35.82 -13.80
N ILE U 9 100.33 35.82 -12.50
CA ILE U 9 99.39 36.37 -11.53
C ILE U 9 100.15 36.80 -10.29
N ARG U 10 100.02 38.06 -9.93
CA ARG U 10 100.70 38.60 -8.77
C ARG U 10 99.74 39.30 -7.84
N ALA U 11 100.06 39.25 -6.55
CA ALA U 11 99.26 39.87 -5.53
C ALA U 11 99.69 41.33 -5.41
N VAL U 12 98.75 42.24 -5.17
CA VAL U 12 99.08 43.66 -5.02
C VAL U 12 98.66 44.12 -3.64
N GLY U 13 99.16 45.28 -3.25
CA GLY U 13 98.84 45.84 -1.95
C GLY U 13 99.11 44.90 -0.78
N GLU U 14 98.14 44.84 0.12
CA GLU U 14 98.26 43.99 1.30
C GLU U 14 97.64 42.62 1.14
N TYR U 15 97.39 42.22 -0.09
CA TYR U 15 96.80 40.92 -0.33
C TYR U 15 97.85 39.84 -0.50
N VAL U 16 97.36 38.61 -0.46
CA VAL U 16 98.20 37.45 -0.62
C VAL U 16 97.41 36.46 -1.47
N ILE U 17 98.08 35.86 -2.43
CA ILE U 17 97.44 34.89 -3.30
C ILE U 17 97.97 33.54 -2.95
N LEU U 18 97.07 32.61 -2.72
CA LEU U 18 97.43 31.26 -2.34
C LEU U 18 96.86 30.31 -3.36
N VAL U 19 97.27 29.05 -3.25
CA VAL U 19 96.75 28.01 -4.12
C VAL U 19 96.24 26.88 -3.21
N SER U 20 94.97 26.55 -3.39
CA SER U 20 94.34 25.50 -2.60
C SER U 20 94.92 24.15 -2.83
N GLU U 21 95.00 23.39 -1.74
CA GLU U 21 95.52 22.03 -1.76
C GLU U 21 94.51 21.03 -2.27
N PRO U 22 94.99 20.02 -2.99
CA PRO U 22 94.17 18.95 -3.58
C PRO U 22 93.30 18.24 -2.53
N GLU U 47 90.58 25.78 4.94
CA GLU U 47 91.07 25.50 3.61
C GLU U 47 92.60 25.54 3.72
N LEU U 48 93.22 24.44 3.31
CA LEU U 48 94.67 24.35 3.31
C LEU U 48 95.17 24.97 2.01
N CYS U 49 96.08 25.93 2.13
CA CYS U 49 96.59 26.63 0.95
C CYS U 49 98.05 26.89 1.02
N VAL U 50 98.62 27.15 -0.14
CA VAL U 50 100.02 27.42 -0.23
C VAL U 50 100.21 28.81 -0.80
N VAL U 51 101.05 29.59 -0.15
CA VAL U 51 101.33 30.94 -0.58
C VAL U 51 101.99 30.89 -1.94
N HIS U 52 101.41 31.64 -2.87
CA HIS U 52 101.91 31.68 -4.22
C HIS U 52 102.51 33.03 -4.48
N SER U 53 101.91 34.08 -3.92
CA SER U 53 102.40 35.44 -4.15
C SER U 53 102.00 36.36 -3.00
N VAL U 54 102.91 37.22 -2.57
CA VAL U 54 102.66 38.14 -1.47
C VAL U 54 102.69 39.59 -1.94
N GLY U 55 101.60 40.30 -1.71
CA GLY U 55 101.54 41.71 -2.10
C GLY U 55 102.70 42.53 -1.55
N PRO U 56 103.17 43.51 -2.32
CA PRO U 56 104.28 44.39 -1.93
C PRO U 56 104.05 45.19 -0.66
N ASP U 57 102.81 45.24 -0.19
CA ASP U 57 102.53 46.00 1.03
C ASP U 57 102.39 45.12 2.24
N VAL U 58 102.47 43.82 2.04
CA VAL U 58 102.40 42.92 3.17
C VAL U 58 103.75 43.17 3.85
N PRO U 59 103.74 43.39 5.19
CA PRO U 59 104.98 43.64 5.92
C PRO U 59 106.03 42.59 5.62
N GLU U 60 107.26 43.06 5.43
CA GLU U 60 108.39 42.22 5.12
C GLU U 60 108.57 41.14 6.19
N GLY U 61 108.84 39.91 5.75
CA GLY U 61 109.04 38.82 6.69
C GLY U 61 107.75 38.28 7.28
N PHE U 62 106.63 38.57 6.63
CA PHE U 62 105.36 38.06 7.12
C PHE U 62 105.27 36.56 6.80
N CYS U 63 105.51 36.21 5.54
CA CYS U 63 105.48 34.80 5.11
C CYS U 63 106.30 34.65 3.83
N GLU U 64 106.40 33.42 3.33
CA GLU U 64 107.14 33.19 2.11
C GLU U 64 106.39 32.30 1.15
N VAL U 65 106.69 32.48 -0.12
CA VAL U 65 106.05 31.67 -1.13
C VAL U 65 106.38 30.21 -0.82
N GLY U 66 105.40 29.33 -1.00
CA GLY U 66 105.63 27.93 -0.72
C GLY U 66 105.10 27.56 0.67
N ASP U 67 104.93 28.55 1.53
CA ASP U 67 104.41 28.29 2.86
C ASP U 67 102.97 27.82 2.85
N LEU U 68 102.72 26.81 3.67
CA LEU U 68 101.39 26.23 3.79
C LEU U 68 100.69 26.87 4.98
N THR U 69 99.40 27.12 4.81
CA THR U 69 98.60 27.73 5.88
C THR U 69 97.16 27.24 5.80
N SER U 70 96.34 27.73 6.72
CA SER U 70 94.94 27.34 6.75
C SER U 70 94.09 28.58 6.94
N LEU U 71 93.07 28.71 6.09
CA LEU U 71 92.16 29.82 6.15
C LEU U 71 90.72 29.35 6.06
N PRO U 72 89.81 30.00 6.79
CA PRO U 72 88.40 29.60 6.75
C PRO U 72 87.89 30.00 5.36
N VAL U 73 87.05 29.16 4.78
CA VAL U 73 86.47 29.42 3.49
C VAL U 73 85.89 30.83 3.42
N GLY U 74 85.30 31.28 4.52
CA GLY U 74 84.70 32.59 4.51
C GLY U 74 85.68 33.75 4.48
N GLN U 75 86.96 33.51 4.70
CA GLN U 75 87.94 34.58 4.73
C GLN U 75 88.62 34.80 3.40
N ILE U 76 88.53 33.82 2.53
CA ILE U 76 89.19 33.90 1.25
C ILE U 76 88.21 34.04 0.12
N ARG U 77 88.74 34.53 -0.98
CA ARG U 77 87.93 34.75 -2.15
C ARG U 77 88.61 34.06 -3.33
N ASN U 78 87.83 33.33 -4.12
CA ASN U 78 88.33 32.65 -5.31
C ASN U 78 88.77 33.70 -6.34
N VAL U 79 89.87 33.41 -7.01
CA VAL U 79 90.42 34.27 -8.05
C VAL U 79 90.43 33.44 -9.34
N PRO U 80 89.98 34.03 -10.46
CA PRO U 80 89.97 33.31 -11.73
C PRO U 80 91.38 32.85 -12.10
N HIS U 81 91.51 31.61 -12.57
CA HIS U 81 92.81 31.11 -12.96
C HIS U 81 93.39 32.00 -14.07
N PRO U 82 94.68 32.37 -14.00
CA PRO U 82 95.25 33.22 -15.05
C PRO U 82 94.95 32.76 -16.50
N PHE U 83 94.79 31.47 -16.78
CA PHE U 83 94.49 31.06 -18.17
C PHE U 83 93.08 31.42 -18.53
N VAL U 84 92.19 31.31 -17.57
CA VAL U 84 90.84 31.68 -17.88
C VAL U 84 90.82 33.18 -18.09
N ALA U 85 91.52 33.88 -17.22
CA ALA U 85 91.63 35.32 -17.29
C ALA U 85 92.27 35.75 -18.61
N LEU U 86 93.34 35.07 -19.01
CA LEU U 86 94.03 35.42 -20.24
C LEU U 86 93.34 34.76 -21.43
N GLY U 87 92.10 34.31 -21.22
CA GLY U 87 91.30 33.68 -22.26
C GLY U 87 91.94 32.58 -23.07
N LEU U 88 92.45 31.59 -22.40
CA LEU U 88 93.10 30.53 -23.11
C LEU U 88 92.27 29.30 -22.89
N LYS U 89 91.92 29.07 -21.63
CA LYS U 89 91.16 27.90 -21.30
C LYS U 89 89.82 28.17 -20.68
N GLN U 90 89.11 27.09 -20.41
CA GLN U 90 87.78 27.13 -19.83
C GLN U 90 87.95 26.71 -18.38
N PRO U 91 87.19 27.30 -17.47
CA PRO U 91 87.22 27.04 -16.03
C PRO U 91 87.22 25.55 -15.67
N LYS U 92 86.34 24.82 -16.35
CA LYS U 92 86.19 23.38 -16.15
C LYS U 92 87.47 22.57 -16.31
N GLU U 93 88.31 22.96 -17.27
CA GLU U 93 89.55 22.24 -17.52
C GLU U 93 90.72 22.79 -16.70
N ILE U 94 90.42 23.49 -15.63
CA ILE U 94 91.47 24.02 -14.79
C ILE U 94 91.31 23.26 -13.48
N LYS U 95 92.42 22.69 -12.99
CA LYS U 95 92.38 21.96 -11.74
C LYS U 95 92.87 22.83 -10.56
N GLN U 96 93.96 23.57 -10.76
CA GLN U 96 94.54 24.46 -9.76
C GLN U 96 93.56 25.58 -9.36
N LYS U 97 93.39 25.80 -8.06
CA LYS U 97 92.44 26.83 -7.61
C LYS U 97 93.19 27.92 -6.88
N PHE U 98 93.08 29.15 -7.37
CA PHE U 98 93.74 30.28 -6.73
C PHE U 98 92.72 31.03 -5.89
N VAL U 99 93.16 31.48 -4.73
CA VAL U 99 92.31 32.26 -3.84
C VAL U 99 93.12 33.41 -3.29
N THR U 100 92.43 34.39 -2.73
CA THR U 100 93.11 35.53 -2.19
C THR U 100 92.50 35.92 -0.88
N CYS U 101 93.27 36.66 -0.11
CA CYS U 101 92.81 37.17 1.16
C CYS U 101 93.79 38.23 1.65
N HIS U 102 93.33 39.08 2.56
CA HIS U 102 94.15 40.12 3.10
C HIS U 102 95.15 39.45 4.04
N TYR U 103 96.37 39.97 4.15
CA TYR U 103 97.36 39.29 5.00
C TYR U 103 96.98 39.19 6.48
N LYS U 104 96.19 40.15 6.97
CA LYS U 104 95.76 40.12 8.36
C LYS U 104 94.81 38.99 8.67
N ALA U 105 94.33 38.27 7.66
CA ALA U 105 93.44 37.16 7.91
C ALA U 105 94.22 35.87 8.13
N ILE U 106 95.54 35.93 7.90
CA ILE U 106 96.41 34.75 8.06
C ILE U 106 96.94 34.68 9.47
N PRO U 107 96.54 33.64 10.21
CA PRO U 107 96.98 33.46 11.59
C PRO U 107 98.23 32.58 11.81
N CYS U 108 98.49 31.64 10.90
CA CYS U 108 99.62 30.74 11.06
C CYS U 108 100.22 30.17 9.78
N LEU U 109 101.37 29.50 9.94
CA LEU U 109 102.07 28.84 8.85
C LEU U 109 102.48 27.48 9.40
N TYR U 110 102.36 26.44 8.59
CA TYR U 110 102.77 25.12 9.02
C TYR U 110 104.23 24.96 8.62
N LYS U 111 105.02 25.87 9.20
CA LYS U 111 106.42 26.05 8.97
C LYS U 111 107.13 25.98 10.35
#